data_8AMZ
#
_entry.id   8AMZ
#
loop_
_entity.id
_entity.type
_entity.pdbx_description
1 polymer '26S proteasome regulatory subunit 7'
2 polymer 'AAA domain-containing protein'
3 polymer 'AAA domain-containing protein'
4 polymer 'AAA domain-containing protein'
5 polymer 'AAA domain-containing protein'
6 polymer 'AAA domain-containing protein'
7 polymer '26S proteasome regulatory subunit RPN11'
8 polymer 'PCI domain-containing protein'
9 polymer 'PCI domain-containing protein'
10 polymer 'VWFA domain-containing protein'
11 polymer 'PCI domain-containing protein'
12 polymer 'MPN domain-containing protein'
13 polymer 'PCI domain-containing protein'
14 polymer 'PCI domain-containing protein'
15 polymer '26S proteasome non-ATPase regulatory subunit 2 homolog'
16 polymer '26S proteasome non-ATPase regulatory subunit 1 homolog'
17 polymer 'PCI domain-containing protein'
18 non-polymer "ADENOSINE-5'-TRIPHOSPHATE"
19 non-polymer "ADENOSINE-5'-DIPHOSPHATE"
#
loop_
_entity_poly.entity_id
_entity_poly.type
_entity_poly.pdbx_seq_one_letter_code
_entity_poly.pdbx_strand_id
1 'polypeptide(L)'
;MAIEHEDDLKDEKNPRPLDEDDIALLKTYGLGPYSASIKKVEKEIKDMSKKVNDLIGIKESDTGLAAPSQWDLVSDKQMM
QEEQPLQVARCTKIINPNTEDAKYVINVKQIAKFVVGLGDKVSPTDIEEGMRVGVDRNKYQIQIPLPPKIDPSVTMMTVE
EKPDVTYNDVGGCKEQIEKMREVVELPMLHPEKFVKLGIDPPKGVLCYGPPGTGKTLLARAVANRTDACFIRVIGSELVQ
KYVGEGARMVRELFQMARSKKACIVFFDEVDAIGGARFDDGVGGDNEVQRTMLEIVNQLDGFDARGNIKVLMATNRPDTL
DPALLRPGRLDRKVEFGLPDLEGRTQIFKIHTRTMNCERDIRFELLARLCPNSTGADIRSVCTEAGMYAIRARRKTVTEK
DFLDAVNKVIKGYQKFSATPKYMVYN
;
H
2 'polypeptide(L)'
;MGQNSSGLNRQGGPPGDRKDGEKKEKKYEPAAPPARVGRKQRKQKGSESAARIPTVTPLTKCKLRLLKLERIKDYLLMEE
EFVANQERLKPQEEKTEEDRSKVDDIRGSPMSVGSLEELIDENHAIVSSSVGPEYYVSIMSFVDKDQLEPGCSILMHNKV
LSVVGLLQDEVDPMVSVMKVEKAPLESYADIGGLDPQIQEIKEAVELPLTHPELYEDIGIKPPKGVILYGEPGTGKTLLA
KAVANSTSATFLRVVGSELIQKYLGDGPKLVRELFRVADDLSPSIVFIDEIDAVGTKRYDAHSGGEREIQRTMLELLNQL
DGFDSRGDVKVILATNKIESLDPALLRPGRIDRKIEFPLPDIKTRRRIFTIHTSKMTLSDDVNLEEFVMTKDEFSGADIK
AICTEAGLLALRERRMKVTHTDFKKAKEKVMFKKKEGVPEGLYM
;
I
3 'polypeptide(L)'
;MATMEADQKTVKQGEGLRQYYLQHIHELQLRVRNKNHNLQRLEAQRNDLNSHVRALKEELQLLQEPGSYVGEVVKVMGKS
KVLVKVHPEGKYVVDIDKNIDITKLTPTTRVALRNDSYVLHLVLPSKVDPLVNLMKVEKVPDSTYDMIGGLDQQIKEIKE
VIELPIKHPELFESLGIAQPKGVLLYGPPGTGKTLLARAVAHHTDCTFIRVSGSELVQKYIGEGSRMVRELFVMAREHAP
SIIFMDEIDSIGSTRMESGSGNGDSEVQRTMLELLNQLDGFEASNKIKVLMATNRIDILDPALLRPGRIDRKIEFPNPTE
ESRFDILKIHSRRMNLMRGIDLKKIGDKMNGASGAELKSVCTEAGMFALRERRIHVTQEDFEMAVAKVMKKDTDKNMSLR
KLWK
;
J
4 'polypeptide(L)'
;MAASAMVLDPKPVPPPPQPLEPPATVSFTASEDTSVVEEEDLYGRLKSLERQIEFKGIQEEYVKDELKNLKREHLRAQEE
VKRIQSVPLVIGQFMEMVDQNNGIVGSTTGSNYYVRILSTINRELLKPSASVALHRHSNALVDVLPPEADSSISLLSQSE
KPDVSYNDIGGCDIQKQEIREAVELPLTHHDLYKQIGIDPPRGVLLYGPPGTGKTMLAKAVANHTTAAFIRVVGSEFVQK
YLGEGPRMVRDVFRLAKENAPAIIFIDEVDAIATARFDAQTGADREVQRILMELLNQMDGFDQTVNVKVIMATNRADTLD
PALLRPGRLDRKIEFPLPDRRQKRLVFQVCTAKMNLSDEVDLEDYVSRPDKISAAEITAICQEAGMHAVRKNRYVILPKD
FEKGYRSNVKKPDTDFDFYK
;
K
5 'polypeptide(L)'
;MATEEDVKRRAATSEYNKKLLQHRELESRSRKVKEELRSAKKDYTKTEDDLKSLQSVGQIIGEVLRPLDDERLIVKASSG
PRYVVGCRSKVDKEKLTSGTRVVLDMTTLTIMRALPREVDPVVYNMLHEDPGNISYSAVGGLSDQIRELRESIELPLMNP
ELFIRVGIKPPKGVLLYGPPGTGKTLLARAIASNIDANFLKVVSSAIIDKYIGESARLIREMFNYAREHQPCIIFMDEID
AIGGRRFSEGTSADREIQRTLMELLNQLDGFDQLGKVKMIMATNRPDVLDPALLRPGRLDRKIEIPLPNEQSRMEILKIH
GAGIAKHGEIDYEAVVKLAEGFNGADLRNICTEAGMSAIRAERDYVIHEDFMKAVRKLNEAKKLESSATYSADFGKD
;
L
6 'polypeptide(L)'
;MASASATAMVEDPNFQDDQLANLTTEDIARASRILDNEIRILKEDVQRTTLELDSFKEKIKENQEKIKLNKQLPYLVGNI
VEILEMNPEDEAEEDGANIDLDSQRKGKCVVLKTSTRQTIFLPVVGLVDPDKLKPGDLVGVNKDSYLILDTLPSEYDSRV
KAMEVDEKPTEDYSDIGGLEKQIQELVEAIVLPMTHKERFQTIGIRPPKGVLLYGPPGTGKTLMARACAAQTNATFLKLA
GPQLVQMFIGDGAKLVRDAFQLAKEKAPCIIFIDEIDAIGTKRFDSEVSGDREVQRTMLELLNQLDGFSSDERIKVIAAT
NRADILDPALMRSGRLDRKIEFPHPTEEARARILQIHSRKMNVHPDVNFEELARSTDDFNGAQLKAVCVEAGMLALRRDA
TEVNHEDFNEGIIQVQAKKKASLNYYA
;
M
7 'polypeptide(L)'
;MDRLTRMMAGAGGALGHPPPDSPTLDTSEQVYISSLALLKMLKHGRAGVPMEVMGLMLGEFVDEYTVKVVDVFAMPQSGT
GVSVEAVDPVFQTNMLDMLKQIGRPEMVVGWYHSHPGFGCWLSGVDINTQQSFEALNQRAVAVVVDPIQSVKGKVVMDAF
RLINPQTMMLGQEPRQTTSNLGHLNKPSIQALIHGLNRHYYSIAINYRKNELEEKMLLNLHKKKWNDGLTLKKFDVHSKT
NEQTVQEMLGLAIKYNKAVQEEDELTPEKLVIAKVGRQDAKKHLEEHVSNLMSSNIIQTLGTMLDTVIF
;
V
8 'polypeptide(L)'
;MTQDVEMHDTQPLSISLSSVDPPTLKHLKEIASLLETGSYTKEARRISRAIRLTFAVRRKLTARVLHFFLDYALTPGSEA
HGKISAFLPKGGEHEMEVDTATSAVQPSGKSTLPELEIFCYLIVLLFLIDQKLHNEAKACASASIARLKSLKRRVADVLA
SKLYSFYSLSYELTGDLAEIRGELLTLHRLTTLHHDELGQETLLNLLLRNYLHYNLYDQAEKLRSKAPSFGAHSNQQHCR
HLFYVGKIQTIQLEYTDAKESLLQAARKAPIAARGFRIQCNKWAVIVRLLLGEIPERTMFMQKGMEKALRPYFELTNAVR
IGDLELFRGVTEKFSSTFDKDRTHNLIVRLRHNVIRTGLRNISISYSRISLSDVAKKLRLDSPNPVADAESIVAKAIRDG
AIDATLDHGNGWMLSKETGDIYSTTEPQSAFDSRIAFCLNMHNEAVRALRYPPNSHKEKESAEKRRERQQQEQELAKHIA
EEEDDDF
;
S
9 'polypeptide(L)'
;MDPKLTEIAQTFERFKAASVRNDFDTCTRLLTQLKVSLIEYRSLPPMFEATPNAVHELTLARDIYEHAVVLSVKMEDQEA
FERDFCQLKPYYTDARGRIPQSTQEYPILGLNLLRLLVQNRIAEFHTELELLSSTALENPCIKHAVELEQSFMEGAYNRV
LSARQTVPHETYVHFMDLLAKTVRDEIAGCSEKAYDTLSVNDARQLLLFSSDKDLLEYIKEEHPEWEIKDGCVVFQKSKD
SATCKEIPSLLLINQTLSYARELERIV
;
T
10 'polypeptide(L)'
;MVLEATMICIDNSEWMRNGDYSPNRFQALSDAVNLICGAKTQSNPENTVGILTMAGKGVRVLVTPTSDLGKILACMHGLD
IGGEMNLAAGIQVAQLALKHRQNKKQQQRIIVFAGSPVNYDKKVLEMIGRKLKKNSVALDVVDFGEDEEGKSEKLEALVA
AVNNNETSHIVHVPPGGIALSDVLISTPIFTGDGEGGSGFAAAAAAAAAGGVSGYDFGVDPNLDPELALALRVSMEEERA
RQEAAAKRAAEEATGQEKGGEQSSQDATMGESSNAAISGADKKNDMTEDDENDLLQQALAMSMDDPVSTTIVQDTDMADA
AGDDQDLQLALQLSVEEGAKESTSQSSQTDMSKLLADQSFVSSILASLPGVDPNDPSVKDLLASMHSQSEKKDEDKPPSE
EEK
;
W
11 'polypeptide(L)'
;MSALQYLDTLRSAHPELGEWYNTLADLYQKKLWHQLTLELEKFVALAVFQAGDALIQLYHNFITDFETKINLLKLAHFAV
IVSRQYAEKEAAIGYLEGVTEKLHATKENRIEEPVLYIKMQIALFKLEQGEQKECKKLLDNGKTTLDSMTDIDPSVYATF
YWVSSQYHKARQEFAEFYKNALLYLAYTSVESLSESFKLDLAFDLSLSALLGENIYNFGELLAHPILKSLLGTKVEWLYY
ILQAFNTGDLIRYQELCNVHKDALNAQPALVANERKLLEKINILCLMEIIFNRPAEDRTIPLKVIAERTRLSIEDVEYLL
MKSLSVHLIEGIIDQMEGTVHVSWVQPRVLGIPQITSLRDRLDSWLGKVNTALLSVEAETPDLVAS
;
O
12 'polypeptide(L)'
;QIFSSKSIEKVVVHPLVLLSIVDHYNRVARDTKKRVIGVLLGSTFKGTVDVTNSYAVPFEEDDKDSSIWFLDHNYHESMF
SMFRRINAKEHVVGWYSTGPKLRENDLDVHRLFSDYVPNPVLVIIDVQPEELGIPTKAYYAVEEVKENATQKSQKVFVHV
PSEIAAHEVEEIGVEHLLRDVKDTTISTLATEVTGKLGALKGLDARLREIRSYLELVIQEKLPLNHEILYHLQDVFNLLP
NLSVLELVKAFAVKTNDMMLVIYLSSLIRSVIALHNLINNKMLNKEHEKAEDSKSLAITSVAGS
;
U
13 'polypeptide(L)'
;MATFLPATTDSLAQALEASSTADSILILQRLLADPSSSPDALRIKEQAITKLTDYLRQENKAEDLRILLTQLRSYFSLIP
KAKTAKIVRVIIDTVAKIPNSTELQISLCKDMIQWTRDEKRTFLRQRVEARLAALLMETKEFPEALSLLSGLIKEVRRLD
DKLLLVDIELLESKLHFSLRNLPKAKAALTAARTAANAIYVPPAQQGTIDLQSGILHAEEKDYKTGYSYFYEAFEAFNAL
EDPRAVYSLKYMLLCKVMVNQADDVAGIISSKAGLQYLGPDLDAMKAIADAYSKRSLKLFEASLVNFKAQLQEDPIIHRH
LSSLYDTLLEQNLCRLIEPFSKVEISHIAELIELPVDHVERKLSQMILDKKFAGTLDQGAGCLIIFDDHKTEDIYEATLD
TISNVAKVVDSLFVRSAKIMA
;
Q
14 'polypeptide(L)'
;MDNGGNLEAQIDALLNVEKQMRLAGDVAGTRKAACDILDLCFQSKAWKTLNDQIVVLSKRRGQLKQAVTAMVQQAMGYID
QTPDLDIRVELIKTLNSVSAGKIYVELERARLIKILAKIKEQQGLIDEAAELMQEIAVETFGAMAKTEKIAFILEQVRLC
LDRKDYIRAQILSRKISPRVFDIDPSKEKKKPKEGDNIVEEAPADIPSLPELKRIYYELMIRYYKHHNDYLEICRCYKSI
YEISSVKEDPEQWTPILRKICWYLALAPHDPMQSSLLNSTLEDKNLFEIPKFKSLLKQLVTMEVILWTVLWNEFESEFDN
EKNLLGGPLGEKAGEDLKQRVIEHNILVISKYYSRITLKRLSDLLCLSLQEAEKHLSDMVVSKALIAKIDRPMGIVCFQV
VKDSNDILNSWSMNLEKLLDLVEKSCHQIHKETMVHKASLEV
;
P
15 'polypeptide(L)'
;MDPEPSNTGAGNPTENRKEATTKVPSKDPKKKDDKKDEDLSEEDLALKQQLELYVERVQDPDAGLQRVALESMRQEIRSA
TSSMTSVPKPLKFLRPHYGTLKAFYETMSDSDLKEFLADILSVLALTMSAEGERESLKYRLLGSEGDIGSWGHEYVRNLA
GEIAQEYSKQHQNEEAPFDDLMDLVQQIIAFHMKHNAEPEAVDLLMEVEDLDLLQEHVDEKNYKRTCLYLTAAAKYLASP
DDMLVLDIAHSIYMKCEEYPSALQVSLVLDNLQYVKHIFTSCNDLLRKKQFCYILARHGVLFELDDNMVLDDDEREQMQD
IINNYKLSEGYLTLARDIEVMEAKSPEDIYKAHLLDGRASAGATVDSARQNLAATFVNAFVNAGFGQDKLMTGPADSSSG
SSSGNWLFKNKEHGKTSAAASLGMILLWDVDSGLAQLDKYFHSTDNHVIAGALLGVGIVNCGVKNDCDPALALLSDYVDK
EDPAIRIGAIMGLGISYANTQNEQLRSKLTPILGDTNASLDVIAFTAISLGLVFVGSCNEEVAQAIIFALMDRSEADLGE
PLARLLPLGLGLLYLGKQESVEATAEVSKTFNEKIRKHCDMTLLSCAYAGTGNVLKVQSLLGHCAQHLDKGETHQGPAVL
GIAMVAMAEELGVEMAIRSLEHLLQYGEQNIRRAVPLALGLLCISNPKVNVMDTLSRLSHDSDLEVAMAAIISLGLIGAG
TNNARIAGMLRNLSSYYYKDASALFCVRIAQGLVHMGKGLLTLNPYHSDRFLLSPSAHAGLVIMLHACLDMKAIILGKYH
YMLYFLVLAMQPRMLLTVDENLKPLSVPVRVGQAVDVVGQAGRPKTITGFQTHSTPVLLSAGDRAELATEKYIPLSSILE
GFVILKENPEYREEH
;
Z
16 'polypeptide(L)'
;MANLATSAGGMLAMLSEHSTSLKLHALSNLNVYAQFLWPEISTSIPLLESLYEDEEFSQRPLAALVVSKVFYFLGELNDS
LAYALGAGSLFDVSEDSDYVRTLLDKAIDEYASLRNKSAESKEEAVNIDPRLEAIVERMLEKCILDGRYQQAMGMAIECR
RLDKLEEAIMRSDNAPGSLAYCINVSHSYVNRREYRQEVLRLLVRVYQKLPSPDYLSICQCLMFLDQPEAVASILEKLLR
AEKLEDTLLSFQIAFDLVENEHQAFLLNVRDRLSKPKSSSQLPISTEPESSQTENTTASEDVQMSDETRVSDAVVGEMDP
TEARYAERLTKIKGILSGETSIQLTLQFLYSHNKSDLLILKTIKQSVEMRNSVCHSATIYANAIMHAGTTVDTFLRENLD
WLSRATNWAKFSATAGLGVIHRGHLQQGRSLMAPYLPQGGAGGGGSPYSEGGALYALGLIHANHGEGIKQFLRDSLRSTN
VEVIQHGACLGLGLAALGTADEDVFEDIKNVLYTDSAVAGEAAGISMGLLMVGTASEKAGEMLAYAHETQHEKIIRGLAL
GIALTVYGREEEADTLIEQMTRDQDPILRYGGMYALALAYRGTSNNKAIRQLLHFAVSDVSDDVRRTAVLALGFVLYSEP
EQTPRIVSLLSESYNPHVRYGAALAVGISCAGTGLSEAISLLEPLTSDVVDFVRQGALIAMAMVMVQITEAMDSRVGTFR
RQLEKIILDKHEDTMSKMGAILASGILDAGGRNVTIRLLSKSKHDKITAVVGLAVFSQFWYWYPLIYFISLAFSPTAFVG
LNYDLKVPKFDFLSHAKPSLFEYPKPTTVPTTASAVKLPTAVLSTSVKAKARAKKEAEQKDKSVGSEPSASTSASGKGKS
STEKEGDSMLVDSLPEKKAEAEPCFETITNPARVVPAQEKFIKFLEGSRYMPVKLAASGFVLLKDLRPEEPEVLSLTDAP
ASASATTNSAAVAAPVQQGTVAAMAVDEEPQPPQPFEYTS
;
N
17 'polypeptide(L)'
;MEAQEGSQNEHLKLANKIFHLTHPDVEDIEKVSLKEEVLSAIKSDFMVSLYETLAGNGVLELDQALLDSMRQSIEDELKK
LDEKIADAEENLGESEVREAHLAKSLFYIRIGDKDKALEQLKVTETKTVAVGQKMDLVFFTLQVGLFDMDFDLISRSIDK
AKNLFEEGGDWERKNRLKVYEGLYCMSTRDFKKAASLFLDSISTFTTYELFPYDTFIFYTVLTSIISLDRVSLKQKVVDA
PEILTVIGKIPYLSEFLNSLYDCQYKSFFSAFAGLTEQIKFDRYLHRHFRYYMREVRTVVYSQFLESYKSVTIEAMAKAF
GVTVEFIDLELSRFIAAGKLHCKIDKVVGVLETNRPDAKNALYQATIKQGDFLLNRIQKLSRVIDL
;
R
#
loop_
_chem_comp.id
_chem_comp.type
_chem_comp.name
_chem_comp.formula
ADP non-polymer ADENOSINE-5'-DIPHOSPHATE 'C10 H15 N5 O10 P2'
ATP non-polymer ADENOSINE-5'-TRIPHOSPHATE 'C10 H16 N5 O13 P3'
#
# COMPACT_ATOMS: atom_id res chain seq x y z
N PRO A 33 -33.53 -70.94 -22.56
CA PRO A 33 -33.22 -71.65 -21.32
C PRO A 33 -32.05 -71.03 -20.56
N TYR A 34 -31.02 -70.63 -21.29
CA TYR A 34 -29.83 -70.02 -20.70
C TYR A 34 -29.97 -68.50 -20.67
N SER A 35 -30.94 -68.04 -19.90
CA SER A 35 -31.20 -66.60 -19.80
C SER A 35 -30.00 -65.88 -19.21
N ALA A 36 -29.42 -66.41 -18.13
CA ALA A 36 -28.26 -65.78 -17.51
C ALA A 36 -26.98 -66.03 -18.30
N SER A 37 -26.96 -67.08 -19.12
CA SER A 37 -25.75 -67.39 -19.90
C SER A 37 -25.44 -66.30 -20.92
N ILE A 38 -26.47 -65.79 -21.60
CA ILE A 38 -26.25 -64.79 -22.65
C ILE A 38 -26.12 -63.38 -22.08
N LYS A 39 -26.94 -63.02 -21.09
CA LYS A 39 -26.85 -61.68 -20.52
C LYS A 39 -25.50 -61.43 -19.88
N LYS A 40 -25.00 -62.40 -19.12
CA LYS A 40 -23.68 -62.27 -18.51
C LYS A 40 -22.57 -62.16 -19.54
N VAL A 41 -22.62 -62.98 -20.61
CA VAL A 41 -21.61 -62.88 -21.65
C VAL A 41 -21.65 -61.51 -22.33
N GLU A 42 -22.84 -61.01 -22.64
CA GLU A 42 -22.95 -59.69 -23.26
C GLU A 42 -22.42 -58.60 -22.34
N LYS A 43 -22.75 -58.67 -21.05
CA LYS A 43 -22.25 -57.68 -20.10
C LYS A 43 -20.74 -57.74 -20.00
N GLU A 44 -20.17 -58.94 -20.01
CA GLU A 44 -18.71 -59.07 -19.96
C GLU A 44 -18.05 -58.41 -21.16
N ILE A 45 -18.60 -58.65 -22.35
CA ILE A 45 -18.04 -58.03 -23.56
C ILE A 45 -18.18 -56.52 -23.50
N LYS A 46 -19.34 -56.01 -23.05
CA LYS A 46 -19.53 -54.58 -22.95
C LYS A 46 -18.56 -53.94 -21.96
N ASP A 47 -18.33 -54.57 -20.81
CA ASP A 47 -17.37 -54.05 -19.84
C ASP A 47 -15.94 -54.10 -20.38
N MET A 48 -15.57 -55.21 -21.03
CA MET A 48 -14.24 -55.33 -21.59
C MET A 48 -13.98 -54.33 -22.71
N SER A 49 -15.01 -53.95 -23.47
CA SER A 49 -14.82 -52.94 -24.50
C SER A 49 -14.30 -51.65 -23.91
N LYS A 50 -14.94 -51.17 -22.84
CA LYS A 50 -14.44 -49.98 -22.15
C LYS A 50 -13.11 -50.24 -21.47
N LYS A 51 -12.93 -51.41 -20.87
CA LYS A 51 -11.67 -51.74 -20.20
C LYS A 51 -10.50 -51.74 -21.17
N VAL A 52 -10.75 -51.95 -22.47
CA VAL A 52 -9.70 -51.90 -23.47
C VAL A 52 -9.60 -50.54 -24.15
N ASN A 53 -10.72 -49.82 -24.31
CA ASN A 53 -10.65 -48.47 -24.86
C ASN A 53 -10.00 -47.49 -23.90
N ASP A 54 -10.08 -47.73 -22.59
CA ASP A 54 -9.41 -46.86 -21.63
C ASP A 54 -7.90 -47.04 -21.64
N LEU A 55 -7.38 -48.09 -22.30
CA LEU A 55 -5.95 -48.35 -22.36
C LEU A 55 -5.28 -47.60 -23.51
N ILE A 56 -6.05 -46.98 -24.39
CA ILE A 56 -5.51 -46.15 -25.47
C ILE A 56 -5.66 -44.67 -25.15
N GLY A 57 -6.76 -44.29 -24.51
CA GLY A 57 -6.96 -42.93 -24.04
C GLY A 57 -8.03 -42.17 -24.78
N ILE A 58 -9.24 -42.13 -24.20
CA ILE A 58 -10.33 -41.30 -24.70
C ILE A 58 -10.94 -40.58 -23.51
N LYS A 59 -10.54 -40.97 -22.31
CA LYS A 59 -11.12 -40.47 -21.07
C LYS A 59 -10.50 -39.11 -20.74
N GLU A 60 -10.64 -38.69 -19.48
CA GLU A 60 -10.18 -37.38 -19.01
C GLU A 60 -10.89 -36.26 -19.77
N SER A 61 -12.21 -36.27 -19.63
CA SER A 61 -13.06 -35.28 -20.28
C SER A 61 -12.55 -33.88 -20.06
N ASP A 62 -12.19 -33.20 -21.14
CA ASP A 62 -11.62 -31.87 -21.09
C ASP A 62 -12.72 -30.82 -21.26
N THR A 63 -12.33 -29.57 -21.46
CA THR A 63 -13.25 -28.44 -21.60
C THR A 63 -13.02 -27.72 -22.92
N GLY A 64 -12.93 -28.49 -24.01
CA GLY A 64 -12.67 -27.94 -25.32
C GLY A 64 -11.40 -28.50 -25.93
N LEU A 65 -11.04 -29.71 -25.54
CA LEU A 65 -9.86 -30.38 -26.05
C LEU A 65 -10.25 -31.45 -27.06
N ALA A 66 -9.37 -31.68 -28.04
CA ALA A 66 -9.59 -32.67 -29.09
C ALA A 66 -9.06 -34.02 -28.63
N ALA A 67 -9.29 -35.03 -29.47
CA ALA A 67 -8.89 -36.38 -29.15
C ALA A 67 -7.38 -36.54 -29.26
N PRO A 68 -6.72 -37.18 -28.28
CA PRO A 68 -5.28 -37.46 -28.44
C PRO A 68 -4.95 -38.12 -29.76
N SER A 69 -5.91 -38.80 -30.39
CA SER A 69 -5.77 -39.29 -31.75
C SER A 69 -6.31 -38.30 -32.77
N GLN A 70 -6.30 -37.02 -32.42
CA GLN A 70 -6.71 -35.94 -33.32
C GLN A 70 -5.69 -34.82 -33.41
N TRP A 71 -4.79 -34.70 -32.43
CA TRP A 71 -3.70 -33.73 -32.47
C TRP A 71 -2.34 -34.39 -32.54
N ASP A 72 -2.29 -35.69 -32.88
CA ASP A 72 -1.04 -36.44 -32.90
C ASP A 72 0.04 -35.77 -33.74
N LEU A 73 -0.31 -35.15 -34.86
CA LEU A 73 0.70 -34.58 -35.75
C LEU A 73 1.62 -33.64 -34.99
N VAL A 74 1.06 -32.75 -34.17
CA VAL A 74 1.86 -31.75 -33.44
C VAL A 74 2.25 -32.40 -32.12
N SER A 75 3.35 -33.15 -32.16
CA SER A 75 3.98 -33.70 -30.97
C SER A 75 5.39 -33.15 -30.74
N ASP A 76 6.25 -33.25 -31.74
CA ASP A 76 7.58 -32.66 -31.70
C ASP A 76 7.88 -31.81 -32.93
N LYS A 77 7.40 -32.21 -34.10
CA LYS A 77 7.70 -31.48 -35.33
C LYS A 77 6.56 -30.54 -35.72
N GLN A 78 5.35 -31.10 -35.88
CA GLN A 78 4.21 -30.29 -36.28
C GLN A 78 3.91 -29.16 -35.32
N MET A 79 3.91 -29.41 -34.00
CA MET A 79 3.79 -28.34 -33.04
C MET A 79 4.95 -27.36 -33.18
N MET A 80 6.18 -27.89 -33.27
CA MET A 80 7.35 -27.08 -33.58
C MET A 80 7.30 -26.52 -34.99
N GLN A 81 6.31 -26.92 -35.77
CA GLN A 81 6.05 -26.37 -37.10
C GLN A 81 4.80 -25.51 -37.13
N GLU A 82 3.72 -25.95 -36.48
CA GLU A 82 2.53 -25.12 -36.32
C GLU A 82 2.73 -23.97 -35.36
N GLU A 83 3.73 -24.05 -34.47
CA GLU A 83 3.98 -23.00 -33.48
C GLU A 83 5.26 -22.24 -33.76
N GLN A 84 6.39 -22.94 -33.85
CA GLN A 84 7.67 -22.27 -34.04
C GLN A 84 7.72 -21.54 -35.38
N PRO A 85 7.08 -22.09 -36.41
CA PRO A 85 7.21 -21.49 -37.75
C PRO A 85 6.48 -20.17 -37.91
N LEU A 86 5.27 -20.07 -37.38
CA LEU A 86 4.40 -18.94 -37.65
C LEU A 86 4.42 -17.94 -36.51
N GLN A 87 3.81 -16.78 -36.74
CA GLN A 87 3.68 -15.70 -35.77
C GLN A 87 2.24 -15.22 -35.73
N VAL A 88 1.89 -14.53 -34.65
CA VAL A 88 0.51 -14.07 -34.48
C VAL A 88 0.11 -13.11 -35.60
N ALA A 89 0.98 -12.15 -35.91
CA ALA A 89 0.73 -11.17 -36.98
C ALA A 89 -0.65 -10.52 -36.82
N ARG A 90 -0.79 -9.82 -35.69
CA ARG A 90 -2.07 -9.23 -35.33
C ARG A 90 -2.61 -8.38 -36.48
N CYS A 91 -3.92 -8.44 -36.69
CA CYS A 91 -4.58 -7.75 -37.78
C CYS A 91 -5.00 -6.35 -37.36
N THR A 92 -4.96 -5.43 -38.31
CA THR A 92 -5.29 -4.03 -38.07
C THR A 92 -5.92 -3.47 -39.35
N LYS A 93 -6.02 -2.15 -39.42
CA LYS A 93 -6.65 -1.50 -40.57
C LYS A 93 -5.66 -0.54 -41.21
N ILE A 94 -5.71 -0.45 -42.54
CA ILE A 94 -4.83 0.44 -43.29
C ILE A 94 -5.55 1.75 -43.56
N ILE A 95 -4.78 2.82 -43.72
CA ILE A 95 -5.38 4.11 -44.11
C ILE A 95 -5.16 4.37 -45.59
N ASN A 96 -3.90 4.49 -46.00
CA ASN A 96 -3.57 4.69 -47.39
C ASN A 96 -2.04 4.69 -47.52
N PRO A 97 -1.52 4.34 -48.69
CA PRO A 97 -0.07 4.44 -48.90
C PRO A 97 0.34 5.82 -49.38
N ASN A 98 1.64 6.11 -49.39
CA ASN A 98 2.13 7.39 -49.87
C ASN A 98 2.93 7.17 -51.15
N THR A 99 2.70 8.06 -52.12
CA THR A 99 3.32 7.91 -53.42
C THR A 99 4.82 8.16 -53.35
N GLU A 100 5.50 7.99 -54.48
CA GLU A 100 6.94 8.18 -54.60
C GLU A 100 7.68 7.01 -53.96
N ASP A 101 6.95 6.09 -53.35
CA ASP A 101 7.53 4.92 -52.71
C ASP A 101 6.40 4.07 -52.16
N ALA A 102 6.77 2.89 -51.65
CA ALA A 102 5.80 2.04 -50.97
C ALA A 102 4.98 2.88 -49.99
N LYS A 103 5.67 3.48 -49.01
CA LYS A 103 5.12 4.49 -48.13
C LYS A 103 3.69 4.16 -47.69
N TYR A 104 3.53 2.94 -47.20
CA TYR A 104 2.25 2.52 -46.63
C TYR A 104 2.13 3.02 -45.20
N VAL A 105 0.89 3.19 -44.75
CA VAL A 105 0.62 3.74 -43.43
C VAL A 105 -0.05 2.65 -42.59
N ILE A 106 0.48 2.43 -41.39
CA ILE A 106 -0.07 1.43 -40.46
C ILE A 106 -0.96 2.14 -39.45
N ASN A 107 -2.14 1.59 -39.21
CA ASN A 107 -3.07 2.18 -38.26
C ASN A 107 -3.77 1.07 -37.49
N VAL A 108 -3.88 1.26 -36.18
CA VAL A 108 -4.48 0.27 -35.31
C VAL A 108 -5.71 0.90 -34.66
N LYS A 109 -6.82 0.17 -34.70
CA LYS A 109 -8.07 0.68 -34.15
C LYS A 109 -7.95 0.94 -32.66
N GLN A 110 -7.28 0.04 -31.95
CA GLN A 110 -7.18 0.13 -30.49
C GLN A 110 -5.75 0.17 -29.98
N ILE A 111 -4.75 0.10 -30.85
CA ILE A 111 -3.36 0.08 -30.38
C ILE A 111 -2.65 1.39 -30.69
N ALA A 112 -2.48 1.69 -31.97
CA ALA A 112 -1.86 2.96 -32.37
C ALA A 112 -1.76 2.99 -33.89
N LYS A 113 -1.61 4.21 -34.42
CA LYS A 113 -1.29 4.40 -35.83
C LYS A 113 0.22 4.41 -35.99
N PHE A 114 0.72 4.18 -37.21
CA PHE A 114 2.16 4.13 -37.40
C PHE A 114 2.56 4.02 -38.86
N VAL A 115 3.74 4.52 -39.20
CA VAL A 115 4.29 4.40 -40.55
C VAL A 115 4.93 3.02 -40.64
N VAL A 116 4.34 2.15 -41.44
CA VAL A 116 4.85 0.79 -41.59
C VAL A 116 4.93 0.43 -43.07
N GLY A 117 5.34 -0.80 -43.35
CA GLY A 117 5.38 -1.30 -44.71
C GLY A 117 4.93 -2.74 -44.78
N LEU A 118 4.56 -3.16 -45.99
CA LEU A 118 4.13 -4.53 -46.20
C LEU A 118 5.34 -5.47 -46.12
N GLY A 119 5.08 -6.77 -46.26
CA GLY A 119 6.12 -7.76 -46.23
C GLY A 119 6.60 -8.14 -47.62
N ASP A 120 7.63 -8.99 -47.64
CA ASP A 120 8.20 -9.43 -48.91
C ASP A 120 7.28 -10.38 -49.66
N LYS A 121 6.24 -10.90 -49.00
CA LYS A 121 5.34 -11.86 -49.65
C LYS A 121 4.02 -11.24 -50.09
N VAL A 122 4.01 -9.96 -50.49
CA VAL A 122 2.80 -9.29 -50.94
C VAL A 122 3.11 -8.54 -52.23
N SER A 123 2.08 -8.24 -52.99
CA SER A 123 2.23 -7.50 -54.23
C SER A 123 2.00 -6.01 -54.00
N PRO A 124 2.58 -5.16 -54.84
CA PRO A 124 2.37 -3.71 -54.70
C PRO A 124 1.19 -3.17 -55.47
N THR A 125 0.51 -4.00 -56.28
CA THR A 125 -0.76 -3.59 -56.88
C THR A 125 -1.88 -3.65 -55.86
N ASP A 126 -1.79 -4.61 -54.93
CA ASP A 126 -2.77 -4.75 -53.85
C ASP A 126 -2.30 -4.07 -52.58
N ILE A 127 -2.44 -2.74 -52.55
CA ILE A 127 -2.03 -1.93 -51.41
C ILE A 127 -3.27 -1.18 -50.90
N GLU A 128 -4.43 -1.81 -51.04
CA GLU A 128 -5.72 -1.18 -50.76
C GLU A 128 -5.64 -0.26 -49.55
N GLU A 129 -6.12 0.97 -49.74
CA GLU A 129 -6.18 1.95 -48.66
C GLU A 129 -7.44 1.73 -47.85
N GLY A 130 -7.24 1.43 -46.57
CA GLY A 130 -8.34 1.00 -45.72
C GLY A 130 -8.62 -0.47 -45.90
N MET A 131 -7.61 -1.31 -45.64
CA MET A 131 -7.73 -2.75 -45.81
C MET A 131 -7.31 -3.44 -44.53
N ARG A 132 -8.09 -4.41 -44.10
CA ARG A 132 -7.77 -5.16 -42.89
C ARG A 132 -6.70 -6.19 -43.18
N VAL A 133 -5.59 -6.11 -42.45
CA VAL A 133 -4.45 -6.99 -42.66
C VAL A 133 -3.60 -7.02 -41.39
N GLY A 134 -2.76 -8.05 -41.28
CA GLY A 134 -1.87 -8.20 -40.15
C GLY A 134 -0.44 -7.85 -40.53
N VAL A 135 0.29 -7.30 -39.56
CA VAL A 135 1.67 -6.86 -39.77
C VAL A 135 2.58 -7.71 -38.92
N ASP A 136 3.84 -7.80 -39.31
CA ASP A 136 4.80 -8.61 -38.57
C ASP A 136 4.83 -8.19 -37.10
N ARG A 137 4.45 -9.14 -36.25
CA ARG A 137 4.37 -8.90 -34.81
C ARG A 137 5.60 -8.20 -34.26
N ASN A 138 6.79 -8.47 -34.82
CA ASN A 138 8.01 -7.76 -34.44
C ASN A 138 8.35 -6.65 -35.42
N LYS A 139 8.47 -6.97 -36.70
CA LYS A 139 8.83 -5.98 -37.71
C LYS A 139 7.75 -4.92 -37.90
N TYR A 140 6.56 -5.12 -37.35
CA TYR A 140 5.44 -4.20 -37.52
C TYR A 140 5.23 -3.87 -39.01
N GLN A 141 5.34 -4.93 -39.81
CA GLN A 141 5.17 -4.85 -41.26
C GLN A 141 4.09 -5.83 -41.69
N ILE A 142 3.18 -5.34 -42.52
CA ILE A 142 2.04 -6.14 -42.95
C ILE A 142 2.55 -7.29 -43.81
N GLN A 143 2.48 -8.50 -43.26
CA GLN A 143 2.99 -9.70 -43.93
C GLN A 143 1.89 -10.53 -44.57
N ILE A 144 0.63 -10.22 -44.28
CA ILE A 144 -0.48 -11.02 -44.81
C ILE A 144 -1.72 -10.14 -44.95
N PRO A 145 -2.33 -10.07 -46.13
CA PRO A 145 -3.60 -9.35 -46.26
C PRO A 145 -4.76 -10.22 -45.80
N LEU A 146 -5.90 -9.56 -45.58
CA LEU A 146 -7.08 -10.26 -45.09
C LEU A 146 -8.34 -9.73 -45.77
N PRO A 147 -9.39 -10.55 -45.86
CA PRO A 147 -10.64 -10.05 -46.40
C PRO A 147 -11.30 -9.09 -45.43
N PRO A 148 -12.24 -8.28 -45.90
CA PRO A 148 -12.89 -7.30 -45.03
C PRO A 148 -13.60 -7.99 -43.87
N LYS A 149 -13.63 -7.31 -42.72
CA LYS A 149 -14.31 -7.83 -41.54
C LYS A 149 -15.78 -8.06 -41.86
N ILE A 150 -16.33 -9.11 -41.27
CA ILE A 150 -17.68 -9.57 -41.64
C ILE A 150 -18.78 -8.89 -40.85
N ASP A 151 -18.47 -8.21 -39.75
CA ASP A 151 -19.52 -7.61 -38.94
C ASP A 151 -20.56 -8.66 -38.61
N PRO A 152 -20.25 -9.60 -37.72
CA PRO A 152 -21.13 -10.77 -37.51
C PRO A 152 -22.60 -10.43 -37.36
N SER A 153 -22.96 -9.17 -37.11
CA SER A 153 -24.37 -8.79 -37.07
C SER A 153 -25.07 -9.05 -38.39
N VAL A 154 -24.44 -8.71 -39.51
CA VAL A 154 -25.04 -9.01 -40.82
C VAL A 154 -24.45 -10.25 -41.45
N THR A 155 -23.51 -10.93 -40.78
CA THR A 155 -22.98 -12.18 -41.30
C THR A 155 -23.86 -13.36 -40.90
N MET A 156 -24.55 -13.26 -39.77
CA MET A 156 -25.44 -14.32 -39.32
C MET A 156 -26.72 -14.37 -40.12
N MET A 157 -27.01 -13.35 -40.92
CA MET A 157 -28.29 -13.23 -41.60
C MET A 157 -28.28 -13.80 -43.01
N THR A 158 -27.48 -14.84 -43.26
CA THR A 158 -27.48 -15.53 -44.54
C THR A 158 -28.26 -16.83 -44.42
N VAL A 159 -28.90 -17.24 -45.52
CA VAL A 159 -29.73 -18.43 -45.48
C VAL A 159 -28.88 -19.68 -45.26
N GLU A 160 -28.02 -20.00 -46.23
CA GLU A 160 -27.09 -21.11 -46.10
C GLU A 160 -27.80 -22.45 -46.18
N GLU A 161 -29.12 -22.42 -46.19
CA GLU A 161 -29.93 -23.63 -46.28
C GLU A 161 -31.32 -23.24 -46.76
N LYS A 162 -31.66 -23.64 -47.98
CA LYS A 162 -32.96 -23.27 -48.48
C LYS A 162 -34.06 -23.96 -47.67
N PRO A 163 -35.21 -23.31 -47.51
CA PRO A 163 -36.33 -23.95 -46.82
C PRO A 163 -36.84 -25.16 -47.61
N ASP A 164 -37.78 -25.89 -47.00
CA ASP A 164 -38.39 -27.05 -47.62
C ASP A 164 -39.64 -26.68 -48.41
N VAL A 165 -39.73 -25.44 -48.89
CA VAL A 165 -40.90 -24.99 -49.66
C VAL A 165 -40.57 -25.08 -51.13
N THR A 166 -41.27 -25.96 -51.84
CA THR A 166 -41.09 -26.15 -53.27
C THR A 166 -42.27 -25.53 -54.03
N TYR A 167 -42.11 -25.46 -55.36
CA TYR A 167 -43.17 -24.90 -56.19
C TYR A 167 -44.46 -25.71 -56.09
N ASN A 168 -44.38 -27.04 -56.11
CA ASN A 168 -45.57 -27.87 -56.04
C ASN A 168 -46.29 -27.73 -54.70
N ASP A 169 -45.66 -27.15 -53.69
CA ASP A 169 -46.25 -27.02 -52.37
C ASP A 169 -46.76 -25.60 -52.09
N VAL A 170 -46.79 -24.73 -53.10
CA VAL A 170 -47.25 -23.35 -52.90
C VAL A 170 -48.34 -23.03 -53.92
N GLY A 171 -49.10 -24.04 -54.31
CA GLY A 171 -50.14 -23.83 -55.30
C GLY A 171 -51.16 -22.81 -54.86
N GLY A 172 -51.87 -22.25 -55.84
CA GLY A 172 -52.91 -21.27 -55.61
C GLY A 172 -52.56 -19.87 -56.07
N CYS A 173 -51.31 -19.62 -56.44
CA CYS A 173 -50.85 -18.31 -56.88
C CYS A 173 -50.02 -18.43 -58.15
N LYS A 174 -50.54 -19.18 -59.12
CA LYS A 174 -49.78 -19.46 -60.33
C LYS A 174 -49.34 -18.18 -61.03
N GLU A 175 -50.25 -17.20 -61.16
CA GLU A 175 -49.89 -15.94 -61.78
C GLU A 175 -48.80 -15.22 -60.98
N GLN A 176 -48.94 -15.17 -59.65
CA GLN A 176 -47.89 -14.58 -58.83
C GLN A 176 -46.59 -15.36 -58.93
N ILE A 177 -46.67 -16.69 -59.04
CA ILE A 177 -45.47 -17.49 -59.20
C ILE A 177 -44.75 -17.12 -60.49
N GLU A 178 -45.49 -16.99 -61.59
CA GLU A 178 -44.88 -16.61 -62.86
C GLU A 178 -44.27 -15.22 -62.78
N LYS A 179 -45.01 -14.28 -62.18
CA LYS A 179 -44.49 -12.92 -62.04
C LYS A 179 -43.21 -12.86 -61.21
N MET A 180 -43.15 -13.62 -60.12
CA MET A 180 -41.96 -13.63 -59.28
C MET A 180 -40.80 -14.32 -59.99
N ARG A 181 -41.07 -15.41 -60.70
CA ARG A 181 -40.02 -16.09 -61.45
C ARG A 181 -39.45 -15.19 -62.55
N GLU A 182 -40.29 -14.42 -63.23
CA GLU A 182 -39.79 -13.51 -64.25
C GLU A 182 -38.82 -12.48 -63.71
N VAL A 183 -38.83 -12.22 -62.41
CA VAL A 183 -37.97 -11.22 -61.80
C VAL A 183 -36.78 -11.87 -61.10
N VAL A 184 -36.94 -13.08 -60.58
CA VAL A 184 -35.87 -13.70 -59.81
C VAL A 184 -35.22 -14.83 -60.59
N GLU A 185 -36.02 -15.69 -61.21
CA GLU A 185 -35.51 -16.87 -61.90
C GLU A 185 -35.40 -16.71 -63.41
N LEU A 186 -36.47 -16.34 -64.09
CA LEU A 186 -36.49 -16.27 -65.55
C LEU A 186 -35.36 -15.39 -66.05
N PRO A 187 -35.19 -14.18 -65.50
CA PRO A 187 -34.11 -13.31 -65.97
C PRO A 187 -32.73 -13.91 -65.80
N MET A 188 -32.51 -14.74 -64.76
CA MET A 188 -31.21 -15.36 -64.53
C MET A 188 -31.14 -16.77 -65.11
N LEU A 189 -32.30 -17.38 -65.40
CA LEU A 189 -32.30 -18.74 -65.93
C LEU A 189 -31.69 -18.81 -67.33
N HIS A 190 -32.12 -17.94 -68.24
CA HIS A 190 -31.61 -17.92 -69.61
C HIS A 190 -31.28 -16.48 -69.98
N PRO A 191 -30.20 -15.93 -69.44
CA PRO A 191 -29.87 -14.53 -69.72
C PRO A 191 -29.36 -14.34 -71.15
N GLU A 192 -30.14 -14.80 -72.12
CA GLU A 192 -29.81 -14.60 -73.54
C GLU A 192 -30.94 -13.82 -74.21
N LYS A 193 -32.17 -14.09 -73.82
CA LYS A 193 -33.31 -13.39 -74.40
C LYS A 193 -33.32 -11.92 -74.01
N PHE A 194 -33.05 -11.58 -72.75
CA PHE A 194 -33.03 -10.20 -72.31
C PHE A 194 -31.96 -9.37 -73.00
N VAL A 195 -30.78 -9.95 -73.27
CA VAL A 195 -29.76 -9.22 -74.01
C VAL A 195 -30.19 -9.03 -75.45
N LYS A 196 -30.73 -10.10 -76.08
CA LYS A 196 -31.23 -9.98 -77.44
C LYS A 196 -32.43 -9.04 -77.53
N LEU A 197 -33.35 -9.12 -76.56
CA LEU A 197 -34.51 -8.25 -76.59
C LEU A 197 -34.14 -6.79 -76.49
N GLY A 198 -33.19 -6.45 -75.62
CA GLY A 198 -32.73 -5.10 -75.47
C GLY A 198 -33.42 -4.29 -74.39
N ILE A 199 -33.91 -4.94 -73.33
CA ILE A 199 -34.57 -4.26 -72.23
C ILE A 199 -34.00 -4.79 -70.92
N ASP A 200 -33.75 -3.88 -69.98
CA ASP A 200 -33.26 -4.26 -68.66
C ASP A 200 -34.32 -5.08 -67.96
N PRO A 201 -34.00 -6.22 -67.35
CA PRO A 201 -35.01 -7.02 -66.68
C PRO A 201 -35.64 -6.25 -65.54
N PRO A 202 -36.89 -6.55 -65.19
CA PRO A 202 -37.52 -5.85 -64.07
C PRO A 202 -36.70 -5.98 -62.80
N LYS A 203 -36.72 -4.91 -62.00
CA LYS A 203 -35.81 -4.79 -60.88
C LYS A 203 -36.17 -5.63 -59.67
N GLY A 204 -37.32 -5.41 -59.05
CA GLY A 204 -37.69 -6.19 -57.88
C GLY A 204 -39.14 -6.61 -57.87
N VAL A 205 -39.67 -6.91 -56.69
CA VAL A 205 -41.08 -7.25 -56.55
C VAL A 205 -41.51 -7.05 -55.11
N LEU A 206 -42.66 -6.41 -54.91
CA LEU A 206 -43.26 -6.25 -53.59
C LEU A 206 -44.57 -7.03 -53.54
N CYS A 207 -44.70 -7.87 -52.52
CA CYS A 207 -45.86 -8.72 -52.34
C CYS A 207 -46.63 -8.26 -51.12
N TYR A 208 -47.67 -7.47 -51.33
CA TYR A 208 -48.48 -6.95 -50.24
C TYR A 208 -49.88 -7.53 -50.34
N GLY A 209 -50.35 -8.11 -49.24
CA GLY A 209 -51.65 -8.72 -49.19
C GLY A 209 -52.15 -8.89 -47.78
N PRO A 210 -53.38 -9.36 -47.62
CA PRO A 210 -53.92 -9.58 -46.28
C PRO A 210 -53.05 -10.53 -45.50
N PRO A 211 -53.07 -10.45 -44.17
CA PRO A 211 -52.22 -11.33 -43.36
C PRO A 211 -52.49 -12.80 -43.64
N GLY A 212 -51.40 -13.56 -43.70
CA GLY A 212 -51.50 -14.99 -43.92
C GLY A 212 -51.80 -15.40 -45.35
N THR A 213 -51.87 -14.45 -46.26
CA THR A 213 -52.27 -14.73 -47.64
C THR A 213 -51.22 -15.51 -48.42
N GLY A 214 -50.10 -15.86 -47.80
CA GLY A 214 -49.11 -16.66 -48.48
C GLY A 214 -47.85 -15.92 -48.86
N LYS A 215 -47.44 -14.93 -48.07
CA LYS A 215 -46.25 -14.17 -48.41
C LYS A 215 -44.98 -14.94 -48.07
N THR A 216 -44.81 -15.31 -46.79
CA THR A 216 -43.65 -16.09 -46.40
C THR A 216 -43.70 -17.49 -46.99
N LEU A 217 -44.89 -18.08 -47.14
CA LEU A 217 -44.99 -19.40 -47.74
C LEU A 217 -44.46 -19.40 -49.17
N LEU A 218 -44.36 -18.22 -49.79
CA LEU A 218 -43.78 -18.13 -51.13
C LEU A 218 -42.34 -17.67 -51.07
N ALA A 219 -42.00 -16.79 -50.12
CA ALA A 219 -40.62 -16.38 -49.95
C ALA A 219 -39.72 -17.57 -49.65
N ARG A 220 -40.15 -18.46 -48.75
CA ARG A 220 -39.45 -19.73 -48.59
C ARG A 220 -39.41 -20.50 -49.89
N ALA A 221 -40.48 -20.43 -50.68
CA ALA A 221 -40.46 -21.06 -52.00
C ALA A 221 -39.40 -20.46 -52.90
N VAL A 222 -39.31 -19.13 -52.94
CA VAL A 222 -38.27 -18.50 -53.75
C VAL A 222 -36.89 -18.93 -53.28
N ALA A 223 -36.69 -18.97 -51.96
CA ALA A 223 -35.41 -19.40 -51.42
C ALA A 223 -35.05 -20.82 -51.82
N ASN A 224 -35.99 -21.75 -51.71
CA ASN A 224 -35.67 -23.15 -52.03
C ASN A 224 -35.68 -23.39 -53.54
N ARG A 225 -36.13 -22.40 -54.31
CA ARG A 225 -36.26 -22.56 -55.75
C ARG A 225 -34.99 -22.24 -56.52
N THR A 226 -34.49 -21.01 -56.42
CA THR A 226 -33.32 -20.61 -57.20
C THR A 226 -32.04 -21.07 -56.50
N ASP A 227 -30.91 -20.62 -57.03
CA ASP A 227 -29.60 -20.94 -56.47
C ASP A 227 -28.84 -19.72 -55.98
N ALA A 228 -29.16 -18.52 -56.43
CA ALA A 228 -28.48 -17.32 -55.96
C ALA A 228 -28.77 -17.08 -54.48
N CYS A 229 -27.81 -16.49 -53.80
CA CYS A 229 -27.94 -16.26 -52.36
C CYS A 229 -29.15 -15.38 -52.08
N PHE A 230 -29.87 -15.70 -51.01
CA PHE A 230 -31.04 -14.95 -50.57
C PHE A 230 -30.78 -14.51 -49.13
N ILE A 231 -30.88 -13.21 -48.88
CA ILE A 231 -30.63 -12.62 -47.57
C ILE A 231 -31.97 -12.30 -46.94
N ARG A 232 -32.21 -12.83 -45.73
CA ARG A 232 -33.45 -12.60 -45.01
C ARG A 232 -33.27 -11.48 -44.00
N VAL A 233 -33.81 -10.31 -44.33
CA VAL A 233 -33.78 -9.14 -43.45
C VAL A 233 -35.12 -9.03 -42.75
N ILE A 234 -35.22 -9.60 -41.55
CA ILE A 234 -36.41 -9.49 -40.73
C ILE A 234 -36.63 -8.02 -40.38
N GLY A 235 -37.81 -7.50 -40.74
CA GLY A 235 -38.07 -6.08 -40.59
C GLY A 235 -37.64 -5.49 -39.27
N SER A 236 -37.65 -6.30 -38.20
CA SER A 236 -37.14 -5.87 -36.91
C SER A 236 -35.62 -5.96 -36.81
N GLU A 237 -34.99 -6.68 -37.72
CA GLU A 237 -33.55 -6.91 -37.67
C GLU A 237 -32.74 -5.70 -38.13
N LEU A 238 -33.36 -4.55 -38.31
CA LEU A 238 -32.65 -3.35 -38.75
C LEU A 238 -32.76 -2.19 -37.78
N VAL A 239 -33.71 -2.23 -36.84
CA VAL A 239 -33.85 -1.15 -35.87
C VAL A 239 -32.81 -1.34 -34.77
N GLN A 240 -31.74 -0.55 -34.82
CA GLN A 240 -30.66 -0.60 -33.85
C GLN A 240 -30.92 0.41 -32.74
N LYS A 241 -30.10 0.33 -31.69
CA LYS A 241 -30.29 1.17 -30.51
C LYS A 241 -29.74 2.57 -30.67
N TYR A 242 -28.45 2.71 -30.91
CA TYR A 242 -27.82 4.02 -31.01
C TYR A 242 -28.39 4.78 -32.20
N VAL A 243 -28.07 6.07 -32.27
CA VAL A 243 -28.52 6.94 -33.35
C VAL A 243 -27.71 6.61 -34.59
N GLY A 244 -28.37 6.04 -35.60
CA GLY A 244 -27.69 5.65 -36.80
C GLY A 244 -27.02 4.30 -36.74
N GLU A 245 -27.05 3.63 -35.58
CA GLU A 245 -26.46 2.31 -35.48
C GLU A 245 -27.22 1.29 -36.34
N GLY A 246 -28.45 1.65 -36.76
CA GLY A 246 -29.23 0.74 -37.58
C GLY A 246 -28.94 0.86 -39.06
N ALA A 247 -28.88 2.09 -39.58
CA ALA A 247 -28.56 2.29 -40.98
C ALA A 247 -27.28 1.58 -41.38
N ARG A 248 -26.20 1.73 -40.60
CA ARG A 248 -24.97 1.00 -40.86
C ARG A 248 -25.22 -0.47 -41.16
N MET A 249 -26.18 -1.08 -40.47
CA MET A 249 -26.54 -2.46 -40.79
C MET A 249 -27.04 -2.59 -42.22
N VAL A 250 -27.77 -1.59 -42.72
CA VAL A 250 -28.23 -1.62 -44.11
C VAL A 250 -27.06 -1.60 -45.06
N ARG A 251 -26.08 -0.73 -44.81
CA ARG A 251 -24.89 -0.69 -45.65
C ARG A 251 -24.13 -2.00 -45.59
N GLU A 252 -24.01 -2.59 -44.40
CA GLU A 252 -23.34 -3.87 -44.27
C GLU A 252 -24.04 -4.96 -45.07
N LEU A 253 -25.37 -5.03 -44.98
CA LEU A 253 -26.11 -6.02 -45.74
C LEU A 253 -25.93 -5.81 -47.24
N PHE A 254 -26.05 -4.56 -47.70
CA PHE A 254 -25.86 -4.26 -49.10
C PHE A 254 -24.46 -4.62 -49.59
N GLN A 255 -23.43 -4.38 -48.79
CA GLN A 255 -22.07 -4.74 -49.19
C GLN A 255 -21.91 -6.26 -49.25
N MET A 256 -22.33 -6.96 -48.19
CA MET A 256 -22.26 -8.41 -48.19
C MET A 256 -23.00 -9.01 -49.38
N ALA A 257 -24.05 -8.33 -49.86
CA ALA A 257 -24.73 -8.78 -51.06
C ALA A 257 -23.92 -8.49 -52.32
N ARG A 258 -23.57 -7.22 -52.55
CA ARG A 258 -22.81 -6.86 -53.75
C ARG A 258 -21.48 -7.58 -53.83
N SER A 259 -20.98 -8.09 -52.70
CA SER A 259 -19.72 -8.84 -52.74
C SER A 259 -19.86 -10.11 -53.56
N LYS A 260 -21.00 -10.77 -53.47
CA LYS A 260 -21.22 -11.99 -54.24
C LYS A 260 -21.60 -11.64 -55.69
N LYS A 261 -21.70 -12.68 -56.51
CA LYS A 261 -22.00 -12.48 -57.93
C LYS A 261 -23.43 -11.98 -58.12
N ALA A 262 -24.41 -12.77 -57.69
CA ALA A 262 -25.82 -12.44 -57.82
C ALA A 262 -26.54 -12.72 -56.51
N CYS A 263 -27.30 -11.73 -56.03
CA CYS A 263 -27.98 -11.85 -54.75
C CYS A 263 -29.43 -11.45 -54.90
N ILE A 264 -30.28 -12.05 -54.08
CA ILE A 264 -31.69 -11.72 -53.99
C ILE A 264 -32.02 -11.57 -52.51
N VAL A 265 -32.28 -10.34 -52.08
CA VAL A 265 -32.48 -10.04 -50.66
C VAL A 265 -33.97 -9.89 -50.39
N PHE A 266 -34.52 -10.83 -49.63
CA PHE A 266 -35.94 -10.85 -49.30
C PHE A 266 -36.11 -10.29 -47.89
N PHE A 267 -36.83 -9.18 -47.79
CA PHE A 267 -37.14 -8.55 -46.50
C PHE A 267 -38.61 -8.74 -46.19
N ASP A 268 -38.91 -9.29 -45.03
CA ASP A 268 -40.27 -9.49 -44.57
C ASP A 268 -40.62 -8.41 -43.57
N GLU A 269 -41.90 -8.31 -43.20
CA GLU A 269 -42.40 -7.30 -42.27
C GLU A 269 -41.74 -5.95 -42.54
N VAL A 270 -41.78 -5.56 -43.81
CA VAL A 270 -41.14 -4.34 -44.26
C VAL A 270 -41.89 -3.12 -43.73
N ASP A 271 -43.00 -3.37 -43.03
CA ASP A 271 -43.75 -2.28 -42.41
C ASP A 271 -43.06 -1.71 -41.18
N ALA A 272 -41.99 -2.37 -40.69
CA ALA A 272 -41.33 -1.92 -39.49
C ALA A 272 -40.12 -1.05 -39.80
N ILE A 273 -39.34 -1.42 -40.82
CA ILE A 273 -38.13 -0.68 -41.15
C ILE A 273 -38.40 0.80 -41.39
N GLY A 274 -39.41 1.13 -42.19
CA GLY A 274 -39.80 2.52 -42.38
C GLY A 274 -41.09 2.66 -43.16
N GLY A 275 -42.02 3.45 -42.62
CA GLY A 275 -43.28 3.69 -43.29
C GLY A 275 -43.31 4.98 -44.08
N ALA A 276 -42.92 6.08 -43.45
CA ALA A 276 -42.95 7.39 -44.08
C ALA A 276 -42.40 8.42 -43.11
N ARG A 277 -42.27 9.65 -43.61
CA ARG A 277 -41.81 10.77 -42.79
C ARG A 277 -43.00 11.66 -42.45
N PHE A 278 -43.27 11.83 -41.16
CA PHE A 278 -44.36 12.67 -40.71
C PHE A 278 -43.98 13.51 -39.50
N ASP A 279 -42.71 13.92 -39.40
CA ASP A 279 -42.25 14.65 -38.22
C ASP A 279 -43.07 15.90 -38.01
N ASP A 280 -43.49 16.11 -36.76
CA ASP A 280 -44.26 17.29 -36.37
C ASP A 280 -43.97 17.60 -34.92
N GLY A 281 -43.71 18.86 -34.60
CA GLY A 281 -43.37 19.23 -33.25
C GLY A 281 -42.10 18.55 -32.77
N VAL A 282 -42.18 17.88 -31.61
CA VAL A 282 -41.03 17.15 -31.09
C VAL A 282 -40.67 16.03 -32.05
N GLY A 283 -39.38 15.90 -32.34
CA GLY A 283 -38.91 14.88 -33.27
C GLY A 283 -39.21 13.47 -32.84
N GLY A 284 -40.14 12.82 -33.54
CA GLY A 284 -40.52 11.46 -33.24
C GLY A 284 -40.71 10.65 -34.51
N ASP A 285 -40.45 9.34 -34.39
CA ASP A 285 -40.61 8.42 -35.53
C ASP A 285 -39.74 8.84 -36.71
N ASN A 286 -38.63 9.51 -36.41
CA ASN A 286 -37.72 9.96 -37.46
C ASN A 286 -36.58 8.96 -37.68
N GLU A 287 -36.03 8.40 -36.60
CA GLU A 287 -34.90 7.48 -36.72
C GLU A 287 -35.18 6.38 -37.73
N VAL A 288 -36.39 5.84 -37.75
CA VAL A 288 -36.72 4.82 -38.73
C VAL A 288 -36.67 5.39 -40.14
N GLN A 289 -36.95 6.69 -40.28
CA GLN A 289 -36.84 7.33 -41.58
C GLN A 289 -35.43 7.29 -42.12
N ARG A 290 -34.43 7.50 -41.26
CA ARG A 290 -33.04 7.39 -41.71
C ARG A 290 -32.71 5.98 -42.17
N THR A 291 -33.18 4.96 -41.44
CA THR A 291 -32.95 3.59 -41.87
C THR A 291 -33.60 3.32 -43.22
N MET A 292 -34.84 3.74 -43.41
CA MET A 292 -35.52 3.54 -44.69
C MET A 292 -34.79 4.28 -45.81
N LEU A 293 -34.34 5.50 -45.56
CA LEU A 293 -33.58 6.24 -46.57
C LEU A 293 -32.30 5.51 -46.93
N GLU A 294 -31.56 5.02 -45.94
CA GLU A 294 -30.34 4.27 -46.23
C GLU A 294 -30.64 3.02 -47.03
N ILE A 295 -31.75 2.34 -46.73
CA ILE A 295 -32.11 1.14 -47.50
C ILE A 295 -32.42 1.52 -48.94
N VAL A 296 -33.11 2.65 -49.14
CA VAL A 296 -33.43 3.10 -50.49
C VAL A 296 -32.17 3.46 -51.27
N ASN A 297 -31.26 4.22 -50.64
CA ASN A 297 -30.07 4.68 -51.34
C ASN A 297 -29.23 3.52 -51.85
N GLN A 298 -28.95 2.53 -50.99
CA GLN A 298 -28.23 1.35 -51.44
C GLN A 298 -29.02 0.53 -52.47
N LEU A 299 -30.31 0.81 -52.63
CA LEU A 299 -31.15 0.09 -53.57
C LEU A 299 -31.33 0.82 -54.89
N ASP A 300 -31.14 2.14 -54.92
CA ASP A 300 -31.35 2.92 -56.13
C ASP A 300 -30.35 4.08 -56.19
N GLY A 301 -29.88 4.37 -57.40
CA GLY A 301 -29.05 5.53 -57.64
C GLY A 301 -27.61 5.39 -57.21
N PHE A 302 -26.71 6.17 -57.81
CA PHE A 302 -25.31 6.19 -57.42
C PHE A 302 -24.68 4.82 -57.50
N ASP A 303 -24.61 4.24 -58.70
CA ASP A 303 -24.06 2.91 -58.86
C ASP A 303 -24.86 1.91 -58.03
N ALA A 304 -26.12 1.70 -58.40
CA ALA A 304 -27.04 0.92 -57.59
C ALA A 304 -26.53 -0.51 -57.43
N ARG A 305 -27.28 -1.29 -56.65
CA ARG A 305 -26.84 -2.65 -56.31
C ARG A 305 -26.57 -3.50 -57.53
N GLY A 306 -27.24 -3.24 -58.64
CA GLY A 306 -27.01 -4.03 -59.85
C GLY A 306 -27.50 -5.46 -59.72
N ASN A 307 -26.57 -6.39 -59.59
CA ASN A 307 -26.89 -7.81 -59.59
C ASN A 307 -27.42 -8.26 -58.22
N ILE A 308 -28.45 -7.55 -57.76
CA ILE A 308 -29.15 -7.88 -56.53
C ILE A 308 -30.62 -7.54 -56.71
N LYS A 309 -31.49 -8.55 -56.65
CA LYS A 309 -32.93 -8.38 -56.85
C LYS A 309 -33.62 -8.39 -55.51
N VAL A 310 -34.47 -7.39 -55.27
CA VAL A 310 -35.16 -7.25 -54.01
C VAL A 310 -36.49 -8.02 -54.09
N LEU A 311 -36.86 -8.63 -52.96
CA LEU A 311 -38.14 -9.31 -52.85
C LEU A 311 -38.68 -9.03 -51.45
N MET A 312 -39.49 -7.99 -51.33
CA MET A 312 -40.05 -7.60 -50.05
C MET A 312 -41.44 -8.20 -49.87
N ALA A 313 -41.95 -8.12 -48.64
CA ALA A 313 -43.26 -8.69 -48.33
C ALA A 313 -43.82 -7.94 -47.13
N THR A 314 -44.76 -7.02 -47.39
CA THR A 314 -45.46 -6.30 -46.35
C THR A 314 -46.84 -6.90 -46.13
N ASN A 315 -47.29 -6.86 -44.89
CA ASN A 315 -48.61 -7.35 -44.50
C ASN A 315 -49.61 -6.22 -44.28
N ARG A 316 -49.13 -5.01 -44.03
CA ARG A 316 -49.97 -3.82 -43.96
C ARG A 316 -49.30 -2.75 -44.81
N PRO A 317 -49.29 -2.89 -46.14
CA PRO A 317 -48.53 -1.97 -46.97
C PRO A 317 -49.08 -0.55 -47.05
N ASP A 318 -50.20 -0.26 -46.40
CA ASP A 318 -50.79 1.07 -46.48
C ASP A 318 -49.83 2.16 -46.04
N THR A 319 -48.89 1.86 -45.14
CA THR A 319 -48.00 2.88 -44.60
C THR A 319 -46.69 3.00 -45.38
N LEU A 320 -46.47 2.17 -46.40
CA LEU A 320 -45.22 2.20 -47.14
C LEU A 320 -44.97 3.58 -47.72
N ASP A 321 -43.72 4.04 -47.59
CA ASP A 321 -43.34 5.38 -48.02
C ASP A 321 -43.45 5.50 -49.54
N PRO A 322 -43.82 6.67 -50.06
CA PRO A 322 -43.90 6.81 -51.53
C PRO A 322 -42.58 6.56 -52.23
N ALA A 323 -41.45 6.91 -51.62
CA ALA A 323 -40.16 6.73 -52.27
C ALA A 323 -39.79 5.26 -52.44
N LEU A 324 -40.03 4.44 -51.42
CA LEU A 324 -39.69 3.02 -51.51
C LEU A 324 -40.52 2.29 -52.55
N LEU A 325 -41.83 2.55 -52.62
CA LEU A 325 -42.71 1.89 -53.57
C LEU A 325 -42.62 2.49 -54.97
N ARG A 326 -41.94 3.62 -55.13
CA ARG A 326 -41.83 4.24 -56.45
C ARG A 326 -41.11 3.30 -57.41
N PRO A 327 -41.66 3.08 -58.61
CA PRO A 327 -41.00 2.19 -59.56
C PRO A 327 -39.53 2.52 -59.75
N GLY A 328 -38.78 1.54 -60.23
CA GLY A 328 -37.35 1.63 -60.37
C GLY A 328 -36.57 1.05 -59.21
N ARG A 329 -37.18 0.94 -58.03
CA ARG A 329 -36.59 0.25 -56.89
C ARG A 329 -37.34 -1.03 -56.55
N LEU A 330 -38.68 -0.98 -56.58
CA LEU A 330 -39.54 -2.13 -56.33
C LEU A 330 -40.61 -2.19 -57.41
N ASP A 331 -40.17 -2.09 -58.66
CA ASP A 331 -41.06 -1.92 -59.80
C ASP A 331 -42.29 -2.82 -59.70
N ARG A 332 -42.07 -4.14 -59.64
CA ARG A 332 -43.18 -5.06 -59.52
C ARG A 332 -43.90 -4.86 -58.19
N LYS A 333 -45.23 -4.87 -58.24
CA LYS A 333 -46.07 -4.65 -57.07
C LYS A 333 -47.11 -5.77 -56.99
N VAL A 334 -46.67 -7.01 -57.19
CA VAL A 334 -47.57 -8.15 -57.16
C VAL A 334 -48.32 -8.17 -55.84
N GLU A 335 -49.58 -8.60 -55.88
CA GLU A 335 -50.39 -8.72 -54.69
C GLU A 335 -50.93 -10.14 -54.55
N PHE A 336 -50.96 -10.64 -53.33
CA PHE A 336 -51.37 -12.01 -53.03
C PHE A 336 -52.60 -11.95 -52.13
N GLY A 337 -53.76 -12.29 -52.68
CA GLY A 337 -55.00 -12.27 -51.94
C GLY A 337 -55.56 -13.65 -51.68
N LEU A 338 -56.82 -13.67 -51.25
CA LEU A 338 -57.51 -14.91 -50.94
C LEU A 338 -57.95 -15.63 -52.22
N PRO A 339 -57.63 -16.92 -52.34
CA PRO A 339 -58.13 -17.67 -53.50
C PRO A 339 -59.65 -17.62 -53.57
N ASP A 340 -60.15 -17.43 -54.79
CA ASP A 340 -61.59 -17.15 -54.94
C ASP A 340 -62.42 -18.42 -54.94
N LEU A 341 -62.26 -19.26 -55.96
CA LEU A 341 -63.03 -20.49 -56.04
C LEU A 341 -62.15 -21.70 -56.31
N GLU A 342 -61.13 -21.53 -57.18
CA GLU A 342 -60.23 -22.61 -57.51
C GLU A 342 -58.95 -22.58 -56.70
N GLY A 343 -58.58 -21.42 -56.17
CA GLY A 343 -57.43 -21.35 -55.29
C GLY A 343 -57.61 -22.19 -54.04
N ARG A 344 -58.81 -22.14 -53.46
CA ARG A 344 -59.09 -22.99 -52.30
C ARG A 344 -59.00 -24.47 -52.65
N THR A 345 -59.52 -24.85 -53.82
CA THR A 345 -59.42 -26.24 -54.25
C THR A 345 -57.96 -26.66 -54.42
N GLN A 346 -57.15 -25.81 -55.04
CA GLN A 346 -55.73 -26.13 -55.18
C GLN A 346 -55.02 -26.20 -53.84
N ILE A 347 -55.36 -25.32 -52.91
CA ILE A 347 -54.77 -25.37 -51.57
C ILE A 347 -55.14 -26.67 -50.88
N PHE A 348 -56.40 -27.09 -50.99
CA PHE A 348 -56.80 -28.37 -50.41
C PHE A 348 -56.06 -29.53 -51.05
N LYS A 349 -55.91 -29.50 -52.37
CA LYS A 349 -55.20 -30.55 -53.08
C LYS A 349 -53.72 -30.61 -52.71
N ILE A 350 -53.10 -29.48 -52.44
CA ILE A 350 -51.66 -29.44 -52.15
C ILE A 350 -51.39 -29.74 -50.69
N HIS A 351 -51.98 -28.97 -49.77
CA HIS A 351 -51.74 -29.14 -48.35
C HIS A 351 -52.21 -30.48 -47.82
N THR A 352 -53.04 -31.21 -48.57
CA THR A 352 -53.54 -32.51 -48.14
C THR A 352 -52.96 -33.64 -48.96
N ARG A 353 -51.72 -33.50 -49.46
CA ARG A 353 -51.12 -34.53 -50.29
C ARG A 353 -50.61 -35.71 -49.49
N THR A 354 -50.59 -35.62 -48.17
CA THR A 354 -50.09 -36.72 -47.35
C THR A 354 -51.02 -36.97 -46.16
N MET A 355 -52.32 -36.95 -46.40
CA MET A 355 -53.30 -37.20 -45.35
C MET A 355 -54.14 -38.40 -45.72
N ASN A 356 -54.27 -39.33 -44.78
CA ASN A 356 -55.06 -40.54 -44.98
C ASN A 356 -56.54 -40.22 -44.81
N CYS A 357 -57.21 -39.91 -45.92
CA CYS A 357 -58.62 -39.54 -45.92
C CYS A 357 -59.39 -40.41 -46.90
N GLU A 358 -60.69 -40.57 -46.62
CA GLU A 358 -61.54 -41.36 -47.50
C GLU A 358 -61.53 -40.78 -48.91
N ARG A 359 -61.43 -41.67 -49.90
CA ARG A 359 -61.34 -41.23 -51.29
C ARG A 359 -62.63 -40.57 -51.77
N ASP A 360 -63.74 -40.78 -51.05
CA ASP A 360 -65.05 -40.29 -51.48
C ASP A 360 -65.34 -38.88 -50.95
N ILE A 361 -64.32 -38.15 -50.55
CA ILE A 361 -64.48 -36.79 -50.04
C ILE A 361 -64.61 -35.82 -51.21
N ARG A 362 -65.45 -34.81 -51.03
CA ARG A 362 -65.67 -33.77 -52.04
C ARG A 362 -65.05 -32.47 -51.55
N PHE A 363 -63.77 -32.27 -51.87
CA PHE A 363 -63.04 -31.10 -51.42
C PHE A 363 -63.60 -29.79 -51.98
N GLU A 364 -64.00 -29.77 -53.26
CA GLU A 364 -64.52 -28.54 -53.84
C GLU A 364 -65.70 -27.99 -53.04
N LEU A 365 -66.55 -28.87 -52.52
CA LEU A 365 -67.63 -28.41 -51.64
C LEU A 365 -67.07 -27.72 -50.40
N LEU A 366 -65.88 -28.13 -49.94
CA LEU A 366 -65.24 -27.44 -48.83
C LEU A 366 -64.71 -26.08 -49.28
N ALA A 367 -64.07 -26.03 -50.45
CA ALA A 367 -63.59 -24.76 -50.97
C ALA A 367 -64.71 -23.76 -51.19
N ARG A 368 -65.93 -24.24 -51.47
CA ARG A 368 -67.09 -23.36 -51.56
C ARG A 368 -67.68 -23.05 -50.17
N LEU A 369 -67.29 -23.79 -49.14
CA LEU A 369 -67.76 -23.56 -47.79
C LEU A 369 -66.90 -22.59 -47.01
N CYS A 370 -65.87 -22.01 -47.65
CA CYS A 370 -64.97 -21.04 -47.03
C CYS A 370 -65.02 -19.77 -47.87
N PRO A 371 -65.94 -18.86 -47.58
CA PRO A 371 -66.13 -17.69 -48.45
C PRO A 371 -64.84 -16.91 -48.69
N ASN A 372 -64.19 -16.47 -47.62
CA ASN A 372 -62.95 -15.69 -47.71
C ASN A 372 -62.03 -16.11 -46.57
N SER A 373 -61.13 -17.05 -46.86
CA SER A 373 -60.17 -17.55 -45.88
C SER A 373 -58.77 -17.50 -46.47
N THR A 374 -57.77 -17.44 -45.60
CA THR A 374 -56.39 -17.39 -46.02
C THR A 374 -55.83 -18.78 -46.27
N GLY A 375 -54.80 -18.86 -47.13
CA GLY A 375 -54.16 -20.13 -47.39
C GLY A 375 -53.60 -20.81 -46.16
N ALA A 376 -52.96 -20.05 -45.27
CA ALA A 376 -52.60 -20.60 -43.97
C ALA A 376 -53.83 -21.15 -43.27
N ASP A 377 -54.99 -20.51 -43.45
CA ASP A 377 -56.23 -21.06 -42.94
C ASP A 377 -56.56 -22.41 -43.57
N ILE A 378 -56.28 -22.58 -44.86
CA ILE A 378 -56.51 -23.87 -45.49
C ILE A 378 -55.59 -24.94 -44.93
N ARG A 379 -54.31 -24.61 -44.73
CA ARG A 379 -53.39 -25.58 -44.13
C ARG A 379 -53.84 -25.94 -42.72
N SER A 380 -54.25 -24.93 -41.93
CA SER A 380 -54.77 -25.20 -40.60
C SER A 380 -56.05 -26.03 -40.64
N VAL A 381 -56.86 -25.87 -41.69
CA VAL A 381 -58.07 -26.67 -41.83
C VAL A 381 -57.71 -28.12 -42.09
N CYS A 382 -56.75 -28.35 -43.00
CA CYS A 382 -56.27 -29.71 -43.21
C CYS A 382 -55.72 -30.32 -41.92
N THR A 383 -54.93 -29.55 -41.17
CA THR A 383 -54.45 -30.02 -39.88
C THR A 383 -55.58 -30.38 -38.93
N GLU A 384 -56.53 -29.47 -38.70
CA GLU A 384 -57.64 -29.72 -37.80
C GLU A 384 -58.46 -30.92 -38.26
N ALA A 385 -58.62 -31.11 -39.56
CA ALA A 385 -59.26 -32.32 -40.06
C ALA A 385 -58.49 -33.57 -39.69
N GLY A 386 -57.16 -33.53 -39.81
CA GLY A 386 -56.36 -34.65 -39.32
C GLY A 386 -56.55 -34.90 -37.84
N MET A 387 -56.50 -33.84 -37.03
CA MET A 387 -56.64 -34.01 -35.58
C MET A 387 -58.01 -34.57 -35.21
N TYR A 388 -59.08 -34.03 -35.77
CA TYR A 388 -60.41 -34.53 -35.44
C TYR A 388 -60.55 -36.00 -35.83
N ALA A 389 -60.05 -36.37 -37.01
CA ALA A 389 -60.11 -37.77 -37.42
C ALA A 389 -59.32 -38.66 -36.47
N ILE A 390 -58.12 -38.23 -36.06
CA ILE A 390 -57.35 -39.00 -35.09
C ILE A 390 -57.94 -38.95 -33.70
N ARG A 391 -58.95 -38.10 -33.47
CA ARG A 391 -59.41 -37.85 -32.10
C ARG A 391 -59.98 -39.12 -31.46
N ALA A 392 -61.12 -39.60 -31.95
CA ALA A 392 -61.81 -40.65 -31.21
C ALA A 392 -61.31 -42.06 -31.53
N ARG A 393 -61.58 -42.55 -32.74
CA ARG A 393 -61.18 -43.91 -33.09
C ARG A 393 -60.63 -44.07 -34.51
N ARG A 394 -60.96 -43.18 -35.45
CA ARG A 394 -60.72 -43.45 -36.85
C ARG A 394 -59.23 -43.59 -37.16
N LYS A 395 -58.93 -44.23 -38.28
CA LYS A 395 -57.57 -44.32 -38.81
C LYS A 395 -57.39 -43.55 -40.11
N THR A 396 -58.47 -43.15 -40.76
CA THR A 396 -58.41 -42.31 -41.96
C THR A 396 -59.42 -41.20 -41.81
N VAL A 397 -59.13 -40.05 -42.42
CA VAL A 397 -60.01 -38.88 -42.32
C VAL A 397 -61.33 -39.17 -43.02
N THR A 398 -62.38 -38.50 -42.59
CA THR A 398 -63.72 -38.66 -43.16
C THR A 398 -64.22 -37.30 -43.65
N GLU A 399 -65.03 -37.34 -44.71
CA GLU A 399 -65.59 -36.11 -45.25
C GLU A 399 -66.34 -35.32 -44.18
N LYS A 400 -67.18 -36.00 -43.40
CA LYS A 400 -67.82 -35.36 -42.27
C LYS A 400 -66.81 -34.81 -41.27
N ASP A 401 -65.66 -35.46 -41.12
CA ASP A 401 -64.63 -34.91 -40.25
C ASP A 401 -64.10 -33.58 -40.76
N PHE A 402 -63.80 -33.49 -42.05
CA PHE A 402 -63.36 -32.22 -42.62
C PHE A 402 -64.46 -31.17 -42.50
N LEU A 403 -65.72 -31.56 -42.70
CA LEU A 403 -66.82 -30.63 -42.54
C LEU A 403 -66.88 -30.08 -41.12
N ASP A 404 -66.79 -30.96 -40.11
CA ASP A 404 -66.80 -30.53 -38.73
C ASP A 404 -65.61 -29.64 -38.40
N ALA A 405 -64.43 -29.96 -38.94
CA ALA A 405 -63.26 -29.10 -38.76
C ALA A 405 -63.44 -27.73 -39.38
N VAL A 406 -64.11 -27.64 -40.53
CA VAL A 406 -64.40 -26.35 -41.13
C VAL A 406 -65.30 -25.53 -40.21
N ASN A 407 -66.31 -26.17 -39.63
CA ASN A 407 -67.25 -25.47 -38.76
C ASN A 407 -66.56 -24.83 -37.56
N LYS A 408 -65.41 -25.35 -37.13
CA LYS A 408 -64.72 -24.77 -36.00
C LYS A 408 -63.62 -23.81 -36.43
N VAL A 409 -62.81 -24.20 -37.42
CA VAL A 409 -61.70 -23.36 -37.85
C VAL A 409 -62.22 -22.07 -38.47
N ILE A 410 -63.20 -22.17 -39.37
CA ILE A 410 -63.71 -20.98 -40.06
C ILE A 410 -64.96 -20.46 -39.36
N LYS A 411 -65.95 -21.32 -39.17
CA LYS A 411 -67.22 -20.92 -38.56
C LYS A 411 -67.13 -20.72 -37.06
N GLY A 412 -66.15 -21.30 -36.39
CA GLY A 412 -66.02 -21.16 -34.96
C GLY A 412 -64.96 -20.15 -34.56
N TYR A 413 -63.81 -20.19 -35.24
CA TYR A 413 -62.72 -19.26 -34.98
C TYR A 413 -62.88 -17.95 -35.74
N GLN A 414 -64.06 -17.71 -36.32
CA GLN A 414 -64.29 -16.51 -37.11
C GLN A 414 -64.34 -15.24 -36.27
N LYS A 415 -64.34 -15.36 -34.94
CA LYS A 415 -64.51 -14.17 -34.10
C LYS A 415 -63.49 -13.08 -34.46
N PHE A 416 -62.20 -13.40 -34.43
CA PHE A 416 -61.19 -12.48 -34.98
C PHE A 416 -61.02 -12.73 -36.48
N SER A 417 -60.53 -13.92 -36.82
CA SER A 417 -60.37 -14.38 -38.20
C SER A 417 -59.24 -13.63 -38.91
N ALA A 418 -58.77 -12.54 -38.31
CA ALA A 418 -57.59 -11.81 -38.78
C ALA A 418 -57.80 -11.19 -40.15
N THR A 419 -58.91 -11.51 -40.82
CA THR A 419 -59.16 -11.03 -42.17
C THR A 419 -59.79 -9.64 -42.17
N PRO A 420 -60.86 -9.43 -41.40
CA PRO A 420 -61.62 -8.17 -41.51
C PRO A 420 -60.80 -6.93 -41.17
N LYS A 421 -59.87 -7.03 -40.22
CA LYS A 421 -59.12 -5.86 -39.77
C LYS A 421 -57.98 -5.49 -40.70
N TYR A 422 -57.65 -6.34 -41.67
CA TYR A 422 -56.58 -6.08 -42.62
C TYR A 422 -57.01 -6.18 -44.08
N MET A 423 -58.27 -6.52 -44.35
CA MET A 423 -58.71 -6.66 -45.74
C MET A 423 -58.55 -5.34 -46.50
N VAL A 424 -58.90 -4.22 -45.86
CA VAL A 424 -58.73 -2.91 -46.49
C VAL A 424 -57.26 -2.51 -46.59
N TYR A 425 -56.34 -3.34 -46.11
CA TYR A 425 -54.92 -3.05 -46.08
C TYR A 425 -54.57 -1.95 -45.08
N ASN A 426 -55.39 -1.77 -44.04
CA ASN A 426 -55.12 -0.76 -43.02
C ASN A 426 -55.33 -1.35 -41.63
N ALA B 50 -18.44 -46.69 -27.75
CA ALA B 50 -19.35 -45.59 -27.99
C ALA B 50 -20.08 -45.75 -29.32
N ALA B 51 -21.37 -46.05 -29.26
CA ALA B 51 -22.18 -46.25 -30.46
C ALA B 51 -21.55 -47.29 -31.39
N ARG B 52 -21.05 -48.37 -30.78
CA ARG B 52 -20.40 -49.42 -31.55
C ARG B 52 -21.39 -50.15 -32.45
N ILE B 53 -22.58 -50.46 -31.93
CA ILE B 53 -23.59 -51.19 -32.70
C ILE B 53 -24.97 -50.87 -32.14
N PRO B 54 -25.86 -50.25 -32.93
CA PRO B 54 -27.22 -49.93 -32.46
C PRO B 54 -28.27 -50.99 -32.78
N THR B 55 -27.87 -52.18 -33.24
CA THR B 55 -28.82 -53.22 -33.63
C THR B 55 -29.20 -54.03 -32.40
N VAL B 56 -30.44 -53.84 -31.93
CA VAL B 56 -30.96 -54.58 -30.79
C VAL B 56 -32.31 -55.18 -31.16
N THR B 57 -32.62 -55.15 -32.46
CA THR B 57 -33.92 -55.60 -32.96
C THR B 57 -34.23 -57.03 -32.55
N PRO B 58 -33.21 -57.86 -32.29
CA PRO B 58 -33.48 -59.26 -31.92
C PRO B 58 -34.36 -59.36 -30.69
N LEU B 59 -33.91 -58.78 -29.58
CA LEU B 59 -34.69 -58.73 -28.34
C LEU B 59 -35.21 -60.12 -27.96
N THR B 60 -34.32 -61.10 -28.03
CA THR B 60 -34.67 -62.48 -27.71
C THR B 60 -33.38 -63.28 -27.57
N LYS B 61 -33.52 -64.60 -27.38
CA LYS B 61 -32.38 -65.50 -27.24
C LYS B 61 -32.04 -66.21 -28.55
N CYS B 62 -32.35 -65.59 -29.69
CA CYS B 62 -32.06 -66.21 -30.97
C CYS B 62 -30.55 -66.23 -31.24
N LYS B 63 -30.14 -67.14 -32.13
CA LYS B 63 -28.72 -67.26 -32.45
C LYS B 63 -28.18 -66.03 -33.16
N LEU B 64 -29.04 -65.22 -33.77
CA LEU B 64 -28.56 -64.01 -34.46
C LEU B 64 -27.91 -63.05 -33.49
N ARG B 65 -28.53 -62.85 -32.31
CA ARG B 65 -27.93 -61.95 -31.33
C ARG B 65 -26.58 -62.46 -30.85
N LEU B 66 -26.46 -63.76 -30.60
CA LEU B 66 -25.17 -64.32 -30.20
C LEU B 66 -24.13 -64.17 -31.29
N LEU B 67 -24.52 -64.40 -32.55
CA LEU B 67 -23.58 -64.26 -33.66
C LEU B 67 -23.11 -62.82 -33.81
N LYS B 68 -24.02 -61.86 -33.69
CA LYS B 68 -23.62 -60.45 -33.80
C LYS B 68 -22.65 -60.08 -32.68
N LEU B 69 -22.94 -60.50 -31.46
CA LEU B 69 -22.05 -60.24 -30.33
C LEU B 69 -20.68 -60.89 -30.52
N GLU B 70 -20.64 -62.14 -31.01
CA GLU B 70 -19.37 -62.79 -31.29
C GLU B 70 -18.59 -62.08 -32.38
N ARG B 71 -19.25 -61.62 -33.44
CA ARG B 71 -18.56 -60.87 -34.49
C ARG B 71 -17.99 -59.57 -33.94
N ILE B 72 -18.77 -58.87 -33.11
CA ILE B 72 -18.29 -57.63 -32.52
C ILE B 72 -17.09 -57.89 -31.62
N LYS B 73 -17.15 -58.95 -30.80
CA LYS B 73 -16.04 -59.29 -29.94
C LYS B 73 -14.79 -59.64 -30.75
N ASP B 74 -14.96 -60.40 -31.83
CA ASP B 74 -13.84 -60.75 -32.69
C ASP B 74 -13.21 -59.51 -33.32
N TYR B 75 -14.04 -58.58 -33.80
CA TYR B 75 -13.52 -57.34 -34.36
C TYR B 75 -12.77 -56.53 -33.31
N LEU B 76 -13.31 -56.43 -32.10
CA LEU B 76 -12.64 -55.71 -31.03
C LEU B 76 -11.30 -56.35 -30.69
N LEU B 77 -11.27 -57.69 -30.63
CA LEU B 77 -10.02 -58.39 -30.34
C LEU B 77 -9.00 -58.17 -31.43
N MET B 78 -9.43 -58.21 -32.70
CA MET B 78 -8.51 -57.96 -33.80
C MET B 78 -7.94 -56.54 -33.73
N GLU B 79 -8.79 -55.55 -33.44
CA GLU B 79 -8.32 -54.18 -33.31
C GLU B 79 -7.32 -54.06 -32.16
N GLU B 80 -7.62 -54.69 -31.03
CA GLU B 80 -6.72 -54.62 -29.88
C GLU B 80 -5.38 -55.26 -30.22
N GLU B 81 -5.40 -56.41 -30.90
CA GLU B 81 -4.16 -57.06 -31.31
C GLU B 81 -3.36 -56.21 -32.28
N PHE B 82 -4.03 -55.57 -33.25
CA PHE B 82 -3.33 -54.68 -34.17
C PHE B 82 -2.69 -53.51 -33.43
N VAL B 83 -3.42 -52.94 -32.48
CA VAL B 83 -2.89 -51.80 -31.72
C VAL B 83 -1.77 -52.17 -30.78
N ALA B 84 -1.81 -53.35 -30.17
CA ALA B 84 -0.80 -53.72 -29.19
C ALA B 84 0.59 -53.79 -29.81
N ASN B 85 0.69 -54.35 -31.02
CA ASN B 85 1.99 -54.52 -31.67
C ASN B 85 2.70 -53.21 -31.93
N GLN B 86 1.97 -52.10 -32.03
CA GLN B 86 2.62 -50.81 -32.28
C GLN B 86 3.56 -50.46 -31.12
N GLU B 87 3.10 -50.64 -29.89
CA GLU B 87 3.96 -50.40 -28.73
C GLU B 87 4.99 -51.50 -28.53
N ARG B 88 4.64 -52.75 -28.86
CA ARG B 88 5.58 -53.85 -28.70
C ARG B 88 6.81 -53.67 -29.59
N LEU B 89 6.59 -53.22 -30.83
CA LEU B 89 7.68 -53.04 -31.78
C LEU B 89 8.34 -51.68 -31.70
N LYS B 90 7.57 -50.59 -31.76
CA LYS B 90 8.11 -49.23 -31.73
C LYS B 90 7.28 -48.37 -30.79
N PRO B 91 7.35 -48.65 -29.48
CA PRO B 91 6.67 -47.76 -28.53
C PRO B 91 7.17 -46.34 -28.63
N GLN B 92 8.48 -46.16 -28.46
CA GLN B 92 9.14 -44.87 -28.70
C GLN B 92 8.76 -43.81 -27.68
N GLU B 93 7.82 -44.12 -26.79
CA GLU B 93 7.40 -43.17 -25.78
C GLU B 93 6.34 -43.84 -24.91
N GLU B 94 5.98 -43.15 -23.82
CA GLU B 94 4.94 -43.66 -22.92
C GLU B 94 3.57 -43.63 -23.59
N LYS B 95 3.26 -42.56 -24.33
CA LYS B 95 1.99 -42.44 -25.04
C LYS B 95 0.85 -42.13 -24.07
N THR B 96 1.14 -42.12 -22.77
CA THR B 96 0.11 -41.81 -21.78
C THR B 96 0.32 -40.45 -21.15
N GLU B 97 1.55 -40.14 -20.74
CA GLU B 97 1.87 -38.85 -20.15
C GLU B 97 2.92 -38.06 -20.91
N GLU B 98 3.78 -38.72 -21.70
CA GLU B 98 4.73 -37.97 -22.51
C GLU B 98 4.00 -37.09 -23.52
N ASP B 99 2.95 -37.62 -24.14
CA ASP B 99 2.17 -36.81 -25.08
C ASP B 99 1.48 -35.66 -24.37
N ARG B 100 0.86 -35.90 -23.22
CA ARG B 100 0.17 -34.83 -22.50
C ARG B 100 1.15 -33.77 -22.02
N SER B 101 2.29 -34.19 -21.48
CA SER B 101 3.31 -33.24 -21.05
C SER B 101 3.87 -32.45 -22.21
N LYS B 102 4.13 -33.09 -23.36
CA LYS B 102 4.62 -32.36 -24.52
C LYS B 102 3.57 -31.37 -25.03
N VAL B 103 2.30 -31.74 -24.98
CA VAL B 103 1.24 -30.82 -25.39
C VAL B 103 1.19 -29.63 -24.45
N ASP B 104 1.27 -29.87 -23.14
CA ASP B 104 1.26 -28.78 -22.18
C ASP B 104 2.47 -27.86 -22.34
N ASP B 105 3.65 -28.41 -22.63
CA ASP B 105 4.84 -27.60 -22.83
C ASP B 105 4.89 -26.92 -24.18
N ILE B 106 4.14 -27.42 -25.17
CA ILE B 106 4.12 -26.79 -26.49
C ILE B 106 3.10 -25.66 -26.52
N ARG B 107 1.83 -25.97 -26.30
CA ARG B 107 0.82 -24.95 -26.15
C ARG B 107 1.19 -24.05 -24.97
N GLY B 108 0.95 -22.76 -25.11
CA GLY B 108 1.27 -21.83 -24.06
C GLY B 108 0.66 -22.24 -22.73
N SER B 109 1.52 -22.38 -21.72
CA SER B 109 1.09 -22.84 -20.41
C SER B 109 0.00 -21.92 -19.88
N PRO B 110 0.22 -20.61 -19.86
CA PRO B 110 -0.86 -19.68 -19.51
C PRO B 110 -1.76 -19.43 -20.72
N MET B 111 -2.99 -19.93 -20.64
CA MET B 111 -3.96 -19.79 -21.72
C MET B 111 -4.92 -18.68 -21.33
N SER B 112 -5.16 -17.74 -22.23
CA SER B 112 -5.99 -16.58 -21.93
C SER B 112 -7.42 -16.79 -22.39
N VAL B 113 -8.28 -15.85 -22.02
CA VAL B 113 -9.70 -15.89 -22.38
C VAL B 113 -9.91 -14.96 -23.56
N GLY B 114 -9.90 -15.52 -24.77
CA GLY B 114 -10.08 -14.73 -25.97
C GLY B 114 -11.51 -14.75 -26.47
N SER B 115 -11.69 -14.58 -27.77
CA SER B 115 -13.02 -14.62 -28.37
C SER B 115 -12.89 -14.82 -29.87
N LEU B 116 -13.38 -15.95 -30.35
CA LEU B 116 -13.39 -16.20 -31.79
C LEU B 116 -14.45 -15.33 -32.47
N GLU B 117 -14.06 -14.72 -33.58
CA GLU B 117 -14.95 -13.82 -34.31
C GLU B 117 -15.08 -14.14 -35.79
N GLU B 118 -14.32 -15.09 -36.33
CA GLU B 118 -14.40 -15.44 -37.74
C GLU B 118 -13.94 -16.89 -37.88
N LEU B 119 -13.73 -17.30 -39.13
CA LEU B 119 -13.32 -18.68 -39.40
C LEU B 119 -12.24 -18.66 -40.48
N ILE B 120 -11.08 -19.24 -40.14
CA ILE B 120 -10.00 -19.45 -41.09
C ILE B 120 -9.61 -20.92 -41.02
N ASP B 121 -10.01 -21.70 -42.03
CA ASP B 121 -9.79 -23.14 -42.00
C ASP B 121 -8.31 -23.50 -42.01
N GLU B 122 -7.51 -22.86 -42.86
CA GLU B 122 -6.12 -23.27 -43.07
C GLU B 122 -5.19 -22.61 -42.05
N ASN B 123 -4.96 -23.34 -40.96
CA ASN B 123 -3.99 -22.97 -39.94
C ASN B 123 -3.98 -21.47 -39.67
N HIS B 124 -5.15 -20.88 -39.42
CA HIS B 124 -5.24 -19.46 -39.15
C HIS B 124 -6.57 -19.15 -38.48
N ALA B 125 -6.62 -18.02 -37.78
CA ALA B 125 -7.87 -17.55 -37.19
C ALA B 125 -7.69 -16.08 -36.82
N ILE B 126 -8.79 -15.33 -36.92
CA ILE B 126 -8.76 -13.90 -36.60
C ILE B 126 -9.67 -13.65 -35.41
N VAL B 127 -9.11 -13.12 -34.33
CA VAL B 127 -9.85 -12.77 -33.13
C VAL B 127 -9.32 -11.45 -32.59
N SER B 128 -9.97 -10.96 -31.54
CA SER B 128 -9.56 -9.73 -30.87
C SER B 128 -9.03 -10.06 -29.49
N SER B 129 -7.90 -9.45 -29.12
CA SER B 129 -7.33 -9.64 -27.80
C SER B 129 -8.30 -9.09 -26.75
N SER B 130 -8.37 -9.79 -25.61
CA SER B 130 -9.23 -9.33 -24.52
C SER B 130 -8.91 -7.90 -24.11
N VAL B 131 -7.67 -7.46 -24.31
CA VAL B 131 -7.36 -6.04 -24.18
C VAL B 131 -8.02 -5.25 -25.31
N GLY B 132 -8.16 -5.88 -26.48
CA GLY B 132 -8.82 -5.25 -27.60
C GLY B 132 -8.12 -5.50 -28.92
N PRO B 133 -6.80 -5.70 -28.88
CA PRO B 133 -6.04 -5.88 -30.12
C PRO B 133 -6.47 -7.13 -30.87
N GLU B 134 -6.93 -6.95 -32.10
CA GLU B 134 -7.31 -8.06 -32.96
C GLU B 134 -6.08 -8.91 -33.26
N TYR B 135 -6.27 -10.22 -33.24
CA TYR B 135 -5.19 -11.19 -33.41
C TYR B 135 -5.45 -12.05 -34.64
N TYR B 136 -4.37 -12.63 -35.16
CA TYR B 136 -4.40 -13.56 -36.29
C TYR B 136 -3.90 -14.93 -35.87
N VAL B 137 -4.35 -15.38 -34.70
CA VAL B 137 -3.90 -16.65 -34.14
C VAL B 137 -4.36 -17.80 -35.03
N SER B 138 -3.47 -18.74 -35.29
CA SER B 138 -3.77 -19.88 -36.14
C SER B 138 -4.44 -20.99 -35.34
N ILE B 139 -4.61 -22.15 -36.00
CA ILE B 139 -5.23 -23.32 -35.40
C ILE B 139 -4.13 -24.28 -34.96
N MET B 140 -4.33 -24.89 -33.80
CA MET B 140 -3.35 -25.82 -33.24
C MET B 140 -3.76 -27.26 -33.57
N SER B 141 -2.91 -28.22 -33.21
CA SER B 141 -3.17 -29.63 -33.49
C SER B 141 -4.43 -30.17 -32.83
N PHE B 142 -4.67 -29.84 -31.56
CA PHE B 142 -5.85 -30.30 -30.84
C PHE B 142 -7.06 -29.41 -31.07
N VAL B 143 -7.07 -28.64 -32.16
CA VAL B 143 -8.09 -27.63 -32.40
C VAL B 143 -9.51 -28.19 -32.35
N ASP B 144 -9.73 -29.40 -32.88
CA ASP B 144 -11.08 -29.97 -32.92
C ASP B 144 -12.08 -28.92 -33.36
N LYS B 145 -11.87 -28.34 -34.54
CA LYS B 145 -12.57 -27.13 -34.94
C LYS B 145 -14.04 -27.37 -35.24
N ASP B 146 -14.82 -27.63 -34.18
CA ASP B 146 -16.27 -27.73 -34.30
C ASP B 146 -17.02 -26.58 -33.65
N GLN B 147 -16.41 -25.84 -32.72
CA GLN B 147 -17.03 -24.69 -32.08
C GLN B 147 -16.50 -23.38 -32.65
N LEU B 148 -16.23 -23.35 -33.95
CA LEU B 148 -15.66 -22.18 -34.62
C LEU B 148 -16.80 -21.21 -34.93
N GLU B 149 -17.36 -20.62 -33.89
CA GLU B 149 -18.42 -19.66 -34.06
C GLU B 149 -18.12 -18.38 -33.28
N PRO B 150 -18.59 -17.22 -33.76
CA PRO B 150 -18.27 -15.96 -33.08
C PRO B 150 -18.75 -15.98 -31.65
N GLY B 151 -17.86 -15.63 -30.73
CA GLY B 151 -18.19 -15.50 -29.32
C GLY B 151 -17.49 -16.47 -28.40
N CYS B 152 -17.33 -17.73 -28.80
CA CYS B 152 -16.64 -18.70 -27.97
C CYS B 152 -15.18 -18.32 -27.83
N SER B 153 -14.75 -18.10 -26.58
CA SER B 153 -13.37 -17.71 -26.33
C SER B 153 -12.43 -18.78 -26.86
N ILE B 154 -11.43 -18.36 -27.62
CA ILE B 154 -10.37 -19.22 -28.09
C ILE B 154 -9.12 -18.93 -27.27
N LEU B 155 -8.57 -19.96 -26.64
CA LEU B 155 -7.42 -19.81 -25.76
C LEU B 155 -6.15 -19.96 -26.60
N MET B 156 -5.29 -18.95 -26.55
CA MET B 156 -4.07 -18.91 -27.32
C MET B 156 -2.87 -19.22 -26.42
N HIS B 157 -1.74 -19.48 -27.05
CA HIS B 157 -0.53 -19.82 -26.31
C HIS B 157 -0.03 -18.61 -25.53
N ASN B 158 0.88 -18.88 -24.60
CA ASN B 158 1.52 -17.82 -23.83
C ASN B 158 2.83 -17.37 -24.44
N LYS B 159 3.57 -18.30 -25.06
CA LYS B 159 4.82 -17.93 -25.71
C LYS B 159 4.57 -17.24 -27.05
N VAL B 160 3.87 -17.92 -27.97
CA VAL B 160 3.59 -17.37 -29.29
C VAL B 160 2.13 -16.99 -29.46
N LEU B 161 1.29 -17.21 -28.45
CA LEU B 161 -0.13 -16.88 -28.51
C LEU B 161 -0.87 -17.63 -29.60
N SER B 162 -0.45 -18.86 -29.90
CA SER B 162 -1.20 -19.71 -30.81
C SER B 162 -2.39 -20.33 -30.08
N VAL B 163 -3.44 -20.63 -30.84
CA VAL B 163 -4.68 -21.15 -30.27
C VAL B 163 -4.34 -22.41 -29.48
N VAL B 164 -4.60 -22.37 -28.17
CA VAL B 164 -4.23 -23.46 -27.29
C VAL B 164 -5.45 -24.30 -26.92
N GLY B 165 -6.54 -23.63 -26.51
CA GLY B 165 -7.73 -24.33 -26.08
C GLY B 165 -8.98 -23.52 -26.34
N LEU B 166 -10.10 -24.24 -26.42
CA LEU B 166 -11.41 -23.63 -26.55
C LEU B 166 -11.93 -23.22 -25.18
N LEU B 167 -13.02 -22.46 -25.19
CA LEU B 167 -13.61 -21.94 -23.96
C LEU B 167 -14.96 -22.62 -23.71
N GLN B 168 -14.95 -23.61 -22.84
CA GLN B 168 -16.20 -24.23 -22.41
C GLN B 168 -17.15 -23.16 -21.89
N ASP B 169 -18.38 -23.15 -22.43
CA ASP B 169 -19.35 -22.09 -22.05
C ASP B 169 -20.44 -22.67 -21.14
N GLU B 170 -20.63 -22.08 -19.96
CA GLU B 170 -21.71 -22.53 -19.04
C GLU B 170 -22.44 -21.29 -18.50
N VAL B 171 -23.13 -20.55 -19.39
CA VAL B 171 -23.81 -19.29 -18.97
C VAL B 171 -25.26 -19.30 -19.47
N ASP B 172 -25.48 -19.05 -20.76
CA ASP B 172 -26.86 -18.97 -21.33
C ASP B 172 -27.69 -18.03 -20.46
N PRO B 173 -27.32 -16.74 -20.31
CA PRO B 173 -28.03 -15.85 -19.40
C PRO B 173 -29.53 -15.74 -19.67
N MET B 174 -29.91 -15.51 -20.94
CA MET B 174 -31.35 -15.35 -21.29
C MET B 174 -32.09 -16.64 -20.94
N VAL B 175 -31.55 -17.80 -21.34
CA VAL B 175 -32.19 -19.11 -21.05
C VAL B 175 -32.30 -19.29 -19.54
N SER B 176 -31.23 -19.01 -18.80
CA SER B 176 -31.23 -19.22 -17.33
C SER B 176 -32.28 -18.32 -16.67
N VAL B 177 -32.40 -17.08 -17.15
CA VAL B 177 -33.37 -16.12 -16.55
C VAL B 177 -34.78 -16.50 -17.01
N MET B 178 -34.98 -17.77 -17.39
CA MET B 178 -36.27 -18.21 -17.91
C MET B 178 -36.38 -19.73 -17.98
N LYS B 179 -35.47 -20.47 -17.37
CA LYS B 179 -35.45 -21.92 -17.41
C LYS B 179 -36.09 -22.46 -16.13
N VAL B 180 -37.02 -23.40 -16.30
CA VAL B 180 -37.67 -24.03 -15.15
C VAL B 180 -36.81 -25.18 -14.66
N GLU B 181 -36.42 -25.12 -13.38
CA GLU B 181 -35.56 -26.15 -12.82
C GLU B 181 -36.35 -27.36 -12.36
N LYS B 182 -37.38 -27.13 -11.55
CA LYS B 182 -38.16 -28.20 -10.94
C LYS B 182 -39.62 -28.09 -11.36
N ALA B 183 -40.33 -29.21 -11.21
CA ALA B 183 -41.74 -29.26 -11.58
C ALA B 183 -42.53 -28.30 -10.70
N PRO B 184 -43.41 -27.47 -11.28
CA PRO B 184 -44.11 -26.47 -10.47
C PRO B 184 -45.11 -27.07 -9.49
N LEU B 185 -45.98 -27.96 -9.97
CA LEU B 185 -47.06 -28.47 -9.14
C LEU B 185 -47.22 -29.97 -9.40
N GLU B 186 -48.30 -30.55 -8.89
CA GLU B 186 -48.55 -31.97 -9.04
C GLU B 186 -49.14 -32.26 -10.41
N SER B 187 -49.63 -33.49 -10.58
CA SER B 187 -50.12 -33.97 -11.87
C SER B 187 -51.36 -33.17 -12.27
N TYR B 188 -51.86 -33.43 -13.48
CA TYR B 188 -52.99 -32.68 -14.01
C TYR B 188 -54.24 -32.81 -13.14
N ALA B 189 -54.33 -33.86 -12.32
CA ALA B 189 -55.50 -34.03 -11.47
C ALA B 189 -55.67 -32.89 -10.47
N ASP B 190 -54.61 -32.11 -10.23
CA ASP B 190 -54.71 -31.03 -9.27
C ASP B 190 -55.33 -29.77 -9.86
N ILE B 191 -55.55 -29.73 -11.18
CA ILE B 191 -56.19 -28.58 -11.81
C ILE B 191 -57.67 -28.61 -11.46
N GLY B 192 -58.39 -29.63 -11.93
CA GLY B 192 -59.73 -29.90 -11.44
C GLY B 192 -60.86 -29.13 -12.10
N GLY B 193 -61.93 -29.84 -12.44
CA GLY B 193 -63.19 -29.26 -12.81
C GLY B 193 -63.44 -29.12 -14.31
N LEU B 194 -62.60 -28.40 -15.04
CA LEU B 194 -62.93 -28.10 -16.43
C LEU B 194 -62.57 -29.25 -17.37
N ASP B 195 -61.28 -29.56 -17.46
CA ASP B 195 -60.73 -30.55 -18.38
C ASP B 195 -61.45 -30.52 -19.73
N PRO B 196 -61.78 -29.33 -20.25
CA PRO B 196 -62.19 -29.24 -21.65
C PRO B 196 -60.99 -28.97 -22.53
N GLN B 197 -59.97 -28.35 -21.93
CA GLN B 197 -58.68 -28.12 -22.54
C GLN B 197 -57.64 -29.12 -22.09
N ILE B 198 -57.86 -29.79 -20.95
CA ILE B 198 -56.91 -30.79 -20.48
C ILE B 198 -56.69 -31.84 -21.56
N GLN B 199 -57.78 -32.38 -22.13
CA GLN B 199 -57.65 -33.21 -23.31
C GLN B 199 -57.13 -32.41 -24.50
N GLU B 200 -57.67 -31.21 -24.73
CA GLU B 200 -57.21 -30.40 -25.84
C GLU B 200 -55.76 -29.99 -25.68
N ILE B 201 -55.38 -29.52 -24.48
CA ILE B 201 -54.00 -29.12 -24.25
C ILE B 201 -53.07 -30.33 -24.31
N LYS B 202 -53.53 -31.46 -23.81
CA LYS B 202 -52.75 -32.69 -23.94
C LYS B 202 -52.48 -33.01 -25.40
N GLU B 203 -53.52 -33.02 -26.23
CA GLU B 203 -53.33 -33.29 -27.65
C GLU B 203 -52.41 -32.27 -28.29
N ALA B 204 -52.52 -31.00 -27.90
CA ALA B 204 -51.68 -29.95 -28.45
C ALA B 204 -50.22 -30.08 -28.09
N VAL B 205 -49.89 -30.51 -26.87
CA VAL B 205 -48.50 -30.51 -26.43
C VAL B 205 -48.01 -31.91 -26.10
N GLU B 206 -48.64 -32.55 -25.13
CA GLU B 206 -48.16 -33.85 -24.65
C GLU B 206 -48.39 -34.93 -25.71
N LEU B 207 -49.59 -34.94 -26.30
CA LEU B 207 -49.86 -35.92 -27.34
C LEU B 207 -48.79 -35.94 -28.43
N PRO B 208 -48.29 -34.81 -28.92
CA PRO B 208 -47.10 -34.86 -29.78
C PRO B 208 -45.92 -35.53 -29.11
N LEU B 209 -45.77 -35.34 -27.80
CA LEU B 209 -44.67 -35.94 -27.06
C LEU B 209 -45.07 -37.27 -26.42
N THR B 210 -46.37 -37.58 -26.41
CA THR B 210 -46.81 -38.86 -25.85
C THR B 210 -46.32 -40.03 -26.68
N HIS B 211 -46.64 -40.06 -27.97
CA HIS B 211 -46.17 -41.09 -28.89
C HIS B 211 -46.39 -40.54 -30.29
N PRO B 212 -45.45 -39.72 -30.80
CA PRO B 212 -45.68 -38.97 -32.04
C PRO B 212 -45.65 -39.85 -33.29
N GLU B 213 -46.37 -40.97 -33.25
CA GLU B 213 -46.62 -41.78 -34.42
C GLU B 213 -48.10 -41.75 -34.74
N LEU B 214 -48.93 -41.54 -33.71
CA LEU B 214 -50.36 -41.40 -33.93
C LEU B 214 -50.67 -40.22 -34.83
N TYR B 215 -50.06 -39.06 -34.57
CA TYR B 215 -50.15 -37.95 -35.51
C TYR B 215 -49.32 -38.19 -36.76
N GLU B 216 -48.30 -39.04 -36.66
CA GLU B 216 -47.54 -39.42 -37.85
C GLU B 216 -48.35 -40.35 -38.75
N ASP B 217 -48.99 -41.35 -38.16
CA ASP B 217 -49.81 -42.26 -38.95
C ASP B 217 -50.99 -41.56 -39.62
N ILE B 218 -51.44 -40.44 -39.05
CA ILE B 218 -52.51 -39.66 -39.67
C ILE B 218 -51.99 -38.74 -40.78
N GLY B 219 -50.68 -38.51 -40.85
CA GLY B 219 -50.11 -37.66 -41.87
C GLY B 219 -50.30 -36.18 -41.59
N ILE B 220 -49.87 -35.74 -40.41
CA ILE B 220 -50.03 -34.34 -40.01
C ILE B 220 -49.02 -34.06 -38.90
N LYS B 221 -48.79 -32.77 -38.65
CA LYS B 221 -47.94 -32.33 -37.55
C LYS B 221 -48.78 -31.72 -36.44
N PRO B 222 -48.28 -31.68 -35.21
CA PRO B 222 -49.07 -31.17 -34.10
C PRO B 222 -49.59 -29.78 -34.39
N PRO B 223 -50.62 -29.33 -33.68
CA PRO B 223 -51.14 -27.98 -33.91
C PRO B 223 -50.08 -26.93 -33.62
N LYS B 224 -50.17 -25.82 -34.34
CA LYS B 224 -49.13 -24.78 -34.26
C LYS B 224 -48.97 -24.26 -32.84
N GLY B 225 -50.02 -23.65 -32.30
CA GLY B 225 -49.99 -23.07 -30.96
C GLY B 225 -51.36 -23.03 -30.33
N VAL B 226 -51.38 -22.92 -29.00
CA VAL B 226 -52.62 -22.84 -28.24
C VAL B 226 -52.56 -21.60 -27.35
N ILE B 227 -53.50 -20.69 -27.52
CA ILE B 227 -53.57 -19.46 -26.73
C ILE B 227 -54.73 -19.59 -25.75
N LEU B 228 -54.41 -19.55 -24.46
CA LEU B 228 -55.39 -19.71 -23.39
C LEU B 228 -55.87 -18.35 -22.94
N TYR B 229 -57.08 -17.98 -23.37
CA TYR B 229 -57.69 -16.72 -22.99
C TYR B 229 -58.92 -17.00 -22.14
N GLY B 230 -59.04 -16.28 -21.04
CA GLY B 230 -60.14 -16.50 -20.12
C GLY B 230 -60.30 -15.33 -19.17
N GLU B 231 -61.31 -15.44 -18.31
CA GLU B 231 -61.61 -14.38 -17.37
C GLU B 231 -60.47 -14.21 -16.38
N PRO B 232 -60.36 -13.03 -15.77
CA PRO B 232 -59.27 -12.80 -14.82
C PRO B 232 -59.29 -13.84 -13.70
N GLY B 233 -58.11 -14.36 -13.39
CA GLY B 233 -58.00 -15.39 -12.38
C GLY B 233 -58.67 -16.70 -12.75
N THR B 234 -58.84 -16.96 -14.04
CA THR B 234 -59.50 -18.17 -14.50
C THR B 234 -58.67 -19.43 -14.26
N GLY B 235 -57.40 -19.29 -13.89
CA GLY B 235 -56.58 -20.46 -13.67
C GLY B 235 -55.68 -20.81 -14.84
N LYS B 236 -55.55 -19.88 -15.78
CA LYS B 236 -54.63 -20.09 -16.90
C LYS B 236 -53.25 -20.48 -16.40
N THR B 237 -52.72 -19.71 -15.45
CA THR B 237 -51.46 -20.09 -14.82
C THR B 237 -51.55 -21.46 -14.19
N LEU B 238 -52.70 -21.81 -13.61
CA LEU B 238 -52.88 -23.17 -13.09
C LEU B 238 -52.79 -24.20 -14.20
N LEU B 239 -53.21 -23.84 -15.42
CA LEU B 239 -53.06 -24.76 -16.55
C LEU B 239 -51.60 -24.97 -16.91
N ALA B 240 -50.82 -23.89 -16.98
CA ALA B 240 -49.39 -24.03 -17.18
C ALA B 240 -48.73 -24.82 -16.06
N LYS B 241 -49.26 -24.73 -14.84
CA LYS B 241 -48.74 -25.55 -13.75
C LYS B 241 -48.82 -27.03 -14.11
N ALA B 242 -49.99 -27.50 -14.56
CA ALA B 242 -50.11 -28.89 -14.98
C ALA B 242 -49.26 -29.18 -16.21
N VAL B 243 -49.19 -28.25 -17.14
CA VAL B 243 -48.38 -28.46 -18.34
C VAL B 243 -46.92 -28.73 -17.95
N ALA B 244 -46.41 -27.96 -16.98
CA ALA B 244 -45.04 -28.17 -16.53
C ALA B 244 -44.88 -29.43 -15.69
N ASN B 245 -45.83 -29.71 -14.80
CA ASN B 245 -45.72 -30.91 -13.97
C ASN B 245 -45.80 -32.17 -14.82
N SER B 246 -46.43 -32.07 -15.99
CA SER B 246 -46.53 -33.23 -16.87
C SER B 246 -45.51 -33.16 -18.00
N THR B 247 -45.00 -31.97 -18.29
CA THR B 247 -44.13 -31.78 -19.44
C THR B 247 -42.95 -32.75 -19.41
N SER B 248 -42.42 -33.01 -20.60
CA SER B 248 -41.26 -33.87 -20.78
C SER B 248 -40.05 -33.14 -21.33
N ALA B 249 -40.24 -32.08 -22.11
CA ALA B 249 -39.14 -31.36 -22.72
C ALA B 249 -38.94 -30.01 -22.05
N THR B 250 -37.95 -29.27 -22.55
CA THR B 250 -37.60 -27.98 -21.95
C THR B 250 -38.78 -27.03 -21.99
N PHE B 251 -38.89 -26.20 -20.95
CA PHE B 251 -39.96 -25.22 -20.82
C PHE B 251 -39.37 -23.89 -20.39
N LEU B 252 -39.83 -22.81 -20.99
CA LEU B 252 -39.37 -21.47 -20.68
C LEU B 252 -40.54 -20.60 -20.25
N ARG B 253 -40.32 -19.78 -19.22
CA ARG B 253 -41.35 -18.90 -18.68
C ARG B 253 -40.99 -17.46 -19.01
N VAL B 254 -41.93 -16.73 -19.59
CA VAL B 254 -41.69 -15.37 -20.03
C VAL B 254 -42.76 -14.46 -19.44
N VAL B 255 -42.33 -13.54 -18.58
CA VAL B 255 -43.22 -12.51 -18.06
C VAL B 255 -43.69 -11.63 -19.20
N GLY B 256 -44.98 -11.35 -19.23
CA GLY B 256 -45.56 -10.61 -20.34
C GLY B 256 -44.93 -9.25 -20.57
N SER B 257 -44.76 -8.45 -19.53
CA SER B 257 -44.10 -7.16 -19.68
C SER B 257 -42.63 -7.31 -20.03
N GLU B 258 -42.06 -8.49 -19.80
CA GLU B 258 -40.63 -8.71 -19.98
C GLU B 258 -40.19 -8.53 -21.43
N LEU B 259 -41.12 -8.54 -22.37
CA LEU B 259 -40.76 -8.35 -23.77
C LEU B 259 -40.53 -6.89 -24.11
N ILE B 260 -41.08 -5.97 -23.33
CA ILE B 260 -40.92 -4.53 -23.56
C ILE B 260 -39.81 -4.02 -22.66
N GLN B 261 -38.72 -3.57 -23.27
CA GLN B 261 -37.57 -3.04 -22.56
C GLN B 261 -37.61 -1.50 -22.58
N LYS B 262 -36.70 -0.89 -21.84
CA LYS B 262 -36.63 0.56 -21.73
C LYS B 262 -35.85 1.21 -22.87
N TYR B 263 -34.82 0.56 -23.40
CA TYR B 263 -34.02 1.12 -24.48
C TYR B 263 -34.62 0.75 -25.83
N LEU B 264 -34.70 1.74 -26.71
CA LEU B 264 -35.29 1.53 -28.03
C LEU B 264 -34.50 0.47 -28.79
N GLY B 265 -35.23 -0.43 -29.44
CA GLY B 265 -34.61 -1.55 -30.11
C GLY B 265 -34.35 -2.75 -29.24
N ASP B 266 -34.44 -2.59 -27.91
CA ASP B 266 -34.15 -3.69 -27.00
C ASP B 266 -35.17 -4.82 -27.09
N GLY B 267 -36.47 -4.49 -27.10
CA GLY B 267 -37.51 -5.48 -27.04
C GLY B 267 -37.43 -6.52 -28.14
N PRO B 268 -37.22 -6.08 -29.38
CA PRO B 268 -36.95 -7.04 -30.46
C PRO B 268 -35.76 -7.92 -30.18
N LYS B 269 -34.71 -7.37 -29.57
CA LYS B 269 -33.56 -8.20 -29.20
C LYS B 269 -33.93 -9.23 -28.15
N LEU B 270 -34.71 -8.84 -27.15
CA LEU B 270 -35.16 -9.80 -26.14
C LEU B 270 -35.98 -10.92 -26.77
N VAL B 271 -36.87 -10.57 -27.71
CA VAL B 271 -37.67 -11.60 -28.36
C VAL B 271 -36.79 -12.53 -29.18
N ARG B 272 -35.87 -11.97 -29.96
CA ARG B 272 -34.97 -12.79 -30.76
C ARG B 272 -34.11 -13.69 -29.88
N GLU B 273 -33.66 -13.18 -28.74
CA GLU B 273 -32.87 -13.96 -27.80
C GLU B 273 -33.67 -15.07 -27.13
N LEU B 274 -34.92 -14.81 -26.76
CA LEU B 274 -35.77 -15.87 -26.24
C LEU B 274 -35.97 -16.96 -27.29
N PHE B 275 -36.23 -16.57 -28.53
CA PHE B 275 -36.35 -17.54 -29.61
C PHE B 275 -35.07 -18.35 -29.80
N ARG B 276 -33.91 -17.69 -29.84
CA ARG B 276 -32.65 -18.42 -29.99
C ARG B 276 -32.44 -19.39 -28.83
N VAL B 277 -32.58 -18.91 -27.59
CA VAL B 277 -32.36 -19.75 -26.43
C VAL B 277 -33.26 -20.97 -26.46
N ALA B 278 -34.58 -20.76 -26.53
CA ALA B 278 -35.49 -21.89 -26.52
C ALA B 278 -35.22 -22.83 -27.70
N ASP B 279 -35.22 -22.31 -28.92
CA ASP B 279 -35.01 -23.17 -30.08
C ASP B 279 -33.64 -23.84 -30.06
N ASP B 280 -32.57 -23.07 -29.85
CA ASP B 280 -31.22 -23.61 -29.89
C ASP B 280 -30.92 -24.54 -28.73
N LEU B 281 -31.70 -24.49 -27.65
CA LEU B 281 -31.46 -25.33 -26.49
C LEU B 281 -31.97 -26.75 -26.70
N SER B 282 -33.28 -26.92 -26.84
CA SER B 282 -33.86 -28.24 -27.05
C SER B 282 -35.34 -28.11 -27.38
N PRO B 283 -36.03 -29.20 -27.70
CA PRO B 283 -37.48 -29.12 -27.84
C PRO B 283 -38.10 -28.49 -26.60
N SER B 284 -38.94 -27.48 -26.81
CA SER B 284 -39.35 -26.63 -25.71
C SER B 284 -40.84 -26.31 -25.82
N ILE B 285 -41.40 -25.92 -24.67
CA ILE B 285 -42.76 -25.40 -24.59
C ILE B 285 -42.69 -24.09 -23.79
N VAL B 286 -42.57 -22.97 -24.50
CA VAL B 286 -42.29 -21.68 -23.89
C VAL B 286 -43.59 -20.89 -23.84
N PHE B 287 -44.00 -20.51 -22.62
CA PHE B 287 -45.25 -19.81 -22.39
C PHE B 287 -44.95 -18.36 -22.06
N ILE B 288 -45.35 -17.45 -22.95
CA ILE B 288 -45.24 -16.02 -22.72
C ILE B 288 -46.56 -15.56 -22.14
N ASP B 289 -46.69 -15.62 -20.82
CA ASP B 289 -47.90 -15.25 -20.12
C ASP B 289 -48.07 -13.74 -20.15
N GLU B 290 -49.32 -13.29 -20.01
CA GLU B 290 -49.65 -11.86 -20.02
C GLU B 290 -49.20 -11.21 -21.33
N ILE B 291 -49.73 -11.76 -22.42
CA ILE B 291 -49.48 -11.19 -23.75
C ILE B 291 -50.20 -9.87 -23.95
N ASP B 292 -51.27 -9.60 -23.18
CA ASP B 292 -51.96 -8.33 -23.29
C ASP B 292 -51.04 -7.15 -22.98
N ALA B 293 -49.95 -7.39 -22.25
CA ALA B 293 -49.02 -6.31 -21.91
C ALA B 293 -48.25 -5.80 -23.11
N VAL B 294 -48.53 -6.30 -24.32
CA VAL B 294 -47.85 -5.82 -25.50
C VAL B 294 -48.04 -4.32 -25.72
N GLY B 295 -49.28 -3.83 -25.62
CA GLY B 295 -49.55 -2.41 -25.78
C GLY B 295 -50.52 -1.86 -24.76
N THR B 296 -51.07 -2.73 -23.91
CA THR B 296 -52.06 -2.29 -22.93
C THR B 296 -51.48 -1.28 -21.96
N LYS B 297 -50.37 -1.62 -21.33
CA LYS B 297 -49.74 -0.76 -20.33
C LYS B 297 -48.62 0.05 -20.94
N ARG B 298 -48.62 1.36 -20.67
CA ARG B 298 -47.58 2.27 -21.16
C ARG B 298 -46.73 2.72 -19.99
N TYR B 299 -45.41 2.60 -20.14
CA TYR B 299 -44.46 2.98 -19.10
C TYR B 299 -43.47 4.00 -19.66
N ASP B 300 -43.06 4.93 -18.81
CA ASP B 300 -42.11 5.96 -19.20
C ASP B 300 -40.67 5.47 -19.25
N ALA B 301 -40.40 4.27 -18.74
CA ALA B 301 -39.04 3.75 -18.78
C ALA B 301 -38.55 3.55 -20.21
N HIS B 302 -39.40 3.02 -21.09
CA HIS B 302 -39.02 2.80 -22.47
C HIS B 302 -38.99 4.13 -23.22
N SER B 303 -37.87 4.39 -23.91
CA SER B 303 -37.76 5.65 -24.66
C SER B 303 -38.79 5.72 -25.78
N GLY B 304 -38.99 4.61 -26.50
CA GLY B 304 -39.94 4.61 -27.59
C GLY B 304 -41.37 4.60 -27.08
N GLY B 305 -42.28 5.06 -27.93
CA GLY B 305 -43.70 5.08 -27.61
C GLY B 305 -44.42 3.85 -28.09
N GLU B 306 -45.53 4.05 -28.81
CA GLU B 306 -46.28 2.93 -29.34
C GLU B 306 -45.52 2.17 -30.43
N ARG B 307 -44.68 2.86 -31.21
CA ARG B 307 -43.91 2.24 -32.28
C ARG B 307 -42.80 1.34 -31.75
N GLU B 308 -42.67 1.23 -30.43
CA GLU B 308 -41.78 0.26 -29.81
C GLU B 308 -42.49 -1.02 -29.42
N ILE B 309 -43.67 -0.93 -28.79
CA ILE B 309 -44.49 -2.12 -28.59
C ILE B 309 -44.87 -2.73 -29.92
N GLN B 310 -45.15 -1.90 -30.92
CA GLN B 310 -45.46 -2.41 -32.25
C GLN B 310 -44.28 -3.17 -32.83
N ARG B 311 -43.07 -2.62 -32.70
CA ARG B 311 -41.88 -3.31 -33.18
C ARG B 311 -41.65 -4.61 -32.44
N THR B 312 -41.84 -4.62 -31.12
CA THR B 312 -41.69 -5.85 -30.36
C THR B 312 -42.70 -6.91 -30.81
N MET B 313 -43.95 -6.51 -31.05
CA MET B 313 -44.95 -7.45 -31.53
C MET B 313 -44.61 -7.98 -32.90
N LEU B 314 -44.12 -7.12 -33.80
CA LEU B 314 -43.70 -7.59 -35.12
C LEU B 314 -42.54 -8.57 -35.00
N GLU B 315 -41.58 -8.29 -34.12
CA GLU B 315 -40.46 -9.21 -33.92
C GLU B 315 -40.93 -10.55 -33.37
N LEU B 316 -41.89 -10.51 -32.43
CA LEU B 316 -42.44 -11.75 -31.90
C LEU B 316 -43.13 -12.56 -33.00
N LEU B 317 -43.93 -11.88 -33.83
CA LEU B 317 -44.58 -12.57 -34.94
C LEU B 317 -43.56 -13.20 -35.87
N ASN B 318 -42.50 -12.46 -36.21
CA ASN B 318 -41.46 -13.00 -37.06
C ASN B 318 -40.81 -14.22 -36.43
N GLN B 319 -40.50 -14.14 -35.13
CA GLN B 319 -39.87 -15.26 -34.45
C GLN B 319 -40.78 -16.47 -34.36
N LEU B 320 -42.10 -16.26 -34.39
CA LEU B 320 -43.02 -17.39 -34.32
C LEU B 320 -43.16 -18.09 -35.67
N ASP B 321 -43.26 -17.33 -36.76
CA ASP B 321 -43.50 -17.88 -38.09
C ASP B 321 -42.56 -17.22 -39.10
N GLY B 322 -41.27 -17.14 -38.77
CA GLY B 322 -40.33 -16.42 -39.60
C GLY B 322 -40.02 -17.12 -40.91
N PHE B 323 -38.82 -16.85 -41.42
CA PHE B 323 -38.40 -17.34 -42.73
C PHE B 323 -37.47 -18.53 -42.66
N ASP B 324 -37.48 -19.28 -41.55
CA ASP B 324 -36.65 -20.47 -41.45
C ASP B 324 -37.40 -21.58 -40.71
N SER B 325 -36.69 -22.68 -40.44
CA SER B 325 -37.27 -23.79 -39.71
C SER B 325 -36.93 -23.67 -38.23
N ARG B 326 -37.91 -23.29 -37.42
CA ARG B 326 -37.67 -23.12 -35.99
C ARG B 326 -37.35 -24.47 -35.33
N GLY B 327 -37.71 -25.56 -35.97
CA GLY B 327 -37.50 -26.88 -35.42
C GLY B 327 -38.71 -27.40 -34.67
N ASP B 328 -38.43 -28.19 -33.64
CA ASP B 328 -39.48 -28.78 -32.81
C ASP B 328 -39.64 -27.91 -31.56
N VAL B 329 -40.40 -26.83 -31.72
CA VAL B 329 -40.65 -25.88 -30.64
C VAL B 329 -42.15 -25.61 -30.59
N LYS B 330 -42.72 -25.66 -29.39
CA LYS B 330 -44.13 -25.39 -29.19
C LYS B 330 -44.31 -24.15 -28.32
N VAL B 331 -45.40 -23.43 -28.55
CA VAL B 331 -45.70 -22.18 -27.85
C VAL B 331 -47.10 -22.28 -27.27
N ILE B 332 -47.23 -21.90 -25.99
CA ILE B 332 -48.52 -21.86 -25.30
C ILE B 332 -48.59 -20.59 -24.50
N LEU B 333 -49.35 -19.61 -25.00
CA LEU B 333 -49.45 -18.30 -24.36
C LEU B 333 -50.89 -18.09 -23.89
N ALA B 334 -51.03 -17.30 -22.83
CA ALA B 334 -52.33 -17.02 -22.26
C ALA B 334 -52.48 -15.52 -22.03
N THR B 335 -53.72 -15.04 -22.09
CA THR B 335 -54.01 -13.63 -21.85
C THR B 335 -55.41 -13.52 -21.27
N ASN B 336 -55.63 -12.44 -20.53
CA ASN B 336 -56.93 -12.16 -19.94
C ASN B 336 -57.72 -11.08 -20.69
N LYS B 337 -57.08 -10.30 -21.54
CA LYS B 337 -57.73 -9.31 -22.38
C LYS B 337 -57.23 -9.50 -23.81
N ILE B 338 -57.89 -10.39 -24.55
CA ILE B 338 -57.48 -10.66 -25.93
C ILE B 338 -58.11 -9.67 -26.91
N GLU B 339 -59.01 -8.81 -26.45
CA GLU B 339 -59.66 -7.84 -27.32
C GLU B 339 -58.69 -6.84 -27.91
N SER B 340 -57.53 -6.63 -27.31
CA SER B 340 -56.57 -5.64 -27.78
C SER B 340 -55.34 -6.27 -28.42
N LEU B 341 -55.17 -7.59 -28.30
CA LEU B 341 -54.02 -8.25 -28.88
C LEU B 341 -54.01 -8.05 -30.40
N ASP B 342 -52.81 -7.90 -30.94
CA ASP B 342 -52.66 -7.64 -32.37
C ASP B 342 -53.30 -8.77 -33.18
N PRO B 343 -54.17 -8.44 -34.15
CA PRO B 343 -54.83 -9.50 -34.92
C PRO B 343 -53.87 -10.40 -35.68
N ALA B 344 -52.74 -9.88 -36.16
CA ALA B 344 -51.82 -10.69 -36.95
C ALA B 344 -51.18 -11.81 -36.14
N LEU B 345 -50.99 -11.61 -34.84
CA LEU B 345 -50.35 -12.60 -33.98
C LEU B 345 -51.25 -13.78 -33.65
N LEU B 346 -52.42 -13.88 -34.28
CA LEU B 346 -53.39 -14.93 -33.97
C LEU B 346 -53.86 -15.68 -35.21
N ARG B 347 -53.50 -15.19 -36.40
CA ARG B 347 -53.94 -15.85 -37.61
C ARG B 347 -53.47 -17.30 -37.64
N PRO B 348 -54.34 -18.23 -38.03
CA PRO B 348 -53.94 -19.64 -38.07
C PRO B 348 -52.65 -19.82 -38.86
N GLY B 349 -51.60 -20.26 -38.15
CA GLY B 349 -50.28 -20.39 -38.74
C GLY B 349 -49.21 -19.89 -37.80
N ARG B 350 -49.60 -19.05 -36.85
CA ARG B 350 -48.74 -18.58 -35.78
C ARG B 350 -49.25 -18.99 -34.40
N ILE B 351 -50.54 -18.79 -34.15
CA ILE B 351 -51.21 -19.28 -32.96
C ILE B 351 -52.46 -20.03 -33.44
N ASP B 352 -52.41 -21.36 -33.38
CA ASP B 352 -53.42 -22.19 -34.05
C ASP B 352 -54.59 -22.54 -33.15
N ARG B 353 -54.34 -23.18 -32.02
CA ARG B 353 -55.40 -23.63 -31.13
C ARG B 353 -55.87 -22.50 -30.24
N LYS B 354 -57.18 -22.28 -30.21
CA LYS B 354 -57.81 -21.28 -29.35
C LYS B 354 -58.50 -22.01 -28.22
N ILE B 355 -58.19 -21.64 -26.98
CA ILE B 355 -58.76 -22.26 -25.80
C ILE B 355 -59.33 -21.16 -24.91
N GLU B 356 -60.56 -21.34 -24.45
CA GLU B 356 -61.22 -20.40 -23.58
C GLU B 356 -61.51 -21.05 -22.23
N PHE B 357 -61.17 -20.35 -21.16
CA PHE B 357 -61.37 -20.85 -19.82
C PHE B 357 -62.44 -20.06 -19.11
N PRO B 358 -63.61 -20.65 -18.85
CA PRO B 358 -64.66 -19.94 -18.11
C PRO B 358 -64.54 -20.18 -16.61
N LEU B 359 -65.34 -19.44 -15.86
CA LEU B 359 -65.33 -19.57 -14.40
C LEU B 359 -65.79 -20.97 -14.00
N PRO B 360 -65.36 -21.44 -12.83
CA PRO B 360 -65.75 -22.79 -12.41
C PRO B 360 -67.27 -22.91 -12.36
N ASP B 361 -67.76 -24.05 -12.85
CA ASP B 361 -69.19 -24.29 -12.90
C ASP B 361 -69.73 -24.65 -11.53
N ILE B 362 -71.02 -24.42 -11.33
CA ILE B 362 -71.68 -24.80 -10.09
C ILE B 362 -71.51 -26.29 -9.79
N LYS B 363 -71.43 -27.12 -10.83
CA LYS B 363 -71.03 -28.52 -10.66
C LYS B 363 -69.53 -28.69 -10.53
N THR B 364 -68.75 -27.89 -11.26
CA THR B 364 -67.29 -27.90 -11.13
C THR B 364 -66.81 -27.26 -9.84
N ARG B 365 -67.57 -26.30 -9.30
CA ARG B 365 -67.19 -25.68 -8.04
C ARG B 365 -67.06 -26.73 -6.93
N ARG B 366 -67.87 -27.79 -7.00
CA ARG B 366 -67.77 -28.84 -6.00
C ARG B 366 -66.41 -29.52 -6.05
N ARG B 367 -65.96 -29.92 -7.24
CA ARG B 367 -64.64 -30.53 -7.36
C ARG B 367 -63.54 -29.54 -6.98
N ILE B 368 -63.68 -28.27 -7.36
CA ILE B 368 -62.67 -27.28 -7.01
C ILE B 368 -62.54 -27.18 -5.49
N PHE B 369 -63.66 -27.09 -4.78
CA PHE B 369 -63.62 -26.99 -3.34
C PHE B 369 -63.07 -28.27 -2.70
N THR B 370 -63.54 -29.44 -3.17
CA THR B 370 -63.04 -30.69 -2.60
C THR B 370 -61.56 -30.89 -2.88
N ILE B 371 -61.02 -30.18 -3.88
CA ILE B 371 -59.60 -30.28 -4.18
C ILE B 371 -58.80 -29.33 -3.31
N HIS B 372 -59.10 -28.03 -3.37
CA HIS B 372 -58.31 -27.04 -2.67
C HIS B 372 -58.33 -27.19 -1.16
N THR B 373 -59.21 -28.03 -0.62
CA THR B 373 -59.29 -28.27 0.82
C THR B 373 -59.07 -29.74 1.16
N SER B 374 -58.12 -30.39 0.48
CA SER B 374 -57.93 -31.83 0.65
C SER B 374 -57.40 -32.16 2.04
N LYS B 375 -56.37 -31.45 2.49
CA LYS B 375 -55.65 -31.80 3.70
C LYS B 375 -56.05 -30.96 4.91
N MET B 376 -57.12 -30.18 4.80
CA MET B 376 -57.58 -29.36 5.90
C MET B 376 -58.39 -30.18 6.89
N THR B 377 -58.11 -29.98 8.18
CA THR B 377 -58.82 -30.68 9.25
C THR B 377 -60.04 -29.84 9.64
N LEU B 378 -61.01 -29.80 8.72
CA LEU B 378 -62.20 -28.99 8.90
C LEU B 378 -63.22 -29.74 9.74
N SER B 379 -63.84 -29.05 10.69
CA SER B 379 -64.89 -29.64 11.50
C SER B 379 -66.17 -29.79 10.68
N ASP B 380 -66.97 -30.80 11.02
CA ASP B 380 -68.20 -31.11 10.31
C ASP B 380 -69.33 -30.13 10.64
N ASP B 381 -69.04 -29.04 11.34
CA ASP B 381 -70.08 -28.08 11.70
C ASP B 381 -70.72 -27.44 10.49
N VAL B 382 -69.92 -27.12 9.47
CA VAL B 382 -70.45 -26.44 8.29
C VAL B 382 -70.47 -27.37 7.09
N ASN B 383 -71.26 -27.00 6.08
CA ASN B 383 -71.33 -27.73 4.83
C ASN B 383 -70.88 -26.79 3.71
N LEU B 384 -69.91 -27.24 2.92
CA LEU B 384 -69.35 -26.39 1.87
C LEU B 384 -70.42 -25.87 0.92
N GLU B 385 -71.48 -26.65 0.66
CA GLU B 385 -72.50 -26.21 -0.28
C GLU B 385 -73.13 -24.89 0.16
N GLU B 386 -73.12 -24.59 1.45
CA GLU B 386 -73.68 -23.32 1.91
C GLU B 386 -72.95 -22.14 1.30
N PHE B 387 -71.61 -22.17 1.28
CA PHE B 387 -70.85 -21.11 0.62
C PHE B 387 -70.66 -21.38 -0.87
N VAL B 388 -71.06 -22.56 -1.35
CA VAL B 388 -70.90 -22.88 -2.76
C VAL B 388 -71.66 -21.88 -3.61
N MET B 389 -72.85 -21.46 -3.17
CA MET B 389 -73.66 -20.48 -3.88
C MET B 389 -73.58 -19.09 -3.25
N THR B 390 -72.60 -18.87 -2.36
CA THR B 390 -72.47 -17.56 -1.71
C THR B 390 -72.20 -16.47 -2.75
N LYS B 391 -71.31 -16.74 -3.69
CA LYS B 391 -70.95 -15.78 -4.74
C LYS B 391 -71.60 -16.18 -6.05
N ASP B 392 -72.26 -15.22 -6.70
CA ASP B 392 -72.92 -15.50 -7.97
C ASP B 392 -71.92 -15.82 -9.07
N GLU B 393 -70.72 -15.24 -9.00
CA GLU B 393 -69.68 -15.43 -10.02
C GLU B 393 -68.35 -15.76 -9.35
N PHE B 394 -68.38 -16.67 -8.38
CA PHE B 394 -67.17 -17.08 -7.70
C PHE B 394 -66.27 -17.87 -8.64
N SER B 395 -65.13 -17.27 -8.98
CA SER B 395 -64.18 -17.90 -9.89
C SER B 395 -63.31 -18.90 -9.14
N GLY B 396 -62.43 -19.58 -9.87
CA GLY B 396 -61.56 -20.57 -9.25
C GLY B 396 -60.68 -19.98 -8.17
N ALA B 397 -60.11 -18.80 -8.40
CA ALA B 397 -59.29 -18.16 -7.39
C ALA B 397 -60.11 -17.84 -6.14
N ASP B 398 -61.42 -17.63 -6.30
CA ASP B 398 -62.26 -17.32 -5.15
C ASP B 398 -62.28 -18.45 -4.14
N ILE B 399 -62.37 -19.70 -4.61
CA ILE B 399 -62.40 -20.83 -3.68
C ILE B 399 -61.10 -20.91 -2.90
N LYS B 400 -59.96 -20.78 -3.58
CA LYS B 400 -58.67 -20.81 -2.89
C LYS B 400 -58.55 -19.67 -1.91
N ALA B 401 -58.98 -18.47 -2.28
CA ALA B 401 -58.93 -17.35 -1.35
C ALA B 401 -59.80 -17.60 -0.13
N ILE B 402 -61.00 -18.14 -0.32
CA ILE B 402 -61.87 -18.43 0.80
C ILE B 402 -61.25 -19.47 1.72
N CYS B 403 -60.69 -20.54 1.14
CA CYS B 403 -60.04 -21.56 1.96
C CYS B 403 -58.87 -20.99 2.75
N THR B 404 -58.02 -20.18 2.09
CA THR B 404 -56.89 -19.58 2.78
C THR B 404 -57.33 -18.65 3.90
N GLU B 405 -58.36 -17.83 3.64
CA GLU B 405 -58.87 -16.95 4.69
C GLU B 405 -59.44 -17.73 5.86
N ALA B 406 -60.18 -18.82 5.58
CA ALA B 406 -60.70 -19.64 6.66
C ALA B 406 -59.57 -20.27 7.47
N GLY B 407 -58.53 -20.78 6.80
CA GLY B 407 -57.38 -21.30 7.51
C GLY B 407 -56.72 -20.25 8.38
N LEU B 408 -56.49 -19.06 7.84
CA LEU B 408 -55.90 -17.98 8.63
C LEU B 408 -56.76 -17.66 9.85
N LEU B 409 -58.07 -17.47 9.66
CA LEU B 409 -58.96 -17.19 10.78
C LEU B 409 -58.89 -18.28 11.84
N ALA B 410 -58.91 -19.55 11.44
CA ALA B 410 -58.73 -20.63 12.41
C ALA B 410 -57.40 -20.48 13.13
N LEU B 411 -56.36 -20.07 12.41
CA LEU B 411 -55.04 -19.88 12.98
C LEU B 411 -55.00 -18.78 14.03
N ARG B 412 -55.68 -17.65 13.80
CA ARG B 412 -55.65 -16.55 14.76
C ARG B 412 -56.03 -17.00 16.16
N GLU B 413 -56.95 -17.97 16.27
CA GLU B 413 -57.33 -18.55 17.54
C GLU B 413 -56.55 -19.82 17.85
N ARG B 414 -55.63 -20.21 16.96
CA ARG B 414 -54.80 -21.39 17.14
C ARG B 414 -55.63 -22.67 17.26
N ARG B 415 -56.89 -22.62 16.86
CA ARG B 415 -57.76 -23.79 16.93
C ARG B 415 -57.23 -24.89 16.00
N MET B 416 -57.67 -26.12 16.25
CA MET B 416 -57.26 -27.26 15.46
C MET B 416 -58.05 -27.46 14.18
N LYS B 417 -59.34 -27.15 14.18
CA LYS B 417 -60.19 -27.28 13.00
C LYS B 417 -60.74 -25.92 12.60
N VAL B 418 -61.43 -25.90 11.47
CA VAL B 418 -62.04 -24.68 10.93
C VAL B 418 -63.55 -24.79 11.14
N THR B 419 -64.14 -23.72 11.66
CA THR B 419 -65.57 -23.70 11.95
C THR B 419 -66.33 -23.00 10.82
N HIS B 420 -67.65 -23.08 10.85
CA HIS B 420 -68.47 -22.42 9.84
C HIS B 420 -68.29 -20.91 9.88
N THR B 421 -68.22 -20.34 11.08
CA THR B 421 -68.03 -18.90 11.22
C THR B 421 -66.74 -18.43 10.56
N ASP B 422 -65.67 -19.22 10.60
CA ASP B 422 -64.44 -18.83 9.92
C ASP B 422 -64.67 -18.68 8.43
N PHE B 423 -65.36 -19.65 7.82
CA PHE B 423 -65.69 -19.54 6.41
C PHE B 423 -66.61 -18.35 6.12
N LYS B 424 -67.59 -18.10 6.99
CA LYS B 424 -68.48 -16.96 6.78
C LYS B 424 -67.71 -15.65 6.80
N LYS B 425 -66.79 -15.50 7.76
CA LYS B 425 -65.98 -14.30 7.86
C LYS B 425 -64.93 -14.19 6.75
N ALA B 426 -64.50 -15.32 6.19
CA ALA B 426 -63.57 -15.29 5.07
C ALA B 426 -64.28 -14.90 3.78
N LYS B 427 -65.51 -15.38 3.59
CA LYS B 427 -66.25 -15.05 2.37
C LYS B 427 -66.45 -13.56 2.19
N GLU B 428 -66.87 -12.85 3.24
CA GLU B 428 -67.04 -11.40 3.14
C GLU B 428 -65.72 -10.71 2.88
N LYS B 429 -64.66 -11.11 3.57
CA LYS B 429 -63.35 -10.48 3.40
C LYS B 429 -62.75 -10.76 2.03
N VAL B 430 -63.23 -11.80 1.34
CA VAL B 430 -62.68 -12.14 0.03
C VAL B 430 -63.41 -11.37 -1.07
N MET B 431 -64.72 -11.57 -1.18
CA MET B 431 -65.50 -10.92 -2.23
C MET B 431 -65.70 -9.44 -1.92
N PHE B 432 -66.01 -9.11 -0.67
CA PHE B 432 -66.28 -7.74 -0.26
C PHE B 432 -64.97 -7.09 0.21
N LYS B 433 -64.62 -5.97 -0.40
CA LYS B 433 -63.41 -5.25 -0.02
C LYS B 433 -63.56 -3.76 -0.31
N GLY C 16 45.13 -40.36 51.72
CA GLY C 16 44.85 -38.95 51.53
C GLY C 16 44.42 -38.61 50.11
N LEU C 17 44.57 -39.58 49.21
CA LEU C 17 44.19 -39.37 47.82
C LEU C 17 42.69 -39.09 47.67
N ARG C 18 41.86 -39.72 48.50
CA ARG C 18 40.42 -39.54 48.38
C ARG C 18 40.01 -38.12 48.74
N GLN C 19 40.68 -37.52 49.72
CA GLN C 19 40.32 -36.19 50.21
C GLN C 19 41.14 -35.07 49.57
N TYR C 20 42.06 -35.39 48.67
CA TYR C 20 42.95 -34.39 48.07
C TYR C 20 42.74 -34.25 46.57
N TYR C 21 42.78 -35.35 45.82
CA TYR C 21 42.77 -35.25 44.36
C TYR C 21 41.36 -35.28 43.79
N LEU C 22 40.54 -36.26 44.19
CA LEU C 22 39.22 -36.40 43.62
C LEU C 22 38.30 -35.24 43.98
N GLN C 23 38.69 -34.40 44.94
CA GLN C 23 37.85 -33.31 45.40
C GLN C 23 37.55 -32.27 44.32
N HIS C 24 38.44 -32.13 43.33
CA HIS C 24 38.23 -31.13 42.27
C HIS C 24 37.19 -31.54 41.25
N ILE C 25 36.87 -32.83 41.16
CA ILE C 25 35.81 -33.26 40.25
C ILE C 25 34.46 -32.71 40.70
N HIS C 26 34.18 -32.74 42.00
CA HIS C 26 32.92 -32.22 42.51
C HIS C 26 32.87 -30.70 42.47
N GLU C 27 34.01 -30.04 42.24
CA GLU C 27 34.06 -28.58 42.19
C GLU C 27 33.96 -28.05 40.76
N LEU C 28 34.67 -28.66 39.82
CA LEU C 28 34.68 -28.15 38.46
C LEU C 28 33.29 -28.20 37.82
N GLN C 29 32.55 -29.29 38.04
CA GLN C 29 31.24 -29.45 37.42
C GLN C 29 30.25 -28.38 37.86
N LEU C 30 30.33 -27.93 39.11
CA LEU C 30 29.40 -26.89 39.57
C LEU C 30 29.55 -25.62 38.75
N ARG C 31 30.78 -25.17 38.52
CA ARG C 31 30.99 -23.98 37.69
C ARG C 31 30.70 -24.28 36.22
N VAL C 32 30.98 -25.50 35.77
CA VAL C 32 30.71 -25.85 34.38
C VAL C 32 29.21 -25.74 34.08
N ARG C 33 28.38 -26.23 34.99
CA ARG C 33 26.93 -26.20 34.80
C ARG C 33 26.36 -24.80 34.67
N ASN C 34 26.82 -23.85 35.49
CA ASN C 34 26.38 -22.46 35.38
C ASN C 34 26.98 -21.75 34.18
N LYS C 35 28.25 -22.02 33.84
CA LYS C 35 28.83 -21.45 32.63
C LYS C 35 28.07 -21.89 31.39
N ASN C 36 27.70 -23.17 31.31
CA ASN C 36 26.92 -23.63 30.17
C ASN C 36 25.62 -22.86 30.03
N HIS C 37 24.88 -22.70 31.13
CA HIS C 37 23.59 -22.01 31.05
C HIS C 37 23.76 -20.54 30.69
N ASN C 38 24.74 -19.86 31.30
CA ASN C 38 24.97 -18.46 30.95
C ASN C 38 25.36 -18.30 29.49
N LEU C 39 26.25 -19.16 29.00
CA LEU C 39 26.67 -19.10 27.61
C LEU C 39 25.49 -19.37 26.67
N GLN C 40 24.64 -20.34 27.02
CA GLN C 40 23.47 -20.62 26.20
C GLN C 40 22.52 -19.43 26.16
N ARG C 41 22.27 -18.80 27.32
CA ARG C 41 21.39 -17.63 27.33
C ARG C 41 21.94 -16.50 26.48
N LEU C 42 23.23 -16.20 26.63
CA LEU C 42 23.84 -15.15 25.82
C LEU C 42 23.81 -15.51 24.34
N GLU C 43 24.08 -16.78 24.00
CA GLU C 43 24.05 -17.22 22.63
C GLU C 43 22.67 -17.11 22.02
N ALA C 44 21.62 -17.45 22.78
CA ALA C 44 20.27 -17.29 22.27
C ALA C 44 19.90 -15.82 22.09
N GLN C 45 20.31 -14.96 23.03
CA GLN C 45 20.08 -13.53 22.86
C GLN C 45 20.74 -13.01 21.59
N ARG C 46 21.97 -13.45 21.32
CA ARG C 46 22.66 -13.02 20.10
C ARG C 46 22.06 -13.65 18.86
N ASN C 47 21.55 -14.89 18.98
CA ASN C 47 21.03 -15.61 17.83
C ASN C 47 19.71 -15.03 17.37
N ASP C 48 18.83 -14.65 18.29
CA ASP C 48 17.59 -13.99 17.87
C ASP C 48 17.90 -12.75 17.04
N LEU C 49 18.86 -11.94 17.50
CA LEU C 49 19.23 -10.74 16.76
C LEU C 49 19.86 -11.08 15.41
N ASN C 50 20.75 -12.08 15.38
CA ASN C 50 21.38 -12.46 14.12
C ASN C 50 20.35 -12.96 13.11
N SER C 51 19.38 -13.75 13.56
CA SER C 51 18.30 -14.19 12.69
C SER C 51 17.48 -13.01 12.19
N HIS C 52 17.16 -12.07 13.08
CA HIS C 52 16.46 -10.87 12.64
C HIS C 52 17.22 -10.12 11.56
N VAL C 53 18.53 -9.99 11.72
CA VAL C 53 19.35 -9.27 10.74
C VAL C 53 19.39 -10.04 9.42
N ARG C 54 19.55 -11.36 9.49
CA ARG C 54 19.56 -12.17 8.28
C ARG C 54 18.24 -12.04 7.53
N ALA C 55 17.12 -12.14 8.25
CA ALA C 55 15.83 -11.85 7.64
C ALA C 55 15.83 -10.48 6.96
N LEU C 56 16.12 -9.42 7.71
CA LEU C 56 16.10 -8.07 7.15
C LEU C 56 16.90 -8.00 5.85
N LYS C 57 18.07 -8.63 5.81
CA LYS C 57 18.83 -8.67 4.57
C LYS C 57 18.12 -9.51 3.52
N GLU C 58 17.35 -10.50 3.95
CA GLU C 58 16.56 -11.29 3.02
C GLU C 58 15.43 -10.47 2.40
N GLU C 59 14.78 -9.61 3.20
CA GLU C 59 13.76 -8.73 2.65
C GLU C 59 14.33 -7.79 1.59
N LEU C 60 15.63 -7.52 1.63
CA LEU C 60 16.25 -6.72 0.59
C LEU C 60 16.02 -7.32 -0.79
N GLN C 61 16.23 -8.62 -0.94
CA GLN C 61 15.94 -9.32 -2.19
C GLN C 61 14.46 -9.65 -2.34
N LEU C 62 13.76 -9.88 -1.22
CA LEU C 62 12.32 -10.04 -1.27
C LEU C 62 11.65 -8.91 -2.02
N LEU C 63 12.00 -7.67 -1.69
CA LEU C 63 11.48 -6.51 -2.42
C LEU C 63 12.10 -6.36 -3.80
N GLN C 64 13.15 -7.15 -4.11
CA GLN C 64 13.72 -7.14 -5.45
C GLN C 64 12.89 -7.93 -6.45
N GLU C 65 12.28 -9.04 -6.04
CA GLU C 65 11.51 -9.85 -6.95
C GLU C 65 10.24 -9.10 -7.39
N PRO C 66 9.66 -9.45 -8.53
CA PRO C 66 8.43 -8.77 -8.96
C PRO C 66 7.28 -9.09 -8.03
N GLY C 67 6.32 -8.17 -8.00
CA GLY C 67 5.17 -8.32 -7.12
C GLY C 67 4.25 -9.45 -7.54
N SER C 68 3.09 -9.49 -6.89
CA SER C 68 2.08 -10.50 -7.16
C SER C 68 0.76 -9.84 -7.53
N TYR C 69 0.17 -10.30 -8.63
CA TYR C 69 -1.11 -9.76 -9.08
C TYR C 69 -2.25 -10.30 -8.23
N VAL C 70 -3.37 -9.57 -8.25
CA VAL C 70 -4.56 -9.95 -7.50
C VAL C 70 -5.48 -10.73 -8.42
N GLY C 71 -6.12 -11.76 -7.85
CA GLY C 71 -7.00 -12.61 -8.63
C GLY C 71 -8.30 -12.94 -7.95
N GLU C 72 -9.34 -13.20 -8.74
CA GLU C 72 -10.66 -13.56 -8.22
C GLU C 72 -11.27 -14.55 -9.18
N VAL C 73 -11.20 -15.84 -8.84
CA VAL C 73 -11.59 -16.89 -9.77
C VAL C 73 -13.09 -16.84 -10.00
N VAL C 74 -13.48 -16.50 -11.22
CA VAL C 74 -14.90 -16.55 -11.60
C VAL C 74 -15.35 -18.00 -11.73
N LYS C 75 -14.52 -18.85 -12.31
CA LYS C 75 -14.84 -20.25 -12.49
C LYS C 75 -13.59 -21.08 -12.28
N VAL C 76 -13.75 -22.20 -11.59
CA VAL C 76 -12.65 -23.14 -11.38
C VAL C 76 -12.87 -24.36 -12.27
N MET C 77 -11.78 -25.07 -12.59
CA MET C 77 -11.85 -26.25 -13.43
C MET C 77 -11.09 -27.38 -12.74
N GLY C 78 -11.50 -28.61 -13.02
CA GLY C 78 -10.86 -29.75 -12.40
C GLY C 78 -9.39 -29.86 -12.77
N LYS C 79 -8.65 -30.58 -11.93
CA LYS C 79 -7.22 -30.77 -12.11
C LYS C 79 -6.49 -29.42 -12.09
N SER C 80 -6.91 -28.56 -11.17
CA SER C 80 -6.23 -27.29 -10.92
C SER C 80 -6.19 -26.41 -12.17
N LYS C 81 -7.37 -26.02 -12.66
CA LYS C 81 -7.48 -25.06 -13.74
C LYS C 81 -8.27 -23.86 -13.24
N VAL C 82 -7.82 -22.66 -13.63
CA VAL C 82 -8.34 -21.42 -13.07
C VAL C 82 -8.51 -20.39 -14.19
N LEU C 83 -9.68 -19.74 -14.18
CA LEU C 83 -9.99 -18.65 -15.09
C LEU C 83 -10.64 -17.55 -14.26
N VAL C 84 -9.83 -16.58 -13.82
CA VAL C 84 -10.29 -15.57 -12.88
C VAL C 84 -10.29 -14.20 -13.56
N LYS C 85 -10.78 -13.19 -12.85
CA LYS C 85 -10.99 -11.87 -13.45
C LYS C 85 -9.75 -11.02 -13.23
N VAL C 86 -8.93 -10.87 -14.26
CA VAL C 86 -7.86 -9.89 -14.24
C VAL C 86 -8.48 -8.52 -14.04
N HIS C 87 -7.76 -7.65 -13.32
CA HIS C 87 -8.32 -6.36 -12.94
C HIS C 87 -8.80 -5.61 -14.19
N PRO C 88 -7.91 -5.21 -15.07
CA PRO C 88 -8.34 -4.47 -16.27
C PRO C 88 -8.40 -5.35 -17.51
N GLU C 89 -7.86 -6.57 -17.43
CA GLU C 89 -7.70 -7.39 -18.63
C GLU C 89 -8.88 -8.33 -18.83
N GLY C 90 -9.12 -9.22 -17.88
CA GLY C 90 -10.18 -10.20 -18.03
C GLY C 90 -9.88 -11.51 -17.34
N LYS C 91 -10.00 -12.61 -18.07
CA LYS C 91 -9.80 -13.94 -17.51
C LYS C 91 -8.79 -14.70 -18.38
N TYR C 92 -8.44 -15.91 -17.94
CA TYR C 92 -7.51 -16.74 -18.68
C TYR C 92 -7.42 -18.14 -18.05
N VAL C 93 -6.88 -19.10 -18.78
CA VAL C 93 -6.79 -20.48 -18.32
C VAL C 93 -5.39 -20.68 -17.75
N VAL C 94 -5.32 -21.08 -16.48
CA VAL C 94 -4.07 -21.31 -15.78
C VAL C 94 -4.23 -22.48 -14.83
N ASP C 95 -3.16 -22.79 -14.12
CA ASP C 95 -3.15 -23.87 -13.14
C ASP C 95 -3.10 -23.30 -11.72
N ILE C 96 -2.99 -24.20 -10.75
CA ILE C 96 -3.06 -23.85 -9.34
C ILE C 96 -1.69 -24.04 -8.70
N ASP C 97 -1.61 -23.71 -7.41
CA ASP C 97 -0.37 -23.78 -6.67
C ASP C 97 -0.19 -25.17 -6.05
N LYS C 98 0.81 -25.27 -5.17
CA LYS C 98 1.18 -26.56 -4.60
C LYS C 98 0.49 -26.86 -3.27
N ASN C 99 0.12 -25.83 -2.51
CA ASN C 99 -0.44 -26.02 -1.18
C ASN C 99 -1.77 -25.30 -0.97
N ILE C 100 -2.70 -25.42 -1.92
CA ILE C 100 -4.00 -24.77 -1.82
C ILE C 100 -5.08 -25.83 -1.99
N ASP C 101 -6.08 -25.80 -1.10
CA ASP C 101 -7.23 -26.68 -1.23
C ASP C 101 -8.24 -26.10 -2.21
N ILE C 102 -8.42 -26.79 -3.33
CA ILE C 102 -9.29 -26.28 -4.39
C ILE C 102 -10.68 -26.00 -3.84
N THR C 103 -11.25 -26.96 -3.09
CA THR C 103 -12.56 -26.74 -2.50
C THR C 103 -12.58 -25.53 -1.59
N LYS C 104 -11.56 -25.37 -0.74
CA LYS C 104 -11.48 -24.18 0.11
C LYS C 104 -11.46 -22.90 -0.71
N LEU C 105 -10.94 -22.96 -1.92
CA LEU C 105 -10.91 -21.79 -2.81
C LEU C 105 -12.32 -21.56 -3.33
N THR C 106 -13.07 -20.69 -2.68
CA THR C 106 -14.45 -20.44 -3.03
C THR C 106 -14.55 -19.82 -4.43
N PRO C 107 -15.37 -20.40 -5.30
CA PRO C 107 -15.61 -19.77 -6.60
C PRO C 107 -16.21 -18.38 -6.42
N THR C 108 -15.86 -17.48 -7.34
CA THR C 108 -16.25 -16.08 -7.22
C THR C 108 -15.66 -15.46 -5.95
N THR C 109 -14.35 -15.67 -5.81
CA THR C 109 -13.59 -15.21 -4.65
C THR C 109 -12.16 -14.94 -5.07
N ARG C 110 -11.43 -14.21 -4.24
CA ARG C 110 -10.11 -13.74 -4.63
C ARG C 110 -9.01 -14.63 -4.03
N VAL C 111 -8.04 -14.98 -4.88
CA VAL C 111 -6.83 -15.67 -4.46
C VAL C 111 -5.64 -14.92 -5.06
N ALA C 112 -4.51 -15.03 -4.38
CA ALA C 112 -3.30 -14.36 -4.81
C ALA C 112 -2.81 -14.94 -6.13
N LEU C 113 -2.11 -14.11 -6.91
CA LEU C 113 -1.66 -14.52 -8.24
C LEU C 113 -0.24 -14.00 -8.46
N ARG C 114 0.68 -14.92 -8.77
CA ARG C 114 2.03 -14.55 -9.11
C ARG C 114 2.04 -13.61 -10.32
N ASN C 115 3.15 -12.90 -10.50
CA ASN C 115 3.29 -11.98 -11.61
C ASN C 115 4.00 -12.56 -12.82
N ASP C 116 5.22 -13.06 -12.66
CA ASP C 116 5.93 -13.64 -13.79
C ASP C 116 5.25 -14.92 -14.27
N SER C 117 4.56 -15.62 -13.37
CA SER C 117 3.92 -16.89 -13.68
C SER C 117 2.40 -16.85 -13.59
N TYR C 118 1.84 -15.90 -12.85
CA TYR C 118 0.40 -15.86 -12.60
C TYR C 118 -0.07 -17.19 -11.98
N VAL C 119 0.80 -17.74 -11.14
CA VAL C 119 0.51 -18.96 -10.40
C VAL C 119 -0.06 -18.60 -9.05
N LEU C 120 -0.89 -19.48 -8.50
CA LEU C 120 -1.52 -19.23 -7.21
C LEU C 120 -0.45 -18.99 -6.15
N HIS C 121 -0.66 -17.94 -5.35
CA HIS C 121 0.25 -17.58 -4.27
C HIS C 121 -0.40 -17.68 -2.90
N LEU C 122 -1.66 -17.29 -2.78
CA LEU C 122 -2.37 -17.35 -1.50
C LEU C 122 -3.81 -16.91 -1.73
N VAL C 123 -4.68 -17.25 -0.79
CA VAL C 123 -6.09 -16.88 -0.86
C VAL C 123 -6.25 -15.42 -0.47
N LEU C 124 -7.39 -14.83 -0.84
CA LEU C 124 -7.75 -13.49 -0.42
C LEU C 124 -8.92 -13.56 0.54
N PRO C 125 -8.80 -13.02 1.75
CA PRO C 125 -9.77 -13.34 2.82
C PRO C 125 -11.22 -12.94 2.55
N SER C 126 -11.49 -11.64 2.35
CA SER C 126 -12.84 -11.13 2.52
C SER C 126 -13.24 -10.10 1.47
N LYS C 127 -12.80 -10.27 0.22
CA LYS C 127 -12.88 -9.21 -0.78
C LYS C 127 -14.19 -8.44 -0.79
N VAL C 128 -15.31 -9.09 -1.09
CA VAL C 128 -16.58 -8.37 -1.20
C VAL C 128 -17.78 -9.30 -1.23
N ASP C 129 -18.99 -8.78 -0.79
CA ASP C 129 -20.33 -9.31 -0.86
C ASP C 129 -21.28 -8.32 -1.54
N PRO C 130 -21.70 -8.59 -2.76
CA PRO C 130 -22.53 -7.61 -3.49
C PRO C 130 -23.83 -7.26 -2.78
N LEU C 131 -24.50 -8.22 -2.15
CA LEU C 131 -25.74 -7.91 -1.43
C LEU C 131 -25.48 -6.96 -0.27
N VAL C 132 -24.36 -7.15 0.44
CA VAL C 132 -24.02 -6.23 1.52
C VAL C 132 -23.80 -4.82 0.98
N ASN C 133 -23.14 -4.70 -0.17
CA ASN C 133 -22.96 -3.39 -0.79
C ASN C 133 -24.28 -2.75 -1.19
N LEU C 134 -25.20 -3.53 -1.77
CA LEU C 134 -26.51 -2.98 -2.13
C LEU C 134 -27.25 -2.51 -0.88
N MET C 135 -27.21 -3.31 0.19
CA MET C 135 -27.86 -2.91 1.44
C MET C 135 -27.23 -1.64 2.02
N LYS C 136 -25.90 -1.53 1.99
CA LYS C 136 -25.24 -0.34 2.48
C LYS C 136 -25.63 0.88 1.66
N VAL C 137 -25.73 0.73 0.34
CA VAL C 137 -26.24 1.81 -0.49
C VAL C 137 -27.66 2.18 -0.07
N GLU C 138 -28.47 1.17 0.27
CA GLU C 138 -29.82 1.44 0.74
C GLU C 138 -29.84 2.21 2.05
N LYS C 139 -28.94 1.87 2.98
CA LYS C 139 -28.87 2.52 4.29
C LYS C 139 -30.21 2.39 5.03
N VAL C 140 -30.56 1.14 5.29
CA VAL C 140 -31.86 0.84 5.94
C VAL C 140 -31.83 1.33 7.37
N PRO C 141 -32.93 1.89 7.88
CA PRO C 141 -32.95 2.36 9.27
C PRO C 141 -33.22 1.25 10.28
N ASP C 142 -32.19 0.50 10.66
CA ASP C 142 -32.37 -0.58 11.62
C ASP C 142 -33.10 -0.09 12.86
N SER C 143 -34.12 -0.84 13.26
CA SER C 143 -35.01 -0.48 14.35
C SER C 143 -35.04 -1.60 15.39
N THR C 144 -36.00 -1.50 16.31
CA THR C 144 -36.16 -2.49 17.37
C THR C 144 -37.65 -2.62 17.67
N TYR C 145 -38.09 -3.86 17.87
CA TYR C 145 -39.51 -4.12 18.08
C TYR C 145 -40.06 -3.36 19.29
N ASP C 146 -39.27 -3.16 20.34
CA ASP C 146 -39.74 -2.40 21.49
C ASP C 146 -39.90 -0.91 21.19
N MET C 147 -39.41 -0.45 20.04
CA MET C 147 -39.50 0.95 19.64
C MET C 147 -40.65 1.17 18.67
N ILE C 148 -41.60 0.24 18.60
CA ILE C 148 -42.74 0.32 17.70
C ILE C 148 -43.79 1.23 18.34
N GLY C 149 -44.33 2.15 17.55
CA GLY C 149 -45.25 3.14 18.08
C GLY C 149 -46.72 2.89 17.80
N GLY C 150 -47.45 2.44 18.82
CA GLY C 150 -48.90 2.36 18.77
C GLY C 150 -49.47 1.52 17.65
N LEU C 151 -48.88 0.36 17.38
CA LEU C 151 -49.39 -0.59 16.39
C LEU C 151 -49.24 -2.01 16.91
N ASP C 152 -49.52 -2.20 18.21
CA ASP C 152 -49.31 -3.51 18.82
C ASP C 152 -50.06 -4.61 18.08
N GLN C 153 -51.35 -4.41 17.80
CA GLN C 153 -52.12 -5.43 17.09
C GLN C 153 -51.52 -5.72 15.71
N GLN C 154 -51.13 -4.68 14.98
CA GLN C 154 -50.43 -4.88 13.72
C GLN C 154 -49.12 -5.63 13.92
N ILE C 155 -48.48 -5.44 15.08
CA ILE C 155 -47.24 -6.17 15.35
C ILE C 155 -47.50 -7.67 15.40
N LYS C 156 -48.51 -8.09 16.17
CA LYS C 156 -48.85 -9.51 16.21
C LYS C 156 -49.34 -10.01 14.86
N GLU C 157 -50.07 -9.17 14.12
CA GLU C 157 -50.53 -9.57 12.80
C GLU C 157 -49.35 -9.87 11.88
N ILE C 158 -48.38 -8.97 11.81
CA ILE C 158 -47.16 -9.24 11.03
C ILE C 158 -46.43 -10.47 11.55
N LYS C 159 -46.29 -10.60 12.88
CA LYS C 159 -45.78 -11.84 13.42
C LYS C 159 -46.63 -13.02 12.98
N GLU C 160 -47.94 -12.97 13.24
CA GLU C 160 -48.83 -14.05 12.82
C GLU C 160 -48.95 -14.14 11.31
N VAL C 161 -48.49 -13.12 10.58
CA VAL C 161 -48.59 -13.11 9.12
C VAL C 161 -47.44 -13.89 8.51
N ILE C 162 -46.21 -13.62 8.98
CA ILE C 162 -45.00 -14.17 8.39
C ILE C 162 -44.18 -14.94 9.42
N GLU C 163 -43.90 -14.32 10.57
CA GLU C 163 -42.90 -14.87 11.48
C GLU C 163 -43.31 -16.24 11.99
N LEU C 164 -44.62 -16.49 12.06
CA LEU C 164 -45.08 -17.79 12.56
C LEU C 164 -44.41 -18.94 11.86
N PRO C 165 -44.30 -18.98 10.53
CA PRO C 165 -43.49 -20.03 9.89
C PRO C 165 -42.02 -19.70 9.91
N ILE C 166 -41.53 -19.21 11.04
CA ILE C 166 -40.11 -18.92 11.23
C ILE C 166 -39.63 -19.63 12.50
N LYS C 167 -40.29 -19.34 13.61
CA LYS C 167 -39.95 -20.00 14.87
C LYS C 167 -40.79 -21.25 15.09
N HIS C 168 -41.71 -21.55 14.18
CA HIS C 168 -42.57 -22.73 14.28
C HIS C 168 -43.08 -23.08 12.89
N PRO C 169 -42.23 -23.70 12.06
CA PRO C 169 -42.67 -24.06 10.70
C PRO C 169 -43.76 -25.12 10.67
N GLU C 170 -44.01 -25.82 11.78
CA GLU C 170 -45.03 -26.86 11.79
C GLU C 170 -46.41 -26.33 12.14
N LEU C 171 -46.55 -25.02 12.35
CA LEU C 171 -47.83 -24.46 12.74
C LEU C 171 -48.94 -24.72 11.73
N PHE C 172 -48.71 -24.42 10.45
CA PHE C 172 -49.73 -24.65 9.43
C PHE C 172 -49.79 -26.10 8.96
N GLU C 173 -48.77 -26.91 9.27
CA GLU C 173 -48.80 -28.31 8.89
C GLU C 173 -49.91 -29.06 9.63
N SER C 174 -50.10 -28.78 10.92
CA SER C 174 -51.16 -29.44 11.67
C SER C 174 -52.54 -29.06 11.15
N LEU C 175 -52.68 -27.83 10.63
CA LEU C 175 -53.95 -27.38 10.08
C LEU C 175 -54.05 -27.56 8.57
N GLY C 176 -52.94 -27.86 7.90
CA GLY C 176 -52.98 -28.08 6.46
C GLY C 176 -53.35 -26.87 5.64
N ILE C 177 -52.77 -25.72 5.94
CA ILE C 177 -53.05 -24.49 5.21
C ILE C 177 -51.78 -24.07 4.46
N ALA C 178 -51.99 -23.28 3.41
CA ALA C 178 -50.87 -22.82 2.60
C ALA C 178 -50.10 -21.71 3.31
N GLN C 179 -48.81 -21.61 3.00
CA GLN C 179 -47.97 -20.57 3.57
C GLN C 179 -48.38 -19.19 3.06
N PRO C 180 -48.62 -18.23 3.93
CA PRO C 180 -48.99 -16.89 3.48
C PRO C 180 -47.90 -16.29 2.60
N LYS C 181 -48.34 -15.55 1.60
CA LYS C 181 -47.41 -15.01 0.61
C LYS C 181 -47.32 -13.49 0.63
N GLY C 182 -48.43 -12.79 0.54
CA GLY C 182 -48.43 -11.35 0.34
C GLY C 182 -48.77 -10.58 1.60
N VAL C 183 -47.94 -9.60 1.93
CA VAL C 183 -48.18 -8.66 3.02
C VAL C 183 -47.77 -7.28 2.53
N LEU C 184 -48.62 -6.28 2.77
CA LEU C 184 -48.39 -4.93 2.30
C LEU C 184 -48.62 -3.94 3.43
N LEU C 185 -47.86 -2.84 3.40
CA LEU C 185 -48.04 -1.73 4.33
C LEU C 185 -48.70 -0.57 3.61
N TYR C 186 -49.84 -0.13 4.13
CA TYR C 186 -50.60 0.94 3.50
C TYR C 186 -51.14 1.87 4.58
N GLY C 187 -51.59 3.04 4.14
CA GLY C 187 -52.08 4.06 5.04
C GLY C 187 -51.40 5.38 4.79
N PRO C 188 -51.41 6.27 5.78
CA PRO C 188 -50.68 7.53 5.65
C PRO C 188 -49.21 7.27 5.35
N PRO C 189 -48.62 8.04 4.45
CA PRO C 189 -47.22 7.79 4.09
C PRO C 189 -46.30 7.88 5.30
N GLY C 190 -45.33 6.97 5.34
CA GLY C 190 -44.36 6.92 6.42
C GLY C 190 -44.94 7.14 7.80
N THR C 191 -46.08 6.54 8.11
CA THR C 191 -46.76 6.71 9.40
C THR C 191 -46.17 5.79 10.46
N GLY C 192 -44.97 5.26 10.24
CA GLY C 192 -44.43 4.24 11.11
C GLY C 192 -44.48 2.88 10.43
N LYS C 193 -45.27 2.79 9.36
CA LYS C 193 -45.30 1.57 8.55
C LYS C 193 -43.90 1.21 8.08
N THR C 194 -43.13 2.19 7.62
CA THR C 194 -41.72 1.95 7.32
C THR C 194 -40.98 1.47 8.56
N LEU C 195 -41.20 2.13 9.70
CA LEU C 195 -40.56 1.71 10.94
C LEU C 195 -41.07 0.35 11.39
N LEU C 196 -42.36 0.07 11.20
CA LEU C 196 -42.88 -1.26 11.53
C LEU C 196 -42.21 -2.33 10.69
N ALA C 197 -42.03 -2.07 9.40
CA ALA C 197 -41.30 -3.01 8.54
C ALA C 197 -39.88 -3.22 9.04
N ARG C 198 -39.16 -2.14 9.31
CA ARG C 198 -37.80 -2.28 9.83
C ARG C 198 -37.77 -3.11 11.11
N ALA C 199 -38.63 -2.78 12.08
CA ALA C 199 -38.66 -3.53 13.33
C ALA C 199 -39.04 -4.99 13.12
N VAL C 200 -39.84 -5.27 12.08
CA VAL C 200 -40.19 -6.65 11.79
C VAL C 200 -38.93 -7.48 11.57
N ALA C 201 -38.08 -7.07 10.63
CA ALA C 201 -36.82 -7.76 10.42
C ALA C 201 -35.97 -7.72 11.68
N HIS C 202 -35.88 -6.56 12.33
CA HIS C 202 -35.10 -6.46 13.57
C HIS C 202 -35.43 -7.58 14.54
N HIS C 203 -36.68 -7.70 14.97
CA HIS C 203 -37.10 -8.75 15.89
C HIS C 203 -37.23 -10.11 15.22
N THR C 204 -37.10 -10.19 13.90
CA THR C 204 -37.29 -11.43 13.16
C THR C 204 -35.99 -11.98 12.59
N ASP C 205 -34.97 -11.14 12.45
CA ASP C 205 -33.68 -11.56 11.90
C ASP C 205 -33.84 -12.10 10.48
N CYS C 206 -34.20 -11.21 9.57
CA CYS C 206 -34.38 -11.53 8.16
C CYS C 206 -33.59 -10.54 7.30
N THR C 207 -33.24 -10.98 6.10
CA THR C 207 -32.45 -10.17 5.18
C THR C 207 -33.36 -9.11 4.58
N PHE C 208 -33.14 -7.85 4.97
CA PHE C 208 -33.98 -6.74 4.53
C PHE C 208 -33.40 -6.18 3.24
N ILE C 209 -34.26 -6.06 2.23
CA ILE C 209 -33.89 -5.43 0.96
C ILE C 209 -35.09 -4.65 0.46
N ARG C 210 -34.99 -3.32 0.51
CA ARG C 210 -36.01 -2.43 0.00
C ARG C 210 -35.43 -1.66 -1.18
N VAL C 211 -36.12 -1.71 -2.31
CA VAL C 211 -35.63 -1.12 -3.56
C VAL C 211 -36.60 -0.05 -4.02
N SER C 212 -36.06 0.98 -4.68
CA SER C 212 -36.86 2.03 -5.28
C SER C 212 -36.77 2.03 -6.80
N GLY C 213 -36.30 0.96 -7.41
CA GLY C 213 -36.15 0.89 -8.84
C GLY C 213 -35.09 1.83 -9.41
N SER C 214 -33.95 1.94 -8.73
CA SER C 214 -32.88 2.80 -9.19
C SER C 214 -32.05 2.06 -10.25
N GLU C 215 -30.97 2.70 -10.71
CA GLU C 215 -30.10 2.11 -11.72
C GLU C 215 -28.71 1.78 -11.21
N LEU C 216 -28.23 2.43 -10.16
CA LEU C 216 -26.91 2.11 -9.64
C LEU C 216 -26.87 0.71 -9.04
N VAL C 217 -27.93 0.31 -8.33
CA VAL C 217 -27.98 -1.04 -7.77
C VAL C 217 -28.05 -2.09 -8.88
N GLN C 218 -28.49 -1.69 -10.08
CA GLN C 218 -28.57 -2.63 -11.18
C GLN C 218 -27.21 -3.20 -11.54
N LYS C 219 -26.13 -2.48 -11.24
CA LYS C 219 -24.78 -2.97 -11.54
C LYS C 219 -24.41 -4.19 -10.73
N TYR C 220 -25.14 -4.51 -9.65
CA TYR C 220 -24.87 -5.68 -8.85
C TYR C 220 -25.84 -6.83 -9.11
N ILE C 221 -27.03 -6.55 -9.63
CA ILE C 221 -27.99 -7.61 -9.91
C ILE C 221 -27.64 -8.32 -11.21
N GLY C 222 -27.39 -7.56 -12.27
CA GLY C 222 -27.04 -8.16 -13.54
C GLY C 222 -26.62 -7.10 -14.53
N GLU C 223 -26.07 -7.56 -15.66
CA GLU C 223 -25.60 -6.64 -16.69
C GLU C 223 -26.74 -5.86 -17.32
N GLY C 224 -27.86 -6.51 -17.60
CA GLY C 224 -28.96 -5.85 -18.26
C GLY C 224 -30.24 -5.81 -17.44
N SER C 225 -30.41 -6.80 -16.56
CA SER C 225 -31.60 -6.92 -15.72
C SER C 225 -32.86 -6.96 -16.60
N ARG C 226 -32.87 -7.94 -17.51
CA ARG C 226 -33.98 -8.11 -18.42
C ARG C 226 -35.29 -8.39 -17.69
N MET C 227 -35.26 -9.23 -16.66
CA MET C 227 -36.43 -9.56 -15.86
C MET C 227 -36.18 -9.17 -14.41
N VAL C 228 -37.21 -9.30 -13.59
CA VAL C 228 -37.11 -8.94 -12.18
C VAL C 228 -36.54 -10.07 -11.33
N ARG C 229 -36.07 -11.16 -11.94
CA ARG C 229 -35.49 -12.26 -11.18
C ARG C 229 -34.10 -11.93 -10.63
N GLU C 230 -33.53 -10.80 -11.01
CA GLU C 230 -32.20 -10.41 -10.54
C GLU C 230 -32.12 -10.39 -9.01
N LEU C 231 -33.05 -9.73 -8.33
CA LEU C 231 -33.01 -9.68 -6.88
C LEU C 231 -33.10 -11.08 -6.27
N PHE C 232 -33.99 -11.92 -6.80
CA PHE C 232 -34.13 -13.26 -6.29
C PHE C 232 -32.79 -14.00 -6.23
N VAL C 233 -31.92 -13.80 -7.22
CA VAL C 233 -30.63 -14.47 -7.21
C VAL C 233 -29.85 -14.09 -5.96
N MET C 234 -29.86 -12.80 -5.60
CA MET C 234 -29.22 -12.37 -4.36
C MET C 234 -29.94 -12.94 -3.14
N ALA C 235 -31.26 -12.96 -3.16
CA ALA C 235 -32.01 -13.54 -2.06
C ALA C 235 -31.93 -15.07 -2.06
N ARG C 236 -31.95 -15.68 -3.24
CA ARG C 236 -32.02 -17.13 -3.38
C ARG C 236 -30.94 -17.86 -2.58
N GLU C 237 -29.79 -17.24 -2.33
CA GLU C 237 -28.75 -17.87 -1.53
C GLU C 237 -28.72 -17.37 -0.10
N HIS C 238 -29.58 -16.41 0.24
CA HIS C 238 -29.65 -15.84 1.58
C HIS C 238 -31.05 -16.07 2.15
N ALA C 239 -31.54 -17.31 2.03
CA ALA C 239 -32.91 -17.72 2.33
C ALA C 239 -33.52 -16.93 3.49
N PRO C 240 -32.77 -16.72 4.58
CA PRO C 240 -33.33 -15.88 5.67
C PRO C 240 -33.42 -14.41 5.27
N SER C 241 -34.32 -14.13 4.33
CA SER C 241 -34.47 -12.80 3.75
C SER C 241 -35.94 -12.42 3.66
N ILE C 242 -36.17 -11.10 3.62
CA ILE C 242 -37.51 -10.54 3.43
C ILE C 242 -37.40 -9.48 2.35
N ILE C 243 -38.51 -9.21 1.66
CA ILE C 243 -38.53 -8.26 0.55
C ILE C 243 -39.49 -7.12 0.89
N PHE C 244 -39.01 -5.89 0.75
CA PHE C 244 -39.81 -4.70 0.99
C PHE C 244 -39.70 -3.78 -0.23
N MET C 245 -40.84 -3.21 -0.63
CA MET C 245 -40.90 -2.31 -1.77
C MET C 245 -41.74 -1.10 -1.42
N ASP C 246 -41.19 0.09 -1.62
CA ASP C 246 -41.87 1.33 -1.32
C ASP C 246 -43.00 1.55 -2.33
N GLU C 247 -43.75 2.63 -2.16
CA GLU C 247 -44.86 2.95 -3.03
C GLU C 247 -44.39 3.18 -4.46
N SER C 265 -46.03 3.61 -13.06
CA SER C 265 -46.85 2.40 -13.00
C SER C 265 -45.98 1.15 -13.13
N GLU C 266 -44.74 1.32 -13.57
CA GLU C 266 -43.84 0.19 -13.70
C GLU C 266 -43.49 -0.42 -12.36
N VAL C 267 -43.73 0.32 -11.28
CA VAL C 267 -43.51 -0.24 -9.94
C VAL C 267 -44.36 -1.49 -9.75
N GLN C 268 -45.65 -1.42 -10.10
CA GLN C 268 -46.49 -2.61 -10.05
C GLN C 268 -46.00 -3.70 -11.00
N ARG C 269 -45.57 -3.33 -12.21
CA ARG C 269 -45.02 -4.31 -13.14
C ARG C 269 -43.89 -5.11 -12.53
N THR C 270 -42.91 -4.45 -11.92
CA THR C 270 -41.89 -5.19 -11.18
C THR C 270 -42.52 -5.99 -10.04
N MET C 271 -43.43 -5.37 -9.29
CA MET C 271 -44.14 -6.08 -8.23
C MET C 271 -45.02 -7.17 -8.81
N LEU C 272 -45.66 -6.93 -9.95
CA LEU C 272 -46.46 -7.98 -10.58
C LEU C 272 -45.61 -9.19 -10.93
N GLU C 273 -44.45 -8.97 -11.54
CA GLU C 273 -43.54 -10.07 -11.85
C GLU C 273 -43.07 -10.78 -10.58
N LEU C 274 -42.69 -10.01 -9.55
CA LEU C 274 -42.28 -10.63 -8.29
C LEU C 274 -43.38 -11.52 -7.73
N LEU C 275 -44.58 -10.97 -7.57
CA LEU C 275 -45.72 -11.76 -7.09
C LEU C 275 -45.93 -13.01 -7.92
N ASN C 276 -45.98 -12.89 -9.25
CA ASN C 276 -46.07 -14.08 -10.09
C ASN C 276 -44.87 -15.00 -9.86
N GLN C 277 -43.68 -14.43 -9.67
CA GLN C 277 -42.49 -15.24 -9.43
C GLN C 277 -42.65 -16.03 -8.13
N LEU C 278 -43.01 -15.36 -7.05
CA LEU C 278 -43.17 -16.01 -5.74
C LEU C 278 -44.64 -16.37 -5.53
N ASP C 279 -45.14 -17.24 -6.40
CA ASP C 279 -46.51 -17.71 -6.33
C ASP C 279 -46.67 -19.18 -6.68
N GLY C 280 -45.58 -19.95 -6.69
CA GLY C 280 -45.62 -21.32 -7.14
C GLY C 280 -44.51 -21.58 -8.15
N PHE C 281 -44.23 -20.57 -8.97
CA PHE C 281 -43.08 -20.64 -9.86
C PHE C 281 -41.77 -20.58 -9.09
N GLU C 282 -41.73 -19.79 -8.01
CA GLU C 282 -40.58 -19.81 -7.12
C GLU C 282 -40.71 -20.98 -6.14
N ALA C 283 -39.93 -22.03 -6.38
CA ALA C 283 -40.03 -23.25 -5.59
C ALA C 283 -39.42 -23.12 -4.20
N SER C 284 -38.71 -22.02 -3.93
CA SER C 284 -38.10 -21.82 -2.61
C SER C 284 -39.19 -21.52 -1.59
N ASN C 285 -39.08 -22.13 -0.42
CA ASN C 285 -40.02 -21.89 0.67
C ASN C 285 -39.40 -20.92 1.67
N LYS C 286 -40.24 -20.31 2.51
CA LYS C 286 -39.78 -19.40 3.55
C LYS C 286 -39.17 -18.13 2.94
N ILE C 287 -39.85 -17.56 1.95
CA ILE C 287 -39.44 -16.31 1.32
C ILE C 287 -40.57 -15.31 1.52
N LYS C 288 -40.23 -14.14 2.03
CA LYS C 288 -41.23 -13.13 2.38
C LYS C 288 -40.94 -11.83 1.63
N VAL C 289 -42.00 -11.27 1.05
CA VAL C 289 -41.93 -9.97 0.38
C VAL C 289 -43.10 -9.13 0.85
N LEU C 290 -42.80 -7.87 1.16
CA LEU C 290 -43.81 -6.93 1.65
C LEU C 290 -43.68 -5.63 0.87
N MET C 291 -44.76 -5.21 0.22
CA MET C 291 -44.79 -3.98 -0.54
C MET C 291 -45.64 -2.95 0.19
N ALA C 292 -45.08 -1.76 0.37
CA ALA C 292 -45.72 -0.69 1.14
C ALA C 292 -45.99 0.48 0.21
N THR C 293 -47.21 1.02 0.28
CA THR C 293 -47.60 2.16 -0.54
C THR C 293 -48.89 2.72 0.01
N ASN C 294 -49.31 3.86 -0.54
CA ASN C 294 -50.54 4.52 -0.17
C ASN C 294 -51.57 4.37 -1.29
N ARG C 295 -52.80 4.80 -0.99
CA ARG C 295 -53.91 4.76 -1.95
C ARG C 295 -54.15 3.34 -2.44
N ILE C 296 -54.54 2.48 -1.48
CA ILE C 296 -54.84 1.09 -1.80
C ILE C 296 -55.94 0.94 -2.83
N ASP C 297 -56.87 1.90 -2.88
CA ASP C 297 -57.90 1.90 -3.91
C ASP C 297 -57.36 2.29 -5.28
N ILE C 298 -56.11 2.75 -5.36
CA ILE C 298 -55.47 3.11 -6.61
C ILE C 298 -54.41 2.11 -7.04
N LEU C 299 -54.31 0.97 -6.37
CA LEU C 299 -53.34 -0.04 -6.73
C LEU C 299 -53.76 -0.74 -8.02
N ASP C 300 -52.94 -1.69 -8.46
CA ASP C 300 -53.22 -2.41 -9.68
C ASP C 300 -54.26 -3.49 -9.46
N PRO C 301 -55.37 -3.45 -10.22
CA PRO C 301 -56.38 -4.50 -10.05
C PRO C 301 -55.83 -5.90 -10.30
N ALA C 302 -54.86 -6.04 -11.21
CA ALA C 302 -54.22 -7.33 -11.39
C ALA C 302 -53.53 -7.80 -10.12
N LEU C 303 -52.86 -6.89 -9.41
CA LEU C 303 -52.27 -7.20 -8.12
C LEU C 303 -53.31 -7.39 -7.02
N LEU C 304 -54.57 -7.09 -7.30
CA LEU C 304 -55.64 -7.21 -6.33
C LEU C 304 -56.28 -8.60 -6.31
N ARG C 305 -55.68 -9.56 -7.00
CA ARG C 305 -56.19 -10.92 -6.97
C ARG C 305 -56.19 -11.43 -5.54
N PRO C 306 -57.22 -12.17 -5.11
CA PRO C 306 -57.27 -12.60 -3.70
C PRO C 306 -56.08 -13.43 -3.28
N GLY C 307 -55.48 -14.21 -4.18
CA GLY C 307 -54.34 -15.04 -3.82
C GLY C 307 -53.00 -14.35 -3.82
N ARG C 308 -52.93 -13.10 -4.29
CA ARG C 308 -51.66 -12.40 -4.30
C ARG C 308 -51.35 -11.80 -2.94
N ILE C 309 -52.21 -10.90 -2.46
CA ILE C 309 -52.07 -10.30 -1.14
C ILE C 309 -52.62 -11.26 -0.10
N ASP C 310 -51.71 -12.00 0.54
CA ASP C 310 -52.14 -12.97 1.55
C ASP C 310 -52.81 -12.29 2.72
N ARG C 311 -52.32 -11.12 3.12
CA ARG C 311 -52.92 -10.36 4.22
C ARG C 311 -52.64 -8.88 3.99
N LYS C 312 -53.47 -8.04 4.58
CA LYS C 312 -53.37 -6.59 4.43
C LYS C 312 -53.31 -5.95 5.81
N ILE C 313 -52.45 -4.94 5.97
CA ILE C 313 -52.32 -4.19 7.21
C ILE C 313 -52.18 -2.72 6.83
N GLU C 314 -52.95 -1.87 7.50
CA GLU C 314 -52.94 -0.44 7.24
C GLU C 314 -52.35 0.32 8.41
N PHE C 315 -51.78 1.48 8.13
CA PHE C 315 -51.18 2.31 9.18
C PHE C 315 -52.07 3.52 9.43
N PRO C 316 -53.11 3.41 10.23
CA PRO C 316 -53.99 4.55 10.49
C PRO C 316 -53.26 5.67 11.23
N ASN C 317 -53.71 6.89 10.96
CA ASN C 317 -53.09 8.04 11.58
C ASN C 317 -53.20 7.94 13.10
N PRO C 318 -52.07 7.97 13.82
CA PRO C 318 -52.12 7.83 15.28
C PRO C 318 -52.88 8.97 15.93
N THR C 319 -53.58 8.63 17.00
CA THR C 319 -54.30 9.62 17.79
C THR C 319 -53.49 9.94 19.05
N GLU C 320 -54.08 10.71 19.97
CA GLU C 320 -53.40 11.01 21.22
C GLU C 320 -53.12 9.74 22.01
N GLU C 321 -54.08 8.82 22.04
CA GLU C 321 -53.86 7.54 22.71
C GLU C 321 -52.65 6.81 22.14
N SER C 322 -52.38 7.00 20.85
CA SER C 322 -51.20 6.41 20.22
C SER C 322 -49.97 7.30 20.29
N ARG C 323 -50.15 8.62 20.28
CA ARG C 323 -49.01 9.53 20.29
C ARG C 323 -48.26 9.51 21.63
N PHE C 324 -48.93 9.14 22.72
CA PHE C 324 -48.27 9.11 24.01
C PHE C 324 -47.03 8.23 23.99
N ASP C 325 -47.18 6.99 23.51
CA ASP C 325 -46.03 6.12 23.32
C ASP C 325 -45.09 6.65 22.26
N ILE C 326 -45.62 7.26 21.20
CA ILE C 326 -44.77 7.86 20.19
C ILE C 326 -43.87 8.91 20.81
N LEU C 327 -44.44 9.77 21.66
CA LEU C 327 -43.62 10.76 22.36
C LEU C 327 -42.63 10.11 23.31
N LYS C 328 -43.07 9.12 24.08
CA LYS C 328 -42.18 8.44 25.01
C LYS C 328 -41.00 7.83 24.29
N ILE C 329 -41.19 7.41 23.05
CA ILE C 329 -40.09 6.83 22.28
C ILE C 329 -39.22 7.91 21.66
N HIS C 330 -39.84 8.93 21.06
CA HIS C 330 -39.08 9.95 20.35
C HIS C 330 -38.26 10.82 21.28
N SER C 331 -38.86 11.35 22.34
CA SER C 331 -38.15 12.22 23.27
C SER C 331 -37.25 11.45 24.23
N ARG C 332 -37.30 10.11 24.21
CA ARG C 332 -36.49 9.33 25.12
C ARG C 332 -35.01 9.64 24.96
N ARG C 333 -34.58 10.01 23.75
CA ARG C 333 -33.17 10.24 23.46
C ARG C 333 -32.77 11.70 23.63
N MET C 334 -33.68 12.57 24.04
CA MET C 334 -33.41 13.99 24.16
C MET C 334 -33.09 14.37 25.61
N ASN C 335 -32.57 15.58 25.78
CA ASN C 335 -32.25 16.12 27.09
C ASN C 335 -33.39 17.01 27.55
N LEU C 336 -34.35 16.42 28.24
CA LEU C 336 -35.55 17.14 28.69
C LEU C 336 -35.26 17.96 29.93
N MET C 337 -36.28 18.68 30.39
CA MET C 337 -36.24 19.46 31.61
C MET C 337 -37.00 18.74 32.71
N ARG C 338 -36.54 18.85 33.94
CA ARG C 338 -37.18 18.17 35.06
C ARG C 338 -38.67 18.47 35.05
N GLY C 339 -39.49 17.45 34.81
CA GLY C 339 -40.89 17.66 34.53
C GLY C 339 -41.10 17.87 33.05
N ILE C 340 -41.93 17.04 32.42
CA ILE C 340 -42.11 17.11 30.98
C ILE C 340 -43.51 17.63 30.66
N ASP C 341 -44.53 16.92 31.15
CA ASP C 341 -45.93 17.27 30.89
C ASP C 341 -46.22 17.15 29.39
N LEU C 342 -45.85 16.00 28.85
CA LEU C 342 -46.04 15.73 27.42
C LEU C 342 -47.50 15.44 27.09
N LYS C 343 -48.32 15.10 28.09
CA LYS C 343 -49.72 14.79 27.81
C LYS C 343 -50.44 15.97 27.18
N LYS C 344 -50.24 17.17 27.73
CA LYS C 344 -50.86 18.36 27.16
C LYS C 344 -50.39 18.60 25.73
N ILE C 345 -49.08 18.47 25.49
CA ILE C 345 -48.56 18.66 24.14
C ILE C 345 -49.18 17.67 23.17
N GLY C 346 -49.26 16.39 23.55
CA GLY C 346 -49.93 15.41 22.72
C GLY C 346 -51.39 15.76 22.48
N ASP C 347 -52.05 16.33 23.49
CA ASP C 347 -53.37 16.90 23.27
C ASP C 347 -53.35 18.01 22.22
N LYS C 348 -52.35 18.89 22.26
CA LYS C 348 -52.17 19.86 21.20
C LYS C 348 -51.90 19.20 19.85
N MET C 349 -51.40 17.97 19.86
CA MET C 349 -51.17 17.21 18.63
C MET C 349 -52.48 16.52 18.26
N ASN C 350 -53.15 17.04 17.23
CA ASN C 350 -54.46 16.54 16.82
C ASN C 350 -54.31 15.42 15.79
N GLY C 351 -53.54 14.40 16.18
CA GLY C 351 -53.34 13.26 15.33
C GLY C 351 -52.85 13.61 13.94
N ALA C 352 -51.63 14.14 13.85
CA ALA C 352 -51.10 14.58 12.56
C ALA C 352 -50.62 13.39 11.73
N SER C 353 -49.65 12.66 12.24
CA SER C 353 -49.11 11.49 11.54
C SER C 353 -48.09 10.82 12.47
N GLY C 354 -47.54 9.70 12.02
CA GLY C 354 -46.50 8.99 12.72
C GLY C 354 -45.11 9.54 12.51
N ALA C 355 -44.98 10.62 11.74
CA ALA C 355 -43.69 11.26 11.48
C ALA C 355 -43.61 12.69 11.98
N GLU C 356 -44.68 13.47 11.85
CA GLU C 356 -44.69 14.82 12.39
C GLU C 356 -44.32 14.86 13.87
N LEU C 357 -44.72 13.85 14.64
CA LEU C 357 -44.28 13.76 16.03
C LEU C 357 -42.77 13.68 16.12
N LYS C 358 -42.15 12.92 15.21
CA LYS C 358 -40.70 12.84 15.18
C LYS C 358 -40.05 14.19 14.92
N SER C 359 -40.52 14.94 13.92
CA SER C 359 -39.98 16.27 13.70
C SER C 359 -40.18 17.17 14.91
N VAL C 360 -41.38 17.17 15.48
CA VAL C 360 -41.66 18.00 16.65
C VAL C 360 -40.69 17.70 17.77
N CYS C 361 -40.49 16.42 18.08
CA CYS C 361 -39.48 16.05 19.07
C CYS C 361 -38.11 16.56 18.67
N THR C 362 -37.74 16.41 17.41
CA THR C 362 -36.46 16.94 16.93
C THR C 362 -36.47 18.46 16.89
N GLU C 363 -37.55 19.05 16.37
CA GLU C 363 -37.63 20.51 16.28
C GLU C 363 -37.51 21.18 17.64
N ALA C 364 -37.93 20.51 18.71
CA ALA C 364 -37.79 21.08 20.04
C ALA C 364 -36.34 21.43 20.35
N GLY C 365 -35.40 20.56 20.01
CA GLY C 365 -34.00 20.86 20.24
C GLY C 365 -33.49 22.04 19.44
N MET C 366 -34.23 22.44 18.40
CA MET C 366 -33.81 23.58 17.59
C MET C 366 -33.65 24.84 18.44
N PHE C 367 -34.73 25.29 19.08
CA PHE C 367 -34.63 26.48 19.93
C PHE C 367 -33.61 26.27 21.04
N ALA C 368 -33.64 25.12 21.70
CA ALA C 368 -32.69 24.85 22.77
C ALA C 368 -31.25 25.06 22.34
N LEU C 369 -30.88 24.59 21.15
CA LEU C 369 -29.58 24.91 20.58
C LEU C 369 -29.44 26.40 20.30
N ARG C 370 -30.48 27.04 19.79
CA ARG C 370 -30.44 28.46 19.49
C ARG C 370 -30.03 29.31 20.69
N GLU C 371 -30.38 28.90 21.91
CA GLU C 371 -29.93 29.57 23.12
C GLU C 371 -28.87 28.77 23.87
N ARG C 372 -28.29 27.75 23.23
CA ARG C 372 -27.26 26.92 23.82
C ARG C 372 -27.71 26.36 25.17
N ARG C 373 -29.02 26.20 25.32
CA ARG C 373 -29.60 25.67 26.55
C ARG C 373 -29.13 24.22 26.75
N ILE C 374 -29.09 23.82 28.02
CA ILE C 374 -28.58 22.49 28.38
C ILE C 374 -29.74 21.51 28.49
N HIS C 375 -30.96 22.01 28.32
CA HIS C 375 -32.14 21.17 28.34
C HIS C 375 -33.33 21.96 27.81
N VAL C 376 -34.06 21.36 26.87
CA VAL C 376 -35.25 21.99 26.31
C VAL C 376 -36.43 21.71 27.23
N THR C 377 -36.91 22.74 27.90
CA THR C 377 -38.04 22.63 28.81
C THR C 377 -39.34 22.53 28.03
N GLN C 378 -40.42 22.23 28.74
CA GLN C 378 -41.73 22.09 28.11
C GLN C 378 -42.09 23.28 27.23
N GLU C 379 -41.50 24.44 27.47
CA GLU C 379 -41.69 25.60 26.61
C GLU C 379 -41.08 25.41 25.23
N ASP C 380 -39.87 24.86 25.13
CA ASP C 380 -39.24 24.67 23.84
C ASP C 380 -40.00 23.66 22.97
N PHE C 381 -40.40 22.52 23.55
CA PHE C 381 -41.17 21.55 22.79
C PHE C 381 -42.51 22.14 22.34
N GLU C 382 -43.17 22.88 23.24
CA GLU C 382 -44.40 23.55 22.87
C GLU C 382 -44.19 24.51 21.69
N MET C 383 -43.18 25.37 21.76
CA MET C 383 -42.90 26.27 20.66
C MET C 383 -42.63 25.54 19.35
N ALA C 384 -41.75 24.55 19.36
CA ALA C 384 -41.49 23.76 18.16
C ALA C 384 -42.74 23.06 17.65
N VAL C 385 -43.69 22.77 18.54
CA VAL C 385 -44.96 22.17 18.12
C VAL C 385 -45.68 23.09 17.13
N ALA C 386 -45.71 24.38 17.43
CA ALA C 386 -46.33 25.34 16.52
C ALA C 386 -45.62 25.40 15.17
N LYS C 387 -44.29 25.41 15.16
CA LYS C 387 -43.53 25.38 13.91
C LYS C 387 -43.82 24.14 13.08
N VAL C 388 -43.91 22.97 13.73
CA VAL C 388 -44.31 21.77 13.01
C VAL C 388 -45.71 21.93 12.45
N MET C 389 -46.66 22.34 13.28
CA MET C 389 -48.01 22.66 12.82
C MET C 389 -48.03 23.86 11.89
N LYS C 390 -47.07 24.78 12.01
CA LYS C 390 -47.00 25.89 11.07
C LYS C 390 -46.78 25.38 9.66
N LYS C 391 -45.90 24.40 9.48
CA LYS C 391 -45.78 23.73 8.20
C LYS C 391 -47.01 22.87 7.90
N ASP C 392 -47.61 22.28 8.92
CA ASP C 392 -48.82 21.49 8.71
C ASP C 392 -49.97 22.33 8.18
N THR C 393 -50.03 23.60 8.56
CA THR C 393 -51.10 24.50 8.14
C THR C 393 -50.79 25.24 6.84
N ASP C 394 -49.64 24.96 6.22
CA ASP C 394 -49.23 25.60 4.99
C ASP C 394 -49.46 24.63 3.84
N ASP D 41 41.53 -46.38 34.93
CA ASP D 41 42.08 -45.07 35.24
C ASP D 41 41.14 -44.25 36.13
N LEU D 42 41.70 -43.56 37.11
CA LEU D 42 40.92 -42.76 38.04
C LEU D 42 41.17 -41.27 37.94
N TYR D 43 42.40 -40.84 37.67
CA TYR D 43 42.68 -39.41 37.58
C TYR D 43 42.20 -38.82 36.25
N GLY D 44 41.94 -39.67 35.26
CA GLY D 44 41.48 -39.22 33.97
C GLY D 44 40.17 -38.46 33.99
N ARG D 45 39.24 -38.85 34.87
CA ARG D 45 37.94 -38.18 34.90
C ARG D 45 38.07 -36.71 35.27
N LEU D 46 39.00 -36.38 36.18
CA LEU D 46 39.24 -34.99 36.56
C LEU D 46 39.99 -34.21 35.49
N LYS D 47 41.02 -34.82 34.89
CA LYS D 47 41.78 -34.13 33.85
C LYS D 47 40.90 -33.82 32.64
N SER D 48 40.14 -34.80 32.17
CA SER D 48 39.22 -34.57 31.06
C SER D 48 38.14 -33.55 31.41
N LEU D 49 37.58 -33.61 32.62
CA LEU D 49 36.59 -32.62 33.03
C LEU D 49 37.18 -31.22 33.03
N GLU D 50 38.41 -31.06 33.52
CA GLU D 50 39.08 -29.77 33.45
C GLU D 50 39.32 -29.31 32.02
N ARG D 51 39.72 -30.22 31.13
CA ARG D 51 39.94 -29.84 29.73
C ARG D 51 38.67 -29.30 29.09
N GLN D 52 37.55 -30.01 29.23
CA GLN D 52 36.28 -29.54 28.69
C GLN D 52 35.82 -28.24 29.31
N ILE D 53 35.98 -28.07 30.63
CA ILE D 53 35.59 -26.82 31.27
C ILE D 53 36.42 -25.66 30.73
N GLU D 54 37.73 -25.86 30.58
CA GLU D 54 38.58 -24.81 30.04
C GLU D 54 38.18 -24.48 28.61
N PHE D 55 37.88 -25.49 27.81
CA PHE D 55 37.43 -25.26 26.44
C PHE D 55 36.14 -24.44 26.41
N LYS D 56 35.17 -24.80 27.26
CA LYS D 56 33.92 -24.04 27.32
C LYS D 56 34.14 -22.63 27.85
N GLY D 57 35.19 -22.41 28.64
CA GLY D 57 35.46 -21.08 29.16
C GLY D 57 35.69 -20.05 28.07
N ILE D 58 36.44 -20.40 27.03
CA ILE D 58 36.69 -19.47 25.93
C ILE D 58 35.39 -19.11 25.23
N GLN D 59 34.36 -19.93 25.40
CA GLN D 59 33.06 -19.65 24.78
C GLN D 59 32.53 -18.29 25.24
N GLU D 60 32.95 -17.83 26.42
CA GLU D 60 32.52 -16.51 26.88
C GLU D 60 33.00 -15.41 25.93
N GLU D 61 34.31 -15.38 25.65
CA GLU D 61 34.82 -14.41 24.69
C GLU D 61 34.27 -14.66 23.29
N TYR D 62 34.10 -15.93 22.92
CA TYR D 62 33.52 -16.25 21.62
C TYR D 62 32.17 -15.59 21.44
N VAL D 63 31.27 -15.79 22.42
CA VAL D 63 29.95 -15.17 22.37
C VAL D 63 30.03 -13.65 22.45
N LYS D 64 30.89 -13.12 23.33
CA LYS D 64 31.00 -11.67 23.46
C LYS D 64 31.39 -11.02 22.14
N ASP D 65 32.25 -11.68 21.35
CA ASP D 65 32.65 -11.10 20.07
C ASP D 65 31.46 -10.93 19.14
N GLU D 66 30.65 -11.97 18.96
CA GLU D 66 29.46 -11.90 18.14
C GLU D 66 28.41 -10.96 18.71
N LEU D 67 28.31 -10.86 20.04
CA LEU D 67 27.32 -9.97 20.64
C LEU D 67 27.56 -8.53 20.25
N LYS D 68 28.79 -8.17 19.88
CA LYS D 68 29.11 -6.84 19.39
C LYS D 68 29.14 -6.77 17.87
N ASN D 69 29.69 -7.78 17.20
CA ASN D 69 29.64 -7.81 15.74
C ASN D 69 28.22 -7.90 15.23
N LEU D 70 27.37 -8.71 15.88
CA LEU D 70 25.98 -8.80 15.47
C LEU D 70 25.29 -7.45 15.59
N LYS D 71 25.55 -6.71 16.66
CA LYS D 71 24.96 -5.38 16.79
C LYS D 71 25.50 -4.43 15.72
N ARG D 72 26.82 -4.45 15.50
CA ARG D 72 27.41 -3.62 14.46
C ARG D 72 26.83 -3.91 13.08
N GLU D 73 26.43 -5.15 12.83
CA GLU D 73 25.77 -5.51 11.58
C GLU D 73 24.30 -5.10 11.54
N HIS D 74 23.54 -5.35 12.62
CA HIS D 74 22.13 -4.97 12.63
C HIS D 74 21.97 -3.46 12.54
N LEU D 75 23.02 -2.71 12.88
CA LEU D 75 23.04 -1.28 12.56
C LEU D 75 22.96 -1.07 11.06
N ARG D 76 23.51 -1.98 10.27
CA ARG D 76 23.34 -1.94 8.82
C ARG D 76 21.89 -2.16 8.42
N ALA D 77 20.99 -2.29 9.40
CA ALA D 77 19.59 -2.53 9.10
C ALA D 77 18.90 -1.20 8.83
N GLN D 78 19.71 -0.19 8.48
CA GLN D 78 19.26 0.99 7.78
C GLN D 78 19.65 0.95 6.31
N GLU D 79 20.56 0.04 5.94
CA GLU D 79 20.83 -0.26 4.55
C GLU D 79 19.59 -0.76 3.83
N GLU D 80 18.78 -1.59 4.47
CA GLU D 80 17.53 -2.02 3.85
C GLU D 80 16.62 -0.83 3.57
N VAL D 81 16.51 0.08 4.55
CA VAL D 81 15.71 1.29 4.36
C VAL D 81 16.24 2.07 3.17
N LYS D 82 17.56 2.31 3.14
CA LYS D 82 18.15 3.08 2.06
C LYS D 82 17.86 2.44 0.71
N ARG D 83 18.10 1.14 0.58
CA ARG D 83 17.86 0.45 -0.68
C ARG D 83 16.40 0.58 -1.10
N ILE D 84 15.48 0.26 -0.19
CA ILE D 84 14.05 0.30 -0.48
C ILE D 84 13.66 1.69 -0.98
N GLN D 85 13.86 2.70 -0.12
CA GLN D 85 13.43 4.08 -0.46
C GLN D 85 13.88 4.45 -1.88
N SER D 86 15.15 4.20 -2.20
CA SER D 86 15.67 4.60 -3.54
C SER D 86 15.35 6.08 -3.77
N VAL D 87 14.77 6.40 -4.93
CA VAL D 87 14.40 7.82 -5.27
C VAL D 87 13.18 7.79 -6.19
N PRO D 88 13.26 7.15 -7.37
CA PRO D 88 12.08 7.03 -8.26
C PRO D 88 11.00 6.07 -7.78
N LEU D 89 10.11 6.59 -6.93
CA LEU D 89 8.96 5.84 -6.45
C LEU D 89 7.71 6.31 -7.17
N VAL D 90 6.76 5.40 -7.35
CA VAL D 90 5.57 5.67 -8.14
C VAL D 90 4.34 5.70 -7.21
N ILE D 91 3.19 6.03 -7.80
CA ILE D 91 1.95 6.23 -7.05
C ILE D 91 1.45 4.89 -6.55
N GLY D 92 0.51 4.92 -5.61
CA GLY D 92 -0.07 3.73 -5.06
C GLY D 92 -1.28 4.04 -4.19
N GLN D 93 -1.83 3.02 -3.53
CA GLN D 93 -2.97 3.22 -2.64
C GLN D 93 -3.11 2.01 -1.73
N PHE D 94 -3.19 2.25 -0.43
CA PHE D 94 -3.26 1.17 0.54
C PHE D 94 -4.70 0.71 0.71
N MET D 95 -4.93 -0.58 0.49
CA MET D 95 -6.26 -1.17 0.57
C MET D 95 -6.37 -2.18 1.70
N GLU D 96 -5.45 -3.14 1.78
CA GLU D 96 -5.48 -4.12 2.86
C GLU D 96 -4.20 -4.96 2.76
N MET D 97 -3.99 -5.82 3.75
CA MET D 97 -2.84 -6.70 3.80
C MET D 97 -3.29 -8.11 4.14
N VAL D 98 -2.66 -9.10 3.50
CA VAL D 98 -2.92 -10.49 3.85
C VAL D 98 -2.41 -10.78 5.25
N ASP D 99 -1.20 -10.31 5.56
CA ASP D 99 -0.61 -10.46 6.89
C ASP D 99 0.53 -9.45 6.99
N GLN D 100 1.32 -9.56 8.06
CA GLN D 100 2.49 -8.72 8.18
C GLN D 100 3.50 -9.08 7.10
N ASN D 101 4.18 -8.07 6.57
CA ASN D 101 5.09 -8.27 5.44
C ASN D 101 4.37 -8.97 4.30
N ASN D 102 3.13 -8.56 4.04
CA ASN D 102 2.33 -9.13 2.95
C ASN D 102 1.11 -8.26 2.74
N GLY D 103 0.83 -7.89 1.49
CA GLY D 103 -0.31 -7.05 1.21
C GLY D 103 -0.70 -7.06 -0.25
N ILE D 104 -1.93 -6.64 -0.50
CA ILE D 104 -2.45 -6.42 -1.84
C ILE D 104 -2.87 -4.95 -1.92
N VAL D 105 -2.37 -4.24 -2.92
CA VAL D 105 -2.46 -2.79 -2.97
C VAL D 105 -3.48 -2.38 -4.02
N GLY D 106 -3.83 -1.10 -3.99
CA GLY D 106 -4.65 -0.49 -5.03
C GLY D 106 -3.83 0.52 -5.81
N SER D 107 -3.63 0.27 -7.09
CA SER D 107 -2.68 1.06 -7.86
C SER D 107 -3.40 1.95 -8.87
N THR D 108 -2.74 3.06 -9.22
CA THR D 108 -3.24 3.98 -10.21
C THR D 108 -3.34 3.35 -11.60
N THR D 109 -2.66 2.24 -11.82
CA THR D 109 -2.66 1.57 -13.12
C THR D 109 -4.01 0.97 -13.48
N GLY D 110 -5.03 1.16 -12.65
CA GLY D 110 -6.34 0.60 -12.86
C GLY D 110 -6.47 -0.84 -12.43
N SER D 111 -5.38 -1.60 -12.47
CA SER D 111 -5.36 -2.97 -12.00
C SER D 111 -4.74 -3.02 -10.61
N ASN D 112 -4.83 -4.19 -9.97
CA ASN D 112 -4.32 -4.35 -8.62
C ASN D 112 -3.23 -5.41 -8.57
N TYR D 113 -2.21 -5.13 -7.76
CA TYR D 113 -1.11 -6.06 -7.55
C TYR D 113 -0.86 -6.18 -6.05
N TYR D 114 -0.55 -7.40 -5.61
CA TYR D 114 -0.28 -7.70 -4.22
C TYR D 114 1.21 -7.94 -4.06
N VAL D 115 1.83 -7.25 -3.12
CA VAL D 115 3.26 -7.37 -2.86
C VAL D 115 3.48 -7.33 -1.35
N ARG D 116 4.74 -7.55 -0.96
CA ARG D 116 5.13 -7.45 0.43
C ARG D 116 5.20 -5.99 0.84
N ILE D 117 5.64 -5.74 2.07
CA ILE D 117 5.69 -4.39 2.60
C ILE D 117 7.13 -3.98 2.84
N LEU D 118 7.33 -2.71 3.20
CA LEU D 118 8.64 -2.19 3.56
C LEU D 118 8.73 -2.08 5.07
N SER D 119 9.36 -3.10 5.69
CA SER D 119 9.38 -3.19 7.14
C SER D 119 9.82 -1.89 7.80
N THR D 120 10.63 -1.10 7.08
CA THR D 120 11.15 0.18 7.64
C THR D 120 10.09 1.27 7.47
N ILE D 121 8.89 1.05 8.01
CA ILE D 121 7.79 2.04 7.89
C ILE D 121 6.83 1.88 9.07
N ASN D 122 6.00 2.90 9.33
CA ASN D 122 4.97 2.75 10.39
C ASN D 122 3.83 1.94 9.78
N ARG D 123 3.83 0.63 10.01
CA ARG D 123 2.80 -0.26 9.39
C ARG D 123 1.43 0.34 9.67
N GLU D 124 1.22 0.87 10.87
CA GLU D 124 -0.06 1.54 11.20
C GLU D 124 -0.02 2.97 10.63
N LEU D 125 -0.36 3.12 9.36
CA LEU D 125 -0.37 4.46 8.72
C LEU D 125 -1.82 4.82 8.37
N LEU D 126 -2.35 4.22 7.30
CA LEU D 126 -3.76 4.48 6.91
C LEU D 126 -4.33 3.19 6.30
N LYS D 127 -4.97 2.35 7.13
CA LYS D 127 -5.49 1.05 6.65
C LYS D 127 -6.52 1.29 5.53
N PRO D 128 -7.42 2.28 5.64
CA PRO D 128 -8.47 2.46 4.63
C PRO D 128 -7.92 2.81 3.25
N SER D 129 -7.20 3.93 3.12
CA SER D 129 -6.64 4.37 1.82
C SER D 129 -5.53 5.38 2.04
N ALA D 130 -4.55 5.43 1.13
CA ALA D 130 -3.40 6.36 1.28
C ALA D 130 -2.67 6.51 -0.06
N SER D 131 -1.45 7.02 -0.03
CA SER D 131 -0.63 7.16 -1.26
C SER D 131 0.74 6.54 -1.03
N VAL D 132 0.95 5.31 -1.52
CA VAL D 132 2.22 4.64 -1.28
C VAL D 132 3.01 4.57 -2.58
N ALA D 133 4.22 4.03 -2.51
CA ALA D 133 5.14 3.96 -3.64
C ALA D 133 5.15 2.55 -4.22
N LEU D 134 6.03 2.33 -5.19
CA LEU D 134 6.26 1.02 -5.77
C LEU D 134 7.50 1.07 -6.67
N HIS D 135 8.27 -0.02 -6.65
CA HIS D 135 9.47 -0.08 -7.47
C HIS D 135 9.11 -0.24 -8.94
N ARG D 136 9.83 0.49 -9.81
CA ARG D 136 9.53 0.46 -11.23
C ARG D 136 9.37 -0.96 -11.77
N HIS D 137 10.22 -1.90 -11.35
CA HIS D 137 10.07 -3.30 -11.71
C HIS D 137 9.27 -4.07 -10.67
N SER D 138 9.74 -4.10 -9.42
CA SER D 138 9.03 -4.86 -8.39
C SER D 138 7.64 -4.32 -8.10
N ASN D 139 7.40 -3.03 -8.33
CA ASN D 139 6.13 -2.40 -8.02
C ASN D 139 5.68 -2.73 -6.60
N ALA D 140 6.53 -2.32 -5.65
CA ALA D 140 6.30 -2.59 -4.25
C ALA D 140 6.55 -1.34 -3.44
N LEU D 141 5.77 -1.16 -2.38
CA LEU D 141 5.89 -0.01 -1.53
C LEU D 141 7.28 0.05 -0.89
N VAL D 142 7.90 1.21 -0.94
CA VAL D 142 9.20 1.43 -0.30
C VAL D 142 9.12 2.70 0.55
N ASP D 143 7.99 3.40 0.47
CA ASP D 143 7.77 4.62 1.25
C ASP D 143 6.35 5.10 1.03
N VAL D 144 5.93 6.06 1.86
CA VAL D 144 4.55 6.63 1.75
C VAL D 144 4.64 8.15 1.84
N LEU D 145 4.21 8.86 0.79
CA LEU D 145 4.27 10.35 0.78
C LEU D 145 2.98 10.92 1.37
N PRO D 146 2.87 12.26 1.52
CA PRO D 146 1.63 12.87 2.02
C PRO D 146 0.49 12.85 1.00
N PRO D 147 -0.75 13.19 1.38
CA PRO D 147 -1.85 13.26 0.41
C PRO D 147 -1.59 14.33 -0.66
N GLU D 148 -1.54 13.93 -1.94
CA GLU D 148 -1.35 14.92 -3.05
C GLU D 148 -2.32 14.56 -4.17
N ALA D 149 -3.32 15.40 -4.41
CA ALA D 149 -4.36 15.11 -5.43
C ALA D 149 -4.63 16.36 -6.28
N ASP D 150 -5.57 16.24 -7.23
CA ASP D 150 -5.93 17.39 -8.10
C ASP D 150 -7.19 18.08 -7.55
N SER D 151 -7.47 17.91 -6.24
CA SER D 151 -8.65 18.55 -5.61
C SER D 151 -8.44 20.06 -5.50
N SER D 152 -7.24 20.56 -5.84
CA SER D 152 -6.92 22.01 -5.83
C SER D 152 -6.75 22.55 -4.40
N ILE D 153 -6.24 23.77 -4.29
CA ILE D 153 -6.03 24.41 -2.94
C ILE D 153 -7.40 24.85 -2.43
N SER D 154 -8.08 23.98 -1.68
CA SER D 154 -9.44 24.30 -1.18
C SER D 154 -9.42 25.64 -0.46
N LEU D 155 -8.50 25.82 0.49
CA LEU D 155 -8.45 27.08 1.29
C LEU D 155 -7.60 28.13 0.56
N LEU D 156 -8.03 28.59 -0.62
CA LEU D 156 -7.16 29.52 -1.40
C LEU D 156 -7.27 30.92 -0.81
N SER D 157 -7.53 31.02 0.51
CA SER D 157 -7.64 32.33 1.19
C SER D 157 -8.57 33.25 0.38
N GLN D 158 -8.13 34.48 0.07
CA GLN D 158 -8.97 35.47 -0.64
C GLN D 158 -9.36 34.94 -2.03
N SER D 159 -8.47 34.20 -2.70
CA SER D 159 -8.73 33.73 -4.08
C SER D 159 -10.01 32.88 -4.13
N GLU D 160 -10.15 31.91 -3.21
CA GLU D 160 -11.36 31.04 -3.19
C GLU D 160 -12.36 31.56 -2.15
N LYS D 161 -12.31 32.87 -1.84
CA LYS D 161 -13.21 33.42 -0.80
C LYS D 161 -14.24 34.33 -1.46
N PRO D 162 -15.54 34.03 -1.37
CA PRO D 162 -16.57 34.82 -2.06
C PRO D 162 -16.68 36.25 -1.50
N ASP D 163 -16.46 36.42 -0.20
CA ASP D 163 -16.59 37.76 0.44
C ASP D 163 -17.99 38.31 0.13
N VAL D 164 -19.03 37.50 0.33
CA VAL D 164 -20.41 37.93 0.00
C VAL D 164 -21.16 38.30 1.28
N SER D 165 -21.78 39.48 1.31
CA SER D 165 -22.60 39.88 2.49
C SER D 165 -23.63 38.79 2.78
N TYR D 166 -23.62 38.26 4.02
CA TYR D 166 -24.60 37.22 4.41
C TYR D 166 -25.98 37.55 3.84
N ASN D 167 -26.36 38.84 3.90
CA ASN D 167 -27.67 39.29 3.36
C ASN D 167 -27.65 39.14 1.84
N ASP D 168 -28.04 37.97 1.31
CA ASP D 168 -27.87 37.75 -0.15
C ASP D 168 -29.18 37.69 -0.93
N ILE D 169 -29.32 38.50 -1.99
CA ILE D 169 -30.50 38.45 -2.91
C ILE D 169 -31.79 38.15 -2.14
N GLY D 170 -32.27 39.10 -1.33
CA GLY D 170 -33.54 38.92 -0.58
C GLY D 170 -33.28 38.64 0.88
N GLY D 171 -34.32 38.71 1.72
CA GLY D 171 -34.06 38.54 3.16
C GLY D 171 -33.69 37.11 3.50
N CYS D 172 -34.42 36.13 2.95
CA CYS D 172 -34.12 34.70 3.21
C CYS D 172 -33.84 34.50 4.70
N ASP D 173 -34.71 35.05 5.56
CA ASP D 173 -34.43 35.00 7.02
C ASP D 173 -34.69 33.58 7.52
N ILE D 174 -35.62 32.86 6.88
CA ILE D 174 -35.87 31.43 7.23
C ILE D 174 -35.82 30.64 5.92
N GLN D 175 -35.68 31.35 4.79
CA GLN D 175 -35.62 30.70 3.46
C GLN D 175 -34.44 29.73 3.44
N LYS D 176 -33.28 30.16 3.94
CA LYS D 176 -32.10 29.27 3.99
C LYS D 176 -31.22 29.66 5.19
N GLN D 177 -31.58 30.74 5.88
CA GLN D 177 -30.73 31.23 6.99
C GLN D 177 -30.72 30.20 8.12
N GLU D 178 -31.89 29.68 8.50
CA GLU D 178 -31.99 28.72 9.63
C GLU D 178 -31.20 27.45 9.31
N ILE D 179 -31.28 26.96 8.07
CA ILE D 179 -30.54 25.73 7.66
C ILE D 179 -29.04 26.02 7.80
N ARG D 180 -28.60 27.18 7.33
CA ARG D 180 -27.16 27.52 7.40
C ARG D 180 -26.75 27.58 8.88
N GLU D 181 -27.62 28.13 9.73
CA GLU D 181 -27.31 28.28 11.17
C GLU D 181 -27.18 26.89 11.78
N ALA D 182 -28.06 25.96 11.41
CA ALA D 182 -27.99 24.57 11.91
C ALA D 182 -26.66 23.95 11.47
N VAL D 183 -26.27 24.18 10.21
CA VAL D 183 -24.98 23.64 9.71
C VAL D 183 -23.84 24.21 10.57
N GLU D 184 -23.87 25.52 10.85
CA GLU D 184 -22.78 26.17 11.62
C GLU D 184 -22.77 25.63 13.06
N LEU D 185 -23.95 25.30 13.61
CA LEU D 185 -24.05 24.75 14.98
C LEU D 185 -23.44 23.35 14.97
N PRO D 186 -23.70 22.53 13.94
CA PRO D 186 -23.05 21.21 13.87
C PRO D 186 -21.54 21.39 13.68
N LEU D 187 -21.12 22.49 13.02
CA LEU D 187 -19.68 22.69 12.73
C LEU D 187 -18.95 23.30 13.94
N THR D 188 -19.45 24.40 14.48
CA THR D 188 -18.70 25.09 15.58
C THR D 188 -19.13 24.67 17.00
N HIS D 189 -20.45 24.75 17.28
CA HIS D 189 -21.01 24.25 18.57
C HIS D 189 -21.14 22.72 18.51
N HIS D 190 -20.01 22.04 18.31
CA HIS D 190 -20.01 20.55 18.25
C HIS D 190 -20.49 20.01 19.59
N ASP D 191 -20.06 20.58 20.71
CA ASP D 191 -20.48 20.11 22.06
C ASP D 191 -22.01 20.17 22.15
N LEU D 192 -22.62 21.24 21.64
CA LEU D 192 -24.09 21.37 21.64
C LEU D 192 -24.73 20.30 20.75
N TYR D 193 -24.29 20.12 19.49
CA TYR D 193 -25.01 19.10 18.67
C TYR D 193 -24.65 17.69 19.15
N LYS D 194 -24.02 17.57 20.31
CA LYS D 194 -23.43 16.35 20.84
C LYS D 194 -24.08 15.95 22.16
N GLN D 195 -24.11 16.87 23.13
CA GLN D 195 -24.75 16.59 24.41
C GLN D 195 -26.25 16.33 24.26
N ILE D 196 -26.95 17.19 23.51
CA ILE D 196 -28.37 16.99 23.31
C ILE D 196 -28.67 15.61 22.73
N GLY D 197 -27.78 15.09 21.88
CA GLY D 197 -28.02 13.82 21.23
C GLY D 197 -29.02 13.93 20.11
N ILE D 198 -29.05 15.07 19.43
CA ILE D 198 -30.03 15.34 18.38
C ILE D 198 -29.49 14.92 17.02
N ASP D 199 -28.23 14.50 16.94
CA ASP D 199 -27.65 14.02 15.70
C ASP D 199 -27.90 15.02 14.58
N PRO D 200 -27.22 16.16 14.59
CA PRO D 200 -27.45 17.17 13.55
C PRO D 200 -27.38 16.55 12.16
N PRO D 201 -27.94 17.23 11.15
CA PRO D 201 -28.02 16.61 9.82
C PRO D 201 -26.64 16.27 9.28
N ARG D 202 -26.62 15.38 8.28
CA ARG D 202 -25.37 14.89 7.73
C ARG D 202 -24.78 15.87 6.72
N GLY D 203 -25.53 16.19 5.66
CA GLY D 203 -25.01 17.04 4.60
C GLY D 203 -26.10 17.91 4.03
N VAL D 204 -25.66 18.98 3.36
CA VAL D 204 -26.55 19.99 2.80
C VAL D 204 -26.51 19.88 1.28
N LEU D 205 -27.65 19.56 0.68
CA LEU D 205 -27.80 19.49 -0.76
C LEU D 205 -28.89 20.48 -1.17
N LEU D 206 -28.47 21.62 -1.73
CA LEU D 206 -29.37 22.70 -2.09
C LEU D 206 -30.29 22.25 -3.21
N TYR D 207 -31.54 22.71 -3.15
CA TYR D 207 -32.52 22.42 -4.19
C TYR D 207 -33.49 23.59 -4.29
N GLY D 208 -33.91 23.89 -5.51
CA GLY D 208 -34.82 24.99 -5.74
C GLY D 208 -34.93 25.36 -7.21
N PRO D 209 -35.81 26.31 -7.51
CA PRO D 209 -36.01 26.72 -8.90
C PRO D 209 -34.73 27.26 -9.51
N PRO D 210 -34.50 26.99 -10.79
CA PRO D 210 -33.29 27.51 -11.44
C PRO D 210 -33.23 29.03 -11.39
N GLY D 211 -32.06 29.54 -11.03
CA GLY D 211 -31.81 30.96 -11.02
C GLY D 211 -32.23 31.65 -9.74
N THR D 212 -31.82 31.09 -8.60
CA THR D 212 -31.93 31.78 -7.31
C THR D 212 -30.59 32.37 -6.91
N GLY D 213 -29.75 32.72 -7.88
CA GLY D 213 -28.34 32.88 -7.59
C GLY D 213 -27.72 31.55 -7.21
N LYS D 214 -27.72 30.58 -8.12
CA LYS D 214 -27.64 29.18 -7.74
C LYS D 214 -26.68 28.96 -6.57
N THR D 215 -25.42 29.35 -6.75
CA THR D 215 -24.44 29.18 -5.67
C THR D 215 -24.45 30.36 -4.71
N MET D 216 -25.48 31.21 -4.75
CA MET D 216 -25.44 32.43 -3.93
C MET D 216 -25.36 32.09 -2.45
N LEU D 217 -26.37 31.42 -1.91
CA LEU D 217 -26.35 31.09 -0.48
C LEU D 217 -25.13 30.26 -0.12
N ALA D 218 -24.75 29.30 -0.96
CA ALA D 218 -23.60 28.47 -0.65
C ALA D 218 -22.34 29.30 -0.49
N LYS D 219 -22.01 30.13 -1.49
CA LYS D 219 -20.84 30.99 -1.36
C LYS D 219 -20.97 31.93 -0.17
N ALA D 220 -22.21 32.29 0.17
CA ALA D 220 -22.42 33.07 1.39
C ALA D 220 -21.94 32.29 2.61
N VAL D 221 -22.27 31.01 2.69
CA VAL D 221 -21.79 30.18 3.79
C VAL D 221 -20.25 30.14 3.78
N ALA D 222 -19.65 30.08 2.60
CA ALA D 222 -18.20 30.06 2.48
C ALA D 222 -17.55 31.30 3.08
N ASN D 223 -18.26 32.43 3.11
CA ASN D 223 -17.69 33.68 3.63
C ASN D 223 -17.71 33.75 5.15
N HIS D 224 -18.89 33.68 5.76
CA HIS D 224 -19.02 33.80 7.21
C HIS D 224 -18.51 32.58 7.96
N THR D 225 -18.06 31.55 7.25
CA THR D 225 -17.64 30.31 7.88
C THR D 225 -16.15 30.37 8.24
N THR D 226 -15.80 29.65 9.31
CA THR D 226 -14.42 29.51 9.74
C THR D 226 -13.74 28.28 9.16
N ALA D 227 -14.42 27.55 8.28
CA ALA D 227 -13.91 26.30 7.72
C ALA D 227 -13.41 26.53 6.30
N ALA D 228 -12.50 25.64 5.88
CA ALA D 228 -12.01 25.67 4.51
C ALA D 228 -13.10 25.17 3.56
N PHE D 229 -13.12 25.73 2.35
CA PHE D 229 -14.18 25.47 1.39
C PHE D 229 -13.62 24.67 0.22
N ILE D 230 -14.41 23.72 -0.27
CA ILE D 230 -14.13 23.02 -1.52
C ILE D 230 -15.42 22.99 -2.33
N ARG D 231 -15.60 23.99 -3.19
CA ARG D 231 -16.82 24.12 -4.00
C ARG D 231 -16.48 23.68 -5.42
N VAL D 232 -16.64 22.40 -5.71
CA VAL D 232 -16.27 21.83 -6.99
C VAL D 232 -17.51 21.76 -7.88
N VAL D 233 -17.30 22.00 -9.16
CA VAL D 233 -18.36 21.90 -10.16
C VAL D 233 -18.56 20.43 -10.50
N GLY D 234 -19.80 19.97 -10.43
CA GLY D 234 -20.09 18.57 -10.62
C GLY D 234 -19.93 18.09 -12.04
N SER D 235 -19.21 18.87 -12.85
CA SER D 235 -18.90 18.50 -14.23
C SER D 235 -17.42 18.23 -14.43
N GLU D 236 -16.58 18.67 -13.48
CA GLU D 236 -15.15 18.45 -13.55
C GLU D 236 -14.74 17.05 -13.15
N PHE D 237 -15.68 16.22 -12.67
CA PHE D 237 -15.33 14.90 -12.18
C PHE D 237 -14.88 13.96 -13.29
N VAL D 238 -15.32 14.16 -14.52
CA VAL D 238 -14.99 13.25 -15.62
C VAL D 238 -13.68 13.76 -16.21
N GLN D 239 -12.57 13.30 -15.64
CA GLN D 239 -11.25 13.62 -16.16
C GLN D 239 -11.02 12.90 -17.49
N LYS D 240 -9.86 13.17 -18.09
CA LYS D 240 -9.53 12.54 -19.37
C LYS D 240 -9.31 11.04 -19.20
N TYR D 241 -8.38 10.66 -18.32
CA TYR D 241 -8.03 9.25 -18.15
C TYR D 241 -9.25 8.44 -17.73
N LEU D 242 -9.24 7.17 -18.12
CA LEU D 242 -10.36 6.28 -17.81
C LEU D 242 -10.40 5.96 -16.31
N GLY D 243 -11.58 6.10 -15.73
CA GLY D 243 -11.81 5.73 -14.35
C GLY D 243 -11.12 6.58 -13.31
N GLU D 244 -10.20 7.46 -13.71
CA GLU D 244 -9.51 8.30 -12.75
C GLU D 244 -10.49 9.19 -11.99
N GLY D 245 -11.67 9.43 -12.57
CA GLY D 245 -12.66 10.28 -11.96
C GLY D 245 -13.10 9.80 -10.60
N PRO D 246 -13.40 8.51 -10.48
CA PRO D 246 -13.75 7.97 -9.15
C PRO D 246 -12.63 8.14 -8.14
N ARG D 247 -11.37 7.95 -8.56
CA ARG D 247 -10.26 8.13 -7.64
C ARG D 247 -10.15 9.57 -7.18
N MET D 248 -10.30 10.52 -8.11
CA MET D 248 -10.34 11.92 -7.71
C MET D 248 -11.50 12.20 -6.74
N VAL D 249 -12.69 11.69 -7.04
CA VAL D 249 -13.84 11.90 -6.18
C VAL D 249 -13.53 11.43 -4.76
N ARG D 250 -13.00 10.22 -4.63
CA ARG D 250 -12.52 9.76 -3.33
C ARG D 250 -11.51 10.72 -2.73
N ASP D 251 -10.57 11.22 -3.54
CA ASP D 251 -9.61 12.21 -3.10
C ASP D 251 -10.27 13.49 -2.60
N VAL D 252 -11.40 13.89 -3.17
CA VAL D 252 -12.10 15.07 -2.67
C VAL D 252 -12.41 14.89 -1.18
N PHE D 253 -13.15 13.85 -0.85
CA PHE D 253 -13.51 13.60 0.55
C PHE D 253 -12.27 13.34 1.40
N ARG D 254 -11.24 12.71 0.83
CA ARG D 254 -10.02 12.46 1.59
C ARG D 254 -9.35 13.77 2.00
N LEU D 255 -9.13 14.67 1.04
CA LEU D 255 -8.52 15.95 1.35
C LEU D 255 -9.41 16.78 2.28
N ALA D 256 -10.73 16.73 2.07
CA ALA D 256 -11.63 17.43 2.97
C ALA D 256 -11.49 16.98 4.41
N LYS D 257 -11.57 15.67 4.66
CA LYS D 257 -11.38 15.16 6.01
C LYS D 257 -9.99 15.52 6.55
N GLU D 258 -8.97 15.40 5.70
CA GLU D 258 -7.60 15.60 6.15
C GLU D 258 -7.33 17.04 6.56
N ASN D 259 -7.90 18.01 5.85
CA ASN D 259 -7.43 19.39 5.97
C ASN D 259 -7.74 19.95 7.35
N ALA D 260 -9.01 20.20 7.64
CA ALA D 260 -9.39 20.84 8.90
C ALA D 260 -10.89 20.75 9.10
N PRO D 261 -11.42 21.25 10.21
CA PRO D 261 -12.88 21.30 10.35
C PRO D 261 -13.49 22.21 9.32
N ALA D 262 -13.57 21.73 8.08
CA ALA D 262 -13.94 22.55 6.94
C ALA D 262 -15.19 22.00 6.25
N ILE D 263 -15.70 22.76 5.28
CA ILE D 263 -16.90 22.39 4.54
C ILE D 263 -16.63 22.62 3.06
N ILE D 264 -17.02 21.65 2.23
CA ILE D 264 -16.80 21.69 0.79
C ILE D 264 -18.14 21.82 0.09
N PHE D 265 -18.11 22.16 -1.19
CA PHE D 265 -19.31 22.29 -2.01
C PHE D 265 -19.15 21.43 -3.26
N ILE D 266 -20.21 20.71 -3.61
CA ILE D 266 -20.25 19.92 -4.85
C ILE D 266 -21.34 20.52 -5.72
N ASP D 267 -20.96 21.49 -6.55
CA ASP D 267 -21.90 22.22 -7.38
C ASP D 267 -22.37 21.35 -8.54
N GLU D 268 -23.53 21.70 -9.07
CA GLU D 268 -24.14 20.96 -10.17
C GLU D 268 -24.13 19.46 -9.89
N VAL D 269 -24.73 19.11 -8.75
CA VAL D 269 -24.80 17.72 -8.32
C VAL D 269 -25.43 16.81 -9.36
N ASP D 270 -26.52 17.25 -9.98
CA ASP D 270 -27.15 16.44 -11.02
C ASP D 270 -26.16 16.08 -12.12
N ALA D 271 -25.16 16.93 -12.36
CA ALA D 271 -24.14 16.62 -13.35
C ALA D 271 -23.47 15.29 -13.08
N ILE D 272 -23.29 14.92 -11.82
CA ILE D 272 -22.76 13.61 -11.47
C ILE D 272 -23.88 12.81 -10.82
N ALA D 273 -24.92 13.50 -10.36
CA ALA D 273 -26.10 12.85 -9.78
C ALA D 273 -27.15 12.75 -10.87
N THR D 274 -27.19 11.60 -11.53
CA THR D 274 -28.14 11.32 -12.59
C THR D 274 -29.32 10.53 -12.03
N ALA D 275 -30.21 10.11 -12.92
CA ALA D 275 -31.37 9.31 -12.55
C ALA D 275 -31.31 7.91 -13.17
N ARG D 276 -31.10 7.82 -14.47
CA ARG D 276 -30.91 6.55 -15.14
C ARG D 276 -29.54 6.51 -15.81
N PHE D 277 -28.96 5.32 -15.87
CA PHE D 277 -27.66 5.12 -16.48
C PHE D 277 -27.82 4.16 -17.67
N ASP D 278 -26.89 4.25 -18.59
CA ASP D 278 -26.89 3.37 -19.77
C ASP D 278 -25.68 2.46 -19.65
N ALA D 279 -25.87 1.26 -19.10
CA ALA D 279 -24.74 0.38 -18.82
C ALA D 279 -24.30 -0.36 -20.08
N GLN D 280 -24.12 0.41 -21.14
CA GLN D 280 -23.44 -0.06 -22.36
C GLN D 280 -22.56 0.99 -23.00
N THR D 281 -22.70 2.26 -22.65
CA THR D 281 -21.99 3.35 -23.32
C THR D 281 -20.54 3.48 -22.85
N GLY D 282 -20.18 2.82 -21.76
CA GLY D 282 -18.83 2.96 -21.24
C GLY D 282 -18.64 4.26 -20.48
N ALA D 283 -18.75 5.39 -21.20
CA ALA D 283 -18.65 6.69 -20.55
C ALA D 283 -19.66 6.83 -19.42
N ASP D 284 -20.85 6.25 -19.56
CA ASP D 284 -21.81 6.20 -18.48
C ASP D 284 -21.39 5.26 -17.35
N ARG D 285 -20.63 4.21 -17.66
CA ARG D 285 -20.20 3.29 -16.62
C ARG D 285 -19.26 3.96 -15.62
N GLU D 286 -18.23 4.64 -16.10
CA GLU D 286 -17.30 5.31 -15.20
C GLU D 286 -17.99 6.41 -14.41
N VAL D 287 -18.92 7.13 -15.05
CA VAL D 287 -19.65 8.18 -14.33
C VAL D 287 -20.51 7.57 -13.23
N GLN D 288 -21.22 6.48 -13.52
CA GLN D 288 -22.02 5.82 -12.50
C GLN D 288 -21.16 5.28 -11.37
N ARG D 289 -19.99 4.75 -11.69
CA ARG D 289 -19.05 4.32 -10.65
C ARG D 289 -18.59 5.49 -9.78
N ILE D 290 -18.18 6.59 -10.38
CA ILE D 290 -17.78 7.77 -9.61
C ILE D 290 -18.93 8.23 -8.72
N LEU D 291 -20.16 8.15 -9.23
CA LEU D 291 -21.31 8.46 -8.40
C LEU D 291 -21.41 7.49 -7.24
N MET D 292 -21.20 6.19 -7.49
CA MET D 292 -21.00 5.23 -6.42
C MET D 292 -19.77 5.57 -5.58
N GLU D 293 -18.73 6.14 -6.21
CA GLU D 293 -17.59 6.63 -5.45
C GLU D 293 -18.02 7.66 -4.42
N LEU D 294 -18.74 8.69 -4.86
CA LEU D 294 -19.27 9.68 -3.93
C LEU D 294 -20.24 9.05 -2.92
N LEU D 295 -21.03 8.06 -3.33
CA LEU D 295 -21.91 7.39 -2.37
C LEU D 295 -21.11 6.75 -1.25
N ASN D 296 -20.00 6.10 -1.58
CA ASN D 296 -19.14 5.51 -0.56
C ASN D 296 -18.46 6.59 0.27
N GLN D 297 -17.95 7.63 -0.37
CA GLN D 297 -17.27 8.70 0.37
C GLN D 297 -18.19 9.37 1.38
N MET D 298 -19.36 9.85 0.94
CA MET D 298 -20.31 10.45 1.85
C MET D 298 -20.64 9.54 3.04
N ASP D 299 -20.90 8.26 2.80
CA ASP D 299 -21.01 7.27 3.85
C ASP D 299 -19.66 6.85 4.41
N GLY D 300 -18.57 7.48 3.94
CA GLY D 300 -17.24 7.19 4.45
C GLY D 300 -16.84 8.12 5.57
N PHE D 301 -17.82 8.77 6.19
CA PHE D 301 -17.60 9.63 7.33
C PHE D 301 -17.73 8.82 8.61
N ASP D 302 -16.86 9.14 9.59
CA ASP D 302 -16.86 8.45 10.87
C ASP D 302 -17.62 9.26 11.92
N GLN D 303 -18.26 10.35 11.50
CA GLN D 303 -19.03 11.18 12.41
C GLN D 303 -18.11 11.89 13.41
N THR D 304 -16.80 11.65 13.28
CA THR D 304 -15.83 12.29 14.15
C THR D 304 -15.10 13.44 13.46
N VAL D 305 -15.17 13.49 12.13
CA VAL D 305 -14.47 14.52 11.39
C VAL D 305 -15.37 15.74 11.20
N ASN D 306 -14.81 16.92 11.40
CA ASN D 306 -15.53 18.17 11.18
C ASN D 306 -15.57 18.49 9.69
N VAL D 307 -16.16 17.55 8.95
CA VAL D 307 -16.22 17.62 7.49
C VAL D 307 -17.69 17.55 7.09
N LYS D 308 -18.11 18.51 6.27
CA LYS D 308 -19.44 18.52 5.68
C LYS D 308 -19.37 19.30 4.38
N VAL D 309 -19.51 18.59 3.27
CA VAL D 309 -19.42 19.18 1.93
C VAL D 309 -20.83 19.21 1.37
N ILE D 310 -21.27 20.38 0.93
CA ILE D 310 -22.63 20.59 0.46
C ILE D 310 -22.63 20.48 -1.05
N MET D 311 -23.41 19.53 -1.57
CA MET D 311 -23.61 19.38 -3.00
C MET D 311 -24.87 20.14 -3.39
N ALA D 312 -24.93 20.60 -4.62
CA ALA D 312 -26.04 21.44 -5.07
C ALA D 312 -26.43 21.06 -6.49
N THR D 313 -27.74 20.90 -6.70
CA THR D 313 -28.29 20.67 -8.03
C THR D 313 -29.51 21.57 -8.20
N ASN D 314 -29.64 22.15 -9.39
CA ASN D 314 -30.71 23.08 -9.67
C ASN D 314 -32.07 22.42 -9.87
N ARG D 315 -32.10 21.18 -10.33
CA ARG D 315 -33.34 20.46 -10.58
C ARG D 315 -33.32 19.17 -9.76
N ALA D 316 -34.15 19.12 -8.73
CA ALA D 316 -34.27 17.93 -7.89
C ALA D 316 -35.09 16.83 -8.53
N ASP D 317 -35.78 17.12 -9.64
CA ASP D 317 -36.61 16.10 -10.28
C ASP D 317 -35.80 14.87 -10.64
N THR D 318 -34.61 15.05 -11.21
CA THR D 318 -33.74 13.94 -11.56
C THR D 318 -32.72 13.68 -10.45
N LEU D 319 -33.25 13.30 -9.29
CA LEU D 319 -32.43 13.06 -8.11
C LEU D 319 -32.19 11.57 -7.93
N ASP D 320 -30.93 11.19 -7.92
CA ASP D 320 -30.55 9.81 -7.69
C ASP D 320 -30.89 9.41 -6.26
N PRO D 321 -31.87 8.52 -6.06
CA PRO D 321 -32.28 8.19 -4.69
C PRO D 321 -31.17 7.60 -3.82
N ALA D 322 -30.10 7.08 -4.42
CA ALA D 322 -29.00 6.56 -3.62
C ALA D 322 -28.25 7.68 -2.91
N LEU D 323 -28.11 8.84 -3.55
CA LEU D 323 -27.39 9.96 -2.95
C LEU D 323 -28.18 10.64 -1.84
N LEU D 324 -29.51 10.73 -1.97
CA LEU D 324 -30.34 11.38 -0.98
C LEU D 324 -31.01 10.39 -0.04
N ARG D 325 -30.57 9.14 -0.05
CA ARG D 325 -31.15 8.13 0.82
C ARG D 325 -30.95 8.52 2.28
N PRO D 326 -31.82 8.06 3.18
CA PRO D 326 -31.71 8.46 4.58
C PRO D 326 -30.33 8.15 5.14
N GLY D 327 -29.79 9.10 5.91
CA GLY D 327 -28.46 9.02 6.46
C GLY D 327 -27.39 9.54 5.53
N ARG D 328 -27.73 9.79 4.27
CA ARG D 328 -26.78 10.30 3.29
C ARG D 328 -26.77 11.82 3.24
N LEU D 329 -27.94 12.45 3.20
CA LEU D 329 -28.06 13.90 3.19
C LEU D 329 -29.37 14.28 3.87
N ASP D 330 -29.28 15.06 4.94
CA ASP D 330 -30.45 15.45 5.72
C ASP D 330 -30.93 16.86 5.45
N ARG D 331 -30.44 17.51 4.39
CA ARG D 331 -30.75 18.91 4.13
C ARG D 331 -31.76 19.02 2.99
N LYS D 332 -32.93 19.56 3.30
CA LYS D 332 -33.96 19.83 2.32
C LYS D 332 -34.35 21.30 2.42
N ILE D 333 -33.78 22.12 1.54
CA ILE D 333 -33.98 23.56 1.57
C ILE D 333 -34.31 24.02 0.15
N GLU D 334 -35.60 24.19 -0.13
CA GLU D 334 -36.05 24.74 -1.39
C GLU D 334 -35.83 26.25 -1.42
N PHE D 335 -35.89 26.82 -2.62
CA PHE D 335 -35.67 28.25 -2.81
C PHE D 335 -36.82 28.83 -3.63
N PRO D 336 -37.98 29.08 -3.02
CA PRO D 336 -39.07 29.71 -3.76
C PRO D 336 -38.65 31.05 -4.35
N LEU D 337 -39.43 31.52 -5.30
CA LEU D 337 -39.16 32.80 -5.93
C LEU D 337 -39.73 33.93 -5.09
N PRO D 338 -38.91 34.90 -4.68
CA PRO D 338 -39.45 36.03 -3.91
C PRO D 338 -40.50 36.78 -4.71
N ASP D 339 -41.64 37.04 -4.07
CA ASP D 339 -42.76 37.71 -4.72
C ASP D 339 -43.04 39.07 -4.09
N ARG D 340 -43.32 39.14 -2.80
CA ARG D 340 -43.57 40.43 -2.16
C ARG D 340 -42.74 40.62 -0.89
N ARG D 341 -42.60 39.55 -0.10
CA ARG D 341 -41.84 39.66 1.15
C ARG D 341 -40.36 39.90 0.87
N GLN D 342 -39.78 39.10 -0.03
CA GLN D 342 -38.39 39.28 -0.42
C GLN D 342 -38.23 40.26 -1.57
N LYS D 343 -39.08 40.18 -2.59
CA LYS D 343 -38.99 41.10 -3.73
C LYS D 343 -38.79 42.53 -3.28
N ARG D 344 -39.43 42.93 -2.17
CA ARG D 344 -39.09 44.19 -1.55
C ARG D 344 -37.69 44.18 -0.96
N LEU D 345 -37.35 43.18 -0.15
CA LEU D 345 -36.01 43.07 0.40
C LEU D 345 -34.97 42.88 -0.70
N VAL D 346 -35.27 42.03 -1.68
CA VAL D 346 -34.33 41.80 -2.76
C VAL D 346 -34.06 43.10 -3.52
N PHE D 347 -35.12 43.84 -3.86
CA PHE D 347 -34.93 45.10 -4.57
C PHE D 347 -34.16 46.09 -3.72
N GLN D 348 -34.48 46.21 -2.44
CA GLN D 348 -33.74 47.11 -1.56
C GLN D 348 -32.26 46.78 -1.56
N VAL D 349 -31.92 45.50 -1.43
CA VAL D 349 -30.52 45.11 -1.40
C VAL D 349 -29.84 45.40 -2.73
N CYS D 350 -30.45 45.00 -3.84
CA CYS D 350 -29.82 45.17 -5.14
C CYS D 350 -29.61 46.65 -5.47
N THR D 351 -30.60 47.49 -5.16
CA THR D 351 -30.52 48.90 -5.50
C THR D 351 -29.62 49.71 -4.57
N ALA D 352 -29.08 49.08 -3.52
CA ALA D 352 -28.27 49.81 -2.55
C ALA D 352 -27.17 50.66 -3.17
N LYS D 353 -26.38 50.09 -4.09
CA LYS D 353 -25.29 50.84 -4.70
C LYS D 353 -25.74 51.68 -5.89
N MET D 354 -27.04 51.90 -6.05
CA MET D 354 -27.56 52.74 -7.11
C MET D 354 -27.73 54.17 -6.59
N ASN D 355 -27.97 55.11 -7.50
CA ASN D 355 -28.18 56.50 -7.09
C ASN D 355 -29.65 56.79 -6.82
N LEU D 356 -30.51 56.51 -7.82
CA LEU D 356 -31.96 56.70 -7.68
C LEU D 356 -32.26 58.08 -7.07
N SER D 357 -31.89 59.10 -7.85
CA SER D 357 -31.69 60.45 -7.31
C SER D 357 -32.76 60.92 -6.34
N ASP D 358 -34.00 61.11 -6.80
CA ASP D 358 -34.97 61.75 -5.92
C ASP D 358 -36.37 61.14 -5.91
N GLU D 359 -36.76 60.46 -6.99
CA GLU D 359 -38.18 60.17 -7.20
C GLU D 359 -38.49 58.72 -7.56
N VAL D 360 -37.47 57.90 -7.83
CA VAL D 360 -37.75 56.52 -8.23
C VAL D 360 -38.31 55.76 -7.04
N ASP D 361 -39.61 55.50 -7.08
CA ASP D 361 -40.26 54.74 -6.01
C ASP D 361 -39.94 53.27 -6.13
N LEU D 362 -39.22 52.74 -5.13
CA LEU D 362 -38.81 51.36 -5.13
C LEU D 362 -39.96 50.37 -5.15
N GLU D 363 -40.93 50.50 -4.24
CA GLU D 363 -42.08 49.62 -4.26
C GLU D 363 -42.96 49.87 -5.47
N ASP D 364 -42.81 51.02 -6.14
CA ASP D 364 -43.66 51.36 -7.26
C ASP D 364 -43.66 50.29 -8.35
N TYR D 365 -42.53 49.63 -8.59
CA TYR D 365 -42.48 48.52 -9.52
C TYR D 365 -42.50 47.16 -8.84
N VAL D 366 -42.20 47.13 -7.53
CA VAL D 366 -42.28 45.87 -6.79
C VAL D 366 -43.71 45.37 -6.71
N SER D 367 -44.67 46.28 -6.46
CA SER D 367 -46.05 45.86 -6.27
C SER D 367 -46.64 45.18 -7.50
N ARG D 368 -46.07 45.41 -8.68
CA ARG D 368 -46.54 44.74 -9.88
C ARG D 368 -46.44 43.24 -9.72
N PRO D 369 -47.39 42.48 -10.26
CA PRO D 369 -47.33 41.02 -10.11
C PRO D 369 -46.01 40.47 -10.61
N ASP D 370 -45.72 40.70 -11.89
CA ASP D 370 -44.38 40.59 -12.46
C ASP D 370 -43.61 39.40 -11.87
N LYS D 371 -44.19 38.21 -12.00
CA LYS D 371 -43.52 37.01 -11.53
C LYS D 371 -42.09 36.98 -12.02
N ILE D 372 -41.13 37.06 -11.11
CA ILE D 372 -39.72 37.26 -11.48
C ILE D 372 -38.83 36.22 -10.82
N SER D 373 -37.52 36.36 -11.03
CA SER D 373 -36.54 35.43 -10.50
C SER D 373 -35.48 36.23 -9.73
N ALA D 374 -34.85 35.57 -8.75
CA ALA D 374 -33.87 36.22 -7.91
C ALA D 374 -32.79 36.96 -8.69
N ALA D 375 -32.31 36.37 -9.80
CA ALA D 375 -31.45 37.10 -10.72
C ALA D 375 -32.20 38.08 -11.58
N GLU D 376 -33.51 37.88 -11.77
CA GLU D 376 -34.33 38.81 -12.53
C GLU D 376 -34.35 40.21 -11.92
N ILE D 377 -34.40 40.33 -10.60
CA ILE D 377 -34.27 41.64 -9.98
C ILE D 377 -32.90 42.23 -10.29
N THR D 378 -31.84 41.43 -10.14
CA THR D 378 -30.50 41.91 -10.47
C THR D 378 -30.39 42.26 -11.94
N ALA D 379 -31.02 41.46 -12.79
CA ALA D 379 -31.03 41.77 -14.22
C ALA D 379 -31.71 43.09 -14.52
N ILE D 380 -32.86 43.35 -13.90
CA ILE D 380 -33.54 44.63 -14.10
C ILE D 380 -32.67 45.78 -13.62
N CYS D 381 -32.07 45.61 -12.44
CA CYS D 381 -31.18 46.64 -11.91
C CYS D 381 -30.04 46.95 -12.87
N GLN D 382 -29.30 45.93 -13.30
CA GLN D 382 -28.22 46.15 -14.25
C GLN D 382 -28.71 46.78 -15.54
N GLU D 383 -29.84 46.32 -16.07
CA GLU D 383 -30.35 46.85 -17.33
C GLU D 383 -30.69 48.33 -17.21
N ALA D 384 -31.33 48.72 -16.11
CA ALA D 384 -31.52 50.14 -15.86
C ALA D 384 -30.18 50.86 -15.75
N GLY D 385 -29.20 50.25 -15.08
CA GLY D 385 -27.88 50.84 -15.04
C GLY D 385 -27.27 51.03 -16.41
N MET D 386 -27.39 50.02 -17.28
CA MET D 386 -26.85 50.14 -18.63
C MET D 386 -27.58 51.21 -19.43
N HIS D 387 -28.91 51.28 -19.29
CA HIS D 387 -29.67 52.33 -19.97
C HIS D 387 -29.23 53.71 -19.52
N ALA D 388 -29.05 53.91 -18.22
CA ALA D 388 -28.55 55.18 -17.72
C ALA D 388 -27.15 55.47 -18.22
N VAL D 389 -26.29 54.45 -18.29
CA VAL D 389 -24.96 54.64 -18.85
C VAL D 389 -25.04 55.15 -20.27
N ARG D 390 -25.90 54.55 -21.10
CA ARG D 390 -26.14 55.09 -22.42
C ARG D 390 -26.70 56.51 -22.34
N LYS D 391 -27.45 56.81 -21.30
CA LYS D 391 -28.00 58.15 -21.07
C LYS D 391 -27.10 59.02 -20.21
N ASN D 392 -26.04 58.45 -19.63
CA ASN D 392 -25.09 59.19 -18.81
C ASN D 392 -25.81 59.96 -17.69
N ARG D 393 -26.67 59.26 -16.96
CA ARG D 393 -27.35 59.81 -15.80
C ARG D 393 -26.63 59.31 -14.56
N TYR D 394 -25.89 60.20 -13.90
CA TYR D 394 -25.12 59.82 -12.72
C TYR D 394 -26.01 59.32 -11.59
N VAL D 395 -27.33 59.42 -11.75
CA VAL D 395 -28.28 58.81 -10.82
C VAL D 395 -29.32 58.08 -11.66
N ILE D 396 -29.95 57.06 -11.07
CA ILE D 396 -30.97 56.30 -11.78
C ILE D 396 -32.27 57.09 -11.79
N LEU D 397 -32.61 57.64 -12.94
CA LEU D 397 -33.84 58.40 -13.09
C LEU D 397 -35.04 57.52 -12.87
N PRO D 398 -36.10 58.04 -12.24
CA PRO D 398 -37.29 57.21 -11.97
C PRO D 398 -37.90 56.62 -13.23
N LYS D 399 -37.68 57.22 -14.39
CA LYS D 399 -38.20 56.66 -15.63
C LYS D 399 -37.43 55.42 -16.07
N ASP D 400 -36.10 55.42 -15.90
CA ASP D 400 -35.30 54.28 -16.33
C ASP D 400 -35.76 52.98 -15.64
N PHE D 401 -36.33 53.10 -14.44
CA PHE D 401 -36.94 51.94 -13.81
C PHE D 401 -38.03 51.36 -14.70
N GLU D 402 -38.76 52.22 -15.41
CA GLU D 402 -39.78 51.73 -16.33
C GLU D 402 -39.16 51.00 -17.50
N LYS D 403 -38.12 51.57 -18.12
CA LYS D 403 -37.46 50.90 -19.23
C LYS D 403 -36.85 49.58 -18.78
N GLY D 404 -36.52 49.45 -17.50
CA GLY D 404 -35.95 48.21 -17.02
C GLY D 404 -36.98 47.15 -16.70
N TYR D 405 -37.98 47.47 -15.89
CA TYR D 405 -38.94 46.47 -15.43
C TYR D 405 -39.63 45.78 -16.61
N ARG D 406 -40.07 46.56 -17.59
CA ARG D 406 -40.72 45.97 -18.76
C ARG D 406 -39.73 45.31 -19.72
N SER D 407 -38.50 45.81 -19.81
CA SER D 407 -37.50 45.19 -20.65
C SER D 407 -37.09 43.82 -20.16
N ASN D 408 -36.98 43.62 -18.84
CA ASN D 408 -36.50 42.35 -18.32
C ASN D 408 -37.63 41.35 -18.17
N VAL D 409 -38.84 41.84 -17.91
CA VAL D 409 -40.02 40.93 -17.79
C VAL D 409 -40.68 40.83 -19.18
N LYS D 410 -39.86 40.71 -20.23
CA LYS D 410 -40.40 40.61 -21.61
C LYS D 410 -40.85 39.17 -21.88
N LYS D 411 -41.99 38.78 -21.32
CA LYS D 411 -42.51 37.41 -21.51
C LYS D 411 -43.76 37.47 -22.40
N PRO D 412 -43.84 36.68 -23.50
CA PRO D 412 -45.05 36.67 -24.33
C PRO D 412 -46.11 35.73 -23.74
N ASP D 413 -46.65 36.07 -22.57
CA ASP D 413 -47.70 35.23 -21.92
C ASP D 413 -48.95 35.23 -22.78
N THR D 414 -49.35 36.40 -23.29
CA THR D 414 -50.57 36.53 -24.15
C THR D 414 -51.75 35.83 -23.46
N ASP D 415 -51.98 36.12 -22.18
CA ASP D 415 -53.08 35.48 -21.42
C ASP D 415 -54.42 36.06 -21.87
N PHE D 416 -55.31 35.22 -22.40
CA PHE D 416 -56.65 35.69 -22.86
C PHE D 416 -57.48 36.08 -21.64
N ASP D 417 -58.10 37.26 -21.69
CA ASP D 417 -58.94 37.75 -20.57
C ASP D 417 -60.29 37.01 -20.58
N PHE D 418 -60.54 36.20 -21.62
CA PHE D 418 -61.80 35.43 -21.72
C PHE D 418 -61.90 34.48 -20.52
N TYR D 419 -60.79 33.81 -20.17
CA TYR D 419 -60.77 32.87 -19.03
C TYR D 419 -61.02 33.65 -17.73
N LYS D 420 -60.56 34.90 -17.67
CA LYS D 420 -60.76 35.76 -16.47
C LYS D 420 -60.29 35.00 -15.22
N LYS E 19 56.02 41.35 -64.82
CA LYS E 19 54.68 41.92 -64.72
C LYS E 19 53.79 41.07 -63.83
N LEU E 20 52.77 41.68 -63.24
CA LEU E 20 51.84 41.00 -62.35
C LEU E 20 50.60 40.48 -63.09
N LEU E 21 50.54 40.65 -64.41
CA LEU E 21 49.38 40.19 -65.16
C LEU E 21 49.24 38.67 -65.09
N GLN E 22 50.35 37.95 -64.92
CA GLN E 22 50.31 36.50 -64.84
C GLN E 22 49.74 35.99 -63.52
N HIS E 23 49.81 36.78 -62.45
CA HIS E 23 49.25 36.36 -61.17
C HIS E 23 47.73 36.31 -61.19
N ARG E 24 47.09 37.24 -61.91
CA ARG E 24 45.64 37.23 -62.00
C ARG E 24 45.12 35.96 -62.68
N GLU E 25 45.77 35.53 -63.75
CA GLU E 25 45.35 34.30 -64.42
C GLU E 25 45.49 33.09 -63.53
N LEU E 26 46.58 33.01 -62.76
CA LEU E 26 46.79 31.88 -61.85
C LEU E 26 45.84 31.90 -60.67
N GLU E 27 45.47 33.09 -60.18
CA GLU E 27 44.56 33.17 -59.05
C GLU E 27 43.16 32.66 -59.38
N SER E 28 42.77 32.67 -60.66
CA SER E 28 41.48 32.16 -61.06
C SER E 28 41.32 30.67 -60.79
N ARG E 29 42.42 29.92 -60.75
CA ARG E 29 42.38 28.50 -60.39
C ARG E 29 42.41 28.28 -58.89
N SER E 30 43.18 29.09 -58.16
CA SER E 30 43.18 28.98 -56.70
C SER E 30 41.81 29.32 -56.12
N ARG E 31 41.15 30.34 -56.68
CA ARG E 31 39.82 30.69 -56.19
C ARG E 31 38.82 29.55 -56.43
N LYS E 32 38.87 28.93 -57.60
CA LYS E 32 38.00 27.78 -57.88
C LYS E 32 38.33 26.59 -57.00
N VAL E 33 39.61 26.35 -56.72
CA VAL E 33 40.00 25.27 -55.83
C VAL E 33 39.47 25.50 -54.42
N LYS E 34 39.58 26.74 -53.91
CA LYS E 34 39.03 27.06 -52.60
C LYS E 34 37.52 26.97 -52.55
N GLU E 35 36.82 27.44 -53.59
CA GLU E 35 35.36 27.36 -53.61
C GLU E 35 34.88 25.92 -53.66
N GLU E 36 35.55 25.08 -54.46
CA GLU E 36 35.19 23.67 -54.55
C GLU E 36 35.38 22.92 -53.23
N LEU E 37 36.29 23.37 -52.39
CA LEU E 37 36.47 22.79 -51.06
C LEU E 37 35.47 23.34 -50.06
N ARG E 38 35.21 24.66 -50.12
CA ARG E 38 34.25 25.27 -49.20
C ARG E 38 32.85 24.71 -49.42
N SER E 39 32.42 24.58 -50.68
CA SER E 39 31.10 24.02 -50.96
C SER E 39 30.99 22.58 -50.48
N ALA E 40 32.01 21.76 -50.74
CA ALA E 40 31.98 20.38 -50.28
C ALA E 40 31.93 20.30 -48.75
N LYS E 41 32.72 21.13 -48.06
CA LYS E 41 32.69 21.15 -46.61
C LYS E 41 31.34 21.58 -46.06
N LYS E 42 30.72 22.62 -46.65
CA LYS E 42 29.40 23.02 -46.22
C LYS E 42 28.37 21.93 -46.45
N ASP E 43 28.40 21.28 -47.62
CA ASP E 43 27.47 20.20 -47.91
C ASP E 43 27.64 19.03 -46.95
N TYR E 44 28.87 18.65 -46.63
CA TYR E 44 29.14 17.60 -45.66
C TYR E 44 28.72 17.97 -44.25
N THR E 45 28.97 19.21 -43.82
CA THR E 45 28.55 19.65 -42.49
C THR E 45 27.03 19.67 -42.37
N LYS E 46 26.34 20.04 -43.44
CA LYS E 46 24.88 20.04 -43.41
C LYS E 46 24.34 18.66 -43.01
N THR E 47 24.85 17.61 -43.65
CA THR E 47 24.45 16.25 -43.29
C THR E 47 24.99 15.81 -41.94
N GLU E 48 26.25 16.11 -41.62
CA GLU E 48 26.82 15.71 -40.34
C GLU E 48 26.10 16.33 -39.15
N ASP E 49 25.45 17.49 -39.33
CA ASP E 49 24.68 18.07 -38.24
C ASP E 49 23.57 17.12 -37.80
N ASP E 50 22.83 16.56 -38.76
CA ASP E 50 21.80 15.59 -38.44
C ASP E 50 22.37 14.35 -37.76
N LEU E 51 23.66 14.06 -37.96
CA LEU E 51 24.26 12.90 -37.31
C LEU E 51 24.20 13.01 -35.80
N LYS E 52 24.51 14.18 -35.25
CA LYS E 52 24.38 14.43 -33.83
C LYS E 52 22.98 14.89 -33.43
N SER E 53 22.22 15.49 -34.34
CA SER E 53 20.87 15.92 -34.02
C SER E 53 19.95 14.75 -33.68
N LEU E 54 20.01 13.65 -34.45
CA LEU E 54 19.12 12.52 -34.26
C LEU E 54 19.66 11.50 -33.27
N GLN E 55 20.54 11.91 -32.37
CA GLN E 55 21.06 11.05 -31.32
C GLN E 55 20.42 11.29 -29.97
N SER E 56 19.43 12.17 -29.87
CA SER E 56 18.82 12.46 -28.58
C SER E 56 17.47 11.75 -28.45
N VAL E 57 16.84 11.92 -27.29
CA VAL E 57 15.55 11.30 -26.99
C VAL E 57 14.66 12.35 -26.34
N GLY E 58 13.35 12.26 -26.63
CA GLY E 58 12.42 13.19 -26.07
C GLY E 58 12.11 12.91 -24.62
N GLN E 59 11.39 13.85 -23.99
CA GLN E 59 11.08 13.77 -22.58
C GLN E 59 9.56 13.79 -22.39
N ILE E 60 9.07 12.94 -21.49
CA ILE E 60 7.64 12.93 -21.19
C ILE E 60 7.28 14.19 -20.43
N ILE E 61 6.05 14.66 -20.61
CA ILE E 61 5.59 15.90 -20.01
C ILE E 61 4.46 15.59 -19.03
N GLY E 62 4.59 16.10 -17.81
CA GLY E 62 3.57 15.90 -16.80
C GLY E 62 3.15 17.17 -16.09
N GLU E 63 2.10 17.08 -15.29
CA GLU E 63 1.63 18.22 -14.51
C GLU E 63 1.81 17.89 -13.04
N VAL E 64 2.56 18.73 -12.33
CA VAL E 64 2.95 18.47 -10.95
C VAL E 64 1.72 18.50 -10.08
N LEU E 65 1.70 17.64 -9.06
CA LEU E 65 0.66 17.65 -8.03
C LEU E 65 1.11 18.41 -6.80
N ARG E 66 2.24 17.99 -6.21
CA ARG E 66 2.80 18.68 -5.05
C ARG E 66 4.16 18.07 -4.70
N PRO E 67 5.07 18.84 -4.12
CA PRO E 67 6.33 18.24 -3.65
C PRO E 67 6.24 17.76 -2.22
N LEU E 68 6.75 16.57 -1.94
CA LEU E 68 6.64 16.01 -0.60
C LEU E 68 7.84 16.37 0.26
N ASP E 69 9.04 16.30 -0.31
CA ASP E 69 10.27 16.62 0.39
C ASP E 69 10.90 17.86 -0.27
N ASP E 70 12.02 18.31 0.32
CA ASP E 70 12.75 19.42 -0.27
C ASP E 70 13.14 19.11 -1.71
N GLU E 71 13.37 17.84 -2.03
CA GLU E 71 13.65 17.40 -3.39
C GLU E 71 12.57 16.50 -3.96
N ARG E 72 11.70 15.94 -3.13
CA ARG E 72 10.70 14.99 -3.56
C ARG E 72 9.42 15.74 -3.95
N LEU E 73 8.98 15.54 -5.19
CA LEU E 73 7.75 16.10 -5.70
C LEU E 73 6.93 15.03 -6.40
N ILE E 74 5.62 15.25 -6.47
CA ILE E 74 4.70 14.31 -7.10
C ILE E 74 4.02 15.00 -8.27
N VAL E 75 4.24 14.48 -9.48
CA VAL E 75 3.68 15.04 -10.69
C VAL E 75 3.14 13.90 -11.55
N LYS E 76 1.99 14.15 -12.17
CA LYS E 76 1.36 13.17 -13.05
C LYS E 76 1.73 13.49 -14.48
N ALA E 77 2.39 12.54 -15.14
CA ALA E 77 2.81 12.74 -16.52
C ALA E 77 1.60 12.68 -17.44
N SER E 78 1.80 13.08 -18.69
CA SER E 78 0.75 13.11 -19.68
C SER E 78 0.17 11.73 -19.97
N SER E 79 0.71 10.69 -19.35
CA SER E 79 0.24 9.32 -19.59
C SER E 79 -0.79 8.88 -18.56
N GLY E 80 -0.47 8.99 -17.27
CA GLY E 80 -1.32 8.44 -16.24
C GLY E 80 -0.67 8.39 -14.88
N PRO E 81 -0.73 7.23 -14.23
CA PRO E 81 -0.20 7.09 -12.87
C PRO E 81 1.12 7.82 -12.68
N ARG E 82 1.15 8.66 -11.65
CA ARG E 82 2.26 9.58 -11.42
C ARG E 82 3.17 9.07 -10.30
N TYR E 83 4.47 9.08 -10.57
CA TYR E 83 5.47 8.78 -9.56
C TYR E 83 6.00 10.09 -8.98
N VAL E 84 6.93 9.95 -8.03
CA VAL E 84 7.59 11.10 -7.42
C VAL E 84 9.06 11.06 -7.79
N VAL E 85 9.54 12.14 -8.41
CA VAL E 85 10.92 12.24 -8.85
C VAL E 85 11.46 13.63 -8.51
N GLY E 86 12.77 13.79 -8.68
CA GLY E 86 13.44 15.03 -8.44
C GLY E 86 13.73 15.79 -9.72
N CYS E 87 14.41 16.93 -9.57
CA CYS E 87 14.76 17.79 -10.69
C CYS E 87 16.26 18.03 -10.69
N ARG E 88 16.75 18.67 -11.76
CA ARG E 88 18.15 19.03 -11.83
C ARG E 88 18.51 19.96 -10.68
N SER E 89 19.76 19.86 -10.23
CA SER E 89 20.23 20.61 -9.06
C SER E 89 20.41 22.09 -9.34
N LYS E 90 20.03 22.57 -10.54
CA LYS E 90 20.10 23.97 -10.87
C LYS E 90 18.90 24.48 -11.65
N VAL E 91 17.71 23.91 -11.43
CA VAL E 91 16.54 24.27 -12.21
C VAL E 91 15.64 25.21 -11.41
N ASP E 92 16.18 25.79 -10.34
CA ASP E 92 15.43 26.71 -9.48
C ASP E 92 14.15 26.05 -8.98
N LYS E 93 14.35 25.02 -8.15
CA LYS E 93 13.24 24.21 -7.65
C LYS E 93 12.01 25.04 -7.30
N GLU E 94 12.19 26.17 -6.63
CA GLU E 94 11.06 27.03 -6.30
C GLU E 94 10.31 27.50 -7.54
N LYS E 95 10.97 27.58 -8.69
CA LYS E 95 10.30 27.91 -9.94
C LYS E 95 9.39 26.80 -10.45
N LEU E 96 9.50 25.60 -9.89
CA LEU E 96 8.62 24.48 -10.24
C LEU E 96 7.29 24.68 -9.50
N THR E 97 6.35 25.31 -10.20
CA THR E 97 5.07 25.62 -9.59
C THR E 97 4.32 24.35 -9.23
N SER E 98 3.42 24.47 -8.26
CA SER E 98 2.60 23.33 -7.84
C SER E 98 1.53 23.08 -8.90
N GLY E 99 1.87 22.25 -9.89
CA GLY E 99 0.99 22.03 -11.02
C GLY E 99 1.64 22.50 -12.30
N THR E 100 2.93 22.80 -12.23
CA THR E 100 3.67 23.28 -13.38
C THR E 100 3.79 22.20 -14.44
N ARG E 101 4.01 22.63 -15.67
CA ARG E 101 4.20 21.73 -16.82
C ARG E 101 5.65 21.78 -17.24
N VAL E 102 6.38 20.68 -17.06
CA VAL E 102 7.79 20.58 -17.41
C VAL E 102 8.04 19.21 -17.99
N VAL E 103 9.26 19.03 -18.51
CA VAL E 103 9.68 17.76 -19.10
C VAL E 103 10.38 16.94 -18.03
N LEU E 104 10.22 15.63 -18.13
CA LEU E 104 10.85 14.68 -17.23
C LEU E 104 11.93 13.91 -17.98
N ASP E 105 12.85 13.30 -17.22
CA ASP E 105 13.91 12.50 -17.81
C ASP E 105 13.32 11.23 -18.37
N MET E 106 12.73 11.36 -19.56
CA MET E 106 11.85 10.32 -20.12
C MET E 106 12.32 8.92 -19.78
N THR E 107 13.61 8.64 -19.97
CA THR E 107 14.14 7.35 -19.56
C THR E 107 14.23 7.26 -18.05
N THR E 108 14.65 8.34 -17.40
CA THR E 108 14.80 8.38 -15.95
C THR E 108 13.54 8.85 -15.24
N LEU E 109 12.72 9.69 -15.89
CA LEU E 109 11.52 10.25 -15.29
C LEU E 109 11.88 11.20 -14.14
N THR E 110 12.69 12.21 -14.50
CA THR E 110 13.11 13.25 -13.57
C THR E 110 12.99 14.60 -14.27
N ILE E 111 12.81 15.64 -13.46
CA ILE E 111 12.54 16.98 -13.99
C ILE E 111 13.80 17.50 -14.70
N MET E 112 13.62 17.97 -15.93
CA MET E 112 14.70 18.50 -16.74
C MET E 112 14.51 19.97 -17.09
N ARG E 113 13.32 20.36 -17.53
CA ARG E 113 13.06 21.74 -17.93
C ARG E 113 11.55 21.95 -17.99
N ALA E 114 11.11 23.17 -17.68
CA ALA E 114 9.69 23.48 -17.65
C ALA E 114 9.28 24.28 -18.87
N LEU E 115 8.01 24.13 -19.25
CA LEU E 115 7.44 24.77 -20.41
C LEU E 115 6.14 25.46 -20.01
N PRO E 116 5.74 26.50 -20.75
CA PRO E 116 4.48 27.19 -20.43
C PRO E 116 3.29 26.24 -20.48
N ARG E 117 2.10 26.75 -20.20
CA ARG E 117 0.93 25.87 -20.19
C ARG E 117 0.68 25.32 -21.59
N GLU E 118 -0.31 24.44 -21.69
CA GLU E 118 -0.63 23.78 -22.94
C GLU E 118 -1.07 24.79 -23.97
N VAL E 119 -1.26 24.31 -25.20
CA VAL E 119 -1.64 25.18 -26.31
C VAL E 119 -2.88 24.65 -26.99
N ASP E 120 -3.22 23.38 -26.71
CA ASP E 120 -4.42 22.77 -27.26
C ASP E 120 -4.52 23.03 -28.76
N PRO E 121 -3.73 22.34 -29.59
CA PRO E 121 -3.68 22.67 -31.03
C PRO E 121 -5.03 23.00 -31.64
N VAL E 122 -6.10 22.40 -31.10
CA VAL E 122 -7.44 22.83 -31.48
C VAL E 122 -7.64 24.30 -31.13
N VAL E 123 -7.01 24.76 -30.06
CA VAL E 123 -7.07 26.17 -29.71
C VAL E 123 -6.49 27.04 -30.82
N TYR E 124 -5.27 26.75 -31.28
CA TYR E 124 -4.71 27.48 -32.40
C TYR E 124 -5.62 27.38 -33.62
N ASN E 125 -6.05 26.16 -33.96
CA ASN E 125 -6.97 25.93 -35.07
C ASN E 125 -8.16 26.87 -35.04
N MET E 126 -8.74 27.09 -33.86
CA MET E 126 -9.84 28.04 -33.71
C MET E 126 -9.37 29.45 -33.37
N LEU E 127 -8.06 29.70 -33.38
CA LEU E 127 -7.53 30.98 -32.93
C LEU E 127 -7.17 31.89 -34.10
N HIS E 128 -6.37 31.38 -35.03
CA HIS E 128 -5.88 32.16 -36.17
C HIS E 128 -6.46 31.61 -37.47
N GLU E 129 -7.74 31.28 -37.45
CA GLU E 129 -8.43 30.75 -38.62
C GLU E 129 -9.52 31.68 -39.14
N ASP E 130 -9.60 32.90 -38.62
CA ASP E 130 -10.62 33.84 -39.06
C ASP E 130 -9.94 35.06 -39.68
N PRO E 131 -9.76 35.11 -41.00
CA PRO E 131 -9.07 36.25 -41.60
C PRO E 131 -10.04 37.36 -42.00
N GLY E 132 -11.28 37.27 -41.54
CA GLY E 132 -12.29 38.25 -41.90
C GLY E 132 -11.84 39.65 -41.53
N ASN E 133 -12.06 40.60 -42.44
CA ASN E 133 -11.71 42.00 -42.26
C ASN E 133 -12.91 42.88 -42.55
N ILE E 134 -14.06 42.50 -42.02
CA ILE E 134 -15.30 43.22 -42.25
C ILE E 134 -15.21 44.61 -41.62
N SER E 135 -15.75 45.59 -42.33
CA SER E 135 -15.79 46.97 -41.86
C SER E 135 -17.24 47.33 -41.57
N TYR E 136 -17.44 48.15 -40.54
CA TYR E 136 -18.79 48.55 -40.16
C TYR E 136 -19.58 49.16 -41.31
N SER E 137 -18.91 49.84 -42.25
CA SER E 137 -19.61 50.31 -43.44
C SER E 137 -20.32 49.17 -44.16
N ALA E 138 -19.63 48.06 -44.39
CA ALA E 138 -20.27 46.91 -45.01
C ALA E 138 -21.50 46.46 -44.22
N VAL E 139 -21.34 46.27 -42.91
CA VAL E 139 -22.48 45.95 -42.06
C VAL E 139 -23.53 47.05 -42.22
N GLY E 140 -24.79 46.65 -42.21
CA GLY E 140 -25.88 47.60 -42.36
C GLY E 140 -27.15 47.06 -41.75
N GLY E 141 -28.18 47.90 -41.72
CA GLY E 141 -29.47 47.54 -41.18
C GLY E 141 -29.54 47.49 -39.67
N LEU E 142 -28.40 47.48 -38.98
CA LEU E 142 -28.37 47.38 -37.53
C LEU E 142 -27.49 48.46 -36.94
N SER E 143 -27.55 49.67 -37.51
CA SER E 143 -26.78 50.78 -36.97
C SER E 143 -27.06 51.03 -35.49
N ASP E 144 -28.34 51.09 -35.09
CA ASP E 144 -28.66 51.15 -33.67
C ASP E 144 -28.18 49.88 -32.97
N GLN E 145 -28.38 48.72 -33.60
CA GLN E 145 -27.83 47.49 -33.07
C GLN E 145 -26.30 47.50 -33.05
N ILE E 146 -25.68 48.11 -34.04
CA ILE E 146 -24.21 48.22 -34.04
C ILE E 146 -23.76 49.03 -32.82
N ARG E 147 -24.42 50.17 -32.56
CA ARG E 147 -24.07 50.98 -31.41
C ARG E 147 -24.31 50.23 -30.10
N GLU E 148 -25.44 49.52 -29.99
CA GLU E 148 -25.72 48.76 -28.78
C GLU E 148 -24.67 47.69 -28.55
N LEU E 149 -24.33 46.92 -29.59
CA LEU E 149 -23.30 45.90 -29.44
C LEU E 149 -21.97 46.51 -29.07
N ARG E 150 -21.59 47.62 -29.69
CA ARG E 150 -20.38 48.32 -29.26
C ARG E 150 -20.43 48.62 -27.77
N GLU E 151 -21.51 49.25 -27.31
CA GLU E 151 -21.69 49.47 -25.88
C GLU E 151 -21.82 48.15 -25.13
N SER E 152 -22.17 47.06 -25.82
CA SER E 152 -22.27 45.75 -25.19
C SER E 152 -20.93 45.12 -24.88
N ILE E 153 -19.95 45.24 -25.78
CA ILE E 153 -18.66 44.58 -25.61
C ILE E 153 -17.49 45.54 -25.53
N GLU E 154 -17.33 46.43 -26.50
CA GLU E 154 -16.18 47.31 -26.53
C GLU E 154 -16.29 48.49 -25.57
N LEU E 155 -17.51 48.98 -25.30
CA LEU E 155 -17.67 49.99 -24.26
C LEU E 155 -17.14 49.49 -22.92
N PRO E 156 -17.38 48.24 -22.51
CA PRO E 156 -16.79 47.74 -21.26
C PRO E 156 -15.27 47.84 -21.21
N LEU E 157 -14.57 47.40 -22.25
CA LEU E 157 -13.12 47.49 -22.26
C LEU E 157 -12.63 48.93 -22.40
N MET E 158 -13.49 49.84 -22.85
CA MET E 158 -13.12 51.24 -23.01
C MET E 158 -12.91 51.98 -21.70
N ASN E 159 -13.86 51.88 -20.75
CA ASN E 159 -13.75 52.54 -19.46
C ASN E 159 -14.72 51.90 -18.48
N PRO E 160 -14.50 50.62 -18.14
CA PRO E 160 -15.36 49.98 -17.14
C PRO E 160 -15.53 50.78 -15.86
N GLU E 161 -14.58 51.66 -15.54
CA GLU E 161 -14.77 52.56 -14.40
C GLU E 161 -16.03 53.40 -14.56
N LEU E 162 -16.41 53.72 -15.80
CA LEU E 162 -17.68 54.41 -16.01
C LEU E 162 -18.85 53.60 -15.48
N PHE E 163 -18.94 52.33 -15.86
CA PHE E 163 -20.02 51.48 -15.36
C PHE E 163 -19.94 51.35 -13.84
N ILE E 164 -18.73 51.20 -13.30
CA ILE E 164 -18.58 51.11 -11.85
C ILE E 164 -19.15 52.33 -11.17
N ARG E 165 -18.76 53.53 -11.62
CA ARG E 165 -19.34 54.75 -11.08
C ARG E 165 -20.85 54.76 -11.24
N VAL E 166 -21.36 54.13 -12.31
CA VAL E 166 -22.80 53.98 -12.45
C VAL E 166 -23.36 53.18 -11.27
N GLY E 167 -22.70 52.09 -10.90
CA GLY E 167 -23.11 51.30 -9.76
C GLY E 167 -23.42 49.86 -10.10
N ILE E 168 -23.22 49.48 -11.37
CA ILE E 168 -23.47 48.12 -11.83
C ILE E 168 -22.21 47.57 -12.48
N LYS E 169 -22.10 46.26 -12.49
CA LYS E 169 -20.94 45.67 -13.15
C LYS E 169 -21.10 45.74 -14.67
N PRO E 170 -20.00 45.71 -15.42
CA PRO E 170 -20.11 45.76 -16.87
C PRO E 170 -20.84 44.54 -17.40
N PRO E 171 -21.31 44.58 -18.64
CA PRO E 171 -22.05 43.42 -19.18
C PRO E 171 -21.21 42.16 -19.13
N LYS E 172 -21.86 41.06 -18.74
CA LYS E 172 -21.16 39.78 -18.64
C LYS E 172 -21.05 39.10 -20.00
N GLY E 173 -22.19 38.82 -20.62
CA GLY E 173 -22.21 38.18 -21.92
C GLY E 173 -23.55 38.40 -22.59
N VAL E 174 -23.49 38.78 -23.87
CA VAL E 174 -24.68 39.12 -24.64
C VAL E 174 -24.82 38.11 -25.78
N LEU E 175 -26.04 37.58 -25.91
CA LEU E 175 -26.38 36.63 -26.96
C LEU E 175 -27.26 37.32 -27.99
N LEU E 176 -27.02 37.01 -29.25
CA LEU E 176 -27.68 37.66 -30.37
C LEU E 176 -28.88 36.84 -30.80
N TYR E 177 -30.05 37.48 -30.81
CA TYR E 177 -31.29 36.86 -31.24
C TYR E 177 -31.68 37.38 -32.61
N GLY E 178 -31.97 36.47 -33.52
CA GLY E 178 -32.29 36.83 -34.88
C GLY E 178 -32.92 35.69 -35.66
N PRO E 179 -33.98 35.97 -36.38
CA PRO E 179 -34.64 34.94 -37.19
C PRO E 179 -33.64 34.29 -38.13
N PRO E 180 -33.89 33.04 -38.55
CA PRO E 180 -32.91 32.35 -39.40
C PRO E 180 -32.63 33.13 -40.67
N GLY E 181 -31.37 33.13 -41.08
CA GLY E 181 -30.95 33.84 -42.27
C GLY E 181 -30.89 35.34 -42.05
N THR E 182 -30.83 35.76 -40.79
CA THR E 182 -30.70 37.16 -40.45
C THR E 182 -29.29 37.71 -40.66
N GLY E 183 -28.28 36.85 -40.64
CA GLY E 183 -26.91 37.29 -40.88
C GLY E 183 -26.21 37.86 -39.67
N LYS E 184 -26.64 37.46 -38.48
CA LYS E 184 -25.98 37.92 -37.26
C LYS E 184 -24.49 37.59 -37.29
N THR E 185 -24.13 36.42 -37.82
CA THR E 185 -22.72 36.03 -37.92
C THR E 185 -21.88 37.14 -38.54
N LEU E 186 -22.44 37.87 -39.51
CA LEU E 186 -21.73 39.01 -40.08
C LEU E 186 -21.42 40.05 -39.02
N LEU E 187 -22.35 40.26 -38.08
CA LEU E 187 -22.10 41.20 -37.00
C LEU E 187 -20.83 40.85 -36.23
N ALA E 188 -20.69 39.58 -35.85
CA ALA E 188 -19.48 39.14 -35.17
C ALA E 188 -18.25 39.23 -36.07
N ARG E 189 -18.37 38.84 -37.34
CA ARG E 189 -17.23 38.95 -38.24
C ARG E 189 -16.72 40.39 -38.31
N ALA E 190 -17.64 41.36 -38.29
CA ALA E 190 -17.23 42.76 -38.27
C ALA E 190 -16.65 43.15 -36.91
N ILE E 191 -17.31 42.75 -35.83
CA ILE E 191 -16.79 43.04 -34.50
C ILE E 191 -15.36 42.55 -34.37
N ALA E 192 -15.00 41.52 -35.13
CA ALA E 192 -13.60 41.10 -35.18
C ALA E 192 -12.68 42.20 -35.67
N SER E 193 -13.22 43.34 -36.11
CA SER E 193 -12.44 44.47 -36.57
C SER E 193 -12.11 45.46 -35.46
N ASN E 194 -12.12 45.01 -34.20
CA ASN E 194 -11.72 45.86 -33.09
C ASN E 194 -10.38 45.48 -32.48
N ILE E 195 -10.02 44.19 -32.52
CA ILE E 195 -8.70 43.72 -32.10
C ILE E 195 -8.02 42.95 -33.22
N ASP E 196 -8.70 41.97 -33.79
CA ASP E 196 -8.17 41.16 -34.89
C ASP E 196 -7.15 40.16 -34.37
N ALA E 197 -6.81 40.25 -33.09
CA ALA E 197 -5.92 39.29 -32.44
C ALA E 197 -6.46 38.96 -31.06
N ASN E 198 -7.33 39.83 -30.54
CA ASN E 198 -7.94 39.66 -29.22
C ASN E 198 -9.40 39.23 -29.33
N PHE E 199 -9.70 38.37 -30.31
CA PHE E 199 -11.06 37.91 -30.55
C PHE E 199 -11.08 36.39 -30.54
N LEU E 200 -12.23 35.82 -30.19
CA LEU E 200 -12.42 34.37 -30.13
C LEU E 200 -13.76 34.04 -30.77
N LYS E 201 -13.73 33.11 -31.73
CA LYS E 201 -14.93 32.69 -32.44
C LYS E 201 -14.91 31.19 -32.64
N VAL E 202 -15.85 30.49 -32.01
CA VAL E 202 -15.97 29.05 -32.11
C VAL E 202 -17.40 28.73 -32.53
N VAL E 203 -17.55 27.88 -33.55
CA VAL E 203 -18.89 27.59 -34.09
C VAL E 203 -19.79 26.88 -33.10
N SER E 204 -19.29 26.51 -31.93
CA SER E 204 -20.07 25.86 -30.89
C SER E 204 -20.64 24.51 -31.35
N SER E 205 -20.13 23.99 -32.48
CA SER E 205 -20.52 22.67 -32.94
C SER E 205 -19.34 21.78 -33.27
N ALA E 206 -18.20 22.32 -33.67
CA ALA E 206 -16.99 21.54 -33.80
C ALA E 206 -16.34 21.25 -32.46
N ILE E 207 -16.77 21.93 -31.39
CA ILE E 207 -16.22 21.70 -30.06
C ILE E 207 -16.70 20.41 -29.43
N ILE E 208 -17.53 19.64 -30.13
CA ILE E 208 -18.05 18.36 -29.63
C ILE E 208 -17.17 17.25 -30.16
N ASP E 209 -16.97 16.22 -29.34
CA ASP E 209 -16.16 15.07 -29.71
C ASP E 209 -16.73 13.83 -29.01
N LYS E 210 -16.46 12.67 -29.58
CA LYS E 210 -16.92 11.40 -29.04
C LYS E 210 -15.95 10.79 -28.04
N TYR E 211 -14.87 11.50 -27.73
CA TYR E 211 -13.88 11.01 -26.77
C TYR E 211 -14.53 10.90 -25.38
N ILE E 212 -13.76 10.41 -24.41
CA ILE E 212 -14.29 10.21 -23.07
C ILE E 212 -14.88 11.51 -22.52
N GLY E 213 -14.05 12.55 -22.43
CA GLY E 213 -14.46 13.81 -21.85
C GLY E 213 -13.96 15.06 -22.54
N GLU E 214 -13.30 14.94 -23.70
CA GLU E 214 -12.73 16.11 -24.35
C GLU E 214 -13.77 17.18 -24.66
N SER E 215 -15.05 16.82 -24.69
CA SER E 215 -16.10 17.83 -24.87
C SER E 215 -15.96 18.95 -23.87
N ALA E 216 -15.77 18.63 -22.59
CA ALA E 216 -15.46 19.62 -21.58
C ALA E 216 -14.03 20.14 -21.69
N ARG E 217 -13.12 19.36 -22.26
CA ARG E 217 -11.75 19.83 -22.45
C ARG E 217 -11.68 21.03 -23.38
N LEU E 218 -12.45 21.02 -24.48
CA LEU E 218 -12.48 22.17 -25.37
C LEU E 218 -12.90 23.43 -24.62
N ILE E 219 -13.98 23.34 -23.84
CA ILE E 219 -14.45 24.50 -23.08
C ILE E 219 -13.38 24.94 -22.09
N ARG E 220 -12.78 23.99 -21.36
CA ARG E 220 -11.73 24.34 -20.41
C ARG E 220 -10.61 25.10 -21.08
N GLU E 221 -10.09 24.58 -22.19
CA GLU E 221 -9.07 25.25 -22.96
C GLU E 221 -9.51 26.64 -23.42
N MET E 222 -10.79 26.79 -23.79
CA MET E 222 -11.28 28.10 -24.19
C MET E 222 -11.08 29.12 -23.08
N PHE E 223 -11.70 28.87 -21.92
CA PHE E 223 -11.56 29.77 -20.79
C PHE E 223 -10.11 29.95 -20.35
N ASN E 224 -9.27 28.91 -20.49
CA ASN E 224 -7.87 29.05 -20.10
C ASN E 224 -7.14 30.01 -21.04
N TYR E 225 -7.18 29.74 -22.34
CA TYR E 225 -6.58 30.65 -23.31
C TYR E 225 -7.14 32.05 -23.18
N ALA E 226 -8.41 32.20 -22.79
CA ALA E 226 -8.96 33.53 -22.60
C ALA E 226 -8.35 34.22 -21.39
N ARG E 227 -8.27 33.53 -20.26
CA ARG E 227 -7.57 34.09 -19.10
C ARG E 227 -6.13 34.42 -19.42
N GLU E 228 -5.50 33.69 -20.34
CA GLU E 228 -4.11 33.95 -20.70
C GLU E 228 -3.90 35.35 -21.25
N HIS E 229 -4.74 35.78 -22.20
CA HIS E 229 -4.67 37.11 -22.78
C HIS E 229 -5.86 37.89 -22.25
N GLN E 230 -5.57 38.91 -21.44
CA GLN E 230 -6.64 39.65 -20.77
C GLN E 230 -7.62 40.29 -21.74
N PRO E 231 -7.22 41.25 -22.58
CA PRO E 231 -8.19 41.88 -23.47
C PRO E 231 -8.53 41.01 -24.68
N CYS E 232 -9.72 40.41 -24.66
CA CYS E 232 -10.17 39.59 -25.77
C CYS E 232 -11.61 39.16 -25.52
N ILE E 233 -12.33 38.86 -26.60
CA ILE E 233 -13.71 38.44 -26.52
C ILE E 233 -13.83 37.08 -27.20
N ILE E 234 -14.78 36.27 -26.73
CA ILE E 234 -15.05 34.96 -27.30
C ILE E 234 -16.50 34.93 -27.78
N PHE E 235 -16.69 34.80 -29.09
CA PHE E 235 -18.01 34.68 -29.69
C PHE E 235 -18.20 33.26 -30.19
N MET E 236 -19.34 32.66 -29.87
CA MET E 236 -19.60 31.25 -30.17
C MET E 236 -20.93 31.16 -30.92
N ASP E 237 -20.87 31.25 -32.24
CA ASP E 237 -22.05 31.08 -33.08
C ASP E 237 -22.59 29.67 -32.91
N GLU E 238 -23.83 29.47 -33.37
CA GLU E 238 -24.50 28.17 -33.28
C GLU E 238 -24.66 27.75 -31.81
N ILE E 239 -24.62 28.77 -30.94
CA ILE E 239 -24.77 28.53 -29.51
C ILE E 239 -26.04 27.75 -29.17
N ASP E 240 -27.04 27.75 -30.04
CA ASP E 240 -28.27 27.03 -29.77
C ASP E 240 -28.07 25.52 -29.80
N ALA E 241 -26.93 25.05 -30.29
CA ALA E 241 -26.72 23.61 -30.40
C ALA E 241 -26.32 23.02 -29.05
N ILE E 242 -25.21 23.47 -28.49
CA ILE E 242 -24.73 22.97 -27.21
C ILE E 242 -25.62 23.41 -26.05
N GLY E 243 -26.39 24.49 -26.23
CA GLY E 243 -27.25 24.98 -25.16
C GLY E 243 -28.43 24.06 -24.88
N GLY E 244 -29.31 23.90 -25.87
CA GLY E 244 -30.46 23.04 -25.71
C GLY E 244 -31.36 23.49 -24.57
N ARG E 245 -32.42 22.70 -24.35
CA ARG E 245 -33.35 22.98 -23.27
C ARG E 245 -32.96 22.18 -22.03
N ARG E 246 -32.96 20.86 -22.15
CA ARG E 246 -32.57 19.97 -21.07
C ARG E 246 -32.47 18.56 -21.64
N PHE E 247 -32.17 17.59 -20.79
CA PHE E 247 -32.10 16.19 -21.20
C PHE E 247 -33.03 15.37 -20.33
N SER E 248 -33.93 14.64 -20.97
CA SER E 248 -34.90 13.79 -20.29
C SER E 248 -34.47 12.33 -20.26
N GLU E 249 -33.15 12.08 -20.18
CA GLU E 249 -32.64 10.72 -20.16
C GLU E 249 -32.88 10.04 -21.50
N GLY E 250 -32.94 10.84 -22.56
CA GLY E 250 -33.19 10.30 -23.89
C GLY E 250 -31.98 9.71 -24.57
N THR E 251 -30.88 10.45 -24.59
CA THR E 251 -29.68 10.04 -25.31
C THR E 251 -28.53 9.78 -24.34
N SER E 252 -27.51 9.09 -24.85
CA SER E 252 -26.27 8.86 -24.12
C SER E 252 -25.25 9.96 -24.34
N ALA E 253 -25.55 10.92 -25.21
CA ALA E 253 -24.67 12.08 -25.37
C ALA E 253 -25.25 13.29 -24.65
N ASP E 254 -26.58 13.43 -24.65
CA ASP E 254 -27.25 14.44 -23.87
C ASP E 254 -26.73 14.50 -22.44
N ARG E 255 -26.44 13.35 -21.83
CA ARG E 255 -25.74 13.33 -20.55
C ARG E 255 -24.41 14.07 -20.67
N GLU E 256 -23.54 13.60 -21.56
CA GLU E 256 -22.28 14.29 -21.84
C GLU E 256 -22.49 15.67 -22.44
N ILE E 257 -23.45 15.83 -23.35
CA ILE E 257 -23.74 17.14 -23.92
C ILE E 257 -24.22 18.11 -22.85
N GLN E 258 -25.18 17.69 -22.03
CA GLN E 258 -25.64 18.53 -20.93
C GLN E 258 -24.50 18.83 -19.96
N ARG E 259 -23.62 17.87 -19.72
CA ARG E 259 -22.46 18.12 -18.86
C ARG E 259 -21.56 19.19 -19.45
N THR E 260 -21.31 19.13 -20.76
CA THR E 260 -20.54 20.18 -21.41
C THR E 260 -21.23 21.53 -21.27
N LEU E 261 -22.54 21.57 -21.46
CA LEU E 261 -23.28 22.82 -21.30
C LEU E 261 -23.13 23.38 -19.91
N MET E 262 -23.31 22.54 -18.89
CA MET E 262 -23.14 22.96 -17.51
C MET E 262 -21.72 23.42 -17.22
N GLU E 263 -20.70 22.75 -17.76
CA GLU E 263 -19.33 23.17 -17.55
C GLU E 263 -19.08 24.57 -18.12
N LEU E 264 -19.64 24.87 -19.29
CA LEU E 264 -19.57 26.24 -19.80
C LEU E 264 -20.32 27.19 -18.87
N LEU E 265 -21.50 26.77 -18.40
CA LEU E 265 -22.22 27.57 -17.41
C LEU E 265 -21.37 27.83 -16.17
N ASN E 266 -20.79 26.78 -15.59
CA ASN E 266 -19.92 26.97 -14.44
C ASN E 266 -18.77 27.92 -14.73
N GLN E 267 -17.98 27.65 -15.78
CA GLN E 267 -16.86 28.51 -16.13
C GLN E 267 -17.26 29.94 -16.43
N LEU E 268 -18.53 30.18 -16.79
CA LEU E 268 -18.98 31.54 -17.02
C LEU E 268 -18.84 32.39 -15.77
N ASP E 269 -19.57 32.05 -14.72
CA ASP E 269 -19.53 32.79 -13.46
C ASP E 269 -19.49 31.82 -12.28
N GLY E 270 -18.67 30.78 -12.40
CA GLY E 270 -18.55 29.82 -11.33
C GLY E 270 -17.39 30.09 -10.40
N PHE E 271 -17.68 30.73 -9.27
CA PHE E 271 -16.67 31.06 -8.26
C PHE E 271 -15.48 31.80 -8.87
N ASP E 272 -15.67 32.42 -10.03
CA ASP E 272 -14.60 33.14 -10.70
C ASP E 272 -15.20 33.96 -11.83
N GLN E 273 -14.77 35.22 -11.93
CA GLN E 273 -15.24 36.10 -12.99
C GLN E 273 -14.17 36.26 -14.07
N LEU E 274 -14.53 35.96 -15.31
CA LEU E 274 -13.62 36.17 -16.43
C LEU E 274 -13.61 37.65 -16.80
N GLY E 275 -12.79 38.44 -16.11
CA GLY E 275 -12.79 39.88 -16.29
C GLY E 275 -11.89 40.31 -17.42
N LYS E 276 -12.23 41.44 -18.04
CA LYS E 276 -11.52 41.97 -19.19
C LYS E 276 -11.89 41.23 -20.47
N VAL E 277 -12.87 40.33 -20.41
CA VAL E 277 -13.28 39.52 -21.55
C VAL E 277 -14.76 39.20 -21.37
N LYS E 278 -15.55 39.39 -22.42
CA LYS E 278 -16.94 39.01 -22.45
C LYS E 278 -17.22 38.19 -23.70
N MET E 279 -18.25 37.34 -23.62
CA MET E 279 -18.57 36.41 -24.70
C MET E 279 -19.93 36.76 -25.28
N ILE E 280 -20.01 36.78 -26.61
CA ILE E 280 -21.25 37.05 -27.34
C ILE E 280 -21.57 35.83 -28.18
N MET E 281 -22.78 35.31 -28.03
CA MET E 281 -23.23 34.13 -28.75
C MET E 281 -24.47 34.47 -29.57
N ALA E 282 -24.72 33.67 -30.59
CA ALA E 282 -25.87 33.87 -31.47
C ALA E 282 -26.61 32.57 -31.64
N THR E 283 -27.94 32.67 -31.72
CA THR E 283 -28.79 31.50 -31.90
C THR E 283 -30.08 31.93 -32.60
N ASN E 284 -30.50 31.12 -33.55
CA ASN E 284 -31.74 31.37 -34.29
C ASN E 284 -32.98 31.04 -33.46
N ARG E 285 -32.89 30.04 -32.58
CA ARG E 285 -34.05 29.55 -31.84
C ARG E 285 -33.87 29.89 -30.37
N PRO E 286 -34.21 31.10 -29.92
CA PRO E 286 -34.14 31.43 -28.49
C PRO E 286 -35.17 30.71 -27.62
N ASP E 287 -36.00 29.84 -28.20
CA ASP E 287 -37.01 29.14 -27.41
C ASP E 287 -36.51 27.78 -26.96
N VAL E 288 -35.48 27.26 -27.60
CA VAL E 288 -34.92 25.95 -27.24
C VAL E 288 -33.72 26.16 -26.33
N LEU E 289 -33.57 27.37 -25.80
CA LEU E 289 -32.50 27.72 -24.90
C LEU E 289 -32.82 27.21 -23.49
N ASP E 290 -31.81 26.66 -22.84
CA ASP E 290 -32.00 26.13 -21.49
C ASP E 290 -32.41 27.25 -20.54
N PRO E 291 -33.24 26.98 -19.53
CA PRO E 291 -33.63 28.04 -18.61
C PRO E 291 -32.45 28.68 -17.89
N ALA E 292 -31.36 27.94 -17.66
CA ALA E 292 -30.21 28.50 -16.97
C ALA E 292 -29.46 29.52 -17.82
N LEU E 293 -29.22 29.23 -19.09
CA LEU E 293 -28.48 30.13 -19.95
C LEU E 293 -29.13 31.50 -20.09
N LEU E 294 -30.44 31.61 -19.86
CA LEU E 294 -31.14 32.88 -19.92
C LEU E 294 -31.10 33.64 -18.60
N ARG E 295 -30.47 33.08 -17.57
CA ARG E 295 -30.41 33.76 -16.29
C ARG E 295 -29.50 34.99 -16.37
N PRO E 296 -29.66 35.95 -15.47
CA PRO E 296 -28.82 37.16 -15.53
C PRO E 296 -27.34 36.88 -15.39
N GLY E 297 -26.94 35.79 -14.74
CA GLY E 297 -25.53 35.49 -14.59
C GLY E 297 -24.87 35.00 -15.87
N ARG E 298 -25.60 34.24 -16.68
CA ARG E 298 -25.06 33.72 -17.93
C ARG E 298 -25.35 34.62 -19.12
N LEU E 299 -26.61 34.87 -19.41
CA LEU E 299 -27.02 35.80 -20.46
C LEU E 299 -27.19 37.18 -19.82
N ASP E 300 -26.31 38.12 -20.18
CA ASP E 300 -26.38 39.46 -19.61
C ASP E 300 -27.52 40.27 -20.22
N ARG E 301 -27.49 40.48 -21.53
CA ARG E 301 -28.55 41.18 -22.25
C ARG E 301 -28.79 40.50 -23.58
N LYS E 302 -30.02 40.60 -24.07
CA LYS E 302 -30.43 39.98 -25.33
C LYS E 302 -30.68 41.09 -26.34
N ILE E 303 -29.83 41.18 -27.35
CA ILE E 303 -30.01 42.12 -28.45
C ILE E 303 -30.48 41.34 -29.67
N GLU E 304 -31.70 41.63 -30.12
CA GLU E 304 -32.33 40.87 -31.18
C GLU E 304 -32.14 41.60 -32.52
N ILE E 305 -31.66 40.87 -33.52
CA ILE E 305 -31.47 41.41 -34.86
C ILE E 305 -32.67 41.01 -35.71
N PRO E 306 -33.53 41.96 -36.10
CA PRO E 306 -34.71 41.59 -36.88
C PRO E 306 -34.46 41.65 -38.38
N LEU E 307 -35.46 41.23 -39.16
CA LEU E 307 -35.31 41.30 -40.61
C LEU E 307 -35.14 42.74 -41.06
N PRO E 308 -34.43 42.99 -42.16
CA PRO E 308 -34.13 44.37 -42.54
C PRO E 308 -35.41 45.17 -42.81
N ASN E 309 -35.38 46.44 -42.41
CA ASN E 309 -36.46 47.36 -42.73
C ASN E 309 -36.27 47.91 -44.14
N GLU E 310 -37.25 48.71 -44.58
CA GLU E 310 -37.15 49.30 -45.91
C GLU E 310 -35.85 50.09 -46.08
N GLN E 311 -35.56 51.01 -45.16
CA GLN E 311 -34.28 51.68 -45.19
C GLN E 311 -33.13 50.70 -44.99
N SER E 312 -33.27 49.75 -44.07
CA SER E 312 -32.25 48.73 -43.89
C SER E 312 -32.05 47.92 -45.16
N ARG E 313 -33.16 47.53 -45.81
CA ARG E 313 -33.05 46.79 -47.06
C ARG E 313 -32.34 47.59 -48.13
N MET E 314 -32.65 48.88 -48.25
CA MET E 314 -31.96 49.72 -49.23
C MET E 314 -30.48 49.82 -48.92
N GLU E 315 -30.13 49.98 -47.63
CA GLU E 315 -28.73 50.06 -47.26
C GLU E 315 -28.01 48.76 -47.60
N ILE E 316 -28.64 47.62 -47.33
CA ILE E 316 -28.03 46.34 -47.66
C ILE E 316 -27.84 46.20 -49.16
N LEU E 317 -28.85 46.57 -49.95
CA LEU E 317 -28.71 46.52 -51.40
C LEU E 317 -27.56 47.39 -51.88
N LYS E 318 -27.46 48.61 -51.37
CA LYS E 318 -26.35 49.49 -51.73
C LYS E 318 -25.01 48.87 -51.34
N ILE E 319 -24.90 48.26 -50.16
CA ILE E 319 -23.67 47.61 -49.77
C ILE E 319 -23.31 46.53 -50.79
N HIS E 320 -24.26 45.65 -51.10
CA HIS E 320 -24.03 44.60 -52.08
C HIS E 320 -23.99 45.11 -53.51
N GLY E 321 -24.44 46.34 -53.76
CA GLY E 321 -24.45 46.88 -55.10
C GLY E 321 -23.18 47.60 -55.48
N ALA E 322 -22.03 47.09 -55.07
CA ALA E 322 -20.76 47.74 -55.35
C ALA E 322 -20.25 47.43 -56.75
N GLY E 323 -20.01 46.15 -57.04
CA GLY E 323 -19.45 45.75 -58.31
C GLY E 323 -20.48 45.36 -59.34
N ILE E 324 -21.39 46.27 -59.68
CA ILE E 324 -22.42 46.02 -60.68
C ILE E 324 -22.19 46.96 -61.85
N ALA E 325 -21.95 46.38 -63.02
CA ALA E 325 -21.84 47.17 -64.25
C ALA E 325 -23.23 47.38 -64.83
N LYS E 326 -23.79 48.56 -64.63
CA LYS E 326 -25.18 48.83 -64.94
C LYS E 326 -25.32 50.12 -65.74
N HIS E 327 -26.56 50.44 -66.08
CA HIS E 327 -26.91 51.68 -66.77
C HIS E 327 -27.59 52.62 -65.79
N GLY E 328 -27.45 53.93 -66.02
CA GLY E 328 -27.93 54.90 -65.06
C GLY E 328 -29.45 54.99 -65.01
N GLU E 329 -30.11 53.85 -64.80
CA GLU E 329 -31.56 53.80 -64.61
C GLU E 329 -31.95 52.79 -63.54
N ILE E 330 -31.03 52.40 -62.68
CA ILE E 330 -31.29 51.40 -61.65
C ILE E 330 -32.13 52.06 -60.55
N ASP E 331 -33.42 51.75 -60.52
CA ASP E 331 -34.33 52.32 -59.54
C ASP E 331 -34.45 51.36 -58.36
N TYR E 332 -33.47 51.38 -57.47
CA TYR E 332 -33.53 50.55 -56.27
C TYR E 332 -34.76 50.84 -55.42
N GLU E 333 -35.32 52.04 -55.51
CA GLU E 333 -36.52 52.36 -54.75
C GLU E 333 -37.68 51.43 -55.11
N ALA E 334 -37.88 51.20 -56.41
CA ALA E 334 -38.92 50.26 -56.82
C ALA E 334 -38.66 48.86 -56.29
N VAL E 335 -37.42 48.38 -56.42
CA VAL E 335 -37.08 47.07 -55.89
C VAL E 335 -37.25 47.05 -54.37
N VAL E 336 -36.76 48.09 -53.70
CA VAL E 336 -36.89 48.16 -52.25
C VAL E 336 -38.34 48.06 -51.82
N LYS E 337 -39.23 48.83 -52.44
CA LYS E 337 -40.66 48.67 -52.17
C LYS E 337 -41.15 47.28 -52.52
N LEU E 338 -40.53 46.64 -53.51
CA LEU E 338 -40.88 45.26 -53.85
C LEU E 338 -40.32 44.27 -52.84
N ALA E 339 -39.15 44.56 -52.28
CA ALA E 339 -38.51 43.65 -51.32
C ALA E 339 -39.23 43.74 -49.98
N GLU E 340 -40.23 42.87 -49.79
CA GLU E 340 -41.03 42.84 -48.58
C GLU E 340 -40.73 41.58 -47.80
N GLY E 341 -40.40 41.74 -46.52
CA GLY E 341 -40.11 40.60 -45.68
C GLY E 341 -38.94 39.76 -46.13
N PHE E 342 -38.06 40.31 -46.95
CA PHE E 342 -36.88 39.60 -47.39
C PHE E 342 -35.89 39.46 -46.23
N ASN E 343 -35.13 38.37 -46.26
CA ASN E 343 -34.09 38.11 -45.26
C ASN E 343 -32.82 38.85 -45.65
N GLY E 344 -31.94 39.03 -44.67
CA GLY E 344 -30.72 39.78 -44.90
C GLY E 344 -29.84 39.27 -46.02
N ALA E 345 -29.61 37.96 -46.08
CA ALA E 345 -28.84 37.38 -47.17
C ALA E 345 -29.59 37.49 -48.50
N ASP E 346 -30.92 37.58 -48.45
CA ASP E 346 -31.73 37.66 -49.65
C ASP E 346 -31.29 38.78 -50.59
N LEU E 347 -30.95 39.96 -50.05
CA LEU E 347 -30.50 41.05 -50.92
C LEU E 347 -29.25 40.68 -51.70
N ARG E 348 -28.28 40.03 -51.05
CA ARG E 348 -27.11 39.55 -51.76
C ARG E 348 -27.48 38.53 -52.83
N ASN E 349 -28.46 37.66 -52.54
CA ASN E 349 -28.90 36.70 -53.53
C ASN E 349 -29.50 37.40 -54.74
N ILE E 350 -30.28 38.45 -54.51
CA ILE E 350 -30.85 39.22 -55.61
C ILE E 350 -29.75 39.89 -56.43
N CYS E 351 -28.78 40.49 -55.74
CA CYS E 351 -27.67 41.11 -56.45
C CYS E 351 -26.91 40.10 -57.30
N THR E 352 -26.73 38.88 -56.79
CA THR E 352 -26.04 37.85 -57.55
C THR E 352 -26.86 37.41 -58.76
N GLU E 353 -28.14 37.10 -58.54
CA GLU E 353 -29.02 36.72 -59.63
C GLU E 353 -29.15 37.80 -60.70
N ALA E 354 -28.92 39.06 -60.32
CA ALA E 354 -28.88 40.12 -61.32
C ALA E 354 -27.83 39.82 -62.38
N GLY E 355 -26.61 39.46 -61.97
CA GLY E 355 -25.60 39.04 -62.92
C GLY E 355 -25.97 37.81 -63.71
N MET E 356 -26.50 36.79 -63.04
CA MET E 356 -26.94 35.58 -63.75
C MET E 356 -27.91 35.91 -64.87
N SER E 357 -28.90 36.75 -64.60
CA SER E 357 -29.77 37.25 -65.68
C SER E 357 -28.96 38.01 -66.72
N ALA E 358 -28.05 38.87 -66.27
CA ALA E 358 -27.14 39.56 -67.19
C ALA E 358 -26.21 38.60 -67.91
N ILE E 359 -25.73 37.56 -67.23
CA ILE E 359 -24.95 36.53 -67.91
C ILE E 359 -25.74 35.91 -69.05
N ARG E 360 -27.04 35.70 -68.87
CA ARG E 360 -27.92 35.34 -69.98
C ARG E 360 -28.00 36.51 -70.95
N ALA E 361 -27.96 36.19 -72.24
CA ALA E 361 -27.91 37.17 -73.32
C ALA E 361 -26.57 37.89 -73.39
N GLU E 362 -25.64 37.57 -72.49
CA GLU E 362 -24.28 38.13 -72.54
C GLU E 362 -24.29 39.65 -72.47
N ARG E 363 -25.32 40.23 -71.89
CA ARG E 363 -25.41 41.69 -71.73
C ARG E 363 -24.37 42.13 -70.71
N ASP E 364 -23.31 42.78 -71.17
CA ASP E 364 -22.23 43.18 -70.27
C ASP E 364 -22.71 44.11 -69.17
N TYR E 365 -23.50 45.12 -69.50
CA TYR E 365 -24.04 46.01 -68.49
C TYR E 365 -25.22 45.34 -67.78
N VAL E 366 -25.61 45.91 -66.64
CA VAL E 366 -26.73 45.40 -65.85
C VAL E 366 -27.85 46.42 -65.92
N ILE E 367 -29.00 46.01 -66.44
CA ILE E 367 -30.12 46.93 -66.58
C ILE E 367 -30.97 46.91 -65.32
N HIS E 368 -31.78 47.96 -65.15
CA HIS E 368 -32.72 48.01 -64.04
C HIS E 368 -33.76 46.89 -64.13
N GLU E 369 -33.91 46.29 -65.31
CA GLU E 369 -34.84 45.17 -65.46
C GLU E 369 -34.28 43.88 -64.87
N ASP E 370 -32.95 43.71 -64.89
CA ASP E 370 -32.36 42.52 -64.29
C ASP E 370 -32.67 42.40 -62.82
N PHE E 371 -32.50 43.50 -62.05
CA PHE E 371 -32.87 43.46 -60.64
C PHE E 371 -34.38 43.30 -60.47
N MET E 372 -35.16 43.93 -61.34
CA MET E 372 -36.62 43.80 -61.28
C MET E 372 -37.07 42.36 -61.49
N LYS E 373 -36.33 41.57 -62.26
CA LYS E 373 -36.69 40.17 -62.46
C LYS E 373 -36.11 39.29 -61.36
N ALA E 374 -34.91 39.62 -60.88
CA ALA E 374 -34.33 38.87 -59.79
C ALA E 374 -35.16 38.99 -58.52
N VAL E 375 -35.68 40.18 -58.23
CA VAL E 375 -36.53 40.36 -57.05
C VAL E 375 -37.79 39.51 -57.18
N ARG E 376 -38.41 39.50 -58.36
CA ARG E 376 -39.58 38.66 -58.58
C ARG E 376 -39.27 37.19 -58.41
N LYS E 377 -38.17 36.71 -58.97
CA LYS E 377 -37.77 35.31 -58.80
C LYS E 377 -37.53 34.95 -57.33
N LEU E 378 -36.83 35.82 -56.59
CA LEU E 378 -36.62 35.57 -55.17
C LEU E 378 -37.94 35.52 -54.40
N ASN E 379 -38.84 36.47 -54.68
CA ASN E 379 -40.11 36.52 -53.95
C ASN E 379 -40.92 35.24 -54.17
N GLU E 380 -40.74 34.58 -55.30
CA GLU E 380 -41.46 33.33 -55.59
C GLU E 380 -40.72 32.10 -55.12
N ALA E 381 -39.39 32.16 -55.00
CA ALA E 381 -38.63 31.00 -54.55
C ALA E 381 -38.90 30.65 -53.09
N LYS E 382 -39.05 31.66 -52.23
CA LYS E 382 -39.18 31.45 -50.79
C LYS E 382 -40.60 31.08 -50.36
N LYS E 383 -41.46 30.69 -51.31
CA LYS E 383 -42.84 30.36 -50.96
C LYS E 383 -42.91 29.14 -50.05
N LEU E 384 -41.85 28.33 -50.01
CA LEU E 384 -41.83 27.09 -49.23
C LEU E 384 -41.26 27.28 -47.83
N GLU E 385 -41.19 28.51 -47.34
CA GLU E 385 -40.59 28.78 -46.05
C GLU E 385 -41.54 28.38 -44.91
N SER E 386 -41.13 28.68 -43.68
CA SER E 386 -41.91 28.37 -42.48
C SER E 386 -42.54 29.60 -41.84
N SER E 387 -41.85 30.74 -41.88
CA SER E 387 -42.36 32.00 -41.34
C SER E 387 -42.60 31.89 -39.83
N ALA E 388 -41.51 31.61 -39.11
CA ALA E 388 -41.49 31.59 -37.65
C ALA E 388 -40.24 32.29 -37.16
N THR E 389 -40.35 33.58 -36.90
CA THR E 389 -39.18 34.42 -36.62
C THR E 389 -38.42 33.99 -35.37
N TYR E 390 -39.05 34.15 -34.20
CA TYR E 390 -38.35 33.87 -32.95
C TYR E 390 -39.26 34.06 -31.73
N SER E 391 -38.74 33.72 -30.55
CA SER E 391 -39.43 33.93 -29.29
C SER E 391 -38.39 34.01 -28.18
N ALA E 392 -38.27 35.18 -27.55
CA ALA E 392 -37.26 35.39 -26.53
C ALA E 392 -37.85 35.16 -25.13
N ASP E 393 -38.03 33.90 -24.77
CA ASP E 393 -38.59 33.55 -23.47
C ASP E 393 -37.60 32.76 -22.64
N ALA F 31 59.67 37.87 -67.60
CA ALA F 31 58.88 36.89 -66.88
C ALA F 31 59.65 36.34 -65.68
N SER F 32 59.50 37.01 -64.53
CA SER F 32 60.17 36.61 -63.30
C SER F 32 59.19 36.13 -62.23
N ARG F 33 58.08 36.83 -62.04
CA ARG F 33 57.10 36.45 -61.03
C ARG F 33 56.11 35.39 -61.53
N ILE F 34 56.21 34.98 -62.79
CA ILE F 34 55.28 33.98 -63.31
C ILE F 34 55.47 32.64 -62.61
N LEU F 35 56.71 32.29 -62.27
CA LEU F 35 56.98 31.02 -61.62
C LEU F 35 56.29 30.91 -60.25
N ASP F 36 56.34 31.95 -59.44
CA ASP F 36 55.66 31.92 -58.15
C ASP F 36 54.16 31.76 -58.30
N ASN F 37 53.55 32.47 -59.24
CA ASN F 37 52.13 32.31 -59.50
C ASN F 37 51.78 30.91 -59.99
N GLU F 38 52.59 30.33 -60.87
CA GLU F 38 52.34 28.96 -61.31
C GLU F 38 52.47 27.98 -60.16
N ILE F 39 53.47 28.14 -59.29
CA ILE F 39 53.60 27.26 -58.14
C ILE F 39 52.40 27.39 -57.22
N ARG F 40 51.94 28.62 -56.97
CA ARG F 40 50.76 28.83 -56.14
C ARG F 40 49.52 28.19 -56.76
N ILE F 41 49.35 28.31 -58.07
CA ILE F 41 48.20 27.69 -58.74
C ILE F 41 48.26 26.17 -58.62
N LEU F 42 49.45 25.59 -58.81
CA LEU F 42 49.59 24.16 -58.65
C LEU F 42 49.29 23.70 -57.23
N LYS F 43 49.76 24.45 -56.23
CA LYS F 43 49.45 24.12 -54.84
C LYS F 43 47.95 24.23 -54.57
N GLU F 44 47.30 25.25 -55.12
CA GLU F 44 45.85 25.38 -54.96
C GLU F 44 45.10 24.22 -55.60
N ASP F 45 45.53 23.80 -56.79
CA ASP F 45 44.89 22.64 -57.43
C ASP F 45 45.09 21.37 -56.62
N VAL F 46 46.30 21.17 -56.09
CA VAL F 46 46.55 20.01 -55.24
C VAL F 46 45.70 20.04 -53.99
N GLN F 47 45.55 21.21 -53.36
CA GLN F 47 44.68 21.33 -52.20
C GLN F 47 43.22 21.07 -52.55
N ARG F 48 42.78 21.53 -53.72
CA ARG F 48 41.41 21.28 -54.15
C ARG F 48 41.16 19.79 -54.37
N THR F 49 42.12 19.09 -54.97
CA THR F 49 41.95 17.64 -55.15
C THR F 49 41.80 16.94 -53.81
N THR F 50 42.65 17.28 -52.83
CA THR F 50 42.55 16.73 -51.50
C THR F 50 41.24 17.08 -50.81
N LEU F 51 40.74 18.30 -50.97
CA LEU F 51 39.46 18.68 -50.40
C LEU F 51 38.33 17.88 -51.01
N GLU F 52 38.36 17.68 -52.33
CA GLU F 52 37.34 16.85 -52.97
C GLU F 52 37.39 15.41 -52.47
N LEU F 53 38.59 14.85 -52.33
CA LEU F 53 38.73 13.52 -51.76
C LEU F 53 38.21 13.43 -50.33
N ASP F 54 38.52 14.44 -49.50
CA ASP F 54 38.03 14.45 -48.13
C ASP F 54 36.50 14.54 -48.08
N SER F 55 35.90 15.36 -48.94
CA SER F 55 34.45 15.43 -49.00
C SER F 55 33.84 14.10 -49.44
N PHE F 56 34.43 13.45 -50.44
CA PHE F 56 33.92 12.15 -50.86
C PHE F 56 34.04 11.12 -49.75
N LYS F 57 35.14 11.13 -49.00
CA LYS F 57 35.30 10.21 -47.88
C LYS F 57 34.33 10.50 -46.75
N GLU F 58 34.05 11.77 -46.48
CA GLU F 58 33.15 12.14 -45.40
C GLU F 58 31.69 11.87 -45.73
N LYS F 59 31.31 11.98 -47.00
CA LYS F 59 29.93 11.69 -47.39
C LYS F 59 29.53 10.24 -47.08
N ILE F 60 30.45 9.30 -47.20
CA ILE F 60 30.12 7.89 -46.97
C ILE F 60 29.71 7.68 -45.52
N LYS F 61 30.46 8.26 -44.58
CA LYS F 61 30.11 8.12 -43.17
C LYS F 61 28.76 8.72 -42.84
N GLU F 62 28.44 9.91 -43.37
CA GLU F 62 27.14 10.51 -43.13
C GLU F 62 26.02 9.66 -43.73
N ASN F 63 26.22 9.16 -44.95
CA ASN F 63 25.22 8.32 -45.60
C ASN F 63 24.98 7.01 -44.85
N GLN F 64 26.05 6.37 -44.35
CA GLN F 64 25.88 5.09 -43.66
C GLN F 64 24.96 5.22 -42.46
N GLU F 65 24.96 6.38 -41.80
CA GLU F 65 24.06 6.61 -40.67
C GLU F 65 22.69 7.13 -41.10
N LYS F 66 22.64 8.03 -42.09
CA LYS F 66 21.36 8.53 -42.54
C LYS F 66 20.49 7.41 -43.09
N ILE F 67 21.05 6.56 -43.96
CA ILE F 67 20.30 5.44 -44.49
C ILE F 67 20.02 4.40 -43.42
N LYS F 68 20.98 4.15 -42.52
CA LYS F 68 20.73 3.21 -41.43
C LYS F 68 19.52 3.63 -40.61
N LEU F 69 19.40 4.91 -40.32
CA LEU F 69 18.18 5.44 -39.70
C LEU F 69 16.97 5.35 -40.62
N ASN F 70 17.16 5.53 -41.93
CA ASN F 70 16.07 5.41 -42.88
C ASN F 70 15.54 3.99 -42.99
N LYS F 71 16.27 3.01 -42.46
CA LYS F 71 15.81 1.63 -42.38
C LYS F 71 14.76 1.42 -41.30
N GLN F 72 14.23 2.50 -40.73
CA GLN F 72 13.29 2.44 -39.62
C GLN F 72 11.91 2.95 -40.02
N LEU F 73 11.40 2.52 -41.16
CA LEU F 73 10.09 2.92 -41.64
C LEU F 73 9.07 2.75 -40.52
N PRO F 74 9.06 1.60 -39.85
CA PRO F 74 8.20 1.47 -38.67
C PRO F 74 8.41 2.62 -37.70
N TYR F 75 7.36 3.43 -37.51
CA TYR F 75 7.46 4.67 -36.75
C TYR F 75 6.11 4.94 -36.08
N LEU F 76 5.93 6.15 -35.58
CA LEU F 76 4.69 6.53 -34.91
C LEU F 76 4.05 7.69 -35.68
N VAL F 77 2.72 7.73 -35.67
CA VAL F 77 2.01 8.85 -36.28
C VAL F 77 1.19 9.58 -35.23
N GLY F 78 1.44 10.88 -35.10
CA GLY F 78 0.78 11.68 -34.09
C GLY F 78 0.50 13.10 -34.52
N ASN F 79 0.13 13.95 -33.56
CA ASN F 79 -0.25 15.33 -33.85
C ASN F 79 0.93 16.25 -33.57
N ILE F 80 0.75 17.53 -33.86
CA ILE F 80 1.77 18.54 -33.57
C ILE F 80 1.17 19.53 -32.57
N VAL F 81 1.89 19.77 -31.48
CA VAL F 81 1.33 20.56 -30.38
C VAL F 81 1.74 22.02 -30.49
N GLU F 82 3.03 22.30 -30.40
CA GLU F 82 3.51 23.67 -30.45
C GLU F 82 5.00 23.68 -30.72
N ILE F 83 5.51 24.85 -31.09
CA ILE F 83 6.93 25.08 -31.32
C ILE F 83 7.30 26.36 -30.57
N LEU F 84 7.94 26.22 -29.42
CA LEU F 84 8.32 27.36 -28.61
C LEU F 84 9.63 27.95 -29.15
N GLU F 85 10.21 28.89 -28.40
CA GLU F 85 11.45 29.53 -28.81
C GLU F 85 12.69 28.95 -28.16
N MET F 86 12.57 27.92 -27.32
CA MET F 86 13.73 27.30 -26.70
C MET F 86 14.63 26.66 -27.75
N LYS F 108 11.50 27.25 -31.83
CA LYS F 108 12.74 26.55 -31.51
C LYS F 108 12.48 25.36 -30.62
N CYS F 109 11.20 25.05 -30.40
CA CYS F 109 10.79 23.92 -29.59
C CYS F 109 9.94 22.98 -30.44
N VAL F 110 9.90 21.71 -30.04
CA VAL F 110 9.15 20.68 -30.75
C VAL F 110 8.18 20.03 -29.78
N VAL F 111 6.90 20.00 -30.16
CA VAL F 111 5.84 19.45 -29.33
C VAL F 111 5.00 18.52 -30.19
N LEU F 112 4.80 17.29 -29.71
CA LEU F 112 4.04 16.27 -30.41
C LEU F 112 3.52 15.23 -29.43
N LYS F 113 2.41 14.59 -29.81
CA LYS F 113 1.75 13.59 -28.98
C LYS F 113 1.61 12.31 -29.79
N THR F 114 1.91 11.18 -29.16
CA THR F 114 1.86 9.89 -29.84
C THR F 114 0.41 9.46 -30.08
N SER F 115 0.25 8.49 -30.98
CA SER F 115 -1.06 7.94 -31.29
C SER F 115 -1.56 6.96 -30.22
N THR F 116 -0.88 6.89 -29.08
CA THR F 116 -1.27 6.01 -27.99
C THR F 116 -1.61 6.76 -26.72
N ARG F 117 -2.17 7.98 -26.85
CA ARG F 117 -2.47 8.81 -25.69
C ARG F 117 -1.21 9.12 -24.89
N GLN F 118 -0.10 9.27 -25.60
CA GLN F 118 1.18 9.62 -25.00
C GLN F 118 1.74 10.86 -25.69
N THR F 119 2.16 11.83 -24.90
CA THR F 119 2.73 13.06 -25.42
C THR F 119 4.18 13.21 -24.97
N ILE F 120 5.05 13.53 -25.91
CA ILE F 120 6.47 13.70 -25.65
C ILE F 120 7.03 14.71 -26.64
N PHE F 121 7.97 15.52 -26.19
CA PHE F 121 8.56 16.58 -26.99
C PHE F 121 10.05 16.35 -27.13
N LEU F 122 10.62 16.88 -28.22
CA LEU F 122 12.05 16.81 -28.47
C LEU F 122 12.62 18.22 -28.47
N PRO F 123 13.75 18.46 -27.81
CA PRO F 123 14.34 19.81 -27.84
C PRO F 123 14.75 20.23 -29.24
N VAL F 124 14.96 19.25 -30.12
CA VAL F 124 15.32 19.49 -31.51
C VAL F 124 14.18 19.00 -32.38
N VAL F 125 13.83 19.78 -33.40
CA VAL F 125 12.67 19.44 -34.24
C VAL F 125 12.88 18.08 -34.90
N GLY F 126 13.92 17.96 -35.72
CA GLY F 126 14.18 16.71 -36.41
C GLY F 126 14.58 16.88 -37.86
N LEU F 127 14.08 16.00 -38.73
CA LEU F 127 14.43 16.06 -40.15
C LEU F 127 13.99 17.35 -40.81
N VAL F 128 12.80 17.84 -40.50
CA VAL F 128 12.25 19.06 -41.09
C VAL F 128 12.18 20.15 -40.03
N ASP F 129 12.79 21.29 -40.32
CA ASP F 129 12.83 22.40 -39.38
C ASP F 129 11.43 22.96 -39.17
N PRO F 130 11.20 23.73 -38.10
CA PRO F 130 9.84 24.20 -37.82
C PRO F 130 9.24 25.01 -38.95
N ASP F 131 10.10 25.57 -39.81
CA ASP F 131 9.61 26.26 -40.99
C ASP F 131 8.92 25.29 -41.94
N LYS F 132 9.36 24.03 -41.95
CA LYS F 132 8.73 23.00 -42.77
C LYS F 132 7.41 22.51 -42.21
N LEU F 133 7.16 22.71 -40.92
CA LEU F 133 5.98 22.16 -40.25
C LEU F 133 5.12 23.27 -39.67
N LYS F 134 3.89 22.90 -39.30
CA LYS F 134 2.91 23.83 -38.76
C LYS F 134 2.02 23.08 -37.79
N PRO F 135 1.28 23.81 -36.94
CA PRO F 135 0.44 23.13 -35.95
C PRO F 135 -0.66 22.31 -36.63
N GLY F 136 -1.10 21.26 -35.94
CA GLY F 136 -2.14 20.37 -36.43
C GLY F 136 -1.64 19.32 -37.40
N ASP F 137 -0.36 19.33 -37.75
CA ASP F 137 0.17 18.39 -38.71
C ASP F 137 0.29 16.99 -38.12
N LEU F 138 0.45 16.01 -39.01
CA LEU F 138 0.66 14.63 -38.62
C LEU F 138 1.85 14.08 -39.40
N VAL F 139 2.92 13.75 -38.68
CA VAL F 139 4.18 13.33 -39.27
C VAL F 139 4.60 12.01 -38.65
N GLY F 140 5.76 11.52 -39.05
CA GLY F 140 6.29 10.26 -38.58
C GLY F 140 7.42 10.48 -37.58
N VAL F 141 7.40 9.68 -36.52
CA VAL F 141 8.38 9.76 -35.45
C VAL F 141 8.87 8.35 -35.13
N ASN F 142 10.08 8.27 -34.58
CA ASN F 142 10.70 6.97 -34.36
C ASN F 142 10.06 6.26 -33.17
N LYS F 143 9.56 5.06 -33.42
CA LYS F 143 9.03 4.25 -32.32
C LYS F 143 10.14 3.84 -31.36
N ASP F 144 11.35 3.70 -31.88
CA ASP F 144 12.49 3.32 -31.05
C ASP F 144 13.08 4.52 -30.31
N SER F 145 13.58 5.52 -31.06
CA SER F 145 14.19 6.68 -30.44
C SER F 145 13.16 7.71 -30.01
N TYR F 146 11.89 7.52 -30.33
CA TYR F 146 10.85 8.51 -30.07
C TYR F 146 11.22 9.85 -30.71
N LEU F 147 11.77 9.77 -31.91
CA LEU F 147 12.21 10.93 -32.68
C LEU F 147 11.38 11.04 -33.95
N ILE F 148 10.83 12.22 -34.20
CA ILE F 148 10.05 12.47 -35.41
C ILE F 148 10.97 12.41 -36.62
N LEU F 149 10.82 11.37 -37.43
CA LEU F 149 11.66 11.16 -38.60
C LEU F 149 11.15 11.89 -39.84
N ASP F 150 9.90 11.65 -40.24
CA ASP F 150 9.37 12.24 -41.45
C ASP F 150 7.96 12.76 -41.24
N THR F 151 7.28 13.15 -42.31
CA THR F 151 5.94 13.73 -42.23
C THR F 151 5.02 12.97 -43.17
N LEU F 152 3.98 12.34 -42.61
CA LEU F 152 2.98 11.69 -43.43
C LEU F 152 2.18 12.74 -44.20
N PRO F 153 2.10 12.65 -45.53
CA PRO F 153 1.50 13.75 -46.30
C PRO F 153 0.07 14.08 -45.90
N SER F 154 -0.83 13.10 -46.03
CA SER F 154 -2.22 13.30 -45.64
C SER F 154 -3.03 12.02 -45.77
N GLU F 155 -4.01 11.82 -44.90
CA GLU F 155 -4.93 10.69 -45.03
C GLU F 155 -6.17 10.99 -44.19
N TYR F 156 -7.31 11.14 -44.86
CA TYR F 156 -8.58 11.29 -44.16
C TYR F 156 -9.25 9.93 -44.04
N ASP F 157 -10.31 9.85 -43.22
CA ASP F 157 -11.02 8.59 -43.05
C ASP F 157 -11.54 8.08 -44.39
N SER F 158 -11.40 6.78 -44.62
CA SER F 158 -11.84 6.19 -45.87
C SER F 158 -13.33 6.38 -46.11
N ARG F 159 -14.12 6.57 -45.03
CA ARG F 159 -15.53 6.84 -45.21
C ARG F 159 -15.76 8.03 -46.12
N VAL F 160 -15.08 9.15 -45.87
CA VAL F 160 -15.15 10.28 -46.78
C VAL F 160 -14.44 9.97 -48.09
N LYS F 161 -13.33 9.24 -48.03
CA LYS F 161 -12.56 8.94 -49.23
C LYS F 161 -13.42 8.25 -50.29
N ALA F 162 -14.40 7.45 -49.86
CA ALA F 162 -15.29 6.82 -50.82
C ALA F 162 -16.11 7.81 -51.62
N MET F 163 -16.19 9.07 -51.16
CA MET F 163 -16.99 10.07 -51.86
C MET F 163 -16.32 10.60 -53.11
N GLU F 164 -15.19 9.99 -53.52
CA GLU F 164 -14.50 10.42 -54.72
C GLU F 164 -15.03 9.68 -55.94
N VAL F 165 -15.70 10.40 -56.83
CA VAL F 165 -16.24 9.79 -58.05
C VAL F 165 -15.10 9.53 -59.02
N ASP F 166 -14.88 8.24 -59.32
CA ASP F 166 -13.77 7.85 -60.17
C ASP F 166 -14.22 6.89 -61.26
N GLU F 167 -15.50 6.53 -61.28
CA GLU F 167 -16.05 5.65 -62.30
C GLU F 167 -16.60 6.39 -63.51
N LYS F 168 -16.58 7.72 -63.52
CA LYS F 168 -17.06 8.52 -64.64
C LYS F 168 -18.44 8.06 -65.07
N PRO F 169 -19.48 8.29 -64.26
CA PRO F 169 -20.84 7.90 -64.68
C PRO F 169 -21.19 8.50 -66.04
N THR F 170 -21.39 7.64 -67.03
CA THR F 170 -21.63 8.09 -68.40
C THR F 170 -23.12 8.36 -68.59
N GLU F 171 -23.48 9.63 -68.74
CA GLU F 171 -24.86 10.04 -68.99
C GLU F 171 -24.84 11.21 -69.96
N ASP F 172 -25.78 11.20 -70.91
CA ASP F 172 -25.88 12.22 -71.92
C ASP F 172 -26.99 13.21 -71.57
N TYR F 173 -26.78 14.47 -71.93
CA TYR F 173 -27.79 15.49 -71.67
C TYR F 173 -29.11 15.18 -72.37
N SER F 174 -29.05 14.75 -73.63
CA SER F 174 -30.27 14.33 -74.32
C SER F 174 -30.94 13.15 -73.63
N ASP F 175 -30.17 12.28 -72.97
CA ASP F 175 -30.74 11.14 -72.28
C ASP F 175 -31.60 11.54 -71.08
N ILE F 176 -31.72 12.83 -70.80
CA ILE F 176 -32.57 13.34 -69.72
C ILE F 176 -33.91 13.68 -70.35
N GLY F 177 -34.98 13.08 -69.83
CA GLY F 177 -36.29 13.21 -70.44
C GLY F 177 -37.07 14.41 -69.93
N GLY F 178 -37.34 15.34 -70.84
CA GLY F 178 -38.29 16.40 -70.59
C GLY F 178 -37.87 17.44 -69.58
N LEU F 179 -36.58 17.61 -69.32
CA LEU F 179 -36.10 18.55 -68.32
C LEU F 179 -35.07 19.51 -68.89
N GLU F 180 -35.15 19.79 -70.20
CA GLU F 180 -34.19 20.70 -70.82
C GLU F 180 -34.18 22.07 -70.15
N LYS F 181 -35.33 22.58 -69.71
CA LYS F 181 -35.37 23.85 -69.00
C LYS F 181 -34.55 23.77 -67.71
N GLN F 182 -34.74 22.72 -66.93
CA GLN F 182 -33.96 22.54 -65.71
C GLN F 182 -32.48 22.40 -66.03
N ILE F 183 -32.14 21.68 -67.10
CA ILE F 183 -30.74 21.55 -67.48
C ILE F 183 -30.13 22.91 -67.78
N GLN F 184 -30.82 23.74 -68.57
CA GLN F 184 -30.32 25.06 -68.88
C GLN F 184 -30.16 25.90 -67.62
N GLU F 185 -31.17 25.85 -66.75
CA GLU F 185 -31.13 26.65 -65.52
C GLU F 185 -30.01 26.24 -64.58
N LEU F 186 -29.74 24.94 -64.43
CA LEU F 186 -28.76 24.46 -63.47
C LEU F 186 -27.34 24.47 -64.02
N VAL F 187 -27.14 23.95 -65.23
CA VAL F 187 -25.80 23.86 -65.80
C VAL F 187 -25.14 25.24 -65.82
N GLU F 188 -25.87 26.26 -66.28
CA GLU F 188 -25.34 27.62 -66.26
C GLU F 188 -25.06 28.10 -64.84
N ALA F 189 -25.69 27.51 -63.83
CA ALA F 189 -25.45 27.88 -62.45
C ALA F 189 -24.24 27.16 -61.84
N ILE F 190 -23.75 26.10 -62.48
CA ILE F 190 -22.58 25.38 -61.98
C ILE F 190 -21.52 25.34 -63.07
N VAL F 191 -21.91 24.87 -64.26
CA VAL F 191 -20.95 24.70 -65.34
C VAL F 191 -20.32 26.03 -65.74
N LEU F 192 -21.14 27.06 -65.96
CA LEU F 192 -20.60 28.34 -66.39
C LEU F 192 -19.56 28.90 -65.44
N PRO F 193 -19.81 28.97 -64.13
CA PRO F 193 -18.74 29.39 -63.21
C PRO F 193 -17.58 28.42 -63.18
N MET F 194 -17.84 27.19 -63.62
CA MET F 194 -16.83 26.13 -63.60
C MET F 194 -16.01 26.04 -64.87
N THR F 195 -16.50 26.56 -65.99
CA THR F 195 -15.77 26.51 -67.25
C THR F 195 -15.35 27.88 -67.78
N HIS F 196 -16.03 28.96 -67.38
CA HIS F 196 -15.69 30.32 -67.82
C HIS F 196 -15.70 31.23 -66.59
N LYS F 197 -14.55 31.33 -65.93
CA LYS F 197 -14.43 32.18 -64.75
C LYS F 197 -14.40 33.66 -65.12
N GLU F 198 -13.67 34.01 -66.18
CA GLU F 198 -13.54 35.41 -66.57
C GLU F 198 -14.88 36.07 -66.83
N ARG F 199 -15.87 35.31 -67.30
CA ARG F 199 -17.19 35.89 -67.54
C ARG F 199 -17.78 36.47 -66.26
N PHE F 200 -17.79 35.69 -65.17
CA PHE F 200 -18.27 36.21 -63.90
C PHE F 200 -17.32 37.24 -63.32
N GLN F 201 -16.01 37.05 -63.49
CA GLN F 201 -15.02 37.99 -62.98
C GLN F 201 -15.14 39.38 -63.60
N THR F 202 -15.61 39.48 -64.84
CA THR F 202 -15.71 40.79 -65.47
C THR F 202 -16.93 41.56 -64.97
N ILE F 203 -18.11 40.96 -65.05
CA ILE F 203 -19.33 41.63 -64.60
C ILE F 203 -19.24 41.92 -63.11
N GLY F 204 -18.91 40.92 -62.32
CA GLY F 204 -18.71 41.08 -60.89
C GLY F 204 -19.89 40.59 -60.07
N ILE F 205 -19.79 39.38 -59.54
CA ILE F 205 -20.81 38.82 -58.66
C ILE F 205 -20.23 37.58 -58.02
N ARG F 206 -20.68 37.26 -56.81
CA ARG F 206 -20.24 35.99 -56.26
C ARG F 206 -20.91 34.85 -57.01
N PRO F 207 -20.16 33.82 -57.40
CA PRO F 207 -20.76 32.70 -58.12
C PRO F 207 -21.87 32.07 -57.30
N PRO F 208 -22.98 31.72 -57.91
CA PRO F 208 -24.07 31.09 -57.15
C PRO F 208 -23.58 29.84 -56.45
N LYS F 209 -24.00 29.69 -55.20
CA LYS F 209 -23.55 28.60 -54.34
C LYS F 209 -24.78 27.88 -53.78
N GLY F 210 -24.85 26.57 -53.99
CA GLY F 210 -25.94 25.78 -53.45
C GLY F 210 -27.08 25.59 -54.42
N VAL F 211 -27.30 24.35 -54.85
CA VAL F 211 -28.42 24.00 -55.70
C VAL F 211 -29.22 22.90 -55.02
N LEU F 212 -30.49 23.21 -54.76
CA LEU F 212 -31.38 22.28 -54.06
C LEU F 212 -32.52 21.91 -55.00
N LEU F 213 -32.65 20.61 -55.27
CA LEU F 213 -33.68 20.09 -56.17
C LEU F 213 -34.70 19.29 -55.37
N TYR F 214 -35.97 19.63 -55.54
CA TYR F 214 -37.05 18.94 -54.85
C TYR F 214 -38.15 18.63 -55.85
N GLY F 215 -38.99 17.66 -55.50
CA GLY F 215 -40.08 17.27 -56.35
C GLY F 215 -40.64 15.91 -56.01
N PRO F 216 -41.42 15.34 -56.92
CA PRO F 216 -42.05 14.05 -56.65
C PRO F 216 -41.02 12.97 -56.40
N PRO F 217 -41.44 11.78 -55.97
CA PRO F 217 -40.49 10.70 -55.72
C PRO F 217 -39.64 10.34 -56.93
N GLY F 218 -40.22 10.37 -58.13
CA GLY F 218 -39.46 10.03 -59.33
C GLY F 218 -39.49 11.11 -60.38
N THR F 219 -39.78 12.34 -59.98
CA THR F 219 -39.77 13.46 -60.91
C THR F 219 -38.43 13.62 -61.61
N GLY F 220 -37.38 13.01 -61.08
CA GLY F 220 -36.07 13.06 -61.69
C GLY F 220 -35.10 14.01 -61.00
N LYS F 221 -34.26 13.45 -60.16
CA LYS F 221 -33.10 14.13 -59.59
C LYS F 221 -31.84 13.32 -59.78
N THR F 222 -31.93 12.00 -59.70
CA THR F 222 -30.78 11.15 -59.99
C THR F 222 -30.32 11.31 -61.44
N LEU F 223 -31.27 11.43 -62.37
CA LEU F 223 -30.91 11.65 -63.76
C LEU F 223 -30.14 12.97 -63.93
N MET F 224 -30.62 14.04 -63.32
CA MET F 224 -29.91 15.32 -63.43
C MET F 224 -28.53 15.23 -62.80
N ALA F 225 -28.41 14.56 -61.66
CA ALA F 225 -27.10 14.41 -61.03
C ALA F 225 -26.14 13.61 -61.90
N ARG F 226 -26.60 12.49 -62.45
CA ARG F 226 -25.76 11.69 -63.34
C ARG F 226 -25.37 12.44 -64.60
N ALA F 227 -26.26 13.30 -65.11
CA ALA F 227 -25.91 14.11 -66.28
C ALA F 227 -24.86 15.15 -65.92
N CYS F 228 -25.05 15.86 -64.81
CA CYS F 228 -24.07 16.83 -64.36
C CYS F 228 -22.71 16.19 -64.10
N ALA F 229 -22.68 14.96 -63.57
CA ALA F 229 -21.41 14.29 -63.32
C ALA F 229 -20.61 14.07 -64.59
N ALA F 230 -21.23 13.54 -65.64
CA ALA F 230 -20.55 13.33 -66.91
C ALA F 230 -20.38 14.62 -67.72
N GLN F 231 -21.06 15.69 -67.35
CA GLN F 231 -21.00 16.94 -68.11
C GLN F 231 -19.71 17.72 -67.82
N THR F 232 -19.50 18.10 -66.55
CA THR F 232 -18.37 18.94 -66.20
C THR F 232 -17.07 18.15 -66.25
N ASN F 233 -15.96 18.86 -66.49
CA ASN F 233 -14.63 18.27 -66.49
C ASN F 233 -13.94 18.49 -65.14
N ALA F 234 -14.51 17.86 -64.11
CA ALA F 234 -14.03 17.99 -62.75
C ALA F 234 -14.33 16.68 -62.00
N THR F 235 -14.24 16.74 -60.67
CA THR F 235 -14.51 15.58 -59.82
C THR F 235 -15.76 15.87 -58.99
N PHE F 236 -16.77 15.03 -59.14
CA PHE F 236 -18.03 15.19 -58.40
C PHE F 236 -17.98 14.37 -57.12
N LEU F 237 -18.54 14.94 -56.05
CA LEU F 237 -18.56 14.29 -54.75
C LEU F 237 -19.95 13.71 -54.51
N LYS F 238 -20.01 12.40 -54.29
CA LYS F 238 -21.26 11.70 -54.07
C LYS F 238 -21.42 11.37 -52.60
N LEU F 239 -22.41 12.01 -51.96
CA LEU F 239 -22.68 11.80 -50.54
C LEU F 239 -24.15 11.43 -50.37
N ALA F 240 -24.40 10.38 -49.59
CA ALA F 240 -25.75 9.93 -49.32
C ALA F 240 -26.29 10.64 -48.07
N GLY F 241 -27.54 11.08 -48.17
CA GLY F 241 -28.18 11.83 -47.12
C GLY F 241 -27.96 11.24 -45.74
N PRO F 242 -28.48 10.04 -45.51
CA PRO F 242 -28.33 9.42 -44.19
C PRO F 242 -26.94 8.84 -43.98
N GLN F 243 -26.16 8.75 -45.07
CA GLN F 243 -24.85 8.13 -45.00
C GLN F 243 -23.95 8.80 -43.96
N LEU F 244 -24.08 10.11 -43.79
CA LEU F 244 -23.20 10.86 -42.90
C LEU F 244 -23.73 10.89 -41.46
N VAL F 245 -23.60 9.76 -40.76
CA VAL F 245 -24.00 9.66 -39.36
C VAL F 245 -23.10 8.63 -38.69
N GLN F 246 -23.17 8.53 -37.37
CA GLN F 246 -22.41 7.57 -36.61
C GLN F 246 -22.88 7.54 -35.16
N MET F 247 -22.66 6.40 -34.50
CA MET F 247 -23.08 6.26 -33.12
C MET F 247 -22.24 7.12 -32.19
N PHE F 248 -21.04 7.48 -32.62
CA PHE F 248 -20.18 8.32 -31.81
C PHE F 248 -20.74 9.73 -31.71
N ILE F 249 -20.45 10.40 -30.60
CA ILE F 249 -20.94 11.75 -30.36
C ILE F 249 -20.24 12.72 -31.30
N GLY F 250 -20.97 13.19 -32.31
CA GLY F 250 -20.44 14.12 -33.28
C GLY F 250 -19.61 13.51 -34.39
N ASP F 251 -19.51 12.18 -34.45
CA ASP F 251 -18.73 11.54 -35.51
C ASP F 251 -19.20 11.98 -36.88
N GLY F 252 -20.50 12.25 -37.03
CA GLY F 252 -21.00 12.79 -38.28
C GLY F 252 -20.43 14.16 -38.60
N ALA F 253 -20.22 14.98 -37.57
CA ALA F 253 -19.58 16.27 -37.78
C ALA F 253 -18.20 16.09 -38.39
N LYS F 254 -17.40 15.16 -37.85
CA LYS F 254 -16.08 14.89 -38.42
C LYS F 254 -16.18 14.33 -39.83
N LEU F 255 -17.14 13.43 -40.07
CA LEU F 255 -17.31 12.89 -41.42
C LEU F 255 -17.70 13.97 -42.42
N VAL F 256 -18.39 15.02 -41.99
CA VAL F 256 -18.78 16.08 -42.90
C VAL F 256 -17.64 17.07 -43.09
N ARG F 257 -16.89 17.36 -42.03
CA ARG F 257 -15.71 18.20 -42.17
C ARG F 257 -14.66 17.57 -43.08
N ASP F 258 -14.38 16.27 -42.90
CA ASP F 258 -13.49 15.58 -43.83
C ASP F 258 -14.06 15.60 -45.24
N ALA F 259 -15.37 15.51 -45.39
CA ALA F 259 -15.96 15.62 -46.72
C ALA F 259 -15.65 16.96 -47.35
N PHE F 260 -15.87 18.05 -46.62
CA PHE F 260 -15.56 19.38 -47.13
C PHE F 260 -14.08 19.55 -47.44
N GLN F 261 -13.19 19.01 -46.60
CA GLN F 261 -11.77 19.07 -46.88
C GLN F 261 -11.38 18.29 -48.14
N LEU F 262 -11.85 17.06 -48.28
CA LEU F 262 -11.59 16.29 -49.48
C LEU F 262 -12.13 16.99 -50.72
N ALA F 263 -13.28 17.64 -50.59
CA ALA F 263 -13.79 18.44 -51.70
C ALA F 263 -12.89 19.61 -52.02
N LYS F 264 -12.36 20.30 -51.00
CA LYS F 264 -11.39 21.36 -51.25
C LYS F 264 -10.11 20.80 -51.87
N GLU F 265 -9.86 19.50 -51.71
CA GLU F 265 -8.66 18.90 -52.29
C GLU F 265 -8.52 19.27 -53.77
N LYS F 266 -9.52 18.92 -54.57
CA LYS F 266 -9.57 19.34 -55.96
C LYS F 266 -10.52 20.53 -56.07
N ALA F 267 -9.96 21.73 -56.27
CA ALA F 267 -10.76 22.94 -56.34
C ALA F 267 -11.89 22.78 -57.34
N PRO F 268 -11.60 22.30 -58.54
CA PRO F 268 -12.68 22.00 -59.51
C PRO F 268 -13.37 20.70 -59.13
N CYS F 269 -14.57 20.82 -58.56
CA CYS F 269 -15.29 19.64 -58.08
C CYS F 269 -16.67 20.08 -57.62
N ILE F 270 -17.60 19.12 -57.60
CA ILE F 270 -18.95 19.35 -57.11
C ILE F 270 -19.31 18.23 -56.16
N ILE F 271 -19.95 18.59 -55.04
CA ILE F 271 -20.38 17.65 -54.02
C ILE F 271 -21.90 17.65 -53.97
N PHE F 272 -22.49 16.47 -54.14
CA PHE F 272 -23.94 16.31 -54.16
C PHE F 272 -24.38 15.58 -52.91
N ILE F 273 -25.20 16.23 -52.10
CA ILE F 273 -25.75 15.65 -50.87
C ILE F 273 -27.18 15.21 -51.19
N ASP F 274 -27.33 13.98 -51.65
CA ASP F 274 -28.64 13.43 -52.02
C ASP F 274 -29.46 13.20 -50.76
N GLU F 275 -30.78 13.19 -50.92
CA GLU F 275 -31.71 12.98 -49.81
C GLU F 275 -31.35 13.88 -48.62
N ILE F 276 -31.23 15.18 -48.93
CA ILE F 276 -30.84 16.15 -47.92
C ILE F 276 -31.84 16.22 -46.78
N ASP F 277 -33.00 15.58 -46.91
CA ASP F 277 -33.97 15.53 -45.83
C ASP F 277 -33.45 14.75 -44.63
N ALA F 278 -32.47 13.87 -44.82
CA ALA F 278 -31.95 13.09 -43.70
C ALA F 278 -31.33 14.00 -42.64
N ILE F 279 -30.57 15.00 -43.05
CA ILE F 279 -29.91 15.91 -42.13
C ILE F 279 -30.67 17.22 -42.07
N GLY F 280 -31.56 17.45 -43.04
CA GLY F 280 -32.29 18.70 -43.11
C GLY F 280 -33.56 18.70 -42.28
N THR F 281 -33.73 17.68 -41.45
CA THR F 281 -34.93 17.60 -40.62
C THR F 281 -35.09 18.84 -39.76
N LYS F 282 -36.31 19.38 -39.73
CA LYS F 282 -36.58 20.56 -38.94
C LYS F 282 -36.33 20.29 -37.46
N ARG F 283 -35.67 21.24 -36.80
CA ARG F 283 -35.36 21.09 -35.39
C ARG F 283 -36.65 21.08 -34.57
N PHE F 284 -36.61 20.36 -33.45
CA PHE F 284 -37.76 20.23 -32.56
C PHE F 284 -37.37 20.64 -31.15
N ASP F 285 -38.39 20.84 -30.31
CA ASP F 285 -38.20 21.24 -28.91
C ASP F 285 -38.74 20.12 -28.03
N SER F 286 -37.83 19.31 -27.49
CA SER F 286 -38.20 18.21 -26.61
C SER F 286 -37.00 17.87 -25.74
N GLU F 287 -37.28 17.36 -24.54
CA GLU F 287 -36.24 17.05 -23.58
C GLU F 287 -35.57 15.71 -23.89
N VAL F 288 -36.37 14.66 -23.97
CA VAL F 288 -35.87 13.29 -24.10
C VAL F 288 -34.97 13.14 -25.33
N SER F 289 -35.52 13.38 -26.50
CA SER F 289 -34.87 13.02 -27.75
C SER F 289 -35.08 14.14 -28.75
N GLY F 290 -34.83 13.84 -30.03
CA GLY F 290 -34.87 14.86 -31.06
C GLY F 290 -33.70 14.78 -32.01
N ASP F 291 -32.92 13.69 -31.92
CA ASP F 291 -31.79 13.46 -32.82
C ASP F 291 -30.78 14.60 -32.71
N ARG F 292 -30.37 14.89 -31.48
CA ARG F 292 -29.39 15.96 -31.25
C ARG F 292 -28.15 15.77 -32.11
N GLU F 293 -27.70 14.52 -32.28
CA GLU F 293 -26.56 14.28 -33.16
C GLU F 293 -26.88 14.66 -34.60
N VAL F 294 -28.08 14.30 -35.09
CA VAL F 294 -28.45 14.64 -36.45
C VAL F 294 -28.50 16.15 -36.64
N GLN F 295 -29.08 16.87 -35.67
CA GLN F 295 -29.05 18.33 -35.73
C GLN F 295 -27.62 18.85 -35.72
N ARG F 296 -26.73 18.20 -34.97
CA ARG F 296 -25.32 18.61 -34.96
C ARG F 296 -24.70 18.42 -36.34
N THR F 297 -24.97 17.30 -37.00
CA THR F 297 -24.47 17.11 -38.36
C THR F 297 -25.03 18.15 -39.30
N MET F 298 -26.32 18.48 -39.18
CA MET F 298 -26.92 19.50 -40.01
C MET F 298 -26.23 20.85 -39.81
N LEU F 299 -26.01 21.23 -38.55
CA LEU F 299 -25.30 22.46 -38.24
C LEU F 299 -23.87 22.45 -38.78
N GLU F 300 -23.18 21.32 -38.70
CA GLU F 300 -21.83 21.23 -39.26
C GLU F 300 -21.85 21.43 -40.77
N LEU F 301 -22.81 20.81 -41.46
CA LEU F 301 -22.95 21.04 -42.89
C LEU F 301 -23.22 22.51 -43.19
N LEU F 302 -24.11 23.14 -42.43
CA LEU F 302 -24.40 24.55 -42.63
C LEU F 302 -23.15 25.40 -42.45
N ASN F 303 -22.39 25.14 -41.38
CA ASN F 303 -21.17 25.90 -41.14
C ASN F 303 -20.15 25.71 -42.27
N GLN F 304 -19.93 24.46 -42.67
CA GLN F 304 -18.99 24.19 -43.76
C GLN F 304 -19.46 24.76 -45.09
N LEU F 305 -20.76 25.01 -45.24
CA LEU F 305 -21.27 25.46 -46.53
C LEU F 305 -20.87 26.90 -46.84
N ASP F 306 -21.27 27.84 -45.98
CA ASP F 306 -20.99 29.25 -46.19
C ASP F 306 -21.11 30.00 -44.88
N GLY F 307 -20.40 31.12 -44.78
CA GLY F 307 -20.42 31.92 -43.57
C GLY F 307 -19.03 32.22 -43.05
N PHE F 308 -18.75 31.74 -41.83
CA PHE F 308 -17.43 31.96 -41.25
C PHE F 308 -16.40 31.03 -41.89
N SER F 309 -15.49 31.62 -42.66
CA SER F 309 -14.42 30.89 -43.33
C SER F 309 -14.98 29.91 -44.37
N SER F 310 -15.86 30.45 -45.21
CA SER F 310 -16.35 29.70 -46.35
C SER F 310 -15.37 29.83 -47.52
N ASP F 311 -15.67 29.12 -48.61
CA ASP F 311 -14.83 29.16 -49.78
C ASP F 311 -15.70 29.25 -51.03
N GLU F 312 -15.19 29.95 -52.05
CA GLU F 312 -15.81 29.98 -53.37
C GLU F 312 -14.85 29.31 -54.33
N ARG F 313 -14.91 27.99 -54.38
CA ARG F 313 -14.13 27.21 -55.34
C ARG F 313 -14.93 26.09 -56.01
N ILE F 314 -16.02 25.62 -55.42
CA ILE F 314 -16.77 24.49 -55.95
C ILE F 314 -18.26 24.77 -55.77
N LYS F 315 -19.07 23.89 -56.34
CA LYS F 315 -20.53 24.00 -56.23
C LYS F 315 -21.10 22.66 -55.78
N VAL F 316 -22.08 22.72 -54.88
CA VAL F 316 -22.73 21.53 -54.34
C VAL F 316 -24.16 21.48 -54.86
N ILE F 317 -24.56 20.32 -55.36
CA ILE F 317 -25.92 20.10 -55.86
C ILE F 317 -26.61 19.15 -54.88
N ALA F 318 -27.71 19.62 -54.29
CA ALA F 318 -28.44 18.86 -53.29
C ALA F 318 -29.78 18.40 -53.86
N ALA F 319 -30.23 17.22 -53.42
CA ALA F 319 -31.47 16.64 -53.89
C ALA F 319 -32.31 16.23 -52.69
N THR F 320 -33.46 16.87 -52.53
CA THR F 320 -34.38 16.57 -51.43
C THR F 320 -35.75 16.25 -52.01
N ASN F 321 -36.40 15.23 -51.43
CA ASN F 321 -37.68 14.76 -51.92
C ASN F 321 -38.87 15.47 -51.30
N ARG F 322 -38.75 15.99 -50.08
CA ARG F 322 -39.81 16.74 -49.43
C ARG F 322 -39.22 18.01 -48.82
N ALA F 323 -39.30 19.11 -49.56
CA ALA F 323 -38.74 20.38 -49.13
C ALA F 323 -39.37 20.90 -47.84
N ASP F 324 -40.60 20.50 -47.54
CA ASP F 324 -41.23 20.92 -46.29
C ASP F 324 -40.47 20.44 -45.07
N ILE F 325 -40.07 19.17 -45.05
CA ILE F 325 -39.33 18.64 -43.90
C ILE F 325 -37.97 19.31 -43.78
N LEU F 326 -37.49 19.93 -44.87
CA LEU F 326 -36.19 20.57 -44.86
C LEU F 326 -36.13 21.64 -43.77
N ASP F 327 -35.03 21.65 -43.03
CA ASP F 327 -34.86 22.63 -41.97
C ASP F 327 -34.83 24.04 -42.57
N PRO F 328 -35.36 25.03 -41.86
CA PRO F 328 -35.35 26.40 -42.40
C PRO F 328 -33.96 26.90 -42.74
N ALA F 329 -32.95 26.54 -41.92
CA ALA F 329 -31.59 27.01 -42.18
C ALA F 329 -31.07 26.48 -43.51
N LEU F 330 -31.41 25.23 -43.84
CA LEU F 330 -30.89 24.62 -45.07
C LEU F 330 -31.20 25.46 -46.29
N MET F 331 -32.29 26.23 -46.26
CA MET F 331 -32.64 27.14 -47.34
C MET F 331 -32.46 28.56 -46.80
N ARG F 332 -31.23 29.06 -46.83
CA ARG F 332 -30.93 30.38 -46.33
C ARG F 332 -30.01 31.15 -47.26
N SER F 333 -30.25 31.04 -48.57
CA SER F 333 -29.47 31.81 -49.54
C SER F 333 -28.01 31.37 -49.56
N GLY F 334 -27.26 31.73 -48.53
CA GLY F 334 -25.84 31.39 -48.50
C GLY F 334 -25.59 29.90 -48.61
N ARG F 335 -26.32 29.10 -47.83
CA ARG F 335 -26.15 27.66 -47.90
C ARG F 335 -26.60 27.12 -49.26
N LEU F 336 -27.78 27.54 -49.72
CA LEU F 336 -28.29 27.17 -51.03
C LEU F 336 -28.84 28.42 -51.69
N ASP F 337 -28.43 28.68 -52.93
CA ASP F 337 -28.80 29.89 -53.65
C ASP F 337 -29.97 29.65 -54.61
N ARG F 338 -29.81 28.70 -55.53
CA ARG F 338 -30.83 28.42 -56.55
C ARG F 338 -31.62 27.19 -56.13
N LYS F 339 -32.93 27.35 -55.96
CA LYS F 339 -33.84 26.26 -55.64
C LYS F 339 -34.55 25.85 -56.92
N ILE F 340 -34.27 24.64 -57.40
CA ILE F 340 -34.87 24.12 -58.62
C ILE F 340 -35.77 22.94 -58.28
N GLU F 341 -37.05 23.09 -58.56
CA GLU F 341 -38.04 22.04 -58.34
C GLU F 341 -38.37 21.37 -59.67
N PHE F 342 -38.28 20.04 -59.67
CA PHE F 342 -38.47 19.25 -60.89
C PHE F 342 -39.85 18.60 -60.88
N PRO F 343 -40.77 19.01 -61.76
CA PRO F 343 -42.09 18.38 -61.80
C PRO F 343 -42.13 17.23 -62.82
N HIS F 344 -43.25 16.51 -62.79
CA HIS F 344 -43.43 15.39 -63.70
C HIS F 344 -43.78 15.88 -65.10
N PRO F 345 -43.27 15.23 -66.14
CA PRO F 345 -43.65 15.60 -67.51
C PRO F 345 -45.15 15.47 -67.72
N THR F 346 -45.76 16.50 -68.32
CA THR F 346 -47.21 16.50 -68.47
C THR F 346 -47.66 15.73 -69.71
N GLU F 347 -47.33 16.23 -70.90
CA GLU F 347 -47.77 15.56 -72.13
C GLU F 347 -46.64 15.38 -73.13
N GLU F 348 -45.78 16.38 -73.27
CA GLU F 348 -44.72 16.31 -74.28
C GLU F 348 -43.48 15.63 -73.75
N ALA F 349 -43.01 16.04 -72.57
CA ALA F 349 -41.94 15.30 -71.93
C ALA F 349 -42.38 13.88 -71.60
N ARG F 350 -43.69 13.65 -71.48
CA ARG F 350 -44.18 12.29 -71.31
C ARG F 350 -43.85 11.42 -72.52
N ALA F 351 -43.83 12.00 -73.72
CA ALA F 351 -43.44 11.25 -74.90
C ALA F 351 -41.92 11.25 -75.08
N ARG F 352 -41.27 12.33 -74.65
CA ARG F 352 -39.82 12.36 -74.70
C ARG F 352 -39.21 11.28 -73.81
N ILE F 353 -39.83 11.02 -72.66
CA ILE F 353 -39.34 9.97 -71.76
C ILE F 353 -39.43 8.62 -72.45
N LEU F 354 -40.55 8.34 -73.11
CA LEU F 354 -40.69 7.10 -73.85
C LEU F 354 -39.68 6.99 -74.99
N GLN F 355 -39.44 8.08 -75.72
CA GLN F 355 -38.43 8.05 -76.78
C GLN F 355 -37.05 7.77 -76.21
N ILE F 356 -36.70 8.39 -75.08
CA ILE F 356 -35.37 8.22 -74.52
C ILE F 356 -35.19 6.82 -73.96
N HIS F 357 -36.03 6.43 -73.00
CA HIS F 357 -35.92 5.13 -72.35
C HIS F 357 -36.07 3.97 -73.33
N SER F 358 -36.77 4.18 -74.45
CA SER F 358 -36.85 3.18 -75.50
C SER F 358 -35.84 3.42 -76.61
N ARG F 359 -34.71 4.06 -76.30
CA ARG F 359 -33.73 4.38 -77.32
C ARG F 359 -33.19 3.12 -78.00
N LYS F 360 -32.93 2.08 -77.22
CA LYS F 360 -32.37 0.84 -77.77
C LYS F 360 -33.42 -0.24 -77.97
N MET F 361 -34.63 -0.07 -77.47
CA MET F 361 -35.68 -1.06 -77.63
C MET F 361 -36.10 -1.15 -79.09
N ASN F 362 -36.28 -2.38 -79.57
CA ASN F 362 -36.63 -2.62 -80.96
C ASN F 362 -38.12 -2.91 -81.10
N VAL F 363 -38.87 -1.98 -81.68
CA VAL F 363 -40.31 -2.12 -81.88
C VAL F 363 -40.65 -1.74 -83.31
N HIS F 364 -41.51 -2.51 -83.94
CA HIS F 364 -41.98 -2.18 -85.27
C HIS F 364 -42.73 -0.85 -85.25
N PRO F 365 -42.75 -0.13 -86.37
CA PRO F 365 -43.38 1.20 -86.39
C PRO F 365 -44.90 1.14 -86.26
N ASP F 366 -45.37 0.48 -85.20
CA ASP F 366 -46.79 0.34 -84.93
C ASP F 366 -47.14 0.80 -83.51
N VAL F 367 -46.44 1.78 -82.98
CA VAL F 367 -46.70 2.34 -81.66
C VAL F 367 -46.74 3.85 -81.77
N ASN F 368 -47.81 4.45 -81.27
CA ASN F 368 -48.00 5.90 -81.27
C ASN F 368 -47.46 6.44 -79.96
N PHE F 369 -46.22 6.94 -79.98
CA PHE F 369 -45.60 7.44 -78.75
C PHE F 369 -46.48 8.49 -78.08
N GLU F 370 -47.03 9.43 -78.86
CA GLU F 370 -47.92 10.42 -78.27
C GLU F 370 -49.17 9.78 -77.69
N GLU F 371 -49.75 8.81 -78.39
CA GLU F 371 -50.95 8.15 -77.88
C GLU F 371 -50.69 7.51 -76.53
N LEU F 372 -49.61 6.73 -76.41
CA LEU F 372 -49.24 6.18 -75.12
C LEU F 372 -48.97 7.29 -74.11
N ALA F 373 -48.40 8.41 -74.55
CA ALA F 373 -48.17 9.54 -73.66
C ALA F 373 -49.46 10.13 -73.12
N ARG F 374 -50.51 10.21 -73.94
CA ARG F 374 -51.81 10.66 -73.47
C ARG F 374 -52.52 9.61 -72.61
N SER F 375 -52.25 8.33 -72.86
CA SER F 375 -52.78 7.28 -72.00
C SER F 375 -52.05 7.19 -70.67
N THR F 376 -50.82 7.71 -70.58
CA THR F 376 -50.03 7.73 -69.36
C THR F 376 -50.24 9.08 -68.70
N ASP F 377 -51.33 9.19 -67.93
CA ASP F 377 -51.71 10.43 -67.27
C ASP F 377 -51.24 10.45 -65.82
N ASP F 378 -50.61 11.56 -65.45
CA ASP F 378 -50.09 11.76 -64.10
C ASP F 378 -49.06 10.72 -63.71
N PHE F 379 -48.36 10.15 -64.68
CA PHE F 379 -47.31 9.18 -64.41
C PHE F 379 -45.96 9.88 -64.25
N ASN F 380 -45.09 9.24 -63.47
CA ASN F 380 -43.76 9.80 -63.22
C ASN F 380 -42.78 9.33 -64.28
N GLY F 381 -41.69 10.08 -64.47
CA GLY F 381 -40.67 9.68 -65.42
C GLY F 381 -40.09 8.32 -65.15
N ALA F 382 -39.81 8.00 -63.88
CA ALA F 382 -39.35 6.66 -63.55
C ALA F 382 -40.37 5.60 -63.96
N GLN F 383 -41.63 5.79 -63.56
CA GLN F 383 -42.67 4.86 -63.98
C GLN F 383 -42.89 4.90 -65.49
N LEU F 384 -42.72 6.07 -66.10
CA LEU F 384 -42.82 6.15 -67.55
C LEU F 384 -41.83 5.23 -68.23
N LYS F 385 -40.57 5.27 -67.80
CA LYS F 385 -39.57 4.38 -68.40
C LYS F 385 -39.79 2.93 -67.98
N ALA F 386 -40.28 2.70 -66.76
CA ALA F 386 -40.57 1.35 -66.31
C ALA F 386 -41.69 0.69 -67.12
N VAL F 387 -42.60 1.50 -67.68
CA VAL F 387 -43.60 0.95 -68.59
C VAL F 387 -42.91 0.29 -69.77
N CYS F 388 -41.82 0.89 -70.28
CA CYS F 388 -41.06 0.27 -71.35
C CYS F 388 -40.50 -1.08 -70.94
N VAL F 389 -39.96 -1.18 -69.73
CA VAL F 389 -39.43 -2.46 -69.25
C VAL F 389 -40.55 -3.48 -69.13
N GLU F 390 -41.71 -3.09 -68.59
CA GLU F 390 -42.83 -4.01 -68.49
C GLU F 390 -43.28 -4.50 -69.86
N ALA F 391 -43.32 -3.60 -70.85
CA ALA F 391 -43.66 -4.00 -72.21
C ALA F 391 -42.62 -4.95 -72.78
N GLY F 392 -41.34 -4.68 -72.56
CA GLY F 392 -40.29 -5.56 -72.99
C GLY F 392 -40.35 -6.95 -72.40
N MET F 393 -40.68 -7.05 -71.12
CA MET F 393 -40.90 -8.34 -70.49
C MET F 393 -42.15 -9.05 -71.00
N LEU F 394 -43.26 -8.34 -71.17
CA LEU F 394 -44.42 -8.93 -71.82
C LEU F 394 -44.10 -9.35 -73.25
N ALA F 395 -43.24 -8.59 -73.95
CA ALA F 395 -42.82 -9.00 -75.28
C ALA F 395 -42.04 -10.30 -75.24
N LEU F 396 -41.14 -10.45 -74.27
CA LEU F 396 -40.47 -11.73 -74.08
C LEU F 396 -41.44 -12.85 -73.76
N ARG F 397 -42.50 -12.55 -73.02
CA ARG F 397 -43.54 -13.55 -72.77
C ARG F 397 -44.18 -14.00 -74.08
N ARG F 398 -44.30 -13.10 -75.04
CA ARG F 398 -44.94 -13.41 -76.32
C ARG F 398 -43.97 -14.02 -77.33
N ASP F 399 -42.67 -14.01 -77.06
CA ASP F 399 -41.63 -14.57 -77.90
C ASP F 399 -41.49 -13.85 -79.23
N ALA F 400 -42.20 -12.74 -79.44
CA ALA F 400 -42.09 -12.02 -80.69
C ALA F 400 -40.78 -11.25 -80.76
N THR F 401 -40.56 -10.58 -81.90
CA THR F 401 -39.36 -9.79 -82.13
C THR F 401 -39.55 -8.30 -81.92
N GLU F 402 -40.74 -7.77 -82.22
CA GLU F 402 -41.03 -6.35 -82.06
C GLU F 402 -42.12 -6.15 -81.01
N VAL F 403 -42.26 -4.90 -80.58
CA VAL F 403 -43.26 -4.53 -79.58
C VAL F 403 -44.44 -3.87 -80.30
N ASN F 404 -45.63 -4.41 -80.06
CA ASN F 404 -46.86 -3.92 -80.66
C ASN F 404 -47.47 -2.83 -79.79
N HIS F 405 -48.24 -1.94 -80.44
CA HIS F 405 -48.93 -0.90 -79.69
C HIS F 405 -49.74 -1.48 -78.54
N GLU F 406 -50.44 -2.60 -78.80
CA GLU F 406 -51.14 -3.27 -77.71
C GLU F 406 -50.20 -3.71 -76.61
N ASP F 407 -48.95 -4.03 -76.93
CA ASP F 407 -47.99 -4.39 -75.89
C ASP F 407 -47.72 -3.21 -74.96
N PHE F 408 -47.45 -2.03 -75.51
CA PHE F 408 -47.23 -0.86 -74.66
C PHE F 408 -48.50 -0.48 -73.92
N ASN F 409 -49.67 -0.66 -74.54
CA ASN F 409 -50.92 -0.38 -73.85
C ASN F 409 -51.10 -1.29 -72.64
N GLU F 410 -50.84 -2.59 -72.80
CA GLU F 410 -50.90 -3.51 -71.67
C GLU F 410 -49.86 -3.18 -70.61
N GLY F 411 -48.65 -2.79 -71.03
CA GLY F 411 -47.64 -2.39 -70.06
C GLY F 411 -48.06 -1.18 -69.25
N ILE F 412 -48.69 -0.19 -69.89
CA ILE F 412 -49.20 0.96 -69.16
C ILE F 412 -50.23 0.53 -68.13
N ILE F 413 -51.10 -0.42 -68.50
CA ILE F 413 -52.07 -0.93 -67.55
C ILE F 413 -51.39 -1.68 -66.40
N GLN F 414 -50.40 -2.53 -66.71
CA GLN F 414 -49.69 -3.26 -65.67
C GLN F 414 -48.95 -2.34 -64.72
N VAL F 415 -48.44 -1.21 -65.21
CA VAL F 415 -47.73 -0.28 -64.33
C VAL F 415 -48.68 0.33 -63.30
N GLN F 416 -49.93 0.58 -63.67
CA GLN F 416 -50.89 1.16 -62.74
C GLN F 416 -51.13 0.24 -61.55
N ALA F 417 -51.13 -1.08 -61.78
CA ALA F 417 -51.39 -2.06 -60.73
C ALA F 417 -52.80 -1.88 -60.16
N LYS F 418 -53.79 -2.02 -61.04
CA LYS F 418 -55.20 -1.94 -60.67
C LYS F 418 -55.90 -3.17 -61.23
N LYS F 419 -56.12 -4.17 -60.36
CA LYS F 419 -56.71 -5.42 -60.80
C LYS F 419 -58.21 -5.25 -61.05
N LYS F 420 -58.68 -5.76 -62.18
CA LYS F 420 -60.11 -5.74 -62.49
C LYS F 420 -60.78 -6.97 -61.90
N ALA F 421 -61.91 -6.76 -61.23
CA ALA F 421 -62.65 -7.83 -60.55
C ALA F 421 -64.15 -7.64 -60.79
N SER F 422 -64.68 -8.35 -61.77
CA SER F 422 -66.11 -8.33 -62.03
C SER F 422 -66.60 -6.91 -62.30
N LEU F 423 -66.12 -6.30 -63.39
CA LEU F 423 -66.43 -4.91 -63.69
C LEU F 423 -67.90 -4.81 -64.09
N ASN F 424 -68.76 -4.84 -63.08
CA ASN F 424 -70.20 -4.69 -63.25
C ASN F 424 -70.75 -3.53 -62.45
N TYR F 425 -70.24 -3.31 -61.23
CA TYR F 425 -70.70 -2.20 -60.41
C TYR F 425 -70.51 -0.86 -61.11
N TYR F 426 -69.54 -0.77 -62.01
CA TYR F 426 -69.26 0.46 -62.75
C TYR F 426 -69.15 0.13 -64.25
N ALA F 427 -70.06 -0.71 -64.73
CA ALA F 427 -70.07 -1.14 -66.13
C ALA F 427 -68.68 -1.47 -66.63
N PRO G 23 49.01 -14.84 -22.61
CA PRO G 23 48.40 -14.34 -21.37
C PRO G 23 46.88 -14.26 -21.45
N THR G 24 46.19 -15.06 -20.64
CA THR G 24 44.73 -15.07 -20.60
C THR G 24 44.25 -14.22 -19.44
N LEU G 25 43.28 -13.34 -19.72
CA LEU G 25 42.68 -12.53 -18.67
C LEU G 25 42.01 -13.45 -17.66
N ASP G 26 42.22 -13.18 -16.37
CA ASP G 26 41.80 -14.08 -15.31
C ASP G 26 40.83 -13.38 -14.36
N THR G 27 39.91 -14.18 -13.80
CA THR G 27 38.93 -13.68 -12.86
C THR G 27 39.58 -13.11 -11.59
N SER G 28 40.76 -13.61 -11.22
CA SER G 28 41.44 -13.11 -10.04
C SER G 28 41.83 -11.64 -10.18
N GLU G 29 41.64 -11.05 -11.34
CA GLU G 29 41.88 -9.62 -11.50
C GLU G 29 41.01 -8.84 -10.52
N GLN G 30 41.61 -7.82 -9.90
CA GLN G 30 40.92 -6.98 -8.95
C GLN G 30 41.23 -5.52 -9.24
N VAL G 31 40.23 -4.65 -9.07
CA VAL G 31 40.35 -3.23 -9.38
C VAL G 31 40.26 -2.46 -8.07
N TYR G 32 41.22 -1.56 -7.85
CA TYR G 32 41.24 -0.73 -6.66
C TYR G 32 40.92 0.70 -7.07
N ILE G 33 39.88 1.28 -6.47
CA ILE G 33 39.46 2.64 -6.73
C ILE G 33 39.64 3.44 -5.45
N SER G 34 40.32 4.58 -5.54
CA SER G 34 40.63 5.37 -4.36
C SER G 34 39.35 5.94 -3.76
N SER G 35 39.40 6.16 -2.44
CA SER G 35 38.27 6.82 -1.77
C SER G 35 38.02 8.20 -2.36
N LEU G 36 39.08 8.93 -2.66
CA LEU G 36 38.93 10.20 -3.37
C LEU G 36 38.29 9.99 -4.72
N ALA G 37 38.72 8.95 -5.44
CA ALA G 37 38.11 8.64 -6.73
C ALA G 37 36.63 8.34 -6.56
N LEU G 38 36.28 7.53 -5.55
CA LEU G 38 34.87 7.23 -5.31
C LEU G 38 34.06 8.48 -5.05
N LEU G 39 34.54 9.33 -4.14
CA LEU G 39 33.80 10.54 -3.83
C LEU G 39 33.69 11.44 -5.05
N LYS G 40 34.72 11.46 -5.89
CA LYS G 40 34.67 12.27 -7.11
C LYS G 40 33.62 11.75 -8.08
N MET G 41 33.61 10.44 -8.35
CA MET G 41 32.58 9.92 -9.22
C MET G 41 31.18 10.16 -8.65
N LEU G 42 31.02 9.95 -7.35
CA LEU G 42 29.69 10.10 -6.75
C LEU G 42 29.21 11.54 -6.83
N LYS G 43 30.06 12.51 -6.44
CA LYS G 43 29.68 13.91 -6.50
C LYS G 43 29.41 14.35 -7.93
N HIS G 44 30.31 13.97 -8.87
CA HIS G 44 30.15 14.37 -10.25
C HIS G 44 28.89 13.78 -10.86
N GLY G 45 28.57 12.53 -10.51
CA GLY G 45 27.33 11.93 -10.96
C GLY G 45 26.11 12.63 -10.41
N ARG G 46 26.11 12.92 -9.10
CA ARG G 46 25.00 13.65 -8.52
C ARG G 46 24.80 14.99 -9.22
N ALA G 47 25.91 15.68 -9.50
CA ALA G 47 25.83 16.99 -10.20
C ALA G 47 25.04 16.84 -11.51
N GLY G 48 25.36 15.82 -12.30
CA GLY G 48 24.66 15.59 -13.58
C GLY G 48 23.74 14.38 -13.52
N VAL G 49 22.98 14.25 -12.43
CA VAL G 49 22.07 13.08 -12.24
C VAL G 49 21.02 13.06 -13.36
N PRO G 50 20.50 14.23 -13.80
CA PRO G 50 19.45 14.24 -14.81
C PRO G 50 19.91 13.50 -16.08
N MET G 51 21.19 13.65 -16.44
CA MET G 51 21.73 12.97 -17.64
C MET G 51 22.84 11.99 -17.22
N GLU G 52 23.91 11.89 -18.03
CA GLU G 52 25.04 10.97 -17.72
C GLU G 52 26.35 11.74 -17.84
N VAL G 53 27.18 11.72 -16.79
CA VAL G 53 28.45 12.44 -16.81
C VAL G 53 29.59 11.44 -16.86
N MET G 54 30.61 11.76 -17.65
CA MET G 54 31.71 10.85 -17.92
C MET G 54 33.04 11.50 -17.55
N GLY G 55 34.04 10.66 -17.27
CA GLY G 55 35.37 11.14 -16.98
C GLY G 55 36.38 10.00 -17.13
N LEU G 56 37.60 10.27 -16.65
CA LEU G 56 38.70 9.32 -16.75
C LEU G 56 39.36 9.11 -15.38
N MET G 57 39.83 7.89 -15.15
CA MET G 57 40.58 7.55 -13.95
C MET G 57 42.07 7.61 -14.26
N LEU G 58 42.85 8.11 -13.31
CA LEU G 58 44.28 8.31 -13.47
C LEU G 58 45.06 7.35 -12.59
N GLY G 59 46.01 6.63 -13.18
CA GLY G 59 46.86 5.74 -12.40
C GLY G 59 47.83 4.91 -13.24
N GLU G 60 47.97 3.62 -12.90
CA GLU G 60 48.79 2.71 -13.68
C GLU G 60 48.23 1.30 -13.51
N PHE G 61 48.71 0.39 -14.36
CA PHE G 61 48.38 -1.03 -14.26
C PHE G 61 49.37 -1.68 -13.29
N VAL G 62 48.89 -2.09 -12.12
CA VAL G 62 49.77 -2.64 -11.11
C VAL G 62 50.41 -3.93 -11.60
N ASP G 63 49.59 -4.85 -12.11
CA ASP G 63 50.08 -6.09 -12.72
C ASP G 63 48.99 -6.59 -13.66
N GLU G 64 49.19 -7.79 -14.23
CA GLU G 64 48.24 -8.31 -15.18
C GLU G 64 46.87 -8.55 -14.55
N TYR G 65 46.80 -8.62 -13.22
CA TYR G 65 45.54 -8.83 -12.51
C TYR G 65 45.11 -7.62 -11.68
N THR G 66 46.04 -6.77 -11.26
CA THR G 66 45.75 -5.70 -10.31
C THR G 66 45.78 -4.36 -11.03
N VAL G 67 44.67 -3.62 -10.95
CA VAL G 67 44.58 -2.26 -11.48
C VAL G 67 44.20 -1.34 -10.32
N LYS G 68 45.01 -0.31 -10.08
CA LYS G 68 44.76 0.64 -9.00
C LYS G 68 44.36 1.97 -9.63
N VAL G 69 43.43 2.67 -8.97
CA VAL G 69 42.96 3.98 -9.42
C VAL G 69 43.17 4.98 -8.29
N VAL G 70 43.74 6.14 -8.62
CA VAL G 70 43.91 7.20 -7.62
C VAL G 70 42.86 8.29 -7.78
N ASP G 71 42.84 8.98 -8.91
CA ASP G 71 42.13 10.25 -9.03
C ASP G 71 41.40 10.31 -10.36
N VAL G 72 40.41 11.20 -10.43
CA VAL G 72 39.65 11.46 -11.65
C VAL G 72 39.49 12.97 -11.82
N PHE G 73 39.25 13.39 -13.06
CA PHE G 73 38.83 14.75 -13.35
C PHE G 73 37.67 14.70 -14.32
N ALA G 74 36.65 15.52 -14.04
CA ALA G 74 35.41 15.46 -14.79
C ALA G 74 35.57 16.00 -16.20
N MET G 75 34.61 15.68 -17.05
CA MET G 75 34.55 16.04 -18.47
C MET G 75 33.56 17.17 -18.69
N PRO G 76 33.93 18.27 -19.35
CA PRO G 76 32.92 19.23 -19.79
C PRO G 76 32.15 18.67 -20.98
N GLN G 77 30.86 18.44 -20.77
CA GLN G 77 30.06 17.62 -21.67
C GLN G 77 29.41 18.47 -22.75
N SER G 78 29.40 17.94 -23.98
CA SER G 78 28.70 18.57 -25.09
C SER G 78 27.21 18.42 -24.87
N GLY G 79 26.42 19.24 -25.56
CA GLY G 79 24.98 19.25 -25.36
C GLY G 79 24.26 18.07 -25.96
N THR G 80 24.66 16.85 -25.56
CA THR G 80 23.99 15.62 -25.97
C THR G 80 23.91 14.71 -24.75
N GLY G 81 22.69 14.51 -24.24
CA GLY G 81 22.51 13.80 -22.98
C GLY G 81 22.40 12.30 -23.08
N VAL G 82 22.59 11.74 -24.28
CA VAL G 82 22.45 10.31 -24.49
C VAL G 82 23.67 9.74 -25.20
N SER G 83 24.69 10.57 -25.40
CA SER G 83 25.87 10.16 -26.15
C SER G 83 27.13 10.56 -25.39
N VAL G 84 28.18 9.75 -25.53
CA VAL G 84 29.49 10.04 -24.95
C VAL G 84 30.49 10.22 -26.08
N GLU G 85 30.00 10.74 -27.21
CA GLU G 85 30.79 10.90 -28.42
C GLU G 85 31.69 12.13 -28.40
N ALA G 86 31.79 12.83 -27.27
CA ALA G 86 32.45 14.13 -27.18
C ALA G 86 33.72 14.00 -26.33
N VAL G 87 34.48 12.94 -26.57
CA VAL G 87 35.74 12.74 -25.87
C VAL G 87 36.79 13.66 -26.47
N ASP G 88 36.96 14.85 -25.88
CA ASP G 88 37.85 15.86 -26.42
C ASP G 88 39.30 15.54 -26.04
N PRO G 89 40.17 15.47 -27.04
CA PRO G 89 41.52 14.97 -26.80
C PRO G 89 42.49 16.10 -26.46
N VAL G 90 42.25 17.30 -26.96
CA VAL G 90 43.02 18.46 -26.52
C VAL G 90 42.84 18.63 -25.01
N PHE G 91 41.63 18.41 -24.53
CA PHE G 91 41.37 18.51 -23.09
C PHE G 91 42.23 17.52 -22.31
N GLN G 92 42.22 16.25 -22.72
CA GLN G 92 42.99 15.26 -21.97
C GLN G 92 44.47 15.58 -22.02
N THR G 93 44.97 16.00 -23.19
CA THR G 93 46.39 16.29 -23.31
C THR G 93 46.79 17.44 -22.39
N ASN G 94 46.02 18.52 -22.39
CA ASN G 94 46.32 19.64 -21.49
C ASN G 94 46.28 19.19 -20.04
N MET G 95 45.22 18.47 -19.64
CA MET G 95 45.06 18.10 -18.25
C MET G 95 46.18 17.16 -17.81
N LEU G 96 46.54 16.21 -18.68
CA LEU G 96 47.65 15.30 -18.38
C LEU G 96 48.95 16.06 -18.21
N ASP G 97 49.24 17.02 -19.10
CA ASP G 97 50.49 17.75 -18.98
C ASP G 97 50.56 18.50 -17.66
N MET G 98 49.48 19.20 -17.29
CA MET G 98 49.51 19.96 -16.05
C MET G 98 49.55 19.04 -14.83
N LEU G 99 48.86 17.90 -14.88
CA LEU G 99 48.98 16.92 -13.81
C LEU G 99 50.42 16.42 -13.69
N LYS G 100 51.09 16.23 -14.82
CA LYS G 100 52.51 15.87 -14.79
C LYS G 100 53.31 16.95 -14.08
N GLN G 101 53.01 18.23 -14.37
CA GLN G 101 53.67 19.30 -13.62
C GLN G 101 53.35 19.23 -12.13
N ILE G 102 52.20 18.70 -11.74
CA ILE G 102 51.92 18.50 -10.33
C ILE G 102 52.90 17.54 -9.68
N GLY G 103 53.58 16.71 -10.46
CA GLY G 103 54.25 15.55 -9.92
C GLY G 103 53.38 14.31 -9.98
N ARG G 104 52.24 14.39 -10.67
CA ARG G 104 51.36 13.24 -10.84
C ARG G 104 51.34 12.85 -12.31
N PRO G 105 52.39 12.19 -12.81
CA PRO G 105 52.40 11.70 -14.19
C PRO G 105 51.55 10.46 -14.43
N GLU G 106 50.66 10.10 -13.50
CA GLU G 106 49.91 8.87 -13.62
C GLU G 106 49.17 8.80 -14.95
N MET G 107 49.21 7.64 -15.56
CA MET G 107 48.57 7.41 -16.85
C MET G 107 47.13 6.99 -16.67
N VAL G 108 46.27 7.47 -17.56
CA VAL G 108 44.84 7.17 -17.50
C VAL G 108 44.66 5.66 -17.40
N VAL G 109 43.94 5.21 -16.38
CA VAL G 109 43.66 3.78 -16.20
C VAL G 109 42.31 3.38 -16.76
N GLY G 110 41.33 4.29 -16.80
CA GLY G 110 40.02 3.95 -17.31
C GLY G 110 39.10 5.15 -17.30
N TRP G 111 37.82 4.89 -17.55
CA TRP G 111 36.81 5.91 -17.65
C TRP G 111 35.55 5.46 -16.92
N TYR G 112 34.80 6.44 -16.41
CA TYR G 112 33.56 6.19 -15.71
C TYR G 112 32.45 7.02 -16.32
N HIS G 113 31.23 6.49 -16.23
CA HIS G 113 30.04 7.23 -16.63
C HIS G 113 28.88 6.77 -15.75
N SER G 114 27.84 7.58 -15.70
CA SER G 114 26.77 7.40 -14.72
C SER G 114 25.50 6.92 -15.39
N HIS G 115 24.79 6.02 -14.70
CA HIS G 115 23.46 5.54 -15.04
C HIS G 115 22.52 5.78 -13.87
N PRO G 116 22.11 7.03 -13.63
CA PRO G 116 21.19 7.31 -12.52
C PRO G 116 19.92 6.48 -12.61
N GLY G 117 19.72 5.58 -11.65
CA GLY G 117 18.57 4.72 -11.63
C GLY G 117 18.51 3.68 -12.72
N PHE G 118 19.43 3.70 -13.68
CA PHE G 118 19.46 2.72 -14.75
C PHE G 118 20.36 1.53 -14.44
N GLY G 119 20.99 1.50 -13.26
CA GLY G 119 21.86 0.42 -12.88
C GLY G 119 23.19 0.44 -13.62
N CYS G 120 23.96 -0.62 -13.41
CA CYS G 120 25.28 -0.75 -14.01
C CYS G 120 25.18 -1.69 -15.20
N TRP G 121 25.59 -1.20 -16.38
CA TRP G 121 25.47 -1.94 -17.62
C TRP G 121 26.06 -1.10 -18.74
N LEU G 122 26.32 -1.73 -19.88
CA LEU G 122 26.96 -1.08 -21.01
C LEU G 122 26.01 -1.03 -22.20
N SER G 123 25.75 0.18 -22.68
CA SER G 123 24.92 0.36 -23.87
C SER G 123 25.77 0.25 -25.13
N GLY G 124 25.10 0.32 -26.28
CA GLY G 124 25.82 0.31 -27.54
C GLY G 124 26.79 1.47 -27.66
N VAL G 125 26.39 2.65 -27.18
CA VAL G 125 27.29 3.81 -27.20
C VAL G 125 28.47 3.60 -26.27
N ASP G 126 28.20 3.17 -25.03
CA ASP G 126 29.27 2.89 -24.09
C ASP G 126 30.17 1.78 -24.63
N ILE G 127 29.56 0.75 -25.23
CA ILE G 127 30.31 -0.36 -25.80
C ILE G 127 31.23 0.13 -26.91
N ASN G 128 30.72 1.04 -27.74
CA ASN G 128 31.50 1.59 -28.84
C ASN G 128 32.68 2.40 -28.33
N THR G 129 32.43 3.27 -27.36
CA THR G 129 33.52 4.01 -26.71
C THR G 129 34.52 3.06 -26.09
N GLN G 130 34.02 1.94 -25.56
CA GLN G 130 34.90 0.99 -24.89
C GLN G 130 35.89 0.40 -25.89
N GLN G 131 35.44 0.01 -27.09
CA GLN G 131 36.43 -0.47 -28.05
C GLN G 131 37.35 0.67 -28.45
N SER G 132 36.77 1.86 -28.65
CA SER G 132 37.55 3.00 -29.10
C SER G 132 38.74 3.25 -28.18
N PHE G 133 38.56 2.99 -26.88
CA PHE G 133 39.67 3.17 -25.94
C PHE G 133 40.50 1.88 -25.81
N GLU G 134 39.86 0.71 -25.91
CA GLU G 134 40.59 -0.54 -25.88
C GLU G 134 41.64 -0.58 -26.98
N ALA G 135 41.36 0.07 -28.11
CA ALA G 135 42.36 0.16 -29.17
C ALA G 135 43.66 0.75 -28.65
N LEU G 136 43.58 1.81 -27.83
CA LEU G 136 44.78 2.39 -27.24
C LEU G 136 45.41 1.46 -26.23
N ASN G 137 44.62 0.90 -25.32
CA ASN G 137 45.15 0.07 -24.24
C ASN G 137 44.18 -1.08 -24.01
N GLN G 138 44.66 -2.31 -24.17
CA GLN G 138 43.81 -3.49 -24.01
C GLN G 138 43.28 -3.66 -22.60
N ARG G 139 43.92 -3.01 -21.62
CA ARG G 139 43.57 -3.19 -20.21
C ARG G 139 42.76 -2.02 -19.66
N ALA G 140 42.04 -1.29 -20.51
CA ALA G 140 41.19 -0.21 -20.03
C ALA G 140 40.08 -0.75 -19.14
N VAL G 141 39.69 0.04 -18.14
CA VAL G 141 38.63 -0.32 -17.22
C VAL G 141 37.51 0.71 -17.36
N ALA G 142 36.30 0.23 -17.65
CA ALA G 142 35.12 1.07 -17.72
C ALA G 142 34.33 0.91 -16.43
N VAL G 143 33.92 2.02 -15.83
CA VAL G 143 33.23 2.04 -14.55
C VAL G 143 31.84 2.66 -14.76
N VAL G 144 30.84 2.10 -14.09
CA VAL G 144 29.49 2.63 -14.09
C VAL G 144 29.10 2.96 -12.66
N VAL G 145 28.67 4.19 -12.43
CA VAL G 145 28.33 4.68 -11.09
C VAL G 145 26.88 5.13 -11.10
N ASP G 146 26.08 4.58 -10.19
CA ASP G 146 24.69 4.95 -10.05
C ASP G 146 24.59 5.95 -8.90
N PRO G 147 24.56 7.26 -9.18
CA PRO G 147 24.45 8.23 -8.09
C PRO G 147 23.17 8.10 -7.28
N ILE G 148 22.07 7.70 -7.90
CA ILE G 148 20.79 7.62 -7.20
C ILE G 148 20.76 6.46 -6.23
N GLN G 149 20.88 5.22 -6.72
CA GLN G 149 20.81 4.05 -5.86
C GLN G 149 21.99 3.96 -4.91
N SER G 150 23.06 4.71 -5.16
CA SER G 150 24.19 4.73 -4.24
C SER G 150 23.77 5.47 -2.98
N VAL G 151 23.36 4.71 -1.97
CA VAL G 151 22.62 5.25 -0.84
C VAL G 151 23.52 5.21 0.39
N LYS G 152 23.01 5.78 1.48
CA LYS G 152 23.81 5.96 2.68
C LYS G 152 24.17 4.60 3.26
N GLY G 153 25.41 4.17 3.05
CA GLY G 153 25.89 2.89 3.51
C GLY G 153 26.19 1.88 2.43
N LYS G 154 25.63 2.05 1.23
CA LYS G 154 25.85 1.11 0.13
C LYS G 154 26.07 1.92 -1.14
N VAL G 155 27.22 1.74 -1.77
CA VAL G 155 27.57 2.47 -2.99
C VAL G 155 27.32 1.57 -4.18
N VAL G 156 26.55 2.07 -5.15
CA VAL G 156 26.21 1.30 -6.34
C VAL G 156 27.18 1.74 -7.43
N MET G 157 28.16 0.89 -7.72
CA MET G 157 29.14 1.13 -8.77
C MET G 157 29.63 -0.22 -9.26
N ASP G 158 30.03 -0.29 -10.53
CA ASP G 158 30.57 -1.51 -11.10
C ASP G 158 31.54 -1.15 -12.22
N ALA G 159 32.44 -2.07 -12.51
CA ALA G 159 33.40 -1.92 -13.59
C ALA G 159 33.20 -3.04 -14.59
N PHE G 160 33.40 -2.73 -15.88
CA PHE G 160 33.18 -3.67 -16.95
C PHE G 160 34.25 -3.53 -18.03
N ARG G 161 34.59 -4.64 -18.66
CA ARG G 161 35.42 -4.64 -19.85
C ARG G 161 34.84 -5.62 -20.85
N LEU G 162 35.10 -5.35 -22.13
CA LEU G 162 34.46 -6.09 -23.22
C LEU G 162 35.05 -7.47 -23.43
N ILE G 163 34.20 -8.38 -23.93
CA ILE G 163 34.59 -9.73 -24.31
C ILE G 163 34.80 -9.78 -25.81
N ASN G 164 35.99 -10.21 -26.23
CA ASN G 164 36.33 -10.18 -27.65
C ASN G 164 35.32 -10.98 -28.45
N PRO G 165 34.67 -10.39 -29.46
CA PRO G 165 33.64 -11.16 -30.20
C PRO G 165 34.18 -12.42 -30.86
N GLN G 166 35.45 -12.42 -31.24
CA GLN G 166 36.03 -13.62 -31.85
C GLN G 166 36.00 -14.78 -30.87
N THR G 167 36.33 -14.54 -29.61
CA THR G 167 36.26 -15.60 -28.61
C THR G 167 34.83 -16.09 -28.43
N MET G 168 33.87 -15.17 -28.43
CA MET G 168 32.47 -15.56 -28.28
C MET G 168 32.01 -16.43 -29.43
N MET G 169 32.38 -16.06 -30.67
CA MET G 169 31.98 -16.87 -31.82
C MET G 169 32.62 -18.24 -31.78
N LEU G 170 33.78 -18.37 -31.15
CA LEU G 170 34.43 -19.66 -30.99
C LEU G 170 33.79 -20.52 -29.92
N GLY G 171 32.87 -19.96 -29.13
CA GLY G 171 32.24 -20.72 -28.07
C GLY G 171 33.11 -20.92 -26.85
N GLN G 172 34.26 -20.25 -26.79
CA GLN G 172 35.18 -20.43 -25.69
C GLN G 172 34.84 -19.50 -24.53
N GLU G 173 35.16 -19.94 -23.33
CA GLU G 173 35.02 -19.06 -22.16
C GLU G 173 36.01 -17.91 -22.30
N PRO G 174 35.56 -16.65 -22.21
CA PRO G 174 36.45 -15.52 -22.49
C PRO G 174 37.64 -15.41 -21.54
N ARG G 175 37.57 -15.98 -20.34
CA ARG G 175 38.64 -15.84 -19.36
C ARG G 175 38.88 -17.18 -18.67
N GLN G 176 40.05 -17.30 -18.04
CA GLN G 176 40.36 -18.44 -17.20
C GLN G 176 40.22 -18.06 -15.74
N THR G 177 39.55 -18.91 -14.97
CA THR G 177 39.23 -18.59 -13.57
C THR G 177 39.99 -19.56 -12.67
N THR G 178 41.11 -19.10 -12.13
CA THR G 178 41.76 -19.80 -11.02
C THR G 178 41.25 -19.33 -9.67
N SER G 179 40.48 -18.24 -9.64
CA SER G 179 39.94 -17.69 -8.40
C SER G 179 38.45 -17.49 -8.56
N ASN G 180 37.72 -17.67 -7.45
CA ASN G 180 36.28 -17.54 -7.44
C ASN G 180 35.80 -16.13 -7.11
N LEU G 181 36.71 -15.17 -6.99
CA LEU G 181 36.31 -13.83 -6.55
C LEU G 181 35.33 -13.19 -7.54
N GLY G 182 35.53 -13.42 -8.82
CA GLY G 182 34.67 -12.80 -9.83
C GLY G 182 33.21 -13.16 -9.69
N HIS G 183 32.90 -14.30 -9.10
CA HIS G 183 31.51 -14.76 -8.96
C HIS G 183 30.89 -14.37 -7.62
N LEU G 184 31.62 -13.66 -6.76
CA LEU G 184 31.09 -13.34 -5.44
C LEU G 184 29.84 -12.47 -5.52
N ASN G 185 29.86 -11.47 -6.39
CA ASN G 185 28.73 -10.55 -6.53
C ASN G 185 27.78 -11.08 -7.60
N LYS G 186 26.53 -11.28 -7.22
CA LYS G 186 25.54 -11.76 -8.18
C LYS G 186 25.20 -10.65 -9.16
N PRO G 187 25.32 -10.87 -10.46
CA PRO G 187 25.10 -9.78 -11.41
C PRO G 187 23.65 -9.34 -11.46
N SER G 188 23.44 -8.14 -11.98
CA SER G 188 22.10 -7.59 -12.08
C SER G 188 21.37 -8.19 -13.27
N ILE G 189 20.11 -8.57 -13.05
CA ILE G 189 19.30 -9.12 -14.13
C ILE G 189 19.16 -8.12 -15.26
N GLN G 190 19.22 -6.82 -14.93
CA GLN G 190 19.31 -5.81 -15.98
C GLN G 190 20.54 -6.04 -16.85
N ALA G 191 21.71 -6.13 -16.20
CA ALA G 191 22.93 -6.42 -16.94
C ALA G 191 22.80 -7.70 -17.75
N LEU G 192 22.16 -8.72 -17.19
CA LEU G 192 21.88 -9.94 -17.96
C LEU G 192 21.01 -9.63 -19.16
N ILE G 193 20.16 -8.59 -19.05
CA ILE G 193 19.38 -8.15 -20.21
C ILE G 193 20.24 -7.25 -21.09
N HIS G 194 21.18 -6.51 -20.50
CA HIS G 194 21.99 -5.56 -21.23
C HIS G 194 23.30 -6.16 -21.76
N GLY G 195 23.35 -7.45 -21.99
CA GLY G 195 24.49 -8.07 -22.65
C GLY G 195 25.63 -8.53 -21.75
N LEU G 196 25.40 -8.68 -20.45
CA LEU G 196 26.47 -9.12 -19.57
C LEU G 196 26.90 -10.54 -19.90
N ASN G 197 28.21 -10.76 -19.93
CA ASN G 197 28.85 -12.05 -20.19
C ASN G 197 28.71 -12.52 -21.63
N ARG G 198 27.99 -11.77 -22.48
CA ARG G 198 27.95 -12.06 -23.91
C ARG G 198 28.86 -11.11 -24.68
N HIS G 199 28.76 -9.81 -24.43
CA HIS G 199 29.66 -8.83 -25.01
C HIS G 199 30.72 -8.35 -24.03
N TYR G 200 30.47 -8.44 -22.73
CA TYR G 200 31.37 -7.88 -21.73
C TYR G 200 31.23 -8.67 -20.44
N TYR G 201 31.97 -8.25 -19.43
CA TYR G 201 31.95 -8.89 -18.12
C TYR G 201 32.17 -7.84 -17.03
N SER G 202 31.80 -8.21 -15.81
CA SER G 202 31.97 -7.36 -14.65
C SER G 202 33.37 -7.53 -14.07
N ILE G 203 33.77 -6.57 -13.24
CA ILE G 203 35.04 -6.62 -12.52
C ILE G 203 34.77 -6.37 -11.04
N ALA G 204 35.21 -7.31 -10.20
CA ALA G 204 34.98 -7.19 -8.77
C ALA G 204 35.71 -5.97 -8.22
N ILE G 205 35.06 -5.25 -7.31
CA ILE G 205 35.58 -3.98 -6.80
C ILE G 205 35.85 -4.09 -5.30
N ASN G 206 37.06 -3.70 -4.91
CA ASN G 206 37.41 -3.48 -3.51
C ASN G 206 37.97 -2.07 -3.36
N TYR G 207 38.24 -1.68 -2.12
CA TYR G 207 38.60 -0.31 -1.80
C TYR G 207 39.89 -0.29 -1.00
N ARG G 208 40.92 0.36 -1.52
CA ARG G 208 42.17 0.56 -0.80
C ARG G 208 42.04 1.83 0.03
N LYS G 209 42.24 1.70 1.33
CA LYS G 209 42.01 2.79 2.27
C LYS G 209 43.24 2.99 3.14
N ASN G 210 43.75 4.21 3.17
CA ASN G 210 44.91 4.56 3.97
C ASN G 210 44.49 4.88 5.40
N GLU G 211 45.37 4.56 6.35
CA GLU G 211 45.03 4.72 7.76
C GLU G 211 44.83 6.19 8.11
N LEU G 212 45.68 7.08 7.58
CA LEU G 212 45.50 8.50 7.83
C LEU G 212 44.17 8.98 7.28
N GLU G 213 43.78 8.51 6.10
CA GLU G 213 42.46 8.81 5.56
C GLU G 213 41.37 8.38 6.54
N GLU G 214 41.56 7.25 7.22
CA GLU G 214 40.56 6.79 8.17
C GLU G 214 40.54 7.67 9.42
N LYS G 215 41.71 8.11 9.89
CA LYS G 215 41.72 9.00 11.06
C LYS G 215 40.98 10.30 10.73
N MET G 216 41.30 10.90 9.59
CA MET G 216 40.62 12.14 9.21
C MET G 216 39.13 11.91 8.97
N LEU G 217 38.77 10.78 8.37
CA LEU G 217 37.36 10.47 8.14
C LEU G 217 36.61 10.37 9.46
N LEU G 218 37.18 9.68 10.45
CA LEU G 218 36.56 9.63 11.77
C LEU G 218 36.46 11.02 12.38
N ASN G 219 37.48 11.86 12.18
CA ASN G 219 37.42 13.23 12.71
C ASN G 219 36.22 13.99 12.16
N LEU G 220 35.77 13.66 10.94
CA LEU G 220 34.71 14.43 10.32
C LEU G 220 33.43 14.42 11.13
N HIS G 221 32.98 13.25 11.57
CA HIS G 221 31.74 13.11 12.30
C HIS G 221 31.86 13.46 13.78
N LYS G 222 33.07 13.75 14.26
CA LYS G 222 33.24 14.12 15.65
C LYS G 222 32.57 15.47 15.92
N LYS G 223 31.53 15.46 16.74
CA LYS G 223 30.86 16.69 17.10
C LYS G 223 31.82 17.60 17.87
N LYS G 224 31.54 18.90 17.84
CA LYS G 224 32.31 19.83 18.65
C LYS G 224 32.22 19.40 20.09
N TRP G 225 33.38 19.34 20.76
CA TRP G 225 33.39 18.89 22.15
C TRP G 225 32.64 19.85 23.06
N ASN G 226 32.33 21.05 22.56
CA ASN G 226 31.54 22.00 23.34
C ASN G 226 30.05 21.71 23.26
N ASP G 227 29.60 21.01 22.19
CA ASP G 227 28.18 20.79 21.99
C ASP G 227 27.51 20.18 23.20
N GLY G 228 28.22 19.31 23.93
CA GLY G 228 27.69 18.84 25.21
C GLY G 228 27.50 19.93 26.23
N LEU G 229 28.28 21.02 26.12
CA LEU G 229 28.16 22.15 27.02
C LEU G 229 26.94 23.02 26.73
N THR G 230 26.49 23.06 25.48
CA THR G 230 25.34 23.88 25.11
C THR G 230 24.08 23.32 25.77
N LEU G 231 23.74 23.86 26.93
CA LEU G 231 22.56 23.44 27.66
C LEU G 231 21.31 24.07 27.08
N LYS G 232 20.20 23.34 27.16
CA LYS G 232 18.94 23.86 26.68
C LYS G 232 18.36 24.85 27.69
N LYS G 233 17.65 25.85 27.17
CA LYS G 233 16.98 26.81 28.03
C LYS G 233 16.00 26.09 28.96
N PHE G 234 16.03 26.44 30.24
CA PHE G 234 15.26 25.70 31.23
C PHE G 234 13.77 25.78 30.95
N ASP G 235 13.28 26.95 30.56
CA ASP G 235 11.85 27.09 30.30
C ASP G 235 11.41 26.21 29.14
N VAL G 236 12.10 26.29 28.01
CA VAL G 236 11.72 25.46 26.86
C VAL G 236 11.82 23.98 27.19
N HIS G 237 12.91 23.57 27.84
CA HIS G 237 13.07 22.17 28.22
C HIS G 237 11.92 21.71 29.10
N SER G 238 11.52 22.54 30.07
CA SER G 238 10.41 22.19 30.95
C SER G 238 9.11 22.09 30.18
N LYS G 239 8.88 22.98 29.20
CA LYS G 239 7.66 22.88 28.40
C LYS G 239 7.64 21.60 27.57
N THR G 240 8.78 21.22 27.00
CA THR G 240 8.83 19.93 26.29
C THR G 240 8.50 18.80 27.26
N ASN G 241 9.05 18.85 28.47
CA ASN G 241 8.73 17.84 29.47
C ASN G 241 7.23 17.79 29.74
N GLU G 242 6.62 18.96 29.96
CA GLU G 242 5.19 19.04 30.20
C GLU G 242 4.39 18.39 29.07
N GLN G 243 4.66 18.82 27.84
CA GLN G 243 3.93 18.29 26.69
C GLN G 243 4.11 16.78 26.57
N THR G 244 5.34 16.30 26.76
CA THR G 244 5.58 14.86 26.63
C THR G 244 4.88 14.09 27.75
N VAL G 245 4.77 14.71 28.93
CA VAL G 245 4.06 14.06 30.04
C VAL G 245 2.57 13.95 29.70
N GLN G 246 2.00 15.02 29.15
CA GLN G 246 0.59 14.95 28.74
C GLN G 246 0.40 13.92 27.64
N GLU G 247 1.39 13.81 26.74
CA GLU G 247 1.33 12.78 25.70
C GLU G 247 1.39 11.39 26.32
N MET G 248 2.20 11.21 27.37
CA MET G 248 2.19 9.94 28.08
C MET G 248 0.84 9.66 28.71
N LEU G 249 0.18 10.70 29.24
CA LEU G 249 -1.18 10.52 29.74
C LEU G 249 -2.12 10.01 28.65
N GLY G 250 -2.11 10.67 27.50
CA GLY G 250 -3.00 10.27 26.42
C GLY G 250 -2.69 8.84 25.96
N LEU G 251 -1.40 8.54 25.77
CA LEU G 251 -1.02 7.19 25.35
C LEU G 251 -1.38 6.17 26.42
N ALA G 252 -1.28 6.55 27.69
CA ALA G 252 -1.61 5.64 28.78
C ALA G 252 -3.10 5.28 28.76
N ILE G 253 -3.97 6.28 28.62
CA ILE G 253 -5.40 5.98 28.60
C ILE G 253 -5.74 5.15 27.35
N LYS G 254 -5.20 5.55 26.19
CA LYS G 254 -5.40 4.75 24.99
C LYS G 254 -4.96 3.31 25.21
N TYR G 255 -3.79 3.13 25.85
CA TYR G 255 -3.25 1.79 26.05
C TYR G 255 -4.09 1.00 27.05
N ASN G 256 -4.65 1.68 28.05
CA ASN G 256 -5.53 0.98 28.98
C ASN G 256 -6.74 0.44 28.24
N LYS G 257 -7.34 1.27 27.38
CA LYS G 257 -8.44 0.78 26.54
C LYS G 257 -7.98 -0.39 25.67
N ALA G 258 -6.78 -0.27 25.09
CA ALA G 258 -6.28 -1.30 24.18
C ALA G 258 -6.09 -2.62 24.91
N VAL G 259 -5.52 -2.59 26.11
CA VAL G 259 -5.33 -3.81 26.89
C VAL G 259 -6.67 -4.38 27.33
N GLN G 260 -7.61 -3.50 27.66
CA GLN G 260 -8.94 -3.95 28.17
C GLN G 260 -9.80 -4.46 27.01
N GLU G 261 -9.92 -3.69 25.93
CA GLU G 261 -10.76 -4.09 24.76
C GLU G 261 -10.23 -5.39 24.14
N GLU G 262 -8.93 -5.65 24.26
CA GLU G 262 -8.32 -6.88 23.67
C GLU G 262 -9.13 -8.10 24.12
N ASP G 263 -9.65 -8.87 23.15
CA ASP G 263 -10.47 -10.07 23.47
C ASP G 263 -9.57 -11.32 23.44
N GLU G 264 -10.13 -12.48 23.79
CA GLU G 264 -9.36 -13.75 23.75
C GLU G 264 -8.85 -13.97 22.32
N LEU G 265 -9.70 -13.78 21.32
CA LEU G 265 -9.28 -13.92 19.90
C LEU G 265 -8.77 -12.56 19.40
N THR G 266 -7.60 -12.13 19.88
CA THR G 266 -7.01 -10.83 19.46
C THR G 266 -6.28 -11.02 18.13
N PRO G 267 -6.67 -10.30 17.05
CA PRO G 267 -6.04 -10.51 15.73
C PRO G 267 -4.74 -9.70 15.61
N GLU G 268 -3.60 -10.39 15.62
CA GLU G 268 -2.28 -9.70 15.53
C GLU G 268 -2.15 -8.95 14.20
N LYS G 269 -2.64 -9.57 13.10
CA LYS G 269 -2.56 -8.93 11.76
C LYS G 269 -3.36 -7.62 11.77
N LEU G 270 -4.57 -7.65 12.31
CA LEU G 270 -5.43 -6.43 12.37
C LEU G 270 -4.75 -5.39 13.26
N VAL G 271 -4.14 -5.83 14.37
CA VAL G 271 -3.46 -4.89 15.31
C VAL G 271 -2.31 -4.19 14.55
N ILE G 272 -1.53 -4.95 13.78
CA ILE G 272 -0.40 -4.37 13.00
C ILE G 272 -0.97 -3.35 12.01
N ALA G 273 -2.08 -3.70 11.33
CA ALA G 273 -2.70 -2.77 10.36
C ALA G 273 -3.21 -1.51 11.07
N LYS G 274 -3.87 -1.67 12.22
CA LYS G 274 -4.44 -0.52 12.95
C LYS G 274 -4.42 -0.80 14.46
N VAL G 275 -3.68 0.00 15.23
CA VAL G 275 -3.63 -0.15 16.71
C VAL G 275 -4.07 1.16 17.37
N GLY G 276 -4.27 1.14 18.70
CA GLY G 276 -4.68 2.34 19.43
C GLY G 276 -3.64 3.45 19.34
N ARG G 277 -4.05 4.65 18.91
CA ARG G 277 -3.11 5.79 18.73
C ARG G 277 -1.87 5.27 17.98
N GLN G 278 -2.06 4.73 16.77
CA GLN G 278 -0.95 4.10 16.00
C GLN G 278 -0.50 2.87 16.80
N ASP G 279 0.15 3.08 17.95
CA ASP G 279 0.53 1.99 18.84
C ASP G 279 0.92 2.59 20.19
N ALA G 280 -0.01 2.57 21.13
CA ALA G 280 0.20 3.25 22.40
C ALA G 280 1.47 2.77 23.08
N LYS G 281 1.75 1.47 23.06
CA LYS G 281 2.94 0.95 23.71
C LYS G 281 4.21 1.52 23.09
N LYS G 282 4.28 1.53 21.76
CA LYS G 282 5.51 1.97 21.10
C LYS G 282 5.76 3.46 21.36
N HIS G 283 4.72 4.28 21.24
CA HIS G 283 4.87 5.70 21.52
C HIS G 283 5.20 5.94 22.99
N LEU G 284 4.57 5.20 23.90
CA LEU G 284 4.92 5.29 25.30
C LEU G 284 6.41 5.04 25.51
N GLU G 285 6.92 3.95 24.93
CA GLU G 285 8.32 3.60 25.11
C GLU G 285 9.24 4.67 24.52
N GLU G 286 8.96 5.11 23.29
CA GLU G 286 9.80 6.12 22.67
C GLU G 286 9.78 7.41 23.46
N HIS G 287 8.61 7.79 23.98
CA HIS G 287 8.49 9.05 24.69
C HIS G 287 9.19 8.99 26.04
N VAL G 288 9.08 7.86 26.75
CA VAL G 288 9.81 7.75 28.01
C VAL G 288 11.31 7.75 27.75
N SER G 289 11.74 7.09 26.67
CA SER G 289 13.15 7.10 26.34
C SER G 289 13.65 8.51 26.07
N ASN G 290 12.95 9.25 25.21
CA ASN G 290 13.39 10.60 24.87
C ASN G 290 13.31 11.53 26.09
N LEU G 291 12.25 11.42 26.88
CA LEU G 291 12.13 12.24 28.08
C LEU G 291 13.28 11.98 29.04
N MET G 292 13.55 10.72 29.34
CA MET G 292 14.68 10.37 30.19
C MET G 292 15.97 10.94 29.63
N SER G 293 16.22 10.71 28.35
CA SER G 293 17.46 11.17 27.75
C SER G 293 17.62 12.68 27.90
N SER G 294 16.58 13.44 27.53
CA SER G 294 16.68 14.90 27.58
C SER G 294 16.87 15.39 29.01
N ASN G 295 16.03 14.90 29.94
CA ASN G 295 16.16 15.33 31.33
C ASN G 295 17.55 15.04 31.87
N ILE G 296 18.07 13.85 31.59
CA ILE G 296 19.28 13.40 32.27
C ILE G 296 20.53 13.98 31.60
N ILE G 297 20.45 14.29 30.31
CA ILE G 297 21.55 15.03 29.69
C ILE G 297 21.57 16.46 30.19
N GLN G 298 20.40 17.06 30.37
CA GLN G 298 20.34 18.38 30.98
C GLN G 298 20.93 18.34 32.38
N THR G 299 20.60 17.28 33.12
CA THR G 299 21.20 17.03 34.42
C THR G 299 22.73 17.10 34.35
N LEU G 300 23.32 16.18 33.57
CA LEU G 300 24.77 16.16 33.41
C LEU G 300 25.33 17.53 33.06
N GLY G 301 24.71 18.21 32.10
CA GLY G 301 25.23 19.49 31.65
C GLY G 301 25.26 20.50 32.78
N THR G 302 24.09 20.77 33.37
CA THR G 302 24.02 21.76 34.43
C THR G 302 25.06 21.50 35.49
N MET G 303 25.24 20.23 35.90
CA MET G 303 26.05 20.03 37.09
C MET G 303 27.53 19.88 36.82
N LEU G 304 27.91 19.32 35.67
CA LEU G 304 29.33 19.34 35.37
C LEU G 304 29.78 20.78 35.16
N ASP G 305 28.87 21.65 34.69
CA ASP G 305 29.13 23.08 34.76
C ASP G 305 29.24 23.55 36.22
N THR G 306 28.34 23.10 37.09
CA THR G 306 28.40 23.51 38.49
C THR G 306 29.77 23.24 39.09
N VAL G 307 30.29 22.02 38.91
CA VAL G 307 31.60 21.66 39.43
C VAL G 307 32.65 22.56 38.79
N ILE G 308 32.76 22.50 37.47
CA ILE G 308 33.93 23.07 36.81
C ILE G 308 33.72 24.55 36.50
N PHE G 309 32.60 25.13 36.88
CA PHE G 309 32.38 26.56 36.72
C PHE G 309 31.49 27.12 37.83
N PRO H 23 -9.30 -44.86 49.69
CA PRO H 23 -8.57 -44.04 48.71
C PRO H 23 -7.27 -43.48 49.25
N THR H 24 -7.11 -43.50 50.58
CA THR H 24 -5.86 -43.02 51.18
C THR H 24 -4.67 -43.86 50.75
N LEU H 25 -4.81 -45.19 50.74
CA LEU H 25 -3.74 -46.05 50.26
C LEU H 25 -3.45 -45.83 48.78
N LYS H 26 -4.49 -45.60 47.98
CA LYS H 26 -4.29 -45.31 46.56
C LYS H 26 -3.52 -44.01 46.37
N HIS H 27 -3.85 -42.99 47.16
CA HIS H 27 -3.09 -41.73 47.10
C HIS H 27 -1.65 -41.93 47.55
N LEU H 28 -1.43 -42.74 48.57
CA LEU H 28 -0.06 -43.03 49.00
C LEU H 28 0.72 -43.72 47.88
N LYS H 29 0.08 -44.68 47.21
CA LYS H 29 0.75 -45.37 46.11
C LYS H 29 1.05 -44.41 44.96
N GLU H 30 0.10 -43.53 44.63
CA GLU H 30 0.35 -42.57 43.57
C GLU H 30 1.48 -41.62 43.92
N ILE H 31 1.55 -41.19 45.19
CA ILE H 31 2.65 -40.32 45.62
C ILE H 31 3.98 -41.06 45.54
N ALA H 32 4.00 -42.34 45.93
CA ALA H 32 5.23 -43.12 45.82
C ALA H 32 5.66 -43.25 44.37
N SER H 33 4.72 -43.52 43.47
CA SER H 33 5.04 -43.58 42.05
C SER H 33 5.57 -42.24 41.54
N LEU H 34 4.97 -41.14 41.99
CA LEU H 34 5.44 -39.82 41.59
C LEU H 34 6.88 -39.60 42.05
N LEU H 35 7.19 -39.98 43.29
CA LEU H 35 8.54 -39.84 43.80
C LEU H 35 9.52 -40.70 43.02
N GLU H 36 9.14 -41.94 42.70
CA GLU H 36 10.02 -42.79 41.90
C GLU H 36 10.27 -42.20 40.53
N THR H 37 9.23 -41.68 39.89
CA THR H 37 9.40 -41.04 38.58
C THR H 37 10.34 -39.84 38.68
N GLY H 38 10.13 -38.99 39.68
CA GLY H 38 11.03 -37.86 39.87
C GLY H 38 12.47 -38.27 40.10
N SER H 39 12.69 -39.33 40.87
CA SER H 39 14.04 -39.83 41.07
C SER H 39 14.66 -40.33 39.77
N TYR H 40 13.90 -41.09 38.97
CA TYR H 40 14.42 -41.56 37.69
C TYR H 40 14.67 -40.42 36.72
N THR H 41 13.80 -39.41 36.70
CA THR H 41 13.96 -38.26 35.82
C THR H 41 14.83 -37.16 36.42
N LYS H 42 15.21 -37.30 37.69
CA LYS H 42 16.01 -36.28 38.35
C LYS H 42 15.35 -34.90 38.27
N GLU H 43 14.05 -34.86 38.49
CA GLU H 43 13.28 -33.61 38.49
C GLU H 43 12.86 -33.29 39.91
N ALA H 44 13.54 -32.34 40.55
CA ALA H 44 13.20 -31.97 41.93
C ALA H 44 11.80 -31.39 42.02
N ARG H 45 11.28 -30.81 40.94
CA ARG H 45 9.89 -30.36 40.92
C ARG H 45 8.93 -31.53 41.09
N ARG H 46 9.30 -32.68 40.54
CA ARG H 46 8.51 -33.89 40.73
C ARG H 46 8.40 -34.25 42.20
N ILE H 47 9.53 -34.22 42.92
CA ILE H 47 9.53 -34.50 44.36
C ILE H 47 8.75 -33.42 45.10
N SER H 48 8.82 -32.17 44.62
CA SER H 48 8.04 -31.11 45.23
C SER H 48 6.55 -31.40 45.15
N ARG H 49 6.07 -31.82 43.97
CA ARG H 49 4.65 -32.12 43.84
C ARG H 49 4.28 -33.34 44.70
N ALA H 50 5.18 -34.32 44.76
CA ALA H 50 4.93 -35.48 45.61
C ALA H 50 4.80 -35.08 47.07
N ILE H 51 5.66 -34.17 47.53
CA ILE H 51 5.60 -33.70 48.92
C ILE H 51 4.32 -32.90 49.15
N ARG H 52 3.91 -32.11 48.17
CA ARG H 52 2.66 -31.38 48.29
C ARG H 52 1.48 -32.34 48.44
N LEU H 53 1.45 -33.40 47.64
CA LEU H 53 0.41 -34.41 47.78
C LEU H 53 0.50 -35.12 49.13
N THR H 54 1.71 -35.41 49.60
CA THR H 54 1.88 -36.06 50.90
C THR H 54 1.31 -35.19 52.02
N PHE H 55 1.57 -33.88 51.96
CA PHE H 55 0.95 -32.96 52.90
C PHE H 55 -0.57 -32.91 52.73
N ALA H 56 -1.05 -33.09 51.50
CA ALA H 56 -2.49 -33.12 51.26
C ALA H 56 -3.13 -34.35 51.88
N VAL H 57 -2.33 -35.37 52.22
CA VAL H 57 -2.84 -36.58 52.83
C VAL H 57 -2.49 -36.68 54.31
N ARG H 58 -1.96 -35.60 54.90
CA ARG H 58 -1.61 -35.62 56.32
C ARG H 58 -2.83 -35.85 57.20
N ARG H 59 -3.95 -35.18 56.90
CA ARG H 59 -5.14 -35.27 57.73
C ARG H 59 -5.85 -36.60 57.62
N LYS H 60 -5.54 -37.41 56.60
CA LYS H 60 -6.12 -38.73 56.44
C LYS H 60 -5.12 -39.84 56.75
N LEU H 61 -4.09 -39.55 57.54
CA LEU H 61 -3.04 -40.51 57.83
C LEU H 61 -3.53 -41.51 58.88
N THR H 62 -3.66 -42.77 58.50
CA THR H 62 -4.02 -43.84 59.41
C THR H 62 -2.83 -44.75 59.64
N ALA H 63 -2.67 -45.22 60.89
CA ALA H 63 -1.54 -46.07 61.22
C ALA H 63 -1.54 -47.35 60.40
N ARG H 64 -2.70 -47.99 60.25
CA ARG H 64 -2.78 -49.19 59.44
C ARG H 64 -2.42 -48.91 57.99
N VAL H 65 -2.97 -47.83 57.42
CA VAL H 65 -2.66 -47.48 56.04
C VAL H 65 -1.19 -47.10 55.90
N LEU H 66 -0.63 -46.42 56.90
CA LEU H 66 0.79 -46.08 56.84
C LEU H 66 1.66 -47.33 56.86
N HIS H 67 1.31 -48.32 57.69
CA HIS H 67 2.09 -49.56 57.70
C HIS H 67 1.91 -50.33 56.40
N PHE H 68 0.71 -50.26 55.81
CA PHE H 68 0.51 -50.87 54.50
C PHE H 68 1.39 -50.21 53.45
N PHE H 69 1.50 -48.88 53.47
CA PHE H 69 2.39 -48.19 52.55
C PHE H 69 3.85 -48.58 52.80
N LEU H 70 4.23 -48.71 54.07
CA LEU H 70 5.58 -49.15 54.39
C LEU H 70 5.87 -50.53 53.82
N ASP H 71 4.95 -51.47 53.98
CA ASP H 71 5.13 -52.80 53.41
C ASP H 71 5.18 -52.75 51.88
N TYR H 72 4.32 -51.94 51.26
CA TYR H 72 4.30 -51.85 49.81
C TYR H 72 5.60 -51.28 49.26
N ALA H 73 6.13 -50.23 49.88
CA ALA H 73 7.36 -49.62 49.41
C ALA H 73 8.61 -50.23 50.01
N LEU H 74 8.50 -50.85 51.19
CA LEU H 74 9.63 -51.46 51.87
C LEU H 74 9.45 -52.97 51.88
N THR H 75 10.43 -53.69 51.38
CA THR H 75 10.39 -55.15 51.37
C THR H 75 10.36 -55.67 52.80
N PRO H 76 9.48 -56.62 53.11
CA PRO H 76 9.41 -57.13 54.49
C PRO H 76 10.71 -57.75 54.94
N GLY H 77 11.34 -57.16 55.96
CA GLY H 77 12.59 -57.66 56.48
C GLY H 77 13.71 -56.66 56.39
N SER H 78 13.49 -55.58 55.64
CA SER H 78 14.49 -54.53 55.50
C SER H 78 14.78 -53.89 56.86
N GLU H 79 16.06 -53.72 57.17
CA GLU H 79 16.44 -53.11 58.44
C GLU H 79 15.79 -51.74 58.57
N ALA H 80 15.77 -50.98 57.48
CA ALA H 80 15.01 -49.73 57.46
C ALA H 80 13.52 -49.99 57.66
N HIS H 81 12.98 -51.01 56.99
CA HIS H 81 11.58 -51.37 57.19
C HIS H 81 11.29 -51.74 58.64
N GLY H 82 12.15 -52.55 59.25
CA GLY H 82 11.93 -52.94 60.63
C GLY H 82 12.03 -51.78 61.59
N LYS H 83 13.02 -50.91 61.40
CA LYS H 83 13.17 -49.73 62.25
C LYS H 83 11.98 -48.78 62.10
N ILE H 84 11.50 -48.59 60.87
CA ILE H 84 10.32 -47.74 60.67
C ILE H 84 9.11 -48.35 61.37
N SER H 85 8.88 -49.66 61.20
CA SER H 85 7.74 -50.29 61.85
C SER H 85 7.87 -50.29 63.37
N ALA H 86 9.09 -50.24 63.90
CA ALA H 86 9.27 -50.24 65.34
C ALA H 86 8.76 -48.97 66.01
N PHE H 87 8.71 -47.86 65.29
CA PHE H 87 8.26 -46.59 65.85
C PHE H 87 6.75 -46.39 65.76
N LEU H 88 6.03 -47.34 65.17
CA LEU H 88 4.58 -47.23 65.07
C LEU H 88 3.90 -47.96 66.21
N PRO H 114 17.01 -45.26 48.96
CA PRO H 114 17.35 -43.99 49.62
C PRO H 114 16.16 -43.04 49.71
N GLU H 115 15.71 -42.53 48.57
CA GLU H 115 14.57 -41.61 48.58
C GLU H 115 13.35 -42.25 49.22
N LEU H 116 13.00 -43.47 48.80
CA LEU H 116 11.84 -44.15 49.38
C LEU H 116 12.07 -44.51 50.84
N GLU H 117 13.26 -45.01 51.18
CA GLU H 117 13.56 -45.32 52.57
C GLU H 117 13.49 -44.07 53.43
N ILE H 118 14.04 -42.95 52.93
CA ILE H 118 13.90 -41.69 53.65
C ILE H 118 12.45 -41.22 53.66
N PHE H 119 11.77 -41.35 52.52
CA PHE H 119 10.43 -40.78 52.39
C PHE H 119 9.47 -41.35 53.42
N CYS H 120 9.55 -42.66 53.67
CA CYS H 120 8.70 -43.26 54.70
C CYS H 120 8.91 -42.56 56.04
N TYR H 121 10.15 -42.22 56.36
CA TYR H 121 10.42 -41.46 57.59
C TYR H 121 9.69 -40.12 57.58
N LEU H 122 9.46 -39.55 56.39
CA LEU H 122 8.84 -38.23 56.32
C LEU H 122 7.44 -38.24 56.91
N ILE H 123 6.58 -39.16 56.45
CA ILE H 123 5.19 -39.18 56.92
C ILE H 123 5.13 -39.67 58.36
N VAL H 124 5.87 -40.74 58.68
CA VAL H 124 5.81 -41.32 60.02
C VAL H 124 6.21 -40.28 61.06
N LEU H 125 7.31 -39.56 60.82
CA LEU H 125 7.71 -38.51 61.75
C LEU H 125 6.62 -37.45 61.89
N LEU H 126 6.01 -37.06 60.78
CA LEU H 126 4.91 -36.09 60.84
C LEU H 126 3.74 -36.65 61.64
N PHE H 127 3.38 -37.91 61.41
CA PHE H 127 2.28 -38.52 62.14
C PHE H 127 2.61 -38.63 63.62
N LEU H 128 3.85 -38.99 63.95
CA LEU H 128 4.25 -39.05 65.36
C LEU H 128 3.96 -37.72 66.07
N ILE H 129 4.39 -36.61 65.48
CA ILE H 129 3.98 -35.31 66.00
C ILE H 129 2.48 -35.12 65.82
N ASP H 130 1.91 -35.64 64.73
CA ASP H 130 0.46 -35.62 64.57
C ASP H 130 -0.23 -36.30 65.75
N GLN H 131 0.35 -37.38 66.26
CA GLN H 131 -0.14 -38.04 67.47
C GLN H 131 0.47 -37.48 68.74
N LYS H 132 1.32 -36.44 68.63
CA LYS H 132 1.95 -35.80 69.77
C LYS H 132 3.04 -36.68 70.39
N LEU H 133 3.48 -37.72 69.69
CA LEU H 133 4.56 -38.59 70.17
C LEU H 133 5.89 -37.97 69.75
N HIS H 134 6.18 -36.81 70.35
CA HIS H 134 7.40 -36.09 70.01
C HIS H 134 8.66 -36.85 70.42
N ASN H 135 8.59 -37.62 71.51
CA ASN H 135 9.72 -38.42 71.92
C ASN H 135 10.07 -39.46 70.85
N GLU H 136 9.05 -40.12 70.28
CA GLU H 136 9.30 -41.05 69.20
C GLU H 136 9.75 -40.34 67.93
N ALA H 137 9.18 -39.16 67.65
CA ALA H 137 9.63 -38.37 66.52
C ALA H 137 11.08 -37.92 66.70
N LYS H 138 11.51 -37.71 67.95
CA LYS H 138 12.89 -37.34 68.21
C LYS H 138 13.84 -38.44 67.73
N ALA H 139 13.60 -39.68 68.18
CA ALA H 139 14.42 -40.79 67.72
C ALA H 139 14.24 -41.04 66.24
N CYS H 140 12.99 -41.03 65.76
CA CYS H 140 12.74 -41.21 64.34
C CYS H 140 13.34 -40.07 63.52
N ALA H 141 13.43 -38.88 64.11
CA ALA H 141 14.12 -37.78 63.44
C ALA H 141 15.61 -38.05 63.35
N SER H 142 16.24 -38.43 64.46
CA SER H 142 17.64 -38.80 64.42
C SER H 142 17.85 -40.08 63.61
N ALA H 143 16.95 -41.05 63.75
CA ALA H 143 17.04 -42.27 62.96
C ALA H 143 16.91 -41.97 61.47
N SER H 144 15.97 -41.09 61.10
CA SER H 144 15.84 -40.70 59.70
C SER H 144 17.08 -39.97 59.21
N ILE H 145 17.56 -39.00 59.98
CA ILE H 145 18.75 -38.25 59.57
C ILE H 145 19.98 -39.15 59.56
N ALA H 146 20.12 -40.00 60.58
CA ALA H 146 21.28 -40.88 60.65
C ALA H 146 21.42 -41.69 59.36
N ARG H 147 20.30 -42.10 58.76
CA ARG H 147 20.35 -42.68 57.42
C ARG H 147 20.77 -41.63 56.40
N LEU H 148 20.37 -40.38 56.60
CA LEU H 148 20.68 -39.33 55.63
C LEU H 148 22.17 -39.16 55.43
N LYS H 149 22.97 -39.24 56.50
CA LYS H 149 24.41 -39.08 56.38
C LYS H 149 25.02 -40.15 55.49
N SER H 150 24.56 -41.40 55.61
CA SER H 150 25.08 -42.50 54.83
C SER H 150 24.79 -42.37 53.34
N LEU H 151 23.66 -41.81 52.96
CA LEU H 151 23.26 -41.69 51.56
C LEU H 151 24.06 -40.55 50.93
N LYS H 152 24.57 -40.80 49.72
CA LYS H 152 25.47 -39.87 49.03
C LYS H 152 24.90 -39.37 47.72
N ARG H 153 23.58 -39.18 47.65
CA ARG H 153 22.89 -38.81 46.43
C ARG H 153 22.36 -37.39 46.52
N ARG H 154 22.50 -36.63 45.44
CA ARG H 154 22.01 -35.25 45.40
C ARG H 154 20.49 -35.17 45.46
N VAL H 155 19.79 -36.20 44.96
CA VAL H 155 18.32 -36.18 44.93
C VAL H 155 17.71 -36.20 46.32
N ALA H 156 18.51 -36.37 47.37
CA ALA H 156 18.03 -36.40 48.73
C ALA H 156 17.98 -35.02 49.38
N ASP H 157 18.30 -33.96 48.63
CA ASP H 157 18.30 -32.62 49.21
C ASP H 157 16.90 -32.18 49.61
N VAL H 158 15.92 -32.34 48.72
CA VAL H 158 14.56 -31.93 49.04
C VAL H 158 13.97 -32.81 50.12
N LEU H 159 14.16 -34.13 50.01
CA LEU H 159 13.68 -35.03 51.05
C LEU H 159 14.37 -34.74 52.38
N ALA H 160 15.70 -34.58 52.35
CA ALA H 160 16.42 -34.20 53.57
C ALA H 160 16.02 -32.81 54.04
N SER H 161 15.92 -31.86 53.11
CA SER H 161 15.57 -30.49 53.50
C SER H 161 14.28 -30.45 54.29
N LYS H 162 13.26 -31.19 53.84
CA LYS H 162 12.04 -31.30 54.63
C LYS H 162 12.32 -31.96 55.97
N LEU H 163 13.21 -32.95 55.99
CA LEU H 163 13.56 -33.60 57.25
C LEU H 163 14.21 -32.62 58.22
N TYR H 164 15.10 -31.76 57.72
CA TYR H 164 15.69 -30.74 58.59
C TYR H 164 14.62 -29.88 59.23
N SER H 165 13.60 -29.51 58.46
CA SER H 165 12.49 -28.75 59.03
C SER H 165 11.77 -29.54 60.12
N PHE H 166 11.50 -30.82 59.86
CA PHE H 166 10.81 -31.65 60.84
C PHE H 166 11.74 -32.22 61.90
N TYR H 167 13.02 -32.42 61.56
CA TYR H 167 13.95 -32.95 62.55
C TYR H 167 14.01 -32.06 63.78
N SER H 168 14.25 -30.76 63.58
CA SER H 168 14.28 -29.84 64.71
C SER H 168 12.91 -29.73 65.37
N LEU H 169 11.83 -29.74 64.56
CA LEU H 169 10.50 -29.43 65.08
C LEU H 169 10.15 -30.32 66.26
N SER H 170 10.58 -31.58 66.24
CA SER H 170 10.39 -32.44 67.40
C SER H 170 11.12 -31.89 68.61
N TYR H 171 12.31 -31.33 68.41
CA TYR H 171 13.11 -30.81 69.51
C TYR H 171 12.46 -29.61 70.19
N GLU H 172 11.87 -28.67 69.43
CA GLU H 172 11.15 -27.58 70.08
C GLU H 172 9.99 -28.11 70.90
N LEU H 173 9.23 -29.06 70.35
CA LEU H 173 8.14 -29.66 71.09
C LEU H 173 8.64 -30.43 72.30
N THR H 174 9.87 -30.97 72.22
CA THR H 174 10.53 -31.59 73.36
C THR H 174 11.38 -30.61 74.16
N GLY H 175 11.51 -29.37 73.70
CA GLY H 175 12.32 -28.39 74.41
C GLY H 175 13.81 -28.60 74.33
N ASP H 176 14.30 -29.27 73.29
CA ASP H 176 15.71 -29.62 73.17
C ASP H 176 16.36 -29.01 71.93
N LEU H 177 16.07 -27.72 71.67
CA LEU H 177 16.76 -27.03 70.60
C LEU H 177 18.24 -26.80 70.90
N ALA H 178 18.61 -26.78 72.18
CA ALA H 178 20.00 -26.53 72.55
C ALA H 178 20.89 -27.72 72.28
N GLU H 179 20.32 -28.93 72.26
CA GLU H 179 21.09 -30.13 71.96
C GLU H 179 21.27 -30.37 70.47
N ILE H 180 20.73 -29.50 69.62
CA ILE H 180 20.87 -29.63 68.18
C ILE H 180 22.04 -28.83 67.63
N ARG H 181 22.45 -27.76 68.31
CA ARG H 181 23.54 -26.92 67.82
C ARG H 181 24.79 -27.77 67.56
N GLY H 182 24.95 -28.84 68.31
CA GLY H 182 26.02 -29.79 68.01
C GLY H 182 25.60 -30.85 67.01
N GLU H 183 24.37 -30.77 66.51
CA GLU H 183 23.89 -31.81 65.62
C GLU H 183 23.65 -31.29 64.20
N LEU H 184 22.79 -30.28 64.05
CA LEU H 184 22.40 -29.85 62.71
C LEU H 184 23.51 -29.05 62.03
N LEU H 185 24.30 -28.32 62.80
CA LEU H 185 25.26 -27.40 62.21
C LEU H 185 26.21 -28.12 61.24
N THR H 186 26.79 -29.24 61.66
CA THR H 186 27.58 -30.04 60.73
C THR H 186 26.72 -30.57 59.59
N LEU H 187 25.43 -30.78 59.84
CA LEU H 187 24.54 -31.16 58.75
C LEU H 187 24.46 -30.06 57.70
N HIS H 188 24.44 -28.80 58.13
CA HIS H 188 24.63 -27.69 57.19
C HIS H 188 26.02 -27.75 56.58
N ARG H 189 27.03 -28.12 57.38
CA ARG H 189 28.37 -28.26 56.85
C ARG H 189 28.39 -29.25 55.68
N LEU H 190 27.73 -30.41 55.85
CA LEU H 190 27.63 -31.35 54.75
C LEU H 190 26.90 -30.74 53.56
N THR H 191 25.79 -30.05 53.82
CA THR H 191 25.09 -29.36 52.74
C THR H 191 25.95 -28.26 52.12
N THR H 192 26.65 -27.49 52.96
CA THR H 192 27.61 -26.52 52.44
C THR H 192 28.80 -27.23 51.77
N LEU H 193 29.22 -28.36 52.33
CA LEU H 193 30.33 -29.11 51.74
C LEU H 193 29.95 -29.73 50.41
N HIS H 194 28.69 -30.18 50.28
CA HIS H 194 28.21 -30.81 49.06
C HIS H 194 27.63 -29.81 48.07
N HIS H 195 27.69 -28.52 48.37
CA HIS H 195 27.13 -27.48 47.50
C HIS H 195 25.61 -27.59 47.41
N ASP H 196 25.01 -28.25 48.41
CA ASP H 196 23.56 -28.43 48.45
C ASP H 196 22.92 -27.10 48.80
N GLU H 197 22.54 -26.33 47.77
CA GLU H 197 21.98 -25.00 47.99
C GLU H 197 20.68 -25.06 48.79
N LEU H 198 19.80 -26.02 48.50
CA LEU H 198 18.57 -26.13 49.26
C LEU H 198 18.84 -26.40 50.74
N GLY H 199 19.74 -27.33 51.04
CA GLY H 199 20.10 -27.58 52.42
C GLY H 199 20.93 -26.47 53.03
N GLN H 200 21.70 -25.76 52.20
CA GLN H 200 22.53 -24.67 52.70
C GLN H 200 21.68 -23.57 53.31
N GLU H 201 20.57 -23.23 52.67
CA GLU H 201 19.71 -22.17 53.21
C GLU H 201 18.88 -22.67 54.39
N THR H 202 18.13 -23.77 54.19
CA THR H 202 17.19 -24.22 55.19
C THR H 202 17.86 -24.40 56.56
N LEU H 203 19.07 -24.93 56.58
CA LEU H 203 19.74 -25.19 57.86
C LEU H 203 20.23 -23.90 58.51
N LEU H 204 20.56 -22.88 57.71
CA LEU H 204 21.03 -21.61 58.27
C LEU H 204 19.90 -20.90 59.00
N ASN H 205 18.73 -20.82 58.40
CA ASN H 205 17.61 -20.13 59.05
C ASN H 205 17.29 -20.77 60.39
N LEU H 206 17.23 -22.11 60.43
CA LEU H 206 17.08 -22.80 61.71
C LEU H 206 18.19 -22.40 62.67
N LEU H 207 19.39 -22.15 62.15
CA LEU H 207 20.44 -21.57 62.98
C LEU H 207 20.03 -20.21 63.51
N LEU H 208 19.41 -19.40 62.66
CA LEU H 208 18.84 -18.13 63.13
C LEU H 208 17.72 -18.39 64.14
N ARG H 209 16.84 -19.35 63.85
CA ARG H 209 15.75 -19.65 64.76
C ARG H 209 16.27 -20.13 66.11
N ASN H 210 17.15 -21.14 66.10
CA ASN H 210 17.64 -21.69 67.37
C ASN H 210 18.32 -20.62 68.21
N TYR H 211 19.19 -19.82 67.61
CA TYR H 211 19.90 -18.80 68.37
C TYR H 211 18.97 -17.68 68.78
N LEU H 212 17.94 -17.39 67.98
CA LEU H 212 16.96 -16.39 68.39
C LEU H 212 16.06 -16.92 69.49
N HIS H 213 15.67 -18.19 69.42
CA HIS H 213 14.79 -18.76 70.45
C HIS H 213 15.51 -18.82 71.79
N TYR H 214 16.82 -19.05 71.79
CA TYR H 214 17.63 -18.98 72.99
C TYR H 214 18.18 -17.58 73.24
N ASN H 215 17.77 -16.60 72.43
CA ASN H 215 18.18 -15.21 72.59
C ASN H 215 19.69 -15.04 72.50
N LEU H 216 20.34 -15.80 71.61
CA LEU H 216 21.78 -15.66 71.39
C LEU H 216 22.00 -14.59 70.32
N TYR H 217 21.36 -13.44 70.54
CA TYR H 217 21.36 -12.38 69.54
C TYR H 217 22.72 -11.73 69.38
N ASP H 218 23.56 -11.77 70.42
CA ASP H 218 24.96 -11.43 70.22
C ASP H 218 25.59 -12.37 69.19
N GLN H 219 25.00 -13.56 69.02
CA GLN H 219 25.56 -14.56 68.12
C GLN H 219 24.74 -14.67 66.84
N ALA H 220 23.46 -14.29 66.87
CA ALA H 220 22.63 -14.39 65.68
C ALA H 220 23.18 -13.55 64.54
N GLU H 221 23.59 -12.31 64.83
CA GLU H 221 24.23 -11.49 63.82
C GLU H 221 25.55 -12.11 63.39
N LYS H 222 26.20 -12.84 64.29
CA LYS H 222 27.43 -13.53 63.94
C LYS H 222 27.22 -14.46 62.74
N LEU H 223 26.07 -15.13 62.69
CA LEU H 223 25.75 -15.97 61.55
C LEU H 223 25.60 -15.15 60.27
N ARG H 224 24.91 -14.02 60.34
CA ARG H 224 24.58 -13.26 59.14
C ARG H 224 25.83 -12.76 58.43
N SER H 225 26.80 -12.26 59.19
CA SER H 225 28.02 -11.75 58.58
C SER H 225 28.78 -12.86 57.84
N LYS H 226 28.62 -14.10 58.27
CA LYS H 226 29.36 -15.22 57.68
C LYS H 226 28.58 -15.99 56.62
N ALA H 227 27.28 -16.14 56.79
CA ALA H 227 26.53 -17.00 55.88
C ALA H 227 26.52 -16.41 54.47
N PRO H 228 26.99 -17.15 53.47
CA PRO H 228 26.94 -16.62 52.10
C PRO H 228 25.51 -16.51 51.61
N SER H 229 25.27 -15.51 50.75
CA SER H 229 23.92 -15.28 50.22
C SER H 229 23.58 -16.33 49.18
N PHE H 230 22.76 -17.31 49.56
CA PHE H 230 22.34 -18.33 48.61
C PHE H 230 21.12 -17.86 47.82
N GLY H 231 21.10 -18.18 46.53
CA GLY H 231 20.02 -17.76 45.67
C GLY H 231 18.65 -18.11 46.21
N ALA H 232 17.63 -17.34 45.84
CA ALA H 232 16.29 -17.55 46.38
C ALA H 232 15.64 -18.78 45.76
N HIS H 233 16.21 -19.96 46.06
CA HIS H 233 15.68 -21.19 45.50
C HIS H 233 14.40 -21.64 46.21
N SER H 234 14.23 -21.24 47.48
CA SER H 234 13.08 -21.62 48.27
C SER H 234 12.28 -20.37 48.61
N ASN H 235 10.99 -20.38 48.30
CA ASN H 235 10.17 -19.19 48.49
C ASN H 235 9.88 -18.95 49.97
N GLN H 236 9.57 -20.01 50.72
CA GLN H 236 9.29 -19.85 52.14
C GLN H 236 10.58 -19.69 52.94
N GLN H 237 11.56 -20.56 52.72
CA GLN H 237 12.77 -20.56 53.53
C GLN H 237 13.50 -19.23 53.47
N HIS H 238 13.69 -18.67 52.27
CA HIS H 238 14.38 -17.39 52.16
C HIS H 238 13.59 -16.28 52.86
N CYS H 239 12.27 -16.33 52.78
CA CYS H 239 11.46 -15.40 53.56
C CYS H 239 11.86 -15.43 55.03
N ARG H 240 11.99 -16.62 55.59
CA ARG H 240 12.52 -16.73 56.96
C ARG H 240 13.93 -16.18 57.05
N HIS H 241 14.78 -16.52 56.07
CA HIS H 241 16.11 -15.89 56.02
C HIS H 241 15.98 -14.39 55.83
N LEU H 242 15.09 -13.98 54.92
CA LEU H 242 14.79 -12.55 54.80
C LEU H 242 14.16 -12.01 56.07
N PHE H 243 13.28 -12.80 56.69
CA PHE H 243 12.56 -12.33 57.87
C PHE H 243 13.40 -12.49 59.13
N TYR H 244 14.11 -13.62 59.27
CA TYR H 244 14.99 -13.79 60.42
C TYR H 244 15.98 -12.65 60.52
N VAL H 245 16.44 -12.14 59.38
CA VAL H 245 17.20 -10.89 59.37
C VAL H 245 16.30 -9.74 59.80
N GLY H 246 15.02 -9.79 59.41
CA GLY H 246 14.09 -8.76 59.82
C GLY H 246 13.90 -8.70 61.32
N LYS H 247 13.81 -9.85 61.98
CA LYS H 247 13.74 -9.87 63.44
C LYS H 247 15.01 -9.31 64.05
N ILE H 248 16.17 -9.82 63.61
CA ILE H 248 17.44 -9.36 64.16
C ILE H 248 17.63 -7.88 63.87
N GLN H 249 17.36 -7.46 62.63
CA GLN H 249 17.47 -6.04 62.30
C GLN H 249 16.59 -5.20 63.21
N THR H 250 15.39 -5.69 63.52
CA THR H 250 14.54 -5.02 64.50
C THR H 250 15.21 -5.05 65.87
N ILE H 251 15.83 -6.17 66.22
CA ILE H 251 16.45 -6.31 67.53
C ILE H 251 17.68 -5.43 67.70
N GLN H 252 18.49 -5.30 66.64
CA GLN H 252 19.81 -4.67 66.77
C GLN H 252 19.83 -3.22 66.31
N LEU H 253 18.67 -2.58 66.15
CA LEU H 253 18.52 -1.15 65.85
C LEU H 253 18.85 -0.76 64.42
N GLU H 254 19.32 -1.67 63.58
CA GLU H 254 19.49 -1.36 62.15
C GLU H 254 18.11 -1.37 61.51
N TYR H 255 17.29 -0.40 61.94
CA TYR H 255 15.91 -0.32 61.50
C TYR H 255 15.79 -0.06 60.00
N THR H 256 16.62 0.83 59.46
CA THR H 256 16.59 1.09 58.02
C THR H 256 16.74 -0.21 57.24
N ASP H 257 17.78 -0.98 57.54
CA ASP H 257 17.88 -2.32 56.98
C ASP H 257 16.74 -3.21 57.47
N ALA H 258 16.22 -2.94 58.67
CA ALA H 258 15.17 -3.78 59.24
C ALA H 258 13.91 -3.74 58.39
N LYS H 259 13.47 -2.54 57.99
CA LYS H 259 12.20 -2.44 57.28
C LYS H 259 12.23 -3.23 55.97
N GLU H 260 13.29 -3.07 55.19
CA GLU H 260 13.35 -3.75 53.90
C GLU H 260 13.23 -5.26 54.06
N SER H 261 14.17 -5.89 54.77
CA SER H 261 14.11 -7.32 54.98
C SER H 261 12.80 -7.71 55.66
N LEU H 262 12.29 -6.84 56.54
CA LEU H 262 10.96 -7.06 57.10
C LEU H 262 9.90 -7.03 56.00
N LEU H 263 10.01 -6.08 55.07
CA LEU H 263 9.14 -6.08 53.90
C LEU H 263 9.57 -7.14 52.90
N GLN H 264 10.88 -7.37 52.77
CA GLN H 264 11.39 -8.29 51.76
C GLN H 264 10.76 -9.67 51.90
N ALA H 265 10.80 -10.24 53.10
CA ALA H 265 10.11 -11.50 53.34
C ALA H 265 8.60 -11.33 53.18
N ALA H 266 8.03 -10.31 53.82
CA ALA H 266 6.60 -10.04 53.68
C ALA H 266 6.22 -9.81 52.22
N ARG H 267 7.13 -9.23 51.43
CA ARG H 267 6.88 -9.11 49.99
C ARG H 267 6.65 -10.49 49.37
N LYS H 268 7.35 -11.50 49.88
CA LYS H 268 7.30 -12.85 49.32
C LYS H 268 6.50 -13.82 50.18
N ALA H 269 5.94 -13.36 51.29
CA ALA H 269 5.25 -14.26 52.20
C ALA H 269 4.03 -14.87 51.53
N PRO H 270 3.80 -16.17 51.67
CA PRO H 270 2.63 -16.80 51.04
C PRO H 270 1.34 -16.39 51.73
N ILE H 271 0.27 -16.31 50.95
CA ILE H 271 -1.04 -15.99 51.50
C ILE H 271 -1.49 -17.05 52.49
N ALA H 272 -1.25 -18.33 52.20
CA ALA H 272 -1.66 -19.41 53.10
C ALA H 272 -0.92 -19.36 54.43
N ALA H 273 0.30 -18.84 54.46
CA ALA H 273 1.07 -18.70 55.70
C ALA H 273 0.72 -17.36 56.33
N ARG H 274 -0.56 -17.20 56.67
CA ARG H 274 -1.02 -15.96 57.30
C ARG H 274 -0.21 -15.67 58.56
N GLY H 275 -0.04 -16.66 59.42
CA GLY H 275 0.76 -16.45 60.62
C GLY H 275 2.15 -15.96 60.30
N PHE H 276 2.82 -16.62 59.34
CA PHE H 276 4.10 -16.10 58.87
C PHE H 276 3.94 -14.71 58.27
N ARG H 277 2.90 -14.52 57.45
CA ARG H 277 2.54 -13.16 57.05
C ARG H 277 2.28 -12.28 58.26
N ILE H 278 1.44 -12.75 59.19
CA ILE H 278 1.17 -12.00 60.40
C ILE H 278 2.46 -11.79 61.18
N GLN H 279 3.26 -12.85 61.34
CA GLN H 279 4.54 -12.70 62.01
C GLN H 279 5.45 -11.75 61.23
N CYS H 280 5.46 -11.88 59.91
CA CYS H 280 6.10 -10.87 59.08
C CYS H 280 5.42 -9.52 59.24
N ASN H 281 4.10 -9.53 59.45
CA ASN H 281 3.37 -8.28 59.59
C ASN H 281 3.41 -7.76 61.02
N LYS H 282 3.60 -8.65 62.01
CA LYS H 282 3.71 -8.18 63.38
C LYS H 282 5.03 -7.48 63.61
N TRP H 283 6.11 -7.98 63.00
CA TRP H 283 7.42 -7.37 63.20
C TRP H 283 7.56 -6.08 62.40
N ALA H 284 7.02 -6.05 61.18
CA ALA H 284 7.05 -4.82 60.39
C ALA H 284 6.36 -3.69 61.13
N VAL H 285 5.32 -4.01 61.91
CA VAL H 285 4.62 -2.97 62.66
C VAL H 285 5.53 -2.35 63.71
N ILE H 286 6.24 -3.19 64.47
CA ILE H 286 7.07 -2.68 65.55
C ILE H 286 8.13 -1.73 65.01
N VAL H 287 8.83 -2.14 63.95
CA VAL H 287 9.87 -1.29 63.39
C VAL H 287 9.29 0.02 62.88
N ARG H 288 8.18 -0.05 62.15
CA ARG H 288 7.54 1.17 61.65
C ARG H 288 7.23 2.11 62.81
N LEU H 289 6.66 1.58 63.89
CA LEU H 289 6.54 2.38 65.11
C LEU H 289 7.91 2.71 65.68
N LEU H 290 8.88 1.80 65.54
CA LEU H 290 10.23 2.09 65.98
C LEU H 290 10.96 2.99 64.98
N LEU H 291 10.45 3.08 63.75
CA LEU H 291 11.01 3.95 62.73
C LEU H 291 10.49 5.38 62.83
N GLY H 292 9.45 5.63 63.62
CA GLY H 292 8.79 6.91 63.64
C GLY H 292 7.68 7.06 62.63
N GLU H 293 7.45 6.06 61.77
CA GLU H 293 6.39 6.09 60.78
C GLU H 293 5.32 5.09 61.15
N ILE H 294 4.12 5.59 61.46
CA ILE H 294 3.01 4.74 61.88
C ILE H 294 2.53 3.93 60.68
N PRO H 295 2.38 2.61 60.81
CA PRO H 295 1.88 1.82 59.68
C PRO H 295 0.45 2.23 59.34
N GLU H 296 0.13 2.16 58.05
CA GLU H 296 -1.19 2.59 57.60
C GLU H 296 -2.27 1.65 58.10
N ARG H 297 -3.44 2.21 58.39
CA ARG H 297 -4.56 1.41 58.88
C ARG H 297 -4.91 0.27 57.94
N THR H 298 -4.72 0.45 56.63
CA THR H 298 -5.12 -0.57 55.66
C THR H 298 -4.51 -1.93 55.96
N MET H 299 -3.24 -1.99 56.34
CA MET H 299 -2.65 -3.26 56.72
C MET H 299 -3.37 -3.90 57.89
N PHE H 300 -4.12 -3.11 58.67
CA PHE H 300 -4.86 -3.61 59.82
C PHE H 300 -6.27 -4.08 59.46
N MET H 301 -6.62 -4.09 58.18
CA MET H 301 -7.91 -4.62 57.73
C MET H 301 -7.76 -5.73 56.70
N GLN H 302 -6.58 -6.33 56.60
CA GLN H 302 -6.40 -7.46 55.70
C GLN H 302 -7.15 -8.67 56.25
N LYS H 303 -7.92 -9.34 55.38
CA LYS H 303 -8.84 -10.38 55.79
C LYS H 303 -8.14 -11.54 56.47
N GLY H 304 -8.67 -11.99 57.61
CA GLY H 304 -8.15 -13.12 58.34
C GLY H 304 -7.08 -12.80 59.35
N MET H 305 -6.22 -11.82 59.08
CA MET H 305 -5.14 -11.46 59.98
C MET H 305 -5.53 -10.36 60.96
N GLU H 306 -6.76 -9.85 60.89
CA GLU H 306 -7.16 -8.75 61.74
C GLU H 306 -7.07 -9.10 63.22
N LYS H 307 -7.53 -10.29 63.61
CA LYS H 307 -7.45 -10.68 65.01
C LYS H 307 -6.01 -10.70 65.51
N ALA H 308 -5.06 -10.96 64.60
CA ALA H 308 -3.66 -11.01 64.98
C ALA H 308 -3.08 -9.64 65.33
N LEU H 309 -3.44 -8.60 64.58
CA LEU H 309 -2.87 -7.28 64.76
C LEU H 309 -3.68 -6.38 65.70
N ARG H 310 -4.76 -6.88 66.28
CA ARG H 310 -5.58 -6.05 67.16
C ARG H 310 -4.76 -5.35 68.23
N PRO H 311 -3.87 -6.04 68.96
CA PRO H 311 -2.99 -5.31 69.90
C PRO H 311 -2.11 -4.30 69.20
N TYR H 312 -1.72 -4.57 67.95
CA TYR H 312 -0.79 -3.69 67.24
C TYR H 312 -1.43 -2.40 66.78
N PHE H 313 -2.70 -2.44 66.37
CA PHE H 313 -3.36 -1.23 65.87
C PHE H 313 -3.52 -0.20 66.97
N GLU H 314 -4.05 -0.61 68.12
CA GLU H 314 -4.25 0.33 69.22
C GLU H 314 -2.94 0.92 69.70
N LEU H 315 -1.86 0.15 69.65
CA LEU H 315 -0.55 0.66 70.06
C LEU H 315 -0.13 1.84 69.19
N THR H 316 -0.35 1.73 67.88
CA THR H 316 -0.01 2.84 66.99
C THR H 316 -0.89 4.06 67.26
N ASN H 317 -2.19 3.83 67.51
CA ASN H 317 -3.10 4.95 67.70
C ASN H 317 -2.66 5.81 68.87
N ALA H 318 -2.32 5.19 70.00
CA ALA H 318 -1.75 5.94 71.11
C ALA H 318 -0.46 6.63 70.69
N VAL H 319 0.40 5.92 69.97
CA VAL H 319 1.57 6.57 69.36
C VAL H 319 1.11 7.65 68.39
N ARG H 320 0.11 7.34 67.56
CA ARG H 320 -0.43 8.34 66.65
C ARG H 320 -1.07 9.50 67.41
N ILE H 321 -1.75 9.19 68.51
CA ILE H 321 -2.28 10.25 69.36
C ILE H 321 -1.16 10.90 70.18
N GLY H 322 -0.09 10.17 70.44
CA GLY H 322 1.03 10.72 71.20
C GLY H 322 0.80 10.78 72.70
N ASP H 323 -0.13 9.98 73.22
CA ASP H 323 -0.40 9.93 74.65
C ASP H 323 0.10 8.61 75.21
N LEU H 324 0.80 8.67 76.34
CA LEU H 324 1.39 7.47 76.91
C LEU H 324 0.49 6.80 77.94
N GLU H 325 -0.50 7.53 78.47
CA GLU H 325 -1.39 6.93 79.46
C GLU H 325 -2.14 5.73 78.89
N LEU H 326 -2.78 5.90 77.74
CA LEU H 326 -3.42 4.77 77.09
C LEU H 326 -2.39 3.76 76.63
N PHE H 327 -1.16 4.22 76.34
CA PHE H 327 -0.06 3.29 76.11
C PHE H 327 0.08 2.30 77.25
N ARG H 328 0.12 2.79 78.49
CA ARG H 328 0.23 1.90 79.64
C ARG H 328 -0.97 0.97 79.72
N GLY H 329 -2.18 1.51 79.54
CA GLY H 329 -3.36 0.66 79.57
C GLY H 329 -3.38 -0.36 78.45
N VAL H 330 -3.08 0.08 77.23
CA VAL H 330 -3.02 -0.85 76.11
C VAL H 330 -1.88 -1.85 76.31
N THR H 331 -0.70 -1.36 76.73
CA THR H 331 0.43 -2.25 76.94
C THR H 331 0.17 -3.24 78.06
N GLU H 332 -0.43 -2.79 79.16
CA GLU H 332 -0.65 -3.69 80.30
C GLU H 332 -1.67 -4.77 79.98
N LYS H 333 -2.78 -4.40 79.32
CA LYS H 333 -3.79 -5.40 78.99
C LYS H 333 -3.25 -6.45 78.04
N PHE H 334 -2.49 -6.02 77.03
CA PHE H 334 -1.89 -6.92 76.05
C PHE H 334 -0.43 -7.24 76.39
N SER H 335 0.03 -6.81 77.56
CA SER H 335 1.37 -7.21 78.01
C SER H 335 1.52 -8.72 77.98
N SER H 336 0.49 -9.44 78.44
CA SER H 336 0.52 -10.90 78.35
C SER H 336 0.62 -11.38 76.91
N THR H 337 -0.18 -10.81 76.01
CA THR H 337 -0.07 -11.16 74.60
C THR H 337 1.29 -10.76 74.04
N PHE H 338 1.77 -9.59 74.42
CA PHE H 338 3.09 -9.14 74.00
C PHE H 338 4.19 -10.08 74.50
N ASP H 339 4.07 -10.57 75.74
CA ASP H 339 5.00 -11.57 76.23
C ASP H 339 5.03 -12.79 75.30
N LYS H 340 3.88 -13.14 74.73
CA LYS H 340 3.83 -14.29 73.82
C LYS H 340 4.70 -14.08 72.60
N ASP H 341 4.85 -12.85 72.14
CA ASP H 341 5.66 -12.54 70.97
C ASP H 341 7.10 -12.24 71.31
N ARG H 342 7.39 -11.89 72.57
CA ARG H 342 8.77 -11.66 73.03
C ARG H 342 9.32 -10.36 72.48
N THR H 343 8.53 -9.66 71.66
CA THR H 343 8.87 -8.32 71.20
C THR H 343 8.63 -7.26 72.26
N HIS H 344 8.28 -7.67 73.48
CA HIS H 344 8.08 -6.72 74.56
C HIS H 344 9.26 -5.77 74.70
N ASN H 345 10.47 -6.29 74.58
CA ASN H 345 11.65 -5.45 74.64
C ASN H 345 11.59 -4.35 73.58
N LEU H 346 11.03 -4.67 72.41
CA LEU H 346 10.77 -3.63 71.42
C LEU H 346 9.73 -2.65 71.93
N ILE H 347 8.88 -3.07 72.87
CA ILE H 347 7.78 -2.24 73.33
C ILE H 347 8.31 -1.04 74.14
N VAL H 348 9.28 -1.28 75.02
CA VAL H 348 9.77 -0.23 75.91
C VAL H 348 10.26 0.98 75.11
N ARG H 349 11.01 0.73 74.04
CA ARG H 349 11.51 1.82 73.20
C ARG H 349 10.39 2.70 72.66
N LEU H 350 9.23 2.14 72.38
CA LEU H 350 8.15 2.89 71.72
C LEU H 350 7.73 4.12 72.49
N ARG H 351 7.67 4.06 73.82
CA ARG H 351 7.31 5.25 74.59
C ARG H 351 8.22 6.42 74.22
N HIS H 352 9.52 6.16 74.05
CA HIS H 352 10.44 7.21 73.68
C HIS H 352 10.00 7.91 72.40
N ASN H 353 9.69 7.13 71.35
CA ASN H 353 9.09 7.72 70.16
C ASN H 353 7.68 8.24 70.47
N VAL H 354 6.93 7.50 71.29
CA VAL H 354 5.60 7.97 71.70
C VAL H 354 5.73 9.32 72.41
N ILE H 355 6.75 9.46 73.26
CA ILE H 355 7.09 10.78 73.78
C ILE H 355 7.36 11.74 72.62
N ARG H 356 8.11 11.29 71.62
CA ARG H 356 8.33 12.10 70.42
C ARG H 356 7.02 12.32 69.67
N THR H 357 6.20 11.28 69.54
CA THR H 357 4.95 11.41 68.81
C THR H 357 4.05 12.46 69.46
N GLY H 358 3.93 12.41 70.80
CA GLY H 358 3.30 13.51 71.50
C GLY H 358 4.02 14.82 71.24
N LEU H 359 5.35 14.78 71.23
CA LEU H 359 6.12 15.97 70.87
C LEU H 359 5.79 16.43 69.46
N ARG H 360 5.55 15.51 68.54
CA ARG H 360 5.28 15.92 67.17
C ARG H 360 3.99 16.72 67.11
N ASN H 361 2.98 16.30 67.87
CA ASN H 361 1.73 17.04 67.96
C ASN H 361 1.94 18.42 68.57
N ILE H 362 2.52 18.47 69.78
CA ILE H 362 2.58 19.72 70.52
C ILE H 362 3.31 20.79 69.74
N SER H 363 4.52 20.48 69.27
CA SER H 363 5.36 21.50 68.64
C SER H 363 4.73 22.07 67.38
N ILE H 364 4.12 21.22 66.55
CA ILE H 364 3.60 21.71 65.28
C ILE H 364 2.21 22.31 65.44
N SER H 365 1.41 21.78 66.35
CA SER H 365 0.05 22.26 66.56
C SER H 365 -0.02 23.40 67.57
N TYR H 366 1.10 23.76 68.19
CA TYR H 366 1.16 24.89 69.11
C TYR H 366 2.48 25.65 68.91
N SER H 367 2.37 26.95 68.67
CA SER H 367 3.53 27.79 68.42
C SER H 367 4.45 27.91 69.63
N ARG H 368 3.87 28.18 70.81
CA ARG H 368 4.66 28.44 72.00
C ARG H 368 3.82 28.12 73.23
N ILE H 369 4.40 27.33 74.13
CA ILE H 369 3.75 27.00 75.39
C ILE H 369 4.85 26.64 76.40
N SER H 370 4.64 26.99 77.66
CA SER H 370 5.69 26.84 78.65
C SER H 370 5.99 25.37 78.91
N LEU H 371 7.20 25.11 79.42
CA LEU H 371 7.64 23.73 79.64
C LEU H 371 6.72 23.00 80.61
N SER H 372 6.17 23.71 81.60
CA SER H 372 5.22 23.07 82.50
C SER H 372 4.01 22.56 81.74
N ASP H 373 3.48 23.37 80.81
CA ASP H 373 2.45 22.88 79.91
C ASP H 373 2.96 21.72 79.07
N VAL H 374 4.27 21.66 78.83
CA VAL H 374 4.83 20.59 78.00
C VAL H 374 4.63 19.23 78.67
N ALA H 375 4.99 19.12 79.95
CA ALA H 375 4.85 17.85 80.64
C ALA H 375 3.40 17.54 80.99
N LYS H 376 2.63 18.56 81.37
CA LYS H 376 1.24 18.33 81.77
C LYS H 376 0.45 17.64 80.67
N LYS H 377 0.49 18.18 79.45
CA LYS H 377 -0.20 17.53 78.35
C LYS H 377 0.46 16.21 77.96
N LEU H 378 1.73 16.03 78.30
CA LEU H 378 2.39 14.73 78.18
C LEU H 378 1.96 13.77 79.28
N ARG H 379 1.41 14.27 80.38
CA ARG H 379 0.91 13.44 81.47
C ARG H 379 2.03 12.57 82.05
N LEU H 380 3.11 13.22 82.44
CA LEU H 380 4.22 12.54 83.09
C LEU H 380 3.95 12.42 84.58
N ASP H 381 4.04 11.21 85.12
CA ASP H 381 3.88 10.97 86.55
C ASP H 381 5.12 11.31 87.35
N SER H 382 6.06 12.03 86.75
CA SER H 382 7.33 12.50 87.26
C SER H 382 7.14 13.54 88.36
N PRO H 383 7.84 13.39 89.50
CA PRO H 383 7.68 14.34 90.60
C PRO H 383 8.05 15.75 90.21
N ASN H 384 8.89 15.90 89.20
CA ASN H 384 9.37 17.20 88.73
C ASN H 384 9.15 17.31 87.23
N PRO H 385 7.91 17.49 86.80
CA PRO H 385 7.65 17.68 85.36
C PRO H 385 8.29 18.95 84.81
N VAL H 386 8.58 19.94 85.65
CA VAL H 386 9.18 21.18 85.17
C VAL H 386 10.56 20.91 84.57
N ALA H 387 11.41 20.17 85.27
CA ALA H 387 12.75 19.89 84.76
C ALA H 387 12.71 18.85 83.65
N ASP H 388 11.92 17.79 83.82
CA ASP H 388 11.93 16.68 82.86
C ASP H 388 11.48 17.15 81.49
N ALA H 389 10.30 17.79 81.40
CA ALA H 389 9.84 18.31 80.13
C ALA H 389 10.85 19.30 79.56
N GLU H 390 11.35 20.22 80.40
CA GLU H 390 12.47 21.05 80.00
C GLU H 390 13.63 20.20 79.49
N SER H 391 13.98 19.15 80.23
CA SER H 391 15.01 18.22 79.75
C SER H 391 14.54 17.45 78.53
N ILE H 392 13.27 17.04 78.51
CA ILE H 392 12.74 16.31 77.36
C ILE H 392 12.93 17.13 76.09
N VAL H 393 12.62 18.42 76.14
CA VAL H 393 12.84 19.27 74.97
C VAL H 393 14.32 19.34 74.64
N ALA H 394 15.19 19.37 75.66
CA ALA H 394 16.63 19.41 75.41
C ALA H 394 17.06 18.27 74.50
N LYS H 395 16.68 17.04 74.83
CA LYS H 395 16.96 15.92 73.92
C LYS H 395 16.24 16.10 72.60
N ALA H 396 14.97 16.52 72.65
CA ALA H 396 14.23 16.77 71.41
C ALA H 396 14.91 17.85 70.57
N ILE H 397 15.36 18.93 71.21
CA ILE H 397 16.11 19.95 70.47
C ILE H 397 17.42 19.38 69.96
N ARG H 398 18.14 18.63 70.79
CA ARG H 398 19.37 18.00 70.33
C ARG H 398 19.10 17.02 69.20
N ASP H 399 18.07 16.18 69.34
CA ASP H 399 17.72 15.25 68.28
C ASP H 399 17.24 15.96 67.02
N GLY H 400 16.84 17.22 67.12
CA GLY H 400 16.29 17.90 65.98
C GLY H 400 14.89 17.48 65.58
N ALA H 401 14.18 16.74 66.44
CA ALA H 401 12.85 16.30 66.10
C ALA H 401 11.89 17.46 65.88
N ILE H 402 12.21 18.63 66.40
CA ILE H 402 11.34 19.79 66.27
C ILE H 402 12.18 20.98 65.80
N ASP H 403 11.62 21.75 64.87
CA ASP H 403 12.07 23.13 64.64
C ASP H 403 11.51 24.02 65.74
N ALA H 404 12.26 24.07 66.86
CA ALA H 404 11.81 24.79 68.03
C ALA H 404 12.99 25.29 68.84
N THR H 405 12.73 26.30 69.67
CA THR H 405 13.72 26.85 70.59
C THR H 405 13.08 27.05 71.95
N LEU H 406 13.87 26.89 73.01
CA LEU H 406 13.40 27.01 74.38
C LEU H 406 13.69 28.41 74.91
N ASP H 407 12.87 28.88 75.85
CA ASP H 407 13.15 30.09 76.62
C ASP H 407 12.92 29.75 78.09
N HIS H 408 13.96 29.21 78.74
CA HIS H 408 13.84 28.80 80.13
C HIS H 408 13.88 29.98 81.09
N GLY H 409 14.52 31.08 80.69
CA GLY H 409 14.45 32.29 81.49
C GLY H 409 12.99 32.71 81.64
N ASN H 410 12.22 32.52 80.56
CA ASN H 410 10.78 32.67 80.60
C ASN H 410 10.06 31.33 80.70
N GLY H 411 10.79 30.22 80.70
CA GLY H 411 10.16 28.91 80.73
C GLY H 411 9.22 28.68 79.57
N TRP H 412 9.47 29.34 78.44
CA TRP H 412 8.61 29.27 77.26
C TRP H 412 9.36 28.62 76.11
N MET H 413 8.70 27.68 75.44
CA MET H 413 9.28 26.95 74.33
C MET H 413 8.83 27.57 73.02
N LEU H 414 9.75 27.67 72.05
CA LEU H 414 9.50 28.35 70.79
C LEU H 414 9.69 27.36 69.64
N SER H 415 8.61 26.72 69.22
CA SER H 415 8.64 25.89 68.02
C SER H 415 8.86 26.78 66.80
N LYS H 416 9.99 26.57 66.12
CA LYS H 416 10.30 27.33 64.91
C LYS H 416 9.10 27.29 63.97
N GLU H 417 8.67 28.47 63.50
CA GLU H 417 7.56 28.51 62.49
C GLU H 417 7.71 27.31 61.56
N THR H 418 7.00 26.20 61.84
CA THR H 418 7.20 24.96 61.06
C THR H 418 6.03 24.77 60.08
N GLY H 419 5.42 25.87 59.62
CA GLY H 419 4.29 25.80 58.66
C GLY H 419 4.76 26.10 57.25
N ASP H 420 4.87 27.38 56.90
CA ASP H 420 5.34 27.78 55.54
C ASP H 420 6.83 27.45 55.40
N ILE H 421 7.66 27.84 56.37
CA ILE H 421 9.12 27.53 56.37
C ILE H 421 9.73 27.92 55.02
N TYR H 422 10.53 27.03 54.41
CA TYR H 422 11.19 27.33 53.12
C TYR H 422 11.00 26.14 52.15
N SER H 423 12.02 25.85 51.32
CA SER H 423 11.90 24.76 50.32
C SER H 423 11.84 23.39 51.02
N THR H 424 11.02 22.48 50.51
CA THR H 424 10.99 21.10 51.06
C THR H 424 12.16 20.32 50.48
N THR H 425 13.02 21.02 49.70
CA THR H 425 13.99 20.45 48.72
C THR H 425 15.27 20.02 49.44
N GLU H 426 16.32 19.65 48.68
CA GLU H 426 17.60 19.18 49.28
C GLU H 426 17.29 17.87 49.99
N PRO H 427 16.24 17.80 50.83
CA PRO H 427 15.84 16.47 51.33
C PRO H 427 14.73 15.85 50.51
N GLN H 428 13.79 16.67 50.04
CA GLN H 428 12.86 16.20 49.02
C GLN H 428 13.60 15.66 47.80
N SER H 429 14.56 16.45 47.28
CA SER H 429 15.25 16.05 46.06
C SER H 429 16.38 15.06 46.36
N ALA H 430 16.57 14.71 47.62
CA ALA H 430 17.48 13.61 47.95
C ALA H 430 16.70 12.34 48.23
N PHE H 431 15.59 12.47 48.96
CA PHE H 431 14.71 11.33 49.22
C PHE H 431 14.34 10.60 47.93
N ASP H 432 13.75 11.32 46.98
CA ASP H 432 13.19 10.70 45.79
C ASP H 432 14.24 9.88 45.05
N SER H 433 15.41 10.47 44.79
CA SER H 433 16.39 9.83 43.91
C SER H 433 16.70 8.40 44.37
N ARG H 434 16.76 8.17 45.68
CA ARG H 434 16.91 6.81 46.18
C ARG H 434 15.78 5.93 45.69
N ILE H 435 14.58 6.50 45.54
CA ILE H 435 13.42 5.71 45.14
C ILE H 435 13.44 5.49 43.62
N ALA H 436 13.59 6.56 42.85
CA ALA H 436 13.67 6.42 41.40
C ALA H 436 14.88 5.58 41.01
N PHE H 437 16.04 5.86 41.63
CA PHE H 437 17.22 5.04 41.37
C PHE H 437 16.96 3.58 41.70
N CYS H 438 16.10 3.34 42.69
CA CYS H 438 15.67 1.97 42.97
C CYS H 438 14.89 1.39 41.80
N LEU H 439 14.08 2.23 41.14
CA LEU H 439 13.28 1.76 40.02
C LEU H 439 14.14 1.45 38.80
N ASN H 440 15.06 2.35 38.47
CA ASN H 440 15.87 2.15 37.27
C ASN H 440 16.63 0.84 37.34
N MET H 441 17.18 0.52 38.53
CA MET H 441 17.67 -0.84 38.76
C MET H 441 16.53 -1.85 38.76
N HIS H 442 15.43 -1.50 39.43
CA HIS H 442 14.28 -2.40 39.50
C HIS H 442 13.58 -2.49 38.14
N ASN H 443 13.43 -1.36 37.47
CA ASN H 443 12.95 -1.39 36.09
C ASN H 443 13.89 -2.21 35.21
N GLU H 444 15.20 -1.96 35.35
CA GLU H 444 16.19 -2.82 34.73
C GLU H 444 16.15 -4.21 35.35
N ALA H 445 15.82 -4.30 36.63
CA ALA H 445 15.57 -5.61 37.24
C ALA H 445 14.53 -6.37 36.42
N VAL H 446 13.47 -5.68 36.00
CA VAL H 446 12.57 -6.25 35.00
C VAL H 446 13.26 -6.32 33.65
N ARG H 447 14.03 -5.29 33.31
CA ARG H 447 14.78 -5.31 32.05
C ARG H 447 15.83 -6.42 32.05
N ALA H 448 16.56 -6.57 33.14
CA ALA H 448 17.53 -7.66 33.24
C ALA H 448 16.82 -9.01 33.21
N LEU H 449 15.53 -9.03 33.55
CA LEU H 449 14.73 -10.24 33.43
C LEU H 449 13.96 -10.28 32.11
N ARG H 450 14.10 -9.26 31.27
CA ARG H 450 13.41 -9.21 29.98
C ARG H 450 14.08 -10.18 29.02
N TYR H 451 13.35 -11.23 28.66
CA TYR H 451 13.78 -12.20 27.65
C TYR H 451 13.70 -11.64 26.24
N PRO H 452 12.73 -10.74 25.93
CA PRO H 452 12.62 -10.29 24.53
C PRO H 452 13.84 -9.48 24.07
N MET I 1 39.58 -35.13 96.76
CA MET I 1 39.88 -33.71 96.55
C MET I 1 41.19 -33.56 95.78
N ASP I 2 41.12 -32.97 94.60
CA ASP I 2 42.30 -32.81 93.77
C ASP I 2 43.27 -31.83 94.43
N PRO I 3 44.56 -32.17 94.54
CA PRO I 3 45.50 -31.23 95.16
C PRO I 3 45.59 -29.90 94.43
N LYS I 4 45.43 -29.92 93.11
CA LYS I 4 45.38 -28.67 92.36
C LYS I 4 44.26 -27.77 92.87
N LEU I 5 43.09 -28.36 93.13
CA LEU I 5 41.96 -27.58 93.63
C LEU I 5 42.29 -26.95 94.98
N THR I 6 42.91 -27.71 95.88
CA THR I 6 43.25 -27.18 97.19
C THR I 6 44.28 -26.05 97.09
N GLU I 7 45.32 -26.25 96.30
CA GLU I 7 46.33 -25.20 96.14
C GLU I 7 45.72 -23.93 95.55
N ILE I 8 44.87 -24.10 94.54
CA ILE I 8 44.26 -22.96 93.87
C ILE I 8 43.28 -22.24 94.80
N ALA I 9 42.56 -23.00 95.64
CA ALA I 9 41.68 -22.37 96.61
C ALA I 9 42.48 -21.60 97.66
N GLN I 10 43.63 -22.14 98.07
CA GLN I 10 44.50 -21.41 98.98
C GLN I 10 44.98 -20.11 98.34
N THR I 11 45.34 -20.16 97.06
CA THR I 11 45.75 -18.94 96.36
C THR I 11 44.60 -17.96 96.26
N PHE I 12 43.36 -18.46 96.15
CA PHE I 12 42.20 -17.56 96.14
C PHE I 12 42.01 -16.90 97.50
N GLU I 13 42.21 -17.66 98.58
CA GLU I 13 42.15 -17.05 99.90
C GLU I 13 43.21 -15.95 100.02
N ARG I 14 44.42 -16.21 99.52
CA ARG I 14 45.45 -15.18 99.52
C ARG I 14 45.04 -13.98 98.69
N PHE I 15 44.43 -14.20 97.53
CA PHE I 15 44.00 -13.10 96.68
C PHE I 15 42.92 -12.27 97.37
N LYS I 16 41.96 -12.92 98.03
CA LYS I 16 40.93 -12.18 98.74
C LYS I 16 41.54 -11.38 99.89
N ALA I 17 42.50 -11.97 100.60
CA ALA I 17 43.17 -11.24 101.67
C ALA I 17 43.89 -10.02 101.12
N ALA I 18 44.57 -10.16 99.99
CA ALA I 18 45.24 -9.02 99.37
C ALA I 18 44.23 -7.95 98.97
N SER I 19 43.11 -8.36 98.38
CA SER I 19 42.09 -7.41 97.98
C SER I 19 41.54 -6.64 99.19
N VAL I 20 41.29 -7.34 100.30
CA VAL I 20 40.90 -6.65 101.52
C VAL I 20 41.99 -5.69 101.96
N ARG I 21 43.26 -6.04 101.70
CA ARG I 21 44.38 -5.16 102.02
C ARG I 21 44.60 -4.09 100.97
N ASN I 22 43.86 -4.12 99.86
CA ASN I 22 43.98 -3.12 98.80
C ASN I 22 45.41 -3.05 98.26
N ASP I 23 46.07 -4.21 98.18
CA ASP I 23 47.47 -4.28 97.66
C ASP I 23 47.41 -4.66 96.18
N PHE I 24 47.22 -3.67 95.30
CA PHE I 24 47.05 -3.91 93.83
C PHE I 24 47.85 -5.13 93.34
N ASP I 25 49.18 -5.01 93.36
CA ASP I 25 50.05 -6.07 92.78
C ASP I 25 51.15 -6.55 93.74
N THR I 26 52.38 -6.77 93.21
CA THR I 26 53.52 -7.31 94.01
C THR I 26 53.27 -8.78 94.40
N CYS I 27 53.47 -9.12 95.68
CA CYS I 27 53.18 -10.50 96.14
C CYS I 27 51.67 -10.71 96.08
N THR I 28 50.92 -9.63 96.37
CA THR I 28 49.45 -9.72 96.26
C THR I 28 49.15 -9.99 94.77
N ARG I 29 49.82 -9.28 93.84
CA ARG I 29 49.63 -9.57 92.40
C ARG I 29 49.84 -11.06 92.21
N LEU I 30 51.00 -11.59 92.60
CA LEU I 30 51.28 -13.03 92.34
C LEU I 30 50.09 -13.87 92.82
N LEU I 31 49.72 -13.76 94.11
CA LEU I 31 48.65 -14.65 94.65
C LEU I 31 47.37 -14.49 93.83
N THR I 32 46.92 -13.25 93.63
CA THR I 32 45.67 -12.98 92.90
C THR I 32 45.75 -13.65 91.53
N GLN I 33 46.79 -13.36 90.75
CA GLN I 33 46.97 -13.96 89.41
C GLN I 33 46.77 -15.46 89.55
N LEU I 34 47.60 -16.14 90.36
CA LEU I 34 47.49 -17.62 90.46
C LEU I 34 46.02 -18.02 90.68
N LYS I 35 45.42 -17.57 91.79
CA LYS I 35 44.04 -18.03 92.12
C LYS I 35 43.12 -17.82 90.92
N VAL I 36 43.04 -16.57 90.47
CA VAL I 36 42.12 -16.21 89.34
C VAL I 36 42.36 -17.22 88.24
N SER I 37 43.56 -17.21 87.65
CA SER I 37 43.89 -18.12 86.52
C SER I 37 43.31 -19.51 86.82
N LEU I 38 43.82 -20.20 87.83
CA LEU I 38 43.37 -21.60 88.05
C LEU I 38 41.83 -21.69 88.05
N ILE I 39 41.18 -21.05 89.03
CA ILE I 39 39.70 -21.26 89.16
C ILE I 39 39.00 -20.93 87.84
N GLU I 40 39.29 -19.75 87.28
CA GLU I 40 38.62 -19.28 86.04
C GLU I 40 38.77 -20.38 85.00
N TYR I 41 40.02 -20.68 84.61
CA TYR I 41 40.27 -21.70 83.59
C TYR I 41 39.36 -22.90 83.89
N ARG I 42 39.57 -23.55 85.04
CA ARG I 42 38.77 -24.77 85.34
C ARG I 42 37.30 -24.56 85.00
N SER I 43 36.59 -23.73 85.77
CA SER I 43 35.11 -23.62 85.57
C SER I 43 34.72 -23.22 84.16
N LEU I 44 35.37 -22.21 83.61
CA LEU I 44 34.92 -21.62 82.33
C LEU I 44 35.27 -22.50 81.12
N PRO I 45 36.20 -23.49 81.28
CA PRO I 45 36.63 -24.28 80.12
C PRO I 45 35.46 -24.41 79.12
N PRO I 46 35.51 -23.77 77.94
CA PRO I 46 34.40 -23.99 77.01
C PRO I 46 33.92 -25.44 77.01
N MET I 47 34.81 -26.39 77.31
CA MET I 47 34.44 -27.83 77.32
C MET I 47 33.40 -28.09 78.41
N PHE I 48 33.60 -27.52 79.60
CA PHE I 48 32.66 -27.73 80.75
C PHE I 48 32.40 -29.24 80.92
N GLU I 49 33.47 -30.02 81.10
CA GLU I 49 33.33 -31.50 81.23
C GLU I 49 32.43 -31.84 82.43
N ALA I 50 31.58 -32.86 82.29
CA ALA I 50 30.67 -33.26 83.38
C ALA I 50 31.43 -34.11 84.42
N THR I 51 32.54 -33.58 84.94
CA THR I 51 33.31 -34.29 85.95
C THR I 51 32.57 -34.26 87.28
N PRO I 52 32.81 -35.24 88.16
CA PRO I 52 32.19 -35.19 89.49
C PRO I 52 32.57 -33.97 90.29
N ASN I 53 33.74 -33.38 90.02
CA ASN I 53 34.19 -32.16 90.65
C ASN I 53 33.85 -30.91 89.84
N ALA I 54 33.06 -31.07 88.76
CA ALA I 54 32.80 -29.94 87.88
C ALA I 54 32.09 -28.81 88.59
N VAL I 55 31.10 -29.13 89.44
CA VAL I 55 30.29 -28.09 90.06
C VAL I 55 31.15 -27.18 90.93
N HIS I 56 32.03 -27.78 91.74
CA HIS I 56 32.89 -26.97 92.61
C HIS I 56 33.82 -26.08 91.77
N GLU I 57 34.40 -26.64 90.71
CA GLU I 57 35.30 -25.86 89.86
C GLU I 57 34.56 -24.69 89.23
N LEU I 58 33.35 -24.92 88.73
CA LEU I 58 32.60 -23.86 88.07
C LEU I 58 32.15 -22.79 89.08
N THR I 59 31.73 -23.20 90.27
CA THR I 59 31.37 -22.23 91.30
C THR I 59 32.57 -21.36 91.66
N LEU I 60 33.73 -21.99 91.81
CA LEU I 60 34.94 -21.24 92.13
C LEU I 60 35.31 -20.30 90.99
N ALA I 61 35.14 -20.75 89.73
CA ALA I 61 35.38 -19.89 88.58
C ALA I 61 34.48 -18.66 88.61
N ARG I 62 33.21 -18.87 88.91
CA ARG I 62 32.25 -17.77 89.00
C ARG I 62 32.70 -16.76 90.06
N ASP I 63 33.07 -17.27 91.24
CA ASP I 63 33.51 -16.37 92.31
C ASP I 63 34.79 -15.63 91.91
N ILE I 64 35.71 -16.32 91.23
CA ILE I 64 36.97 -15.70 90.83
C ILE I 64 36.71 -14.55 89.87
N TYR I 65 35.85 -14.78 88.88
CA TYR I 65 35.58 -13.73 87.91
C TYR I 65 34.81 -12.58 88.55
N GLU I 66 33.93 -12.88 89.51
CA GLU I 66 33.27 -11.83 90.26
C GLU I 66 34.31 -10.94 90.95
N HIS I 67 35.26 -11.56 91.66
CA HIS I 67 36.28 -10.79 92.36
C HIS I 67 37.19 -10.05 91.39
N ALA I 68 37.46 -10.64 90.22
CA ALA I 68 38.27 -9.97 89.23
C ALA I 68 37.59 -8.72 88.71
N VAL I 69 36.28 -8.80 88.47
CA VAL I 69 35.51 -7.62 88.05
C VAL I 69 35.54 -6.56 89.14
N VAL I 70 35.38 -6.99 90.40
CA VAL I 70 35.42 -6.04 91.50
C VAL I 70 36.77 -5.34 91.56
N LEU I 71 37.86 -6.09 91.43
CA LEU I 71 39.19 -5.50 91.47
C LEU I 71 39.40 -4.54 90.31
N SER I 72 38.94 -4.93 89.11
CA SER I 72 39.02 -4.04 87.96
C SER I 72 38.30 -2.73 88.24
N VAL I 73 37.14 -2.80 88.90
CA VAL I 73 36.43 -1.58 89.27
C VAL I 73 37.27 -0.75 90.24
N LYS I 74 37.86 -1.40 91.24
CA LYS I 74 38.72 -0.67 92.17
C LYS I 74 39.89 -0.02 91.45
N MET I 75 40.41 -0.66 90.39
CA MET I 75 41.51 -0.12 89.63
C MET I 75 41.08 0.90 88.58
N GLU I 76 39.77 1.11 88.42
CA GLU I 76 39.23 2.08 87.46
C GLU I 76 39.58 1.72 86.02
N ASP I 77 39.76 0.43 85.74
CA ASP I 77 40.11 -0.04 84.40
C ASP I 77 38.83 -0.58 83.75
N GLN I 78 38.27 0.20 82.81
CA GLN I 78 37.07 -0.24 82.13
C GLN I 78 37.35 -1.41 81.19
N GLU I 79 38.53 -1.45 80.57
CA GLU I 79 38.85 -2.54 79.66
C GLU I 79 38.98 -3.86 80.41
N ALA I 80 39.70 -3.87 81.53
CA ALA I 80 39.82 -5.08 82.32
C ALA I 80 38.46 -5.50 82.87
N PHE I 81 37.65 -4.53 83.31
CA PHE I 81 36.30 -4.83 83.76
C PHE I 81 35.50 -5.53 82.66
N GLU I 82 35.53 -4.96 81.45
CA GLU I 82 34.78 -5.54 80.34
C GLU I 82 35.27 -6.96 80.03
N ARG I 83 36.58 -7.14 80.01
CA ARG I 83 37.14 -8.47 79.73
C ARG I 83 36.67 -9.47 80.79
N ASP I 84 36.84 -9.13 82.06
CA ASP I 84 36.50 -10.06 83.13
C ASP I 84 35.01 -10.38 83.13
N PHE I 85 34.15 -9.38 82.88
CA PHE I 85 32.71 -9.68 82.91
C PHE I 85 32.28 -10.44 81.66
N CYS I 86 32.84 -10.12 80.49
CA CYS I 86 32.55 -10.90 79.30
C CYS I 86 32.95 -12.35 79.50
N GLN I 87 33.94 -12.58 80.36
CA GLN I 87 34.34 -13.95 80.67
C GLN I 87 33.46 -14.57 81.75
N LEU I 88 32.92 -13.73 82.64
CA LEU I 88 31.99 -14.21 83.66
C LEU I 88 30.64 -14.57 83.06
N LYS I 89 30.25 -13.90 81.97
CA LYS I 89 28.92 -14.08 81.39
C LYS I 89 28.63 -15.51 80.95
N PRO I 90 29.54 -16.22 80.27
CA PRO I 90 29.24 -17.63 79.96
C PRO I 90 28.95 -18.46 81.19
N TYR I 91 29.56 -18.11 82.33
CA TYR I 91 29.20 -18.78 83.58
C TYR I 91 27.82 -18.33 84.06
N TYR I 92 27.41 -17.11 83.72
CA TYR I 92 26.11 -16.59 84.15
C TYR I 92 24.98 -16.96 83.21
N THR I 93 25.28 -17.59 82.07
CA THR I 93 24.23 -17.86 81.07
C THR I 93 23.97 -19.35 80.90
N ASP I 94 25.01 -20.13 80.59
CA ASP I 94 24.84 -21.55 80.30
C ASP I 94 25.03 -22.43 81.54
N ALA I 95 25.76 -21.95 82.53
CA ALA I 95 26.01 -22.72 83.75
C ALA I 95 24.99 -22.45 84.85
N ARG I 96 23.97 -21.61 84.59
CA ARG I 96 22.97 -21.32 85.60
C ARG I 96 22.18 -22.56 86.01
N GLY I 97 22.04 -23.54 85.11
CA GLY I 97 21.35 -24.77 85.45
C GLY I 97 22.18 -25.75 86.25
N ARG I 98 23.45 -25.45 86.51
CA ARG I 98 24.34 -26.33 87.23
C ARG I 98 24.90 -25.73 88.52
N ILE I 99 24.74 -24.43 88.74
CA ILE I 99 25.39 -23.75 89.86
C ILE I 99 24.34 -23.01 90.67
N PRO I 100 24.45 -22.96 92.01
CA PRO I 100 23.53 -22.13 92.79
C PRO I 100 23.73 -20.65 92.50
N GLN I 101 22.64 -19.90 92.61
CA GLN I 101 22.68 -18.47 92.31
C GLN I 101 23.64 -17.76 93.27
N SER I 102 24.47 -16.88 92.72
CA SER I 102 25.42 -16.12 93.52
C SER I 102 24.81 -14.80 93.96
N THR I 103 25.08 -14.42 95.22
CA THR I 103 24.59 -13.15 95.73
C THR I 103 25.23 -11.96 95.03
N GLN I 104 26.38 -12.16 94.38
CA GLN I 104 27.07 -11.08 93.68
C GLN I 104 26.65 -10.96 92.23
N GLU I 105 25.71 -11.79 91.76
CA GLU I 105 25.27 -11.71 90.38
C GLU I 105 24.63 -10.36 90.07
N TYR I 106 23.65 -9.97 90.88
CA TYR I 106 22.83 -8.80 90.58
C TYR I 106 23.64 -7.50 90.67
N PRO I 107 24.44 -7.29 91.72
CA PRO I 107 25.24 -6.05 91.75
C PRO I 107 26.17 -5.92 90.56
N ILE I 108 26.81 -7.01 90.14
CA ILE I 108 27.76 -6.95 89.03
C ILE I 108 27.01 -6.73 87.71
N LEU I 109 25.85 -7.37 87.55
CA LEU I 109 25.03 -7.11 86.36
C LEU I 109 24.60 -5.66 86.30
N GLY I 110 24.15 -5.10 87.42
CA GLY I 110 23.77 -3.70 87.45
C GLY I 110 24.95 -2.79 87.18
N LEU I 111 26.14 -3.18 87.64
CA LEU I 111 27.33 -2.38 87.37
C LEU I 111 27.68 -2.40 85.88
N ASN I 112 27.53 -3.55 85.23
CA ASN I 112 27.71 -3.60 83.78
C ASN I 112 26.69 -2.72 83.08
N LEU I 113 25.44 -2.77 83.53
CA LEU I 113 24.41 -1.91 82.96
C LEU I 113 24.78 -0.44 83.10
N LEU I 114 25.31 -0.08 84.27
CA LEU I 114 25.71 1.30 84.51
C LEU I 114 26.87 1.70 83.60
N ARG I 115 27.83 0.79 83.41
CA ARG I 115 28.93 1.06 82.49
C ARG I 115 28.42 1.27 81.06
N LEU I 116 27.48 0.41 80.63
CA LEU I 116 26.90 0.57 79.30
C LEU I 116 26.20 1.91 79.17
N LEU I 117 25.46 2.32 80.21
CA LEU I 117 24.82 3.63 80.19
C LEU I 117 25.86 4.74 80.09
N VAL I 118 26.96 4.61 80.84
CA VAL I 118 28.02 5.61 80.77
C VAL I 118 28.62 5.67 79.37
N GLN I 119 28.89 4.50 78.79
CA GLN I 119 29.41 4.42 77.43
C GLN I 119 28.38 4.79 76.38
N ASN I 120 27.11 4.99 76.77
CA ASN I 120 26.04 5.30 75.84
C ASN I 120 25.71 4.11 74.95
N ARG I 121 26.00 2.90 75.44
CA ARG I 121 25.64 1.66 74.74
C ARG I 121 24.24 1.22 75.16
N ILE I 122 23.28 2.08 74.83
CA ILE I 122 21.90 1.86 75.27
C ILE I 122 21.33 0.58 74.67
N ALA I 123 21.72 0.26 73.43
CA ALA I 123 21.23 -0.96 72.80
C ALA I 123 21.66 -2.20 73.59
N GLU I 124 22.94 -2.28 73.92
CA GLU I 124 23.43 -3.41 74.72
C GLU I 124 22.80 -3.38 76.11
N PHE I 125 22.61 -2.20 76.69
CA PHE I 125 21.95 -2.08 77.97
C PHE I 125 20.57 -2.74 77.94
N HIS I 126 19.77 -2.42 76.92
CA HIS I 126 18.41 -2.95 76.86
C HIS I 126 18.41 -4.43 76.48
N THR I 127 19.38 -4.87 75.67
CA THR I 127 19.49 -6.30 75.40
C THR I 127 19.83 -7.07 76.68
N GLU I 128 20.71 -6.52 77.52
CA GLU I 128 21.01 -7.16 78.79
C GLU I 128 19.78 -7.18 79.70
N LEU I 129 19.04 -6.07 79.77
CA LEU I 129 17.79 -6.08 80.52
C LEU I 129 16.85 -7.15 79.99
N GLU I 130 16.78 -7.30 78.67
CA GLU I 130 16.03 -8.39 78.06
C GLU I 130 16.48 -9.73 78.60
N LEU I 131 17.79 -9.97 78.64
CA LEU I 131 18.31 -11.25 79.09
C LEU I 131 18.07 -11.49 80.58
N LEU I 132 17.75 -10.45 81.33
CA LEU I 132 17.52 -10.60 82.77
C LEU I 132 16.10 -11.07 83.05
N SER I 133 15.94 -11.81 84.14
CA SER I 133 14.63 -12.29 84.54
C SER I 133 13.89 -11.21 85.34
N SER I 134 12.59 -11.44 85.53
CA SER I 134 11.78 -10.49 86.28
C SER I 134 12.27 -10.35 87.72
N THR I 135 12.65 -11.47 88.34
CA THR I 135 13.13 -11.42 89.71
C THR I 135 14.40 -10.56 89.82
N ALA I 136 15.32 -10.69 88.87
CA ALA I 136 16.52 -9.87 88.90
C ALA I 136 16.19 -8.39 88.78
N LEU I 137 15.22 -8.05 87.91
CA LEU I 137 14.84 -6.66 87.76
C LEU I 137 14.34 -6.06 89.07
N GLU I 138 13.74 -6.88 89.93
CA GLU I 138 13.28 -6.41 91.23
C GLU I 138 14.43 -6.11 92.19
N ASN I 139 15.64 -6.52 91.86
CA ASN I 139 16.77 -6.30 92.76
C ASN I 139 17.01 -4.81 92.96
N PRO I 140 17.37 -4.36 94.16
CA PRO I 140 17.63 -2.92 94.36
C PRO I 140 18.70 -2.36 93.43
N CYS I 141 19.76 -3.13 93.15
CA CYS I 141 20.81 -2.61 92.28
C CYS I 141 20.34 -2.52 90.82
N ILE I 142 19.71 -3.59 90.32
CA ILE I 142 19.23 -3.58 88.95
C ILE I 142 18.10 -2.57 88.78
N LYS I 143 17.21 -2.47 89.77
CA LYS I 143 16.15 -1.46 89.73
C LYS I 143 16.75 -0.06 89.77
N HIS I 144 17.82 0.14 90.55
CA HIS I 144 18.49 1.42 90.60
C HIS I 144 19.08 1.77 89.23
N ALA I 145 19.71 0.81 88.57
CA ALA I 145 20.24 1.05 87.24
C ALA I 145 19.12 1.38 86.25
N VAL I 146 18.00 0.67 86.34
CA VAL I 146 16.87 0.94 85.45
C VAL I 146 16.33 2.34 85.68
N GLU I 147 16.19 2.75 86.94
CA GLU I 147 15.71 4.09 87.23
C GLU I 147 16.69 5.15 86.76
N LEU I 148 17.99 4.88 86.89
CA LEU I 148 18.99 5.81 86.40
C LEU I 148 18.90 5.96 84.88
N GLU I 149 18.68 4.85 84.17
CA GLU I 149 18.48 4.93 82.72
C GLU I 149 17.21 5.70 82.38
N GLN I 150 16.15 5.48 83.16
CA GLN I 150 14.92 6.24 82.96
C GLN I 150 15.17 7.73 83.09
N SER I 151 15.89 8.14 84.14
CA SER I 151 16.19 9.55 84.34
C SER I 151 17.08 10.09 83.22
N PHE I 152 18.08 9.32 82.79
CA PHE I 152 19.00 9.78 81.76
C PHE I 152 18.27 9.96 80.43
N MET I 153 17.41 9.01 80.07
CA MET I 153 16.58 9.18 78.88
C MET I 153 15.60 10.33 79.03
N GLU I 154 14.95 10.44 80.19
CA GLU I 154 14.01 11.53 80.42
C GLU I 154 14.70 12.88 80.54
N GLY I 155 16.03 12.91 80.65
CA GLY I 155 16.72 14.16 80.83
C GLY I 155 16.73 14.66 82.25
N ALA I 156 16.21 13.89 83.19
CA ALA I 156 16.21 14.27 84.60
C ALA I 156 17.60 14.09 85.20
N TYR I 157 18.52 14.93 84.71
CA TYR I 157 19.90 14.87 85.17
C TYR I 157 20.01 15.25 86.64
N ASN I 158 19.14 16.14 87.10
CA ASN I 158 19.07 16.43 88.53
C ASN I 158 18.79 15.16 89.32
N ARG I 159 17.89 14.32 88.81
CA ARG I 159 17.58 13.06 89.49
C ARG I 159 18.78 12.13 89.51
N VAL I 160 19.53 12.06 88.40
CA VAL I 160 20.72 11.21 88.37
C VAL I 160 21.73 11.69 89.41
N LEU I 161 22.01 12.99 89.43
CA LEU I 161 23.01 13.50 90.35
C LEU I 161 22.54 13.47 91.79
N SER I 162 21.22 13.45 92.03
CA SER I 162 20.70 13.26 93.37
C SER I 162 20.82 11.79 93.79
N ALA I 163 20.47 10.87 92.87
CA ALA I 163 20.60 9.45 93.16
C ALA I 163 22.06 9.06 93.38
N ARG I 164 23.00 9.86 92.89
CA ARG I 164 24.40 9.68 93.29
C ARG I 164 24.52 9.52 94.80
N GLN I 165 23.59 10.12 95.55
CA GLN I 165 23.58 9.99 97.01
C GLN I 165 22.90 8.71 97.48
N THR I 166 21.93 8.20 96.73
CA THR I 166 21.21 6.99 97.09
C THR I 166 21.89 5.73 96.54
N VAL I 167 23.17 5.82 96.20
CA VAL I 167 23.92 4.67 95.69
C VAL I 167 23.94 3.59 96.76
N PRO I 168 23.57 2.35 96.44
CA PRO I 168 23.49 1.32 97.49
C PRO I 168 24.82 0.69 97.86
N HIS I 169 25.78 0.62 96.95
CA HIS I 169 27.02 -0.11 97.21
C HIS I 169 28.19 0.73 96.73
N GLU I 170 29.29 0.69 97.49
CA GLU I 170 30.40 1.63 97.25
C GLU I 170 31.05 1.42 95.89
N THR I 171 31.06 0.18 95.39
CA THR I 171 31.73 -0.10 94.12
C THR I 171 31.17 0.74 92.98
N TYR I 172 29.92 1.19 93.08
CA TYR I 172 29.30 1.96 92.01
C TYR I 172 29.83 3.39 91.93
N VAL I 173 30.30 3.95 93.05
CA VAL I 173 30.58 5.39 93.12
C VAL I 173 31.45 5.83 91.95
N HIS I 174 32.41 5.00 91.54
CA HIS I 174 33.28 5.38 90.42
C HIS I 174 32.48 5.55 89.13
N PHE I 175 31.68 4.54 88.78
CA PHE I 175 30.87 4.64 87.57
C PHE I 175 29.84 5.75 87.70
N MET I 176 29.37 6.03 88.91
CA MET I 176 28.41 7.11 89.10
C MET I 176 29.06 8.46 88.84
N ASP I 177 30.29 8.66 89.31
CA ASP I 177 31.00 9.90 89.01
C ASP I 177 31.28 10.05 87.52
N LEU I 178 31.66 8.94 86.86
CA LEU I 178 31.86 8.99 85.42
C LEU I 178 30.55 9.33 84.70
N LEU I 179 29.44 8.76 85.17
CA LEU I 179 28.13 9.10 84.63
C LEU I 179 27.81 10.57 84.83
N ALA I 180 28.18 11.12 85.99
CA ALA I 180 27.96 12.54 86.22
C ALA I 180 28.76 13.39 85.23
N LYS I 181 30.01 13.03 84.98
CA LYS I 181 30.80 13.76 83.98
C LYS I 181 30.16 13.67 82.60
N THR I 182 29.73 12.46 82.21
CA THR I 182 29.09 12.29 80.91
C THR I 182 27.80 13.11 80.83
N VAL I 183 27.04 13.15 81.93
CA VAL I 183 25.80 13.90 81.95
C VAL I 183 26.06 15.39 81.81
N ARG I 184 27.10 15.90 82.48
CA ARG I 184 27.46 17.31 82.32
C ARG I 184 27.87 17.60 80.87
N ASP I 185 28.65 16.70 80.26
CA ASP I 185 29.02 16.90 78.86
C ASP I 185 27.80 16.93 77.97
N GLU I 186 26.85 16.01 78.18
CA GLU I 186 25.64 15.97 77.37
C GLU I 186 24.80 17.22 77.57
N ILE I 187 24.71 17.70 78.81
CA ILE I 187 23.97 18.93 79.08
C ILE I 187 24.62 20.10 78.36
N ALA I 188 25.95 20.17 78.38
CA ALA I 188 26.65 21.24 77.67
C ALA I 188 26.36 21.16 76.17
N GLY I 189 26.38 19.95 75.62
CA GLY I 189 26.06 19.79 74.21
C GLY I 189 24.67 20.27 73.86
N CYS I 190 23.68 19.92 74.69
CA CYS I 190 22.33 20.40 74.46
C CYS I 190 22.25 21.92 74.58
N SER I 191 22.91 22.49 75.59
CA SER I 191 22.85 23.93 75.80
C SER I 191 23.45 24.68 74.62
N GLU I 192 24.54 24.16 74.06
CA GLU I 192 25.17 24.85 72.93
C GLU I 192 24.20 24.97 71.76
N LYS I 193 23.44 23.91 71.48
CA LYS I 193 22.50 23.95 70.37
C LYS I 193 21.25 24.76 70.71
N ALA I 194 20.83 24.73 71.98
CA ALA I 194 19.55 25.35 72.35
C ALA I 194 19.63 26.87 72.35
N TYR I 195 20.52 27.44 73.16
CA TYR I 195 20.53 28.88 73.41
C TYR I 195 21.70 29.53 72.70
N ASP I 196 21.44 30.69 72.08
CA ASP I 196 22.52 31.51 71.56
C ASP I 196 23.41 32.03 72.69
N THR I 197 22.80 32.45 73.79
CA THR I 197 23.52 32.92 74.96
C THR I 197 22.85 32.37 76.21
N LEU I 198 23.62 32.18 77.27
CA LEU I 198 23.12 31.68 78.53
C LEU I 198 23.77 32.45 79.67
N SER I 199 22.96 32.87 80.64
CA SER I 199 23.50 33.54 81.81
C SER I 199 24.33 32.59 82.64
N VAL I 200 25.43 33.10 83.19
CA VAL I 200 26.37 32.26 83.93
C VAL I 200 25.68 31.59 85.11
N ASN I 201 24.76 32.31 85.78
CA ASN I 201 23.97 31.69 86.84
C ASN I 201 23.21 30.48 86.31
N ASP I 202 22.53 30.64 85.18
CA ASP I 202 21.80 29.52 84.59
C ASP I 202 22.75 28.42 84.16
N ALA I 203 23.92 28.78 83.63
CA ALA I 203 24.89 27.78 83.22
C ALA I 203 25.33 26.93 84.42
N ARG I 204 25.58 27.57 85.56
CA ARG I 204 25.89 26.79 86.75
C ARG I 204 24.70 25.93 87.15
N GLN I 205 23.50 26.51 87.14
CA GLN I 205 22.33 25.79 87.64
C GLN I 205 22.06 24.52 86.83
N LEU I 206 22.15 24.61 85.50
CA LEU I 206 21.90 23.45 84.67
C LEU I 206 22.97 22.37 84.86
N LEU I 207 24.24 22.79 84.96
CA LEU I 207 25.34 21.86 85.17
C LEU I 207 25.62 21.61 86.65
N LEU I 208 24.87 22.24 87.55
CA LEU I 208 24.98 21.98 88.99
C LEU I 208 26.41 22.15 89.48
N PHE I 209 27.05 23.23 89.06
CA PHE I 209 28.39 23.56 89.56
C PHE I 209 28.26 24.34 90.86
N SER I 210 28.99 23.89 91.88
CA SER I 210 28.87 24.48 93.21
C SER I 210 29.40 25.92 93.24
N SER I 211 30.49 26.19 92.52
CA SER I 211 31.15 27.49 92.59
C SER I 211 31.34 28.04 91.18
N ASP I 212 31.44 29.38 91.11
CA ASP I 212 31.69 30.03 89.82
C ASP I 212 32.97 29.52 89.18
N LYS I 213 34.03 29.35 89.98
CA LYS I 213 35.29 28.89 89.45
C LYS I 213 35.17 27.48 88.88
N ASP I 214 34.27 26.67 89.42
CA ASP I 214 34.04 25.34 88.85
C ASP I 214 33.55 25.44 87.41
N LEU I 215 32.53 26.25 87.18
CA LEU I 215 32.02 26.43 85.82
C LEU I 215 33.08 27.05 84.92
N LEU I 216 33.82 28.03 85.44
CA LEU I 216 34.88 28.66 84.63
C LEU I 216 35.92 27.63 84.21
N GLU I 217 36.37 26.78 85.15
CA GLU I 217 37.38 25.78 84.83
C GLU I 217 36.84 24.76 83.84
N TYR I 218 35.60 24.32 84.03
CA TYR I 218 34.99 23.39 83.08
C TYR I 218 34.94 23.99 81.68
N ILE I 219 34.49 25.24 81.58
CA ILE I 219 34.40 25.89 80.28
C ILE I 219 35.79 25.99 79.65
N LYS I 220 36.78 26.40 80.44
CA LYS I 220 38.12 26.59 79.89
C LYS I 220 38.70 25.28 79.37
N GLU I 221 38.53 24.19 80.11
CA GLU I 221 39.17 22.95 79.68
C GLU I 221 38.37 22.22 78.61
N GLU I 222 37.13 21.83 78.92
CA GLU I 222 36.38 20.97 78.00
C GLU I 222 35.87 21.69 76.76
N HIS I 223 35.43 22.95 76.87
CA HIS I 223 34.80 23.67 75.77
C HIS I 223 35.41 25.07 75.64
N PRO I 224 36.60 25.17 75.05
CA PRO I 224 37.21 26.51 74.86
C PRO I 224 36.44 27.38 73.89
N GLU I 225 35.61 26.82 73.00
CA GLU I 225 34.92 27.63 72.01
C GLU I 225 33.90 28.57 72.63
N TRP I 226 33.51 28.34 73.88
CA TRP I 226 32.51 29.16 74.55
C TRP I 226 33.13 30.50 74.95
N GLU I 227 32.43 31.58 74.65
CA GLU I 227 32.87 32.93 74.97
C GLU I 227 32.02 33.47 76.12
N ILE I 228 32.67 33.94 77.17
CA ILE I 228 31.98 34.52 78.32
C ILE I 228 32.04 36.04 78.19
N LYS I 229 30.89 36.64 77.91
CA LYS I 229 30.78 38.09 77.73
C LYS I 229 29.70 38.63 78.66
N ASP I 230 30.09 39.59 79.51
CA ASP I 230 29.14 40.29 80.38
C ASP I 230 28.35 39.32 81.24
N GLY I 231 29.00 38.27 81.71
CA GLY I 231 28.37 37.32 82.61
C GLY I 231 27.42 36.35 81.96
N CYS I 232 27.44 36.22 80.64
CA CYS I 232 26.61 35.27 79.93
C CYS I 232 27.47 34.45 78.98
N VAL I 233 27.22 33.15 78.93
CA VAL I 233 27.99 32.24 78.08
C VAL I 233 27.46 32.35 76.66
N VAL I 234 28.31 32.78 75.73
CA VAL I 234 27.93 32.97 74.34
C VAL I 234 28.25 31.69 73.57
N PHE I 235 27.22 30.91 73.26
CA PHE I 235 27.39 29.69 72.48
C PHE I 235 27.53 30.05 71.01
N GLN I 236 28.69 29.73 70.44
CA GLN I 236 28.94 30.04 69.03
C GLN I 236 28.19 29.07 68.13
N LYS I 237 26.90 29.36 67.93
CA LYS I 237 26.04 28.46 67.09
C LYS I 237 26.64 28.26 65.71
N SER I 238 26.46 27.07 65.12
CA SER I 238 27.06 26.75 63.80
C SER I 238 26.54 27.70 62.71
N LYS I 239 27.36 27.94 61.67
CA LYS I 239 26.97 28.89 60.60
C LYS I 239 25.63 28.47 59.99
N ASP I 240 25.49 27.19 59.63
CA ASP I 240 24.21 26.68 59.07
C ASP I 240 24.00 25.24 59.55
N SER I 241 23.07 25.02 60.49
CA SER I 241 22.85 23.66 61.04
C SER I 241 21.36 23.39 61.26
N ALA I 242 20.74 24.08 62.23
CA ALA I 242 19.32 23.84 62.56
C ALA I 242 18.46 24.12 61.33
N THR I 243 18.74 25.20 60.61
CA THR I 243 17.95 25.59 59.41
C THR I 243 18.01 24.49 58.34
N CYS I 244 16.90 24.27 57.63
CA CYS I 244 16.86 23.22 56.57
C CYS I 244 17.31 23.81 55.22
N LYS I 245 17.71 22.95 54.27
CA LYS I 245 18.16 23.40 52.93
C LYS I 245 19.22 24.49 53.09
N GLU I 246 20.18 24.28 54.00
CA GLU I 246 21.27 25.26 54.25
C GLU I 246 22.63 24.57 54.04
N ILE I 247 22.70 23.65 53.07
CA ILE I 247 23.96 22.89 52.83
C ILE I 247 24.59 23.35 51.50
N PRO I 248 25.67 22.68 51.02
CA PRO I 248 26.34 23.11 49.79
C PRO I 248 25.51 22.82 48.53
N SER I 249 25.56 23.72 47.54
CA SER I 249 24.78 23.54 46.30
C SER I 249 25.51 22.62 45.32
N LEU I 250 26.77 22.92 45.00
CA LEU I 250 27.50 22.11 44.03
C LEU I 250 27.48 20.64 44.41
N LEU I 251 27.63 20.33 45.70
CA LEU I 251 27.72 18.93 46.10
C LEU I 251 26.38 18.21 45.92
N LEU I 252 25.28 18.79 46.38
CA LEU I 252 23.97 18.21 46.13
C LEU I 252 23.76 17.97 44.65
N ILE I 253 24.05 19.00 43.85
CA ILE I 253 23.66 18.96 42.45
C ILE I 253 24.52 17.90 41.73
N ASN I 254 25.78 17.77 42.16
CA ASN I 254 26.64 16.73 41.58
C ASN I 254 26.28 15.35 42.11
N GLN I 255 25.63 15.29 43.27
CA GLN I 255 24.98 14.04 43.67
C GLN I 255 23.95 13.67 42.61
N THR I 256 23.22 14.68 42.12
CA THR I 256 22.32 14.45 40.99
C THR I 256 23.10 14.01 39.74
N LEU I 257 24.31 14.55 39.54
CA LEU I 257 25.17 14.03 38.48
C LEU I 257 25.36 12.52 38.63
N SER I 258 25.79 12.09 39.81
CA SER I 258 26.00 10.67 40.02
C SER I 258 24.76 9.89 39.66
N TYR I 259 23.62 10.31 40.20
CA TYR I 259 22.36 9.62 39.91
C TYR I 259 22.16 9.49 38.41
N ALA I 260 22.11 10.63 37.71
CA ALA I 260 21.73 10.64 36.29
C ALA I 260 22.72 9.84 35.44
N ARG I 261 24.01 10.17 35.55
CA ARG I 261 25.00 9.54 34.69
C ARG I 261 25.09 8.05 34.94
N GLU I 262 25.10 7.63 36.21
CA GLU I 262 25.14 6.20 36.48
C GLU I 262 23.87 5.52 36.01
N LEU I 263 22.74 6.23 36.05
CA LEU I 263 21.49 5.66 35.59
C LEU I 263 21.52 5.35 34.10
N GLU I 264 21.63 6.39 33.24
CA GLU I 264 21.40 6.14 31.83
C GLU I 264 22.56 5.45 31.12
N ARG I 265 23.81 5.67 31.54
CA ARG I 265 24.91 4.95 30.92
C ARG I 265 24.58 3.47 30.76
N ILE I 266 23.82 2.90 31.69
CA ILE I 266 23.29 1.56 31.51
C ILE I 266 22.36 1.48 30.30
N VAL I 267 21.49 2.48 30.12
CA VAL I 267 20.61 2.53 28.95
C VAL I 267 21.45 2.55 27.68
N MET J 1 63.87 19.99 -24.55
CA MET J 1 64.29 21.28 -24.00
C MET J 1 64.12 21.30 -22.49
N VAL J 2 65.06 21.93 -21.80
CA VAL J 2 65.10 21.92 -20.35
C VAL J 2 63.99 22.79 -19.79
N LEU J 3 63.40 22.36 -18.68
CA LEU J 3 62.43 23.17 -17.96
C LEU J 3 63.18 24.17 -17.08
N GLU J 4 62.88 25.45 -17.25
CA GLU J 4 63.60 26.51 -16.56
C GLU J 4 62.60 27.40 -15.81
N ALA J 5 63.00 27.82 -14.61
CA ALA J 5 62.25 28.76 -13.81
C ALA J 5 63.05 30.06 -13.73
N THR J 6 62.63 31.07 -14.47
CA THR J 6 63.34 32.33 -14.57
C THR J 6 62.56 33.42 -13.86
N MET J 7 63.28 34.25 -13.08
CA MET J 7 62.71 35.43 -12.46
C MET J 7 63.50 36.64 -12.96
N ILE J 8 62.82 37.51 -13.70
CA ILE J 8 63.46 38.67 -14.32
C ILE J 8 63.60 39.76 -13.27
N CYS J 9 64.82 39.89 -12.72
CA CYS J 9 65.10 40.82 -11.65
C CYS J 9 65.18 42.22 -12.27
N ILE J 10 64.04 42.91 -12.36
CA ILE J 10 63.95 44.20 -13.02
C ILE J 10 64.33 45.30 -12.04
N ASP J 11 65.25 46.16 -12.45
CA ASP J 11 65.56 47.35 -11.66
C ASP J 11 64.49 48.40 -11.94
N ASN J 12 64.13 49.18 -10.92
CA ASN J 12 63.25 50.33 -11.10
C ASN J 12 63.90 51.61 -10.61
N SER J 13 65.22 51.66 -10.57
CA SER J 13 65.93 52.86 -10.16
C SER J 13 65.79 53.94 -11.24
N GLU J 14 66.42 55.09 -10.97
CA GLU J 14 66.37 56.20 -11.90
C GLU J 14 67.01 55.89 -13.23
N TRP J 15 68.07 55.09 -13.23
CA TRP J 15 68.95 55.01 -14.40
C TRP J 15 68.31 54.30 -15.58
N MET J 16 67.01 54.01 -15.52
CA MET J 16 66.29 53.57 -16.70
C MET J 16 65.45 54.69 -17.32
N ARG J 17 65.45 55.87 -16.70
CA ARG J 17 64.58 56.97 -17.22
C ARG J 17 65.39 57.80 -18.23
N ASN J 18 66.69 57.48 -18.40
CA ASN J 18 67.56 58.23 -19.34
C ASN J 18 67.04 58.06 -20.78
N GLY J 19 67.03 59.14 -21.57
CA GLY J 19 66.56 59.07 -22.96
C GLY J 19 67.67 58.65 -23.92
N ASP J 20 68.91 58.56 -23.44
CA ASP J 20 70.06 58.19 -24.31
C ASP J 20 69.83 56.80 -24.90
N TYR J 21 69.42 55.83 -24.07
CA TYR J 21 69.16 54.45 -24.56
C TYR J 21 67.90 54.45 -25.43
N SER J 22 68.02 54.03 -26.69
CA SER J 22 66.85 53.97 -27.62
C SER J 22 66.12 55.33 -27.63
N PRO J 23 64.78 55.35 -27.48
CA PRO J 23 64.08 56.58 -27.09
C PRO J 23 64.04 56.75 -25.57
N ASN J 24 63.77 55.66 -24.84
CA ASN J 24 63.73 55.71 -23.35
C ASN J 24 64.32 54.42 -22.79
N ARG J 25 65.23 54.52 -21.81
CA ARG J 25 65.85 53.34 -21.21
C ARG J 25 64.80 52.44 -20.59
N PHE J 26 63.84 53.02 -19.87
CA PHE J 26 62.81 52.21 -19.24
C PHE J 26 61.95 51.49 -20.28
N GLN J 27 61.57 52.19 -21.35
CA GLN J 27 60.78 51.56 -22.40
C GLN J 27 61.58 50.46 -23.09
N ALA J 28 62.86 50.71 -23.32
CA ALA J 28 63.71 49.68 -23.93
C ALA J 28 63.82 48.45 -23.02
N LEU J 29 63.96 48.67 -21.71
CA LEU J 29 64.01 47.56 -20.78
C LEU J 29 62.69 46.81 -20.73
N SER J 30 61.58 47.53 -20.80
CA SER J 30 60.27 46.86 -20.85
C SER J 30 60.15 46.00 -22.09
N ASP J 31 60.58 46.52 -23.24
CA ASP J 31 60.55 45.73 -24.47
C ASP J 31 61.45 44.51 -24.35
N ALA J 32 62.65 44.69 -23.77
CA ALA J 32 63.57 43.57 -23.60
C ALA J 32 62.97 42.50 -22.69
N VAL J 33 62.34 42.91 -21.60
CA VAL J 33 61.72 41.95 -20.68
C VAL J 33 60.57 41.22 -21.37
N ASN J 34 59.75 41.95 -22.13
CA ASN J 34 58.65 41.30 -22.84
C ASN J 34 59.19 40.29 -23.85
N LEU J 35 60.25 40.64 -24.57
CA LEU J 35 60.83 39.72 -25.54
C LEU J 35 61.43 38.51 -24.85
N ILE J 36 62.07 38.71 -23.70
CA ILE J 36 62.63 37.60 -22.95
C ILE J 36 61.52 36.66 -22.49
N CYS J 37 60.42 37.23 -21.98
CA CYS J 37 59.29 36.41 -21.57
C CYS J 37 58.75 35.60 -22.75
N GLY J 38 58.59 36.26 -23.90
CA GLY J 38 58.08 35.56 -25.07
C GLY J 38 59.00 34.43 -25.50
N ALA J 39 60.30 34.69 -25.54
CA ALA J 39 61.25 33.67 -25.95
C ALA J 39 61.26 32.49 -24.98
N LYS J 40 61.26 32.78 -23.67
CA LYS J 40 61.27 31.70 -22.69
C LYS J 40 59.98 30.88 -22.76
N THR J 41 58.84 31.53 -22.95
CA THR J 41 57.59 30.80 -23.10
C THR J 41 57.59 29.95 -24.37
N GLN J 42 58.15 30.49 -25.45
CA GLN J 42 58.20 29.74 -26.71
C GLN J 42 59.13 28.54 -26.60
N SER J 43 60.20 28.65 -25.80
CA SER J 43 61.08 27.50 -25.60
C SER J 43 60.31 26.33 -24.99
N ASN J 44 59.50 26.60 -23.97
CA ASN J 44 58.64 25.59 -23.38
C ASN J 44 57.41 26.28 -22.82
N PRO J 45 56.20 25.76 -23.07
CA PRO J 45 55.01 26.35 -22.44
C PRO J 45 55.02 26.25 -20.92
N GLU J 46 55.83 25.35 -20.36
CA GLU J 46 55.92 25.15 -18.92
C GLU J 46 56.87 26.13 -18.25
N ASN J 47 57.63 26.90 -19.02
CA ASN J 47 58.60 27.82 -18.43
C ASN J 47 57.89 28.88 -17.60
N THR J 48 58.54 29.30 -16.51
CA THR J 48 57.98 30.28 -15.58
C THR J 48 58.85 31.53 -15.60
N VAL J 49 58.20 32.69 -15.72
CA VAL J 49 58.88 33.97 -15.79
C VAL J 49 58.34 34.87 -14.69
N GLY J 50 59.24 35.40 -13.86
CA GLY J 50 58.86 36.24 -12.74
C GLY J 50 59.46 37.63 -12.84
N ILE J 51 58.92 38.58 -12.06
CA ILE J 51 59.31 39.97 -12.12
C ILE J 51 59.55 40.49 -10.72
N LEU J 52 60.59 41.31 -10.55
CA LEU J 52 60.93 41.89 -9.26
C LEU J 52 61.51 43.27 -9.47
N THR J 53 61.22 44.18 -8.54
CA THR J 53 61.73 45.54 -8.57
C THR J 53 62.76 45.74 -7.46
N MET J 54 63.97 46.16 -7.85
CA MET J 54 65.06 46.35 -6.91
C MET J 54 65.00 47.67 -6.15
N ALA J 55 64.54 48.75 -6.79
CA ALA J 55 64.61 50.08 -6.24
C ALA J 55 63.26 50.51 -5.69
N GLY J 56 63.26 51.64 -4.98
CA GLY J 56 62.06 52.19 -4.40
C GLY J 56 62.13 52.25 -2.89
N LYS J 57 60.98 52.25 -2.22
CA LYS J 57 60.94 52.15 -0.77
C LYS J 57 61.41 50.80 -0.26
N GLY J 58 61.54 49.82 -1.16
CA GLY J 58 61.99 48.49 -0.82
C GLY J 58 61.78 47.56 -1.98
N VAL J 59 62.50 46.44 -1.94
CA VAL J 59 62.39 45.47 -3.01
C VAL J 59 61.03 44.79 -2.94
N ARG J 60 60.24 44.94 -4.00
CA ARG J 60 58.89 44.41 -4.05
C ARG J 60 58.78 43.43 -5.22
N VAL J 61 58.09 42.32 -4.98
CA VAL J 61 57.88 41.31 -6.00
C VAL J 61 56.52 41.57 -6.64
N LEU J 62 56.53 42.17 -7.84
CA LEU J 62 55.27 42.45 -8.53
C LEU J 62 54.59 41.17 -8.97
N VAL J 63 55.24 40.40 -9.83
CA VAL J 63 54.70 39.15 -10.35
C VAL J 63 55.73 38.06 -10.12
N THR J 64 55.56 37.29 -9.07
CA THR J 64 56.28 36.04 -8.94
C THR J 64 56.07 35.20 -10.20
N PRO J 65 56.97 34.25 -10.47
CA PRO J 65 56.94 33.55 -11.76
C PRO J 65 55.55 33.24 -12.27
N THR J 66 55.32 33.50 -13.56
CA THR J 66 54.07 33.15 -14.23
C THR J 66 54.29 33.16 -15.73
N SER J 67 53.40 32.47 -16.44
CA SER J 67 53.45 32.39 -17.89
C SER J 67 52.34 33.21 -18.57
N ASP J 68 51.42 33.78 -17.78
CA ASP J 68 50.36 34.62 -18.33
C ASP J 68 51.00 35.94 -18.77
N LEU J 69 51.34 36.03 -20.06
CA LEU J 69 52.00 37.23 -20.56
C LEU J 69 51.14 38.46 -20.36
N GLY J 70 49.82 38.30 -20.25
CA GLY J 70 48.97 39.44 -19.97
C GLY J 70 49.29 40.09 -18.63
N LYS J 71 49.47 39.27 -17.60
CA LYS J 71 49.83 39.82 -16.28
C LYS J 71 51.18 40.53 -16.34
N ILE J 72 52.15 39.94 -17.04
CA ILE J 72 53.48 40.54 -17.12
C ILE J 72 53.39 41.89 -17.82
N LEU J 73 52.69 41.95 -18.95
CA LEU J 73 52.56 43.20 -19.68
C LEU J 73 51.82 44.25 -18.86
N ALA J 74 50.75 43.84 -18.17
CA ALA J 74 50.01 44.79 -17.35
C ALA J 74 50.87 45.36 -16.24
N CYS J 75 51.66 44.51 -15.57
CA CYS J 75 52.52 44.99 -14.49
C CYS J 75 53.65 45.87 -15.03
N MET J 76 54.18 45.57 -16.21
CA MET J 76 55.19 46.44 -16.81
C MET J 76 54.60 47.79 -17.20
N HIS J 77 53.32 47.81 -17.62
CA HIS J 77 52.71 49.08 -18.00
C HIS J 77 52.41 49.95 -16.78
N GLY J 78 52.14 49.34 -15.62
CA GLY J 78 51.82 50.05 -14.42
C GLY J 78 52.98 50.30 -13.48
N LEU J 79 54.21 50.24 -13.97
CA LEU J 79 55.40 50.37 -13.13
C LEU J 79 55.59 51.84 -12.74
N ASP J 80 55.85 52.06 -11.45
CA ASP J 80 56.31 53.37 -10.99
C ASP J 80 57.82 53.32 -10.79
N ILE J 81 58.55 53.91 -11.72
CA ILE J 81 60.01 53.85 -11.72
C ILE J 81 60.51 54.67 -10.55
N GLY J 82 61.63 54.25 -9.96
CA GLY J 82 62.30 55.10 -9.00
C GLY J 82 63.12 54.42 -7.92
N GLY J 83 63.90 55.22 -7.20
CA GLY J 83 64.65 54.74 -6.05
C GLY J 83 66.08 54.35 -6.38
N GLU J 84 66.80 53.97 -5.34
CA GLU J 84 68.14 53.42 -5.46
C GLU J 84 68.06 51.89 -5.39
N MET J 85 68.60 51.24 -6.42
CA MET J 85 68.50 49.79 -6.50
C MET J 85 69.18 49.17 -5.30
N ASN J 86 68.56 48.17 -4.71
CA ASN J 86 69.16 47.39 -3.62
C ASN J 86 69.61 46.07 -4.22
N LEU J 87 70.84 46.05 -4.75
CA LEU J 87 71.33 44.87 -5.43
C LEU J 87 71.45 43.69 -4.48
N ALA J 88 71.93 43.93 -3.26
CA ALA J 88 72.02 42.85 -2.29
C ALA J 88 70.65 42.36 -1.87
N ALA J 89 69.79 43.28 -1.41
CA ALA J 89 68.43 42.90 -1.05
C ALA J 89 67.66 42.46 -2.29
N GLY J 90 67.93 43.08 -3.43
CA GLY J 90 67.31 42.65 -4.66
C GLY J 90 67.62 41.21 -5.02
N ILE J 91 68.88 40.80 -4.89
CA ILE J 91 69.26 39.43 -5.21
C ILE J 91 68.71 38.48 -4.15
N GLN J 92 68.69 38.90 -2.89
CA GLN J 92 68.11 38.04 -1.85
C GLN J 92 66.62 37.78 -2.13
N VAL J 93 65.88 38.83 -2.47
CA VAL J 93 64.46 38.65 -2.80
C VAL J 93 64.33 37.94 -4.14
N ALA J 94 65.34 38.04 -5.00
CA ALA J 94 65.32 37.29 -6.25
C ALA J 94 65.43 35.79 -5.98
N GLN J 95 66.27 35.40 -5.02
CA GLN J 95 66.29 34.02 -4.59
C GLN J 95 64.95 33.64 -3.95
N LEU J 96 64.40 34.55 -3.14
CA LEU J 96 63.06 34.32 -2.58
C LEU J 96 62.04 34.04 -3.67
N ALA J 97 62.16 34.71 -4.81
CA ALA J 97 61.14 34.61 -5.85
C ALA J 97 61.43 33.46 -6.82
N LEU J 98 62.70 33.10 -7.00
CA LEU J 98 63.03 31.93 -7.78
C LEU J 98 62.76 30.63 -7.03
N LYS J 99 62.80 30.67 -5.70
CA LYS J 99 62.08 29.64 -4.97
C LYS J 99 60.61 30.02 -4.86
N HIS J 100 59.97 30.30 -6.00
CA HIS J 100 58.53 30.33 -6.17
C HIS J 100 58.10 29.34 -7.27
N ARG J 101 58.02 28.02 -6.95
CA ARG J 101 58.21 26.86 -7.87
C ARG J 101 56.84 26.12 -7.67
N GLN J 102 56.17 25.80 -8.81
CA GLN J 102 55.18 24.70 -8.81
C GLN J 102 55.82 23.36 -9.15
N ASN J 103 56.46 23.26 -10.32
CA ASN J 103 57.14 22.04 -10.74
C ASN J 103 58.56 22.05 -10.17
N LYS J 104 58.81 21.17 -9.20
CA LYS J 104 60.09 21.18 -8.49
C LYS J 104 61.25 20.80 -9.39
N LYS J 105 60.98 20.25 -10.57
CA LYS J 105 62.05 19.78 -11.45
C LYS J 105 62.71 20.90 -12.25
N GLN J 106 62.12 22.09 -12.29
CA GLN J 106 62.65 23.15 -13.14
C GLN J 106 63.92 23.74 -12.55
N GLN J 107 64.70 24.42 -13.39
CA GLN J 107 65.93 25.04 -12.97
C GLN J 107 65.69 26.48 -12.52
N GLN J 108 66.65 27.01 -11.76
CA GLN J 108 66.55 28.37 -11.23
C GLN J 108 67.52 29.28 -11.97
N ARG J 109 66.99 30.34 -12.59
CA ARG J 109 67.79 31.30 -13.35
C ARG J 109 67.40 32.71 -12.97
N ILE J 110 68.38 33.50 -12.56
CA ILE J 110 68.17 34.91 -12.22
C ILE J 110 68.71 35.74 -13.37
N ILE J 111 67.90 36.68 -13.86
CA ILE J 111 68.32 37.67 -14.85
C ILE J 111 68.35 39.02 -14.15
N VAL J 112 69.55 39.60 -14.07
CA VAL J 112 69.77 40.84 -13.34
C VAL J 112 70.02 41.96 -14.35
N PHE J 113 69.24 43.03 -14.26
CA PHE J 113 69.43 44.22 -15.07
C PHE J 113 70.04 45.32 -14.21
N ALA J 114 71.26 45.71 -14.53
CA ALA J 114 72.01 46.71 -13.75
C ALA J 114 72.13 47.96 -14.62
N GLY J 115 71.39 49.01 -14.24
CA GLY J 115 71.43 50.27 -14.97
C GLY J 115 72.05 51.40 -14.19
N SER J 116 72.13 51.26 -12.87
CA SER J 116 72.62 52.27 -11.97
C SER J 116 73.93 51.82 -11.32
N PRO J 117 74.75 52.75 -10.85
CA PRO J 117 76.00 52.34 -10.17
C PRO J 117 75.70 51.52 -8.93
N VAL J 118 76.56 50.53 -8.69
CA VAL J 118 76.40 49.59 -7.58
C VAL J 118 77.28 50.09 -6.44
N ASN J 119 76.65 50.67 -5.42
CA ASN J 119 77.35 51.06 -4.20
C ASN J 119 77.36 49.95 -3.15
N TYR J 120 77.82 48.77 -3.53
CA TYR J 120 77.85 47.61 -2.64
C TYR J 120 79.26 47.05 -2.55
N ASP J 121 79.65 46.69 -1.32
CA ASP J 121 80.97 46.15 -1.07
C ASP J 121 81.19 44.84 -1.82
N LYS J 122 82.42 44.62 -2.26
CA LYS J 122 82.75 43.37 -2.94
C LYS J 122 82.43 42.17 -2.07
N LYS J 123 82.70 42.27 -0.76
CA LYS J 123 82.51 41.13 0.12
C LYS J 123 81.04 40.72 0.20
N VAL J 124 80.13 41.69 0.31
CA VAL J 124 78.72 41.36 0.41
C VAL J 124 78.26 40.64 -0.85
N LEU J 125 78.66 41.15 -2.02
CA LEU J 125 78.32 40.48 -3.27
C LEU J 125 78.89 39.07 -3.31
N GLU J 126 80.11 38.89 -2.80
CA GLU J 126 80.72 37.57 -2.81
C GLU J 126 79.95 36.59 -1.92
N MET J 127 79.55 37.02 -0.72
CA MET J 127 78.75 36.13 0.14
C MET J 127 77.40 35.83 -0.50
N ILE J 128 76.77 36.82 -1.13
CA ILE J 128 75.48 36.55 -1.78
C ILE J 128 75.66 35.55 -2.91
N GLY J 129 76.73 35.71 -3.71
CA GLY J 129 76.99 34.75 -4.76
C GLY J 129 77.29 33.36 -4.24
N ARG J 130 77.97 33.28 -3.10
CA ARG J 130 78.24 31.98 -2.49
C ARG J 130 76.95 31.33 -1.99
N LYS J 131 76.05 32.13 -1.41
CA LYS J 131 74.74 31.59 -1.04
C LYS J 131 74.00 31.07 -2.25
N LEU J 132 74.03 31.82 -3.36
CA LEU J 132 73.41 31.33 -4.59
C LEU J 132 74.07 30.03 -5.06
N LYS J 133 75.40 29.96 -4.97
CA LYS J 133 76.11 28.74 -5.34
C LYS J 133 75.65 27.56 -4.51
N LYS J 134 75.47 27.78 -3.19
CA LYS J 134 74.93 26.73 -2.34
C LYS J 134 73.51 26.35 -2.76
N ASN J 135 72.72 27.33 -3.19
CA ASN J 135 71.35 27.09 -3.63
C ASN J 135 71.26 26.68 -5.09
N SER J 136 72.37 26.65 -5.80
CA SER J 136 72.39 26.20 -7.20
C SER J 136 71.43 27.02 -8.06
N VAL J 137 71.56 28.34 -7.97
CA VAL J 137 70.73 29.27 -8.73
C VAL J 137 71.60 29.94 -9.78
N ALA J 138 71.21 29.81 -11.05
CA ALA J 138 71.93 30.46 -12.14
C ALA J 138 71.64 31.95 -12.13
N LEU J 139 72.67 32.75 -12.40
CA LEU J 139 72.57 34.21 -12.37
C LEU J 139 73.07 34.76 -13.70
N ASP J 140 72.24 35.56 -14.35
CA ASP J 140 72.62 36.30 -15.55
C ASP J 140 72.58 37.79 -15.23
N VAL J 141 73.70 38.47 -15.48
CA VAL J 141 73.86 39.88 -15.14
C VAL J 141 73.91 40.68 -16.43
N VAL J 142 72.98 41.61 -16.58
CA VAL J 142 72.92 42.50 -17.74
C VAL J 142 73.35 43.89 -17.26
N ASP J 143 74.59 44.26 -17.55
CA ASP J 143 75.12 45.56 -17.20
C ASP J 143 74.91 46.52 -18.38
N PHE J 144 74.06 47.53 -18.16
CA PHE J 144 73.75 48.50 -19.20
C PHE J 144 73.83 49.90 -18.60
N GLY J 145 74.03 50.88 -19.48
CA GLY J 145 74.19 52.27 -19.09
C GLY J 145 75.64 52.69 -19.16
N GLU J 146 75.89 53.91 -18.67
CA GLU J 146 77.25 54.43 -18.67
C GLU J 146 78.10 53.65 -17.68
N ASP J 147 79.26 53.20 -18.13
CA ASP J 147 80.11 52.33 -17.33
C ASP J 147 80.97 53.13 -16.35
N GLU J 148 80.46 53.37 -15.15
CA GLU J 148 81.25 54.03 -14.12
C GLU J 148 82.31 53.06 -13.59
N GLU J 149 83.49 53.58 -13.30
CA GLU J 149 84.60 52.75 -12.85
C GLU J 149 84.27 52.06 -11.53
N GLY J 150 84.30 50.73 -11.52
CA GLY J 150 84.02 49.93 -10.34
C GLY J 150 82.78 49.07 -10.44
N LYS J 151 81.74 49.51 -11.15
CA LYS J 151 80.54 48.70 -11.30
C LYS J 151 80.83 47.40 -12.03
N SER J 152 81.58 47.48 -13.13
CA SER J 152 81.87 46.29 -13.92
C SER J 152 82.68 45.29 -13.10
N GLU J 153 83.66 45.76 -12.34
CA GLU J 153 84.47 44.86 -11.52
C GLU J 153 83.60 44.15 -10.48
N LYS J 154 82.71 44.88 -9.82
CA LYS J 154 81.84 44.27 -8.82
C LYS J 154 80.92 43.23 -9.46
N LEU J 155 80.33 43.55 -10.61
CA LEU J 155 79.45 42.60 -11.28
C LEU J 155 80.21 41.35 -11.71
N GLU J 156 81.43 41.53 -12.24
CA GLU J 156 82.23 40.38 -12.64
C GLU J 156 82.61 39.53 -11.43
N ALA J 157 82.93 40.17 -10.32
CA ALA J 157 83.23 39.42 -9.10
C ALA J 157 82.03 38.61 -8.63
N LEU J 158 80.84 39.21 -8.67
CA LEU J 158 79.63 38.49 -8.29
C LEU J 158 79.40 37.31 -9.23
N VAL J 159 79.59 37.51 -10.52
CA VAL J 159 79.39 36.43 -11.49
C VAL J 159 80.39 35.30 -11.22
N ALA J 160 81.64 35.65 -10.95
CA ALA J 160 82.64 34.64 -10.62
C ALA J 160 82.24 33.86 -9.37
N ALA J 161 81.74 34.58 -8.34
CA ALA J 161 81.26 33.90 -7.15
C ALA J 161 80.08 33.00 -7.46
N VAL J 162 79.32 33.31 -8.51
CA VAL J 162 78.14 32.52 -8.84
C VAL J 162 78.45 31.52 -9.96
N ASN J 163 79.52 31.73 -10.72
CA ASN J 163 79.84 30.86 -11.84
C ASN J 163 79.94 29.42 -11.38
N ASN J 164 79.26 28.53 -12.11
CA ASN J 164 79.22 27.10 -11.79
C ASN J 164 79.06 26.34 -13.10
N ASN J 165 80.18 25.85 -13.65
CA ASN J 165 80.16 25.10 -14.91
C ASN J 165 79.66 25.97 -16.06
N GLU J 166 80.07 27.24 -16.07
CA GLU J 166 79.70 28.19 -17.12
C GLU J 166 78.19 28.35 -17.22
N THR J 167 77.49 28.26 -16.10
CA THR J 167 76.05 28.48 -16.06
C THR J 167 75.68 29.93 -15.79
N SER J 168 76.66 30.79 -15.49
CA SER J 168 76.42 32.20 -15.20
C SER J 168 77.29 33.04 -16.13
N HIS J 169 76.67 34.05 -16.76
CA HIS J 169 77.35 34.93 -17.69
C HIS J 169 77.11 36.38 -17.31
N ILE J 170 78.00 37.26 -17.75
CA ILE J 170 77.88 38.69 -17.56
C ILE J 170 77.83 39.35 -18.94
N VAL J 171 76.83 40.20 -19.15
CA VAL J 171 76.62 40.87 -20.43
C VAL J 171 76.77 42.37 -20.18
N HIS J 172 77.70 42.99 -20.89
CA HIS J 172 77.89 44.43 -20.84
C HIS J 172 77.36 45.04 -22.13
N VAL J 173 76.33 45.88 -22.01
CA VAL J 173 75.68 46.51 -23.16
C VAL J 173 76.21 47.94 -23.26
N PRO J 174 77.00 48.26 -24.26
CA PRO J 174 77.53 49.63 -24.38
C PRO J 174 76.41 50.62 -24.69
N PRO J 175 76.53 51.87 -24.23
CA PRO J 175 75.51 52.88 -24.55
C PRO J 175 75.54 53.21 -26.03
N GLY J 176 74.35 53.33 -26.62
CA GLY J 176 74.25 53.66 -28.04
C GLY J 176 72.81 53.61 -28.49
N GLY J 177 72.63 53.73 -29.80
CA GLY J 177 71.31 53.68 -30.40
C GLY J 177 70.83 52.26 -30.64
N ILE J 178 71.69 51.28 -30.41
CA ILE J 178 71.34 49.88 -30.59
C ILE J 178 70.38 49.48 -29.48
N ALA J 179 69.25 48.88 -29.86
CA ALA J 179 68.24 48.50 -28.89
C ALA J 179 68.79 47.43 -27.95
N LEU J 180 68.35 47.48 -26.69
CA LEU J 180 68.79 46.50 -25.71
C LEU J 180 68.36 45.10 -26.12
N SER J 181 67.17 44.97 -26.70
CA SER J 181 66.68 43.66 -27.10
C SER J 181 67.60 43.01 -28.15
N ASP J 182 68.07 43.81 -29.11
CA ASP J 182 68.95 43.26 -30.14
C ASP J 182 70.23 42.70 -29.54
N VAL J 183 70.85 43.42 -28.60
CA VAL J 183 72.06 42.91 -27.95
C VAL J 183 71.73 41.67 -27.13
N LEU J 184 70.62 41.71 -26.38
CA LEU J 184 70.26 40.57 -25.53
C LEU J 184 70.00 39.32 -26.36
N ILE J 185 69.54 39.50 -27.60
CA ILE J 185 69.23 38.34 -28.44
C ILE J 185 70.50 37.51 -28.68
N SER J 186 71.62 38.16 -28.96
CA SER J 186 72.85 37.45 -29.26
C SER J 186 73.55 36.91 -28.02
N THR J 187 73.10 37.28 -26.83
CA THR J 187 73.74 36.82 -25.61
C THR J 187 73.37 35.37 -25.31
N PRO J 188 74.18 34.68 -24.49
CA PRO J 188 73.86 33.28 -24.17
C PRO J 188 72.56 33.13 -23.38
N ILE J 189 71.97 34.24 -22.94
CA ILE J 189 70.74 34.18 -22.16
C ILE J 189 69.65 33.47 -22.94
N PHE J 190 69.52 33.79 -24.23
CA PHE J 190 68.49 33.18 -25.06
C PHE J 190 68.87 31.81 -25.59
N THR J 191 70.14 31.59 -25.94
CA THR J 191 70.56 30.31 -26.50
C THR J 191 70.58 29.20 -25.46
N GLY J 192 70.66 29.52 -24.18
CA GLY J 192 70.69 28.53 -23.13
C GLY J 192 72.03 27.82 -23.04
N MET K 1 62.69 78.98 -19.88
CA MET K 1 64.09 79.21 -19.52
C MET K 1 64.63 77.91 -18.94
N SER K 2 65.75 77.44 -19.49
CA SER K 2 66.24 76.10 -19.21
C SER K 2 66.50 75.91 -17.71
N ALA K 3 66.13 74.73 -17.21
CA ALA K 3 66.32 74.40 -15.80
C ALA K 3 67.80 74.37 -15.43
N LEU K 4 68.65 73.94 -16.36
CA LEU K 4 70.09 73.90 -16.11
C LEU K 4 70.62 75.29 -15.82
N GLN K 5 70.16 76.30 -16.55
CA GLN K 5 70.59 77.67 -16.29
C GLN K 5 70.13 78.14 -14.92
N TYR K 6 68.91 77.74 -14.51
CA TYR K 6 68.45 78.08 -13.17
C TYR K 6 69.34 77.43 -12.11
N LEU K 7 69.70 76.17 -12.31
CA LEU K 7 70.58 75.49 -11.37
C LEU K 7 71.94 76.17 -11.31
N ASP K 8 72.46 76.59 -12.46
CA ASP K 8 73.73 77.32 -12.48
C ASP K 8 73.63 78.64 -11.73
N THR K 9 72.53 79.37 -11.92
CA THR K 9 72.36 80.63 -11.22
C THR K 9 72.30 80.43 -9.72
N LEU K 10 71.56 79.41 -9.27
CA LEU K 10 71.51 79.13 -7.83
C LEU K 10 72.87 78.68 -7.30
N ARG K 11 73.58 77.85 -8.07
CA ARG K 11 74.94 77.46 -7.71
C ARG K 11 75.82 78.68 -7.50
N SER K 12 75.76 79.64 -8.41
CA SER K 12 76.48 80.90 -8.21
C SER K 12 76.00 81.61 -6.95
N ALA K 13 74.69 81.60 -6.70
CA ALA K 13 74.16 82.23 -5.49
C ALA K 13 74.66 81.56 -4.22
N HIS K 14 74.73 80.22 -4.20
CA HIS K 14 75.12 79.47 -3.01
C HIS K 14 76.25 78.51 -3.37
N PRO K 15 77.50 78.97 -3.35
CA PRO K 15 78.62 78.06 -3.61
C PRO K 15 78.71 76.91 -2.61
N GLU K 16 78.23 77.10 -1.38
CA GLU K 16 78.35 76.06 -0.37
C GLU K 16 77.69 74.76 -0.78
N LEU K 17 76.69 74.81 -1.67
CA LEU K 17 76.03 73.62 -2.18
C LEU K 17 76.34 73.38 -3.65
N GLY K 18 77.53 73.77 -4.11
CA GLY K 18 77.88 73.55 -5.50
C GLY K 18 77.94 72.08 -5.87
N GLU K 19 78.46 71.25 -4.96
CA GLU K 19 78.51 69.81 -5.23
C GLU K 19 77.11 69.22 -5.34
N TRP K 20 76.20 69.62 -4.45
CA TRP K 20 74.84 69.13 -4.52
C TRP K 20 74.15 69.61 -5.80
N TYR K 21 74.38 70.86 -6.19
CA TYR K 21 73.80 71.34 -7.45
C TYR K 21 74.38 70.60 -8.65
N ASN K 22 75.67 70.26 -8.61
CA ASN K 22 76.26 69.48 -9.69
C ASN K 22 75.64 68.09 -9.76
N THR K 23 75.41 67.46 -8.60
CA THR K 23 74.74 66.17 -8.59
C THR K 23 73.33 66.28 -9.15
N LEU K 24 72.60 67.34 -8.77
CA LEU K 24 71.26 67.54 -9.28
C LEU K 24 71.27 67.73 -10.79
N ALA K 25 72.23 68.50 -11.30
CA ALA K 25 72.32 68.72 -12.75
C ALA K 25 72.69 67.43 -13.47
N ASP K 26 73.56 66.62 -12.88
CA ASP K 26 73.89 65.33 -13.47
C ASP K 26 72.66 64.42 -13.53
N LEU K 27 71.86 64.42 -12.46
CA LEU K 27 70.62 63.65 -12.48
C LEU K 27 69.67 64.17 -13.56
N TYR K 28 69.57 65.50 -13.69
CA TYR K 28 68.68 66.07 -14.70
C TYR K 28 69.12 65.70 -16.10
N GLN K 29 70.41 65.87 -16.41
CA GLN K 29 70.91 65.52 -17.73
C GLN K 29 70.74 64.03 -17.99
N LYS K 30 70.99 63.20 -16.98
CA LYS K 30 70.75 61.76 -17.09
C LYS K 30 69.27 61.41 -16.90
N LYS K 31 68.38 62.39 -16.92
CA LYS K 31 66.94 62.15 -16.81
C LYS K 31 66.60 61.31 -15.58
N LEU K 32 67.27 61.60 -14.46
CA LEU K 32 67.12 60.81 -13.24
C LEU K 32 66.25 61.59 -12.24
N TRP K 33 65.03 61.09 -12.06
CA TRP K 33 63.98 61.88 -11.42
C TRP K 33 63.70 61.44 -9.98
N HIS K 34 63.72 60.14 -9.70
CA HIS K 34 63.22 59.68 -8.39
C HIS K 34 64.28 59.77 -7.30
N GLN K 35 65.47 59.22 -7.52
CA GLN K 35 66.56 59.49 -6.59
C GLN K 35 66.84 60.98 -6.53
N LEU K 36 66.51 61.71 -7.61
CA LEU K 36 66.52 63.16 -7.54
C LEU K 36 65.49 63.66 -6.53
N THR K 37 64.32 63.03 -6.49
CA THR K 37 63.32 63.38 -5.48
C THR K 37 63.83 63.06 -4.08
N LEU K 38 64.58 61.97 -3.94
CA LEU K 38 65.15 61.62 -2.64
C LEU K 38 66.19 62.66 -2.21
N GLU K 39 67.09 63.03 -3.12
CA GLU K 39 68.07 64.07 -2.81
C GLU K 39 67.38 65.40 -2.54
N LEU K 40 66.24 65.64 -3.18
CA LEU K 40 65.49 66.87 -2.93
C LEU K 40 64.81 66.82 -1.57
N GLU K 41 64.36 65.63 -1.14
CA GLU K 41 63.83 65.47 0.20
C GLU K 41 64.91 65.77 1.23
N LYS K 42 66.13 65.27 0.98
CA LYS K 42 67.25 65.61 1.86
C LYS K 42 67.54 67.11 1.82
N PHE K 43 67.47 67.70 0.62
CA PHE K 43 67.76 69.11 0.44
C PHE K 43 66.79 69.99 1.21
N VAL K 44 65.49 69.67 1.11
CA VAL K 44 64.48 70.43 1.83
C VAL K 44 64.55 70.16 3.33
N ALA K 45 64.79 68.91 3.72
CA ALA K 45 64.97 68.60 5.13
C ALA K 45 66.11 69.40 5.74
N LEU K 46 67.12 69.75 4.96
CA LEU K 46 68.16 70.67 5.40
C LEU K 46 67.51 72.04 5.58
N ALA K 47 67.38 72.48 6.84
CA ALA K 47 66.64 73.69 7.14
C ALA K 47 67.33 74.96 6.67
N VAL K 48 68.45 74.85 5.95
CA VAL K 48 69.18 76.03 5.50
C VAL K 48 68.34 76.89 4.58
N PHE K 49 67.53 76.28 3.70
CA PHE K 49 66.76 77.01 2.69
C PHE K 49 65.32 77.27 3.12
N GLN K 50 64.97 77.00 4.37
CA GLN K 50 63.61 77.24 4.83
C GLN K 50 63.26 78.72 4.88
N ALA K 51 64.23 79.61 4.77
CA ALA K 51 64.00 81.05 4.79
C ALA K 51 64.41 81.62 3.43
N GLY K 52 63.43 82.00 2.64
CA GLY K 52 63.66 82.58 1.33
C GLY K 52 62.66 82.08 0.32
N ASP K 53 62.53 82.85 -0.76
CA ASP K 53 61.63 82.47 -1.85
C ASP K 53 62.33 81.60 -2.89
N ALA K 54 63.60 81.24 -2.67
CA ALA K 54 64.33 80.46 -3.65
C ALA K 54 63.62 79.16 -3.99
N LEU K 55 62.97 78.54 -3.00
CA LEU K 55 62.31 77.26 -3.25
C LEU K 55 61.02 77.42 -4.04
N ILE K 56 60.33 78.56 -3.91
CA ILE K 56 59.14 78.81 -4.72
C ILE K 56 59.52 78.87 -6.20
N GLN K 57 60.53 79.67 -6.52
CA GLN K 57 61.01 79.74 -7.90
C GLN K 57 61.57 78.39 -8.34
N LEU K 58 62.23 77.67 -7.44
CA LEU K 58 62.73 76.35 -7.77
C LEU K 58 61.61 75.44 -8.20
N TYR K 59 60.52 75.39 -7.43
CA TYR K 59 59.36 74.62 -7.85
C TYR K 59 58.86 75.07 -9.21
N HIS K 60 58.59 76.38 -9.34
CA HIS K 60 57.98 76.89 -10.57
C HIS K 60 58.81 76.57 -11.81
N ASN K 61 60.14 76.58 -11.69
CA ASN K 61 61.00 76.42 -12.86
C ASN K 61 61.57 75.02 -13.00
N PHE K 62 61.39 74.14 -12.03
CA PHE K 62 62.00 72.81 -12.04
C PHE K 62 60.99 71.69 -11.97
N ILE K 63 60.03 71.78 -11.04
CA ILE K 63 59.19 70.62 -10.75
C ILE K 63 58.02 70.52 -11.73
N THR K 64 57.63 71.63 -12.36
CA THR K 64 56.59 71.56 -13.37
C THR K 64 56.97 70.61 -14.50
N ASP K 65 58.26 70.48 -14.78
CA ASP K 65 58.73 69.56 -15.81
C ASP K 65 58.61 68.11 -15.39
N PHE K 66 58.63 67.82 -14.09
CA PHE K 66 58.62 66.44 -13.59
C PHE K 66 57.28 66.03 -12.99
N GLU K 67 56.24 66.85 -13.13
CA GLU K 67 54.93 66.48 -12.60
C GLU K 67 54.42 65.19 -13.23
N THR K 68 54.81 64.92 -14.48
CA THR K 68 54.31 63.77 -15.20
C THR K 68 55.10 62.50 -14.95
N LYS K 69 56.21 62.57 -14.21
CA LYS K 69 57.09 61.42 -14.03
C LYS K 69 57.45 61.12 -12.58
N ILE K 70 57.12 62.03 -11.65
CA ILE K 70 57.46 61.84 -10.23
C ILE K 70 56.25 61.28 -9.50
N ASN K 71 56.52 60.49 -8.48
CA ASN K 71 55.44 59.93 -7.66
C ASN K 71 54.58 61.06 -7.11
N LEU K 72 53.26 60.89 -7.20
CA LEU K 72 52.35 61.99 -6.90
C LEU K 72 52.40 62.37 -5.41
N LEU K 73 52.61 61.40 -4.53
CA LEU K 73 52.70 61.72 -3.10
C LEU K 73 53.93 62.58 -2.81
N LYS K 74 55.06 62.27 -3.44
CA LYS K 74 56.24 63.10 -3.26
C LYS K 74 56.02 64.50 -3.81
N LEU K 75 55.33 64.60 -4.96
CA LEU K 75 54.98 65.90 -5.50
C LEU K 75 54.11 66.68 -4.53
N ALA K 76 53.14 66.02 -3.91
CA ALA K 76 52.28 66.68 -2.93
C ALA K 76 53.09 67.15 -1.73
N HIS K 77 54.03 66.31 -1.27
CA HIS K 77 54.88 66.70 -0.13
C HIS K 77 55.68 67.96 -0.47
N PHE K 78 56.31 67.97 -1.65
CA PHE K 78 57.08 69.15 -2.06
C PHE K 78 56.18 70.37 -2.19
N ALA K 79 55.00 70.21 -2.79
CA ALA K 79 54.09 71.32 -2.95
C ALA K 79 53.65 71.88 -1.61
N VAL K 80 53.39 71.01 -0.63
CA VAL K 80 53.01 71.49 0.69
C VAL K 80 54.17 72.20 1.39
N ILE K 81 55.38 71.67 1.28
CA ILE K 81 56.52 72.35 1.88
C ILE K 81 56.69 73.73 1.25
N VAL K 82 56.47 73.83 -0.06
CA VAL K 82 56.53 75.13 -0.71
C VAL K 82 55.42 76.05 -0.21
N SER K 83 54.19 75.53 -0.10
CA SER K 83 53.06 76.35 0.33
C SER K 83 53.26 76.85 1.75
N ARG K 84 53.96 76.08 2.59
CA ARG K 84 54.23 76.52 3.95
C ARG K 84 55.11 77.77 3.98
N GLN K 85 55.89 78.02 2.93
CA GLN K 85 56.83 79.12 2.90
C GLN K 85 56.27 80.40 2.31
N TYR K 86 55.02 80.39 1.84
CA TYR K 86 54.39 81.62 1.36
C TYR K 86 53.96 82.47 2.55
N ALA K 87 54.34 83.75 2.53
CA ALA K 87 53.92 84.66 3.59
C ALA K 87 52.40 84.87 3.57
N GLU K 88 51.81 84.97 2.39
CA GLU K 88 50.38 85.17 2.24
C GLU K 88 49.70 83.80 2.14
N LYS K 89 48.74 83.55 3.02
CA LYS K 89 48.09 82.24 3.05
C LYS K 89 47.11 82.08 1.89
N GLU K 90 46.49 83.17 1.43
CA GLU K 90 45.59 83.09 0.29
C GLU K 90 46.33 82.69 -0.98
N ALA K 91 47.54 83.22 -1.18
CA ALA K 91 48.34 82.82 -2.32
C ALA K 91 48.68 81.33 -2.27
N ALA K 92 49.04 80.84 -1.08
CA ALA K 92 49.30 79.42 -0.93
C ALA K 92 48.05 78.59 -1.20
N ILE K 93 46.88 79.08 -0.78
CA ILE K 93 45.63 78.37 -1.04
C ILE K 93 45.38 78.28 -2.54
N GLY K 94 45.58 79.39 -3.25
CA GLY K 94 45.42 79.37 -4.70
C GLY K 94 46.40 78.44 -5.37
N TYR K 95 47.65 78.43 -4.91
CA TYR K 95 48.66 77.54 -5.45
C TYR K 95 48.27 76.07 -5.24
N LEU K 96 47.78 75.77 -4.04
CA LEU K 96 47.36 74.39 -3.75
C LEU K 96 46.17 74.00 -4.62
N GLU K 97 45.22 74.91 -4.84
CA GLU K 97 44.11 74.63 -5.72
C GLU K 97 44.60 74.38 -7.15
N GLY K 98 45.56 75.18 -7.60
CA GLY K 98 46.10 74.97 -8.93
C GLY K 98 46.77 73.62 -9.09
N VAL K 99 47.58 73.23 -8.11
CA VAL K 99 48.25 71.93 -8.21
C VAL K 99 47.24 70.80 -8.13
N THR K 100 46.18 70.95 -7.33
CA THR K 100 45.13 69.93 -7.31
C THR K 100 44.45 69.82 -8.67
N GLU K 101 44.18 70.95 -9.31
CA GLU K 101 43.58 70.92 -10.64
C GLU K 101 44.51 70.24 -11.64
N LYS K 102 45.81 70.52 -11.55
CA LYS K 102 46.77 69.85 -12.42
C LYS K 102 46.79 68.34 -12.18
N LEU K 103 46.76 67.93 -10.92
CA LEU K 103 46.72 66.50 -10.60
C LEU K 103 45.47 65.85 -11.16
N HIS K 104 44.31 66.53 -11.03
CA HIS K 104 43.09 66.00 -11.62
C HIS K 104 43.20 65.89 -13.13
N ALA K 105 43.79 66.90 -13.78
CA ALA K 105 44.00 66.82 -15.22
C ALA K 105 44.94 65.68 -15.60
N THR K 106 45.83 65.29 -14.69
CA THR K 106 46.71 64.15 -14.94
C THR K 106 45.92 62.86 -15.20
N LYS K 107 44.77 62.70 -14.56
CA LYS K 107 43.88 61.56 -14.83
C LYS K 107 44.56 60.23 -14.56
N GLU K 108 44.98 60.01 -13.32
CA GLU K 108 45.51 58.72 -12.88
C GLU K 108 44.60 58.12 -11.82
N ASN K 109 44.78 56.83 -11.55
CA ASN K 109 43.94 56.12 -10.60
C ASN K 109 44.35 56.37 -9.16
N ARG K 110 45.51 57.01 -8.97
CA ARG K 110 46.04 57.28 -7.64
C ARG K 110 46.05 58.78 -7.33
N ILE K 111 45.34 59.58 -8.12
CA ILE K 111 45.26 61.02 -7.87
C ILE K 111 44.59 61.29 -6.53
N GLU K 112 43.72 60.38 -6.07
CA GLU K 112 42.88 60.68 -4.92
C GLU K 112 43.69 60.87 -3.64
N GLU K 113 44.76 60.10 -3.46
CA GLU K 113 45.54 60.21 -2.23
C GLU K 113 46.27 61.54 -2.12
N PRO K 114 47.15 61.92 -3.05
CA PRO K 114 47.78 63.24 -2.95
C PRO K 114 46.78 64.38 -3.02
N VAL K 115 45.69 64.22 -3.76
CA VAL K 115 44.68 65.27 -3.82
C VAL K 115 44.02 65.45 -2.46
N LEU K 116 43.71 64.36 -1.78
CA LEU K 116 43.19 64.46 -0.41
C LEU K 116 44.21 65.12 0.51
N TYR K 117 45.47 64.72 0.38
CA TYR K 117 46.53 65.33 1.17
C TYR K 117 46.52 66.85 1.00
N ILE K 118 46.52 67.31 -0.24
CA ILE K 118 46.59 68.74 -0.52
C ILE K 118 45.31 69.43 -0.05
N LYS K 119 44.15 68.82 -0.31
CA LYS K 119 42.90 69.40 0.16
C LYS K 119 42.92 69.59 1.67
N MET K 120 43.51 68.64 2.39
CA MET K 120 43.49 68.72 3.84
C MET K 120 44.45 69.81 4.32
N GLN K 121 45.58 69.97 3.62
CA GLN K 121 46.44 71.11 3.89
C GLN K 121 45.71 72.43 3.64
N ILE K 122 44.93 72.50 2.56
CA ILE K 122 44.16 73.71 2.29
C ILE K 122 43.15 73.96 3.40
N ALA K 123 42.50 72.89 3.88
CA ALA K 123 41.56 73.03 4.99
C ALA K 123 42.27 73.54 6.24
N LEU K 124 43.47 73.04 6.52
CA LEU K 124 44.25 73.56 7.63
C LEU K 124 44.53 75.04 7.45
N PHE K 125 44.88 75.44 6.22
CA PHE K 125 45.20 76.84 5.97
C PHE K 125 43.99 77.73 6.20
N LYS K 126 42.80 77.27 5.78
CA LYS K 126 41.59 78.05 6.07
C LYS K 126 41.29 78.05 7.56
N LEU K 127 41.64 76.96 8.26
CA LEU K 127 41.52 76.93 9.71
C LEU K 127 42.36 78.04 10.34
N GLU K 128 43.59 78.20 9.88
CA GLU K 128 44.41 79.33 10.32
C GLU K 128 43.75 80.66 9.97
N GLN K 129 42.98 80.70 8.88
CA GLN K 129 42.18 81.88 8.55
C GLN K 129 40.86 81.94 9.32
N GLY K 130 40.50 80.86 10.02
CA GLY K 130 39.28 80.83 10.81
C GLY K 130 38.03 80.39 10.07
N GLU K 131 38.13 80.05 8.78
CA GLU K 131 36.97 79.66 7.99
C GLU K 131 36.58 78.22 8.36
N GLN K 132 35.93 78.09 9.52
CA GLN K 132 35.66 76.78 10.09
C GLN K 132 34.68 75.96 9.23
N LYS K 133 33.65 76.60 8.68
CA LYS K 133 32.63 75.85 7.96
C LYS K 133 33.22 75.18 6.72
N GLU K 134 34.04 75.91 5.97
CA GLU K 134 34.70 75.30 4.81
C GLU K 134 35.62 74.17 5.24
N CYS K 135 36.31 74.35 6.37
CA CYS K 135 37.17 73.27 6.87
C CYS K 135 36.34 72.04 7.19
N LYS K 136 35.17 72.21 7.79
CA LYS K 136 34.32 71.07 8.11
C LYS K 136 33.83 70.39 6.84
N LYS K 137 33.45 71.18 5.83
CA LYS K 137 33.03 70.60 4.56
C LYS K 137 34.15 69.77 3.95
N LEU K 138 35.38 70.30 3.95
CA LEU K 138 36.50 69.57 3.40
C LEU K 138 36.81 68.32 4.22
N LEU K 139 36.65 68.40 5.55
CA LEU K 139 36.84 67.22 6.39
C LEU K 139 35.83 66.13 6.04
N ASP K 140 34.57 66.50 5.86
CA ASP K 140 33.56 65.52 5.47
C ASP K 140 33.89 64.89 4.12
N ASN K 141 34.26 65.73 3.15
CA ASN K 141 34.63 65.20 1.84
C ASN K 141 35.84 64.28 1.95
N GLY K 142 36.78 64.62 2.83
CA GLY K 142 37.96 63.79 3.01
C GLY K 142 37.66 62.45 3.65
N LYS K 143 36.78 62.45 4.66
CA LYS K 143 36.26 61.19 5.17
C LYS K 143 35.69 60.35 4.03
N THR K 144 34.83 60.95 3.21
CA THR K 144 34.21 60.20 2.12
C THR K 144 35.27 59.62 1.18
N THR K 145 36.27 60.43 0.81
CA THR K 145 37.31 59.94 -0.09
C THR K 145 38.12 58.82 0.55
N LEU K 146 38.48 58.96 1.83
CA LEU K 146 39.20 57.89 2.51
C LEU K 146 38.39 56.61 2.50
N ASP K 147 37.07 56.71 2.70
CA ASP K 147 36.23 55.52 2.71
C ASP K 147 36.28 54.77 1.39
N SER K 148 36.33 55.49 0.27
CA SER K 148 36.27 54.86 -1.04
C SER K 148 37.58 54.19 -1.45
N MET K 149 38.71 54.57 -0.84
CA MET K 149 40.01 54.04 -1.23
C MET K 149 40.64 53.34 -0.03
N THR K 150 41.41 52.29 -0.30
CA THR K 150 42.06 51.48 0.73
C THR K 150 43.56 51.41 0.44
N ASP K 151 44.31 50.82 1.38
CA ASP K 151 45.74 50.65 1.22
C ASP K 151 46.43 52.01 1.04
N ILE K 152 46.00 52.98 1.83
CA ILE K 152 46.52 54.35 1.70
C ILE K 152 47.89 54.44 2.33
N ASP K 153 48.67 55.43 1.90
CA ASP K 153 49.90 55.76 2.58
C ASP K 153 49.57 56.19 4.02
N PRO K 154 50.23 55.61 5.02
CA PRO K 154 49.93 56.01 6.41
C PRO K 154 50.14 57.49 6.67
N SER K 155 51.00 58.15 5.90
CA SER K 155 51.19 59.58 6.06
C SER K 155 49.90 60.35 5.78
N VAL K 156 49.07 59.84 4.87
CA VAL K 156 47.80 60.50 4.59
C VAL K 156 46.90 60.46 5.81
N TYR K 157 46.72 59.27 6.41
CA TYR K 157 46.01 59.18 7.68
C TYR K 157 46.58 60.14 8.70
N ALA K 158 47.91 60.14 8.84
CA ALA K 158 48.55 60.97 9.85
C ALA K 158 48.21 62.44 9.67
N THR K 159 48.42 62.97 8.46
CA THR K 159 48.17 64.38 8.23
C THR K 159 46.69 64.71 8.37
N PHE K 160 45.81 63.82 7.89
CA PHE K 160 44.39 64.11 7.99
C PHE K 160 43.95 64.19 9.44
N TYR K 161 44.42 63.25 10.27
CA TYR K 161 44.06 63.27 11.67
C TYR K 161 44.71 64.45 12.40
N TRP K 162 45.91 64.85 11.97
CA TRP K 162 46.50 66.09 12.45
C TRP K 162 45.56 67.27 12.23
N VAL K 163 45.14 67.48 10.99
CA VAL K 163 44.35 68.67 10.68
C VAL K 163 42.98 68.60 11.34
N SER K 164 42.37 67.40 11.39
CA SER K 164 41.11 67.25 12.09
C SER K 164 41.27 67.55 13.58
N SER K 165 42.39 67.11 14.16
CA SER K 165 42.68 67.45 15.55
C SER K 165 42.69 68.97 15.74
N GLN K 166 43.46 69.68 14.91
CA GLN K 166 43.49 71.14 15.05
C GLN K 166 42.10 71.74 14.87
N TYR K 167 41.30 71.17 13.96
CA TYR K 167 39.92 71.61 13.80
C TYR K 167 39.15 71.52 15.11
N HIS K 168 39.20 70.35 15.76
CA HIS K 168 38.44 70.18 16.99
C HIS K 168 39.02 70.99 18.13
N LYS K 169 40.33 71.27 18.09
CA LYS K 169 40.92 72.15 19.10
C LYS K 169 40.38 73.56 18.94
N ALA K 170 40.29 74.05 17.71
CA ALA K 170 39.64 75.33 17.47
C ALA K 170 38.17 75.27 17.87
N ARG K 171 37.57 74.09 17.79
CA ARG K 171 36.20 73.89 18.26
C ARG K 171 36.12 73.62 19.75
N GLN K 172 37.26 73.48 20.43
CA GLN K 172 37.29 73.15 21.85
C GLN K 172 36.53 71.86 22.14
N GLU K 173 36.65 70.88 21.26
CA GLU K 173 36.09 69.55 21.48
C GLU K 173 37.23 68.65 21.96
N PHE K 174 37.41 68.61 23.28
CA PHE K 174 38.50 67.85 23.86
C PHE K 174 38.37 66.36 23.57
N ALA K 175 37.13 65.84 23.56
CA ALA K 175 36.95 64.42 23.31
C ALA K 175 37.38 64.04 21.89
N GLU K 176 36.87 64.77 20.89
CA GLU K 176 37.18 64.41 19.51
C GLU K 176 38.63 64.72 19.16
N PHE K 177 39.18 65.81 19.70
CA PHE K 177 40.62 66.03 19.58
C PHE K 177 41.39 64.84 20.17
N TYR K 178 40.98 64.39 21.35
CA TYR K 178 41.68 63.28 21.99
C TYR K 178 41.66 62.05 21.09
N LYS K 179 40.49 61.71 20.56
CA LYS K 179 40.40 60.52 19.72
C LYS K 179 41.22 60.68 18.44
N ASN K 180 41.07 61.81 17.75
CA ASN K 180 41.76 61.99 16.47
C ASN K 180 43.27 62.04 16.65
N ALA K 181 43.75 62.70 17.72
CA ALA K 181 45.18 62.79 17.94
C ALA K 181 45.74 61.47 18.45
N LEU K 182 44.93 60.68 19.17
CA LEU K 182 45.35 59.32 19.47
C LEU K 182 45.51 58.51 18.19
N LEU K 183 44.59 58.70 17.24
CA LEU K 183 44.75 58.06 15.94
C LEU K 183 46.04 58.54 15.27
N TYR K 184 46.31 59.84 15.36
CA TYR K 184 47.55 60.39 14.81
C TYR K 184 48.77 59.70 15.39
N LEU K 185 48.84 59.61 16.72
CA LEU K 185 49.96 58.93 17.37
C LEU K 185 49.89 57.41 17.17
N ALA K 186 48.78 56.92 16.61
CA ALA K 186 48.75 55.56 16.13
C ALA K 186 49.35 55.45 14.74
N TYR K 187 49.38 56.56 13.98
CA TYR K 187 49.90 56.55 12.63
C TYR K 187 51.25 57.24 12.47
N THR K 188 51.52 58.30 13.22
CA THR K 188 52.72 59.12 13.02
C THR K 188 53.83 58.69 13.97
N SER K 189 54.91 58.16 13.41
CA SER K 189 56.02 57.64 14.20
C SER K 189 56.56 58.73 15.13
N VAL K 190 56.82 58.37 16.38
CA VAL K 190 57.34 59.31 17.36
C VAL K 190 58.75 59.78 17.02
N GLU K 191 59.65 58.85 16.68
CA GLU K 191 61.05 59.22 16.49
C GLU K 191 61.22 60.32 15.45
N SER K 192 60.34 60.39 14.46
CA SER K 192 60.43 61.40 13.43
C SER K 192 60.20 62.83 13.94
N LEU K 193 59.61 62.98 15.12
CA LEU K 193 59.24 64.30 15.63
C LEU K 193 60.34 64.86 16.53
N SER K 194 60.30 66.17 16.72
CA SER K 194 61.20 66.84 17.64
C SER K 194 60.62 66.84 19.06
N GLU K 195 61.50 66.88 20.06
CA GLU K 195 61.05 66.79 21.44
C GLU K 195 60.17 67.97 21.81
N SER K 196 60.37 69.13 21.18
CA SER K 196 59.54 70.29 21.48
C SER K 196 58.09 70.03 21.10
N PHE K 197 57.86 69.60 19.86
CA PHE K 197 56.51 69.25 19.44
C PHE K 197 55.98 68.07 20.24
N LYS K 198 56.85 67.14 20.64
CA LYS K 198 56.40 66.03 21.47
C LYS K 198 55.84 66.53 22.80
N LEU K 199 56.57 67.43 23.47
CA LEU K 199 56.07 67.98 24.73
C LEU K 199 54.79 68.77 24.52
N ASP K 200 54.73 69.58 23.47
CA ASP K 200 53.53 70.37 23.22
C ASP K 200 52.32 69.47 23.00
N LEU K 201 52.47 68.46 22.14
CA LEU K 201 51.37 67.56 21.85
C LEU K 201 50.97 66.75 23.08
N ALA K 202 51.96 66.31 23.87
CA ALA K 202 51.63 65.59 25.10
C ALA K 202 50.83 66.46 26.05
N PHE K 203 51.26 67.70 26.23
CA PHE K 203 50.51 68.64 27.08
C PHE K 203 49.08 68.79 26.58
N ASP K 204 48.92 69.04 25.28
CA ASP K 204 47.59 69.25 24.73
C ASP K 204 46.72 68.01 24.89
N LEU K 205 47.30 66.83 24.63
CA LEU K 205 46.53 65.59 24.70
C LEU K 205 46.12 65.28 26.15
N SER K 206 47.03 65.47 27.10
CA SER K 206 46.68 65.26 28.50
C SER K 206 45.60 66.25 28.94
N LEU K 207 45.71 67.51 28.52
CA LEU K 207 44.68 68.49 28.84
C LEU K 207 43.34 68.07 28.25
N SER K 208 43.34 67.59 27.00
CA SER K 208 42.11 67.15 26.37
C SER K 208 41.50 65.96 27.09
N ALA K 209 42.34 64.98 27.47
CA ALA K 209 41.85 63.83 28.20
C ALA K 209 41.24 64.24 29.53
N LEU K 210 41.89 65.16 30.23
CA LEU K 210 41.32 65.69 31.46
C LEU K 210 39.99 66.39 31.18
N LEU K 211 39.89 67.04 30.01
CA LEU K 211 38.68 67.76 29.64
C LEU K 211 37.87 67.04 28.57
N GLY K 212 38.34 65.90 28.09
CA GLY K 212 37.60 65.15 27.09
C GLY K 212 36.47 64.38 27.72
N GLU K 213 35.24 64.84 27.48
CA GLU K 213 34.08 64.24 28.13
C GLU K 213 33.94 62.78 27.73
N ASN K 214 33.59 61.95 28.70
CA ASN K 214 33.35 60.51 28.54
C ASN K 214 34.64 59.71 28.39
N ILE K 215 35.80 60.34 28.51
CA ILE K 215 37.09 59.66 28.33
C ILE K 215 37.67 59.40 29.72
N TYR K 216 37.75 58.12 30.11
CA TYR K 216 38.28 57.75 31.40
C TYR K 216 39.40 56.71 31.31
N ASN K 217 39.77 56.28 30.10
CA ASN K 217 40.81 55.26 29.91
C ASN K 217 42.15 55.97 29.78
N PHE K 218 42.78 56.24 30.92
CA PHE K 218 44.09 56.88 30.93
C PHE K 218 45.24 55.89 30.79
N GLY K 219 44.97 54.58 30.82
CA GLY K 219 46.04 53.62 30.66
C GLY K 219 46.77 53.74 29.35
N GLU K 220 46.03 53.85 28.24
CA GLU K 220 46.67 54.05 26.95
C GLU K 220 47.49 55.34 26.95
N LEU K 221 46.90 56.44 27.41
CA LEU K 221 47.63 57.70 27.49
C LEU K 221 48.93 57.52 28.28
N LEU K 222 48.82 56.96 29.49
CA LEU K 222 50.00 56.73 30.31
C LEU K 222 51.02 55.84 29.61
N ALA K 223 50.57 54.97 28.71
CA ALA K 223 51.46 53.99 28.11
C ALA K 223 52.38 54.61 27.06
N HIS K 224 51.89 55.58 26.30
CA HIS K 224 52.61 56.05 25.12
C HIS K 224 53.92 56.73 25.53
N PRO K 225 55.02 56.56 24.79
CA PRO K 225 56.29 57.15 25.22
C PRO K 225 56.35 58.67 25.12
N ILE K 226 55.38 59.31 24.46
CA ILE K 226 55.37 60.77 24.42
C ILE K 226 55.34 61.34 25.83
N LEU K 227 54.55 60.74 26.72
CA LEU K 227 54.54 61.16 28.11
C LEU K 227 55.85 60.89 28.82
N LYS K 228 56.48 59.74 28.56
CA LYS K 228 57.83 59.52 29.08
C LYS K 228 58.75 60.63 28.63
N SER K 229 58.47 61.23 27.47
CA SER K 229 59.21 62.41 27.05
C SER K 229 58.89 63.62 27.92
N LEU K 230 57.69 63.68 28.50
CA LEU K 230 57.38 64.76 29.45
C LEU K 230 58.18 64.65 30.74
N LEU K 231 58.59 63.43 31.13
CA LEU K 231 59.39 63.26 32.32
C LEU K 231 60.68 64.05 32.20
N GLY K 232 61.02 64.81 33.23
CA GLY K 232 62.17 65.69 33.20
C GLY K 232 61.88 67.11 32.78
N THR K 233 60.61 67.47 32.62
CA THR K 233 60.21 68.79 32.18
C THR K 233 59.42 69.51 33.28
N LYS K 234 59.00 70.73 32.96
CA LYS K 234 58.25 71.54 33.91
C LYS K 234 56.81 71.06 34.09
N VAL K 235 56.34 70.12 33.26
CA VAL K 235 54.96 69.66 33.31
C VAL K 235 54.86 68.25 33.86
N GLU K 236 55.82 67.81 34.70
CA GLU K 236 55.69 66.52 35.35
C GLU K 236 54.48 66.48 36.28
N TRP K 237 54.09 67.64 36.81
CA TRP K 237 52.91 67.72 37.66
C TRP K 237 51.69 67.15 36.93
N LEU K 238 51.57 67.42 35.63
CA LEU K 238 50.42 66.95 34.89
C LEU K 238 50.44 65.43 34.73
N TYR K 239 51.63 64.85 34.53
CA TYR K 239 51.73 63.39 34.48
C TYR K 239 51.38 62.77 35.82
N TYR K 240 51.82 63.40 36.92
CA TYR K 240 51.44 62.91 38.24
C TYR K 240 49.94 63.00 38.45
N ILE K 241 49.32 64.08 37.97
CA ILE K 241 47.86 64.22 38.07
C ILE K 241 47.17 63.12 37.29
N LEU K 242 47.68 62.81 36.10
CA LEU K 242 47.11 61.73 35.31
C LEU K 242 47.26 60.40 36.02
N GLN K 243 48.41 60.16 36.65
CA GLN K 243 48.59 58.93 37.41
C GLN K 243 47.60 58.85 38.56
N ALA K 244 47.38 59.97 39.26
CA ALA K 244 46.38 60.00 40.32
C ALA K 244 45.00 59.68 39.77
N PHE K 245 44.66 60.24 38.59
CA PHE K 245 43.40 59.90 37.94
C PHE K 245 43.29 58.39 37.72
N ASN K 246 44.33 57.79 37.15
CA ASN K 246 44.27 56.37 36.84
C ASN K 246 44.15 55.54 38.12
N THR K 247 44.78 55.97 39.20
CA THR K 247 44.72 55.30 40.48
C THR K 247 43.46 55.63 41.28
N GLY K 248 42.68 56.60 40.81
CA GLY K 248 41.47 56.97 41.55
C GLY K 248 41.75 57.49 42.93
N ASP K 249 42.97 57.95 43.21
CA ASP K 249 43.34 58.41 44.54
C ASP K 249 42.89 59.86 44.69
N LEU K 250 41.77 60.06 45.37
CA LEU K 250 41.25 61.41 45.58
C LEU K 250 42.19 62.22 46.47
N ILE K 251 42.73 61.61 47.53
CA ILE K 251 43.63 62.32 48.42
C ILE K 251 44.92 62.69 47.68
N ARG K 252 45.45 61.74 46.90
CA ARG K 252 46.68 61.98 46.16
C ARG K 252 46.51 63.17 45.23
N TYR K 253 45.42 63.19 44.46
CA TYR K 253 45.12 64.34 43.61
C TYR K 253 44.93 65.60 44.44
N GLN K 254 44.43 65.46 45.67
CA GLN K 254 44.24 66.64 46.50
C GLN K 254 45.57 67.33 46.81
N GLU K 255 46.58 66.59 47.28
CA GLU K 255 47.83 67.28 47.56
C GLU K 255 48.56 67.63 46.27
N LEU K 256 48.30 66.87 45.20
CA LEU K 256 48.86 67.26 43.90
C LEU K 256 48.35 68.63 43.48
N CYS K 257 47.06 68.89 43.69
CA CYS K 257 46.50 70.21 43.42
C CYS K 257 47.07 71.25 44.37
N ASN K 258 47.11 70.94 45.66
CA ASN K 258 47.55 71.92 46.65
C ASN K 258 48.98 72.37 46.37
N VAL K 259 49.87 71.43 46.05
CA VAL K 259 51.25 71.79 45.73
C VAL K 259 51.30 72.68 44.50
N HIS K 260 50.49 72.38 43.49
CA HIS K 260 50.57 73.02 42.19
C HIS K 260 49.45 74.02 41.95
N LYS K 261 48.97 74.68 43.00
CA LYS K 261 47.90 75.65 42.84
C LYS K 261 48.24 76.68 41.78
N ASP K 262 49.48 77.18 41.79
CA ASP K 262 49.87 78.22 40.83
C ASP K 262 49.76 77.73 39.40
N ALA K 263 50.34 76.56 39.10
CA ALA K 263 50.34 76.06 37.72
C ALA K 263 48.91 75.85 37.22
N LEU K 264 48.04 75.25 38.04
CA LEU K 264 46.65 75.10 37.64
C LEU K 264 45.98 76.45 37.44
N ASN K 265 46.32 77.44 38.28
CA ASN K 265 45.82 78.79 38.07
C ASN K 265 46.40 79.42 36.82
N ALA K 266 47.55 78.93 36.34
CA ALA K 266 48.16 79.50 35.16
C ALA K 266 47.42 79.13 33.89
N GLN K 267 46.48 78.19 33.96
CA GLN K 267 45.75 77.71 32.78
C GLN K 267 44.25 77.88 33.03
N PRO K 268 43.59 78.86 32.39
CA PRO K 268 42.16 79.09 32.69
C PRO K 268 41.27 77.92 32.34
N ALA K 269 41.69 77.05 31.41
CA ALA K 269 40.85 75.92 31.02
C ALA K 269 40.56 75.02 32.23
N LEU K 270 41.53 74.81 33.10
CA LEU K 270 41.33 73.94 34.26
C LEU K 270 40.51 74.64 35.34
N VAL K 271 40.69 75.95 35.49
CA VAL K 271 40.03 76.67 36.59
C VAL K 271 38.52 76.62 36.44
N ALA K 272 38.01 76.89 35.24
CA ALA K 272 36.56 76.96 35.05
C ALA K 272 35.91 75.59 35.16
N ASN K 273 36.63 74.52 34.84
CA ASN K 273 36.07 73.18 34.78
C ASN K 273 36.32 72.39 36.07
N GLU K 274 36.48 73.07 37.19
CA GLU K 274 36.83 72.39 38.44
C GLU K 274 35.81 71.31 38.78
N ARG K 275 34.52 71.65 38.72
CA ARG K 275 33.48 70.70 39.06
C ARG K 275 33.56 69.45 38.19
N LYS K 276 33.86 69.63 36.90
CA LYS K 276 33.79 68.51 35.97
C LYS K 276 34.89 67.48 36.25
N LEU K 277 36.14 67.91 36.37
CA LEU K 277 37.19 66.94 36.65
C LEU K 277 37.12 66.46 38.10
N LEU K 278 36.53 67.26 38.99
CA LEU K 278 36.26 66.75 40.34
C LEU K 278 35.33 65.56 40.28
N GLU K 279 34.23 65.69 39.55
CA GLU K 279 33.32 64.56 39.36
C GLU K 279 34.01 63.40 38.68
N LYS K 280 34.83 63.69 37.67
CA LYS K 280 35.55 62.65 36.96
C LYS K 280 36.46 61.85 37.89
N ILE K 281 37.21 62.53 38.74
CA ILE K 281 38.13 61.82 39.63
C ILE K 281 37.35 61.06 40.70
N ASN K 282 36.24 61.63 41.17
CA ASN K 282 35.36 60.86 42.06
C ASN K 282 34.92 59.57 41.40
N ILE K 283 34.48 59.66 40.14
CA ILE K 283 34.00 58.48 39.43
C ILE K 283 35.12 57.47 39.22
N LEU K 284 36.33 57.96 38.92
CA LEU K 284 37.46 57.05 38.77
C LEU K 284 37.80 56.35 40.08
N CYS K 285 37.79 57.09 41.18
CA CYS K 285 37.92 56.47 42.49
C CYS K 285 36.88 55.38 42.67
N LEU K 286 35.63 55.66 42.29
CA LEU K 286 34.57 54.67 42.41
C LEU K 286 34.86 53.43 41.59
N MET K 287 35.31 53.62 40.34
CA MET K 287 35.53 52.48 39.47
C MET K 287 36.69 51.62 39.98
N GLU K 288 37.75 52.25 40.49
CA GLU K 288 38.84 51.45 41.05
C GLU K 288 38.43 50.80 42.37
N ILE K 289 37.54 51.44 43.12
CA ILE K 289 36.98 50.83 44.32
C ILE K 289 36.27 49.53 43.95
N ILE K 290 35.41 49.58 42.94
CA ILE K 290 34.70 48.38 42.51
C ILE K 290 35.70 47.37 41.95
N PHE K 291 36.73 47.86 41.27
CA PHE K 291 37.76 46.98 40.71
C PHE K 291 38.45 46.18 41.80
N ASN K 292 38.75 46.81 42.94
CA ASN K 292 39.39 46.11 44.04
C ASN K 292 38.57 44.92 44.51
N ARG K 293 37.25 45.05 44.57
CA ARG K 293 36.40 43.99 45.08
C ARG K 293 36.31 42.85 44.06
N PRO K 294 36.07 41.62 44.52
CA PRO K 294 35.81 40.53 43.56
C PRO K 294 34.43 40.67 42.94
N ALA K 295 34.15 39.81 41.96
CA ALA K 295 32.83 39.78 41.37
C ALA K 295 31.79 39.17 42.29
N GLU K 296 32.21 38.46 43.33
CA GLU K 296 31.27 37.83 44.25
C GLU K 296 30.70 38.83 45.25
N ASP K 297 31.29 40.01 45.36
CA ASP K 297 30.84 41.01 46.31
C ASP K 297 30.64 42.35 45.60
N ARG K 298 29.98 42.33 44.46
CA ARG K 298 29.63 43.55 43.74
C ARG K 298 28.46 44.28 44.38
N THR K 299 28.07 43.88 45.60
CA THR K 299 27.19 44.68 46.45
C THR K 299 28.07 45.44 47.44
N ILE K 300 27.86 46.75 47.53
CA ILE K 300 28.66 47.62 48.39
C ILE K 300 27.71 48.64 49.02
N PRO K 301 27.80 48.89 50.33
CA PRO K 301 26.92 49.91 50.92
C PRO K 301 27.24 51.29 50.37
N LEU K 302 26.20 52.12 50.29
CA LEU K 302 26.40 53.51 49.87
C LEU K 302 27.30 54.24 50.86
N LYS K 303 27.29 53.82 52.13
CA LYS K 303 28.11 54.49 53.12
C LYS K 303 29.60 54.38 52.79
N VAL K 304 30.09 53.15 52.55
CA VAL K 304 31.50 52.96 52.25
C VAL K 304 31.88 53.75 51.00
N ILE K 305 31.00 53.77 50.00
CA ILE K 305 31.24 54.59 48.82
C ILE K 305 31.39 56.05 49.23
N ALA K 306 30.58 56.49 50.20
CA ALA K 306 30.69 57.88 50.68
C ALA K 306 32.06 58.13 51.32
N GLU K 307 32.46 57.29 52.28
CA GLU K 307 33.73 57.56 52.96
C GLU K 307 34.90 57.51 51.99
N ARG K 308 34.92 56.52 51.09
CA ARG K 308 35.96 56.51 50.07
C ARG K 308 35.89 57.78 49.21
N THR K 309 34.69 58.25 48.92
CA THR K 309 34.51 59.47 48.13
C THR K 309 34.33 60.71 49.00
N ARG K 310 34.20 60.57 50.31
CA ARG K 310 34.01 61.71 51.21
C ARG K 310 32.80 62.54 50.79
N LEU K 311 31.81 61.90 50.17
CA LEU K 311 30.80 62.60 49.41
C LEU K 311 29.41 62.13 49.82
N SER K 312 28.44 63.04 49.75
CA SER K 312 27.17 62.89 50.45
C SER K 312 26.30 61.81 49.82
N ILE K 313 25.30 61.37 50.60
CA ILE K 313 24.45 60.26 50.17
C ILE K 313 23.75 60.60 48.86
N GLU K 314 23.10 61.76 48.80
CA GLU K 314 22.41 62.18 47.59
C GLU K 314 23.39 62.29 46.43
N ASP K 315 24.56 62.88 46.68
CA ASP K 315 25.53 63.08 45.62
C ASP K 315 26.24 61.77 45.25
N VAL K 316 26.47 60.89 46.23
CA VAL K 316 27.00 59.56 45.89
C VAL K 316 26.04 58.84 44.97
N GLU K 317 24.75 58.87 45.29
CA GLU K 317 23.77 58.24 44.41
C GLU K 317 23.77 58.90 43.03
N TYR K 318 23.83 60.23 42.99
CA TYR K 318 23.93 60.94 41.72
C TYR K 318 25.10 60.43 40.89
N LEU K 319 26.28 60.36 41.50
CA LEU K 319 27.47 59.89 40.79
C LEU K 319 27.29 58.46 40.32
N LEU K 320 26.69 57.61 41.16
CA LEU K 320 26.46 56.22 40.77
C LEU K 320 25.57 56.15 39.54
N MET K 321 24.41 56.82 39.57
CA MET K 321 23.51 56.70 38.43
C MET K 321 24.12 57.36 37.20
N LYS K 322 25.00 58.34 37.39
CA LYS K 322 25.68 58.94 36.24
C LYS K 322 26.65 57.95 35.60
N SER K 323 27.49 57.31 36.41
CA SER K 323 28.49 56.38 35.86
C SER K 323 27.86 55.04 35.49
N LEU K 324 26.58 54.85 35.83
CA LEU K 324 25.82 53.73 35.29
C LEU K 324 25.12 54.12 34.00
N SER K 325 24.76 55.39 33.86
CA SER K 325 24.05 55.88 32.69
C SER K 325 24.96 56.02 31.48
N VAL K 326 26.22 56.39 31.69
CA VAL K 326 27.15 56.66 30.60
C VAL K 326 27.59 55.40 29.88
N HIS K 327 27.06 54.24 30.26
CA HIS K 327 27.52 52.93 29.78
C HIS K 327 28.94 52.65 30.26
N LEU K 328 29.40 53.41 31.25
CA LEU K 328 30.62 53.09 31.96
C LEU K 328 30.44 51.87 32.84
N ILE K 329 29.25 51.71 33.41
CA ILE K 329 28.94 50.65 34.36
C ILE K 329 27.56 50.12 34.03
N GLU K 330 27.25 48.92 34.53
CA GLU K 330 25.92 48.36 34.48
C GLU K 330 25.63 47.67 35.80
N GLY K 331 24.47 47.97 36.39
CA GLY K 331 24.17 47.39 37.68
C GLY K 331 22.88 47.93 38.27
N ILE K 332 22.65 47.55 39.52
CA ILE K 332 21.47 47.90 40.29
C ILE K 332 21.92 48.48 41.62
N ILE K 333 21.06 49.29 42.24
CA ILE K 333 21.36 49.88 43.54
C ILE K 333 20.14 49.71 44.43
N ASP K 334 20.36 49.21 45.65
CA ASP K 334 19.29 48.94 46.61
C ASP K 334 19.38 49.99 47.73
N GLN K 335 18.30 50.76 47.89
CA GLN K 335 18.30 51.85 48.86
C GLN K 335 17.97 51.36 50.26
N MET K 336 17.13 50.33 50.38
CA MET K 336 16.63 49.91 51.69
C MET K 336 17.78 49.71 52.68
N GLU K 337 18.73 48.84 52.35
CA GLU K 337 19.99 48.81 53.11
C GLU K 337 21.04 49.74 52.54
N GLY K 338 20.76 50.39 51.41
CA GLY K 338 21.72 51.32 50.83
C GLY K 338 22.90 50.63 50.19
N THR K 339 22.66 49.64 49.34
CA THR K 339 23.71 48.85 48.73
C THR K 339 23.64 48.97 47.22
N VAL K 340 24.77 48.74 46.57
CA VAL K 340 24.92 48.93 45.12
C VAL K 340 25.31 47.59 44.50
N HIS K 341 24.35 46.95 43.83
CA HIS K 341 24.60 45.71 43.10
C HIS K 341 25.02 46.07 41.68
N VAL K 342 26.33 46.14 41.46
CA VAL K 342 26.87 46.44 40.13
C VAL K 342 26.98 45.13 39.37
N SER K 343 26.56 45.16 38.11
CA SER K 343 26.89 44.03 37.21
C SER K 343 28.07 44.64 36.47
N TRP K 344 28.76 45.56 37.14
CA TRP K 344 29.86 46.33 36.49
C TRP K 344 31.24 45.80 36.87
N VAL K 345 31.89 45.06 35.96
CA VAL K 345 33.29 44.60 36.20
C VAL K 345 34.08 44.87 34.91
N GLN K 346 35.36 45.29 34.99
CA GLN K 346 36.20 45.61 33.80
C GLN K 346 37.27 44.51 33.57
N PRO K 347 38.13 44.59 32.52
CA PRO K 347 39.21 43.60 32.34
C PRO K 347 40.51 44.14 31.73
N ARG K 348 41.40 44.73 32.54
CA ARG K 348 42.72 45.23 32.07
C ARG K 348 43.51 45.84 33.22
N VAL K 349 44.75 46.27 32.98
CA VAL K 349 45.62 46.96 34.01
C VAL K 349 45.94 46.06 35.23
N LEU K 350 46.95 45.18 35.14
CA LEU K 350 47.39 44.32 36.29
C LEU K 350 48.85 43.87 36.07
N GLY K 351 49.55 43.39 37.11
CA GLY K 351 50.99 43.07 36.96
C GLY K 351 51.44 41.73 37.52
N ILE K 352 52.75 41.45 37.53
CA ILE K 352 53.30 40.19 38.03
C ILE K 352 52.60 39.70 39.30
N PRO K 353 52.30 40.54 40.30
CA PRO K 353 51.63 40.00 41.49
C PRO K 353 50.27 39.41 41.20
N GLN K 354 49.47 40.06 40.35
CA GLN K 354 48.18 39.47 39.98
C GLN K 354 48.38 38.22 39.14
N ILE K 355 49.47 38.16 38.38
CA ILE K 355 49.79 36.93 37.65
C ILE K 355 50.05 35.79 38.63
N THR K 356 50.81 36.05 39.70
CA THR K 356 51.06 35.01 40.69
C THR K 356 49.79 34.63 41.43
N SER K 357 48.92 35.61 41.71
CA SER K 357 47.65 35.31 42.33
C SER K 357 46.79 34.41 41.45
N LEU K 358 46.74 34.71 40.15
CA LEU K 358 46.04 33.82 39.23
C LEU K 358 46.75 32.47 39.14
N ARG K 359 48.06 32.43 39.38
CA ARG K 359 48.75 31.15 39.50
C ARG K 359 48.16 30.32 40.62
N ASP K 360 48.04 30.92 41.80
CA ASP K 360 47.46 30.21 42.93
C ASP K 360 46.03 29.78 42.64
N ARG K 361 45.25 30.66 42.02
CA ARG K 361 43.85 30.33 41.72
C ARG K 361 43.75 29.20 40.70
N LEU K 362 44.64 29.20 39.70
CA LEU K 362 44.59 28.16 38.68
C LEU K 362 45.06 26.83 39.24
N ASP K 363 46.05 26.85 40.14
CA ASP K 363 46.40 25.62 40.84
C ASP K 363 45.23 25.11 41.66
N SER K 364 44.52 26.02 42.34
CA SER K 364 43.35 25.63 43.11
C SER K 364 42.29 24.96 42.23
N TRP K 365 41.98 25.56 41.08
CA TRP K 365 40.92 25.00 40.25
C TRP K 365 41.39 23.76 39.51
N LEU K 366 42.69 23.64 39.25
CA LEU K 366 43.22 22.37 38.76
C LEU K 366 43.03 21.28 39.81
N GLY K 367 43.23 21.61 41.08
CA GLY K 367 42.96 20.64 42.13
C GLY K 367 41.48 20.28 42.21
N LYS K 368 40.61 21.28 42.06
CA LYS K 368 39.17 21.02 42.06
C LYS K 368 38.77 20.10 40.91
N VAL K 369 39.27 20.38 39.70
CA VAL K 369 39.01 19.51 38.56
C VAL K 369 39.58 18.13 38.82
N ASN K 370 40.75 18.06 39.47
CA ASN K 370 41.37 16.77 39.77
C ASN K 370 40.49 15.94 40.69
N THR K 371 39.94 16.57 41.73
CA THR K 371 39.09 15.81 42.65
C THR K 371 37.79 15.41 41.97
N ALA K 372 37.24 16.26 41.11
CA ALA K 372 36.05 15.86 40.36
C ALA K 372 36.35 14.66 39.47
N LEU K 373 37.46 14.71 38.73
CA LEU K 373 37.81 13.60 37.84
C LEU K 373 38.08 12.34 38.62
N LEU K 374 38.74 12.45 39.78
CA LEU K 374 39.01 11.29 40.60
C LEU K 374 37.71 10.69 41.14
N SER K 375 36.75 11.53 41.53
CA SER K 375 35.45 11.02 41.95
C SER K 375 34.79 10.25 40.82
N VAL K 376 34.82 10.82 39.61
CA VAL K 376 34.23 10.12 38.45
C VAL K 376 34.93 8.78 38.22
N GLU K 377 36.26 8.77 38.27
CA GLU K 377 37.00 7.56 37.99
C GLU K 377 36.80 6.50 39.08
N ALA K 378 36.61 6.92 40.33
CA ALA K 378 36.35 5.98 41.40
C ALA K 378 34.92 5.45 41.34
N GLU K 379 33.98 6.25 40.84
CA GLU K 379 32.60 5.79 40.67
C GLU K 379 32.44 4.86 39.47
N THR K 380 33.24 5.05 38.42
CA THR K 380 33.05 4.27 37.21
C THR K 380 33.23 2.76 37.39
N PRO K 381 34.28 2.24 38.04
CA PRO K 381 34.53 0.79 37.95
C PRO K 381 33.37 -0.08 38.37
N ASP K 382 32.63 0.30 39.41
CA ASP K 382 31.52 -0.53 39.88
C ASP K 382 30.31 -0.42 38.95
N LEU K 383 30.37 0.43 37.92
CA LEU K 383 29.17 0.84 37.22
C LEU K 383 29.28 0.63 35.71
N VAL K 384 30.49 0.72 35.14
CA VAL K 384 30.70 0.44 33.73
C VAL K 384 30.94 -1.05 33.47
N ALA K 385 31.29 -1.82 34.50
CA ALA K 385 31.57 -3.24 34.35
C ALA K 385 30.29 -4.09 34.31
N SER K 386 29.13 -3.49 34.56
CA SER K 386 27.88 -4.22 34.53
C SER K 386 27.38 -4.41 33.10
N GLN L 1 32.53 53.23 7.77
CA GLN L 1 32.05 52.87 6.44
C GLN L 1 33.18 52.42 5.51
N ILE L 2 34.38 52.17 6.05
CA ILE L 2 35.51 51.76 5.24
C ILE L 2 35.52 50.27 4.93
N PHE L 3 34.99 49.44 5.82
CA PHE L 3 35.09 47.98 5.68
C PHE L 3 33.96 47.46 4.79
N SER L 4 34.07 47.77 3.49
CA SER L 4 33.12 47.31 2.50
C SER L 4 33.40 45.87 2.05
N SER L 5 34.51 45.29 2.49
CA SER L 5 34.84 43.90 2.19
C SER L 5 34.11 43.02 3.19
N LYS L 6 33.14 42.24 2.70
CA LYS L 6 32.30 41.43 3.55
C LYS L 6 33.14 40.56 4.47
N SER L 7 32.99 40.77 5.78
CA SER L 7 33.74 39.98 6.76
C SER L 7 33.33 38.52 6.66
N ILE L 8 34.33 37.64 6.73
CA ILE L 8 34.09 36.20 6.61
C ILE L 8 33.55 35.68 7.94
N GLU L 9 32.25 35.41 7.98
CA GLU L 9 31.59 34.97 9.21
C GLU L 9 31.95 33.53 9.59
N LYS L 10 31.89 32.61 8.65
CA LYS L 10 32.21 31.22 8.95
C LYS L 10 32.71 30.53 7.69
N VAL L 11 33.39 29.41 7.88
CA VAL L 11 33.91 28.59 6.79
C VAL L 11 33.45 27.16 7.02
N VAL L 12 32.90 26.54 5.98
CA VAL L 12 32.42 25.16 6.04
C VAL L 12 33.39 24.31 5.22
N VAL L 13 34.02 23.35 5.87
CA VAL L 13 35.03 22.50 5.25
C VAL L 13 34.43 21.11 5.08
N HIS L 14 34.42 20.62 3.84
CA HIS L 14 33.79 19.34 3.57
C HIS L 14 34.82 18.23 3.40
N PRO L 15 34.42 16.98 3.59
CA PRO L 15 35.38 15.86 3.58
C PRO L 15 36.29 15.83 2.36
N LEU L 16 35.72 15.81 1.15
CA LEU L 16 36.53 15.68 -0.06
C LEU L 16 37.77 16.57 0.00
N VAL L 17 37.61 17.80 0.50
CA VAL L 17 38.75 18.69 0.65
C VAL L 17 39.80 18.06 1.55
N LEU L 18 39.40 17.55 2.72
CA LEU L 18 40.35 17.00 3.67
C LEU L 18 41.03 15.76 3.09
N LEU L 19 40.27 14.90 2.42
CA LEU L 19 40.87 13.71 1.80
C LEU L 19 41.89 14.10 0.75
N SER L 20 41.55 15.04 -0.12
CA SER L 20 42.51 15.48 -1.13
C SER L 20 43.77 16.03 -0.48
N ILE L 21 43.59 16.87 0.55
CA ILE L 21 44.74 17.46 1.22
C ILE L 21 45.62 16.40 1.86
N VAL L 22 44.99 15.41 2.50
CA VAL L 22 45.76 14.34 3.16
C VAL L 22 46.53 13.53 2.12
N ASP L 23 45.90 13.21 0.99
CA ASP L 23 46.61 12.47 -0.05
C ASP L 23 47.77 13.30 -0.60
N HIS L 24 47.57 14.62 -0.74
CA HIS L 24 48.65 15.49 -1.19
C HIS L 24 49.82 15.43 -0.21
N TYR L 25 49.53 15.54 1.08
CA TYR L 25 50.59 15.49 2.07
C TYR L 25 51.33 14.16 2.01
N ASN L 26 50.59 13.06 1.93
CA ASN L 26 51.22 11.76 1.86
C ASN L 26 52.13 11.64 0.64
N ARG L 27 51.62 11.96 -0.55
CA ARG L 27 52.43 11.82 -1.74
C ARG L 27 53.67 12.71 -1.69
N VAL L 28 53.52 13.94 -1.22
CA VAL L 28 54.59 14.93 -1.27
C VAL L 28 55.43 14.93 0.00
N ALA L 29 54.82 14.61 1.14
CA ALA L 29 55.52 14.72 2.42
C ALA L 29 55.27 13.53 3.36
N ARG L 30 55.31 12.30 2.84
CA ARG L 30 55.20 11.13 3.72
C ARG L 30 56.42 11.01 4.63
N ASP L 31 57.62 11.22 4.09
CA ASP L 31 58.86 10.97 4.80
C ASP L 31 59.69 12.23 5.03
N THR L 32 59.11 13.41 4.82
CA THR L 32 59.79 14.67 5.07
C THR L 32 58.90 15.56 5.93
N LYS L 33 59.54 16.45 6.70
CA LYS L 33 58.82 17.43 7.49
C LYS L 33 58.39 18.65 6.67
N LYS L 34 58.46 18.55 5.35
CA LYS L 34 57.98 19.63 4.50
C LYS L 34 56.46 19.71 4.54
N ARG L 35 55.94 20.92 4.54
CA ARG L 35 54.50 21.11 4.46
C ARG L 35 54.06 21.12 2.99
N VAL L 36 52.80 20.76 2.77
CA VAL L 36 52.19 20.77 1.45
C VAL L 36 51.15 21.87 1.43
N ILE L 37 51.15 22.66 0.36
CA ILE L 37 50.25 23.80 0.22
C ILE L 37 49.37 23.56 -1.00
N GLY L 38 48.22 24.23 -1.02
CA GLY L 38 47.33 24.13 -2.17
C GLY L 38 46.41 25.32 -2.24
N VAL L 39 45.40 25.19 -3.10
CA VAL L 39 44.43 26.25 -3.33
C VAL L 39 43.04 25.69 -3.04
N LEU L 40 42.18 26.53 -2.46
CA LEU L 40 40.84 26.14 -2.07
C LEU L 40 39.84 26.73 -3.06
N LEU L 41 38.93 25.89 -3.54
CA LEU L 41 37.93 26.28 -4.54
C LEU L 41 36.54 26.14 -3.96
N GLY L 42 35.67 27.10 -4.31
CA GLY L 42 34.30 27.03 -3.86
C GLY L 42 33.59 28.36 -4.03
N SER L 43 32.48 28.51 -3.32
CA SER L 43 31.64 29.70 -3.39
C SER L 43 31.45 30.28 -2.00
N THR L 44 31.43 31.61 -1.92
CA THR L 44 31.19 32.34 -0.68
C THR L 44 29.78 32.91 -0.72
N PHE L 45 29.00 32.65 0.33
CA PHE L 45 27.62 33.12 0.41
C PHE L 45 27.37 33.72 1.78
N LYS L 46 26.91 34.97 1.81
CA LYS L 46 26.42 35.61 3.03
C LYS L 46 27.42 35.49 4.16
N GLY L 47 28.70 35.69 3.83
CA GLY L 47 29.77 35.58 4.80
C GLY L 47 30.24 34.17 5.08
N THR L 48 29.65 33.16 4.43
CA THR L 48 30.04 31.78 4.64
C THR L 48 30.82 31.28 3.43
N VAL L 49 32.01 30.72 3.68
CA VAL L 49 32.88 30.23 2.64
C VAL L 49 32.64 28.74 2.47
N ASP L 50 32.04 28.36 1.35
CA ASP L 50 31.83 26.96 0.99
C ASP L 50 33.08 26.47 0.26
N VAL L 51 33.90 25.68 0.96
CA VAL L 51 35.15 25.17 0.40
C VAL L 51 34.84 23.82 -0.22
N THR L 52 34.38 23.82 -1.47
CA THR L 52 33.90 22.61 -2.11
C THR L 52 35.03 21.69 -2.55
N ASN L 53 35.93 22.17 -3.40
CA ASN L 53 36.99 21.33 -3.95
C ASN L 53 38.34 21.99 -3.71
N SER L 54 39.38 21.16 -3.67
CA SER L 54 40.76 21.62 -3.60
C SER L 54 41.62 20.69 -4.42
N TYR L 55 42.77 21.20 -4.86
CA TYR L 55 43.69 20.42 -5.67
C TYR L 55 45.11 20.63 -5.17
N ALA L 56 45.95 19.63 -5.42
CA ALA L 56 47.35 19.71 -5.02
C ALA L 56 48.05 20.84 -5.77
N VAL L 57 48.80 21.64 -5.05
CA VAL L 57 49.63 22.70 -5.61
C VAL L 57 51.02 22.56 -5.00
N PRO L 58 51.99 21.94 -5.70
CA PRO L 58 53.23 21.53 -5.02
C PRO L 58 53.95 22.68 -4.33
N PHE L 59 54.57 22.36 -3.18
CA PHE L 59 55.15 23.34 -2.29
C PHE L 59 56.52 22.89 -1.82
N GLU L 60 57.47 23.82 -1.77
CA GLU L 60 58.73 23.64 -1.07
C GLU L 60 58.94 24.80 -0.13
N GLU L 61 59.69 24.55 0.95
CA GLU L 61 60.16 25.62 1.83
C GLU L 61 61.50 25.20 2.40
N ASP L 62 62.52 26.02 2.19
CA ASP L 62 63.87 25.66 2.60
C ASP L 62 63.90 25.36 4.10
N ASP L 63 64.48 24.21 4.44
CA ASP L 63 64.59 23.83 5.85
C ASP L 63 65.55 24.75 6.59
N LYS L 64 66.39 25.50 5.89
CA LYS L 64 67.29 26.46 6.50
C LYS L 64 66.70 27.86 6.56
N ASP L 65 66.14 28.34 5.46
CA ASP L 65 65.61 29.70 5.35
C ASP L 65 64.09 29.61 5.22
N SER L 66 63.37 29.79 6.33
CA SER L 66 61.92 29.72 6.31
C SER L 66 61.32 30.83 5.45
N SER L 67 62.02 31.94 5.29
CA SER L 67 61.48 33.07 4.52
C SER L 67 61.29 32.72 3.05
N ILE L 68 61.88 31.64 2.58
CA ILE L 68 61.92 31.31 1.17
C ILE L 68 61.04 30.07 0.96
N TRP L 69 60.19 30.12 -0.06
CA TRP L 69 59.06 29.19 -0.20
C TRP L 69 58.68 29.03 -1.67
N PHE L 70 58.90 27.84 -2.22
CA PHE L 70 58.71 27.59 -3.65
C PHE L 70 57.26 27.23 -3.99
N LEU L 71 56.49 28.20 -4.45
CA LEU L 71 55.15 27.98 -5.00
C LEU L 71 55.04 28.87 -6.23
N ASP L 72 54.40 28.41 -7.31
CA ASP L 72 54.36 29.23 -8.54
C ASP L 72 52.92 29.33 -9.06
N HIS L 73 52.68 30.29 -9.97
CA HIS L 73 51.31 30.60 -10.38
C HIS L 73 50.93 30.01 -11.73
N ASN L 74 51.90 29.53 -12.52
CA ASN L 74 51.53 28.99 -13.83
C ASN L 74 50.48 27.89 -13.70
N TYR L 75 50.84 26.80 -13.02
CA TYR L 75 49.88 25.73 -12.81
C TYR L 75 48.65 26.22 -12.06
N HIS L 76 48.81 27.21 -11.18
CA HIS L 76 47.68 27.73 -10.42
C HIS L 76 46.60 28.29 -11.36
N GLU L 77 46.99 29.20 -12.25
CA GLU L 77 46.02 29.79 -13.15
C GLU L 77 45.55 28.78 -14.19
N SER L 78 46.44 27.88 -14.61
CA SER L 78 46.02 26.83 -15.53
C SER L 78 44.89 26.01 -14.92
N MET L 79 45.04 25.60 -13.66
CA MET L 79 44.00 24.83 -13.00
C MET L 79 42.76 25.67 -12.75
N PHE L 80 42.91 26.96 -12.42
CA PHE L 80 41.73 27.80 -12.34
C PHE L 80 40.92 27.70 -13.62
N SER L 81 41.57 27.92 -14.77
CA SER L 81 40.85 27.85 -16.03
C SER L 81 40.24 26.47 -16.24
N MET L 82 41.02 25.41 -16.00
CA MET L 82 40.58 24.06 -16.37
C MET L 82 39.43 23.60 -15.48
N PHE L 83 39.57 23.76 -14.16
CA PHE L 83 38.51 23.38 -13.24
C PHE L 83 37.26 24.24 -13.46
N ARG L 84 37.43 25.55 -13.64
CA ARG L 84 36.27 26.39 -13.88
C ARG L 84 35.54 25.97 -15.15
N ARG L 85 36.29 25.61 -16.20
CA ARG L 85 35.68 24.93 -17.33
C ARG L 85 34.88 23.72 -16.88
N ILE L 86 35.49 22.81 -16.13
CA ILE L 86 34.78 21.63 -15.66
C ILE L 86 33.54 22.02 -14.86
N ASN L 87 33.71 22.91 -13.89
CA ASN L 87 32.61 23.34 -13.03
C ASN L 87 32.66 24.85 -12.92
N ALA L 88 31.83 25.53 -13.71
CA ALA L 88 31.81 26.99 -13.71
C ALA L 88 31.28 27.58 -12.41
N LYS L 89 30.49 26.84 -11.66
CA LYS L 89 29.94 27.37 -10.41
C LYS L 89 31.04 27.70 -9.41
N GLU L 90 32.05 26.86 -9.29
CA GLU L 90 33.12 27.05 -8.32
C GLU L 90 34.05 28.17 -8.75
N HIS L 91 34.66 28.82 -7.77
CA HIS L 91 35.77 29.74 -7.99
C HIS L 91 36.71 29.64 -6.79
N VAL L 92 37.93 30.16 -6.97
CA VAL L 92 38.92 30.08 -5.90
C VAL L 92 38.38 30.79 -4.66
N VAL L 93 38.63 30.21 -3.49
CA VAL L 93 38.21 30.80 -2.23
C VAL L 93 39.36 31.00 -1.25
N GLY L 94 40.43 30.20 -1.34
CA GLY L 94 41.49 30.30 -0.36
C GLY L 94 42.68 29.43 -0.73
N TRP L 95 43.64 29.37 0.18
CA TRP L 95 44.76 28.46 0.06
C TRP L 95 44.96 27.77 1.40
N TYR L 96 45.20 26.46 1.36
CA TYR L 96 45.28 25.65 2.56
C TYR L 96 46.73 25.31 2.86
N SER L 97 47.01 25.11 4.15
CA SER L 97 48.33 24.75 4.63
C SER L 97 48.22 23.49 5.46
N THR L 98 49.12 22.54 5.22
CA THR L 98 49.14 21.29 5.95
C THR L 98 50.23 21.35 7.01
N GLY L 99 49.84 21.68 8.25
CA GLY L 99 50.79 21.74 9.33
C GLY L 99 50.12 22.09 10.65
N PRO L 100 50.87 21.94 11.75
CA PRO L 100 50.30 22.26 13.07
C PRO L 100 50.30 23.73 13.41
N LYS L 101 51.19 24.53 12.79
CA LYS L 101 51.40 25.91 13.22
C LYS L 101 51.62 26.79 12.01
N LEU L 102 51.31 28.08 12.19
CA LEU L 102 51.53 29.07 11.15
C LEU L 102 53.02 29.42 11.06
N ARG L 103 53.41 29.96 9.91
CA ARG L 103 54.73 30.53 9.73
C ARG L 103 54.60 31.94 9.17
N GLU L 104 55.66 32.74 9.37
CA GLU L 104 55.60 34.14 8.98
C GLU L 104 55.33 34.31 7.49
N ASN L 105 55.93 33.46 6.66
CA ASN L 105 55.71 33.57 5.22
C ASN L 105 54.29 33.23 4.80
N ASP L 106 53.49 32.66 5.70
CA ASP L 106 52.07 32.53 5.41
C ASP L 106 51.46 33.88 5.08
N LEU L 107 51.97 34.95 5.69
CA LEU L 107 51.46 36.28 5.40
C LEU L 107 51.73 36.69 3.95
N ASP L 108 52.94 36.44 3.45
CA ASP L 108 53.22 36.82 2.07
C ASP L 108 52.52 35.89 1.09
N VAL L 109 52.32 34.63 1.48
CA VAL L 109 51.48 33.75 0.67
C VAL L 109 50.08 34.32 0.56
N HIS L 110 49.52 34.77 1.68
CA HIS L 110 48.19 35.38 1.68
C HIS L 110 48.16 36.63 0.82
N ARG L 111 49.21 37.46 0.91
CA ARG L 111 49.26 38.67 0.09
C ARG L 111 49.26 38.34 -1.39
N LEU L 112 50.14 37.43 -1.82
CA LEU L 112 50.20 37.07 -3.23
C LEU L 112 48.89 36.45 -3.69
N PHE L 113 48.25 35.65 -2.82
CA PHE L 113 47.03 34.96 -3.19
C PHE L 113 45.83 35.91 -3.26
N SER L 114 45.80 36.96 -2.45
CA SER L 114 44.66 37.86 -2.43
C SER L 114 44.49 38.58 -3.76
N ASP L 115 45.51 38.59 -4.61
CA ASP L 115 45.33 39.13 -5.96
C ASP L 115 44.29 38.35 -6.73
N TYR L 116 44.13 37.06 -6.42
CA TYR L 116 43.13 36.22 -7.08
C TYR L 116 41.76 36.33 -6.40
N VAL L 117 41.74 36.57 -5.09
CA VAL L 117 40.49 36.73 -4.35
C VAL L 117 40.62 37.92 -3.42
N PRO L 118 39.72 38.91 -3.49
CA PRO L 118 39.83 40.05 -2.56
C PRO L 118 39.73 39.64 -1.10
N ASN L 119 38.99 38.59 -0.79
CA ASN L 119 38.83 38.09 0.58
C ASN L 119 39.24 36.61 0.60
N PRO L 120 40.54 36.33 0.70
CA PRO L 120 40.98 34.93 0.77
C PRO L 120 41.02 34.43 2.20
N VAL L 121 40.87 33.11 2.35
CA VAL L 121 40.85 32.47 3.66
C VAL L 121 41.98 31.47 3.74
N LEU L 122 42.76 31.53 4.82
CA LEU L 122 43.82 30.59 5.10
C LEU L 122 43.32 29.54 6.09
N VAL L 123 43.35 28.28 5.69
CA VAL L 123 42.91 27.17 6.53
C VAL L 123 44.13 26.31 6.83
N ILE L 124 44.43 26.14 8.11
CA ILE L 124 45.48 25.24 8.56
C ILE L 124 44.86 23.92 8.96
N ILE L 125 45.32 22.83 8.35
CA ILE L 125 44.82 21.50 8.60
C ILE L 125 45.97 20.66 9.11
N ASP L 126 45.80 20.07 10.30
CA ASP L 126 46.80 19.19 10.87
C ASP L 126 46.62 17.77 10.32
N VAL L 127 47.54 17.36 9.45
CA VAL L 127 47.42 16.06 8.79
C VAL L 127 47.49 14.91 9.81
N GLN L 128 48.07 15.14 10.98
CA GLN L 128 48.17 14.13 12.03
C GLN L 128 47.65 14.76 13.33
N PRO L 129 46.33 14.86 13.49
CA PRO L 129 45.78 15.52 14.67
C PRO L 129 45.99 14.73 15.95
N GLU L 130 46.47 15.40 17.00
CA GLU L 130 46.62 14.77 18.31
C GLU L 130 45.53 15.22 19.28
N GLU L 131 44.95 16.40 19.06
CA GLU L 131 43.94 16.94 19.96
C GLU L 131 42.56 16.44 19.57
N LEU L 132 41.68 16.33 20.56
CA LEU L 132 40.30 15.93 20.34
C LEU L 132 39.48 17.15 19.90
N GLY L 133 39.28 17.29 18.60
CA GLY L 133 38.52 18.41 18.08
C GLY L 133 38.59 18.45 16.57
N ILE L 134 38.11 19.56 16.03
CA ILE L 134 38.10 19.77 14.58
C ILE L 134 39.54 19.97 14.11
N PRO L 135 40.01 19.25 13.09
CA PRO L 135 41.40 19.39 12.65
C PRO L 135 41.66 20.62 11.79
N THR L 136 40.69 21.51 11.62
CA THR L 136 40.82 22.67 10.75
C THR L 136 40.63 23.95 11.55
N LYS L 137 41.45 24.95 11.24
CA LYS L 137 41.37 26.27 11.86
C LYS L 137 41.46 27.32 10.76
N ALA L 138 40.47 28.21 10.71
CA ALA L 138 40.32 29.15 9.62
C ALA L 138 40.94 30.49 9.98
N TYR L 139 41.45 31.19 8.97
CA TYR L 139 42.11 32.48 9.15
C TYR L 139 41.85 33.38 7.96
N TYR L 140 41.81 34.68 8.23
CA TYR L 140 41.79 35.69 7.18
C TYR L 140 42.59 36.90 7.66
N ALA L 141 43.27 37.54 6.71
CA ALA L 141 44.19 38.63 7.04
C ALA L 141 43.41 39.92 7.27
N VAL L 142 43.73 40.60 8.37
CA VAL L 142 43.12 41.88 8.72
C VAL L 142 44.24 42.88 8.96
N GLU L 143 44.12 44.05 8.34
CA GLU L 143 45.09 45.13 8.51
C GLU L 143 44.80 45.82 9.83
N GLU L 144 45.52 45.42 10.88
CA GLU L 144 45.32 45.97 12.22
C GLU L 144 46.25 47.16 12.41
N VAL L 145 45.66 48.32 12.72
CA VAL L 145 46.42 49.54 12.94
C VAL L 145 46.63 49.66 14.46
N LYS L 146 47.80 49.23 14.92
CA LYS L 146 48.12 49.31 16.34
C LYS L 146 48.20 50.77 16.78
N GLU L 147 47.78 51.03 18.01
CA GLU L 147 47.79 52.39 18.53
C GLU L 147 49.20 52.93 18.71
N ASN L 148 50.22 52.08 18.61
CA ASN L 148 51.61 52.55 18.67
C ASN L 148 52.02 53.14 17.33
N ALA L 149 52.61 54.33 17.35
CA ALA L 149 52.92 55.08 16.14
C ALA L 149 54.08 54.49 15.35
N THR L 150 55.05 53.91 16.05
CA THR L 150 56.33 53.56 15.43
C THR L 150 56.24 52.34 14.52
N GLN L 151 55.10 51.67 14.45
CA GLN L 151 54.94 50.47 13.64
C GLN L 151 53.92 50.71 12.53
N LYS L 152 54.29 50.36 11.31
CA LYS L 152 53.37 50.49 10.19
C LYS L 152 52.23 49.46 10.32
N SER L 153 51.16 49.70 9.58
CA SER L 153 50.01 48.80 9.58
C SER L 153 50.45 47.38 9.30
N GLN L 154 50.21 46.49 10.27
CA GLN L 154 50.62 45.09 10.18
C GLN L 154 49.41 44.22 9.90
N LYS L 155 49.54 43.34 8.91
CA LYS L 155 48.48 42.40 8.58
C LYS L 155 48.56 41.21 9.52
N VAL L 156 47.49 40.96 10.27
CA VAL L 156 47.45 39.91 11.27
C VAL L 156 46.30 38.96 10.94
N PHE L 157 46.57 37.66 10.99
CA PHE L 157 45.56 36.65 10.70
C PHE L 157 44.60 36.55 11.88
N VAL L 158 43.31 36.64 11.59
CA VAL L 158 42.27 36.60 12.61
C VAL L 158 41.47 35.32 12.45
N HIS L 159 41.33 34.58 13.55
CA HIS L 159 40.62 33.31 13.52
C HIS L 159 39.15 33.51 13.19
N VAL L 160 38.62 32.61 12.37
CA VAL L 160 37.19 32.60 12.01
C VAL L 160 36.67 31.21 12.33
N PRO L 161 35.41 31.06 12.75
CA PRO L 161 34.88 29.71 13.01
C PRO L 161 34.93 28.82 11.78
N SER L 162 35.38 27.59 11.96
CA SER L 162 35.43 26.59 10.90
C SER L 162 34.55 25.41 11.28
N GLU L 163 33.80 24.89 10.31
CA GLU L 163 32.83 23.83 10.55
C GLU L 163 32.97 22.76 9.49
N ILE L 164 32.59 21.53 9.86
CA ILE L 164 32.62 20.40 8.94
C ILE L 164 31.21 19.90 8.71
N ALA L 165 30.75 19.99 7.47
CA ALA L 165 29.47 19.42 7.05
C ALA L 165 29.67 18.70 5.73
N ALA L 166 28.93 17.62 5.55
CA ALA L 166 29.06 16.77 4.36
C ALA L 166 27.76 16.78 3.58
N HIS L 167 27.89 17.02 2.27
CA HIS L 167 26.74 16.92 1.38
C HIS L 167 26.13 15.53 1.49
N GLU L 168 24.88 15.41 1.00
CA GLU L 168 24.21 14.13 1.03
C GLU L 168 25.06 13.04 0.39
N VAL L 169 25.69 13.35 -0.75
CA VAL L 169 26.57 12.38 -1.41
C VAL L 169 27.81 12.15 -0.56
N GLU L 170 28.42 13.22 -0.06
CA GLU L 170 29.60 13.08 0.78
C GLU L 170 29.26 12.38 2.09
N GLU L 171 28.09 12.67 2.65
CA GLU L 171 27.65 11.95 3.85
C GLU L 171 27.49 10.46 3.57
N ILE L 172 26.89 10.13 2.43
CA ILE L 172 26.72 8.72 2.05
C ILE L 172 28.08 8.04 1.97
N GLY L 173 29.01 8.67 1.25
CA GLY L 173 30.34 8.08 1.11
C GLY L 173 31.07 7.96 2.43
N VAL L 174 30.89 8.95 3.30
CA VAL L 174 31.56 8.92 4.60
C VAL L 174 31.05 7.76 5.44
N GLU L 175 29.72 7.58 5.51
CA GLU L 175 29.21 6.46 6.29
C GLU L 175 29.63 5.14 5.66
N HIS L 176 29.61 5.04 4.33
CA HIS L 176 30.08 3.83 3.68
C HIS L 176 31.53 3.54 4.06
N LEU L 177 32.32 4.59 4.26
CA LEU L 177 33.70 4.42 4.70
C LEU L 177 33.78 4.08 6.19
N LEU L 178 32.84 4.60 6.99
CA LEU L 178 32.94 4.56 8.44
C LEU L 178 32.06 3.48 9.08
N ARG L 179 31.49 2.56 8.30
CA ARG L 179 30.65 1.53 8.91
C ARG L 179 31.43 0.63 9.85
N ASP L 180 32.68 0.31 9.51
CA ASP L 180 33.48 -0.60 10.33
C ASP L 180 33.82 -0.01 11.69
N VAL L 181 33.53 1.27 11.90
CA VAL L 181 33.89 1.96 13.18
C VAL L 181 32.67 2.63 13.81
N LYS L 182 31.93 3.46 13.05
CA LYS L 182 31.10 4.57 13.59
C LYS L 182 29.93 4.04 14.44
N ASP L 183 29.37 4.90 15.30
CA ASP L 183 28.30 4.43 16.23
C ASP L 183 27.02 5.27 16.11
N THR L 184 25.90 4.66 15.73
CA THR L 184 24.61 5.33 15.66
C THR L 184 23.64 4.87 16.75
N THR L 185 23.92 3.74 17.41
CA THR L 185 23.06 3.23 18.47
C THR L 185 23.35 3.87 19.82
N ILE L 186 24.33 4.77 19.90
CA ILE L 186 24.64 5.43 21.17
C ILE L 186 23.42 6.22 21.61
N SER L 187 22.86 5.87 22.76
CA SER L 187 21.82 6.70 23.37
C SER L 187 22.41 8.07 23.68
N THR L 188 21.66 9.11 23.33
CA THR L 188 22.22 10.47 23.27
C THR L 188 23.05 10.80 24.51
N LEU L 189 22.68 10.25 25.67
CA LEU L 189 23.43 10.61 26.88
C LEU L 189 24.88 10.20 26.77
N ALA L 190 25.16 8.93 26.48
CA ALA L 190 26.56 8.52 26.36
C ALA L 190 27.37 9.56 25.59
N THR L 191 26.84 10.01 24.45
CA THR L 191 27.51 11.05 23.67
C THR L 191 27.68 12.34 24.48
N GLU L 192 26.61 12.79 25.14
CA GLU L 192 26.65 14.09 25.79
C GLU L 192 27.57 14.08 27.01
N VAL L 193 27.50 13.01 27.80
CA VAL L 193 28.41 12.86 28.94
C VAL L 193 29.85 12.79 28.47
N THR L 194 30.12 12.03 27.41
CA THR L 194 31.48 11.98 26.87
C THR L 194 31.95 13.37 26.44
N GLY L 195 31.08 14.12 25.76
CA GLY L 195 31.48 15.44 25.31
C GLY L 195 31.71 16.42 26.45
N LYS L 196 30.83 16.38 27.46
CA LYS L 196 31.04 17.20 28.65
C LYS L 196 32.35 16.84 29.34
N LEU L 197 32.64 15.54 29.47
CA LEU L 197 33.87 15.14 30.15
C LEU L 197 35.10 15.59 29.37
N GLY L 198 35.05 15.44 28.03
CA GLY L 198 36.13 15.96 27.21
C GLY L 198 36.29 17.46 27.34
N ALA L 199 35.17 18.18 27.46
CA ALA L 199 35.24 19.62 27.66
C ALA L 199 35.87 19.97 29.00
N LEU L 200 35.56 19.19 30.03
CA LEU L 200 36.18 19.42 31.33
C LEU L 200 37.69 19.18 31.26
N LYS L 201 38.09 18.12 30.57
CA LYS L 201 39.51 17.90 30.29
C LYS L 201 40.11 19.09 29.54
N GLY L 202 39.27 19.77 28.74
CA GLY L 202 39.75 20.95 28.01
C GLY L 202 39.95 22.16 28.90
N LEU L 203 38.88 22.65 29.53
CA LEU L 203 38.95 23.91 30.32
C LEU L 203 39.99 23.84 31.45
N ASP L 204 40.05 22.75 32.20
CA ASP L 204 40.99 22.70 33.36
C ASP L 204 42.42 22.74 32.84
N ALA L 205 42.68 22.01 31.75
CA ALA L 205 44.03 22.01 31.15
C ALA L 205 44.34 23.41 30.65
N ARG L 206 43.35 24.12 30.10
CA ARG L 206 43.55 25.51 29.61
C ARG L 206 43.89 26.41 30.79
N LEU L 207 43.23 26.21 31.94
CA LEU L 207 43.55 27.01 33.16
C LEU L 207 44.99 26.70 33.54
N ARG L 208 45.37 25.43 33.51
CA ARG L 208 46.74 25.06 33.94
C ARG L 208 47.73 25.71 32.99
N GLU L 209 47.40 25.79 31.70
CA GLU L 209 48.32 26.37 30.69
C GLU L 209 48.47 27.87 30.95
N ILE L 210 47.35 28.53 31.26
CA ILE L 210 47.41 29.98 31.60
C ILE L 210 48.29 30.11 32.85
N ARG L 211 48.19 29.19 33.80
CA ARG L 211 48.96 29.29 35.05
C ARG L 211 50.44 29.12 34.74
N SER L 212 50.75 28.19 33.84
CA SER L 212 52.14 27.97 33.41
C SER L 212 52.65 29.27 32.80
N TYR L 213 51.85 29.91 31.95
CA TYR L 213 52.29 31.14 31.25
C TYR L 213 52.44 32.29 32.25
N LEU L 214 51.63 32.28 33.31
CA LEU L 214 51.71 33.34 34.35
C LEU L 214 53.01 33.14 35.11
N GLU L 215 53.37 31.88 35.40
CA GLU L 215 54.66 31.60 36.07
C GLU L 215 55.76 32.05 35.11
N LEU L 216 55.53 31.87 33.80
CA LEU L 216 56.54 32.27 32.79
C LEU L 216 56.71 33.78 32.92
N VAL L 217 55.61 34.54 32.96
CA VAL L 217 55.66 36.02 33.06
C VAL L 217 56.39 36.41 34.34
N ILE L 218 56.13 35.67 35.43
CA ILE L 218 56.79 35.93 36.75
C ILE L 218 58.30 35.79 36.59
N GLN L 219 58.77 34.65 36.04
CA GLN L 219 60.22 34.42 35.77
C GLN L 219 60.75 35.56 34.87
N GLU L 220 59.98 36.01 33.86
CA GLU L 220 60.29 37.19 32.98
C GLU L 220 60.76 36.73 31.59
N LYS L 221 60.30 35.55 31.15
CA LYS L 221 60.68 34.99 29.82
C LYS L 221 59.71 35.52 28.75
N LEU L 222 58.41 35.27 28.91
CA LEU L 222 57.42 35.67 27.86
C LEU L 222 56.49 36.75 28.41
N PRO L 223 56.23 37.86 27.68
CA PRO L 223 55.24 38.84 28.14
C PRO L 223 53.86 38.35 27.67
N LEU L 224 52.97 39.27 27.26
CA LEU L 224 51.63 38.85 26.73
C LEU L 224 50.95 39.98 25.94
N ASN L 225 50.18 39.63 24.91
CA ASN L 225 49.41 40.65 24.14
C ASN L 225 48.32 41.21 25.04
N HIS L 226 48.26 42.53 25.18
CA HIS L 226 47.30 43.10 26.12
C HIS L 226 45.92 42.49 25.93
N GLU L 227 45.53 42.19 24.69
CA GLU L 227 44.16 41.76 24.42
C GLU L 227 43.85 40.40 25.06
N ILE L 228 44.78 39.45 24.97
CA ILE L 228 44.49 38.10 25.46
C ILE L 228 44.51 38.06 26.98
N LEU L 229 45.45 38.76 27.60
CA LEU L 229 45.42 38.89 29.05
C LEU L 229 44.15 39.62 29.49
N TYR L 230 43.74 40.64 28.73
CA TYR L 230 42.44 41.26 28.95
C TYR L 230 41.34 40.22 28.95
N HIS L 231 41.37 39.31 27.97
CA HIS L 231 40.31 38.30 27.85
C HIS L 231 40.30 37.36 29.06
N LEU L 232 41.49 36.95 29.51
CA LEU L 232 41.55 36.10 30.70
C LEU L 232 40.99 36.81 31.93
N GLN L 233 41.38 38.07 32.12
CA GLN L 233 40.81 38.86 33.21
C GLN L 233 39.31 38.98 33.06
N ASP L 234 38.81 39.12 31.83
CA ASP L 234 37.38 39.19 31.60
C ASP L 234 36.69 37.91 32.04
N VAL L 235 37.26 36.76 31.66
CA VAL L 235 36.69 35.48 32.08
C VAL L 235 36.60 35.42 33.60
N PHE L 236 37.69 35.80 34.27
CA PHE L 236 37.67 35.78 35.73
C PHE L 236 36.64 36.76 36.30
N ASN L 237 36.51 37.93 35.67
CA ASN L 237 35.57 38.92 36.17
C ASN L 237 34.13 38.43 36.09
N LEU L 238 33.76 37.80 34.96
CA LEU L 238 32.40 37.30 34.78
C LEU L 238 32.12 36.05 35.60
N LEU L 239 33.05 35.61 36.44
CA LEU L 239 32.83 34.45 37.28
C LEU L 239 31.64 34.68 38.21
N PRO L 240 30.54 33.95 38.05
CA PRO L 240 29.43 34.10 38.99
C PRO L 240 29.81 33.51 40.35
N ASN L 241 29.19 34.04 41.40
CA ASN L 241 29.43 33.53 42.76
C ASN L 241 28.64 32.24 42.92
N LEU L 242 29.36 31.12 42.98
CA LEU L 242 28.71 29.82 43.18
C LEU L 242 28.09 29.68 44.55
N SER L 243 28.37 30.60 45.47
CA SER L 243 27.80 30.60 46.81
C SER L 243 26.62 31.54 46.96
N VAL L 244 25.76 31.65 45.94
CA VAL L 244 24.60 32.54 46.02
C VAL L 244 23.42 31.77 46.59
N LEU L 245 22.88 32.28 47.70
CA LEU L 245 21.97 31.53 48.55
C LEU L 245 20.59 31.33 47.92
N GLU L 246 19.95 32.41 47.50
CA GLU L 246 18.68 32.28 46.77
C GLU L 246 18.88 31.46 45.51
N LEU L 247 20.01 31.67 44.83
CA LEU L 247 20.37 30.85 43.68
C LEU L 247 20.53 29.38 44.06
N VAL L 248 20.98 29.11 45.30
CA VAL L 248 21.04 27.72 45.76
C VAL L 248 19.65 27.11 45.85
N LYS L 249 18.68 27.84 46.44
CA LYS L 249 17.32 27.30 46.42
C LYS L 249 16.81 27.14 45.00
N ALA L 250 17.24 28.00 44.09
CA ALA L 250 16.86 27.82 42.69
C ALA L 250 17.34 26.47 42.18
N PHE L 251 18.61 26.13 42.44
CA PHE L 251 19.08 24.79 42.12
C PHE L 251 18.20 23.72 42.74
N ALA L 252 17.92 23.84 44.04
CA ALA L 252 17.18 22.79 44.72
C ALA L 252 15.84 22.56 44.06
N VAL L 253 15.14 23.65 43.73
CA VAL L 253 13.82 23.53 43.11
C VAL L 253 13.91 22.84 41.76
N LYS L 254 14.84 23.29 40.90
CA LYS L 254 14.92 22.66 39.57
C LYS L 254 15.29 21.19 39.70
N THR L 255 16.21 20.88 40.62
CA THR L 255 16.63 19.50 40.80
C THR L 255 15.44 18.64 41.20
N ASN L 256 14.68 19.07 42.21
CA ASN L 256 13.51 18.32 42.63
C ASN L 256 12.56 18.09 41.45
N ASP L 257 12.27 19.15 40.69
CA ASP L 257 11.29 19.02 39.62
C ASP L 257 11.76 18.06 38.54
N MET L 258 13.00 18.22 38.08
CA MET L 258 13.52 17.36 37.03
C MET L 258 13.61 15.91 37.49
N MET L 259 14.05 15.69 38.72
CA MET L 259 14.23 14.32 39.18
C MET L 259 12.90 13.64 39.43
N LEU L 260 11.86 14.41 39.78
CA LEU L 260 10.55 13.80 39.95
C LEU L 260 9.89 13.55 38.61
N VAL L 261 10.24 14.34 37.59
CA VAL L 261 9.87 13.97 36.21
C VAL L 261 10.53 12.65 35.82
N ILE L 262 11.82 12.52 36.13
CA ILE L 262 12.52 11.26 35.88
C ILE L 262 11.87 10.13 36.67
N TYR L 263 11.34 10.45 37.85
CA TYR L 263 10.64 9.47 38.67
C TYR L 263 9.36 9.01 37.98
N LEU L 264 8.57 9.95 37.45
CA LEU L 264 7.51 9.60 36.51
C LEU L 264 7.98 8.61 35.45
N SER L 265 9.07 8.95 34.75
CA SER L 265 9.50 8.11 33.64
C SER L 265 9.86 6.71 34.12
N SER L 266 10.55 6.61 35.25
CA SER L 266 10.89 5.31 35.79
C SER L 266 9.64 4.52 36.18
N LEU L 267 8.66 5.18 36.80
CA LEU L 267 7.41 4.51 37.13
C LEU L 267 6.74 3.94 35.89
N ILE L 268 6.67 4.74 34.82
CA ILE L 268 5.98 4.30 33.62
C ILE L 268 6.72 3.14 32.97
N ARG L 269 8.06 3.21 32.97
CA ARG L 269 8.83 2.09 32.45
C ARG L 269 8.62 0.84 33.29
N SER L 270 8.51 1.01 34.61
CA SER L 270 8.14 -0.13 35.46
C SER L 270 6.84 -0.74 34.99
N VAL L 271 5.83 0.11 34.76
CA VAL L 271 4.53 -0.37 34.30
C VAL L 271 4.70 -1.22 33.05
N ILE L 272 5.33 -0.65 32.02
CA ILE L 272 5.36 -1.32 30.72
C ILE L 272 6.22 -2.58 30.79
N ALA L 273 7.36 -2.51 31.47
CA ALA L 273 8.26 -3.66 31.54
C ALA L 273 7.62 -4.82 32.30
N LEU L 274 6.92 -4.52 33.40
CA LEU L 274 6.23 -5.58 34.12
C LEU L 274 5.11 -6.18 33.28
N HIS L 275 4.37 -5.32 32.56
CA HIS L 275 3.35 -5.83 31.64
C HIS L 275 3.95 -6.81 30.65
N ASN L 276 5.08 -6.44 30.03
CA ASN L 276 5.68 -7.30 29.02
C ASN L 276 6.25 -8.57 29.63
N LEU L 277 6.76 -8.48 30.86
CA LEU L 277 7.21 -9.69 31.54
C LEU L 277 6.07 -10.66 31.76
N ILE L 278 4.91 -10.15 32.16
CA ILE L 278 3.75 -11.01 32.39
C ILE L 278 3.31 -11.63 31.07
N ASN L 279 3.29 -10.84 29.99
CA ASN L 279 2.96 -11.39 28.67
C ASN L 279 3.96 -12.45 28.25
N ASN L 280 5.24 -12.25 28.58
CA ASN L 280 6.25 -13.26 28.28
C ASN L 280 5.95 -14.55 29.05
N LYS L 281 5.55 -14.43 30.31
CA LYS L 281 5.16 -15.61 31.07
C LYS L 281 3.97 -16.32 30.41
N MET L 282 2.99 -15.54 29.94
CA MET L 282 1.86 -16.12 29.21
C MET L 282 2.33 -16.89 27.98
N LEU L 283 3.17 -16.25 27.16
CA LEU L 283 3.63 -16.89 25.93
C LEU L 283 4.48 -18.13 26.23
N ASN L 284 5.20 -18.10 27.35
CA ASN L 284 6.03 -19.25 27.72
C ASN L 284 5.18 -20.42 28.20
N LYS L 285 4.14 -20.14 28.98
CA LYS L 285 3.29 -21.22 29.45
C LYS L 285 2.45 -21.81 28.31
N GLU L 286 1.96 -20.96 27.41
CA GLU L 286 1.15 -21.44 26.29
C GLU L 286 2.01 -22.20 25.29
N MET M 1 -81.58 82.69 7.86
CA MET M 1 -81.03 82.07 6.66
C MET M 1 -81.04 80.54 6.80
N ALA M 2 -80.80 79.85 5.69
CA ALA M 2 -80.83 78.39 5.67
C ALA M 2 -79.84 77.82 6.67
N THR M 3 -80.34 77.05 7.64
CA THR M 3 -79.48 76.43 8.63
C THR M 3 -78.86 75.12 8.15
N PHE M 4 -79.34 74.57 7.03
CA PHE M 4 -78.85 73.31 6.51
C PHE M 4 -78.58 73.43 5.02
N LEU M 5 -77.45 72.88 4.58
CA LEU M 5 -77.12 72.82 3.16
C LEU M 5 -77.52 71.47 2.60
N PRO M 6 -78.27 71.41 1.51
CA PRO M 6 -78.72 70.11 0.99
C PRO M 6 -77.54 69.20 0.67
N ALA M 7 -77.70 67.91 0.97
CA ALA M 7 -76.65 66.92 0.75
C ALA M 7 -76.58 66.57 -0.72
N THR M 8 -76.01 67.48 -1.50
CA THR M 8 -75.83 67.30 -2.94
C THR M 8 -74.35 67.38 -3.28
N THR M 9 -74.00 66.80 -4.44
CA THR M 9 -72.62 66.83 -4.90
C THR M 9 -72.12 68.25 -5.05
N ASP M 10 -73.01 69.18 -5.43
CA ASP M 10 -72.61 70.58 -5.55
C ASP M 10 -72.16 71.15 -4.22
N SER M 11 -72.86 70.81 -3.13
CA SER M 11 -72.46 71.28 -1.81
C SER M 11 -71.09 70.74 -1.42
N LEU M 12 -70.83 69.46 -1.68
CA LEU M 12 -69.52 68.90 -1.37
C LEU M 12 -68.43 69.55 -2.20
N ALA M 13 -68.71 69.81 -3.48
CA ALA M 13 -67.73 70.51 -4.31
C ALA M 13 -67.45 71.91 -3.79
N GLN M 14 -68.50 72.62 -3.36
CA GLN M 14 -68.30 73.94 -2.78
C GLN M 14 -67.46 73.86 -1.52
N ALA M 15 -67.73 72.88 -0.67
CA ALA M 15 -66.94 72.70 0.54
C ALA M 15 -65.47 72.43 0.21
N LEU M 16 -65.21 71.60 -0.79
CA LEU M 16 -63.83 71.33 -1.19
C LEU M 16 -63.16 72.56 -1.77
N GLU M 17 -63.91 73.38 -2.51
CA GLU M 17 -63.34 74.55 -3.18
C GLU M 17 -63.13 75.74 -2.26
N ALA M 18 -63.62 75.68 -1.02
CA ALA M 18 -63.43 76.79 -0.09
C ALA M 18 -61.95 77.02 0.14
N SER M 19 -61.55 78.30 0.11
CA SER M 19 -60.14 78.64 0.24
C SER M 19 -59.64 78.58 1.67
N SER M 20 -60.53 78.49 2.65
CA SER M 20 -60.16 78.47 4.06
C SER M 20 -60.61 77.16 4.69
N THR M 21 -59.74 76.59 5.53
CA THR M 21 -60.08 75.34 6.21
C THR M 21 -61.25 75.54 7.15
N ALA M 22 -61.30 76.67 7.86
CA ALA M 22 -62.42 76.94 8.77
C ALA M 22 -63.74 77.03 8.00
N ASP M 23 -63.73 77.69 6.85
CA ASP M 23 -64.94 77.77 6.04
C ASP M 23 -65.37 76.38 5.56
N SER M 24 -64.41 75.55 5.15
CA SER M 24 -64.75 74.20 4.74
C SER M 24 -65.36 73.42 5.90
N ILE M 25 -64.80 73.56 7.10
CA ILE M 25 -65.33 72.85 8.27
C ILE M 25 -66.75 73.31 8.56
N LEU M 26 -66.98 74.62 8.51
CA LEU M 26 -68.33 75.14 8.77
C LEU M 26 -69.32 74.63 7.73
N ILE M 27 -68.92 74.63 6.45
CA ILE M 27 -69.82 74.16 5.40
C ILE M 27 -70.13 72.68 5.60
N LEU M 28 -69.12 71.89 5.93
CA LEU M 28 -69.34 70.46 6.16
C LEU M 28 -70.25 70.23 7.36
N GLN M 29 -70.05 71.01 8.43
CA GLN M 29 -70.93 70.88 9.59
C GLN M 29 -72.37 71.23 9.24
N ARG M 30 -72.57 72.29 8.46
CA ARG M 30 -73.92 72.63 8.02
C ARG M 30 -74.51 71.52 7.16
N LEU M 31 -73.70 70.92 6.29
CA LEU M 31 -74.19 69.80 5.49
C LEU M 31 -74.61 68.62 6.36
N LEU M 32 -73.83 68.34 7.41
CA LEU M 32 -74.17 67.24 8.30
C LEU M 32 -75.51 67.47 8.99
N ALA M 33 -75.92 68.73 9.15
CA ALA M 33 -77.20 69.05 9.79
C ALA M 33 -78.39 68.77 8.89
N ASP M 34 -78.17 68.44 7.62
CA ASP M 34 -79.28 68.18 6.71
C ASP M 34 -80.08 66.99 7.21
N PRO M 35 -81.40 67.13 7.42
CA PRO M 35 -82.20 65.98 7.88
C PRO M 35 -82.46 64.94 6.79
N SER M 36 -82.03 65.20 5.56
CA SER M 36 -82.27 64.25 4.47
C SER M 36 -81.68 62.89 4.82
N SER M 37 -82.46 61.82 4.60
CA SER M 37 -82.05 60.47 4.91
C SER M 37 -81.93 59.59 3.66
N SER M 38 -81.89 60.20 2.48
CA SER M 38 -81.79 59.42 1.25
C SER M 38 -80.43 58.73 1.18
N PRO M 39 -80.35 57.56 0.54
CA PRO M 39 -79.06 56.85 0.46
C PRO M 39 -77.96 57.69 -0.18
N ASP M 40 -78.27 58.45 -1.22
CA ASP M 40 -77.28 59.36 -1.79
C ASP M 40 -76.89 60.43 -0.78
N ALA M 41 -77.87 60.96 -0.04
CA ALA M 41 -77.56 61.91 1.01
C ALA M 41 -76.67 61.28 2.07
N LEU M 42 -76.94 60.02 2.44
CA LEU M 42 -76.10 59.34 3.41
C LEU M 42 -74.67 59.17 2.91
N ARG M 43 -74.51 58.81 1.62
CA ARG M 43 -73.18 58.68 1.05
C ARG M 43 -72.45 60.01 1.06
N ILE M 44 -73.14 61.09 0.68
CA ILE M 44 -72.51 62.41 0.68
C ILE M 44 -72.15 62.82 2.10
N LYS M 45 -72.99 62.48 3.08
CA LYS M 45 -72.68 62.79 4.47
C LYS M 45 -71.46 62.02 4.95
N GLU M 46 -71.33 60.76 4.53
CA GLU M 46 -70.16 59.98 4.91
C GLU M 46 -68.89 60.59 4.30
N GLN M 47 -68.95 61.00 3.04
CA GLN M 47 -67.80 61.64 2.42
C GLN M 47 -67.46 62.95 3.11
N ALA M 48 -68.49 63.73 3.46
CA ALA M 48 -68.25 64.98 4.18
C ALA M 48 -67.63 64.73 5.54
N ILE M 49 -68.08 63.67 6.23
CA ILE M 49 -67.50 63.33 7.52
C ILE M 49 -66.03 62.97 7.38
N THR M 50 -65.70 62.18 6.35
CA THR M 50 -64.30 61.83 6.12
C THR M 50 -63.46 63.07 5.86
N LYS M 51 -63.96 63.96 4.99
CA LYS M 51 -63.20 65.17 4.67
C LYS M 51 -63.05 66.07 5.90
N LEU M 52 -64.11 66.20 6.70
CA LEU M 52 -64.04 67.02 7.91
C LEU M 52 -63.05 66.42 8.91
N THR M 53 -63.03 65.10 9.04
CA THR M 53 -62.06 64.45 9.92
C THR M 53 -60.64 64.73 9.44
N ASP M 54 -60.41 64.65 8.13
CA ASP M 54 -59.08 64.97 7.60
C ASP M 54 -58.72 66.42 7.89
N TYR M 55 -59.65 67.35 7.68
CA TYR M 55 -59.37 68.76 7.95
C TYR M 55 -59.06 68.99 9.42
N LEU M 56 -59.83 68.37 10.32
CA LEU M 56 -59.55 68.52 11.75
C LEU M 56 -58.20 67.91 12.11
N ARG M 57 -57.82 66.82 11.46
CA ARG M 57 -56.48 66.28 11.64
C ARG M 57 -55.43 67.31 11.23
N GLN M 58 -55.66 67.99 10.11
CA GLN M 58 -54.75 69.05 9.70
C GLN M 58 -54.72 70.19 10.72
N GLU M 59 -55.88 70.50 11.31
CA GLU M 59 -55.98 71.57 12.30
C GLU M 59 -55.62 71.10 13.71
N ASN M 60 -55.43 69.80 13.93
CA ASN M 60 -55.01 69.27 15.23
C ASN M 60 -56.02 69.62 16.32
N LYS M 61 -57.30 69.66 15.97
CA LYS M 61 -58.36 69.98 16.93
C LYS M 61 -59.04 68.68 17.36
N ALA M 62 -58.42 68.01 18.33
CA ALA M 62 -58.95 66.75 18.83
C ALA M 62 -60.28 66.95 19.56
N GLU M 63 -60.42 68.05 20.29
CA GLU M 63 -61.68 68.32 20.97
C GLU M 63 -62.82 68.46 19.97
N ASP M 64 -62.56 69.10 18.83
CA ASP M 64 -63.56 69.17 17.78
C ASP M 64 -63.91 67.78 17.26
N LEU M 65 -62.92 66.88 17.16
CA LEU M 65 -63.21 65.52 16.74
C LEU M 65 -64.09 64.80 17.75
N ARG M 66 -63.84 65.00 19.05
CA ARG M 66 -64.69 64.41 20.06
C ARG M 66 -66.12 64.95 19.98
N ILE M 67 -66.25 66.26 19.76
CA ILE M 67 -67.58 66.85 19.61
C ILE M 67 -68.28 66.28 18.38
N LEU M 68 -67.53 66.11 17.28
CA LEU M 68 -68.09 65.53 16.07
C LEU M 68 -68.58 64.11 16.33
N LEU M 69 -67.79 63.31 17.04
CA LEU M 69 -68.22 61.95 17.36
C LEU M 69 -69.47 61.95 18.24
N THR M 70 -69.54 62.86 19.21
CA THR M 70 -70.74 62.96 20.03
C THR M 70 -71.95 63.31 19.18
N GLN M 71 -71.79 64.25 18.24
CA GLN M 71 -72.90 64.64 17.38
C GLN M 71 -73.33 63.51 16.47
N LEU M 72 -72.37 62.73 15.95
CA LEU M 72 -72.67 61.70 14.97
C LEU M 72 -73.42 60.51 15.56
N ARG M 73 -73.73 60.52 16.84
CA ARG M 73 -74.46 59.40 17.44
C ARG M 73 -75.83 59.24 16.79
N SER M 74 -76.54 60.36 16.57
CA SER M 74 -77.83 60.30 15.88
C SER M 74 -77.66 59.83 14.44
N TYR M 75 -76.63 60.33 13.75
CA TYR M 75 -76.42 59.95 12.36
C TYR M 75 -76.13 58.46 12.23
N PHE M 76 -75.41 57.88 13.18
CA PHE M 76 -75.04 56.47 13.10
C PHE M 76 -76.24 55.54 13.04
N SER M 77 -77.40 55.98 13.54
CA SER M 77 -78.56 55.09 13.57
C SER M 77 -79.14 54.85 12.19
N LEU M 78 -78.71 55.62 11.19
CA LEU M 78 -79.27 55.50 9.85
C LEU M 78 -78.31 54.84 8.87
N ILE M 79 -77.32 54.10 9.35
CA ILE M 79 -76.24 53.59 8.52
C ILE M 79 -76.05 52.11 8.81
N PRO M 80 -75.57 51.31 7.86
CA PRO M 80 -75.25 49.92 8.19
C PRO M 80 -74.22 49.84 9.31
N LYS M 81 -74.39 48.85 10.18
CA LYS M 81 -73.55 48.77 11.38
C LYS M 81 -72.08 48.67 11.02
N ALA M 82 -71.75 47.88 10.00
CA ALA M 82 -70.36 47.79 9.55
C ALA M 82 -69.85 49.16 9.11
N LYS M 83 -70.67 49.92 8.38
CA LYS M 83 -70.26 51.25 7.95
C LYS M 83 -70.02 52.17 9.15
N THR M 84 -70.89 52.11 10.16
CA THR M 84 -70.70 52.93 11.35
C THR M 84 -69.41 52.56 12.07
N ALA M 85 -69.15 51.25 12.20
CA ALA M 85 -67.92 50.81 12.84
C ALA M 85 -66.70 51.30 12.06
N LYS M 86 -66.76 51.21 10.72
CA LYS M 86 -65.65 51.68 9.89
C LYS M 86 -65.42 53.18 10.09
N ILE M 87 -66.51 53.96 10.09
CA ILE M 87 -66.38 55.40 10.23
C ILE M 87 -65.75 55.76 11.58
N VAL M 88 -66.24 55.13 12.64
CA VAL M 88 -65.74 55.47 13.97
C VAL M 88 -64.30 55.00 14.14
N ARG M 89 -63.95 53.85 13.56
CA ARG M 89 -62.58 53.38 13.61
C ARG M 89 -61.66 54.34 12.87
N VAL M 90 -62.10 54.85 11.72
CA VAL M 90 -61.32 55.84 10.99
C VAL M 90 -61.12 57.10 11.83
N ILE M 91 -62.18 57.54 12.50
CA ILE M 91 -62.07 58.73 13.34
C ILE M 91 -61.09 58.50 14.48
N ILE M 92 -61.15 57.33 15.11
CA ILE M 92 -60.26 57.03 16.22
C ILE M 92 -58.81 56.98 15.74
N ASP M 93 -58.57 56.34 14.59
CA ASP M 93 -57.22 56.31 14.03
C ASP M 93 -56.72 57.71 13.68
N THR M 94 -57.59 58.56 13.15
CA THR M 94 -57.21 59.95 12.88
C THR M 94 -56.83 60.68 14.16
N VAL M 95 -57.62 60.49 15.22
CA VAL M 95 -57.29 61.11 16.50
C VAL M 95 -55.95 60.61 17.00
N ALA M 96 -55.67 59.32 16.83
CA ALA M 96 -54.40 58.75 17.25
C ALA M 96 -53.21 59.42 16.58
N LYS M 97 -53.41 59.95 15.37
CA LYS M 97 -52.31 60.67 14.66
C LYS M 97 -51.77 61.79 15.57
N ILE M 98 -52.62 62.34 16.44
CA ILE M 98 -52.18 63.39 17.40
C ILE M 98 -51.84 62.73 18.74
N PRO M 99 -50.66 63.00 19.34
CA PRO M 99 -50.27 62.31 20.58
C PRO M 99 -50.44 63.18 21.83
N ASN M 100 -49.76 62.82 22.94
CA ASN M 100 -49.83 63.59 24.21
C ASN M 100 -51.26 63.56 24.77
N SER M 101 -51.61 64.51 25.64
CA SER M 101 -52.97 64.56 26.27
C SER M 101 -53.36 63.16 26.74
N THR M 102 -52.50 62.51 27.55
CA THR M 102 -52.74 61.11 27.98
C THR M 102 -54.16 60.94 28.52
N GLU M 103 -54.62 61.83 29.40
CA GLU M 103 -55.92 61.63 30.04
C GLU M 103 -57.05 61.78 29.01
N LEU M 104 -56.96 62.79 28.15
CA LEU M 104 -57.95 62.96 27.10
C LEU M 104 -57.95 61.75 26.17
N GLN M 105 -56.77 61.24 25.83
CA GLN M 105 -56.68 60.05 24.99
C GLN M 105 -57.34 58.85 25.66
N ILE M 106 -57.12 58.68 26.97
CA ILE M 106 -57.72 57.56 27.68
C ILE M 106 -59.23 57.67 27.66
N SER M 107 -59.76 58.87 27.95
CA SER M 107 -61.20 59.06 27.94
C SER M 107 -61.77 58.81 26.55
N LEU M 108 -61.10 59.30 25.51
CA LEU M 108 -61.56 59.07 24.15
C LEU M 108 -61.55 57.59 23.80
N CYS M 109 -60.51 56.87 24.22
CA CYS M 109 -60.44 55.44 23.95
C CYS M 109 -61.57 54.69 24.64
N LYS M 110 -61.87 55.03 25.89
CA LYS M 110 -62.96 54.38 26.59
C LYS M 110 -64.30 54.68 25.92
N ASP M 111 -64.52 55.95 25.53
CA ASP M 111 -65.74 56.30 24.83
C ASP M 111 -65.88 55.53 23.53
N MET M 112 -64.78 55.40 22.78
CA MET M 112 -64.81 54.64 21.53
C MET M 112 -65.07 53.16 21.80
N ILE M 113 -64.52 52.62 22.89
CA ILE M 113 -64.80 51.23 23.21
C ILE M 113 -66.28 51.03 23.45
N GLN M 114 -66.89 51.95 24.20
CA GLN M 114 -68.34 51.87 24.43
C GLN M 114 -69.10 51.97 23.10
N TRP M 115 -68.70 52.91 22.25
CA TRP M 115 -69.37 53.08 20.96
C TRP M 115 -69.27 51.83 20.10
N THR M 116 -68.08 51.24 20.02
CA THR M 116 -67.89 50.03 19.22
C THR M 116 -68.66 48.86 19.80
N ARG M 117 -68.72 48.74 21.12
CA ARG M 117 -69.57 47.71 21.72
C ARG M 117 -71.02 47.92 21.32
N ASP M 118 -71.47 49.18 21.29
CA ASP M 118 -72.81 49.47 20.79
C ASP M 118 -72.93 49.12 19.31
N GLU M 119 -71.90 49.41 18.52
CA GLU M 119 -71.92 49.16 17.08
C GLU M 119 -71.50 47.74 16.71
N LYS M 120 -71.09 46.91 17.67
CA LYS M 120 -70.72 45.53 17.40
C LYS M 120 -69.58 45.44 16.40
N ARG M 121 -68.60 46.34 16.54
CA ARG M 121 -67.40 46.31 15.69
C ARG M 121 -66.25 45.68 16.47
N THR M 122 -66.14 44.36 16.29
CA THR M 122 -65.25 43.57 17.14
C THR M 122 -63.78 43.91 16.90
N PHE M 123 -63.35 43.92 15.64
CA PHE M 123 -61.94 44.13 15.34
C PHE M 123 -61.48 45.51 15.76
N LEU M 124 -62.26 46.54 15.41
CA LEU M 124 -61.91 47.90 15.80
C LEU M 124 -61.92 48.05 17.31
N ARG M 125 -62.89 47.43 17.99
CA ARG M 125 -62.93 47.47 19.44
C ARG M 125 -61.68 46.84 20.04
N GLN M 126 -61.26 45.70 19.49
CA GLN M 126 -60.06 45.03 20.01
C GLN M 126 -58.81 45.89 19.80
N ARG M 127 -58.68 46.50 18.62
CA ARG M 127 -57.51 47.35 18.38
C ARG M 127 -57.51 48.56 19.30
N VAL M 128 -58.66 49.19 19.50
CA VAL M 128 -58.74 50.34 20.39
C VAL M 128 -58.45 49.92 21.82
N GLU M 129 -58.90 48.71 22.21
CA GLU M 129 -58.61 48.22 23.55
C GLU M 129 -57.11 47.98 23.74
N ALA M 130 -56.45 47.46 22.71
CA ALA M 130 -54.99 47.29 22.78
C ALA M 130 -54.30 48.65 22.93
N ARG M 131 -54.75 49.64 22.17
CA ARG M 131 -54.18 50.98 22.30
C ARG M 131 -54.41 51.55 23.69
N LEU M 132 -55.61 51.34 24.24
CA LEU M 132 -55.91 51.79 25.59
C LEU M 132 -55.03 51.10 26.62
N ALA M 133 -54.78 49.80 26.43
CA ALA M 133 -53.88 49.09 27.32
C ALA M 133 -52.47 49.66 27.25
N ALA M 134 -52.00 49.98 26.05
CA ALA M 134 -50.69 50.62 25.93
C ALA M 134 -50.65 51.96 26.65
N LEU M 135 -51.71 52.77 26.48
CA LEU M 135 -51.76 54.06 27.16
C LEU M 135 -51.79 53.89 28.67
N LEU M 136 -52.54 52.90 29.17
CA LEU M 136 -52.57 52.62 30.59
C LEU M 136 -51.20 52.21 31.10
N MET M 137 -50.46 51.42 30.31
CA MET M 137 -49.08 51.11 30.67
C MET M 137 -48.24 52.38 30.75
N GLU M 138 -48.46 53.31 29.82
CA GLU M 138 -47.73 54.57 29.86
C GLU M 138 -48.02 55.33 31.15
N THR M 139 -49.29 55.34 31.59
CA THR M 139 -49.67 56.00 32.82
C THR M 139 -49.44 55.14 34.06
N LYS M 140 -48.93 53.93 33.90
CA LYS M 140 -48.57 53.04 35.01
C LYS M 140 -49.79 52.47 35.72
N GLU M 141 -50.98 52.60 35.12
CA GLU M 141 -52.19 51.96 35.66
C GLU M 141 -52.17 50.47 35.33
N PHE M 142 -51.25 49.77 36.00
CA PHE M 142 -50.97 48.38 35.65
C PHE M 142 -52.16 47.45 35.79
N PRO M 143 -52.93 47.44 36.87
CA PRO M 143 -53.99 46.42 37.01
C PRO M 143 -55.06 46.52 35.95
N GLU M 144 -55.49 47.73 35.58
CA GLU M 144 -56.51 47.87 34.55
C GLU M 144 -56.01 47.36 33.21
N ALA M 145 -54.79 47.74 32.84
CA ALA M 145 -54.21 47.25 31.59
C ALA M 145 -54.07 45.73 31.63
N LEU M 146 -53.70 45.18 32.78
CA LEU M 146 -53.57 43.74 32.91
C LEU M 146 -54.90 43.02 32.68
N SER M 147 -55.97 43.51 33.31
CA SER M 147 -57.28 42.90 33.11
C SER M 147 -57.71 43.02 31.65
N LEU M 148 -57.51 44.20 31.06
CA LEU M 148 -57.89 44.40 29.67
C LEU M 148 -57.13 43.46 28.75
N LEU M 149 -55.83 43.31 28.97
CA LEU M 149 -55.02 42.43 28.12
C LEU M 149 -55.42 40.97 28.33
N SER M 150 -55.71 40.57 29.56
CA SER M 150 -56.12 39.21 29.82
C SER M 150 -57.41 38.88 29.08
N GLY M 151 -58.38 39.80 29.10
CA GLY M 151 -59.60 39.58 28.34
C GLY M 151 -59.37 39.59 26.84
N LEU M 152 -58.55 40.53 26.37
CA LEU M 152 -58.36 40.71 24.94
C LEU M 152 -57.61 39.53 24.32
N ILE M 153 -56.64 38.97 25.05
CA ILE M 153 -55.92 37.81 24.53
C ILE M 153 -56.86 36.64 24.34
N LYS M 154 -57.71 36.38 25.34
CA LYS M 154 -58.69 35.31 25.19
C LYS M 154 -59.64 35.56 24.03
N GLU M 155 -60.10 36.80 23.87
CA GLU M 155 -61.01 37.11 22.77
C GLU M 155 -60.32 36.92 21.41
N VAL M 156 -59.08 37.37 21.29
CA VAL M 156 -58.40 37.36 19.99
C VAL M 156 -57.95 35.96 19.62
N ARG M 157 -57.54 35.16 20.60
CA ARG M 157 -57.01 33.83 20.28
C ARG M 157 -58.02 32.96 19.54
N ARG M 158 -59.31 33.28 19.67
CA ARG M 158 -60.34 32.53 18.95
C ARG M 158 -60.52 33.01 17.51
N LEU M 159 -60.15 34.26 17.21
CA LEU M 159 -60.33 34.83 15.88
C LEU M 159 -59.16 34.58 14.95
N ASP M 160 -58.05 34.03 15.46
CA ASP M 160 -56.88 33.70 14.65
C ASP M 160 -56.21 34.94 14.06
N ASP M 161 -56.44 36.11 14.65
CA ASP M 161 -55.76 37.34 14.22
C ASP M 161 -54.36 37.32 14.81
N LYS M 162 -53.45 36.67 14.10
CA LYS M 162 -52.12 36.40 14.65
C LYS M 162 -51.29 37.67 14.82
N LEU M 163 -51.42 38.63 13.91
CA LEU M 163 -50.68 39.88 14.05
C LEU M 163 -51.12 40.62 15.32
N LEU M 164 -52.43 40.80 15.49
CA LEU M 164 -52.93 41.46 16.68
C LEU M 164 -52.63 40.64 17.93
N LEU M 165 -52.69 39.31 17.82
CA LEU M 165 -52.35 38.47 18.96
C LEU M 165 -50.90 38.69 19.39
N VAL M 166 -49.98 38.74 18.42
CA VAL M 166 -48.57 38.98 18.74
C VAL M 166 -48.40 40.36 19.38
N ASP M 167 -49.06 41.37 18.82
CA ASP M 167 -48.96 42.70 19.39
C ASP M 167 -49.44 42.73 20.84
N ILE M 168 -50.60 42.13 21.09
CA ILE M 168 -51.17 42.15 22.43
C ILE M 168 -50.28 41.38 23.39
N GLU M 169 -49.77 40.23 22.97
CA GLU M 169 -48.91 39.44 23.84
C GLU M 169 -47.61 40.17 24.14
N LEU M 170 -47.06 40.91 23.16
CA LEU M 170 -45.86 41.70 23.44
C LEU M 170 -46.15 42.81 24.44
N LEU M 171 -47.29 43.51 24.28
CA LEU M 171 -47.66 44.52 25.27
C LEU M 171 -47.82 43.91 26.66
N GLU M 172 -48.48 42.76 26.74
CA GLU M 172 -48.70 42.06 28.00
C GLU M 172 -47.36 41.64 28.64
N SER M 173 -46.44 41.14 27.84
CA SER M 173 -45.10 40.81 28.33
C SER M 173 -44.41 42.05 28.88
N LYS M 174 -44.54 43.19 28.18
CA LYS M 174 -43.92 44.42 28.68
C LYS M 174 -44.54 44.85 30.01
N LEU M 175 -45.87 44.73 30.12
CA LEU M 175 -46.52 45.07 31.38
C LEU M 175 -45.93 44.27 32.55
N HIS M 176 -45.83 42.96 32.40
CA HIS M 176 -45.27 42.16 33.50
C HIS M 176 -43.77 42.30 33.64
N PHE M 177 -43.07 42.76 32.61
CA PHE M 177 -41.69 43.18 32.81
C PHE M 177 -41.63 44.39 33.73
N SER M 178 -42.51 45.36 33.50
CA SER M 178 -42.58 46.53 34.38
C SER M 178 -42.95 46.11 35.80
N LEU M 179 -43.87 45.16 35.95
CA LEU M 179 -44.28 44.67 37.25
C LEU M 179 -43.24 43.77 37.92
N ARG M 180 -42.07 43.59 37.29
CA ARG M 180 -41.00 42.76 37.85
C ARG M 180 -41.41 41.31 38.00
N ASN M 181 -42.43 40.89 37.25
CA ASN M 181 -42.89 39.49 37.24
C ASN M 181 -42.22 38.80 36.06
N LEU M 182 -40.93 38.55 36.20
CA LEU M 182 -40.16 37.99 35.09
C LEU M 182 -40.70 36.67 34.56
N PRO M 183 -41.13 35.72 35.40
CA PRO M 183 -41.57 34.42 34.85
C PRO M 183 -42.74 34.54 33.88
N LYS M 184 -43.82 35.20 34.30
CA LYS M 184 -44.99 35.33 33.43
C LYS M 184 -44.68 36.19 32.21
N ALA M 185 -43.82 37.20 32.37
CA ALA M 185 -43.39 37.99 31.23
C ALA M 185 -42.66 37.13 30.21
N LYS M 186 -41.78 36.25 30.68
CA LYS M 186 -41.07 35.35 29.78
C LYS M 186 -42.03 34.38 29.10
N ALA M 187 -43.02 33.88 29.85
CA ALA M 187 -44.02 33.00 29.25
C ALA M 187 -44.78 33.74 28.15
N ALA M 188 -45.15 35.00 28.40
CA ALA M 188 -45.82 35.80 27.39
C ALA M 188 -44.94 36.00 26.17
N LEU M 189 -43.65 36.27 26.39
CA LEU M 189 -42.73 36.45 25.27
C LEU M 189 -42.63 35.18 24.45
N THR M 190 -42.56 34.02 25.13
CA THR M 190 -42.50 32.75 24.42
C THR M 190 -43.76 32.55 23.58
N ALA M 191 -44.93 32.86 24.14
CA ALA M 191 -46.18 32.74 23.39
C ALA M 191 -46.17 33.67 22.18
N ALA M 192 -45.68 34.90 22.38
CA ALA M 192 -45.63 35.85 21.28
C ALA M 192 -44.71 35.37 20.17
N ARG M 193 -43.55 34.84 20.53
CA ARG M 193 -42.64 34.31 19.52
C ARG M 193 -43.25 33.11 18.80
N THR M 194 -43.94 32.24 19.55
CA THR M 194 -44.61 31.11 18.92
C THR M 194 -45.64 31.58 17.89
N ALA M 195 -46.45 32.57 18.26
CA ALA M 195 -47.43 33.11 17.31
C ALA M 195 -46.72 33.76 16.12
N ALA M 196 -45.66 34.53 16.37
CA ALA M 196 -44.96 35.21 15.29
C ALA M 196 -44.36 34.23 14.31
N ASN M 197 -43.90 33.08 14.80
CA ASN M 197 -43.29 32.09 13.91
C ASN M 197 -44.26 31.60 12.85
N ALA M 198 -45.56 31.77 13.06
CA ALA M 198 -46.57 31.33 12.13
C ALA M 198 -46.91 32.37 11.06
N ILE M 199 -46.40 33.59 11.18
CA ILE M 199 -46.71 34.67 10.24
C ILE M 199 -45.45 35.45 9.92
N TYR M 200 -45.44 36.07 8.75
CA TYR M 200 -44.32 36.91 8.32
C TYR M 200 -44.41 38.23 9.07
N VAL M 201 -43.66 38.35 10.16
CA VAL M 201 -43.71 39.52 11.03
C VAL M 201 -43.04 40.70 10.33
N PRO M 202 -43.61 41.89 10.37
CA PRO M 202 -42.93 43.06 9.79
C PRO M 202 -41.62 43.33 10.50
N PRO M 203 -40.63 43.92 9.82
CA PRO M 203 -39.33 44.15 10.47
C PRO M 203 -39.41 44.94 11.75
N ALA M 204 -40.28 45.96 11.82
CA ALA M 204 -40.41 46.73 13.05
C ALA M 204 -40.86 45.85 14.20
N GLN M 205 -41.92 45.07 13.98
CA GLN M 205 -42.44 44.21 15.04
C GLN M 205 -41.42 43.15 15.44
N GLN M 206 -40.75 42.53 14.46
CA GLN M 206 -39.76 41.52 14.78
C GLN M 206 -38.62 42.11 15.60
N GLY M 207 -38.19 43.33 15.24
CA GLY M 207 -37.21 44.02 16.06
C GLY M 207 -37.72 44.31 17.45
N THR M 208 -39.01 44.59 17.59
CA THR M 208 -39.58 44.77 18.93
C THR M 208 -39.48 43.51 19.77
N ILE M 209 -39.85 42.36 19.20
CA ILE M 209 -39.68 41.10 19.93
C ILE M 209 -38.22 40.85 20.26
N ASP M 210 -37.31 41.12 19.31
CA ASP M 210 -35.90 40.92 19.59
C ASP M 210 -35.44 41.79 20.76
N LEU M 211 -35.83 43.06 20.74
CA LEU M 211 -35.45 43.97 21.82
C LEU M 211 -35.98 43.47 23.16
N GLN M 212 -37.26 43.11 23.21
CA GLN M 212 -37.85 42.67 24.47
C GLN M 212 -37.20 41.39 24.98
N SER M 213 -36.94 40.44 24.08
CA SER M 213 -36.30 39.20 24.48
C SER M 213 -34.91 39.47 25.03
N GLY M 214 -34.15 40.36 24.36
CA GLY M 214 -32.86 40.73 24.89
C GLY M 214 -32.97 41.33 26.28
N ILE M 215 -33.98 42.18 26.49
CA ILE M 215 -34.16 42.81 27.79
C ILE M 215 -34.41 41.75 28.87
N LEU M 216 -35.34 40.83 28.61
CA LEU M 216 -35.63 39.80 29.60
C LEU M 216 -34.40 38.94 29.88
N HIS M 217 -33.69 38.50 28.84
CA HIS M 217 -32.55 37.62 29.05
C HIS M 217 -31.43 38.35 29.80
N ALA M 218 -31.19 39.62 29.48
CA ALA M 218 -30.20 40.39 30.23
C ALA M 218 -30.61 40.52 31.69
N GLU M 219 -31.89 40.77 31.95
CA GLU M 219 -32.37 40.83 33.33
C GLU M 219 -32.01 39.56 34.09
N GLU M 220 -32.22 38.39 33.49
CA GLU M 220 -31.80 37.13 34.06
C GLU M 220 -30.29 37.03 34.24
N LYS M 221 -29.53 38.01 33.75
CA LYS M 221 -28.07 38.03 33.77
C LYS M 221 -27.46 37.13 32.69
N ASP M 222 -28.28 36.54 31.84
CA ASP M 222 -27.80 35.77 30.69
C ASP M 222 -27.46 36.73 29.56
N TYR M 223 -26.22 37.25 29.61
CA TYR M 223 -25.86 38.42 28.84
C TYR M 223 -25.54 38.12 27.38
N LYS M 224 -25.03 36.93 27.06
CA LYS M 224 -24.67 36.65 25.66
C LYS M 224 -25.90 36.47 24.78
N THR M 225 -26.96 35.87 25.33
CA THR M 225 -28.19 35.77 24.56
C THR M 225 -28.82 37.14 24.30
N GLY M 226 -28.85 38.02 25.31
CA GLY M 226 -29.35 39.37 25.08
C GLY M 226 -28.44 40.15 24.15
N TYR M 227 -27.14 39.93 24.28
CA TYR M 227 -26.18 40.32 23.24
C TYR M 227 -26.68 40.01 21.83
N SER M 228 -26.86 38.73 21.51
CA SER M 228 -27.27 38.35 20.16
C SER M 228 -28.62 38.96 19.83
N TYR M 229 -29.53 38.97 20.79
CA TYR M 229 -30.88 39.47 20.57
C TYR M 229 -30.84 40.96 20.22
N PHE M 230 -29.98 41.73 20.89
CA PHE M 230 -29.91 43.16 20.64
C PHE M 230 -29.18 43.49 19.35
N TYR M 231 -28.23 42.67 18.91
CA TYR M 231 -27.75 42.83 17.54
C TYR M 231 -28.84 42.55 16.51
N GLU M 232 -29.64 41.50 16.73
CA GLU M 232 -30.81 41.32 15.87
C GLU M 232 -31.68 42.58 15.88
N ALA M 233 -31.94 43.12 17.07
CA ALA M 233 -32.79 44.29 17.20
C ALA M 233 -32.21 45.50 16.49
N PHE M 234 -30.90 45.72 16.64
CA PHE M 234 -30.29 46.89 15.99
C PHE M 234 -30.36 46.76 14.49
N GLU M 235 -30.10 45.57 13.96
CA GLU M 235 -30.25 45.39 12.52
C GLU M 235 -31.68 45.71 12.10
N ALA M 236 -32.66 45.18 12.83
CA ALA M 236 -34.06 45.42 12.48
C ALA M 236 -34.38 46.91 12.47
N PHE M 237 -34.06 47.62 13.56
CA PHE M 237 -34.43 49.02 13.65
C PHE M 237 -33.67 49.87 12.64
N ASN M 238 -32.35 49.67 12.51
CA ASN M 238 -31.58 50.45 11.55
C ASN M 238 -32.10 50.23 10.13
N ALA M 239 -32.59 49.03 9.84
CA ALA M 239 -33.23 48.80 8.55
C ALA M 239 -34.44 49.71 8.36
N LEU M 240 -35.01 50.24 9.44
CA LEU M 240 -36.17 51.10 9.38
C LEU M 240 -35.88 52.53 9.83
N GLU M 241 -34.62 52.85 10.16
CA GLU M 241 -34.25 54.19 10.59
C GLU M 241 -35.10 54.66 11.77
N ASP M 242 -35.61 53.71 12.56
CA ASP M 242 -36.49 54.06 13.67
C ASP M 242 -35.66 54.45 14.89
N PRO M 243 -35.99 55.58 15.56
CA PRO M 243 -35.20 56.01 16.72
C PRO M 243 -34.98 54.95 17.81
N ARG M 244 -35.74 53.85 17.76
CA ARG M 244 -35.54 52.79 18.75
C ARG M 244 -34.30 51.96 18.45
N ALA M 245 -33.74 52.05 17.24
CA ALA M 245 -32.39 51.55 17.00
C ALA M 245 -31.41 52.17 17.98
N VAL M 246 -31.70 53.40 18.40
CA VAL M 246 -30.81 54.13 19.31
C VAL M 246 -30.74 53.42 20.67
N TYR M 247 -31.91 53.10 21.23
CA TYR M 247 -31.96 52.34 22.47
C TYR M 247 -31.39 50.95 22.29
N SER M 248 -31.59 50.34 21.12
CA SER M 248 -31.00 49.04 20.84
C SER M 248 -29.48 49.11 20.94
N LEU M 249 -28.90 50.17 20.37
CA LEU M 249 -27.45 50.38 20.46
C LEU M 249 -27.01 50.47 21.91
N LYS M 250 -27.75 51.25 22.71
CA LYS M 250 -27.39 51.35 24.13
C LYS M 250 -27.41 49.99 24.81
N TYR M 251 -28.45 49.20 24.56
CA TYR M 251 -28.53 47.92 25.23
C TYR M 251 -27.42 46.98 24.77
N MET M 252 -27.05 46.99 23.49
CA MET M 252 -25.92 46.17 23.07
C MET M 252 -24.66 46.59 23.84
N LEU M 253 -24.41 47.89 23.93
CA LEU M 253 -23.18 48.34 24.58
C LEU M 253 -23.18 47.97 26.07
N LEU M 254 -24.35 48.08 26.73
CA LEU M 254 -24.44 47.57 28.08
C LEU M 254 -24.04 46.10 28.15
N CYS M 255 -24.60 45.28 27.25
CA CYS M 255 -24.33 43.85 27.31
C CYS M 255 -22.84 43.57 27.14
N LYS M 256 -22.21 44.19 26.14
CA LYS M 256 -20.76 44.06 26.01
C LYS M 256 -20.01 44.49 27.26
N VAL M 257 -20.24 45.72 27.74
CA VAL M 257 -19.48 46.16 28.90
C VAL M 257 -19.64 45.18 30.05
N MET M 258 -20.81 44.54 30.15
CA MET M 258 -21.02 43.56 31.21
C MET M 258 -20.23 42.26 30.99
N VAL M 259 -19.78 41.98 29.76
CA VAL M 259 -19.07 40.73 29.48
C VAL M 259 -17.57 40.94 29.64
N ASN M 260 -17.18 42.05 30.28
CA ASN M 260 -15.78 42.35 30.52
C ASN M 260 -15.01 42.57 29.21
N GLN M 261 -15.75 42.84 28.14
CA GLN M 261 -15.15 43.11 26.83
C GLN M 261 -15.26 44.60 26.52
N ALA M 262 -15.01 45.45 27.51
CA ALA M 262 -15.23 46.88 27.35
C ALA M 262 -14.44 47.44 26.17
N ASP M 263 -13.33 46.79 25.81
CA ASP M 263 -12.55 47.26 24.67
C ASP M 263 -13.39 47.32 23.39
N ASP M 264 -14.28 46.34 23.19
CA ASP M 264 -15.07 46.29 21.96
C ASP M 264 -16.03 47.46 21.83
N VAL M 265 -16.26 48.22 22.91
CA VAL M 265 -17.16 49.37 22.82
C VAL M 265 -16.61 50.37 21.82
N ALA M 266 -15.30 50.66 21.89
CA ALA M 266 -14.71 51.60 20.94
C ALA M 266 -14.83 51.08 19.51
N GLY M 267 -14.59 49.79 19.30
CA GLY M 267 -14.73 49.23 17.96
C GLY M 267 -16.14 49.36 17.42
N ILE M 268 -17.14 49.04 18.25
CA ILE M 268 -18.53 49.13 17.81
C ILE M 268 -18.91 50.57 17.51
N ILE M 269 -18.51 51.50 18.38
CA ILE M 269 -18.87 52.90 18.17
C ILE M 269 -18.32 53.40 16.84
N SER M 270 -17.11 52.98 16.48
CA SER M 270 -16.53 53.36 15.20
C SER M 270 -17.23 52.70 14.01
N SER M 271 -18.12 51.75 14.26
CA SER M 271 -18.82 51.08 13.18
C SER M 271 -19.66 52.09 12.38
N LYS M 272 -19.88 51.76 11.10
CA LYS M 272 -20.62 52.66 10.22
C LYS M 272 -21.99 52.98 10.79
N ALA M 273 -22.71 51.98 11.30
CA ALA M 273 -24.01 52.22 11.90
C ALA M 273 -23.91 53.13 13.12
N GLY M 274 -22.90 52.93 13.97
CA GLY M 274 -22.74 53.79 15.13
C GLY M 274 -22.48 55.23 14.74
N LEU M 275 -21.64 55.45 13.73
CA LEU M 275 -21.34 56.81 13.30
C LEU M 275 -22.60 57.54 12.86
N GLN M 276 -23.57 56.83 12.31
CA GLN M 276 -24.82 57.47 11.91
C GLN M 276 -25.61 57.97 13.10
N TYR M 277 -25.36 57.39 14.29
CA TYR M 277 -26.18 57.64 15.47
C TYR M 277 -25.37 58.25 16.61
N LEU M 278 -24.34 59.04 16.29
CA LEU M 278 -23.58 59.72 17.32
C LEU M 278 -24.50 60.58 18.16
N GLY M 279 -24.40 60.46 19.48
CA GLY M 279 -25.29 61.18 20.38
C GLY M 279 -24.73 61.27 21.78
N PRO M 280 -25.33 62.14 22.60
CA PRO M 280 -24.86 62.27 23.98
C PRO M 280 -24.92 60.96 24.75
N ASP M 281 -25.94 60.14 24.46
CA ASP M 281 -26.05 58.83 25.10
C ASP M 281 -24.90 57.92 24.69
N LEU M 282 -24.54 57.94 23.41
CA LEU M 282 -23.39 57.15 22.97
C LEU M 282 -22.12 57.62 23.66
N ASP M 283 -21.99 58.93 23.87
CA ASP M 283 -20.87 59.45 24.65
C ASP M 283 -20.93 58.90 26.07
N ALA M 284 -22.13 58.79 26.65
CA ALA M 284 -22.28 58.16 27.95
C ALA M 284 -21.73 56.74 27.93
N MET M 285 -22.10 55.98 26.90
CA MET M 285 -21.65 54.60 26.80
C MET M 285 -20.13 54.53 26.64
N LYS M 286 -19.55 55.41 25.82
CA LYS M 286 -18.10 55.45 25.67
C LYS M 286 -17.41 55.79 26.98
N ALA M 287 -17.97 56.74 27.74
CA ALA M 287 -17.39 57.08 29.04
C ALA M 287 -17.48 55.91 30.00
N ILE M 288 -18.60 55.19 29.99
CA ILE M 288 -18.75 54.00 30.82
C ILE M 288 -17.69 52.97 30.46
N ALA M 289 -17.49 52.75 29.15
CA ALA M 289 -16.48 51.81 28.71
C ALA M 289 -15.09 52.26 29.14
N ASP M 290 -14.79 53.55 29.02
CA ASP M 290 -13.50 54.06 29.45
C ASP M 290 -13.28 53.82 30.93
N ALA M 291 -14.30 54.10 31.75
CA ALA M 291 -14.21 53.80 33.17
C ALA M 291 -13.92 52.32 33.40
N TYR M 292 -14.64 51.45 32.69
CA TYR M 292 -14.43 50.02 32.84
C TYR M 292 -13.02 49.61 32.43
N SER M 293 -12.44 50.32 31.46
CA SER M 293 -11.18 49.89 30.88
C SER M 293 -10.02 50.03 31.86
N LYS M 294 -9.90 51.19 32.51
CA LYS M 294 -8.78 51.43 33.40
C LYS M 294 -9.03 50.94 34.81
N ARG M 295 -10.24 50.45 35.10
CA ARG M 295 -10.55 49.88 36.42
C ARG M 295 -10.46 50.95 37.51
N SER M 296 -11.26 52.00 37.36
CA SER M 296 -11.32 53.10 38.30
C SER M 296 -12.77 53.52 38.47
N LEU M 297 -13.18 53.72 39.72
CA LEU M 297 -14.59 54.00 40.01
C LEU M 297 -14.92 55.47 39.83
N LYS M 298 -13.96 56.34 40.11
CA LYS M 298 -14.24 57.76 40.24
C LYS M 298 -14.89 58.30 38.97
N LEU M 299 -14.33 57.96 37.81
CA LEU M 299 -14.96 58.40 36.57
C LEU M 299 -16.29 57.70 36.34
N PHE M 300 -16.55 56.58 37.01
CA PHE M 300 -17.88 55.99 36.92
C PHE M 300 -18.91 56.87 37.61
N GLU M 301 -18.62 57.34 38.83
CA GLU M 301 -19.51 58.35 39.40
C GLU M 301 -19.55 59.61 38.56
N ALA M 302 -18.42 60.00 37.98
CA ALA M 302 -18.38 61.21 37.17
C ALA M 302 -19.31 61.09 35.97
N SER M 303 -19.34 59.94 35.32
CA SER M 303 -20.22 59.75 34.17
C SER M 303 -21.66 59.58 34.60
N LEU M 304 -21.90 58.92 35.74
CA LEU M 304 -23.26 58.80 36.25
C LEU M 304 -23.85 60.17 36.51
N VAL M 305 -23.07 61.07 37.11
CA VAL M 305 -23.54 62.44 37.32
C VAL M 305 -23.66 63.17 36.00
N ASN M 306 -22.66 63.06 35.14
CA ASN M 306 -22.64 63.79 33.88
C ASN M 306 -23.80 63.38 32.98
N PHE M 307 -24.03 62.08 32.85
CA PHE M 307 -25.02 61.54 31.92
C PHE M 307 -26.28 61.07 32.65
N LYS M 308 -26.68 61.82 33.69
CA LYS M 308 -27.89 61.46 34.43
C LYS M 308 -29.09 61.32 33.50
N ALA M 309 -29.31 62.30 32.63
CA ALA M 309 -30.44 62.24 31.71
C ALA M 309 -30.40 60.98 30.86
N GLN M 310 -29.20 60.43 30.66
CA GLN M 310 -29.03 59.29 29.76
C GLN M 310 -29.17 57.95 30.47
N LEU M 311 -28.79 57.86 31.74
CA LEU M 311 -28.58 56.56 32.39
C LEU M 311 -29.69 56.18 33.37
N GLN M 312 -29.96 57.02 34.37
CA GLN M 312 -30.85 56.64 35.46
C GLN M 312 -32.32 56.61 35.07
N GLU M 313 -32.80 57.60 34.31
CA GLU M 313 -34.22 57.62 33.95
C GLU M 313 -34.59 56.49 33.00
N ASP M 314 -33.61 55.80 32.43
CA ASP M 314 -33.88 54.59 31.68
C ASP M 314 -34.05 53.45 32.67
N PRO M 315 -35.27 52.94 32.90
CA PRO M 315 -35.44 51.91 33.93
C PRO M 315 -34.60 50.68 33.69
N ILE M 316 -34.41 50.28 32.45
CA ILE M 316 -33.61 49.10 32.15
C ILE M 316 -32.16 49.32 32.56
N ILE M 317 -31.57 50.44 32.14
CA ILE M 317 -30.17 50.71 32.47
C ILE M 317 -29.97 50.79 33.97
N HIS M 318 -30.88 51.51 34.65
CA HIS M 318 -30.77 51.67 36.10
C HIS M 318 -30.74 50.33 36.81
N ARG M 319 -31.45 49.33 36.27
CA ARG M 319 -31.57 48.05 36.94
C ARG M 319 -30.27 47.26 36.89
N HIS M 320 -29.31 47.67 36.06
CA HIS M 320 -28.00 47.03 36.02
C HIS M 320 -26.87 47.98 36.39
N LEU M 321 -27.17 49.27 36.55
CA LEU M 321 -26.16 50.20 37.04
C LEU M 321 -25.54 49.71 38.34
N SER M 322 -26.36 49.11 39.21
CA SER M 322 -25.83 48.62 40.49
C SER M 322 -24.78 47.54 40.27
N SER M 323 -25.09 46.56 39.42
CA SER M 323 -24.13 45.49 39.17
C SER M 323 -22.87 46.01 38.50
N LEU M 324 -23.03 46.96 37.56
CA LEU M 324 -21.85 47.54 36.92
C LEU M 324 -20.99 48.29 37.92
N TYR M 325 -21.62 49.08 38.79
CA TYR M 325 -20.92 49.73 39.90
C TYR M 325 -20.13 48.71 40.71
N ASP M 326 -20.78 47.61 41.08
CA ASP M 326 -20.12 46.59 41.88
C ASP M 326 -18.91 46.01 41.16
N THR M 327 -19.10 45.64 39.89
CA THR M 327 -17.99 45.04 39.15
C THR M 327 -16.84 46.02 39.00
N LEU M 328 -17.14 47.29 38.80
CA LEU M 328 -16.08 48.30 38.73
C LEU M 328 -15.34 48.40 40.06
N LEU M 329 -16.07 48.39 41.17
CA LEU M 329 -15.41 48.31 42.47
C LEU M 329 -14.45 47.13 42.51
N GLU M 330 -14.94 45.96 42.10
CA GLU M 330 -14.14 44.74 42.21
C GLU M 330 -12.87 44.85 41.39
N GLN M 331 -12.99 45.33 40.15
CA GLN M 331 -11.84 45.30 39.26
C GLN M 331 -10.85 46.41 39.60
N ASN M 332 -11.34 47.56 40.06
CA ASN M 332 -10.44 48.59 40.56
C ASN M 332 -9.70 48.10 41.80
N LEU M 333 -10.40 47.38 42.68
CA LEU M 333 -9.73 46.79 43.85
C LEU M 333 -8.64 45.83 43.40
N CYS M 334 -8.94 44.98 42.41
CA CYS M 334 -7.93 44.05 41.91
C CYS M 334 -6.72 44.79 41.37
N ARG M 335 -6.95 45.88 40.62
CA ARG M 335 -5.85 46.74 40.21
C ARG M 335 -5.05 47.24 41.42
N LEU M 336 -5.75 47.70 42.44
CA LEU M 336 -5.10 48.34 43.58
C LEU M 336 -4.27 47.37 44.41
N ILE M 337 -4.69 46.11 44.49
CA ILE M 337 -4.02 45.15 45.37
C ILE M 337 -2.76 44.56 44.73
N GLU M 338 -2.64 44.61 43.41
CA GLU M 338 -1.52 43.96 42.74
C GLU M 338 -0.16 44.48 43.21
N PRO M 339 0.05 45.78 43.42
CA PRO M 339 1.39 46.25 43.84
C PRO M 339 1.83 45.78 45.22
N PHE M 340 1.06 44.94 45.90
CA PHE M 340 1.39 44.49 47.25
C PHE M 340 1.23 42.98 47.37
N SER M 341 1.92 42.41 48.36
CA SER M 341 1.57 41.10 48.89
C SER M 341 1.06 41.20 50.32
N LYS M 342 1.39 42.30 51.01
CA LYS M 342 0.80 42.65 52.30
C LYS M 342 0.43 44.13 52.22
N VAL M 343 -0.69 44.49 52.86
CA VAL M 343 -1.21 45.85 52.77
C VAL M 343 -2.07 46.13 53.99
N GLU M 344 -2.19 47.40 54.35
CA GLU M 344 -3.07 47.81 55.45
C GLU M 344 -4.42 48.26 54.90
N ILE M 345 -5.49 47.81 55.54
CA ILE M 345 -6.83 48.03 55.00
C ILE M 345 -7.16 49.51 54.93
N SER M 346 -6.82 50.28 55.98
CA SER M 346 -7.10 51.72 55.95
C SER M 346 -6.38 52.40 54.80
N HIS M 347 -5.19 51.92 54.45
CA HIS M 347 -4.49 52.44 53.28
C HIS M 347 -5.31 52.21 52.02
N ILE M 348 -5.88 51.02 51.87
CA ILE M 348 -6.76 50.75 50.73
C ILE M 348 -7.95 51.70 50.75
N ALA M 349 -8.55 51.89 51.94
CA ALA M 349 -9.68 52.81 52.05
C ALA M 349 -9.33 54.19 51.55
N GLU M 350 -8.25 54.78 52.06
CA GLU M 350 -7.87 56.13 51.64
C GLU M 350 -7.57 56.16 50.15
N LEU M 351 -6.87 55.15 49.63
CA LEU M 351 -6.64 55.10 48.19
C LEU M 351 -7.95 55.16 47.42
N ILE M 352 -8.95 54.38 47.85
CA ILE M 352 -10.26 54.39 47.19
C ILE M 352 -11.22 55.37 47.86
N GLU M 353 -10.82 55.97 48.98
CA GLU M 353 -11.66 56.93 49.71
C GLU M 353 -13.06 56.38 49.96
N LEU M 354 -13.14 55.09 50.29
CA LEU M 354 -14.34 54.48 50.83
C LEU M 354 -14.08 54.03 52.27
N PRO M 355 -15.10 54.02 53.12
CA PRO M 355 -14.85 53.76 54.55
C PRO M 355 -14.19 52.42 54.78
N VAL M 356 -13.30 52.38 55.78
CA VAL M 356 -12.48 51.19 56.03
C VAL M 356 -13.37 49.98 56.26
N ASP M 357 -14.53 50.17 56.89
CA ASP M 357 -15.40 49.04 57.20
C ASP M 357 -15.99 48.42 55.94
N HIS M 358 -16.47 49.24 55.01
CA HIS M 358 -16.96 48.70 53.75
C HIS M 358 -15.86 47.99 52.97
N VAL M 359 -14.64 48.55 52.97
CA VAL M 359 -13.53 47.90 52.30
C VAL M 359 -13.26 46.54 52.94
N GLU M 360 -13.23 46.49 54.27
CA GLU M 360 -12.98 45.23 54.96
C GLU M 360 -14.05 44.20 54.59
N ARG M 361 -15.32 44.59 54.67
CA ARG M 361 -16.40 43.65 54.37
C ARG M 361 -16.32 43.17 52.93
N LYS M 362 -16.06 44.07 51.99
CA LYS M 362 -16.11 43.68 50.59
C LYS M 362 -14.89 42.83 50.21
N LEU M 363 -13.72 43.13 50.78
CA LEU M 363 -12.57 42.25 50.59
C LEU M 363 -12.82 40.89 51.20
N SER M 364 -13.49 40.85 52.35
CA SER M 364 -13.88 39.56 52.92
C SER M 364 -14.78 38.80 51.96
N GLN M 365 -15.74 39.49 51.34
CA GLN M 365 -16.60 38.84 50.35
C GLN M 365 -15.79 38.34 49.16
N MET M 366 -14.84 39.16 48.69
CA MET M 366 -14.03 38.76 47.55
C MET M 366 -13.23 37.49 47.85
N ILE M 367 -12.62 37.44 49.04
CA ILE M 367 -11.91 36.23 49.45
C ILE M 367 -12.86 35.06 49.57
N LEU M 368 -14.04 35.30 50.13
CA LEU M 368 -15.07 34.27 50.17
C LEU M 368 -15.48 33.87 48.75
N ASP M 369 -15.56 34.85 47.84
CA ASP M 369 -15.74 34.55 46.42
C ASP M 369 -14.44 34.17 45.74
N LYS M 370 -13.32 34.17 46.46
CA LYS M 370 -12.06 33.59 45.98
C LYS M 370 -11.58 34.25 44.69
N LYS M 371 -11.95 35.53 44.51
CA LYS M 371 -11.46 36.30 43.33
C LYS M 371 -9.98 36.75 43.49
N PHE M 372 -9.60 37.90 42.91
CA PHE M 372 -8.20 38.40 42.97
C PHE M 372 -7.68 38.30 44.42
N ALA M 373 -6.44 37.87 44.59
CA ALA M 373 -5.88 37.59 45.95
C ALA M 373 -5.99 38.79 46.89
N GLY M 374 -6.00 38.52 48.20
CA GLY M 374 -6.05 39.62 49.20
C GLY M 374 -6.67 39.18 50.52
N THR M 375 -6.12 39.64 51.68
CA THR M 375 -6.63 39.16 53.00
C THR M 375 -6.11 40.02 54.17
N LEU M 376 -6.81 41.10 54.53
CA LEU M 376 -6.35 42.04 55.59
C LEU M 376 -6.23 41.34 56.95
N ASP M 377 -5.28 41.77 57.80
CA ASP M 377 -5.07 41.18 59.16
C ASP M 377 -6.28 41.45 60.07
N GLN M 378 -6.29 40.86 61.27
CA GLN M 378 -7.49 40.99 62.16
C GLN M 378 -7.80 42.47 62.38
N GLY M 379 -6.79 43.29 62.67
CA GLY M 379 -7.02 44.73 62.81
C GLY M 379 -5.75 45.53 62.59
N ALA M 380 -4.69 44.88 62.09
CA ALA M 380 -3.40 45.59 61.93
C ALA M 380 -3.22 46.10 60.51
N GLY M 381 -4.15 45.76 59.61
CA GLY M 381 -3.95 46.12 58.20
C GLY M 381 -2.78 45.34 57.65
N CYS M 382 -2.96 44.03 57.43
CA CYS M 382 -1.89 43.19 56.84
C CYS M 382 -2.50 42.18 55.87
N LEU M 383 -2.47 42.48 54.57
CA LEU M 383 -3.02 41.57 53.54
C LEU M 383 -2.22 40.25 53.53
N ILE M 384 -2.90 39.12 53.30
CA ILE M 384 -2.21 37.80 53.28
C ILE M 384 -2.20 37.26 51.84
N ILE M 385 -2.40 38.12 50.84
CA ILE M 385 -2.30 37.66 49.42
C ILE M 385 -0.89 37.14 49.21
N PHE M 386 -0.75 35.85 48.91
CA PHE M 386 0.61 35.27 48.78
C PHE M 386 0.53 33.98 47.96
N ASP M 387 0.86 34.03 46.66
CA ASP M 387 0.76 32.83 45.78
C ASP M 387 1.62 32.97 44.51
N ASP M 388 1.79 31.88 43.74
CA ASP M 388 2.58 31.91 42.48
C ASP M 388 1.92 31.00 41.44
N HIS M 389 2.25 31.19 40.16
CA HIS M 389 1.60 30.39 39.08
C HIS M 389 2.60 29.34 38.56
N LYS M 390 2.32 28.06 38.82
CA LYS M 390 3.26 26.97 38.40
C LYS M 390 2.48 25.67 38.14
N THR M 391 1.76 25.61 37.01
CA THR M 391 1.21 24.33 36.50
C THR M 391 2.33 23.29 36.59
N GLU M 392 2.09 22.17 37.26
CA GLU M 392 3.22 21.21 37.47
C GLU M 392 3.09 19.91 36.67
N ASP M 393 4.11 19.58 35.87
CA ASP M 393 4.08 18.25 35.27
C ASP M 393 3.84 17.16 36.31
N ILE M 394 4.18 17.44 37.57
CA ILE M 394 4.34 16.40 38.57
C ILE M 394 2.99 15.81 38.97
N TYR M 395 1.96 16.64 39.13
CA TYR M 395 0.68 16.13 39.59
C TYR M 395 0.01 15.26 38.54
N GLU M 396 -0.03 15.74 37.30
CA GLU M 396 -0.50 14.92 36.20
C GLU M 396 0.36 13.67 36.07
N ALA M 397 1.66 13.80 36.33
CA ALA M 397 2.57 12.65 36.26
C ALA M 397 2.16 11.57 37.26
N THR M 398 1.89 11.96 38.50
CA THR M 398 1.48 10.99 39.50
C THR M 398 0.13 10.38 39.14
N LEU M 399 -0.78 11.18 38.58
CA LEU M 399 -2.05 10.60 38.11
C LEU M 399 -1.80 9.54 37.04
N ASP M 400 -0.96 9.85 36.06
CA ASP M 400 -0.61 8.86 35.05
C ASP M 400 -0.11 7.59 35.70
N THR M 401 0.87 7.72 36.60
CA THR M 401 1.46 6.53 37.21
C THR M 401 0.43 5.73 37.98
N ILE M 402 -0.46 6.41 38.71
CA ILE M 402 -1.45 5.68 39.50
C ILE M 402 -2.38 4.89 38.60
N SER M 403 -2.87 5.52 37.53
CA SER M 403 -3.75 4.80 36.61
C SER M 403 -3.03 3.64 35.94
N ASN M 404 -1.80 3.87 35.49
CA ASN M 404 -1.06 2.83 34.79
C ASN M 404 -0.74 1.66 35.72
N VAL M 405 -0.42 1.95 36.98
CA VAL M 405 -0.13 0.88 37.93
C VAL M 405 -1.41 0.11 38.27
N ALA M 406 -2.53 0.82 38.38
CA ALA M 406 -3.79 0.13 38.61
C ALA M 406 -4.08 -0.85 37.48
N LYS M 407 -3.80 -0.45 36.24
CA LYS M 407 -4.06 -1.35 35.12
C LYS M 407 -3.01 -2.46 35.04
N VAL M 408 -1.79 -2.17 35.49
CA VAL M 408 -0.79 -3.23 35.65
C VAL M 408 -1.29 -4.29 36.61
N VAL M 409 -1.89 -3.87 37.72
CA VAL M 409 -2.42 -4.82 38.70
C VAL M 409 -3.60 -5.58 38.10
N ASP M 410 -4.42 -4.89 37.31
CA ASP M 410 -5.50 -5.57 36.59
C ASP M 410 -4.95 -6.71 35.73
N SER M 411 -3.95 -6.39 34.90
CA SER M 411 -3.36 -7.41 34.03
C SER M 411 -2.71 -8.52 34.86
N LEU M 412 -2.05 -8.17 35.96
CA LEU M 412 -1.42 -9.17 36.80
C LEU M 412 -2.45 -10.15 37.35
N PHE M 413 -3.54 -9.64 37.91
CA PHE M 413 -4.56 -10.52 38.47
C PHE M 413 -5.19 -11.38 37.38
N VAL M 414 -5.49 -10.79 36.22
CA VAL M 414 -6.12 -11.56 35.15
C VAL M 414 -5.20 -12.68 34.69
N ARG M 415 -3.92 -12.37 34.46
CA ARG M 415 -3.01 -13.37 33.93
C ARG M 415 -2.61 -14.37 35.00
N SER M 416 -2.68 -13.99 36.27
CA SER M 416 -2.53 -14.96 37.35
C SER M 416 -3.70 -15.95 37.37
N ALA M 417 -4.92 -15.43 37.25
CA ALA M 417 -6.08 -16.30 37.07
C ALA M 417 -5.85 -17.25 35.91
N LYS M 418 -5.23 -16.75 34.84
CA LYS M 418 -4.90 -17.62 33.73
C LYS M 418 -3.89 -18.71 34.11
N ILE M 419 -2.82 -18.36 34.84
CA ILE M 419 -1.84 -19.39 35.18
C ILE M 419 -2.46 -20.47 36.06
N MET M 420 -3.28 -20.11 37.05
CA MET M 420 -3.93 -21.14 37.85
C MET M 420 -4.91 -21.98 37.06
N ALA M 421 -5.29 -21.55 35.86
CA ALA M 421 -6.19 -22.33 35.01
C ALA M 421 -5.38 -23.17 34.02
N MET N 1 -38.13 99.88 -22.62
CA MET N 1 -38.89 98.77 -22.06
C MET N 1 -39.62 98.01 -23.15
N ASP N 2 -38.88 97.67 -24.22
CA ASP N 2 -39.43 96.93 -25.34
C ASP N 2 -38.60 95.72 -25.73
N ASN N 3 -37.48 95.47 -25.06
CA ASN N 3 -36.60 94.36 -25.43
C ASN N 3 -37.15 93.01 -25.01
N GLY N 4 -38.04 92.96 -24.02
CA GLY N 4 -38.50 91.66 -23.52
C GLY N 4 -39.19 90.85 -24.60
N GLY N 5 -40.05 91.48 -25.40
CA GLY N 5 -40.70 90.77 -26.47
C GLY N 5 -39.73 90.20 -27.49
N ASN N 6 -38.75 91.00 -27.90
CA ASN N 6 -37.72 90.50 -28.82
C ASN N 6 -36.95 89.34 -28.21
N LEU N 7 -36.59 89.44 -26.93
CA LEU N 7 -35.87 88.36 -26.28
C LEU N 7 -36.67 87.08 -26.28
N GLU N 8 -37.95 87.15 -25.88
CA GLU N 8 -38.76 85.94 -25.82
C GLU N 8 -38.97 85.34 -27.21
N ALA N 9 -39.21 86.20 -28.21
CA ALA N 9 -39.41 85.69 -29.57
C ALA N 9 -38.15 85.00 -30.08
N GLN N 10 -36.98 85.62 -29.87
CA GLN N 10 -35.74 85.02 -30.31
C GLN N 10 -35.47 83.72 -29.58
N ILE N 11 -35.76 83.67 -28.28
CA ILE N 11 -35.58 82.43 -27.53
C ILE N 11 -36.48 81.34 -28.07
N ASP N 12 -37.72 81.69 -28.40
CA ASP N 12 -38.64 80.70 -28.96
C ASP N 12 -38.14 80.18 -30.31
N ALA N 13 -37.65 81.08 -31.16
CA ALA N 13 -37.15 80.65 -32.46
C ALA N 13 -35.94 79.73 -32.29
N LEU N 14 -35.02 80.10 -31.41
CA LEU N 14 -33.85 79.25 -31.17
C LEU N 14 -34.26 77.91 -30.57
N LEU N 15 -35.29 77.91 -29.72
CA LEU N 15 -35.80 76.64 -29.17
C LEU N 15 -36.39 75.77 -30.26
N ASN N 16 -37.11 76.36 -31.21
CA ASN N 16 -37.63 75.58 -32.33
C ASN N 16 -36.50 74.97 -33.14
N VAL N 17 -35.47 75.76 -33.44
CA VAL N 17 -34.32 75.23 -34.17
C VAL N 17 -33.63 74.13 -33.37
N GLU N 18 -33.55 74.32 -32.05
CA GLU N 18 -32.92 73.33 -31.19
C GLU N 18 -33.71 72.02 -31.20
N LYS N 19 -35.04 72.12 -31.15
CA LYS N 19 -35.86 70.92 -31.23
C LYS N 19 -35.66 70.22 -32.57
N GLN N 20 -35.62 70.98 -33.65
CA GLN N 20 -35.39 70.39 -34.97
C GLN N 20 -34.07 69.62 -35.00
N MET N 21 -33.00 70.27 -34.57
CA MET N 21 -31.68 69.62 -34.59
C MET N 21 -31.64 68.42 -33.66
N ARG N 22 -32.22 68.53 -32.47
CA ARG N 22 -32.20 67.43 -31.51
C ARG N 22 -32.96 66.22 -32.04
N LEU N 23 -34.11 66.44 -32.66
CA LEU N 23 -34.81 65.34 -33.31
C LEU N 23 -34.00 64.81 -34.49
N ALA N 24 -33.22 65.67 -35.15
CA ALA N 24 -32.33 65.23 -36.22
C ALA N 24 -31.09 64.50 -35.70
N GLY N 25 -30.79 64.61 -34.40
CA GLY N 25 -29.64 63.93 -33.85
C GLY N 25 -28.31 64.60 -34.11
N ASP N 26 -28.31 65.87 -34.54
CA ASP N 26 -27.07 66.58 -34.83
C ASP N 26 -26.52 67.17 -33.52
N VAL N 27 -25.40 66.63 -33.06
CA VAL N 27 -24.79 67.12 -31.82
C VAL N 27 -24.34 68.57 -31.99
N ALA N 28 -23.64 68.86 -33.09
CA ALA N 28 -23.09 70.19 -33.29
C ALA N 28 -24.18 71.24 -33.39
N GLY N 29 -25.23 70.95 -34.16
CA GLY N 29 -26.30 71.93 -34.32
C GLY N 29 -27.01 72.23 -33.01
N THR N 30 -27.37 71.19 -32.27
CA THR N 30 -28.04 71.39 -30.99
C THR N 30 -27.15 72.14 -30.02
N ARG N 31 -25.86 71.78 -29.95
CA ARG N 31 -24.94 72.45 -29.05
C ARG N 31 -24.82 73.94 -29.41
N LYS N 32 -24.69 74.24 -30.71
CA LYS N 32 -24.57 75.62 -31.14
C LYS N 32 -25.85 76.40 -30.84
N ALA N 33 -27.01 75.79 -31.06
CA ALA N 33 -28.26 76.47 -30.77
C ALA N 33 -28.39 76.78 -29.28
N ALA N 34 -28.03 75.82 -28.42
CA ALA N 34 -28.07 76.06 -26.99
C ALA N 34 -27.10 77.17 -26.59
N CYS N 35 -25.90 77.16 -27.17
CA CYS N 35 -24.94 78.22 -26.87
C CYS N 35 -25.46 79.57 -27.32
N ASP N 36 -26.14 79.62 -28.46
CA ASP N 36 -26.74 80.86 -28.93
C ASP N 36 -27.81 81.35 -27.97
N ILE N 37 -28.64 80.44 -27.47
CA ILE N 37 -29.68 80.81 -26.51
C ILE N 37 -29.03 81.39 -25.25
N LEU N 38 -27.98 80.72 -24.76
CA LEU N 38 -27.30 81.21 -23.57
C LEU N 38 -26.67 82.57 -23.81
N ASP N 39 -26.08 82.78 -24.99
CA ASP N 39 -25.51 84.09 -25.31
C ASP N 39 -26.58 85.17 -25.34
N LEU N 40 -27.73 84.87 -25.96
CA LEU N 40 -28.81 85.84 -25.98
C LEU N 40 -29.27 86.19 -24.57
N CYS N 41 -29.45 85.17 -23.72
CA CYS N 41 -29.89 85.43 -22.35
C CYS N 41 -28.87 86.25 -21.59
N PHE N 42 -27.58 85.92 -21.72
CA PHE N 42 -26.54 86.64 -20.99
C PHE N 42 -26.45 88.09 -21.44
N GLN N 43 -26.35 88.32 -22.75
CA GLN N 43 -26.16 89.68 -23.25
C GLN N 43 -27.28 90.61 -22.77
N SER N 44 -28.47 90.06 -22.55
CA SER N 44 -29.58 90.83 -22.03
C SER N 44 -29.58 90.94 -20.51
N LYS N 45 -28.57 90.38 -19.83
CA LYS N 45 -28.48 90.38 -18.37
C LYS N 45 -29.79 89.99 -17.72
N ALA N 46 -30.58 89.15 -18.39
CA ALA N 46 -31.83 88.63 -17.84
C ALA N 46 -31.52 87.30 -17.15
N TRP N 47 -30.97 87.40 -15.94
CA TRP N 47 -30.49 86.21 -15.24
C TRP N 47 -31.61 85.24 -14.92
N LYS N 48 -32.77 85.75 -14.50
CA LYS N 48 -33.88 84.87 -14.16
C LYS N 48 -34.32 84.04 -15.37
N THR N 49 -34.47 84.69 -16.52
CA THR N 49 -34.83 83.97 -17.73
C THR N 49 -33.72 83.01 -18.16
N LEU N 50 -32.46 83.40 -17.95
CA LEU N 50 -31.34 82.50 -18.23
C LEU N 50 -31.49 81.22 -17.43
N ASN N 51 -31.74 81.35 -16.12
CA ASN N 51 -31.87 80.17 -15.27
C ASN N 51 -33.07 79.34 -15.68
N ASP N 52 -34.19 80.00 -15.98
CA ASP N 52 -35.38 79.27 -16.40
C ASP N 52 -35.12 78.47 -17.67
N GLN N 53 -34.46 79.10 -18.65
CA GLN N 53 -34.14 78.41 -19.90
C GLN N 53 -33.19 77.26 -19.66
N ILE N 54 -32.19 77.45 -18.80
CA ILE N 54 -31.25 76.38 -18.49
C ILE N 54 -32.00 75.18 -17.93
N VAL N 55 -32.89 75.42 -16.96
CA VAL N 55 -33.64 74.33 -16.36
C VAL N 55 -34.52 73.64 -17.41
N VAL N 56 -35.20 74.45 -18.24
CA VAL N 56 -36.12 73.89 -19.23
C VAL N 56 -35.36 72.97 -20.18
N LEU N 57 -34.23 73.45 -20.72
CA LEU N 57 -33.46 72.63 -21.66
C LEU N 57 -32.88 71.41 -20.97
N SER N 58 -32.49 71.54 -19.70
CA SER N 58 -31.94 70.40 -18.98
C SER N 58 -33.00 69.32 -18.73
N LYS N 59 -34.25 69.71 -18.61
CA LYS N 59 -35.31 68.77 -18.27
C LYS N 59 -36.03 68.21 -19.50
N ARG N 60 -35.58 68.51 -20.71
CA ARG N 60 -36.26 68.05 -21.91
C ARG N 60 -36.03 66.56 -22.14
N ARG N 61 -37.04 65.90 -22.70
CA ARG N 61 -36.99 64.47 -22.97
C ARG N 61 -36.05 64.16 -24.13
N GLY N 62 -34.91 63.54 -23.83
CA GLY N 62 -33.99 63.09 -24.86
C GLY N 62 -32.91 64.08 -25.25
N GLN N 63 -32.50 64.95 -24.34
CA GLN N 63 -31.43 65.90 -24.64
C GLN N 63 -30.10 65.19 -24.79
N LEU N 64 -29.27 65.69 -25.71
CA LEU N 64 -27.95 65.11 -25.94
C LEU N 64 -26.98 65.51 -24.84
N LYS N 65 -26.02 64.64 -24.55
CA LYS N 65 -25.08 64.89 -23.47
C LYS N 65 -24.18 66.09 -23.77
N GLN N 66 -23.66 66.17 -25.01
CA GLN N 66 -22.65 67.17 -25.32
C GLN N 66 -23.23 68.57 -25.33
N ALA N 67 -24.46 68.74 -25.81
CA ALA N 67 -25.09 70.05 -25.77
C ALA N 67 -25.22 70.54 -24.33
N VAL N 68 -25.67 69.67 -23.42
CA VAL N 68 -25.78 70.05 -22.02
C VAL N 68 -24.41 70.35 -21.43
N THR N 69 -23.39 69.57 -21.81
CA THR N 69 -22.04 69.83 -21.33
C THR N 69 -21.58 71.23 -21.73
N ALA N 70 -21.78 71.59 -22.99
CA ALA N 70 -21.39 72.91 -23.45
C ALA N 70 -22.19 74.00 -22.74
N MET N 71 -23.49 73.78 -22.57
CA MET N 71 -24.31 74.75 -21.85
C MET N 71 -23.78 74.98 -20.44
N VAL N 72 -23.48 73.90 -19.72
CA VAL N 72 -23.04 74.04 -18.33
C VAL N 72 -21.67 74.68 -18.27
N GLN N 73 -20.77 74.31 -19.18
CA GLN N 73 -19.45 74.94 -19.19
C GLN N 73 -19.55 76.43 -19.44
N GLN N 74 -20.39 76.83 -20.40
CA GLN N 74 -20.54 78.26 -20.69
C GLN N 74 -21.21 78.98 -19.52
N ALA N 75 -22.18 78.32 -18.88
CA ALA N 75 -22.83 78.92 -17.71
C ALA N 75 -21.84 79.15 -16.57
N MET N 76 -20.95 78.18 -16.33
CA MET N 76 -19.88 78.40 -15.37
C MET N 76 -18.98 79.54 -15.81
N GLY N 77 -18.69 79.63 -17.10
CA GLY N 77 -17.95 80.76 -17.63
C GLY N 77 -18.63 82.09 -17.37
N TYR N 78 -19.96 82.09 -17.26
CA TYR N 78 -20.69 83.32 -16.99
C TYR N 78 -20.68 83.74 -15.53
N ILE N 79 -20.26 82.84 -14.62
CA ILE N 79 -20.40 83.12 -13.20
C ILE N 79 -19.56 84.31 -12.78
N ASP N 80 -18.33 84.41 -13.28
CA ASP N 80 -17.42 85.47 -12.86
C ASP N 80 -17.87 86.86 -13.27
N GLN N 81 -18.50 87.00 -14.44
CA GLN N 81 -18.85 88.31 -14.98
C GLN N 81 -20.15 88.86 -14.43
N THR N 82 -20.86 88.11 -13.60
CA THR N 82 -22.15 88.59 -13.08
C THR N 82 -21.90 89.65 -12.00
N PRO N 83 -22.78 90.65 -11.86
CA PRO N 83 -22.51 91.73 -10.89
C PRO N 83 -22.99 91.45 -9.48
N ASP N 84 -24.00 90.63 -9.27
CA ASP N 84 -24.69 90.52 -7.99
C ASP N 84 -24.36 89.20 -7.32
N LEU N 85 -24.03 89.27 -6.02
CA LEU N 85 -23.74 88.07 -5.26
C LEU N 85 -25.01 87.20 -5.12
N ASP N 86 -26.17 87.83 -4.93
CA ASP N 86 -27.40 87.07 -4.88
C ASP N 86 -27.65 86.35 -6.20
N ILE N 87 -27.40 87.03 -7.32
CA ILE N 87 -27.51 86.38 -8.62
C ILE N 87 -26.48 85.27 -8.74
N ARG N 88 -25.28 85.48 -8.19
CA ARG N 88 -24.29 84.40 -8.18
C ARG N 88 -24.85 83.17 -7.49
N VAL N 89 -25.43 83.35 -6.30
CA VAL N 89 -25.93 82.20 -5.54
C VAL N 89 -27.08 81.54 -6.29
N GLU N 90 -27.99 82.33 -6.85
CA GLU N 90 -29.13 81.74 -7.56
C GLU N 90 -28.68 80.97 -8.78
N LEU N 91 -27.77 81.54 -9.57
CA LEU N 91 -27.26 80.86 -10.76
C LEU N 91 -26.53 79.58 -10.36
N ILE N 92 -25.72 79.65 -9.30
CA ILE N 92 -25.00 78.47 -8.84
C ILE N 92 -25.98 77.38 -8.44
N LYS N 93 -27.02 77.75 -7.69
CA LYS N 93 -28.01 76.76 -7.28
C LYS N 93 -28.69 76.13 -8.48
N THR N 94 -29.02 76.94 -9.49
CA THR N 94 -29.68 76.40 -10.67
C THR N 94 -28.78 75.43 -11.43
N LEU N 95 -27.51 75.81 -11.65
CA LEU N 95 -26.58 74.88 -12.30
C LEU N 95 -26.39 73.61 -11.48
N ASN N 96 -26.28 73.74 -10.16
CA ASN N 96 -26.09 72.54 -9.33
C ASN N 96 -27.31 71.62 -9.42
N SER N 97 -28.51 72.18 -9.38
CA SER N 97 -29.71 71.38 -9.51
C SER N 97 -29.77 70.69 -10.87
N VAL N 98 -29.42 71.42 -11.93
CA VAL N 98 -29.44 70.82 -13.27
C VAL N 98 -28.43 69.70 -13.39
N SER N 99 -27.21 69.90 -12.88
CA SER N 99 -26.12 68.95 -13.08
C SER N 99 -26.23 67.73 -12.17
N ALA N 100 -27.04 67.78 -11.12
CA ALA N 100 -27.15 66.66 -10.21
C ALA N 100 -27.56 65.39 -10.96
N GLY N 101 -26.86 64.29 -10.68
CA GLY N 101 -27.17 63.02 -11.31
C GLY N 101 -26.73 62.89 -12.75
N LYS N 102 -25.82 63.72 -13.23
CA LYS N 102 -25.34 63.69 -14.61
C LYS N 102 -23.84 63.43 -14.59
N ILE N 103 -23.44 62.25 -15.11
CA ILE N 103 -22.04 61.84 -15.01
C ILE N 103 -21.13 62.82 -15.73
N TYR N 104 -21.52 63.23 -16.93
CA TYR N 104 -20.67 64.08 -17.76
C TYR N 104 -20.68 65.54 -17.34
N VAL N 105 -21.25 65.87 -16.18
CA VAL N 105 -21.22 67.22 -15.63
C VAL N 105 -20.79 67.24 -14.17
N GLU N 106 -20.29 66.11 -13.66
CA GLU N 106 -19.89 66.06 -12.26
C GLU N 106 -18.68 66.95 -11.99
N LEU N 107 -17.77 67.08 -12.97
CA LEU N 107 -16.66 68.00 -12.83
C LEU N 107 -17.15 69.44 -12.63
N GLU N 108 -18.08 69.87 -13.49
CA GLU N 108 -18.62 71.21 -13.37
C GLU N 108 -19.36 71.37 -12.05
N ARG N 109 -20.11 70.34 -11.64
CA ARG N 109 -20.82 70.42 -10.37
C ARG N 109 -19.86 70.56 -9.20
N ALA N 110 -18.76 69.81 -9.21
CA ALA N 110 -17.79 69.88 -8.11
C ALA N 110 -17.14 71.25 -8.05
N ARG N 111 -16.69 71.77 -9.19
CA ARG N 111 -16.11 73.12 -9.20
C ARG N 111 -17.12 74.15 -8.72
N LEU N 112 -18.37 74.01 -9.18
CA LEU N 112 -19.42 74.95 -8.81
C LEU N 112 -19.66 74.94 -7.30
N ILE N 113 -19.74 73.74 -6.71
CA ILE N 113 -20.02 73.65 -5.28
C ILE N 113 -18.82 74.15 -4.48
N LYS N 114 -17.60 73.92 -4.97
CA LYS N 114 -16.44 74.48 -4.29
C LYS N 114 -16.50 76.01 -4.29
N ILE N 115 -16.88 76.59 -5.43
CA ILE N 115 -17.01 78.05 -5.50
C ILE N 115 -18.08 78.55 -4.54
N LEU N 116 -19.22 77.84 -4.48
CA LEU N 116 -20.28 78.25 -3.55
C LEU N 116 -19.82 78.14 -2.11
N ALA N 117 -19.05 77.09 -1.78
CA ALA N 117 -18.53 76.95 -0.43
C ALA N 117 -17.59 78.11 -0.10
N LYS N 118 -16.74 78.49 -1.06
CA LYS N 118 -15.89 79.66 -0.85
C LYS N 118 -16.72 80.91 -0.59
N ILE N 119 -17.78 81.10 -1.37
CA ILE N 119 -18.63 82.28 -1.19
C ILE N 119 -19.27 82.26 0.19
N LYS N 120 -19.78 81.11 0.61
CA LYS N 120 -20.39 81.01 1.93
C LYS N 120 -19.38 81.29 3.03
N GLU N 121 -18.15 80.79 2.87
CA GLU N 121 -17.10 81.08 3.83
C GLU N 121 -16.83 82.58 3.90
N GLN N 122 -16.84 83.25 2.74
CA GLN N 122 -16.65 84.70 2.76
C GLN N 122 -17.74 85.40 3.55
N GLN N 123 -18.93 84.80 3.63
CA GLN N 123 -20.03 85.36 4.41
C GLN N 123 -19.97 84.96 5.87
N GLY N 124 -18.99 84.15 6.28
CA GLY N 124 -18.91 83.67 7.64
C GLY N 124 -19.75 82.46 7.95
N LEU N 125 -20.51 81.95 6.98
CA LEU N 125 -21.34 80.76 7.20
C LEU N 125 -20.50 79.51 6.95
N ILE N 126 -19.57 79.28 7.87
CA ILE N 126 -18.66 78.14 7.75
C ILE N 126 -19.44 76.83 7.79
N ASP N 127 -20.40 76.72 8.72
CA ASP N 127 -21.16 75.50 8.86
C ASP N 127 -21.92 75.17 7.58
N GLU N 128 -22.57 76.18 7.00
CA GLU N 128 -23.32 75.95 5.77
C GLU N 128 -22.41 75.50 4.64
N ALA N 129 -21.27 76.16 4.48
CA ALA N 129 -20.34 75.77 3.42
C ALA N 129 -19.86 74.34 3.61
N ALA N 130 -19.47 73.99 4.83
CA ALA N 130 -19.00 72.63 5.09
C ALA N 130 -20.08 71.61 4.80
N GLU N 131 -21.29 71.83 5.31
CA GLU N 131 -22.36 70.86 5.12
C GLU N 131 -22.71 70.73 3.64
N LEU N 132 -22.76 71.84 2.91
CA LEU N 132 -23.11 71.79 1.50
C LEU N 132 -22.04 71.05 0.69
N MET N 133 -20.78 71.43 0.86
CA MET N 133 -19.72 70.85 0.05
C MET N 133 -19.41 69.42 0.47
N GLN N 134 -19.86 69.00 1.66
CA GLN N 134 -19.71 67.60 2.05
C GLN N 134 -20.56 66.66 1.21
N GLU N 135 -21.57 67.19 0.50
CA GLU N 135 -22.54 66.34 -0.18
C GLU N 135 -21.96 65.62 -1.39
N ILE N 136 -20.76 65.97 -1.83
CA ILE N 136 -20.15 65.39 -3.02
C ILE N 136 -19.22 64.27 -2.60
N ALA N 137 -19.32 63.13 -3.29
CA ALA N 137 -18.37 62.03 -3.15
C ALA N 137 -17.41 62.08 -4.34
N VAL N 138 -16.42 62.98 -4.24
CA VAL N 138 -15.44 63.14 -5.31
C VAL N 138 -14.61 61.88 -5.49
N GLU N 139 -14.54 61.02 -4.47
CA GLU N 139 -13.82 59.77 -4.60
C GLU N 139 -14.24 59.00 -5.84
N THR N 140 -15.54 58.98 -6.13
CA THR N 140 -16.07 58.19 -7.24
C THR N 140 -15.89 58.85 -8.60
N PHE N 141 -15.44 60.10 -8.66
CA PHE N 141 -15.29 60.79 -9.93
C PHE N 141 -13.97 60.37 -10.56
N GLY N 142 -14.03 59.26 -11.32
CA GLY N 142 -12.83 58.76 -11.98
C GLY N 142 -12.27 59.73 -13.00
N ALA N 143 -13.15 60.48 -13.68
CA ALA N 143 -12.71 61.46 -14.66
C ALA N 143 -11.97 62.63 -14.03
N MET N 144 -12.02 62.79 -12.71
CA MET N 144 -11.41 63.92 -12.04
C MET N 144 -9.91 63.70 -11.90
N ALA N 145 -9.16 64.80 -11.84
CA ALA N 145 -7.71 64.71 -11.68
C ALA N 145 -7.35 64.52 -10.21
N LYS N 146 -6.36 63.65 -9.97
CA LYS N 146 -6.01 63.28 -8.59
C LYS N 146 -5.65 64.51 -7.75
N THR N 147 -4.85 65.41 -8.30
CA THR N 147 -4.39 66.56 -7.53
C THR N 147 -5.56 67.36 -6.99
N GLU N 148 -6.53 67.67 -7.84
CA GLU N 148 -7.65 68.49 -7.39
C GLU N 148 -8.64 67.66 -6.56
N LYS N 149 -8.71 66.36 -6.78
CA LYS N 149 -9.43 65.51 -5.84
C LYS N 149 -8.91 65.72 -4.42
N ILE N 150 -7.58 65.58 -4.27
CA ILE N 150 -6.97 65.69 -2.95
C ILE N 150 -7.13 67.09 -2.40
N ALA N 151 -6.99 68.11 -3.26
CA ALA N 151 -7.17 69.49 -2.81
C ALA N 151 -8.59 69.73 -2.33
N PHE N 152 -9.57 69.18 -3.03
CA PHE N 152 -10.97 69.34 -2.65
C PHE N 152 -11.24 68.71 -1.30
N ILE N 153 -10.81 67.46 -1.11
CA ILE N 153 -11.05 66.80 0.17
C ILE N 153 -10.22 67.48 1.27
N LEU N 154 -9.11 68.10 0.91
CA LEU N 154 -8.33 68.86 1.89
C LEU N 154 -9.07 70.11 2.34
N GLU N 155 -9.65 70.84 1.39
CA GLU N 155 -10.54 71.94 1.76
C GLU N 155 -11.68 71.44 2.64
N GLN N 156 -12.17 70.23 2.35
CA GLN N 156 -13.25 69.66 3.15
C GLN N 156 -12.83 69.45 4.60
N VAL N 157 -11.68 68.79 4.80
CA VAL N 157 -11.22 68.56 6.17
C VAL N 157 -10.90 69.88 6.85
N ARG N 158 -10.39 70.85 6.08
CA ARG N 158 -10.13 72.18 6.65
C ARG N 158 -11.42 72.81 7.17
N LEU N 159 -12.48 72.77 6.37
CA LEU N 159 -13.75 73.34 6.81
C LEU N 159 -14.32 72.58 8.01
N CYS N 160 -14.20 71.25 8.00
CA CYS N 160 -14.68 70.47 9.13
C CYS N 160 -13.93 70.84 10.41
N LEU N 161 -12.61 71.00 10.31
CA LEU N 161 -11.82 71.40 11.48
C LEU N 161 -12.20 72.81 11.93
N ASP N 162 -12.40 73.73 10.98
CA ASP N 162 -12.89 75.05 11.35
C ASP N 162 -14.23 74.96 12.06
N ARG N 163 -15.07 74.02 11.65
CA ARG N 163 -16.30 73.71 12.37
C ARG N 163 -16.05 72.93 13.65
N LYS N 164 -14.80 72.51 13.89
CA LYS N 164 -14.43 71.67 15.03
C LYS N 164 -15.07 70.28 14.96
N ASP N 165 -15.47 69.86 13.76
CA ASP N 165 -15.99 68.51 13.55
C ASP N 165 -14.79 67.58 13.32
N TYR N 166 -14.21 67.14 14.44
CA TYR N 166 -12.96 66.40 14.38
C TYR N 166 -13.18 64.95 13.92
N ILE N 167 -14.28 64.34 14.33
CA ILE N 167 -14.53 62.95 13.98
C ILE N 167 -14.64 62.80 12.46
N ARG N 168 -15.38 63.69 11.81
CA ARG N 168 -15.49 63.65 10.36
C ARG N 168 -14.14 63.96 9.71
N ALA N 169 -13.38 64.87 10.31
CA ALA N 169 -12.05 65.18 9.78
C ALA N 169 -11.18 63.93 9.75
N GLN N 170 -11.21 63.14 10.83
CA GLN N 170 -10.45 61.90 10.86
C GLN N 170 -11.00 60.88 9.86
N ILE N 171 -12.33 60.73 9.82
CA ILE N 171 -12.94 59.78 8.91
C ILE N 171 -12.55 60.08 7.47
N LEU N 172 -12.36 61.36 7.15
CA LEU N 172 -12.01 61.73 5.78
C LEU N 172 -10.51 61.64 5.54
N SER N 173 -9.70 62.13 6.49
CA SER N 173 -8.25 62.10 6.32
C SER N 173 -7.75 60.66 6.19
N ARG N 174 -8.43 59.70 6.83
CA ARG N 174 -8.04 58.31 6.65
C ARG N 174 -8.13 57.89 5.19
N LYS N 175 -8.98 58.56 4.39
CA LYS N 175 -9.13 58.20 2.99
C LYS N 175 -7.86 58.40 2.20
N ILE N 176 -7.16 59.51 2.44
CA ILE N 176 -5.96 59.86 1.67
C ILE N 176 -4.83 58.96 2.14
N SER N 177 -4.51 57.94 1.34
CA SER N 177 -3.38 57.09 1.67
C SER N 177 -2.09 57.83 1.35
N PRO N 178 -1.16 57.99 2.30
CA PRO N 178 0.05 58.77 2.00
C PRO N 178 0.78 58.31 0.75
N ARG N 179 0.53 57.09 0.28
CA ARG N 179 1.25 56.57 -0.88
C ARG N 179 0.95 57.37 -2.16
N VAL N 180 -0.18 58.05 -2.26
CA VAL N 180 -0.50 58.73 -3.53
C VAL N 180 0.50 59.84 -3.80
N PHE N 181 0.90 60.59 -2.78
CA PHE N 181 1.90 61.65 -2.98
C PHE N 181 3.26 61.10 -3.39
N ASP N 182 3.64 59.92 -2.87
CA ASP N 182 4.96 59.35 -3.13
C ASP N 182 5.08 58.82 -4.56
N ILE N 183 4.07 59.01 -5.39
CA ILE N 183 4.13 58.58 -6.79
C ILE N 183 4.96 59.62 -7.55
N ASP N 184 6.09 59.19 -8.07
CA ASP N 184 6.95 60.09 -8.83
C ASP N 184 6.24 60.54 -10.10
N PRO N 185 6.32 61.82 -10.47
CA PRO N 185 5.62 62.28 -11.68
C PRO N 185 6.23 61.72 -12.96
N PRO N 207 -2.42 74.15 -6.16
CA PRO N 207 -1.09 73.83 -5.67
C PRO N 207 -0.59 72.47 -6.15
N SER N 208 0.71 72.37 -6.41
CA SER N 208 1.28 71.12 -6.88
C SER N 208 1.50 70.16 -5.71
N LEU N 209 1.89 68.93 -6.06
CA LEU N 209 1.98 67.86 -5.06
C LEU N 209 2.87 68.21 -3.86
N PRO N 210 4.10 68.70 -4.04
CA PRO N 210 4.90 69.07 -2.86
C PRO N 210 4.27 70.18 -2.02
N GLU N 211 3.48 71.07 -2.63
CA GLU N 211 2.74 72.03 -1.83
C GLU N 211 1.46 71.42 -1.27
N LEU N 212 0.76 70.61 -2.08
CA LEU N 212 -0.34 69.83 -1.54
C LEU N 212 0.14 68.91 -0.42
N LYS N 213 1.28 68.27 -0.61
CA LYS N 213 1.99 67.65 0.49
C LYS N 213 1.99 68.53 1.73
N ARG N 214 2.50 69.76 1.60
CA ARG N 214 2.78 70.57 2.79
C ARG N 214 1.52 70.83 3.60
N ILE N 215 0.44 71.25 2.93
CA ILE N 215 -0.79 71.58 3.64
C ILE N 215 -1.38 70.32 4.28
N TYR N 216 -1.25 69.18 3.60
CA TYR N 216 -1.88 67.95 4.08
C TYR N 216 -1.54 67.68 5.55
N TYR N 217 -0.25 67.58 5.87
CA TYR N 217 0.13 67.43 7.28
C TYR N 217 -0.16 68.68 8.09
N GLU N 218 -0.07 69.87 7.49
CA GLU N 218 -0.37 71.07 8.24
C GLU N 218 -1.79 71.02 8.79
N LEU N 219 -2.72 70.46 8.02
CA LEU N 219 -4.09 70.30 8.53
C LEU N 219 -4.15 69.27 9.65
N MET N 220 -3.47 68.13 9.49
CA MET N 220 -3.57 67.09 10.50
C MET N 220 -2.88 67.51 11.80
N ILE N 221 -1.78 68.25 11.69
CA ILE N 221 -1.14 68.78 12.90
C ILE N 221 -2.14 69.57 13.71
N ARG N 222 -2.92 70.42 13.05
CA ARG N 222 -3.98 71.14 13.74
C ARG N 222 -5.00 70.18 14.34
N TYR N 223 -5.40 69.15 13.59
CA TYR N 223 -6.38 68.19 14.09
C TYR N 223 -5.83 67.44 15.30
N TYR N 224 -4.63 66.87 15.18
CA TYR N 224 -4.04 66.15 16.30
C TYR N 224 -3.71 67.08 17.46
N LYS N 225 -3.36 68.33 17.17
CA LYS N 225 -3.09 69.29 18.24
C LYS N 225 -4.27 69.40 19.20
N HIS N 226 -5.49 69.17 18.70
CA HIS N 226 -6.65 69.15 19.58
C HIS N 226 -6.65 67.96 20.52
N HIS N 227 -6.09 66.83 20.08
CA HIS N 227 -6.17 65.58 20.84
C HIS N 227 -4.98 65.34 21.75
N ASN N 228 -4.06 66.30 21.85
CA ASN N 228 -2.85 66.12 22.66
C ASN N 228 -2.09 64.87 22.23
N ASP N 229 -2.22 64.51 20.95
CA ASP N 229 -1.56 63.31 20.42
C ASP N 229 -0.14 63.69 20.03
N TYR N 230 0.63 64.10 21.04
CA TYR N 230 2.01 64.51 20.82
C TYR N 230 2.77 63.45 20.03
N LEU N 231 2.42 62.19 20.21
CA LEU N 231 3.09 61.13 19.47
C LEU N 231 2.89 61.31 17.97
N GLU N 232 1.64 61.24 17.50
CA GLU N 232 1.39 61.33 16.06
C GLU N 232 1.80 62.68 15.50
N ILE N 233 1.54 63.77 16.23
CA ILE N 233 1.94 65.09 15.76
C ILE N 233 3.42 65.09 15.40
N CYS N 234 4.22 64.32 16.16
CA CYS N 234 5.65 64.27 15.91
C CYS N 234 5.94 63.69 14.52
N ARG N 235 5.21 62.65 14.12
CA ARG N 235 5.44 62.04 12.82
C ARG N 235 5.03 62.97 11.68
N CYS N 236 4.06 63.86 11.94
CA CYS N 236 3.62 64.78 10.90
C CYS N 236 4.77 65.66 10.42
N TYR N 237 5.57 66.16 11.35
CA TYR N 237 6.61 67.13 10.99
C TYR N 237 7.76 66.47 10.24
N LYS N 238 8.06 65.20 10.55
CA LYS N 238 9.07 64.50 9.75
C LYS N 238 8.71 64.56 8.27
N SER N 239 7.47 64.17 7.93
CA SER N 239 7.04 64.19 6.54
C SER N 239 7.05 65.59 5.97
N ILE N 240 6.65 66.59 6.76
CA ILE N 240 6.92 67.97 6.36
C ILE N 240 8.42 68.18 6.24
N TYR N 241 9.19 67.57 7.13
CA TYR N 241 10.64 67.67 7.03
C TYR N 241 11.17 67.00 5.77
N GLU N 242 10.63 65.84 5.40
CA GLU N 242 11.18 65.11 4.27
C GLU N 242 10.90 65.78 2.94
N ILE N 243 10.17 66.90 2.93
CA ILE N 243 9.97 67.66 1.71
C ILE N 243 11.32 68.15 1.20
N SER N 244 11.63 67.83 -0.06
CA SER N 244 12.91 68.23 -0.63
C SER N 244 13.08 69.75 -0.58
N SER N 245 12.04 70.49 -0.96
CA SER N 245 12.13 71.95 -0.93
C SER N 245 12.40 72.45 0.48
N VAL N 246 11.73 71.90 1.49
CA VAL N 246 12.00 72.28 2.87
C VAL N 246 13.42 71.86 3.26
N LYS N 247 13.83 70.64 2.89
CA LYS N 247 15.17 70.17 3.23
C LYS N 247 16.26 71.05 2.65
N GLU N 248 16.02 71.66 1.49
CA GLU N 248 17.08 72.39 0.81
C GLU N 248 17.44 73.71 1.48
N ASP N 249 16.44 74.51 1.87
CA ASP N 249 16.70 75.87 2.35
C ASP N 249 16.56 75.91 3.87
N PRO N 250 17.56 76.38 4.62
CA PRO N 250 17.47 76.37 6.09
C PRO N 250 16.23 77.06 6.65
N GLU N 251 15.79 78.18 6.07
CA GLU N 251 14.74 78.95 6.70
C GLU N 251 13.49 78.12 6.96
N GLN N 252 13.35 76.96 6.31
CA GLN N 252 12.24 76.06 6.59
C GLN N 252 12.66 74.87 7.43
N TRP N 253 13.68 74.10 7.02
CA TRP N 253 14.11 72.99 7.86
C TRP N 253 14.77 73.44 9.15
N THR N 254 15.21 74.70 9.25
CA THR N 254 15.74 75.18 10.52
C THR N 254 14.69 75.20 11.62
N PRO N 255 13.58 75.93 11.50
CA PRO N 255 12.56 75.89 12.56
C PRO N 255 11.91 74.52 12.72
N ILE N 256 11.71 73.78 11.63
CA ILE N 256 10.97 72.53 11.71
C ILE N 256 11.74 71.47 12.48
N LEU N 257 13.07 71.38 12.26
CA LEU N 257 13.83 70.45 13.08
C LEU N 257 13.75 70.85 14.55
N ARG N 258 13.83 72.14 14.85
CA ARG N 258 13.62 72.59 16.22
C ARG N 258 12.29 72.03 16.74
N LYS N 259 11.22 72.22 15.96
CA LYS N 259 9.93 71.70 16.37
C LYS N 259 9.97 70.18 16.55
N ILE N 260 10.74 69.48 15.70
CA ILE N 260 10.88 68.04 15.85
C ILE N 260 11.50 67.70 17.19
N CYS N 261 12.42 68.55 17.67
CA CYS N 261 13.11 68.24 18.92
C CYS N 261 12.13 68.14 20.09
N TRP N 262 11.18 69.07 20.19
CA TRP N 262 10.22 68.99 21.29
C TRP N 262 9.27 67.82 21.13
N TYR N 263 8.56 67.75 20.00
CA TYR N 263 7.52 66.72 19.86
C TYR N 263 8.06 65.33 20.20
N LEU N 264 9.29 65.02 19.80
CA LEU N 264 9.94 63.82 20.31
C LEU N 264 9.98 63.83 21.83
N ALA N 265 10.43 64.94 22.41
CA ALA N 265 10.42 65.06 23.87
C ALA N 265 9.01 65.16 24.42
N LEU N 266 8.11 65.81 23.69
CA LEU N 266 6.72 65.94 24.15
C LEU N 266 5.95 64.64 24.01
N ALA N 267 6.40 63.73 23.16
CA ALA N 267 5.77 62.42 23.07
C ALA N 267 6.15 61.59 24.30
N PRO N 268 5.23 60.78 24.82
CA PRO N 268 5.56 59.94 25.97
C PRO N 268 6.53 58.82 25.58
N HIS N 269 7.00 58.11 26.58
CA HIS N 269 7.92 57.00 26.35
C HIS N 269 7.20 55.89 25.59
N ASP N 270 7.69 55.59 24.39
CA ASP N 270 7.11 54.55 23.55
C ASP N 270 8.22 53.86 22.76
N PRO N 271 8.04 52.58 22.42
CA PRO N 271 9.05 51.91 21.58
C PRO N 271 9.27 52.59 20.24
N MET N 272 8.20 53.01 19.57
CA MET N 272 8.37 53.79 18.34
C MET N 272 8.96 55.15 18.64
N GLN N 273 8.57 55.76 19.76
CA GLN N 273 9.18 57.00 20.20
C GLN N 273 10.67 56.81 20.46
N SER N 274 11.03 55.69 21.10
CA SER N 274 12.45 55.43 21.38
C SER N 274 13.25 55.30 20.09
N SER N 275 12.69 54.61 19.10
CA SER N 275 13.42 54.37 17.86
C SER N 275 13.56 55.67 17.04
N LEU N 276 12.48 56.47 16.96
CA LEU N 276 12.55 57.69 16.18
C LEU N 276 13.59 58.65 16.74
N LEU N 277 13.72 58.74 18.06
CA LEU N 277 14.84 59.46 18.64
C LEU N 277 16.16 58.97 18.06
N ASN N 278 16.36 57.66 18.05
CA ASN N 278 17.60 57.10 17.50
C ASN N 278 17.86 57.61 16.09
N SER N 279 16.85 57.52 15.22
CA SER N 279 16.99 58.06 13.88
C SER N 279 17.23 59.56 13.91
N THR N 280 16.54 60.28 14.80
CA THR N 280 16.69 61.74 14.86
C THR N 280 18.10 62.15 15.25
N LEU N 281 18.72 61.46 16.22
CA LEU N 281 20.09 61.79 16.59
C LEU N 281 21.04 61.59 15.43
N GLU N 282 20.88 60.51 14.67
CA GLU N 282 21.78 60.16 13.58
C GLU N 282 21.86 61.25 12.52
N ASP N 283 20.85 62.10 12.39
CA ASP N 283 20.82 63.07 11.32
C ASP N 283 22.04 63.97 11.35
N LYS N 284 22.60 64.25 10.17
CA LYS N 284 23.63 65.28 10.06
C LYS N 284 23.13 66.62 10.56
N ASN N 285 21.86 66.93 10.33
CA ASN N 285 21.32 68.24 10.67
C ASN N 285 21.37 68.52 12.16
N LEU N 286 21.04 67.55 13.00
CA LEU N 286 20.90 67.85 14.42
C LEU N 286 22.22 68.29 15.03
N PHE N 287 23.35 67.93 14.41
CA PHE N 287 24.63 68.45 14.84
C PHE N 287 24.64 69.98 14.83
N GLU N 288 24.09 70.60 13.79
CA GLU N 288 23.99 72.05 13.74
C GLU N 288 23.11 72.62 14.83
N ILE N 289 22.28 71.79 15.46
CA ILE N 289 21.46 72.22 16.58
C ILE N 289 22.00 71.50 17.82
N PRO N 290 23.17 71.89 18.31
CA PRO N 290 23.77 71.14 19.44
C PRO N 290 22.96 71.24 20.71
N LYS N 291 22.43 72.42 21.05
CA LYS N 291 21.80 72.59 22.35
C LYS N 291 20.62 71.63 22.50
N PHE N 292 19.77 71.54 21.48
CA PHE N 292 18.65 70.60 21.52
C PHE N 292 19.12 69.18 21.27
N LYS N 293 20.22 69.01 20.54
CA LYS N 293 20.83 67.69 20.43
C LYS N 293 21.09 67.13 21.82
N SER N 294 21.45 67.99 22.77
CA SER N 294 21.65 67.55 24.15
C SER N 294 20.38 66.90 24.69
N LEU N 295 19.23 67.57 24.54
CA LEU N 295 17.97 66.95 24.92
C LEU N 295 17.88 65.53 24.37
N LEU N 296 17.88 65.39 23.05
CA LEU N 296 17.65 64.10 22.44
C LEU N 296 18.74 63.10 22.85
N LYS N 297 19.94 63.60 23.15
CA LYS N 297 20.93 62.77 23.81
C LYS N 297 20.56 62.55 25.27
N GLN N 298 20.16 63.62 25.97
CA GLN N 298 19.82 63.50 27.38
C GLN N 298 18.64 62.55 27.58
N LEU N 299 17.75 62.46 26.58
CA LEU N 299 16.64 61.54 26.67
C LEU N 299 17.00 60.17 26.09
N VAL N 300 17.84 60.14 25.05
CA VAL N 300 18.33 58.86 24.55
C VAL N 300 19.32 58.24 25.54
N THR N 301 20.38 58.96 25.87
CA THR N 301 21.31 58.50 26.90
C THR N 301 20.55 58.33 28.21
N MET N 302 20.82 57.22 28.91
CA MET N 302 20.01 56.83 30.05
C MET N 302 20.39 57.64 31.29
N GLU N 303 20.38 58.96 31.14
CA GLU N 303 20.76 59.89 32.19
C GLU N 303 19.55 60.25 33.03
N VAL N 304 19.70 60.16 34.34
CA VAL N 304 18.70 60.71 35.25
C VAL N 304 18.83 62.23 35.21
N ILE N 305 17.82 62.88 34.67
CA ILE N 305 17.85 64.33 34.48
C ILE N 305 17.16 64.98 35.68
N LEU N 306 17.90 65.79 36.41
CA LEU N 306 17.31 66.66 37.41
C LEU N 306 16.48 67.70 36.67
N TRP N 307 15.23 67.90 37.08
CA TRP N 307 14.36 68.81 36.35
C TRP N 307 14.90 70.23 36.31
N THR N 308 15.40 70.73 37.44
CA THR N 308 15.79 72.13 37.51
C THR N 308 16.90 72.45 36.51
N VAL N 309 17.92 71.59 36.42
CA VAL N 309 19.07 71.92 35.57
C VAL N 309 18.67 71.97 34.11
N LEU N 310 17.76 71.08 33.69
CA LEU N 310 17.30 71.09 32.31
C LEU N 310 16.30 72.22 32.06
N TRP N 311 15.32 72.37 32.95
CA TRP N 311 14.25 73.33 32.71
C TRP N 311 14.76 74.76 32.68
N ASN N 312 15.56 75.15 33.67
CA ASN N 312 16.00 76.54 33.78
C ASN N 312 16.61 77.03 32.46
N GLU N 313 17.45 76.23 31.83
CA GLU N 313 18.01 76.60 30.54
C GLU N 313 16.91 76.70 29.48
N PHE N 314 15.99 75.73 29.47
CA PHE N 314 15.06 75.57 28.37
C PHE N 314 13.71 76.22 28.62
N GLU N 315 13.55 76.92 29.74
CA GLU N 315 12.39 77.79 29.89
C GLU N 315 12.44 78.90 28.85
N SER N 316 13.63 79.46 28.60
CA SER N 316 13.77 80.51 27.61
C SER N 316 13.58 79.99 26.19
N GLU N 317 14.24 78.87 25.85
CA GLU N 317 14.09 78.32 24.51
C GLU N 317 12.68 77.80 24.27
N PHE N 318 12.00 77.34 25.33
CA PHE N 318 10.60 76.98 25.20
C PHE N 318 9.74 78.20 24.88
N ASP N 319 9.96 79.30 25.61
CA ASP N 319 9.14 80.50 25.40
C ASP N 319 9.32 81.04 23.99
N ASN N 320 10.53 80.91 23.43
CA ASN N 320 10.77 81.42 22.08
C ASN N 320 9.89 80.73 21.05
N GLU N 321 9.48 79.48 21.30
CA GLU N 321 8.66 78.76 20.34
C GLU N 321 7.25 79.32 20.25
N LYS N 322 6.86 80.21 21.16
CA LYS N 322 5.57 80.88 21.03
C LYS N 322 5.53 81.78 19.79
N ASN N 323 6.70 82.24 19.33
CA ASN N 323 6.78 83.15 18.20
C ASN N 323 7.04 82.46 16.87
N LEU N 324 7.35 81.17 16.87
CA LEU N 324 7.67 80.46 15.64
C LEU N 324 6.41 79.93 14.97
N LEU N 325 6.57 79.51 13.72
CA LEU N 325 5.45 78.97 12.94
C LEU N 325 4.86 77.76 13.64
N GLY N 326 3.54 77.77 13.82
CA GLY N 326 2.84 76.68 14.49
C GLY N 326 2.21 77.07 15.82
N GLY N 327 2.46 78.26 16.33
CA GLY N 327 1.85 78.69 17.57
C GLY N 327 2.57 78.18 18.79
N PRO N 328 2.06 78.52 19.98
CA PRO N 328 2.71 78.07 21.21
C PRO N 328 2.64 76.56 21.37
N LEU N 329 3.62 76.01 22.09
CA LEU N 329 3.64 74.58 22.36
C LEU N 329 2.52 74.16 23.31
N GLY N 330 1.85 75.10 23.95
CA GLY N 330 0.75 74.80 24.85
C GLY N 330 1.11 75.06 26.30
N GLU N 331 0.15 75.63 27.04
CA GLU N 331 0.37 75.89 28.46
C GLU N 331 0.58 74.60 29.24
N LYS N 332 -0.17 73.55 28.91
CA LYS N 332 -0.04 72.27 29.60
C LYS N 332 1.28 71.58 29.28
N ALA N 333 1.95 71.97 28.20
CA ALA N 333 3.17 71.28 27.80
C ALA N 333 4.25 71.35 28.87
N GLY N 334 4.44 72.52 29.49
CA GLY N 334 5.43 72.63 30.54
C GLY N 334 5.19 71.65 31.66
N GLU N 335 3.93 71.50 32.10
CA GLU N 335 3.61 70.52 33.12
C GLU N 335 3.58 69.11 32.54
N ASP N 336 3.21 68.98 31.27
CA ASP N 336 3.17 67.66 30.65
C ASP N 336 4.57 67.15 30.31
N LEU N 337 5.44 68.03 29.81
CA LEU N 337 6.86 67.70 29.68
C LEU N 337 7.44 67.28 31.02
N LYS N 338 6.92 67.85 32.10
CA LYS N 338 7.44 67.55 33.44
C LYS N 338 7.35 66.06 33.73
N GLN N 339 6.45 65.35 33.02
CA GLN N 339 6.32 63.91 33.22
C GLN N 339 7.38 63.12 32.47
N ARG N 340 7.65 63.46 31.20
CA ARG N 340 8.59 62.66 30.41
C ARG N 340 9.96 62.56 31.08
N VAL N 341 10.44 63.64 31.69
CA VAL N 341 11.69 63.52 32.43
C VAL N 341 11.50 62.60 33.62
N ILE N 342 10.35 62.72 34.31
CA ILE N 342 9.99 61.73 35.33
C ILE N 342 9.94 60.34 34.71
N GLU N 343 9.26 60.21 33.56
CA GLU N 343 9.22 58.92 32.87
C GLU N 343 10.63 58.51 32.45
N HIS N 344 11.41 59.46 31.91
CA HIS N 344 12.77 59.16 31.49
C HIS N 344 13.61 58.73 32.68
N ASN N 345 13.61 59.53 33.75
CA ASN N 345 14.41 59.20 34.93
C ASN N 345 13.93 57.90 35.56
N ILE N 346 12.60 57.74 35.70
CA ILE N 346 12.08 56.58 36.42
C ILE N 346 12.50 55.30 35.72
N LEU N 347 12.46 55.28 34.39
CA LEU N 347 12.97 54.12 33.67
C LEU N 347 14.43 53.88 34.00
N VAL N 348 15.22 54.95 34.07
CA VAL N 348 16.60 54.82 34.53
C VAL N 348 16.63 54.35 35.97
N ILE N 349 15.76 54.91 36.81
CA ILE N 349 15.70 54.52 38.22
C ILE N 349 15.53 53.01 38.33
N SER N 350 14.44 52.48 37.78
CA SER N 350 14.20 51.04 37.87
C SER N 350 15.38 50.24 37.34
N LYS N 351 16.03 50.71 36.27
CA LYS N 351 17.14 49.96 35.69
C LYS N 351 18.39 50.07 36.55
N TYR N 352 18.56 51.17 37.27
CA TYR N 352 19.72 51.34 38.14
C TYR N 352 19.36 51.31 39.61
N TYR N 353 18.07 51.32 39.92
CA TYR N 353 17.57 51.07 41.26
C TYR N 353 16.56 49.92 41.19
N SER N 354 16.69 48.97 42.11
CA SER N 354 15.67 47.92 42.21
C SER N 354 14.75 48.18 43.38
N ARG N 355 15.31 48.48 44.54
CA ARG N 355 14.53 48.72 45.75
C ARG N 355 14.87 50.10 46.29
N ILE N 356 14.02 51.06 45.98
CA ILE N 356 14.24 52.46 46.32
C ILE N 356 13.29 52.87 47.44
N THR N 357 13.82 53.60 48.42
CA THR N 357 12.97 54.21 49.43
C THR N 357 12.09 55.27 48.80
N LEU N 358 10.81 55.27 49.15
CA LEU N 358 9.90 56.25 48.59
C LEU N 358 10.34 57.67 48.95
N LYS N 359 10.78 57.87 50.19
CA LYS N 359 11.48 59.10 50.53
C LYS N 359 12.54 59.42 49.48
N ARG N 360 13.48 58.51 49.28
CA ARG N 360 14.57 58.77 48.35
C ARG N 360 14.06 58.91 46.92
N LEU N 361 12.97 58.20 46.59
CA LEU N 361 12.31 58.42 45.31
C LEU N 361 11.66 59.80 45.27
N SER N 362 10.98 60.18 46.35
CA SER N 362 10.43 61.53 46.44
C SER N 362 11.55 62.56 46.34
N ASP N 363 12.67 62.29 47.01
CA ASP N 363 13.85 63.12 46.81
C ASP N 363 14.32 63.08 45.36
N LEU N 364 14.63 61.89 44.86
CA LEU N 364 15.19 61.77 43.52
C LEU N 364 14.22 62.19 42.43
N LEU N 365 12.91 62.17 42.72
CA LEU N 365 11.96 62.69 41.77
C LEU N 365 11.61 64.15 42.05
N CYS N 366 12.32 64.80 42.98
CA CYS N 366 12.12 66.22 43.26
C CYS N 366 10.68 66.50 43.66
N LEU N 367 9.97 65.46 44.05
CA LEU N 367 8.53 65.52 44.31
C LEU N 367 8.22 64.96 45.70
N SER N 368 6.96 65.12 46.10
CA SER N 368 6.52 64.59 47.39
C SER N 368 6.39 63.06 47.32
N LEU N 369 6.21 62.46 48.49
CA LEU N 369 6.01 61.01 48.57
C LEU N 369 4.76 60.59 47.82
N GLN N 370 3.66 61.31 48.01
CA GLN N 370 2.40 60.91 47.38
C GLN N 370 2.46 61.07 45.87
N GLU N 371 2.97 62.20 45.39
CA GLU N 371 3.16 62.37 43.95
C GLU N 371 4.18 61.37 43.42
N ALA N 372 5.33 61.25 44.10
CA ALA N 372 6.34 60.28 43.67
C ALA N 372 5.75 58.88 43.61
N GLU N 373 5.03 58.46 44.66
CA GLU N 373 4.32 57.20 44.61
C GLU N 373 3.28 57.19 43.49
N LYS N 374 2.53 58.29 43.36
CA LYS N 374 1.49 58.35 42.35
C LYS N 374 2.05 58.16 40.95
N HIS N 375 3.15 58.86 40.64
CA HIS N 375 3.80 58.68 39.34
C HIS N 375 4.21 57.22 39.15
N LEU N 376 4.49 56.52 40.25
CA LEU N 376 4.74 55.09 40.15
C LEU N 376 3.45 54.29 40.01
N SER N 377 2.48 54.54 40.90
CA SER N 377 1.24 53.77 40.88
C SER N 377 0.66 53.72 39.48
N ASP N 378 0.67 54.84 38.77
CA ASP N 378 0.20 54.83 37.38
C ASP N 378 1.04 53.90 36.53
N MET N 379 2.36 53.90 36.74
CA MET N 379 3.25 53.17 35.84
C MET N 379 3.06 51.66 35.95
N VAL N 380 2.80 51.15 37.15
CA VAL N 380 2.40 49.74 37.26
C VAL N 380 1.00 49.56 36.71
N VAL N 381 0.13 50.56 36.90
CA VAL N 381 -1.18 50.55 36.29
C VAL N 381 -1.07 50.58 34.77
N SER N 382 -0.19 51.42 34.25
CA SER N 382 0.04 51.51 32.81
C SER N 382 0.85 50.33 32.27
N LYS N 383 1.40 49.48 33.14
CA LYS N 383 2.28 48.39 32.78
C LYS N 383 3.64 48.89 32.33
N ALA N 384 3.85 50.22 32.36
CA ALA N 384 5.13 50.78 31.92
C ALA N 384 6.29 50.21 32.74
N LEU N 385 6.03 49.81 33.98
CA LEU N 385 7.04 49.16 34.80
C LEU N 385 6.35 48.18 35.75
N ILE N 386 7.05 47.11 36.07
CA ILE N 386 6.60 46.13 37.06
C ILE N 386 7.30 46.48 38.37
N ALA N 387 6.51 46.82 39.39
CA ALA N 387 7.05 47.19 40.68
C ALA N 387 5.99 46.98 41.75
N LYS N 388 6.43 47.02 43.01
CA LYS N 388 5.56 46.84 44.16
C LYS N 388 5.98 47.80 45.25
N ILE N 389 5.03 48.60 45.74
CA ILE N 389 5.27 49.55 46.81
C ILE N 389 4.82 48.90 48.11
N ASP N 390 5.58 49.16 49.18
CA ASP N 390 5.19 48.75 50.53
C ASP N 390 5.04 50.04 51.34
N ARG N 391 3.86 50.64 51.27
CA ARG N 391 3.59 51.89 51.96
C ARG N 391 3.88 51.72 53.45
N PRO N 392 3.50 50.59 54.07
CA PRO N 392 3.89 50.40 55.47
C PRO N 392 5.39 50.47 55.69
N MET N 393 6.18 50.14 54.66
CA MET N 393 7.63 50.28 54.74
C MET N 393 8.16 51.38 53.84
N GLY N 394 7.34 51.91 52.94
CA GLY N 394 7.82 52.86 51.95
C GLY N 394 8.89 52.28 51.05
N ILE N 395 8.69 51.07 50.54
CA ILE N 395 9.67 50.35 49.75
C ILE N 395 9.09 50.10 48.35
N VAL N 396 9.79 50.59 47.34
CA VAL N 396 9.49 50.31 45.94
C VAL N 396 10.48 49.29 45.41
N CYS N 397 10.01 48.07 45.19
CA CYS N 397 10.82 47.02 44.57
C CYS N 397 10.45 46.93 43.10
N PHE N 398 11.42 47.18 42.22
CA PHE N 398 11.18 47.18 40.79
C PHE N 398 11.37 45.80 40.15
N GLN N 399 11.76 44.79 40.93
CA GLN N 399 12.09 43.50 40.35
C GLN N 399 10.89 42.58 40.34
N VAL N 400 10.61 41.99 39.16
CA VAL N 400 9.59 40.97 39.07
C VAL N 400 9.97 39.81 39.97
N VAL N 401 8.97 39.20 40.60
CA VAL N 401 9.24 38.04 41.45
C VAL N 401 9.69 36.90 40.54
N LYS N 402 10.98 36.56 40.62
CA LYS N 402 11.56 35.55 39.76
C LYS N 402 11.29 34.16 40.34
N ASP N 403 10.65 33.31 39.55
CA ASP N 403 10.56 31.90 39.90
C ASP N 403 11.94 31.26 39.80
N SER N 404 12.17 30.26 40.66
CA SER N 404 13.45 29.57 40.68
C SER N 404 13.98 29.33 39.28
N ASN N 405 13.12 28.87 38.37
CA ASN N 405 13.54 28.70 36.98
C ASN N 405 13.96 30.03 36.37
N ASP N 406 13.27 31.11 36.71
CA ASP N 406 13.67 32.43 36.23
C ASP N 406 15.03 32.81 36.78
N ILE N 407 15.29 32.49 38.06
CA ILE N 407 16.62 32.67 38.61
C ILE N 407 17.63 31.83 37.84
N LEU N 408 17.32 30.55 37.65
CA LEU N 408 18.28 29.61 37.08
C LEU N 408 18.55 29.91 35.62
N ASN N 409 17.49 30.10 34.83
CA ASN N 409 17.67 30.38 33.40
C ASN N 409 18.82 31.35 33.17
N SER N 410 18.81 32.46 33.91
CA SER N 410 19.95 33.38 33.86
C SER N 410 21.24 32.69 34.28
N TRP N 411 21.18 31.89 35.35
CA TRP N 411 22.41 31.32 35.91
C TRP N 411 23.17 30.53 34.86
N SER N 412 22.55 29.45 34.34
CA SER N 412 23.24 28.64 33.35
C SER N 412 23.57 29.47 32.11
N MET N 413 22.69 30.41 31.76
CA MET N 413 23.04 31.35 30.70
C MET N 413 24.35 32.06 31.00
N ASN N 414 24.53 32.52 32.24
CA ASN N 414 25.83 33.07 32.62
C ASN N 414 26.94 32.06 32.40
N LEU N 415 26.77 30.84 32.92
CA LEU N 415 27.82 29.83 32.76
C LEU N 415 28.05 29.51 31.29
N GLU N 416 26.98 29.26 30.54
CA GLU N 416 27.14 28.94 29.13
C GLU N 416 28.00 29.99 28.44
N LYS N 417 27.87 31.24 28.88
CA LYS N 417 28.84 32.25 28.48
C LYS N 417 30.20 31.96 29.11
N LEU N 418 30.25 31.70 30.42
CA LEU N 418 31.53 31.34 31.04
C LEU N 418 32.19 30.18 30.29
N LEU N 419 31.43 29.13 30.01
CA LEU N 419 31.94 28.04 29.19
C LEU N 419 32.44 28.58 27.84
N ASP N 420 31.60 29.37 27.17
CA ASP N 420 32.04 29.98 25.91
C ASP N 420 33.20 30.93 26.15
N LEU N 421 33.11 31.77 27.18
CA LEU N 421 34.20 32.69 27.51
C LEU N 421 35.53 31.94 27.62
N VAL N 422 35.60 30.95 28.52
CA VAL N 422 36.83 30.16 28.62
C VAL N 422 37.11 29.48 27.29
N GLU N 423 36.06 29.04 26.60
CA GLU N 423 36.25 28.38 25.32
C GLU N 423 36.76 29.35 24.26
N LYS N 424 36.58 30.65 24.50
CA LYS N 424 37.26 31.64 23.67
C LYS N 424 38.69 31.83 24.16
N SER N 425 38.86 32.06 25.46
CA SER N 425 40.20 32.04 26.04
C SER N 425 40.87 30.68 25.81
N CYS N 426 40.05 29.64 25.65
CA CYS N 426 40.58 28.30 25.40
C CYS N 426 41.50 28.30 24.19
N HIS N 427 40.96 28.67 23.02
CA HIS N 427 41.76 28.65 21.81
C HIS N 427 42.75 29.81 21.77
N GLN N 428 42.45 30.88 22.49
CA GLN N 428 43.29 32.08 22.43
C GLN N 428 44.69 31.81 22.98
N ILE N 429 44.85 30.76 23.78
CA ILE N 429 46.11 30.58 24.52
C ILE N 429 47.11 29.78 23.69
N HIS N 430 46.68 28.64 23.13
CA HIS N 430 47.55 27.88 22.25
C HIS N 430 48.00 28.71 21.06
N LYS N 431 47.09 29.49 20.47
CA LYS N 431 47.44 30.28 19.29
C LYS N 431 48.68 31.13 19.56
N GLU N 432 48.71 31.80 20.71
CA GLU N 432 49.90 32.55 21.08
C GLU N 432 51.09 31.62 21.26
N THR N 433 50.88 30.46 21.88
CA THR N 433 51.94 29.45 21.91
C THR N 433 52.39 29.09 20.50
N MET N 434 51.43 28.94 19.59
CA MET N 434 51.76 28.65 18.21
C MET N 434 52.50 29.82 17.55
N VAL N 435 52.02 31.05 17.77
CA VAL N 435 52.67 32.21 17.16
C VAL N 435 54.00 32.48 17.83
N HIS N 436 54.03 32.42 19.17
CA HIS N 436 55.26 32.77 19.90
C HIS N 436 56.36 31.76 19.64
N LYS N 437 56.05 30.46 19.73
CA LYS N 437 57.09 29.45 19.54
C LYS N 437 57.71 29.56 18.16
N ALA N 438 56.92 29.99 17.17
CA ALA N 438 57.48 30.24 15.84
C ALA N 438 58.47 31.40 15.87
N SER N 439 58.17 32.46 16.62
CA SER N 439 59.11 33.56 16.76
C SER N 439 60.40 33.13 17.45
N LEU N 440 60.36 32.05 18.23
CA LEU N 440 61.54 31.49 18.86
C LEU N 440 62.29 30.52 17.95
N GLU N 441 61.78 30.26 16.75
CA GLU N 441 62.39 29.32 15.82
C GLU N 441 63.42 29.98 14.89
N VAL N 442 63.66 31.28 15.06
CA VAL N 442 64.60 31.99 14.21
C VAL N 442 65.87 32.31 15.01
N GLU O 42 -62.77 -57.05 -3.62
CA GLU O 42 -63.12 -57.99 -2.57
C GLU O 42 -62.76 -59.43 -2.96
N GLU O 43 -62.85 -59.72 -4.26
CA GLU O 43 -62.53 -61.06 -4.73
C GLU O 43 -61.06 -61.41 -4.47
N ASP O 44 -60.16 -60.47 -4.76
CA ASP O 44 -58.75 -60.73 -4.50
C ASP O 44 -58.45 -60.94 -3.02
N LEU O 45 -59.08 -60.14 -2.16
CA LEU O 45 -58.90 -60.32 -0.72
C LEU O 45 -59.44 -61.68 -0.28
N ALA O 46 -60.59 -62.09 -0.82
CA ALA O 46 -61.14 -63.39 -0.48
C ALA O 46 -60.21 -64.52 -0.92
N LEU O 47 -59.64 -64.39 -2.12
CA LEU O 47 -58.70 -65.41 -2.58
C LEU O 47 -57.45 -65.47 -1.70
N LYS O 48 -56.93 -64.31 -1.30
CA LYS O 48 -55.77 -64.29 -0.42
C LYS O 48 -56.09 -64.92 0.92
N GLN O 49 -57.27 -64.62 1.47
CA GLN O 49 -57.68 -65.23 2.72
C GLN O 49 -57.82 -66.74 2.58
N GLN O 50 -58.38 -67.20 1.46
CA GLN O 50 -58.49 -68.63 1.21
C GLN O 50 -57.11 -69.27 1.14
N LEU O 51 -56.15 -68.60 0.49
CA LEU O 51 -54.81 -69.16 0.37
C LEU O 51 -54.13 -69.27 1.73
N GLU O 52 -54.21 -68.22 2.56
CA GLU O 52 -53.58 -68.29 3.87
C GLU O 52 -54.27 -69.31 4.76
N LEU O 53 -55.60 -69.43 4.64
CA LEU O 53 -56.32 -70.46 5.38
C LEU O 53 -55.91 -71.86 4.94
N TYR O 54 -55.71 -72.06 3.63
CA TYR O 54 -55.23 -73.35 3.14
C TYR O 54 -53.85 -73.66 3.69
N VAL O 55 -52.96 -72.65 3.73
CA VAL O 55 -51.64 -72.87 4.31
C VAL O 55 -51.76 -73.25 5.77
N GLU O 56 -52.61 -72.57 6.53
CA GLU O 56 -52.79 -72.90 7.94
C GLU O 56 -53.31 -74.32 8.11
N ARG O 57 -54.29 -74.71 7.29
CA ARG O 57 -54.79 -76.08 7.33
C ARG O 57 -53.71 -77.10 6.97
N VAL O 58 -52.83 -76.77 6.03
CA VAL O 58 -51.68 -77.63 5.76
C VAL O 58 -50.83 -77.76 7.00
N GLN O 59 -50.66 -76.67 7.76
CA GLN O 59 -49.91 -76.74 9.01
C GLN O 59 -50.63 -77.52 10.10
N ASP O 60 -51.92 -77.79 9.94
CA ASP O 60 -52.65 -78.55 10.96
C ASP O 60 -52.17 -80.00 10.97
N PRO O 61 -52.17 -80.65 12.14
CA PRO O 61 -51.66 -82.03 12.22
C PRO O 61 -52.57 -83.07 11.59
N ASP O 62 -53.84 -82.75 11.32
CA ASP O 62 -54.79 -83.72 10.80
C ASP O 62 -54.40 -84.08 9.38
N ALA O 63 -54.15 -85.38 9.15
CA ALA O 63 -53.77 -85.83 7.82
C ALA O 63 -54.87 -85.60 6.80
N GLY O 64 -56.12 -85.83 7.17
CA GLY O 64 -57.22 -85.62 6.24
C GLY O 64 -57.35 -84.16 5.83
N LEU O 65 -57.30 -83.25 6.80
CA LEU O 65 -57.37 -81.82 6.48
C LEU O 65 -56.17 -81.40 5.65
N GLN O 66 -54.99 -81.94 5.96
CA GLN O 66 -53.81 -81.64 5.15
C GLN O 66 -54.00 -82.07 3.71
N ARG O 67 -54.53 -83.28 3.51
CA ARG O 67 -54.78 -83.77 2.15
C ARG O 67 -55.80 -82.89 1.44
N VAL O 68 -56.87 -82.51 2.13
CA VAL O 68 -57.89 -81.68 1.51
C VAL O 68 -57.30 -80.33 1.10
N ALA O 69 -56.54 -79.71 1.99
CA ALA O 69 -55.94 -78.41 1.68
C ALA O 69 -54.95 -78.51 0.53
N LEU O 70 -54.13 -79.56 0.53
CA LEU O 70 -53.15 -79.72 -0.54
C LEU O 70 -53.84 -79.96 -1.89
N GLU O 71 -54.91 -80.76 -1.89
CA GLU O 71 -55.65 -81.00 -3.12
C GLU O 71 -56.30 -79.72 -3.63
N SER O 72 -56.89 -78.93 -2.73
CA SER O 72 -57.47 -77.66 -3.14
C SER O 72 -56.41 -76.72 -3.70
N MET O 73 -55.24 -76.68 -3.05
CA MET O 73 -54.16 -75.83 -3.53
C MET O 73 -53.70 -76.27 -4.92
N ARG O 74 -53.56 -77.58 -5.12
CA ARG O 74 -53.18 -78.09 -6.44
C ARG O 74 -54.21 -77.73 -7.49
N GLN O 75 -55.50 -77.90 -7.17
CA GLN O 75 -56.55 -77.58 -8.11
C GLN O 75 -56.53 -76.10 -8.50
N GLU O 76 -56.41 -75.22 -7.50
CA GLU O 76 -56.43 -73.79 -7.81
C GLU O 76 -55.17 -73.38 -8.56
N ILE O 77 -54.02 -73.98 -8.25
CA ILE O 77 -52.80 -73.68 -8.98
C ILE O 77 -52.93 -74.10 -10.43
N ARG O 78 -53.49 -75.30 -10.66
CA ARG O 78 -53.70 -75.76 -12.03
C ARG O 78 -54.65 -74.83 -12.77
N SER O 79 -55.74 -74.40 -12.12
CA SER O 79 -56.69 -73.51 -12.77
C SER O 79 -56.05 -72.16 -13.10
N ALA O 80 -55.27 -71.61 -12.19
CA ALA O 80 -54.68 -70.28 -12.40
C ALA O 80 -53.58 -70.33 -13.45
N THR O 81 -52.76 -71.39 -13.45
CA THR O 81 -51.67 -71.50 -14.41
C THR O 81 -52.18 -71.53 -15.85
N SER O 82 -53.45 -71.89 -16.06
CA SER O 82 -54.01 -71.90 -17.41
C SER O 82 -54.08 -70.50 -18.00
N SER O 83 -53.96 -69.45 -17.17
CA SER O 83 -54.00 -68.07 -17.64
C SER O 83 -52.60 -67.69 -18.11
N MET O 84 -52.45 -67.60 -19.43
CA MET O 84 -51.17 -67.30 -20.05
C MET O 84 -50.93 -65.80 -20.12
N THR O 85 -51.95 -65.00 -19.80
CA THR O 85 -51.90 -63.56 -19.99
C THR O 85 -51.30 -62.79 -18.82
N SER O 86 -51.04 -63.44 -17.69
CA SER O 86 -50.49 -62.73 -16.54
C SER O 86 -49.90 -63.74 -15.55
N VAL O 87 -49.00 -63.28 -14.70
CA VAL O 87 -48.43 -64.10 -13.64
C VAL O 87 -49.57 -64.44 -12.68
N PRO O 88 -49.82 -65.72 -12.36
CA PRO O 88 -50.94 -66.05 -11.48
C PRO O 88 -50.91 -65.31 -10.15
N LYS O 89 -52.04 -64.72 -9.78
CA LYS O 89 -52.16 -64.08 -8.47
C LYS O 89 -51.90 -65.05 -7.32
N PRO O 90 -52.35 -66.32 -7.38
CA PRO O 90 -52.04 -67.23 -6.27
C PRO O 90 -50.56 -67.32 -5.96
N LEU O 91 -49.70 -67.31 -6.98
CA LEU O 91 -48.26 -67.33 -6.73
C LEU O 91 -47.83 -66.06 -5.99
N LYS O 92 -48.35 -64.91 -6.39
CA LYS O 92 -47.99 -63.67 -5.71
C LYS O 92 -48.43 -63.68 -4.25
N PHE O 93 -49.60 -64.24 -3.97
CA PHE O 93 -50.09 -64.32 -2.59
C PHE O 93 -49.37 -65.39 -1.78
N LEU O 94 -48.90 -66.46 -2.42
CA LEU O 94 -48.25 -67.55 -1.71
C LEU O 94 -46.74 -67.37 -1.60
N ARG O 95 -46.17 -66.35 -2.26
CA ARG O 95 -44.73 -66.11 -2.13
C ARG O 95 -44.26 -66.01 -0.69
N PRO O 96 -44.95 -65.32 0.23
CA PRO O 96 -44.36 -65.15 1.58
C PRO O 96 -44.27 -66.44 2.36
N HIS O 97 -45.07 -67.45 2.02
CA HIS O 97 -45.12 -68.69 2.78
C HIS O 97 -44.14 -69.75 2.27
N TYR O 98 -43.27 -69.41 1.33
CA TYR O 98 -42.35 -70.40 0.78
C TYR O 98 -41.43 -70.95 1.85
N GLY O 99 -40.87 -70.08 2.70
CA GLY O 99 -40.00 -70.55 3.76
C GLY O 99 -40.72 -71.40 4.78
N THR O 100 -41.93 -71.00 5.16
CA THR O 100 -42.72 -71.80 6.09
C THR O 100 -43.02 -73.18 5.50
N LEU O 101 -43.37 -73.23 4.22
CA LEU O 101 -43.66 -74.52 3.59
C LEU O 101 -42.40 -75.37 3.49
N LYS O 102 -41.25 -74.73 3.24
CA LYS O 102 -39.98 -75.48 3.21
C LYS O 102 -39.69 -76.09 4.57
N ALA O 103 -39.87 -75.31 5.64
CA ALA O 103 -39.67 -75.84 6.99
C ALA O 103 -40.65 -76.97 7.28
N PHE O 104 -41.91 -76.80 6.89
CA PHE O 104 -42.90 -77.85 7.12
C PHE O 104 -42.52 -79.14 6.37
N TYR O 105 -42.03 -78.99 5.14
CA TYR O 105 -41.52 -80.14 4.41
C TYR O 105 -40.38 -80.80 5.17
N GLU O 106 -39.45 -80.00 5.70
CA GLU O 106 -38.35 -80.55 6.49
C GLU O 106 -38.84 -81.26 7.74
N THR O 107 -40.00 -80.89 8.27
CA THR O 107 -40.49 -81.45 9.53
C THR O 107 -41.39 -82.67 9.36
N MET O 108 -41.72 -83.06 8.13
CA MET O 108 -42.64 -84.16 7.90
C MET O 108 -41.90 -85.45 7.59
N SER O 109 -42.48 -86.56 8.04
CA SER O 109 -41.97 -87.88 7.69
C SER O 109 -42.51 -88.30 6.33
N ASP O 110 -41.90 -89.34 5.77
CA ASP O 110 -42.25 -89.81 4.43
C ASP O 110 -43.72 -90.22 4.35
N SER O 111 -44.41 -89.76 3.31
CA SER O 111 -45.80 -90.11 3.08
C SER O 111 -46.24 -89.55 1.74
N ASP O 112 -47.46 -89.92 1.33
CA ASP O 112 -48.03 -89.40 0.10
C ASP O 112 -48.23 -87.90 0.21
N LEU O 113 -48.63 -87.43 1.39
CA LEU O 113 -48.69 -86.00 1.64
C LEU O 113 -47.35 -85.34 1.35
N LYS O 114 -46.25 -86.01 1.71
CA LYS O 114 -44.93 -85.45 1.42
C LYS O 114 -44.71 -85.33 -0.08
N GLU O 115 -45.14 -86.33 -0.86
CA GLU O 115 -44.98 -86.25 -2.31
C GLU O 115 -45.80 -85.11 -2.90
N PHE O 116 -47.04 -84.95 -2.45
CA PHE O 116 -47.87 -83.85 -2.96
C PHE O 116 -47.27 -82.50 -2.59
N LEU O 117 -46.81 -82.36 -1.34
CA LEU O 117 -46.18 -81.11 -0.94
C LEU O 117 -44.88 -80.87 -1.70
N ALA O 118 -44.14 -81.93 -2.02
CA ALA O 118 -42.94 -81.78 -2.82
C ALA O 118 -43.28 -81.27 -4.22
N ASP O 119 -44.36 -81.79 -4.81
CA ASP O 119 -44.81 -81.28 -6.10
C ASP O 119 -45.17 -79.80 -5.99
N ILE O 120 -45.89 -79.42 -4.93
CA ILE O 120 -46.28 -78.03 -4.76
C ILE O 120 -45.05 -77.14 -4.62
N LEU O 121 -44.07 -77.56 -3.82
CA LEU O 121 -42.86 -76.76 -3.64
C LEU O 121 -42.02 -76.71 -4.91
N SER O 122 -42.01 -77.79 -5.70
CA SER O 122 -41.33 -77.76 -6.98
C SER O 122 -41.97 -76.74 -7.91
N VAL O 123 -43.31 -76.68 -7.91
CA VAL O 123 -44.00 -75.66 -8.71
C VAL O 123 -43.69 -74.26 -8.18
N LEU O 124 -43.60 -74.11 -6.86
CA LEU O 124 -43.39 -72.80 -6.26
C LEU O 124 -41.96 -72.28 -6.46
N ALA O 125 -40.99 -73.19 -6.54
CA ALA O 125 -39.60 -72.75 -6.68
C ALA O 125 -39.37 -72.01 -7.98
N LEU O 126 -40.30 -72.12 -8.92
CA LEU O 126 -40.17 -71.40 -10.19
C LEU O 126 -40.00 -69.90 -9.97
N THR O 127 -40.59 -69.37 -8.89
CA THR O 127 -40.62 -67.93 -8.65
C THR O 127 -39.79 -67.49 -7.46
N MET O 128 -39.37 -68.41 -6.59
CA MET O 128 -38.63 -68.05 -5.38
C MET O 128 -37.23 -68.62 -5.31
N SER O 129 -36.86 -69.57 -6.18
CA SER O 129 -35.53 -70.15 -6.13
C SER O 129 -34.50 -69.18 -6.67
N ALA O 130 -33.47 -68.90 -5.88
CA ALA O 130 -32.40 -68.02 -6.32
C ALA O 130 -31.59 -68.69 -7.42
N GLU O 131 -31.09 -67.88 -8.36
CA GLU O 131 -30.28 -68.40 -9.46
C GLU O 131 -29.15 -69.27 -8.94
N GLY O 132 -29.15 -70.55 -9.34
CA GLY O 132 -28.16 -71.51 -8.90
C GLY O 132 -28.65 -72.45 -7.83
N GLU O 133 -29.78 -72.16 -7.18
CA GLU O 133 -30.35 -73.03 -6.15
C GLU O 133 -31.28 -74.02 -6.85
N ARG O 134 -30.85 -75.27 -6.93
CA ARG O 134 -31.62 -76.30 -7.62
C ARG O 134 -32.64 -76.93 -6.67
N GLU O 135 -33.54 -76.11 -6.12
CA GLU O 135 -34.59 -76.64 -5.26
C GLU O 135 -35.67 -77.34 -6.05
N SER O 136 -36.03 -76.82 -7.23
CA SER O 136 -37.15 -77.38 -7.99
C SER O 136 -36.87 -78.83 -8.36
N LEU O 137 -35.68 -79.11 -8.93
CA LEU O 137 -35.37 -80.47 -9.33
C LEU O 137 -35.24 -81.40 -8.12
N LYS O 138 -34.66 -80.90 -7.04
CA LYS O 138 -34.52 -81.73 -5.84
C LYS O 138 -35.88 -82.13 -5.30
N TYR O 139 -36.83 -81.21 -5.29
CA TYR O 139 -38.17 -81.55 -4.81
C TYR O 139 -38.94 -82.39 -5.83
N ARG O 140 -38.64 -82.23 -7.12
CA ARG O 140 -39.33 -83.01 -8.14
C ARG O 140 -38.89 -84.46 -8.12
N LEU O 141 -37.58 -84.71 -7.98
CA LEU O 141 -37.09 -86.07 -7.86
C LEU O 141 -37.66 -86.77 -6.64
N LEU O 142 -38.02 -86.02 -5.61
CA LEU O 142 -38.69 -86.57 -4.42
C LEU O 142 -40.20 -86.50 -4.53
N GLY O 143 -40.74 -85.98 -5.63
CA GLY O 143 -42.16 -85.86 -5.82
C GLY O 143 -42.76 -87.09 -6.51
N SER O 144 -44.03 -86.97 -6.85
CA SER O 144 -44.76 -88.06 -7.49
C SER O 144 -44.43 -88.12 -8.97
N GLU O 145 -44.76 -89.26 -9.59
CA GLU O 145 -44.53 -89.45 -11.02
C GLU O 145 -45.75 -89.01 -11.82
N GLY O 146 -46.55 -88.10 -11.26
CA GLY O 146 -47.74 -87.65 -11.94
C GLY O 146 -47.43 -86.92 -13.23
N ASP O 147 -48.47 -86.74 -14.04
CA ASP O 147 -48.33 -86.10 -15.35
C ASP O 147 -47.71 -84.71 -15.20
N ILE O 148 -46.61 -84.47 -15.90
CA ILE O 148 -45.94 -83.18 -15.84
C ILE O 148 -46.78 -82.11 -16.52
N GLY O 149 -47.49 -82.46 -17.59
CA GLY O 149 -48.23 -81.48 -18.36
C GLY O 149 -49.31 -80.75 -17.59
N SER O 150 -49.76 -81.32 -16.47
CA SER O 150 -50.84 -80.72 -15.71
C SER O 150 -50.43 -79.40 -15.05
N TRP O 151 -49.13 -79.07 -15.02
CA TRP O 151 -48.65 -77.91 -14.30
C TRP O 151 -48.35 -76.71 -15.21
N GLY O 152 -48.64 -76.81 -16.51
CA GLY O 152 -48.44 -75.70 -17.42
C GLY O 152 -47.11 -75.74 -18.13
N HIS O 153 -47.04 -74.99 -19.23
CA HIS O 153 -45.85 -75.03 -20.09
C HIS O 153 -44.64 -74.37 -19.44
N GLU O 154 -44.86 -73.31 -18.66
CA GLU O 154 -43.73 -72.62 -18.02
C GLU O 154 -42.98 -73.56 -17.09
N TYR O 155 -43.71 -74.38 -16.33
CA TYR O 155 -43.06 -75.35 -15.45
C TYR O 155 -42.21 -76.32 -16.24
N VAL O 156 -42.74 -76.80 -17.38
CA VAL O 156 -41.97 -77.74 -18.21
C VAL O 156 -40.72 -77.07 -18.75
N ARG O 157 -40.83 -75.82 -19.20
CA ARG O 157 -39.67 -75.13 -19.77
C ARG O 157 -38.59 -74.90 -18.71
N ASN O 158 -38.99 -74.45 -17.52
CA ASN O 158 -38.01 -74.24 -16.46
C ASN O 158 -37.39 -75.57 -16.03
N LEU O 159 -38.18 -76.64 -15.98
CA LEU O 159 -37.64 -77.95 -15.68
C LEU O 159 -36.63 -78.38 -16.74
N ALA O 160 -36.92 -78.10 -18.01
CA ALA O 160 -36.00 -78.45 -19.08
C ALA O 160 -34.67 -77.71 -18.92
N GLY O 161 -34.74 -76.41 -18.62
CA GLY O 161 -33.52 -75.65 -18.40
C GLY O 161 -32.72 -76.16 -17.21
N GLU O 162 -33.40 -76.41 -16.09
CA GLU O 162 -32.71 -76.93 -14.91
C GLU O 162 -32.15 -78.32 -15.16
N ILE O 163 -32.83 -79.13 -15.97
CA ILE O 163 -32.33 -80.46 -16.31
C ILE O 163 -31.08 -80.34 -17.16
N ALA O 164 -31.07 -79.40 -18.10
CA ALA O 164 -29.87 -79.16 -18.89
C ALA O 164 -28.70 -78.78 -17.99
N GLN O 165 -28.93 -77.87 -17.05
CA GLN O 165 -27.87 -77.48 -16.12
C GLN O 165 -27.41 -78.65 -15.27
N GLU O 166 -28.35 -79.46 -14.76
CA GLU O 166 -27.99 -80.60 -13.92
C GLU O 166 -27.19 -81.61 -14.70
N TYR O 167 -27.57 -81.88 -15.95
CA TYR O 167 -26.82 -82.79 -16.80
C TYR O 167 -25.42 -82.26 -17.05
N SER O 168 -25.31 -80.95 -17.31
CA SER O 168 -24.00 -80.35 -17.56
C SER O 168 -23.09 -80.52 -16.36
N LYS O 169 -23.60 -80.28 -15.16
CA LYS O 169 -22.78 -80.41 -13.96
C LYS O 169 -22.56 -81.85 -13.53
N GLN O 170 -23.48 -82.76 -13.84
CA GLN O 170 -23.30 -84.17 -13.48
C GLN O 170 -22.32 -84.86 -14.41
N HIS O 171 -22.29 -84.47 -15.68
CA HIS O 171 -21.29 -85.00 -16.60
C HIS O 171 -19.88 -84.71 -16.08
N GLN O 172 -19.72 -83.63 -15.30
CA GLN O 172 -18.43 -83.33 -14.69
C GLN O 172 -18.19 -84.12 -13.41
N ASN O 173 -19.23 -84.75 -12.87
CA ASN O 173 -19.12 -85.53 -11.64
C ASN O 173 -19.03 -87.03 -11.90
N GLU O 174 -19.75 -87.54 -12.88
CA GLU O 174 -19.61 -88.93 -13.31
C GLU O 174 -20.00 -89.92 -12.21
N GLU O 175 -20.75 -89.47 -11.21
CA GLU O 175 -21.10 -90.32 -10.08
C GLU O 175 -22.60 -90.37 -9.79
N ALA O 176 -23.44 -89.75 -10.61
CA ALA O 176 -24.87 -89.76 -10.34
C ALA O 176 -25.60 -90.74 -11.25
N PRO O 177 -26.64 -91.41 -10.77
CA PRO O 177 -27.42 -92.31 -11.64
C PRO O 177 -28.13 -91.53 -12.73
N PHE O 178 -28.21 -92.13 -13.92
CA PHE O 178 -28.80 -91.45 -15.07
C PHE O 178 -30.26 -91.83 -15.29
N ASP O 179 -30.66 -93.04 -14.88
CA ASP O 179 -31.99 -93.54 -15.25
C ASP O 179 -33.10 -92.62 -14.76
N ASP O 180 -32.99 -92.12 -13.54
CA ASP O 180 -34.02 -91.24 -13.01
C ASP O 180 -34.18 -89.98 -13.86
N LEU O 181 -33.06 -89.38 -14.27
CA LEU O 181 -33.12 -88.23 -15.15
C LEU O 181 -33.64 -88.61 -16.54
N MET O 182 -33.26 -89.80 -17.01
CA MET O 182 -33.67 -90.23 -18.35
C MET O 182 -35.18 -90.40 -18.43
N ASP O 183 -35.80 -90.96 -17.39
CA ASP O 183 -37.25 -91.13 -17.42
C ASP O 183 -37.97 -89.79 -17.50
N LEU O 184 -37.53 -88.82 -16.69
CA LEU O 184 -38.14 -87.49 -16.73
C LEU O 184 -37.90 -86.83 -18.08
N VAL O 185 -36.71 -87.01 -18.66
CA VAL O 185 -36.42 -86.45 -19.98
C VAL O 185 -37.33 -87.05 -21.03
N GLN O 186 -37.57 -88.37 -20.96
CA GLN O 186 -38.47 -89.02 -21.90
C GLN O 186 -39.88 -88.47 -21.77
N GLN O 187 -40.37 -88.33 -20.54
CA GLN O 187 -41.70 -87.77 -20.33
C GLN O 187 -41.79 -86.35 -20.87
N ILE O 188 -40.75 -85.53 -20.64
CA ILE O 188 -40.75 -84.16 -21.12
C ILE O 188 -40.76 -84.14 -22.64
N ILE O 189 -39.99 -85.02 -23.27
CA ILE O 189 -39.95 -85.09 -24.72
C ILE O 189 -41.32 -85.46 -25.27
N ALA O 190 -41.98 -86.45 -24.65
CA ALA O 190 -43.30 -86.83 -25.09
C ALA O 190 -44.29 -85.67 -24.96
N PHE O 191 -44.25 -84.96 -23.83
CA PHE O 191 -45.14 -83.82 -23.65
C PHE O 191 -44.90 -82.75 -24.71
N HIS O 192 -43.62 -82.43 -24.96
CA HIS O 192 -43.30 -81.41 -25.96
C HIS O 192 -43.78 -81.83 -27.34
N MET O 193 -43.57 -83.11 -27.69
CA MET O 193 -44.01 -83.60 -28.99
C MET O 193 -45.53 -83.50 -29.13
N LYS O 194 -46.25 -83.84 -28.05
CA LYS O 194 -47.71 -83.80 -28.12
C LYS O 194 -48.25 -82.38 -28.25
N HIS O 195 -47.47 -81.38 -27.86
CA HIS O 195 -47.91 -79.98 -27.86
C HIS O 195 -47.21 -79.14 -28.91
N ASN O 196 -46.53 -79.75 -29.88
CA ASN O 196 -45.92 -79.04 -31.00
C ASN O 196 -44.85 -78.06 -30.54
N ALA O 197 -44.31 -78.25 -29.34
CA ALA O 197 -43.17 -77.48 -28.84
C ALA O 197 -41.87 -78.17 -29.20
N GLU O 198 -41.72 -78.49 -30.48
CA GLU O 198 -40.60 -79.32 -30.92
C GLU O 198 -39.24 -78.69 -30.67
N PRO O 199 -39.01 -77.40 -30.95
CA PRO O 199 -37.67 -76.85 -30.72
C PRO O 199 -37.19 -77.01 -29.29
N GLU O 200 -38.09 -76.85 -28.32
CA GLU O 200 -37.70 -77.04 -26.92
C GLU O 200 -37.26 -78.47 -26.66
N ALA O 201 -38.00 -79.46 -27.19
CA ALA O 201 -37.61 -80.85 -27.02
C ALA O 201 -36.25 -81.11 -27.66
N VAL O 202 -36.03 -80.57 -28.86
CA VAL O 202 -34.75 -80.79 -29.54
C VAL O 202 -33.62 -80.18 -28.74
N ASP O 203 -33.83 -78.97 -28.22
CA ASP O 203 -32.79 -78.33 -27.41
C ASP O 203 -32.50 -79.13 -26.15
N LEU O 204 -33.56 -79.62 -25.49
CA LEU O 204 -33.36 -80.43 -24.29
C LEU O 204 -32.57 -81.69 -24.59
N LEU O 205 -32.93 -82.40 -25.67
CA LEU O 205 -32.21 -83.61 -26.02
C LEU O 205 -30.78 -83.31 -26.46
N MET O 206 -30.55 -82.13 -27.04
CA MET O 206 -29.20 -81.74 -27.40
C MET O 206 -28.35 -81.50 -26.16
N GLU O 207 -28.92 -80.81 -25.17
CA GLU O 207 -28.21 -80.57 -23.92
C GLU O 207 -28.01 -81.86 -23.13
N VAL O 208 -28.79 -82.91 -23.43
CA VAL O 208 -28.63 -84.20 -22.78
C VAL O 208 -27.79 -85.16 -23.62
N GLU O 209 -27.59 -84.87 -24.91
CA GLU O 209 -26.73 -85.67 -25.79
C GLU O 209 -27.35 -87.03 -26.12
N ASP O 210 -28.54 -87.31 -25.61
CA ASP O 210 -29.23 -88.56 -25.89
C ASP O 210 -30.22 -88.37 -27.04
N LEU O 211 -29.67 -87.93 -28.18
CA LEU O 211 -30.50 -87.62 -29.34
C LEU O 211 -31.19 -88.85 -29.92
N ASP O 212 -30.76 -90.06 -29.54
CA ASP O 212 -31.36 -91.26 -30.10
C ASP O 212 -32.84 -91.38 -29.74
N LEU O 213 -33.26 -90.72 -28.65
CA LEU O 213 -34.65 -90.81 -28.23
C LEU O 213 -35.60 -90.15 -29.23
N LEU O 214 -35.09 -89.31 -30.12
CA LEU O 214 -35.96 -88.64 -31.09
C LEU O 214 -36.62 -89.65 -32.03
N GLN O 215 -35.94 -90.75 -32.33
CA GLN O 215 -36.43 -91.69 -33.32
C GLN O 215 -37.70 -92.41 -32.89
N GLU O 216 -38.08 -92.32 -31.61
CA GLU O 216 -39.24 -93.04 -31.11
C GLU O 216 -40.48 -92.16 -30.95
N HIS O 217 -40.28 -90.84 -30.80
CA HIS O 217 -41.39 -89.93 -30.52
C HIS O 217 -41.74 -89.02 -31.69
N VAL O 218 -41.25 -89.32 -32.89
CA VAL O 218 -41.53 -88.50 -34.07
C VAL O 218 -42.78 -89.06 -34.76
N ASP O 219 -43.78 -88.20 -34.96
CA ASP O 219 -45.02 -88.59 -35.61
C ASP O 219 -45.07 -88.05 -37.03
N GLU O 220 -46.06 -88.53 -37.78
CA GLU O 220 -46.24 -88.13 -39.17
C GLU O 220 -46.63 -86.66 -39.29
N LYS O 221 -47.13 -86.08 -38.21
CA LYS O 221 -47.47 -84.66 -38.18
C LYS O 221 -46.39 -83.79 -37.57
N ASN O 222 -45.35 -84.39 -36.99
CA ASN O 222 -44.32 -83.66 -36.27
C ASN O 222 -42.95 -83.71 -36.92
N TYR O 223 -42.76 -84.55 -37.94
CA TYR O 223 -41.41 -84.77 -38.46
C TYR O 223 -40.91 -83.56 -39.24
N LYS O 224 -41.80 -82.85 -39.94
CA LYS O 224 -41.35 -81.75 -40.80
C LYS O 224 -40.65 -80.66 -39.98
N ARG O 225 -41.34 -80.12 -38.98
CA ARG O 225 -40.77 -79.05 -38.17
C ARG O 225 -39.52 -79.53 -37.41
N THR O 226 -39.59 -80.74 -36.85
CA THR O 226 -38.44 -81.27 -36.12
C THR O 226 -37.22 -81.37 -37.02
N CYS O 227 -37.38 -81.96 -38.20
CA CYS O 227 -36.25 -82.13 -39.10
C CYS O 227 -35.73 -80.80 -39.59
N LEU O 228 -36.62 -79.83 -39.86
CA LEU O 228 -36.16 -78.51 -40.23
C LEU O 228 -35.33 -77.88 -39.12
N TYR O 229 -35.76 -78.06 -37.87
CA TYR O 229 -34.99 -77.53 -36.74
C TYR O 229 -33.63 -78.22 -36.64
N LEU O 230 -33.58 -79.54 -36.83
CA LEU O 230 -32.30 -80.22 -36.80
C LEU O 230 -31.38 -79.71 -37.89
N THR O 231 -31.91 -79.52 -39.10
CA THR O 231 -31.11 -79.01 -40.20
C THR O 231 -30.59 -77.61 -39.91
N ALA O 232 -31.44 -76.74 -39.36
CA ALA O 232 -30.99 -75.40 -39.00
C ALA O 232 -29.91 -75.42 -37.93
N ALA O 233 -30.07 -76.30 -36.92
CA ALA O 233 -29.09 -76.38 -35.85
C ALA O 233 -27.75 -76.90 -36.37
N ALA O 234 -27.80 -77.87 -37.29
CA ALA O 234 -26.58 -78.48 -37.82
C ALA O 234 -25.62 -77.43 -38.34
N LYS O 235 -26.17 -76.36 -38.94
CA LYS O 235 -25.32 -75.30 -39.46
C LYS O 235 -24.54 -74.59 -38.35
N TYR O 236 -25.10 -74.59 -37.13
CA TYR O 236 -24.40 -73.97 -35.98
C TYR O 236 -23.50 -75.01 -35.31
N LEU O 237 -23.88 -76.29 -35.36
CA LEU O 237 -23.07 -77.38 -34.75
C LEU O 237 -21.77 -77.56 -35.51
N ALA O 238 -20.69 -77.94 -34.82
CA ALA O 238 -19.37 -78.08 -35.46
C ALA O 238 -19.09 -79.54 -35.84
N SER O 239 -18.34 -79.78 -36.93
CA SER O 239 -17.98 -81.14 -37.40
C SER O 239 -18.71 -82.26 -36.62
N PRO O 240 -18.15 -82.76 -35.50
CA PRO O 240 -18.57 -84.06 -34.96
C PRO O 240 -20.05 -84.04 -34.54
N ASP O 241 -20.47 -82.99 -33.84
CA ASP O 241 -21.89 -82.86 -33.40
C ASP O 241 -22.79 -82.77 -34.65
N ASP O 242 -22.38 -81.97 -35.64
CA ASP O 242 -23.19 -81.79 -36.88
C ASP O 242 -23.34 -83.14 -37.60
N MET O 243 -22.27 -83.94 -37.63
CA MET O 243 -22.30 -85.26 -38.33
C MET O 243 -23.32 -86.18 -37.66
N LEU O 244 -23.28 -86.27 -36.32
CA LEU O 244 -24.22 -87.15 -35.57
C LEU O 244 -25.66 -86.62 -35.77
N VAL O 245 -25.83 -85.29 -35.73
CA VAL O 245 -27.14 -84.68 -35.92
C VAL O 245 -27.68 -85.00 -37.30
N LEU O 246 -26.83 -84.91 -38.33
CA LEU O 246 -27.27 -85.22 -39.68
C LEU O 246 -27.66 -86.68 -39.82
N ASP O 247 -26.90 -87.59 -39.19
CA ASP O 247 -27.24 -89.00 -39.24
C ASP O 247 -28.58 -89.26 -38.57
N ILE O 248 -28.84 -88.61 -37.43
CA ILE O 248 -30.12 -88.81 -36.74
C ILE O 248 -31.26 -88.22 -37.55
N ALA O 249 -31.03 -87.09 -38.22
CA ALA O 249 -32.05 -86.54 -39.11
C ALA O 249 -32.33 -87.49 -40.26
N HIS O 250 -31.28 -88.11 -40.81
CA HIS O 250 -31.47 -89.11 -41.85
C HIS O 250 -32.30 -90.29 -41.35
N SER O 251 -32.03 -90.73 -40.12
CA SER O 251 -32.82 -91.82 -39.54
C SER O 251 -34.28 -91.42 -39.39
N ILE O 252 -34.53 -90.21 -38.89
CA ILE O 252 -35.90 -89.73 -38.78
C ILE O 252 -36.57 -89.71 -40.15
N TYR O 253 -35.84 -89.24 -41.16
CA TYR O 253 -36.41 -89.19 -42.51
C TYR O 253 -36.75 -90.57 -43.04
N MET O 254 -35.85 -91.55 -42.87
CA MET O 254 -36.16 -92.89 -43.38
C MET O 254 -37.34 -93.48 -42.64
N LYS O 255 -37.46 -93.19 -41.34
CA LYS O 255 -38.64 -93.63 -40.60
C LYS O 255 -39.89 -92.92 -41.10
N CYS O 256 -39.76 -91.70 -41.61
CA CYS O 256 -40.88 -90.91 -42.09
C CYS O 256 -41.14 -91.10 -43.58
N GLU O 257 -40.30 -91.86 -44.28
CA GLU O 257 -40.53 -92.26 -45.66
C GLU O 257 -40.40 -91.11 -46.65
N GLU O 258 -39.88 -89.95 -46.24
CA GLU O 258 -39.53 -88.89 -47.19
C GLU O 258 -38.08 -89.06 -47.63
N TYR O 259 -37.94 -89.81 -48.73
CA TYR O 259 -36.62 -90.13 -49.24
C TYR O 259 -35.88 -88.96 -49.85
N PRO O 260 -36.52 -87.95 -50.46
CA PRO O 260 -35.73 -86.83 -51.01
C PRO O 260 -34.90 -86.09 -49.98
N SER O 261 -35.49 -85.75 -48.84
CA SER O 261 -34.75 -85.07 -47.78
C SER O 261 -33.65 -85.96 -47.22
N ALA O 262 -33.93 -87.26 -47.09
CA ALA O 262 -32.89 -88.20 -46.66
C ALA O 262 -31.72 -88.21 -47.64
N LEU O 263 -32.03 -88.18 -48.94
CA LEU O 263 -30.99 -88.14 -49.96
C LEU O 263 -30.17 -86.87 -49.85
N GLN O 264 -30.84 -85.73 -49.62
CA GLN O 264 -30.11 -84.48 -49.45
C GLN O 264 -29.18 -84.54 -48.25
N VAL O 265 -29.69 -85.04 -47.13
CA VAL O 265 -28.88 -85.12 -45.92
C VAL O 265 -27.68 -86.05 -46.12
N SER O 266 -27.91 -87.19 -46.77
CA SER O 266 -26.81 -88.11 -47.05
C SER O 266 -25.78 -87.48 -47.99
N LEU O 267 -26.25 -86.72 -48.98
CA LEU O 267 -25.33 -86.00 -49.85
C LEU O 267 -24.48 -85.02 -49.08
N VAL O 268 -25.07 -84.35 -48.08
CA VAL O 268 -24.27 -83.50 -47.20
C VAL O 268 -23.22 -84.33 -46.48
N LEU O 269 -23.57 -85.56 -46.09
CA LEU O 269 -22.64 -86.44 -45.38
C LEU O 269 -21.61 -87.07 -46.31
N ASP O 270 -21.83 -87.03 -47.62
CA ASP O 270 -20.89 -87.58 -48.60
C ASP O 270 -20.62 -89.07 -48.34
N ASN O 271 -21.63 -89.81 -47.90
CA ASN O 271 -21.52 -91.25 -47.67
C ASN O 271 -22.39 -91.97 -48.69
N LEU O 272 -21.75 -92.72 -49.59
CA LEU O 272 -22.49 -93.43 -50.63
C LEU O 272 -23.31 -94.59 -50.08
N GLN O 273 -22.91 -95.15 -48.93
CA GLN O 273 -23.66 -96.27 -48.36
C GLN O 273 -25.08 -95.86 -47.99
N TYR O 274 -25.24 -94.67 -47.42
CA TYR O 274 -26.57 -94.18 -47.08
C TYR O 274 -27.40 -93.95 -48.34
N VAL O 275 -26.77 -93.45 -49.41
CA VAL O 275 -27.49 -93.27 -50.67
C VAL O 275 -27.97 -94.62 -51.20
N LYS O 276 -27.09 -95.63 -51.14
CA LYS O 276 -27.47 -96.96 -51.59
C LYS O 276 -28.63 -97.51 -50.76
N HIS O 277 -28.58 -97.30 -49.44
CA HIS O 277 -29.67 -97.75 -48.59
C HIS O 277 -30.98 -97.04 -48.95
N ILE O 278 -30.91 -95.73 -49.20
CA ILE O 278 -32.10 -94.98 -49.58
C ILE O 278 -32.68 -95.54 -50.87
N PHE O 279 -31.82 -95.77 -51.87
CA PHE O 279 -32.30 -96.31 -53.13
C PHE O 279 -32.92 -97.69 -52.95
N THR O 280 -32.30 -98.55 -52.13
CA THR O 280 -32.85 -99.87 -51.90
C THR O 280 -34.21 -99.79 -51.22
N SER O 281 -34.37 -98.89 -50.25
CA SER O 281 -35.63 -98.78 -49.52
C SER O 281 -36.75 -98.21 -50.40
N CYS O 282 -36.41 -97.59 -51.53
CA CYS O 282 -37.41 -96.97 -52.39
C CYS O 282 -38.01 -98.00 -53.35
N ASN O 283 -39.33 -98.00 -53.46
CA ASN O 283 -40.03 -98.87 -54.40
C ASN O 283 -40.72 -98.09 -55.51
N ASP O 284 -40.70 -96.76 -55.47
CA ASP O 284 -41.38 -95.95 -56.48
C ASP O 284 -40.39 -95.57 -57.58
N LEU O 285 -40.74 -95.92 -58.82
CA LEU O 285 -39.84 -95.64 -59.94
C LEU O 285 -39.68 -94.14 -60.16
N LEU O 286 -40.78 -93.38 -60.06
CA LEU O 286 -40.70 -91.94 -60.28
C LEU O 286 -39.80 -91.28 -59.24
N ARG O 287 -39.90 -91.69 -57.98
CA ARG O 287 -39.02 -91.15 -56.95
C ARG O 287 -37.56 -91.49 -57.25
N LYS O 288 -37.30 -92.70 -57.74
CA LYS O 288 -35.93 -93.06 -58.12
C LYS O 288 -35.42 -92.18 -59.25
N LYS O 289 -36.28 -91.90 -60.23
CA LYS O 289 -35.89 -91.01 -61.33
C LYS O 289 -35.58 -89.61 -60.81
N GLN O 290 -36.40 -89.10 -59.89
CA GLN O 290 -36.12 -87.79 -59.32
C GLN O 290 -34.82 -87.77 -58.54
N PHE O 291 -34.54 -88.85 -57.79
CA PHE O 291 -33.27 -88.95 -57.08
C PHE O 291 -32.10 -88.98 -58.05
N CYS O 292 -32.27 -89.67 -59.19
CA CYS O 292 -31.23 -89.67 -60.20
C CYS O 292 -31.01 -88.27 -60.76
N TYR O 293 -32.09 -87.52 -60.99
CA TYR O 293 -31.96 -86.14 -61.44
C TYR O 293 -31.21 -85.30 -60.41
N ILE O 294 -31.55 -85.46 -59.13
CA ILE O 294 -30.89 -84.69 -58.08
C ILE O 294 -29.40 -85.04 -58.02
N LEU O 295 -29.07 -86.32 -58.12
CA LEU O 295 -27.67 -86.73 -58.11
C LEU O 295 -26.92 -86.17 -59.31
N ALA O 296 -27.55 -86.19 -60.48
CA ALA O 296 -26.92 -85.58 -61.65
C ALA O 296 -26.67 -84.09 -61.44
N ARG O 297 -27.63 -83.40 -60.82
CA ARG O 297 -27.41 -81.99 -60.48
C ARG O 297 -26.24 -81.83 -59.53
N HIS O 298 -26.13 -82.70 -58.54
CA HIS O 298 -25.02 -82.62 -57.59
C HIS O 298 -23.70 -83.06 -58.20
N GLY O 299 -23.72 -83.73 -59.35
CA GLY O 299 -22.49 -84.12 -60.00
C GLY O 299 -21.84 -85.36 -59.45
N VAL O 300 -22.61 -86.25 -58.80
CA VAL O 300 -22.07 -87.48 -58.24
C VAL O 300 -22.51 -88.64 -59.11
N LEU O 301 -21.56 -89.46 -59.54
CA LEU O 301 -21.86 -90.65 -60.33
C LEU O 301 -22.27 -91.78 -59.40
N PHE O 302 -23.49 -92.29 -59.59
CA PHE O 302 -24.01 -93.41 -58.81
C PHE O 302 -24.33 -94.54 -59.76
N GLU O 303 -23.39 -95.47 -59.91
CA GLU O 303 -23.61 -96.63 -60.78
C GLU O 303 -24.63 -97.56 -60.12
N LEU O 304 -25.82 -97.64 -60.70
CA LEU O 304 -26.89 -98.45 -60.13
C LEU O 304 -26.53 -99.93 -60.23
N ASP O 305 -26.36 -100.57 -59.08
CA ASP O 305 -26.02 -101.99 -59.07
C ASP O 305 -27.21 -102.83 -59.54
N ASP O 306 -26.91 -104.04 -60.01
CA ASP O 306 -27.96 -104.93 -60.49
C ASP O 306 -28.98 -105.26 -59.41
N ASN O 307 -28.58 -105.22 -58.14
CA ASN O 307 -29.49 -105.50 -57.04
C ASN O 307 -30.50 -104.39 -56.81
N MET O 308 -30.33 -103.23 -57.46
CA MET O 308 -31.22 -102.10 -57.27
C MET O 308 -32.47 -102.18 -58.12
N VAL O 309 -32.35 -102.60 -59.39
CA VAL O 309 -33.50 -102.67 -60.28
C VAL O 309 -33.47 -103.98 -61.06
N LEU O 310 -34.65 -104.59 -61.23
CA LEU O 310 -34.75 -105.86 -61.93
C LEU O 310 -34.92 -105.69 -63.44
N ASP O 311 -35.16 -104.48 -63.92
CA ASP O 311 -35.39 -104.21 -65.34
C ASP O 311 -34.17 -103.52 -65.93
N ASP O 312 -33.66 -104.09 -67.04
CA ASP O 312 -32.49 -103.50 -67.69
C ASP O 312 -32.84 -102.17 -68.35
N ASP O 313 -34.01 -102.07 -68.98
CA ASP O 313 -34.39 -100.84 -69.66
C ASP O 313 -34.51 -99.67 -68.69
N GLU O 314 -35.13 -99.89 -67.53
CA GLU O 314 -35.23 -98.84 -66.52
C GLU O 314 -33.85 -98.44 -66.00
N ARG O 315 -32.96 -99.43 -65.82
CA ARG O 315 -31.60 -99.12 -65.41
C ARG O 315 -30.91 -98.23 -66.45
N GLU O 316 -31.06 -98.56 -67.73
CA GLU O 316 -30.47 -97.73 -68.78
C GLU O 316 -31.07 -96.33 -68.76
N GLN O 317 -32.39 -96.23 -68.57
CA GLN O 317 -33.04 -94.93 -68.54
C GLN O 317 -32.51 -94.07 -67.41
N MET O 318 -32.39 -94.63 -66.20
CA MET O 318 -31.88 -93.82 -65.09
C MET O 318 -30.39 -93.56 -65.22
N GLN O 319 -29.64 -94.45 -65.87
CA GLN O 319 -28.24 -94.15 -66.16
C GLN O 319 -28.12 -92.97 -67.11
N ASP O 320 -28.99 -92.92 -68.13
CA ASP O 320 -29.01 -91.76 -69.02
C ASP O 320 -29.40 -90.50 -68.26
N ILE O 321 -30.38 -90.61 -67.35
CA ILE O 321 -30.78 -89.45 -66.56
C ILE O 321 -29.61 -88.96 -65.72
N ILE O 322 -28.88 -89.88 -65.09
CA ILE O 322 -27.72 -89.49 -64.30
C ILE O 322 -26.68 -88.83 -65.19
N ASN O 323 -26.53 -89.34 -66.42
CA ASN O 323 -25.56 -88.81 -67.37
C ASN O 323 -25.94 -87.45 -67.93
N ASN O 324 -27.06 -86.87 -67.51
CA ASN O 324 -27.49 -85.54 -67.94
C ASN O 324 -27.68 -85.45 -69.45
N TYR O 325 -28.13 -86.54 -70.08
CA TYR O 325 -28.42 -86.50 -71.51
C TYR O 325 -29.55 -85.52 -71.82
N LYS O 326 -30.59 -85.50 -70.98
CA LYS O 326 -31.76 -84.67 -71.23
C LYS O 326 -31.55 -83.22 -70.85
N LEU O 327 -30.41 -82.88 -70.22
CA LEU O 327 -30.17 -81.49 -69.85
C LEU O 327 -30.07 -80.60 -71.09
N SER O 328 -29.38 -81.07 -72.13
CA SER O 328 -29.28 -80.29 -73.36
C SER O 328 -30.65 -80.09 -73.99
N GLU O 329 -31.48 -81.14 -74.02
CA GLU O 329 -32.81 -81.02 -74.58
C GLU O 329 -33.65 -80.02 -73.78
N GLY O 330 -33.55 -80.08 -72.45
CA GLY O 330 -34.28 -79.12 -71.63
C GLY O 330 -33.83 -77.68 -71.86
N TYR O 331 -32.53 -77.48 -71.97
CA TYR O 331 -32.00 -76.14 -72.23
C TYR O 331 -32.48 -75.62 -73.59
N LEU O 332 -32.44 -76.48 -74.61
CA LEU O 332 -32.93 -76.07 -75.92
C LEU O 332 -34.42 -75.75 -75.89
N THR O 333 -35.21 -76.56 -75.18
CA THR O 333 -36.63 -76.28 -75.06
C THR O 333 -36.88 -74.94 -74.38
N LEU O 334 -36.13 -74.66 -73.32
CA LEU O 334 -36.26 -73.37 -72.64
C LEU O 334 -35.89 -72.23 -73.57
N ALA O 335 -34.80 -72.39 -74.32
CA ALA O 335 -34.39 -71.33 -75.25
C ALA O 335 -35.48 -71.09 -76.30
N ARG O 336 -36.08 -72.16 -76.80
CA ARG O 336 -37.19 -72.02 -77.75
C ARG O 336 -38.37 -71.30 -77.12
N ASP O 337 -38.68 -71.63 -75.87
CA ASP O 337 -39.83 -71.03 -75.20
C ASP O 337 -39.67 -69.53 -75.04
N ILE O 338 -38.49 -69.07 -74.62
CA ILE O 338 -38.26 -67.64 -74.40
C ILE O 338 -37.90 -66.90 -75.67
N GLU O 339 -37.66 -67.61 -76.78
CA GLU O 339 -37.28 -67.00 -78.05
C GLU O 339 -35.92 -66.31 -77.95
N VAL O 340 -34.95 -67.00 -77.33
CA VAL O 340 -33.61 -66.46 -77.14
C VAL O 340 -32.65 -67.21 -78.06
N MET O 341 -33.19 -67.89 -79.07
CA MET O 341 -32.35 -68.66 -79.98
C MET O 341 -31.41 -67.77 -80.77
N GLU O 342 -31.87 -66.59 -81.19
CA GLU O 342 -31.08 -65.73 -82.04
C GLU O 342 -29.74 -65.41 -81.37
N ALA O 343 -28.65 -65.69 -82.07
CA ALA O 343 -27.31 -65.45 -81.54
C ALA O 343 -27.04 -63.96 -81.45
N LYS O 344 -26.43 -63.53 -80.35
CA LYS O 344 -26.05 -62.14 -80.16
C LYS O 344 -24.55 -61.98 -80.38
N SER O 345 -24.18 -61.08 -81.29
CA SER O 345 -22.78 -60.84 -81.56
C SER O 345 -22.16 -60.01 -80.42
N PRO O 346 -20.84 -60.10 -80.25
CA PRO O 346 -20.20 -59.28 -79.21
C PRO O 346 -20.44 -57.79 -79.39
N GLU O 347 -20.57 -57.32 -80.63
CA GLU O 347 -20.83 -55.90 -80.87
C GLU O 347 -22.17 -55.47 -80.27
N ASP O 348 -23.18 -56.33 -80.34
CA ASP O 348 -24.47 -55.98 -79.76
C ASP O 348 -24.36 -55.72 -78.26
N ILE O 349 -23.62 -56.57 -77.55
CA ILE O 349 -23.34 -56.30 -76.14
C ILE O 349 -22.53 -55.02 -75.99
N TYR O 350 -21.53 -54.84 -76.85
CA TYR O 350 -20.69 -53.65 -76.77
C TYR O 350 -21.49 -52.38 -77.08
N LYS O 351 -22.58 -52.50 -77.82
CA LYS O 351 -23.41 -51.36 -78.20
C LYS O 351 -22.53 -50.18 -78.60
N ALA O 352 -21.66 -50.42 -79.58
CA ALA O 352 -20.65 -49.43 -79.94
C ALA O 352 -21.27 -48.11 -80.35
N HIS O 353 -22.52 -48.13 -80.83
CA HIS O 353 -23.16 -46.89 -81.27
C HIS O 353 -23.29 -45.90 -80.14
N LEU O 354 -23.35 -46.37 -78.89
CA LEU O 354 -23.48 -45.47 -77.74
C LEU O 354 -22.15 -44.87 -77.31
N LEU O 355 -21.01 -45.42 -77.75
CA LEU O 355 -19.70 -44.90 -77.38
C LEU O 355 -19.04 -44.09 -78.48
N ASP O 356 -19.68 -43.96 -79.65
CA ASP O 356 -19.07 -43.26 -80.77
C ASP O 356 -19.04 -41.75 -80.58
N GLY O 357 -19.50 -41.24 -79.45
CA GLY O 357 -19.50 -39.80 -79.21
C GLY O 357 -18.13 -39.19 -79.05
N ARG O 358 -17.11 -40.00 -78.74
CA ARG O 358 -15.75 -39.50 -78.55
C ARG O 358 -14.68 -40.33 -79.23
N ALA O 359 -15.04 -41.43 -79.90
CA ALA O 359 -14.07 -42.30 -80.56
C ALA O 359 -14.09 -42.17 -82.07
N SER O 360 -14.56 -41.05 -82.61
CA SER O 360 -14.64 -40.87 -84.06
C SER O 360 -13.27 -40.59 -84.66
N ALA O 361 -12.27 -40.34 -83.79
CA ALA O 361 -10.93 -40.04 -84.25
C ALA O 361 -9.92 -41.15 -83.99
N GLY O 362 -10.39 -42.37 -83.70
CA GLY O 362 -9.48 -43.47 -83.42
C GLY O 362 -9.30 -44.40 -84.61
N ALA O 363 -8.07 -44.57 -85.06
CA ALA O 363 -7.79 -45.45 -86.18
C ALA O 363 -8.18 -46.88 -85.84
N THR O 364 -8.69 -47.60 -86.84
CA THR O 364 -9.16 -48.97 -86.63
C THR O 364 -7.98 -49.93 -86.56
N VAL O 365 -7.39 -50.07 -85.37
CA VAL O 365 -6.29 -50.99 -85.12
C VAL O 365 -6.88 -52.18 -84.38
N ASP O 366 -6.97 -53.31 -85.06
CA ASP O 366 -7.54 -54.52 -84.47
C ASP O 366 -6.49 -55.21 -83.59
N SER O 367 -6.44 -54.83 -82.32
CA SER O 367 -5.46 -55.42 -81.40
C SER O 367 -5.77 -56.89 -81.17
N ALA O 368 -4.72 -57.69 -81.02
CA ALA O 368 -4.91 -59.12 -80.75
C ALA O 368 -5.66 -59.34 -79.45
N ARG O 369 -5.32 -58.57 -78.41
CA ARG O 369 -6.03 -58.71 -77.14
C ARG O 369 -7.51 -58.35 -77.28
N GLN O 370 -7.83 -57.34 -78.09
CA GLN O 370 -9.22 -57.02 -78.35
C GLN O 370 -9.94 -58.17 -79.03
N ASN O 371 -9.28 -58.81 -80.01
CA ASN O 371 -9.87 -59.96 -80.66
C ASN O 371 -10.10 -61.11 -79.68
N LEU O 372 -9.15 -61.32 -78.77
CA LEU O 372 -9.32 -62.38 -77.79
C LEU O 372 -10.46 -62.08 -76.84
N ALA O 373 -10.60 -60.81 -76.43
CA ALA O 373 -11.74 -60.42 -75.62
C ALA O 373 -13.05 -60.65 -76.36
N ALA O 374 -13.09 -60.31 -77.65
CA ALA O 374 -14.28 -60.55 -78.44
C ALA O 374 -14.61 -62.03 -78.50
N THR O 375 -13.59 -62.88 -78.69
CA THR O 375 -13.83 -64.32 -78.72
C THR O 375 -14.38 -64.80 -77.38
N PHE O 376 -13.80 -64.33 -76.27
CA PHE O 376 -14.28 -64.75 -74.96
C PHE O 376 -15.73 -64.33 -74.73
N VAL O 377 -16.07 -63.10 -75.07
CA VAL O 377 -17.44 -62.62 -74.89
C VAL O 377 -18.39 -63.41 -75.77
N ASN O 378 -17.98 -63.68 -77.02
CA ASN O 378 -18.81 -64.47 -77.92
C ASN O 378 -19.07 -65.86 -77.37
N ALA O 379 -18.02 -66.48 -76.82
CA ALA O 379 -18.18 -67.82 -76.26
C ALA O 379 -19.10 -67.79 -75.04
N PHE O 380 -18.93 -66.79 -74.17
CA PHE O 380 -19.79 -66.70 -72.99
C PHE O 380 -21.25 -66.50 -73.37
N VAL O 381 -21.53 -65.56 -74.27
CA VAL O 381 -22.91 -65.20 -74.56
C VAL O 381 -23.64 -66.34 -75.27
N ASN O 382 -22.99 -67.00 -76.21
CA ASN O 382 -23.62 -68.03 -77.04
C ASN O 382 -23.32 -69.44 -76.55
N ALA O 383 -22.99 -69.60 -75.26
CA ALA O 383 -22.70 -70.92 -74.72
C ALA O 383 -23.97 -71.77 -74.67
N GLY O 384 -23.87 -72.99 -75.21
CA GLY O 384 -24.96 -73.94 -75.17
C GLY O 384 -26.04 -73.74 -76.20
N PHE O 385 -25.94 -72.73 -77.07
CA PHE O 385 -26.94 -72.48 -78.08
C PHE O 385 -26.67 -73.20 -79.39
N GLY O 386 -25.49 -73.80 -79.55
CA GLY O 386 -25.18 -74.62 -80.71
C GLY O 386 -24.90 -73.85 -81.99
N GLN O 387 -25.22 -72.56 -82.06
CA GLN O 387 -25.02 -71.77 -83.27
C GLN O 387 -24.40 -70.44 -82.91
N ASP O 388 -23.49 -69.97 -83.76
CA ASP O 388 -22.82 -68.69 -83.55
C ASP O 388 -22.65 -67.99 -84.90
N LYS O 389 -22.67 -66.66 -84.86
CA LYS O 389 -22.54 -65.87 -86.08
C LYS O 389 -21.08 -65.65 -86.49
N LEU O 390 -20.14 -65.71 -85.55
CA LEU O 390 -18.73 -65.47 -85.83
C LEU O 390 -17.94 -66.74 -86.06
N MET O 391 -18.23 -67.80 -85.30
CA MET O 391 -17.48 -69.05 -85.37
C MET O 391 -18.09 -70.08 -86.31
N THR O 392 -19.42 -70.24 -86.30
CA THR O 392 -20.09 -71.24 -87.12
C THR O 392 -21.08 -70.63 -88.09
N GLY O 393 -21.07 -69.31 -88.27
CA GLY O 393 -21.99 -68.65 -89.18
C GLY O 393 -21.77 -69.10 -90.61
N PRO O 394 -22.84 -69.22 -91.39
CA PRO O 394 -22.68 -69.64 -92.79
C PRO O 394 -21.86 -68.64 -93.57
N ALA O 395 -21.05 -69.16 -94.51
CA ALA O 395 -20.21 -68.31 -95.34
C ALA O 395 -21.02 -67.72 -96.49
N ASP O 396 -22.04 -66.93 -96.16
CA ASP O 396 -22.95 -66.39 -97.17
C ASP O 396 -22.51 -64.97 -97.57
N SER O 397 -21.26 -64.87 -98.02
CA SER O 397 -20.82 -63.62 -98.64
C SER O 397 -19.73 -63.84 -99.68
N SER O 398 -20.14 -64.07 -100.93
CA SER O 398 -19.32 -63.83 -102.12
C SER O 398 -17.84 -64.13 -101.90
N SER O 399 -17.52 -65.22 -101.21
CA SER O 399 -16.12 -65.53 -100.93
C SER O 399 -16.00 -66.99 -100.51
N GLY O 400 -15.19 -67.75 -101.23
CA GLY O 400 -14.89 -69.12 -100.87
C GLY O 400 -13.65 -69.23 -100.01
N SER O 401 -13.73 -68.74 -98.77
CA SER O 401 -12.61 -68.76 -97.84
C SER O 401 -13.04 -69.56 -96.61
N SER O 402 -12.16 -70.41 -96.11
CA SER O 402 -12.46 -71.23 -94.94
C SER O 402 -12.99 -70.38 -93.80
N SER O 403 -13.90 -70.95 -93.00
CA SER O 403 -14.52 -70.22 -91.90
C SER O 403 -13.51 -69.86 -90.83
N GLY O 404 -12.32 -70.48 -90.87
CA GLY O 404 -11.28 -70.22 -89.91
C GLY O 404 -10.58 -68.89 -90.05
N ASN O 405 -11.14 -67.95 -90.80
CA ASN O 405 -10.50 -66.65 -90.97
C ASN O 405 -10.27 -65.95 -89.64
N TRP O 406 -11.26 -65.93 -88.75
CA TRP O 406 -11.11 -65.31 -87.45
C TRP O 406 -10.21 -66.12 -86.54
N LEU O 407 -10.22 -67.45 -86.67
CA LEU O 407 -9.38 -68.29 -85.83
C LEU O 407 -7.91 -68.01 -86.08
N PHE O 408 -7.52 -67.84 -87.35
CA PHE O 408 -6.13 -67.58 -87.69
C PHE O 408 -5.70 -66.17 -87.36
N LYS O 409 -6.63 -65.27 -87.04
CA LYS O 409 -6.27 -63.91 -86.65
C LYS O 409 -5.64 -63.87 -85.27
N ASN O 410 -5.88 -64.88 -84.43
CA ASN O 410 -5.30 -64.93 -83.10
C ASN O 410 -3.95 -65.64 -83.14
N LYS O 411 -3.17 -65.44 -82.09
CA LYS O 411 -1.80 -65.93 -82.03
C LYS O 411 -1.66 -67.00 -80.95
N GLU O 412 -1.20 -68.18 -81.35
CA GLU O 412 -0.84 -69.25 -80.43
C GLU O 412 -1.88 -69.48 -79.34
N HIS O 413 -1.61 -68.99 -78.12
CA HIS O 413 -2.57 -69.14 -77.04
C HIS O 413 -3.91 -68.54 -77.42
N GLY O 414 -3.90 -67.49 -78.25
CA GLY O 414 -5.14 -66.98 -78.78
C GLY O 414 -5.87 -67.98 -79.64
N LYS O 415 -5.14 -68.72 -80.47
CA LYS O 415 -5.77 -69.79 -81.25
C LYS O 415 -6.36 -70.86 -80.34
N THR O 416 -5.63 -71.21 -79.27
CA THR O 416 -6.14 -72.18 -78.32
C THR O 416 -7.46 -71.69 -77.71
N SER O 417 -7.50 -70.42 -77.32
CA SER O 417 -8.71 -69.86 -76.72
C SER O 417 -9.86 -69.82 -77.72
N ALA O 418 -9.57 -69.46 -78.96
CA ALA O 418 -10.61 -69.45 -79.98
C ALA O 418 -11.17 -70.84 -80.20
N ALA O 419 -10.30 -71.86 -80.19
CA ALA O 419 -10.77 -73.24 -80.32
C ALA O 419 -11.63 -73.63 -79.13
N ALA O 420 -11.23 -73.24 -77.91
CA ALA O 420 -12.02 -73.57 -76.73
C ALA O 420 -13.37 -72.86 -76.74
N SER O 421 -13.47 -71.71 -77.41
CA SER O 421 -14.75 -71.06 -77.56
C SER O 421 -15.75 -71.96 -78.30
N LEU O 422 -15.29 -72.67 -79.33
CA LEU O 422 -16.16 -73.64 -80.00
C LEU O 422 -16.62 -74.72 -79.04
N GLY O 423 -15.71 -75.21 -78.20
CA GLY O 423 -16.10 -76.21 -77.22
C GLY O 423 -17.19 -75.70 -76.28
N MET O 424 -17.09 -74.45 -75.85
CA MET O 424 -18.18 -73.89 -75.04
C MET O 424 -19.47 -73.81 -75.83
N ILE O 425 -19.40 -73.31 -77.08
CA ILE O 425 -20.63 -73.02 -77.80
C ILE O 425 -21.48 -74.27 -77.96
N LEU O 426 -20.85 -75.43 -78.10
CA LEU O 426 -21.56 -76.71 -78.18
C LEU O 426 -21.59 -77.43 -76.83
N LEU O 427 -21.83 -76.68 -75.75
CA LEU O 427 -21.88 -77.25 -74.42
C LEU O 427 -22.98 -78.30 -74.30
N TRP O 428 -22.67 -79.41 -73.64
CA TRP O 428 -23.59 -80.51 -73.37
C TRP O 428 -24.07 -81.20 -74.63
N ASP O 429 -23.53 -80.86 -75.80
CA ASP O 429 -23.92 -81.47 -77.06
C ASP O 429 -22.74 -82.28 -77.57
N VAL O 430 -22.68 -83.54 -77.13
CA VAL O 430 -21.54 -84.39 -77.46
C VAL O 430 -21.50 -84.69 -78.95
N ASP O 431 -22.66 -85.09 -79.51
CA ASP O 431 -22.68 -85.57 -80.90
C ASP O 431 -22.20 -84.50 -81.88
N SER O 432 -22.78 -83.31 -81.82
CA SER O 432 -22.39 -82.24 -82.74
C SER O 432 -21.07 -81.60 -82.33
N GLY O 433 -20.79 -81.51 -81.03
CA GLY O 433 -19.53 -80.92 -80.59
C GLY O 433 -18.34 -81.70 -81.09
N LEU O 434 -18.39 -83.02 -80.95
CA LEU O 434 -17.28 -83.86 -81.41
C LEU O 434 -17.11 -83.73 -82.92
N ALA O 435 -18.22 -83.73 -83.66
CA ALA O 435 -18.12 -83.61 -85.12
C ALA O 435 -17.51 -82.27 -85.53
N GLN O 436 -17.91 -81.18 -84.87
CA GLN O 436 -17.35 -79.88 -85.21
C GLN O 436 -15.88 -79.77 -84.82
N LEU O 437 -15.50 -80.36 -83.68
CA LEU O 437 -14.10 -80.29 -83.26
C LEU O 437 -13.21 -81.21 -84.10
N ASP O 438 -13.81 -82.22 -84.74
CA ASP O 438 -13.04 -83.08 -85.64
C ASP O 438 -12.46 -82.28 -86.80
N LYS O 439 -13.21 -81.29 -87.29
CA LYS O 439 -12.69 -80.45 -88.38
C LYS O 439 -11.42 -79.72 -87.95
N TYR O 440 -11.35 -79.28 -86.70
CA TYR O 440 -10.19 -78.56 -86.21
C TYR O 440 -9.08 -79.48 -85.71
N PHE O 441 -9.38 -80.75 -85.42
CA PHE O 441 -8.33 -81.68 -85.06
C PHE O 441 -7.36 -81.91 -86.20
N HIS O 442 -7.76 -81.62 -87.44
CA HIS O 442 -6.92 -81.83 -88.60
C HIS O 442 -5.97 -80.67 -88.87
N SER O 443 -6.08 -79.58 -88.12
CA SER O 443 -5.21 -78.42 -88.33
C SER O 443 -3.77 -78.77 -88.00
N THR O 444 -2.85 -78.20 -88.77
CA THR O 444 -1.43 -78.44 -88.56
C THR O 444 -0.87 -77.70 -87.36
N ASP O 445 -1.62 -76.77 -86.77
CA ASP O 445 -1.15 -75.98 -85.64
C ASP O 445 -1.33 -76.79 -84.37
N ASN O 446 -0.25 -76.96 -83.61
CA ASN O 446 -0.33 -77.67 -82.34
C ASN O 446 -1.24 -76.94 -81.36
N HIS O 447 -1.19 -75.60 -81.35
CA HIS O 447 -2.07 -74.83 -80.48
C HIS O 447 -3.54 -75.09 -80.81
N VAL O 448 -3.89 -75.15 -82.09
CA VAL O 448 -5.27 -75.45 -82.47
C VAL O 448 -5.66 -76.84 -82.00
N ILE O 449 -4.75 -77.81 -82.08
CA ILE O 449 -5.05 -79.16 -81.62
C ILE O 449 -5.29 -79.17 -80.11
N ALA O 450 -4.45 -78.47 -79.36
CA ALA O 450 -4.63 -78.41 -77.91
C ALA O 450 -5.95 -77.75 -77.57
N GLY O 451 -6.29 -76.66 -78.25
CA GLY O 451 -7.57 -76.01 -78.03
C GLY O 451 -8.74 -76.90 -78.37
N ALA O 452 -8.64 -77.68 -79.45
CA ALA O 452 -9.70 -78.62 -79.79
C ALA O 452 -9.86 -79.70 -78.72
N LEU O 453 -8.74 -80.20 -78.18
CA LEU O 453 -8.82 -81.17 -77.10
C LEU O 453 -9.50 -80.56 -75.87
N LEU O 454 -9.14 -79.32 -75.53
CA LEU O 454 -9.76 -78.67 -74.38
C LEU O 454 -11.25 -78.45 -74.63
N GLY O 455 -11.62 -78.11 -75.86
CA GLY O 455 -13.03 -77.98 -76.19
C GLY O 455 -13.78 -79.29 -76.09
N VAL O 456 -13.15 -80.38 -76.52
CA VAL O 456 -13.74 -81.70 -76.35
C VAL O 456 -13.97 -81.98 -74.87
N GLY O 457 -12.99 -81.66 -74.03
CA GLY O 457 -13.17 -81.81 -72.60
C GLY O 457 -14.33 -80.98 -72.07
N ILE O 458 -14.46 -79.75 -72.57
CA ILE O 458 -15.55 -78.88 -72.13
C ILE O 458 -16.90 -79.46 -72.51
N VAL O 459 -17.02 -79.95 -73.74
CA VAL O 459 -18.32 -80.39 -74.25
C VAL O 459 -18.89 -81.49 -73.37
N ASN O 460 -18.06 -82.45 -72.98
CA ASN O 460 -18.49 -83.57 -72.14
C ASN O 460 -18.50 -83.22 -70.65
N CYS O 461 -18.40 -81.93 -70.31
CA CYS O 461 -18.43 -81.52 -68.91
C CYS O 461 -19.85 -81.69 -68.37
N GLY O 462 -20.00 -82.55 -67.36
CA GLY O 462 -21.30 -82.81 -66.78
C GLY O 462 -22.12 -83.86 -67.49
N VAL O 463 -21.65 -84.36 -68.63
CA VAL O 463 -22.34 -85.40 -69.40
C VAL O 463 -21.39 -86.56 -69.57
N LYS O 464 -21.84 -87.76 -69.22
CA LYS O 464 -21.04 -88.97 -69.34
C LYS O 464 -21.65 -89.89 -70.37
N ASN O 465 -20.83 -90.36 -71.31
CA ASN O 465 -21.28 -91.28 -72.36
C ASN O 465 -20.62 -92.64 -72.14
N ASP O 466 -21.41 -93.70 -72.30
CA ASP O 466 -20.89 -95.04 -72.11
C ASP O 466 -19.72 -95.35 -73.04
N CYS O 467 -19.66 -94.68 -74.20
CA CYS O 467 -18.54 -94.85 -75.12
C CYS O 467 -17.26 -94.21 -74.61
N ASP O 468 -17.36 -93.29 -73.65
CA ASP O 468 -16.20 -92.61 -73.07
C ASP O 468 -15.30 -92.06 -74.18
N PRO O 469 -15.83 -91.24 -75.08
CA PRO O 469 -14.96 -90.65 -76.11
C PRO O 469 -13.84 -89.80 -75.56
N ALA O 470 -14.08 -89.09 -74.45
CA ALA O 470 -13.08 -88.19 -73.90
C ALA O 470 -11.81 -88.94 -73.53
N LEU O 471 -11.94 -90.01 -72.75
CA LEU O 471 -10.76 -90.76 -72.31
C LEU O 471 -10.02 -91.34 -73.52
N ALA O 472 -10.74 -92.00 -74.42
CA ALA O 472 -10.09 -92.66 -75.55
C ALA O 472 -9.35 -91.64 -76.41
N LEU O 473 -9.98 -90.49 -76.66
CA LEU O 473 -9.33 -89.49 -77.51
C LEU O 473 -8.14 -88.85 -76.81
N LEU O 474 -8.30 -88.48 -75.54
CA LEU O 474 -7.28 -87.69 -74.86
C LEU O 474 -6.08 -88.52 -74.42
N SER O 475 -6.28 -89.81 -74.12
CA SER O 475 -5.15 -90.63 -73.68
C SER O 475 -4.05 -90.68 -74.75
N ASP O 476 -4.43 -90.67 -76.02
CA ASP O 476 -3.44 -90.69 -77.09
C ASP O 476 -2.63 -89.40 -77.15
N TYR O 477 -3.23 -88.26 -76.80
CA TYR O 477 -2.54 -86.98 -76.83
C TYR O 477 -1.80 -86.67 -75.54
N VAL O 478 -2.12 -87.37 -74.44
CA VAL O 478 -1.43 -87.09 -73.18
C VAL O 478 0.06 -87.42 -73.30
N ASP O 479 0.41 -88.48 -74.02
CA ASP O 479 1.80 -88.91 -74.11
C ASP O 479 2.63 -88.09 -75.09
N LYS O 480 2.01 -87.20 -75.86
CA LYS O 480 2.76 -86.43 -76.84
C LYS O 480 3.74 -85.48 -76.16
N GLU O 481 4.86 -85.24 -76.85
CA GLU O 481 5.94 -84.46 -76.25
C GLU O 481 5.59 -82.98 -76.15
N ASP O 482 4.74 -82.47 -77.04
CA ASP O 482 4.46 -81.04 -77.06
C ASP O 482 3.80 -80.61 -75.76
N PRO O 483 4.38 -79.64 -75.03
CA PRO O 483 3.75 -79.25 -73.76
C PRO O 483 2.35 -78.70 -73.90
N ALA O 484 2.06 -77.96 -74.98
CA ALA O 484 0.74 -77.38 -75.14
C ALA O 484 -0.33 -78.44 -75.32
N ILE O 485 -0.06 -79.44 -76.17
CA ILE O 485 -1.02 -80.51 -76.38
C ILE O 485 -1.23 -81.30 -75.10
N ARG O 486 -0.14 -81.59 -74.38
CA ARG O 486 -0.25 -82.33 -73.13
C ARG O 486 -1.10 -81.56 -72.12
N ILE O 487 -0.86 -80.25 -72.00
CA ILE O 487 -1.63 -79.43 -71.06
C ILE O 487 -3.10 -79.43 -71.46
N GLY O 488 -3.38 -79.26 -72.74
CA GLY O 488 -4.77 -79.26 -73.19
C GLY O 488 -5.47 -80.57 -72.90
N ALA O 489 -4.81 -81.69 -73.19
CA ALA O 489 -5.40 -83.00 -72.93
C ALA O 489 -5.63 -83.21 -71.44
N ILE O 490 -4.66 -82.82 -70.62
CA ILE O 490 -4.79 -83.01 -69.18
C ILE O 490 -5.96 -82.19 -68.64
N MET O 491 -6.06 -80.92 -69.07
CA MET O 491 -7.15 -80.07 -68.59
C MET O 491 -8.49 -80.58 -69.09
N GLY O 492 -8.56 -81.08 -70.32
CA GLY O 492 -9.80 -81.66 -70.81
C GLY O 492 -10.22 -82.87 -70.00
N LEU O 493 -9.26 -83.74 -69.68
CA LEU O 493 -9.56 -84.90 -68.85
C LEU O 493 -10.05 -84.47 -67.48
N GLY O 494 -9.39 -83.47 -66.88
CA GLY O 494 -9.80 -83.01 -65.56
C GLY O 494 -11.19 -82.41 -65.56
N ILE O 495 -11.50 -81.58 -66.56
CA ILE O 495 -12.80 -80.93 -66.62
C ILE O 495 -13.90 -81.95 -66.90
N SER O 496 -13.68 -82.84 -67.87
CA SER O 496 -14.71 -83.81 -68.23
C SER O 496 -14.94 -84.83 -67.12
N TYR O 497 -13.90 -85.20 -66.39
CA TYR O 497 -13.99 -86.22 -65.34
C TYR O 497 -13.86 -85.63 -63.95
N ALA O 498 -14.46 -84.47 -63.72
CA ALA O 498 -14.44 -83.88 -62.39
C ALA O 498 -15.35 -84.64 -61.44
N ASN O 499 -14.84 -84.96 -60.25
CA ASN O 499 -15.56 -85.65 -59.20
C ASN O 499 -16.00 -87.06 -59.60
N THR O 500 -15.30 -87.69 -60.54
CA THR O 500 -15.64 -89.03 -60.99
C THR O 500 -14.87 -90.12 -60.25
N GLN O 501 -13.73 -89.79 -59.65
CA GLN O 501 -12.95 -90.76 -58.87
C GLN O 501 -12.61 -91.99 -59.70
N ASN O 502 -12.16 -91.77 -60.93
CA ASN O 502 -11.77 -92.86 -61.82
C ASN O 502 -10.32 -93.26 -61.54
N GLU O 503 -10.11 -94.55 -61.26
CA GLU O 503 -8.76 -95.02 -60.95
C GLU O 503 -7.88 -95.04 -62.20
N GLN O 504 -8.46 -95.25 -63.38
CA GLN O 504 -7.67 -95.25 -64.60
C GLN O 504 -7.02 -93.90 -64.83
N LEU O 505 -7.75 -92.81 -64.63
CA LEU O 505 -7.17 -91.47 -64.76
C LEU O 505 -6.08 -91.24 -63.72
N ARG O 506 -6.28 -91.71 -62.49
CA ARG O 506 -5.24 -91.60 -61.48
C ARG O 506 -3.96 -92.29 -61.94
N SER O 507 -4.09 -93.52 -62.44
CA SER O 507 -2.91 -94.27 -62.88
C SER O 507 -2.25 -93.61 -64.08
N LYS O 508 -3.05 -93.02 -64.98
CA LYS O 508 -2.47 -92.40 -66.17
C LYS O 508 -1.81 -91.07 -65.85
N LEU O 509 -2.29 -90.36 -64.81
CA LEU O 509 -1.79 -89.03 -64.51
C LEU O 509 -0.67 -89.02 -63.49
N THR O 510 -0.66 -89.96 -62.54
CA THR O 510 0.39 -89.96 -61.52
C THR O 510 1.79 -90.04 -62.12
N PRO O 511 2.07 -90.87 -63.12
CA PRO O 511 3.42 -90.90 -63.70
C PRO O 511 3.85 -89.55 -64.26
N ILE O 512 2.92 -88.77 -64.80
CA ILE O 512 3.27 -87.44 -65.32
C ILE O 512 3.75 -86.55 -64.18
N LEU O 513 3.11 -86.63 -63.01
CA LEU O 513 3.52 -85.81 -61.89
C LEU O 513 4.95 -86.10 -61.46
N GLY O 514 5.41 -87.34 -61.65
CA GLY O 514 6.75 -87.73 -61.26
C GLY O 514 7.82 -87.50 -62.31
N ASP O 515 7.46 -86.99 -63.48
CA ASP O 515 8.41 -86.77 -64.56
C ASP O 515 9.11 -85.44 -64.34
N THR O 516 10.43 -85.48 -64.14
CA THR O 516 11.19 -84.24 -63.92
C THR O 516 11.39 -83.45 -65.20
N ASN O 517 11.26 -84.08 -66.36
CA ASN O 517 11.44 -83.40 -67.63
C ASN O 517 10.22 -82.60 -68.06
N ALA O 518 9.07 -82.82 -67.43
CA ALA O 518 7.86 -82.08 -67.77
C ALA O 518 7.99 -80.62 -67.34
N SER O 519 7.44 -79.73 -68.16
CA SER O 519 7.49 -78.31 -67.84
C SER O 519 6.63 -78.01 -66.61
N LEU O 520 6.94 -76.89 -65.95
CA LEU O 520 6.18 -76.51 -64.76
C LEU O 520 4.69 -76.38 -65.07
N ASP O 521 4.38 -75.85 -66.26
CA ASP O 521 2.98 -75.72 -66.66
C ASP O 521 2.28 -77.08 -66.64
N VAL O 522 2.92 -78.07 -67.25
CA VAL O 522 2.32 -79.40 -67.35
C VAL O 522 2.05 -79.98 -65.98
N ILE O 523 3.02 -79.90 -65.08
CA ILE O 523 2.87 -80.52 -63.76
C ILE O 523 1.84 -79.76 -62.93
N ALA O 524 1.84 -78.43 -63.01
CA ALA O 524 0.84 -77.66 -62.26
C ALA O 524 -0.57 -78.00 -62.72
N PHE O 525 -0.77 -78.07 -64.05
CA PHE O 525 -2.10 -78.39 -64.56
C PHE O 525 -2.46 -79.84 -64.26
N THR O 526 -1.47 -80.73 -64.22
CA THR O 526 -1.73 -82.11 -63.82
C THR O 526 -2.21 -82.18 -62.38
N ALA O 527 -1.56 -81.40 -61.50
CA ALA O 527 -2.00 -81.36 -60.10
C ALA O 527 -3.42 -80.80 -60.00
N ILE O 528 -3.72 -79.75 -60.75
CA ILE O 528 -5.06 -79.17 -60.71
C ILE O 528 -6.09 -80.18 -61.20
N SER O 529 -5.78 -80.89 -62.29
CA SER O 529 -6.71 -81.89 -62.82
C SER O 529 -6.91 -83.03 -61.83
N LEU O 530 -5.83 -83.49 -61.19
CA LEU O 530 -5.95 -84.54 -60.20
C LEU O 530 -6.82 -84.10 -59.04
N GLY O 531 -6.64 -82.86 -58.58
CA GLY O 531 -7.51 -82.34 -57.54
C GLY O 531 -8.96 -82.29 -57.97
N LEU O 532 -9.21 -81.85 -59.21
CA LEU O 532 -10.58 -81.76 -59.70
C LEU O 532 -11.23 -83.14 -59.80
N VAL O 533 -10.47 -84.14 -60.25
CA VAL O 533 -11.02 -85.49 -60.38
C VAL O 533 -11.35 -86.08 -59.01
N PHE O 534 -10.54 -85.76 -57.99
CA PHE O 534 -10.65 -86.37 -56.67
C PHE O 534 -11.04 -85.35 -55.59
N VAL O 535 -12.02 -84.49 -55.88
CA VAL O 535 -12.47 -83.54 -54.88
C VAL O 535 -13.26 -84.26 -53.81
N GLY O 536 -12.85 -84.09 -52.55
CA GLY O 536 -13.56 -84.67 -51.43
C GLY O 536 -13.34 -86.14 -51.20
N SER O 537 -12.42 -86.77 -51.93
CA SER O 537 -12.16 -88.20 -51.78
C SER O 537 -11.13 -88.51 -50.70
N CYS O 538 -10.24 -87.57 -50.39
CA CYS O 538 -9.19 -87.79 -49.40
C CYS O 538 -8.37 -89.03 -49.72
N ASN O 539 -8.05 -89.21 -50.99
CA ASN O 539 -7.20 -90.33 -51.41
C ASN O 539 -5.76 -90.01 -51.02
N GLU O 540 -5.20 -90.81 -50.11
CA GLU O 540 -3.86 -90.53 -49.61
C GLU O 540 -2.82 -90.63 -50.72
N GLU O 541 -3.06 -91.46 -51.73
CA GLU O 541 -2.08 -91.64 -52.79
C GLU O 541 -1.86 -90.35 -53.57
N VAL O 542 -2.95 -89.67 -53.95
CA VAL O 542 -2.81 -88.45 -54.74
C VAL O 542 -2.19 -87.34 -53.91
N ALA O 543 -2.59 -87.23 -52.64
CA ALA O 543 -1.99 -86.24 -51.76
C ALA O 543 -0.49 -86.48 -51.61
N GLN O 544 -0.09 -87.74 -51.44
CA GLN O 544 1.33 -88.07 -51.33
C GLN O 544 2.07 -87.74 -52.62
N ALA O 545 1.46 -88.02 -53.77
CA ALA O 545 2.10 -87.70 -55.04
C ALA O 545 2.31 -86.20 -55.19
N ILE O 546 1.30 -85.40 -54.86
CA ILE O 546 1.43 -83.95 -54.95
C ILE O 546 2.49 -83.45 -53.98
N ILE O 547 2.52 -84.00 -52.76
CA ILE O 547 3.52 -83.59 -51.78
C ILE O 547 4.93 -83.92 -52.29
N PHE O 548 5.11 -85.12 -52.85
CA PHE O 548 6.40 -85.50 -53.42
C PHE O 548 6.80 -84.53 -54.53
N ALA O 549 5.86 -84.19 -55.41
CA ALA O 549 6.15 -83.18 -56.42
C ALA O 549 6.54 -81.84 -55.79
N LEU O 550 5.97 -81.52 -54.63
CA LEU O 550 6.27 -80.24 -54.00
C LEU O 550 7.67 -80.20 -53.41
N MET O 551 8.13 -81.29 -52.78
CA MET O 551 9.50 -81.27 -52.27
C MET O 551 10.52 -81.14 -53.41
N ASP O 552 10.29 -81.81 -54.54
CA ASP O 552 11.28 -81.89 -55.60
C ASP O 552 11.51 -80.56 -56.32
N ARG O 553 10.91 -79.47 -55.86
CA ARG O 553 11.06 -78.18 -56.53
C ARG O 553 12.23 -77.39 -55.93
N SER O 554 13.02 -76.79 -56.82
CA SER O 554 14.08 -75.90 -56.39
C SER O 554 13.48 -74.55 -56.01
N GLU O 555 14.26 -73.76 -55.25
CA GLU O 555 13.77 -72.47 -54.78
C GLU O 555 13.38 -71.55 -55.93
N ALA O 556 14.06 -71.63 -57.07
CA ALA O 556 13.72 -70.77 -58.19
C ALA O 556 12.30 -71.02 -58.69
N ASP O 557 11.91 -72.29 -58.80
CA ASP O 557 10.57 -72.61 -59.26
C ASP O 557 9.50 -72.12 -58.30
N LEU O 558 9.84 -71.99 -57.02
CA LEU O 558 8.87 -71.55 -56.02
C LEU O 558 8.45 -70.10 -56.22
N GLY O 559 9.29 -69.29 -56.88
CA GLY O 559 8.96 -67.89 -57.09
C GLY O 559 7.91 -67.64 -58.15
N GLU O 560 7.75 -68.57 -59.08
CA GLU O 560 6.74 -68.40 -60.13
C GLU O 560 5.34 -68.50 -59.54
N PRO O 561 4.38 -67.75 -60.08
CA PRO O 561 3.00 -67.89 -59.57
C PRO O 561 2.41 -69.27 -59.76
N LEU O 562 2.88 -70.03 -60.75
CA LEU O 562 2.32 -71.36 -61.00
C LEU O 562 2.57 -72.29 -59.83
N ALA O 563 3.61 -72.04 -59.03
CA ALA O 563 3.85 -72.84 -57.84
C ALA O 563 2.71 -72.71 -56.83
N ARG O 564 1.92 -71.64 -56.91
CA ARG O 564 0.80 -71.46 -56.00
C ARG O 564 -0.37 -72.37 -56.34
N LEU O 565 -0.37 -73.00 -57.52
CA LEU O 565 -1.49 -73.84 -57.93
C LEU O 565 -1.38 -75.27 -57.41
N LEU O 566 -0.17 -75.78 -57.18
CA LEU O 566 -0.04 -77.12 -56.62
C LEU O 566 -0.67 -77.20 -55.23
N PRO O 567 -0.39 -76.28 -54.31
CA PRO O 567 -1.14 -76.28 -53.04
C PRO O 567 -2.63 -76.15 -53.24
N LEU O 568 -3.06 -75.39 -54.26
CA LEU O 568 -4.48 -75.30 -54.56
C LEU O 568 -5.05 -76.66 -54.92
N GLY O 569 -4.34 -77.43 -55.75
CA GLY O 569 -4.81 -78.76 -56.09
C GLY O 569 -4.86 -79.68 -54.89
N LEU O 570 -3.82 -79.63 -54.05
CA LEU O 570 -3.81 -80.47 -52.87
C LEU O 570 -4.97 -80.13 -51.95
N GLY O 571 -5.26 -78.85 -51.77
CA GLY O 571 -6.44 -78.46 -51.00
C GLY O 571 -7.72 -78.91 -51.64
N LEU O 572 -7.81 -78.83 -52.97
CA LEU O 572 -8.99 -79.30 -53.68
C LEU O 572 -9.23 -80.78 -53.42
N LEU O 573 -8.16 -81.57 -53.29
CA LEU O 573 -8.32 -82.97 -52.91
C LEU O 573 -9.04 -83.10 -51.58
N TYR O 574 -8.94 -82.09 -50.71
CA TYR O 574 -9.45 -82.14 -49.35
C TYR O 574 -10.64 -81.21 -49.14
N LEU O 575 -11.36 -80.84 -50.20
CA LEU O 575 -12.46 -79.91 -50.06
C LEU O 575 -13.62 -80.55 -49.31
N GLY O 576 -14.13 -79.84 -48.30
CA GLY O 576 -15.33 -80.25 -47.59
C GLY O 576 -15.12 -81.25 -46.47
N LYS O 577 -13.89 -81.67 -46.20
CA LYS O 577 -13.61 -82.65 -45.15
C LYS O 577 -12.70 -81.97 -44.11
N GLN O 578 -13.30 -81.58 -42.99
CA GLN O 578 -12.65 -80.73 -41.99
C GLN O 578 -11.50 -81.42 -41.27
N GLU O 579 -11.81 -82.49 -40.53
CA GLU O 579 -10.85 -83.03 -39.57
C GLU O 579 -9.71 -83.79 -40.24
N SER O 580 -9.94 -84.30 -41.46
CA SER O 580 -8.90 -85.09 -42.12
C SER O 580 -7.73 -84.24 -42.59
N VAL O 581 -7.83 -82.92 -42.52
CA VAL O 581 -6.79 -82.05 -43.08
C VAL O 581 -5.72 -81.66 -42.06
N GLU O 582 -5.92 -81.98 -40.77
CA GLU O 582 -4.91 -81.62 -39.77
C GLU O 582 -3.60 -82.37 -40.01
N ALA O 583 -3.68 -83.65 -40.36
CA ALA O 583 -2.47 -84.42 -40.64
C ALA O 583 -1.73 -83.85 -41.85
N THR O 584 -2.47 -83.49 -42.90
CA THR O 584 -1.85 -82.90 -44.08
C THR O 584 -1.24 -81.54 -43.77
N ALA O 585 -1.87 -80.75 -42.91
CA ALA O 585 -1.26 -79.48 -42.50
C ALA O 585 0.03 -79.72 -41.73
N GLU O 586 0.03 -80.72 -40.84
CA GLU O 586 1.25 -81.05 -40.12
C GLU O 586 2.36 -81.47 -41.09
N VAL O 587 2.01 -82.27 -42.09
CA VAL O 587 3.00 -82.67 -43.10
C VAL O 587 3.50 -81.45 -43.86
N SER O 588 2.58 -80.57 -44.26
CA SER O 588 2.95 -79.38 -45.03
C SER O 588 3.83 -78.43 -44.24
N LYS O 589 3.72 -78.43 -42.91
CA LYS O 589 4.61 -77.61 -42.10
C LYS O 589 6.08 -77.88 -42.42
N THR O 590 6.39 -79.01 -43.05
CA THR O 590 7.76 -79.31 -43.44
C THR O 590 8.17 -78.63 -44.73
N PHE O 591 7.22 -78.04 -45.47
CA PHE O 591 7.57 -77.35 -46.71
C PHE O 591 8.42 -76.12 -46.43
N ASN O 592 9.01 -75.59 -47.49
CA ASN O 592 9.86 -74.41 -47.37
C ASN O 592 9.04 -73.22 -46.86
N GLU O 593 9.72 -72.32 -46.16
CA GLU O 593 9.03 -71.22 -45.49
C GLU O 593 8.24 -70.36 -46.47
N LYS O 594 8.80 -70.09 -47.65
CA LYS O 594 8.13 -69.22 -48.61
C LYS O 594 6.80 -69.80 -49.09
N ILE O 595 6.63 -71.12 -49.05
CA ILE O 595 5.40 -71.75 -49.49
C ILE O 595 4.62 -72.27 -48.30
N ARG O 596 5.34 -72.74 -47.28
CA ARG O 596 4.71 -73.40 -46.13
C ARG O 596 3.40 -72.71 -45.74
N LYS O 597 3.46 -71.40 -45.49
CA LYS O 597 2.28 -70.66 -45.05
C LYS O 597 1.18 -70.64 -46.11
N HIS O 598 1.52 -70.37 -47.36
CA HIS O 598 0.53 -70.36 -48.44
C HIS O 598 -0.19 -71.70 -48.52
N CYS O 599 0.58 -72.79 -48.55
CA CYS O 599 0.00 -74.12 -48.64
C CYS O 599 -0.88 -74.42 -47.43
N ASP O 600 -0.41 -74.09 -46.24
CA ASP O 600 -1.17 -74.39 -45.03
C ASP O 600 -2.50 -73.65 -45.03
N MET O 601 -2.48 -72.35 -45.37
CA MET O 601 -3.72 -71.59 -45.36
C MET O 601 -4.65 -72.01 -46.49
N THR O 602 -4.12 -72.37 -47.65
CA THR O 602 -4.99 -72.86 -48.72
C THR O 602 -5.67 -74.17 -48.31
N LEU O 603 -4.91 -75.07 -47.68
CA LEU O 603 -5.49 -76.32 -47.19
C LEU O 603 -6.56 -76.05 -46.15
N LEU O 604 -6.29 -75.15 -45.20
CA LEU O 604 -7.27 -74.83 -44.17
C LEU O 604 -8.52 -74.22 -44.78
N SER O 605 -8.35 -73.33 -45.74
CA SER O 605 -9.50 -72.70 -46.39
C SER O 605 -10.36 -73.72 -47.11
N CYS O 606 -9.75 -74.54 -47.98
CA CYS O 606 -10.53 -75.53 -48.71
C CYS O 606 -11.15 -76.56 -47.78
N ALA O 607 -10.48 -76.84 -46.65
CA ALA O 607 -11.01 -77.83 -45.71
C ALA O 607 -12.31 -77.35 -45.08
N TYR O 608 -12.36 -76.10 -44.65
CA TYR O 608 -13.51 -75.57 -43.91
C TYR O 608 -14.45 -74.75 -44.77
N ALA O 609 -14.27 -74.75 -46.10
CA ALA O 609 -15.16 -74.02 -46.98
C ALA O 609 -16.58 -74.55 -46.84
N GLY O 610 -17.54 -73.65 -46.67
CA GLY O 610 -18.93 -74.02 -46.53
C GLY O 610 -19.32 -74.56 -45.18
N THR O 611 -18.41 -74.55 -44.20
CA THR O 611 -18.71 -75.05 -42.86
C THR O 611 -19.16 -73.97 -41.90
N GLY O 612 -18.82 -72.71 -42.16
CA GLY O 612 -19.23 -71.61 -41.32
C GLY O 612 -18.67 -71.62 -39.91
N ASN O 613 -17.55 -72.30 -39.68
CA ASN O 613 -16.95 -72.34 -38.35
C ASN O 613 -16.34 -70.98 -38.03
N VAL O 614 -16.88 -70.31 -37.02
CA VAL O 614 -16.47 -68.94 -36.72
C VAL O 614 -15.03 -68.89 -36.23
N LEU O 615 -14.58 -69.92 -35.50
CA LEU O 615 -13.23 -69.88 -34.93
C LEU O 615 -12.18 -69.86 -36.03
N LYS O 616 -12.39 -70.62 -37.10
CA LYS O 616 -11.43 -70.59 -38.21
C LYS O 616 -11.45 -69.25 -38.92
N VAL O 617 -12.61 -68.63 -39.04
CA VAL O 617 -12.68 -67.29 -39.64
C VAL O 617 -11.90 -66.30 -38.78
N GLN O 618 -12.05 -66.39 -37.45
CA GLN O 618 -11.30 -65.51 -36.56
C GLN O 618 -9.80 -65.76 -36.69
N SER O 619 -9.39 -67.03 -36.78
CA SER O 619 -7.98 -67.33 -36.95
C SER O 619 -7.43 -66.75 -38.25
N LEU O 620 -8.20 -66.87 -39.34
CA LEU O 620 -7.77 -66.31 -40.62
C LEU O 620 -7.66 -64.78 -40.52
N LEU O 621 -8.63 -64.14 -39.86
CA LEU O 621 -8.58 -62.70 -39.71
C LEU O 621 -7.36 -62.28 -38.90
N GLY O 622 -7.06 -63.01 -37.82
CA GLY O 622 -5.87 -62.71 -37.05
C GLY O 622 -4.60 -62.88 -37.86
N HIS O 623 -4.55 -63.93 -38.69
CA HIS O 623 -3.41 -64.10 -39.58
C HIS O 623 -3.27 -62.93 -40.53
N CYS O 624 -4.40 -62.45 -41.08
CA CYS O 624 -4.35 -61.28 -41.95
C CYS O 624 -3.90 -60.03 -41.22
N ALA O 625 -4.31 -59.87 -39.96
CA ALA O 625 -3.99 -58.68 -39.20
C ALA O 625 -2.50 -58.51 -38.92
N GLN O 626 -1.71 -59.57 -39.10
CA GLN O 626 -0.27 -59.49 -38.85
C GLN O 626 0.42 -58.80 -40.02
N HIS O 627 1.10 -57.69 -39.75
CA HIS O 627 1.90 -57.04 -40.78
C HIS O 627 3.06 -57.93 -41.17
N LEU O 628 3.26 -58.08 -42.48
CA LEU O 628 4.24 -59.01 -43.02
C LEU O 628 5.24 -58.25 -43.90
N ASP O 629 6.49 -58.69 -43.87
CA ASP O 629 7.52 -58.07 -44.68
C ASP O 629 7.25 -58.33 -46.16
N LYS O 630 7.77 -57.45 -47.01
CA LYS O 630 7.57 -57.54 -48.45
C LYS O 630 7.99 -58.91 -48.97
N GLY O 631 7.11 -59.59 -49.68
CA GLY O 631 7.44 -60.86 -50.29
C GLY O 631 6.44 -61.97 -49.98
N GLU O 632 5.67 -61.80 -48.91
CA GLU O 632 4.73 -62.82 -48.48
C GLU O 632 3.36 -62.56 -49.11
N THR O 633 2.91 -63.48 -49.96
CA THR O 633 1.59 -63.43 -50.57
C THR O 633 0.57 -64.26 -49.80
N HIS O 634 0.81 -64.52 -48.51
CA HIS O 634 -0.01 -65.45 -47.77
C HIS O 634 -1.34 -64.86 -47.36
N GLN O 635 -1.52 -63.54 -47.48
CA GLN O 635 -2.74 -62.90 -47.00
C GLN O 635 -3.92 -63.13 -47.95
N GLY O 636 -3.67 -63.15 -49.26
CA GLY O 636 -4.72 -63.33 -50.23
C GLY O 636 -5.46 -64.63 -50.06
N PRO O 637 -4.72 -65.73 -49.94
CA PRO O 637 -5.37 -67.01 -49.63
C PRO O 637 -6.16 -66.98 -48.33
N ALA O 638 -5.67 -66.26 -47.32
CA ALA O 638 -6.42 -66.16 -46.08
C ALA O 638 -7.75 -65.45 -46.28
N VAL O 639 -7.75 -64.36 -47.06
CA VAL O 639 -8.99 -63.65 -47.33
C VAL O 639 -9.95 -64.53 -48.13
N LEU O 640 -9.42 -65.23 -49.14
CA LEU O 640 -10.28 -66.12 -49.93
C LEU O 640 -10.86 -67.22 -49.07
N GLY O 641 -10.08 -67.74 -48.11
CA GLY O 641 -10.60 -68.74 -47.20
C GLY O 641 -11.66 -68.18 -46.26
N ILE O 642 -11.48 -66.93 -45.82
CA ILE O 642 -12.52 -66.28 -45.03
C ILE O 642 -13.82 -66.24 -45.83
N ALA O 643 -13.74 -65.83 -47.09
CA ALA O 643 -14.94 -65.80 -47.92
C ALA O 643 -15.54 -67.18 -48.10
N MET O 644 -14.68 -68.18 -48.32
CA MET O 644 -15.18 -69.54 -48.53
C MET O 644 -15.90 -70.06 -47.30
N VAL O 645 -15.35 -69.80 -46.11
CA VAL O 645 -15.99 -70.25 -44.88
C VAL O 645 -17.29 -69.50 -44.65
N ALA O 646 -17.32 -68.20 -44.98
CA ALA O 646 -18.48 -67.37 -44.70
C ALA O 646 -19.61 -67.55 -45.70
N MET O 647 -19.34 -68.10 -46.90
CA MET O 647 -20.39 -68.18 -47.90
C MET O 647 -21.62 -68.95 -47.40
N ALA O 648 -21.43 -69.88 -46.47
CA ALA O 648 -22.51 -70.80 -46.10
C ALA O 648 -23.70 -70.08 -45.49
N GLU O 649 -23.47 -69.00 -44.75
CA GLU O 649 -24.52 -68.33 -43.98
C GLU O 649 -24.71 -66.90 -44.47
N GLU O 650 -25.98 -66.50 -44.60
CA GLU O 650 -26.27 -65.11 -44.98
C GLU O 650 -25.72 -64.14 -43.94
N LEU O 651 -25.92 -64.43 -42.66
CA LEU O 651 -25.28 -63.64 -41.61
C LEU O 651 -23.76 -63.73 -41.73
N GLY O 652 -23.26 -64.94 -42.02
CA GLY O 652 -21.84 -65.08 -42.28
C GLY O 652 -21.39 -64.24 -43.47
N VAL O 653 -22.21 -64.20 -44.51
CA VAL O 653 -21.88 -63.39 -45.68
C VAL O 653 -21.79 -61.91 -45.31
N GLU O 654 -22.77 -61.44 -44.53
CA GLU O 654 -22.77 -60.02 -44.14
C GLU O 654 -21.58 -59.68 -43.26
N MET O 655 -21.29 -60.52 -42.26
CA MET O 655 -20.15 -60.24 -41.40
C MET O 655 -18.84 -60.32 -42.18
N ALA O 656 -18.75 -61.25 -43.13
CA ALA O 656 -17.56 -61.33 -43.98
C ALA O 656 -17.42 -60.08 -44.84
N ILE O 657 -18.54 -59.55 -45.35
CA ILE O 657 -18.49 -58.32 -46.13
C ILE O 657 -17.97 -57.17 -45.28
N ARG O 658 -18.49 -57.05 -44.05
CA ARG O 658 -18.02 -55.99 -43.16
C ARG O 658 -16.54 -56.15 -42.84
N SER O 659 -16.11 -57.38 -42.55
CA SER O 659 -14.70 -57.62 -42.25
C SER O 659 -13.82 -57.34 -43.46
N LEU O 660 -14.32 -57.64 -44.66
CA LEU O 660 -13.57 -57.34 -45.88
C LEU O 660 -13.45 -55.85 -46.09
N GLU O 661 -14.51 -55.09 -45.78
CA GLU O 661 -14.41 -53.64 -45.85
C GLU O 661 -13.36 -53.12 -44.87
N HIS O 662 -13.37 -53.65 -43.64
CA HIS O 662 -12.37 -53.23 -42.67
C HIS O 662 -10.96 -53.57 -43.13
N LEU O 663 -10.78 -54.78 -43.67
CA LEU O 663 -9.46 -55.17 -44.18
C LEU O 663 -9.02 -54.27 -45.33
N LEU O 664 -9.92 -53.97 -46.26
CA LEU O 664 -9.62 -53.04 -47.34
C LEU O 664 -9.17 -51.71 -46.78
N GLN O 665 -9.84 -51.21 -45.75
CA GLN O 665 -9.43 -49.96 -45.13
C GLN O 665 -8.03 -50.08 -44.51
N TYR O 666 -7.72 -51.23 -43.90
CA TYR O 666 -6.46 -51.41 -43.19
C TYR O 666 -5.55 -52.47 -43.81
N GLY O 667 -5.91 -53.03 -44.96
CA GLY O 667 -5.12 -54.11 -45.53
C GLY O 667 -3.96 -53.62 -46.36
N GLU O 668 -3.00 -54.53 -46.58
CA GLU O 668 -1.87 -54.24 -47.44
C GLU O 668 -2.27 -54.30 -48.91
N GLN O 669 -1.29 -54.12 -49.79
CA GLN O 669 -1.56 -54.19 -51.21
C GLN O 669 -2.06 -55.58 -51.63
N ASN O 670 -1.47 -56.63 -51.09
CA ASN O 670 -1.95 -57.98 -51.39
C ASN O 670 -3.38 -58.18 -50.88
N ILE O 671 -3.67 -57.71 -49.67
CA ILE O 671 -5.03 -57.82 -49.14
C ILE O 671 -5.99 -56.99 -49.98
N ARG O 672 -5.54 -55.81 -50.41
CA ARG O 672 -6.37 -54.97 -51.26
C ARG O 672 -6.69 -55.66 -52.59
N ARG O 673 -5.70 -56.35 -53.16
CA ARG O 673 -5.95 -57.09 -54.40
C ARG O 673 -6.87 -58.28 -54.18
N ALA O 674 -6.74 -58.96 -53.03
CA ALA O 674 -7.53 -60.16 -52.78
C ALA O 674 -8.97 -59.85 -52.40
N VAL O 675 -9.22 -58.74 -51.71
CA VAL O 675 -10.55 -58.45 -51.20
C VAL O 675 -11.60 -58.43 -52.31
N PRO O 676 -11.38 -57.77 -53.45
CA PRO O 676 -12.39 -57.81 -54.52
C PRO O 676 -12.75 -59.22 -54.95
N LEU O 677 -11.76 -60.09 -55.10
CA LEU O 677 -12.05 -61.47 -55.50
C LEU O 677 -12.85 -62.20 -54.44
N ALA O 678 -12.50 -62.01 -53.17
CA ALA O 678 -13.23 -62.68 -52.09
C ALA O 678 -14.68 -62.21 -52.04
N LEU O 679 -14.91 -60.90 -52.15
CA LEU O 679 -16.27 -60.39 -52.05
C LEU O 679 -17.07 -60.75 -53.30
N GLY O 680 -16.41 -60.88 -54.45
CA GLY O 680 -17.10 -61.41 -55.62
C GLY O 680 -17.49 -62.86 -55.45
N LEU O 681 -16.61 -63.64 -54.82
CA LEU O 681 -16.95 -65.03 -54.51
C LEU O 681 -18.13 -65.11 -53.56
N LEU O 682 -18.19 -64.20 -52.57
CA LEU O 682 -19.25 -64.26 -51.58
C LEU O 682 -20.63 -64.07 -52.20
N CYS O 683 -20.72 -63.30 -53.28
CA CYS O 683 -22.00 -62.90 -53.85
C CYS O 683 -22.08 -63.25 -55.33
N ILE O 684 -21.71 -64.49 -55.68
CA ILE O 684 -21.80 -64.92 -57.07
C ILE O 684 -23.27 -64.96 -57.49
N SER O 685 -23.57 -64.34 -58.62
CA SER O 685 -24.90 -64.31 -59.21
C SER O 685 -25.93 -63.63 -58.31
N ASN O 686 -25.48 -62.89 -57.30
CA ASN O 686 -26.37 -62.16 -56.39
C ASN O 686 -25.96 -60.70 -56.34
N PRO O 687 -26.51 -59.84 -57.22
CA PRO O 687 -26.08 -58.43 -57.26
C PRO O 687 -26.59 -57.59 -56.10
N LYS O 688 -25.93 -57.73 -54.95
CA LYS O 688 -26.25 -56.91 -53.80
C LYS O 688 -25.73 -55.49 -54.01
N VAL O 689 -26.60 -54.50 -53.75
CA VAL O 689 -26.29 -53.12 -54.12
C VAL O 689 -25.03 -52.64 -53.42
N ASN O 690 -24.89 -52.97 -52.13
CA ASN O 690 -23.72 -52.50 -51.38
C ASN O 690 -22.43 -53.05 -51.97
N VAL O 691 -22.41 -54.34 -52.31
CA VAL O 691 -21.22 -54.94 -52.89
C VAL O 691 -20.91 -54.33 -54.24
N MET O 692 -21.95 -54.10 -55.05
CA MET O 692 -21.74 -53.47 -56.36
C MET O 692 -21.16 -52.08 -56.23
N ASP O 693 -21.65 -51.30 -55.26
CA ASP O 693 -21.10 -49.97 -55.03
C ASP O 693 -19.65 -50.03 -54.56
N THR O 694 -19.33 -50.97 -53.66
CA THR O 694 -17.95 -51.12 -53.22
C THR O 694 -17.04 -51.47 -54.39
N LEU O 695 -17.50 -52.38 -55.26
CA LEU O 695 -16.71 -52.73 -56.44
C LEU O 695 -16.57 -51.55 -57.39
N SER O 696 -17.62 -50.74 -57.54
CA SER O 696 -17.52 -49.55 -58.38
C SER O 696 -16.47 -48.59 -57.83
N ARG O 697 -16.45 -48.39 -56.52
CA ARG O 697 -15.42 -47.55 -55.92
C ARG O 697 -14.03 -48.14 -56.12
N LEU O 698 -13.90 -49.47 -55.99
CA LEU O 698 -12.59 -50.11 -56.08
C LEU O 698 -12.05 -50.09 -57.51
N SER O 699 -12.92 -50.21 -58.51
CA SER O 699 -12.48 -50.33 -59.89
C SER O 699 -11.73 -49.09 -60.37
N HIS O 700 -11.84 -47.97 -59.66
CA HIS O 700 -11.15 -46.74 -60.01
C HIS O 700 -9.87 -46.54 -59.20
N ASP O 701 -9.42 -47.57 -58.49
CA ASP O 701 -8.21 -47.45 -57.69
C ASP O 701 -7.00 -47.21 -58.57
N SER O 702 -5.98 -46.56 -57.99
CA SER O 702 -4.78 -46.27 -58.75
C SER O 702 -4.06 -47.54 -59.18
N ASP O 703 -4.03 -48.56 -58.32
CA ASP O 703 -3.37 -49.81 -58.65
C ASP O 703 -4.18 -50.56 -59.70
N LEU O 704 -3.53 -50.89 -60.82
CA LEU O 704 -4.24 -51.54 -61.92
C LEU O 704 -4.73 -52.93 -61.53
N GLU O 705 -3.92 -53.69 -60.79
CA GLU O 705 -4.31 -55.05 -60.43
C GLU O 705 -5.61 -55.05 -59.62
N VAL O 706 -5.74 -54.13 -58.66
CA VAL O 706 -6.98 -54.02 -57.91
C VAL O 706 -8.13 -53.68 -58.85
N ALA O 707 -7.87 -52.85 -59.85
CA ALA O 707 -8.92 -52.47 -60.80
C ALA O 707 -9.43 -53.70 -61.56
N MET O 708 -8.50 -54.51 -62.10
CA MET O 708 -8.95 -55.70 -62.81
C MET O 708 -9.63 -56.69 -61.88
N ALA O 709 -9.15 -56.80 -60.63
CA ALA O 709 -9.79 -57.70 -59.67
C ALA O 709 -11.23 -57.27 -59.42
N ALA O 710 -11.45 -55.97 -59.21
CA ALA O 710 -12.80 -55.47 -58.99
C ALA O 710 -13.67 -55.66 -60.22
N ILE O 711 -13.11 -55.47 -61.41
CA ILE O 711 -13.88 -55.66 -62.64
C ILE O 711 -14.30 -57.12 -62.79
N ILE O 712 -13.39 -58.05 -62.52
CA ILE O 712 -13.71 -59.46 -62.63
C ILE O 712 -14.74 -59.86 -61.58
N SER O 713 -14.64 -59.29 -60.38
CA SER O 713 -15.64 -59.55 -59.35
C SER O 713 -17.01 -59.03 -59.78
N LEU O 714 -17.05 -57.85 -60.40
CA LEU O 714 -18.31 -57.33 -60.91
C LEU O 714 -18.89 -58.25 -61.97
N GLY O 715 -18.05 -58.74 -62.88
CA GLY O 715 -18.53 -59.67 -63.89
C GLY O 715 -19.07 -60.94 -63.28
N LEU O 716 -18.39 -61.47 -62.26
CA LEU O 716 -18.85 -62.67 -61.59
C LEU O 716 -20.19 -62.46 -60.89
N ILE O 717 -20.35 -61.32 -60.21
CA ILE O 717 -21.57 -61.07 -59.46
C ILE O 717 -22.77 -60.98 -60.39
N GLY O 718 -22.61 -60.30 -61.53
CA GLY O 718 -23.69 -60.16 -62.49
C GLY O 718 -23.84 -61.32 -63.44
N ALA O 719 -23.07 -62.39 -63.25
CA ALA O 719 -23.12 -63.54 -64.15
C ALA O 719 -24.51 -64.17 -64.16
N GLY O 720 -25.18 -64.11 -65.31
CA GLY O 720 -26.45 -64.77 -65.49
C GLY O 720 -27.66 -63.96 -65.09
N THR O 721 -27.49 -62.79 -64.49
CA THR O 721 -28.61 -61.96 -64.06
C THR O 721 -28.97 -60.87 -65.06
N ASN O 722 -28.06 -60.52 -65.97
CA ASN O 722 -28.31 -59.48 -66.97
C ASN O 722 -28.76 -58.19 -66.31
N ASN O 723 -28.09 -57.83 -65.22
CA ASN O 723 -28.44 -56.62 -64.49
C ASN O 723 -28.09 -55.39 -65.32
N ALA O 724 -29.05 -54.47 -65.48
CA ALA O 724 -28.80 -53.27 -66.25
C ALA O 724 -27.75 -52.38 -65.60
N ARG O 725 -27.78 -52.27 -64.27
CA ARG O 725 -26.82 -51.42 -63.58
C ARG O 725 -25.40 -51.92 -63.78
N ILE O 726 -25.20 -53.25 -63.70
CA ILE O 726 -23.88 -53.82 -63.92
C ILE O 726 -23.42 -53.54 -65.35
N ALA O 727 -24.31 -53.70 -66.32
CA ALA O 727 -23.94 -53.41 -67.70
C ALA O 727 -23.54 -51.95 -67.86
N GLY O 728 -24.30 -51.04 -67.25
CA GLY O 728 -24.00 -49.62 -67.38
C GLY O 728 -22.66 -49.26 -66.77
N MET O 729 -22.39 -49.76 -65.56
CA MET O 729 -21.13 -49.43 -64.90
C MET O 729 -19.95 -50.07 -65.64
N LEU O 730 -20.17 -51.26 -66.20
CA LEU O 730 -19.12 -51.85 -67.04
C LEU O 730 -18.87 -51.03 -68.29
N ARG O 731 -19.92 -50.49 -68.90
CA ARG O 731 -19.74 -49.60 -70.05
C ARG O 731 -18.94 -48.38 -69.65
N ASN O 732 -19.27 -47.78 -68.49
CA ASN O 732 -18.53 -46.61 -68.03
C ASN O 732 -17.06 -46.95 -67.79
N LEU O 733 -16.78 -48.10 -67.19
CA LEU O 733 -15.40 -48.50 -66.95
C LEU O 733 -14.66 -48.72 -68.28
N SER O 734 -15.33 -49.35 -69.25
CA SER O 734 -14.71 -49.55 -70.55
C SER O 734 -14.39 -48.21 -71.20
N SER O 735 -15.30 -47.24 -71.10
CA SER O 735 -15.02 -45.91 -71.62
C SER O 735 -13.83 -45.29 -70.91
N TYR O 736 -13.75 -45.43 -69.59
CA TYR O 736 -12.63 -44.88 -68.84
C TYR O 736 -11.32 -45.55 -69.24
N TYR O 737 -11.33 -46.88 -69.41
CA TYR O 737 -10.12 -47.65 -69.64
C TYR O 737 -9.88 -47.96 -71.11
N TYR O 738 -10.22 -47.02 -72.01
CA TYR O 738 -9.99 -47.24 -73.43
C TYR O 738 -8.50 -47.39 -73.76
N LYS O 739 -7.65 -46.60 -73.10
CA LYS O 739 -6.24 -46.59 -73.42
C LYS O 739 -5.49 -47.83 -72.93
N ASP O 740 -5.99 -48.49 -71.89
CA ASP O 740 -5.32 -49.64 -71.29
C ASP O 740 -5.86 -50.92 -71.92
N ALA O 741 -4.95 -51.71 -72.50
CA ALA O 741 -5.37 -52.96 -73.14
C ALA O 741 -5.80 -54.02 -72.14
N SER O 742 -5.03 -54.23 -71.07
CA SER O 742 -5.37 -55.24 -70.09
C SER O 742 -6.70 -54.92 -69.40
N ALA O 743 -6.89 -53.66 -69.01
CA ALA O 743 -8.13 -53.27 -68.36
C ALA O 743 -9.32 -53.45 -69.31
N LEU O 744 -9.15 -53.09 -70.57
CA LEU O 744 -10.22 -53.29 -71.55
C LEU O 744 -10.53 -54.78 -71.71
N PHE O 745 -9.50 -55.61 -71.75
CA PHE O 745 -9.69 -57.05 -71.87
C PHE O 745 -10.49 -57.58 -70.67
N CYS O 746 -10.12 -57.15 -69.47
CA CYS O 746 -10.84 -57.60 -68.27
C CYS O 746 -12.28 -57.10 -68.25
N VAL O 747 -12.51 -55.85 -68.67
CA VAL O 747 -13.87 -55.32 -68.69
C VAL O 747 -14.72 -56.08 -69.70
N ARG O 748 -14.13 -56.42 -70.85
CA ARG O 748 -14.86 -57.20 -71.84
C ARG O 748 -15.18 -58.59 -71.31
N ILE O 749 -14.24 -59.22 -70.60
CA ILE O 749 -14.53 -60.52 -69.98
C ILE O 749 -15.67 -60.40 -68.99
N ALA O 750 -15.65 -59.34 -68.18
CA ALA O 750 -16.72 -59.13 -67.20
C ALA O 750 -18.07 -58.93 -67.90
N GLN O 751 -18.08 -58.16 -68.98
CA GLN O 751 -19.31 -57.96 -69.73
C GLN O 751 -19.83 -59.28 -70.29
N GLY O 752 -18.94 -60.10 -70.84
CA GLY O 752 -19.35 -61.40 -71.32
C GLY O 752 -19.91 -62.28 -70.21
N LEU O 753 -19.27 -62.25 -69.04
CA LEU O 753 -19.77 -63.02 -67.91
C LEU O 753 -21.17 -62.56 -67.51
N VAL O 754 -21.39 -61.24 -67.48
CA VAL O 754 -22.70 -60.71 -67.10
C VAL O 754 -23.77 -61.21 -68.06
N HIS O 755 -23.45 -61.32 -69.34
CA HIS O 755 -24.38 -61.81 -70.35
C HIS O 755 -24.22 -63.31 -70.61
N MET O 756 -23.79 -64.07 -69.60
CA MET O 756 -23.61 -65.50 -69.76
C MET O 756 -24.93 -66.17 -70.14
N GLY O 757 -24.89 -66.93 -71.23
CA GLY O 757 -26.07 -67.64 -71.70
C GLY O 757 -27.25 -66.72 -71.95
N LYS O 758 -26.97 -65.44 -72.19
CA LYS O 758 -28.00 -64.43 -72.35
C LYS O 758 -28.93 -64.36 -71.15
N GLY O 759 -28.43 -64.71 -69.96
CA GLY O 759 -29.22 -64.69 -68.73
C GLY O 759 -29.80 -66.03 -68.32
N LEU O 760 -29.40 -67.13 -68.96
CA LEU O 760 -29.97 -68.43 -68.68
C LEU O 760 -29.08 -69.32 -67.82
N LEU O 761 -27.80 -68.98 -67.67
CA LEU O 761 -26.87 -69.79 -66.90
C LEU O 761 -26.28 -68.96 -65.76
N THR O 762 -25.99 -69.63 -64.64
CA THR O 762 -25.47 -68.98 -63.45
C THR O 762 -24.24 -69.71 -62.94
N LEU O 763 -23.51 -69.04 -62.07
CA LEU O 763 -22.30 -69.56 -61.45
C LEU O 763 -22.52 -69.89 -59.98
N ASN O 764 -23.71 -70.36 -59.65
CA ASN O 764 -24.05 -70.66 -58.26
C ASN O 764 -23.47 -72.03 -57.88
N PRO O 765 -22.53 -72.09 -56.92
CA PRO O 765 -22.04 -73.42 -56.49
C PRO O 765 -22.99 -74.12 -55.53
N TYR O 766 -24.05 -73.46 -55.09
CA TYR O 766 -24.98 -74.01 -54.12
C TYR O 766 -26.29 -74.42 -54.78
N HIS O 767 -26.95 -75.40 -54.20
CA HIS O 767 -28.23 -75.92 -54.68
C HIS O 767 -29.12 -76.25 -53.50
N SER O 768 -30.43 -76.32 -53.78
CA SER O 768 -31.42 -76.71 -52.78
C SER O 768 -31.39 -75.78 -51.56
N ASP O 769 -31.74 -74.51 -51.84
CA ASP O 769 -31.84 -73.49 -50.80
C ASP O 769 -30.51 -73.32 -50.06
N ARG O 770 -29.41 -73.34 -50.82
CA ARG O 770 -28.07 -73.12 -50.28
C ARG O 770 -27.66 -74.16 -49.25
N PHE O 771 -28.26 -75.35 -49.31
CA PHE O 771 -27.92 -76.40 -48.36
C PHE O 771 -26.84 -77.34 -48.89
N LEU O 772 -26.80 -77.53 -50.21
CA LEU O 772 -25.85 -78.44 -50.84
C LEU O 772 -24.81 -77.64 -51.60
N LEU O 773 -23.53 -77.94 -51.34
CA LEU O 773 -22.42 -77.31 -52.04
C LEU O 773 -21.87 -78.31 -53.06
N SER O 774 -21.87 -77.93 -54.33
CA SER O 774 -21.38 -78.81 -55.39
C SER O 774 -19.85 -78.73 -55.43
N PRO O 775 -19.14 -79.85 -55.18
CA PRO O 775 -17.67 -79.75 -55.15
C PRO O 775 -17.07 -79.31 -56.47
N SER O 776 -17.64 -79.71 -57.60
CA SER O 776 -17.03 -79.40 -58.90
C SER O 776 -17.09 -77.90 -59.18
N ALA O 777 -18.26 -77.29 -59.01
CA ALA O 777 -18.39 -75.86 -59.26
C ALA O 777 -17.51 -75.06 -58.31
N HIS O 778 -17.48 -75.44 -57.03
CA HIS O 778 -16.62 -74.75 -56.07
C HIS O 778 -15.15 -74.86 -56.46
N ALA O 779 -14.72 -76.05 -56.87
CA ALA O 779 -13.33 -76.23 -57.27
C ALA O 779 -13.00 -75.37 -58.48
N GLY O 780 -13.89 -75.34 -59.47
CA GLY O 780 -13.64 -74.50 -60.63
C GLY O 780 -13.56 -73.03 -60.27
N LEU O 781 -14.49 -72.55 -59.44
CA LEU O 781 -14.48 -71.15 -59.04
C LEU O 781 -13.22 -70.81 -58.25
N VAL O 782 -12.81 -71.70 -57.35
CA VAL O 782 -11.61 -71.44 -56.55
C VAL O 782 -10.37 -71.40 -57.43
N ILE O 783 -10.30 -72.31 -58.41
CA ILE O 783 -9.17 -72.30 -59.35
C ILE O 783 -9.16 -70.98 -60.12
N MET O 784 -10.33 -70.55 -60.59
CA MET O 784 -10.40 -69.29 -61.33
C MET O 784 -9.95 -68.11 -60.48
N LEU O 785 -10.37 -68.09 -59.21
CA LEU O 785 -9.98 -67.00 -58.33
C LEU O 785 -8.47 -67.03 -58.04
N HIS O 786 -7.92 -68.22 -57.82
CA HIS O 786 -6.48 -68.32 -57.57
C HIS O 786 -5.68 -67.90 -58.81
N ALA O 787 -6.19 -68.20 -60.01
CA ALA O 787 -5.55 -67.71 -61.22
C ALA O 787 -5.66 -66.19 -61.32
N CYS O 788 -6.80 -65.62 -60.95
CA CYS O 788 -6.96 -64.17 -60.97
C CYS O 788 -6.08 -63.47 -59.93
N LEU O 789 -5.67 -64.19 -58.89
CA LEU O 789 -4.83 -63.58 -57.86
C LEU O 789 -3.55 -62.97 -58.43
N ASP O 790 -3.09 -63.47 -59.58
CA ASP O 790 -1.82 -63.02 -60.18
C ASP O 790 -2.08 -62.61 -61.64
N MET O 791 -3.06 -61.73 -61.81
CA MET O 791 -3.57 -61.31 -63.11
C MET O 791 -2.48 -61.20 -64.18
N LYS O 792 -1.50 -60.33 -63.95
CA LYS O 792 -0.53 -60.03 -64.99
C LYS O 792 0.18 -61.29 -65.49
N ALA O 793 0.68 -62.12 -64.58
CA ALA O 793 1.44 -63.30 -64.96
C ALA O 793 0.57 -64.42 -65.48
N ILE O 794 -0.61 -64.63 -64.90
CA ILE O 794 -1.41 -65.81 -65.21
C ILE O 794 -2.35 -65.53 -66.37
N ILE O 795 -3.27 -64.57 -66.19
CA ILE O 795 -4.33 -64.39 -67.17
C ILE O 795 -3.85 -63.55 -68.35
N LEU O 796 -3.13 -62.46 -68.08
CA LEU O 796 -2.59 -61.63 -69.15
C LEU O 796 -1.35 -62.24 -69.79
N GLY O 797 -0.83 -63.33 -69.25
CA GLY O 797 0.36 -63.96 -69.79
C GLY O 797 0.05 -65.00 -70.85
N LYS O 798 0.49 -66.24 -70.63
CA LYS O 798 0.29 -67.32 -71.58
C LYS O 798 -0.88 -68.23 -71.20
N TYR O 799 -1.60 -67.94 -70.13
CA TYR O 799 -2.59 -68.84 -69.56
C TYR O 799 -3.98 -68.22 -69.54
N HIS O 800 -4.39 -67.61 -70.64
CA HIS O 800 -5.76 -67.12 -70.76
C HIS O 800 -6.77 -68.26 -70.60
N TYR O 801 -6.35 -69.50 -70.83
CA TYR O 801 -7.28 -70.62 -70.85
C TYR O 801 -7.65 -71.10 -69.45
N MET O 802 -7.01 -70.59 -68.40
CA MET O 802 -7.41 -70.97 -67.04
C MET O 802 -8.84 -70.56 -66.74
N LEU O 803 -9.40 -69.61 -67.50
CA LEU O 803 -10.79 -69.23 -67.31
C LEU O 803 -11.75 -70.36 -67.64
N TYR O 804 -11.28 -71.40 -68.33
CA TYR O 804 -12.19 -72.47 -68.73
C TYR O 804 -12.50 -73.42 -67.58
N PHE O 805 -11.82 -73.27 -66.44
CA PHE O 805 -12.25 -73.97 -65.24
C PHE O 805 -13.62 -73.51 -64.78
N LEU O 806 -14.07 -72.33 -65.23
CA LEU O 806 -15.40 -71.85 -64.93
C LEU O 806 -16.48 -72.73 -65.57
N VAL O 807 -16.09 -73.59 -66.52
CA VAL O 807 -17.05 -74.49 -67.16
C VAL O 807 -17.74 -75.37 -66.11
N LEU O 808 -17.02 -75.71 -65.04
CA LEU O 808 -17.59 -76.57 -64.00
C LEU O 808 -18.70 -75.87 -63.20
N ALA O 809 -18.68 -74.53 -63.14
CA ALA O 809 -19.54 -73.80 -62.22
C ALA O 809 -20.84 -73.32 -62.86
N MET O 810 -20.98 -73.45 -64.17
CA MET O 810 -22.13 -72.91 -64.89
C MET O 810 -23.25 -73.93 -64.96
N GLN O 811 -24.44 -73.53 -64.52
CA GLN O 811 -25.65 -74.34 -64.59
C GLN O 811 -26.83 -73.48 -65.00
N PRO O 812 -27.86 -74.08 -65.60
CA PRO O 812 -28.97 -73.27 -66.14
C PRO O 812 -29.94 -72.81 -65.07
N ARG O 813 -30.65 -71.72 -65.37
CA ARG O 813 -31.70 -71.21 -64.50
C ARG O 813 -33.07 -71.71 -64.94
N MET O 814 -33.26 -73.02 -64.98
CA MET O 814 -34.48 -73.60 -65.52
C MET O 814 -35.19 -74.46 -64.47
N LEU O 815 -36.49 -74.21 -64.32
CA LEU O 815 -37.37 -75.05 -63.49
C LEU O 815 -38.40 -75.67 -64.42
N LEU O 816 -38.05 -76.83 -64.99
CA LEU O 816 -38.88 -77.50 -65.97
C LEU O 816 -39.66 -78.62 -65.30
N THR O 817 -40.99 -78.48 -65.28
CA THR O 817 -41.86 -79.52 -64.75
C THR O 817 -42.05 -80.59 -65.82
N VAL O 818 -41.91 -81.86 -65.41
CA VAL O 818 -41.92 -82.98 -66.33
C VAL O 818 -43.01 -83.95 -65.91
N ASP O 819 -43.77 -84.44 -66.89
CA ASP O 819 -44.83 -85.40 -66.65
C ASP O 819 -44.23 -86.79 -66.43
N GLU O 820 -45.07 -87.73 -65.99
CA GLU O 820 -44.62 -89.09 -65.74
C GLU O 820 -43.98 -89.70 -66.98
N ASN O 821 -44.44 -89.30 -68.17
CA ASN O 821 -43.90 -89.82 -69.43
C ASN O 821 -42.63 -89.10 -69.87
N LEU O 822 -41.96 -88.39 -68.95
CA LEU O 822 -40.72 -87.68 -69.23
C LEU O 822 -40.89 -86.62 -70.30
N LYS O 823 -42.09 -86.05 -70.43
CA LYS O 823 -42.32 -84.97 -71.39
C LYS O 823 -42.50 -83.64 -70.65
N PRO O 824 -42.07 -82.53 -71.22
CA PRO O 824 -42.24 -81.24 -70.55
C PRO O 824 -43.71 -80.90 -70.38
N LEU O 825 -44.05 -80.32 -69.22
CA LEU O 825 -45.41 -79.92 -68.92
C LEU O 825 -45.40 -78.49 -68.38
N SER O 826 -46.29 -77.65 -68.91
CA SER O 826 -46.39 -76.26 -68.47
C SER O 826 -47.40 -76.18 -67.34
N VAL O 827 -46.93 -75.81 -66.15
CA VAL O 827 -47.78 -75.69 -64.97
C VAL O 827 -47.49 -74.36 -64.30
N PRO O 828 -48.50 -73.59 -63.88
CA PRO O 828 -48.23 -72.32 -63.21
C PRO O 828 -47.43 -72.53 -61.93
N VAL O 829 -46.49 -71.63 -61.66
CA VAL O 829 -45.61 -71.72 -60.51
C VAL O 829 -45.45 -70.32 -59.91
N ARG O 830 -45.57 -70.25 -58.58
CA ARG O 830 -45.33 -69.01 -57.85
C ARG O 830 -43.85 -68.91 -57.49
N VAL O 831 -43.24 -67.79 -57.85
CA VAL O 831 -41.81 -67.57 -57.65
C VAL O 831 -41.62 -66.33 -56.80
N GLY O 832 -40.75 -66.44 -55.79
CA GLY O 832 -40.46 -65.31 -54.93
C GLY O 832 -39.35 -65.66 -53.97
N GLN O 833 -38.94 -64.67 -53.19
CA GLN O 833 -37.84 -64.84 -52.25
C GLN O 833 -38.22 -65.81 -51.15
N ALA O 834 -37.31 -66.71 -50.81
CA ALA O 834 -37.55 -67.69 -49.76
C ALA O 834 -37.56 -67.01 -48.40
N VAL O 835 -38.37 -67.55 -47.49
CA VAL O 835 -38.48 -67.05 -46.12
C VAL O 835 -38.20 -68.20 -45.17
N ASP O 836 -37.35 -67.95 -44.17
CA ASP O 836 -37.06 -68.96 -43.16
C ASP O 836 -38.31 -69.21 -42.33
N VAL O 837 -38.87 -70.41 -42.46
CA VAL O 837 -40.11 -70.75 -41.75
C VAL O 837 -39.84 -71.43 -40.42
N VAL O 838 -38.60 -71.44 -39.95
CA VAL O 838 -38.27 -72.10 -38.69
C VAL O 838 -38.81 -71.25 -37.54
N GLY O 839 -39.52 -71.90 -36.61
CA GLY O 839 -40.01 -71.24 -35.43
C GLY O 839 -41.31 -70.48 -35.61
N GLN O 840 -41.89 -70.47 -36.80
CA GLN O 840 -43.13 -69.76 -37.05
C GLN O 840 -44.32 -70.69 -36.82
N ALA O 841 -45.25 -70.26 -35.97
CA ALA O 841 -46.43 -71.07 -35.66
C ALA O 841 -47.34 -71.15 -36.88
N GLY O 842 -47.94 -72.32 -37.08
CA GLY O 842 -48.85 -72.52 -38.19
C GLY O 842 -48.17 -73.11 -39.42
N ARG O 843 -48.74 -72.85 -40.59
CA ARG O 843 -48.19 -73.33 -41.84
C ARG O 843 -47.78 -72.14 -42.71
N PRO O 844 -46.71 -71.44 -42.33
CA PRO O 844 -46.33 -70.23 -43.08
C PRO O 844 -45.91 -70.55 -44.50
N LYS O 845 -46.20 -69.62 -45.41
CA LYS O 845 -45.76 -69.75 -46.79
C LYS O 845 -44.25 -69.58 -46.87
N THR O 846 -43.62 -70.34 -47.77
CA THR O 846 -42.17 -70.31 -47.92
C THR O 846 -41.70 -69.29 -48.96
N ILE O 847 -42.61 -68.54 -49.56
CA ILE O 847 -42.28 -67.61 -50.64
C ILE O 847 -42.99 -66.28 -50.42
N THR O 848 -42.28 -65.19 -50.70
CA THR O 848 -42.87 -63.85 -50.70
C THR O 848 -43.26 -63.49 -52.11
N GLY O 849 -44.55 -63.55 -52.42
CA GLY O 849 -45.03 -63.20 -53.73
C GLY O 849 -46.30 -63.93 -54.13
N PHE O 850 -47.13 -63.26 -54.94
CA PHE O 850 -48.35 -63.86 -55.45
C PHE O 850 -48.36 -64.02 -56.96
N GLN O 851 -47.31 -63.55 -57.65
CA GLN O 851 -47.25 -63.66 -59.10
C GLN O 851 -47.08 -65.12 -59.51
N THR O 852 -47.86 -65.55 -60.50
CA THR O 852 -47.80 -66.92 -61.00
C THR O 852 -47.13 -66.93 -62.36
N HIS O 853 -46.14 -67.79 -62.52
CA HIS O 853 -45.38 -67.92 -63.77
C HIS O 853 -45.52 -69.33 -64.30
N SER O 854 -45.90 -69.46 -65.58
CA SER O 854 -46.15 -70.81 -66.15
C SER O 854 -44.87 -71.44 -66.71
N THR O 855 -44.83 -72.78 -66.81
CA THR O 855 -43.65 -73.50 -67.36
C THR O 855 -42.37 -73.04 -66.68
N PRO O 856 -41.30 -72.67 -67.44
CA PRO O 856 -39.94 -72.72 -66.90
C PRO O 856 -39.54 -71.35 -66.34
N VAL O 857 -39.89 -71.09 -65.08
CA VAL O 857 -39.58 -69.76 -64.45
C VAL O 857 -38.06 -69.65 -64.24
N LEU O 858 -37.46 -68.56 -64.73
CA LEU O 858 -36.01 -68.32 -64.50
C LEU O 858 -35.79 -68.03 -63.01
N LEU O 859 -35.33 -69.01 -62.24
CA LEU O 859 -35.20 -68.82 -60.81
C LEU O 859 -33.92 -68.04 -60.50
N SER O 860 -34.07 -66.92 -59.80
CA SER O 860 -32.94 -66.10 -59.42
C SER O 860 -32.37 -66.57 -58.09
N ALA O 861 -31.18 -66.07 -57.76
CA ALA O 861 -30.52 -66.44 -56.52
C ALA O 861 -31.39 -66.08 -55.32
N GLY O 862 -31.83 -67.11 -54.59
CA GLY O 862 -32.67 -66.91 -53.43
C GLY O 862 -34.15 -67.04 -53.67
N ASP O 863 -34.57 -67.18 -54.92
CA ASP O 863 -35.99 -67.32 -55.23
C ASP O 863 -36.42 -68.78 -55.10
N ARG O 864 -37.50 -69.02 -54.36
CA ARG O 864 -38.07 -70.34 -54.18
C ARG O 864 -39.39 -70.45 -54.93
N ALA O 865 -39.71 -71.67 -55.34
CA ALA O 865 -40.89 -71.94 -56.17
C ALA O 865 -41.83 -72.91 -55.47
N GLU O 866 -43.12 -72.61 -55.51
CA GLU O 866 -44.16 -73.49 -55.02
C GLU O 866 -45.24 -73.61 -56.09
N LEU O 867 -45.77 -74.83 -56.24
CA LEU O 867 -46.78 -75.05 -57.28
C LEU O 867 -48.06 -74.29 -56.95
N ALA O 868 -48.59 -73.61 -57.96
CA ALA O 868 -49.81 -72.82 -57.79
C ALA O 868 -51.08 -73.63 -57.98
N THR O 869 -50.97 -74.88 -58.44
CA THR O 869 -52.11 -75.72 -58.73
C THR O 869 -52.03 -77.00 -57.90
N GLU O 870 -53.17 -77.40 -57.33
CA GLU O 870 -53.25 -78.66 -56.60
C GLU O 870 -53.42 -79.87 -57.50
N LYS O 871 -53.57 -79.65 -58.82
CA LYS O 871 -53.75 -80.77 -59.73
C LYS O 871 -52.58 -81.76 -59.66
N TYR O 872 -51.36 -81.24 -59.51
CA TYR O 872 -50.15 -82.05 -59.58
C TYR O 872 -49.43 -81.99 -58.23
N ILE O 873 -48.99 -83.15 -57.75
CA ILE O 873 -48.22 -83.24 -56.51
C ILE O 873 -46.75 -83.31 -56.88
N PRO O 874 -45.93 -82.33 -56.51
CA PRO O 874 -44.51 -82.39 -56.86
C PRO O 874 -43.76 -83.37 -55.96
N LEU O 875 -43.10 -84.34 -56.59
CA LEU O 875 -42.32 -85.33 -55.86
C LEU O 875 -41.09 -84.74 -55.18
N SER O 876 -40.71 -83.52 -55.52
CA SER O 876 -39.54 -82.86 -54.94
C SER O 876 -39.99 -81.81 -53.94
N SER O 877 -39.41 -81.88 -52.72
CA SER O 877 -39.71 -80.88 -51.72
C SER O 877 -39.23 -79.49 -52.13
N ILE O 878 -38.19 -79.44 -52.96
CA ILE O 878 -37.63 -78.19 -53.47
C ILE O 878 -37.80 -78.20 -54.98
N LEU O 879 -38.43 -77.15 -55.52
CA LEU O 879 -38.71 -77.06 -56.95
C LEU O 879 -37.54 -76.37 -57.64
N GLU O 880 -36.62 -77.20 -58.14
CA GLU O 880 -35.44 -76.71 -58.86
C GLU O 880 -35.08 -77.70 -59.95
N GLY O 881 -34.58 -77.18 -61.07
CA GLY O 881 -34.17 -78.06 -62.15
C GLY O 881 -35.32 -78.92 -62.63
N PHE O 882 -35.05 -80.21 -62.81
CA PHE O 882 -36.06 -81.16 -63.26
C PHE O 882 -36.92 -81.58 -62.08
N VAL O 883 -38.23 -81.38 -62.21
CA VAL O 883 -39.21 -81.80 -61.20
C VAL O 883 -40.24 -82.66 -61.90
N ILE O 884 -40.42 -83.88 -61.40
CA ILE O 884 -41.41 -84.80 -61.96
C ILE O 884 -42.74 -84.57 -61.24
N LEU O 885 -43.76 -84.22 -62.00
CA LEU O 885 -45.08 -83.92 -61.45
C LEU O 885 -45.98 -85.13 -61.60
N LYS O 886 -46.63 -85.53 -60.50
CA LYS O 886 -47.58 -86.63 -60.49
C LYS O 886 -49.00 -86.08 -60.36
N GLU O 887 -49.88 -86.53 -61.25
CA GLU O 887 -51.27 -86.09 -61.19
C GLU O 887 -51.89 -86.49 -59.86
N ASN O 888 -52.58 -85.54 -59.23
CA ASN O 888 -53.19 -85.81 -57.93
C ASN O 888 -54.44 -86.66 -58.12
N PRO O 889 -54.50 -87.88 -57.56
CA PRO O 889 -55.72 -88.69 -57.72
C PRO O 889 -56.91 -88.15 -56.95
N GLU O 890 -56.70 -87.30 -55.95
CA GLU O 890 -57.79 -86.77 -55.13
C GLU O 890 -58.36 -85.46 -55.66
N TYR O 891 -57.78 -84.89 -56.71
CA TYR O 891 -58.25 -83.61 -57.23
C TYR O 891 -59.53 -83.81 -58.03
N ARG O 892 -60.55 -83.02 -57.71
CA ARG O 892 -61.80 -83.00 -58.47
C ARG O 892 -61.96 -81.62 -59.09
N GLU O 893 -62.12 -81.58 -60.41
CA GLU O 893 -62.26 -80.31 -61.12
C GLU O 893 -63.54 -79.60 -60.71
N GLU O 894 -63.43 -78.47 -60.02
CA GLU O 894 -64.59 -77.71 -59.60
C GLU O 894 -65.11 -76.88 -60.77
N HIS O 895 -66.16 -77.38 -61.41
CA HIS O 895 -66.73 -76.70 -62.57
C HIS O 895 -67.61 -75.53 -62.14
N ALA P 8 31.74 -19.59 74.38
CA ALA P 8 31.66 -19.25 75.83
C ALA P 8 32.67 -18.14 76.12
N GLY P 9 32.27 -17.09 76.85
CA GLY P 9 33.18 -15.99 77.23
C GLY P 9 34.01 -16.38 78.45
N GLY P 10 33.81 -17.59 78.98
CA GLY P 10 34.65 -18.09 80.08
C GLY P 10 36.03 -18.59 79.62
N MET P 11 36.10 -19.21 78.44
CA MET P 11 37.36 -19.68 77.85
C MET P 11 38.20 -18.52 77.32
N LEU P 12 37.54 -17.53 76.69
CA LEU P 12 38.19 -16.30 76.23
C LEU P 12 38.75 -15.49 77.42
N ALA P 13 38.05 -15.44 78.55
CA ALA P 13 38.56 -14.82 79.77
C ALA P 13 39.81 -15.54 80.30
N MET P 14 39.84 -16.87 80.27
CA MET P 14 41.02 -17.64 80.68
C MET P 14 42.24 -17.37 79.78
N LEU P 15 42.06 -17.02 78.51
CA LEU P 15 43.17 -16.64 77.63
C LEU P 15 43.83 -15.31 78.03
N SER P 16 43.08 -14.42 78.69
CA SER P 16 43.59 -13.13 79.15
C SER P 16 44.43 -13.22 80.43
N GLU P 17 44.37 -14.34 81.16
CA GLU P 17 45.16 -14.54 82.37
C GLU P 17 46.64 -14.85 82.07
N HIS P 18 47.53 -14.51 83.00
CA HIS P 18 48.98 -14.66 82.82
C HIS P 18 49.48 -16.11 82.94
N SER P 19 48.65 -17.01 83.46
CA SER P 19 49.07 -18.43 83.43
C SER P 19 49.05 -18.84 81.96
N THR P 20 50.19 -18.78 81.28
CA THR P 20 50.22 -19.06 79.81
C THR P 20 49.73 -20.48 79.56
N SER P 21 50.13 -21.44 80.40
CA SER P 21 49.73 -22.87 80.22
C SER P 21 48.21 -23.00 80.38
N LEU P 22 47.61 -22.30 81.35
CA LEU P 22 46.14 -22.34 81.57
C LEU P 22 45.44 -21.66 80.38
N LYS P 23 46.05 -20.61 79.83
CA LYS P 23 45.47 -19.94 78.64
C LYS P 23 45.48 -20.95 77.48
N LEU P 24 46.56 -21.73 77.37
CA LEU P 24 46.66 -22.76 76.29
C LEU P 24 45.59 -23.83 76.54
N HIS P 25 45.34 -24.17 77.81
CA HIS P 25 44.27 -25.15 78.14
C HIS P 25 42.92 -24.59 77.70
N ALA P 26 42.66 -23.31 77.95
CA ALA P 26 41.39 -22.67 77.52
C ALA P 26 41.31 -22.70 76.00
N LEU P 27 42.43 -22.48 75.32
CA LEU P 27 42.46 -22.50 73.84
C LEU P 27 42.11 -23.91 73.36
N SER P 28 42.64 -24.95 74.00
CA SER P 28 42.32 -26.36 73.62
C SER P 28 40.84 -26.64 73.89
N ASN P 29 40.28 -26.06 74.96
CA ASN P 29 38.84 -26.23 75.28
C ASN P 29 38.01 -25.57 74.18
N LEU P 30 38.46 -24.43 73.68
CA LEU P 30 37.74 -23.74 72.57
C LEU P 30 37.94 -24.52 71.26
N ASN P 31 39.06 -25.26 71.11
CA ASN P 31 39.35 -26.07 69.90
C ASN P 31 38.31 -27.19 69.80
N VAL P 32 38.26 -28.12 70.76
CA VAL P 32 37.16 -29.09 70.78
C VAL P 32 35.83 -28.44 70.44
N TYR P 33 35.58 -27.23 70.93
CA TYR P 33 34.30 -26.53 70.74
C TYR P 33 34.27 -25.56 69.56
N ALA P 34 35.36 -25.45 68.78
CA ALA P 34 35.47 -24.52 67.65
C ALA P 34 34.31 -24.65 66.66
N GLN P 35 33.83 -25.86 66.38
CA GLN P 35 32.71 -26.09 65.45
C GLN P 35 31.39 -25.40 65.88
N PHE P 36 31.15 -25.28 67.19
CA PHE P 36 29.90 -24.70 67.71
C PHE P 36 30.06 -23.25 68.13
N LEU P 37 31.25 -22.87 68.60
CA LEU P 37 31.51 -21.57 69.24
C LEU P 37 32.30 -20.59 68.36
N TRP P 38 32.56 -20.92 67.09
CA TRP P 38 33.29 -20.04 66.17
C TRP P 38 32.75 -18.60 66.08
N PRO P 39 31.43 -18.30 66.19
CA PRO P 39 30.95 -16.91 66.10
C PRO P 39 31.38 -16.04 67.29
N GLU P 40 31.58 -16.63 68.47
CA GLU P 40 32.07 -15.91 69.64
C GLU P 40 33.60 -15.78 69.58
N ILE P 41 34.29 -16.84 69.16
CA ILE P 41 35.76 -16.86 69.06
C ILE P 41 36.25 -15.88 67.98
N SER P 42 35.50 -15.69 66.89
CA SER P 42 35.87 -14.78 65.80
C SER P 42 36.07 -13.33 66.26
N THR P 43 35.34 -12.88 67.27
CA THR P 43 35.51 -11.53 67.85
C THR P 43 36.83 -11.34 68.57
N SER P 44 37.48 -12.45 68.97
CA SER P 44 38.68 -12.48 69.81
C SER P 44 39.90 -13.03 69.07
N ILE P 45 39.86 -13.10 67.73
CA ILE P 45 41.00 -13.51 66.90
C ILE P 45 42.29 -12.74 67.24
N PRO P 46 42.29 -11.40 67.46
CA PRO P 46 43.53 -10.68 67.77
C PRO P 46 44.24 -11.18 69.04
N LEU P 47 43.49 -11.68 70.02
CA LEU P 47 44.07 -12.28 71.23
C LEU P 47 44.76 -13.60 70.89
N LEU P 48 44.15 -14.44 70.05
CA LEU P 48 44.75 -15.70 69.62
C LEU P 48 45.97 -15.49 68.70
N GLU P 49 45.93 -14.47 67.84
CA GLU P 49 47.07 -14.06 67.01
C GLU P 49 48.24 -13.60 67.89
N SER P 50 47.98 -12.77 68.91
CA SER P 50 49.02 -12.35 69.86
C SER P 50 49.67 -13.52 70.60
N LEU P 51 48.90 -14.58 70.90
CA LEU P 51 49.42 -15.81 71.52
C LEU P 51 50.23 -16.67 70.55
N TYR P 52 49.96 -16.57 69.25
CA TYR P 52 50.75 -17.23 68.22
C TYR P 52 52.06 -16.48 67.94
N GLU P 53 52.05 -15.15 67.98
CA GLU P 53 53.23 -14.29 67.81
C GLU P 53 54.19 -14.36 69.01
N ASP P 54 53.68 -14.61 70.23
CA ASP P 54 54.49 -14.65 71.46
C ASP P 54 55.52 -15.78 71.45
N GLU P 55 56.81 -15.40 71.43
CA GLU P 55 57.88 -16.38 71.34
C GLU P 55 58.06 -17.24 72.60
N GLU P 56 57.61 -16.76 73.77
CA GLU P 56 57.80 -17.46 75.03
C GLU P 56 56.78 -18.59 75.23
N PHE P 57 55.73 -18.63 74.42
CA PHE P 57 54.66 -19.60 74.55
C PHE P 57 55.02 -20.94 73.89
N SER P 58 55.08 -22.01 74.70
CA SER P 58 55.44 -23.35 74.22
C SER P 58 54.36 -24.03 73.35
N GLN P 59 53.11 -23.59 73.45
CA GLN P 59 51.95 -24.18 72.75
C GLN P 59 51.42 -23.29 71.62
N ARG P 60 52.28 -22.46 71.03
CA ARG P 60 52.02 -21.71 69.78
C ARG P 60 51.30 -22.52 68.69
N PRO P 61 51.67 -23.79 68.40
CA PRO P 61 50.99 -24.55 67.35
C PRO P 61 49.50 -24.79 67.64
N LEU P 62 49.11 -24.89 68.92
CA LEU P 62 47.71 -25.09 69.29
C LEU P 62 46.89 -23.80 69.11
N ALA P 63 47.48 -22.64 69.42
CA ALA P 63 46.86 -21.35 69.15
C ALA P 63 46.62 -21.17 67.64
N ALA P 64 47.63 -21.45 66.83
CA ALA P 64 47.54 -21.40 65.37
C ALA P 64 46.43 -22.33 64.82
N LEU P 65 46.29 -23.54 65.36
CA LEU P 65 45.24 -24.49 64.96
C LEU P 65 43.81 -24.00 65.28
N VAL P 66 43.63 -23.32 66.42
CA VAL P 66 42.32 -22.75 66.78
C VAL P 66 42.00 -21.59 65.83
N VAL P 67 42.97 -20.71 65.57
CA VAL P 67 42.82 -19.58 64.65
C VAL P 67 42.47 -20.09 63.25
N SER P 68 43.18 -21.09 62.75
CA SER P 68 42.93 -21.65 61.43
C SER P 68 41.54 -22.28 61.31
N LYS P 69 41.05 -22.98 62.34
CA LYS P 69 39.66 -23.49 62.38
C LYS P 69 38.63 -22.36 62.37
N VAL P 70 38.88 -21.27 63.07
CA VAL P 70 37.96 -20.11 63.09
C VAL P 70 37.89 -19.45 61.71
N PHE P 71 39.04 -19.23 61.05
CA PHE P 71 39.07 -18.71 59.68
C PHE P 71 38.42 -19.66 58.67
N TYR P 72 38.56 -20.97 58.85
CA TYR P 72 37.85 -21.96 58.04
C TYR P 72 36.33 -21.80 58.14
N PHE P 73 35.79 -21.64 59.35
CA PHE P 73 34.35 -21.41 59.53
C PHE P 73 33.91 -20.01 59.08
N LEU P 74 34.80 -19.02 59.09
CA LEU P 74 34.55 -17.69 58.52
C LEU P 74 34.51 -17.71 56.99
N GLY P 75 35.10 -18.72 56.35
CA GLY P 75 35.21 -18.86 54.89
C GLY P 75 36.49 -18.28 54.30
N GLU P 76 37.38 -17.73 55.12
CA GLU P 76 38.66 -17.14 54.71
C GLU P 76 39.76 -18.22 54.66
N LEU P 77 39.75 -19.01 53.58
CA LEU P 77 40.63 -20.18 53.44
C LEU P 77 42.12 -19.82 53.34
N ASN P 78 42.47 -18.65 52.81
CA ASN P 78 43.87 -18.23 52.67
C ASN P 78 44.52 -17.99 54.04
N ASP P 79 43.82 -17.28 54.92
CA ASP P 79 44.31 -17.01 56.28
C ASP P 79 44.26 -18.29 57.11
N SER P 80 43.21 -19.10 56.94
CA SER P 80 43.13 -20.43 57.54
C SER P 80 44.34 -21.30 57.17
N LEU P 81 44.77 -21.30 55.90
CA LEU P 81 45.96 -22.02 55.44
C LEU P 81 47.24 -21.46 56.09
N ALA P 82 47.42 -20.14 56.14
CA ALA P 82 48.60 -19.52 56.74
C ALA P 82 48.77 -19.91 58.22
N TYR P 83 47.67 -19.92 58.99
CA TYR P 83 47.67 -20.36 60.38
C TYR P 83 47.77 -21.88 60.52
N ALA P 84 47.19 -22.67 59.62
CA ALA P 84 47.36 -24.12 59.60
C ALA P 84 48.83 -24.52 59.35
N LEU P 85 49.52 -23.81 58.47
CA LEU P 85 50.97 -23.94 58.28
C LEU P 85 51.75 -23.56 59.55
N GLY P 86 51.25 -22.59 60.34
CA GLY P 86 51.77 -22.24 61.66
C GLY P 86 51.60 -23.32 62.73
N ALA P 87 50.58 -24.17 62.61
CA ALA P 87 50.30 -25.25 63.56
C ALA P 87 51.28 -26.45 63.47
N GLY P 88 52.05 -26.54 62.38
CA GLY P 88 53.13 -27.51 62.21
C GLY P 88 52.69 -28.96 62.37
N SER P 89 53.12 -29.61 63.46
CA SER P 89 52.85 -31.03 63.72
C SER P 89 51.41 -31.34 64.15
N LEU P 90 50.64 -30.33 64.60
CA LEU P 90 49.26 -30.54 65.02
C LEU P 90 48.28 -30.62 63.84
N PHE P 91 48.68 -30.19 62.65
CA PHE P 91 47.92 -30.37 61.43
C PHE P 91 48.30 -31.73 60.81
N ASP P 92 47.52 -32.76 61.12
CA ASP P 92 47.75 -34.11 60.59
C ASP P 92 46.95 -34.32 59.29
N VAL P 93 47.67 -34.69 58.22
CA VAL P 93 47.13 -35.03 56.89
C VAL P 93 46.37 -36.37 56.94
N SER P 94 46.60 -37.18 57.99
CA SER P 94 45.92 -38.47 58.17
C SER P 94 44.46 -38.33 58.61
N GLU P 95 44.06 -37.19 59.18
CA GLU P 95 42.72 -37.00 59.74
C GLU P 95 41.66 -36.81 58.64
N ASP P 96 40.63 -37.65 58.65
CA ASP P 96 39.48 -37.62 57.74
C ASP P 96 38.44 -36.55 58.13
N SER P 97 38.89 -35.34 58.44
CA SER P 97 38.05 -34.20 58.79
C SER P 97 37.77 -33.32 57.57
N ASP P 98 36.54 -32.80 57.44
CA ASP P 98 36.17 -31.88 56.35
C ASP P 98 37.07 -30.63 56.33
N TYR P 99 37.48 -30.16 57.52
CA TYR P 99 38.45 -29.08 57.70
C TYR P 99 39.80 -29.40 57.03
N VAL P 100 40.32 -30.60 57.26
CA VAL P 100 41.63 -31.02 56.73
C VAL P 100 41.54 -31.20 55.21
N ARG P 101 40.48 -31.84 54.69
CA ARG P 101 40.31 -32.02 53.24
C ARG P 101 40.26 -30.70 52.50
N THR P 102 39.41 -29.75 52.94
CA THR P 102 39.30 -28.44 52.28
C THR P 102 40.62 -27.66 52.32
N LEU P 103 41.34 -27.71 53.45
CA LEU P 103 42.62 -27.04 53.55
C LEU P 103 43.71 -27.71 52.73
N LEU P 104 43.71 -29.03 52.61
CA LEU P 104 44.64 -29.76 51.74
C LEU P 104 44.40 -29.42 50.27
N ASP P 105 43.14 -29.40 49.83
CA ASP P 105 42.78 -29.02 48.47
C ASP P 105 43.28 -27.59 48.17
N LYS P 106 42.99 -26.66 49.09
CA LYS P 106 43.46 -25.27 48.97
C LYS P 106 44.99 -25.15 49.01
N ALA P 107 45.66 -25.95 49.83
CA ALA P 107 47.12 -25.99 49.92
C ALA P 107 47.76 -26.45 48.60
N ILE P 108 47.19 -27.49 47.97
CA ILE P 108 47.66 -28.01 46.68
C ILE P 108 47.44 -26.97 45.58
N ASP P 109 46.28 -26.33 45.53
CA ASP P 109 45.96 -25.28 44.56
C ASP P 109 46.91 -24.06 44.66
N GLU P 110 47.12 -23.56 45.87
CA GLU P 110 48.05 -22.45 46.12
C GLU P 110 49.49 -22.85 45.76
N TYR P 111 49.90 -24.06 46.15
CA TYR P 111 51.24 -24.56 45.82
C TYR P 111 51.45 -24.70 44.30
N ALA P 112 50.48 -25.24 43.57
CA ALA P 112 50.52 -25.37 42.12
C ALA P 112 50.55 -23.98 41.44
N SER P 113 49.75 -23.03 41.92
CA SER P 113 49.73 -21.64 41.45
C SER P 113 51.09 -20.94 41.65
N LEU P 114 51.68 -21.05 42.84
CA LEU P 114 53.00 -20.47 43.14
C LEU P 114 54.11 -21.11 42.30
N ARG P 115 54.09 -22.43 42.13
CA ARG P 115 55.05 -23.16 41.26
C ARG P 115 54.91 -22.76 39.80
N ASN P 116 53.69 -22.59 39.30
CA ASN P 116 53.44 -22.14 37.93
C ASN P 116 54.00 -20.72 37.69
N LYS P 117 53.76 -19.80 38.63
CA LYS P 117 54.28 -18.42 38.58
C LYS P 117 55.80 -18.38 38.67
N SER P 118 56.39 -19.11 39.61
CA SER P 118 57.85 -19.19 39.77
C SER P 118 58.55 -19.70 38.51
N ALA P 119 57.87 -20.49 37.69
CA ALA P 119 58.41 -20.97 36.42
C ALA P 119 58.23 -19.96 35.26
N GLU P 120 57.30 -19.01 35.36
CA GLU P 120 57.15 -17.90 34.40
C GLU P 120 58.20 -16.82 34.63
N SER P 121 58.34 -16.40 35.89
CA SER P 121 59.30 -15.40 36.31
C SER P 121 60.65 -16.06 36.60
N LYS P 122 61.41 -16.39 35.55
CA LYS P 122 62.81 -16.86 35.68
C LYS P 122 63.68 -15.94 36.56
N GLU P 123 63.25 -14.70 36.82
CA GLU P 123 63.97 -13.67 37.56
C GLU P 123 63.50 -13.44 39.02
N GLU P 124 62.30 -13.89 39.40
CA GLU P 124 61.80 -13.77 40.79
C GLU P 124 61.47 -15.16 41.31
N ALA P 125 62.41 -15.75 42.06
CA ALA P 125 62.16 -16.94 42.85
C ALA P 125 61.12 -16.58 43.92
N VAL P 126 59.85 -16.79 43.61
CA VAL P 126 58.77 -16.66 44.58
C VAL P 126 59.11 -17.63 45.72
N ASN P 127 59.38 -17.09 46.91
CA ASN P 127 59.77 -17.88 48.07
C ASN P 127 58.58 -18.76 48.50
N ILE P 128 58.59 -20.01 48.06
CA ILE P 128 57.61 -21.01 48.46
C ILE P 128 57.89 -21.37 49.93
N ASP P 129 56.86 -21.30 50.77
CA ASP P 129 56.99 -21.68 52.17
C ASP P 129 57.34 -23.19 52.27
N PRO P 130 58.46 -23.57 52.92
CA PRO P 130 58.86 -24.97 53.05
C PRO P 130 57.81 -25.82 53.77
N ARG P 131 56.94 -25.20 54.59
CA ARG P 131 55.85 -25.89 55.28
C ARG P 131 54.77 -26.34 54.32
N LEU P 132 54.48 -25.53 53.30
CA LEU P 132 53.50 -25.87 52.27
C LEU P 132 54.01 -27.02 51.41
N GLU P 133 55.29 -26.99 51.05
CA GLU P 133 55.95 -28.10 50.34
C GLU P 133 55.91 -29.41 51.15
N ALA P 134 56.17 -29.34 52.46
CA ALA P 134 56.13 -30.53 53.33
C ALA P 134 54.72 -31.15 53.44
N ILE P 135 53.65 -30.35 53.42
CA ILE P 135 52.28 -30.88 53.43
C ILE P 135 51.97 -31.59 52.10
N VAL P 136 52.33 -30.99 50.97
CA VAL P 136 52.14 -31.58 49.64
C VAL P 136 52.96 -32.88 49.50
N GLU P 137 54.17 -32.93 50.04
CA GLU P 137 54.99 -34.15 50.13
C GLU P 137 54.28 -35.26 50.89
N ARG P 138 53.80 -34.98 52.10
CA ARG P 138 53.09 -35.96 52.92
C ARG P 138 51.83 -36.46 52.24
N MET P 139 51.11 -35.58 51.54
CA MET P 139 49.91 -35.96 50.80
C MET P 139 50.24 -36.85 49.61
N LEU P 140 51.28 -36.52 48.83
CA LEU P 140 51.75 -37.36 47.73
C LEU P 140 52.21 -38.74 48.24
N GLU P 141 52.92 -38.78 49.36
CA GLU P 141 53.33 -40.03 50.01
C GLU P 141 52.15 -40.86 50.49
N LYS P 142 51.13 -40.22 51.07
CA LYS P 142 49.86 -40.88 51.45
C LYS P 142 49.19 -41.49 50.21
N CYS P 143 49.07 -40.75 49.11
CA CYS P 143 48.48 -41.27 47.87
C CYS P 143 49.25 -42.44 47.29
N ILE P 144 50.59 -42.42 47.40
CA ILE P 144 51.45 -43.52 46.97
C ILE P 144 51.27 -44.75 47.88
N LEU P 145 51.16 -44.57 49.19
CA LEU P 145 50.92 -45.66 50.16
C LEU P 145 49.52 -46.29 50.00
N ASP P 146 48.51 -45.48 49.64
CA ASP P 146 47.14 -45.93 49.39
C ASP P 146 46.98 -46.68 48.05
N GLY P 147 48.06 -46.82 47.25
CA GLY P 147 48.04 -47.46 45.94
C GLY P 147 47.32 -46.63 44.85
N ARG P 148 47.00 -45.35 45.12
CA ARG P 148 46.32 -44.45 44.18
C ARG P 148 47.34 -43.71 43.29
N TYR P 149 48.14 -44.47 42.54
CA TYR P 149 49.23 -43.92 41.73
C TYR P 149 48.76 -42.90 40.68
N GLN P 150 47.61 -43.11 40.04
CA GLN P 150 47.08 -42.17 39.04
C GLN P 150 46.81 -40.78 39.63
N GLN P 151 46.28 -40.71 40.86
CA GLN P 151 46.05 -39.45 41.56
C GLN P 151 47.38 -38.78 41.94
N ALA P 152 48.33 -39.57 42.46
CA ALA P 152 49.66 -39.07 42.79
C ALA P 152 50.38 -38.48 41.56
N MET P 153 50.21 -39.11 40.39
CA MET P 153 50.76 -38.63 39.12
C MET P 153 50.08 -37.32 38.66
N GLY P 154 48.76 -37.23 38.77
CA GLY P 154 48.02 -36.00 38.47
C GLY P 154 48.49 -34.83 39.33
N MET P 155 48.54 -35.04 40.65
CA MET P 155 49.03 -34.04 41.60
C MET P 155 50.49 -33.66 41.34
N ALA P 156 51.36 -34.64 41.04
CA ALA P 156 52.77 -34.38 40.74
C ALA P 156 52.94 -33.51 39.48
N ILE P 157 52.10 -33.73 38.46
CA ILE P 157 52.10 -32.95 37.22
C ILE P 157 51.63 -31.51 37.49
N GLU P 158 50.57 -31.31 38.28
CA GLU P 158 50.06 -29.98 38.67
C GLU P 158 51.07 -29.20 39.52
N CYS P 159 51.69 -29.88 40.47
CA CYS P 159 52.71 -29.34 41.37
C CYS P 159 54.08 -29.10 40.70
N ARG P 160 54.24 -29.48 39.43
CA ARG P 160 55.51 -29.48 38.67
C ARG P 160 56.67 -30.18 39.36
N ARG P 161 56.40 -31.29 40.06
CA ARG P 161 57.44 -32.06 40.77
C ARG P 161 57.74 -33.38 40.07
N LEU P 162 58.79 -33.33 39.27
CA LEU P 162 59.31 -34.44 38.48
C LEU P 162 59.81 -35.61 39.35
N ASP P 163 60.43 -35.33 40.50
CA ASP P 163 60.99 -36.37 41.38
C ASP P 163 59.89 -37.29 41.96
N LYS P 164 58.78 -36.68 42.40
CA LYS P 164 57.63 -37.44 42.93
C LYS P 164 56.85 -38.15 41.84
N LEU P 165 56.86 -37.62 40.61
CA LEU P 165 56.31 -38.32 39.46
C LEU P 165 57.11 -39.61 39.17
N GLU P 166 58.45 -39.54 39.20
CA GLU P 166 59.30 -40.73 39.06
C GLU P 166 59.07 -41.74 40.21
N GLU P 167 58.97 -41.27 41.45
CA GLU P 167 58.68 -42.12 42.62
C GLU P 167 57.32 -42.83 42.49
N ALA P 168 56.28 -42.12 42.06
CA ALA P 168 54.94 -42.67 41.87
C ALA P 168 54.90 -43.73 40.77
N ILE P 169 55.65 -43.53 39.68
CA ILE P 169 55.71 -44.49 38.58
C ILE P 169 56.46 -45.75 39.01
N MET P 170 57.62 -45.61 39.66
CA MET P 170 58.48 -46.74 40.05
C MET P 170 57.84 -47.63 41.12
N ARG P 171 56.96 -47.08 41.98
CA ARG P 171 56.21 -47.87 42.98
C ARG P 171 54.95 -48.52 42.44
N SER P 172 54.47 -48.11 41.26
CA SER P 172 53.19 -48.61 40.74
C SER P 172 53.24 -50.09 40.34
N ASP P 173 52.21 -50.86 40.73
CA ASP P 173 52.09 -52.29 40.40
C ASP P 173 51.99 -52.53 38.88
N ASN P 174 51.42 -51.57 38.16
CA ASN P 174 51.20 -51.60 36.71
C ASN P 174 52.01 -50.51 35.99
N ALA P 175 53.34 -50.63 36.02
CA ALA P 175 54.25 -49.69 35.35
C ALA P 175 53.87 -49.29 33.91
N PRO P 176 53.53 -50.21 32.97
CA PRO P 176 53.20 -49.82 31.59
C PRO P 176 51.88 -49.03 31.50
N GLY P 177 50.89 -49.37 32.33
CA GLY P 177 49.62 -48.64 32.38
C GLY P 177 49.78 -47.23 32.93
N SER P 178 50.56 -47.08 34.01
CA SER P 178 50.90 -45.78 34.60
C SER P 178 51.64 -44.88 33.61
N LEU P 179 52.62 -45.44 32.88
CA LEU P 179 53.38 -44.69 31.87
C LEU P 179 52.52 -44.24 30.69
N ALA P 180 51.67 -45.14 30.15
CA ALA P 180 50.73 -44.77 29.09
C ALA P 180 49.73 -43.71 29.54
N TYR P 181 49.27 -43.77 30.79
CA TYR P 181 48.46 -42.73 31.39
C TYR P 181 49.22 -41.40 31.49
N CYS P 182 50.49 -41.42 31.94
CA CYS P 182 51.33 -40.23 32.03
C CYS P 182 51.51 -39.55 30.67
N ILE P 183 51.80 -40.32 29.62
CA ILE P 183 51.93 -39.81 28.26
C ILE P 183 50.64 -39.11 27.83
N ASN P 184 49.48 -39.78 27.99
CA ASN P 184 48.18 -39.19 27.64
C ASN P 184 47.90 -37.90 28.43
N VAL P 185 48.14 -37.89 29.75
CA VAL P 185 47.93 -36.71 30.59
C VAL P 185 48.87 -35.57 30.19
N SER P 186 50.13 -35.88 29.86
CA SER P 186 51.11 -34.89 29.44
C SER P 186 50.74 -34.21 28.12
N HIS P 187 50.09 -34.92 27.20
CA HIS P 187 49.63 -34.34 25.94
C HIS P 187 48.33 -33.54 26.09
N SER P 188 47.39 -34.01 26.91
CA SER P 188 46.06 -33.37 27.04
C SER P 188 46.04 -32.16 27.97
N TYR P 189 46.82 -32.17 29.06
CA TYR P 189 46.69 -31.15 30.12
C TYR P 189 47.89 -30.19 30.19
N VAL P 190 49.07 -30.61 29.73
CA VAL P 190 50.27 -29.76 29.82
C VAL P 190 50.34 -28.81 28.63
N ASN P 191 49.81 -27.61 28.82
CA ASN P 191 49.78 -26.56 27.79
C ASN P 191 51.17 -26.02 27.43
N ARG P 192 52.12 -26.02 28.37
CA ARG P 192 53.48 -25.51 28.11
C ARG P 192 54.39 -26.53 27.47
N ARG P 193 54.95 -26.18 26.31
CA ARG P 193 55.93 -27.00 25.60
C ARG P 193 57.17 -27.33 26.42
N GLU P 194 57.78 -26.35 27.10
CA GLU P 194 59.01 -26.56 27.89
C GLU P 194 58.80 -27.64 28.96
N TYR P 195 57.72 -27.51 29.74
CA TYR P 195 57.39 -28.45 30.80
C TYR P 195 56.99 -29.83 30.25
N ARG P 196 56.28 -29.88 29.12
CA ARG P 196 55.96 -31.15 28.43
C ARG P 196 57.24 -31.89 28.02
N GLN P 197 58.24 -31.18 27.50
CA GLN P 197 59.53 -31.78 27.17
C GLN P 197 60.27 -32.29 28.41
N GLU P 198 60.25 -31.57 29.53
CA GLU P 198 60.87 -32.05 30.78
C GLU P 198 60.24 -33.33 31.30
N VAL P 199 58.90 -33.42 31.27
CA VAL P 199 58.15 -34.63 31.64
C VAL P 199 58.52 -35.79 30.71
N LEU P 200 58.55 -35.57 29.40
CA LEU P 200 58.94 -36.60 28.43
C LEU P 200 60.40 -37.08 28.63
N ARG P 201 61.34 -36.17 28.93
CA ARG P 201 62.74 -36.56 29.26
C ARG P 201 62.81 -37.40 30.52
N LEU P 202 61.98 -37.12 31.52
CA LEU P 202 61.86 -37.96 32.72
C LEU P 202 61.29 -39.33 32.36
N LEU P 203 60.22 -39.40 31.57
CA LEU P 203 59.62 -40.65 31.14
C LEU P 203 60.63 -41.53 30.40
N VAL P 204 61.42 -40.97 29.47
CA VAL P 204 62.49 -41.72 28.78
C VAL P 204 63.49 -42.33 29.78
N ARG P 205 63.89 -41.59 30.81
CA ARG P 205 64.78 -42.09 31.87
C ARG P 205 64.14 -43.23 32.67
N VAL P 206 62.86 -43.12 33.00
CA VAL P 206 62.12 -44.17 33.73
C VAL P 206 61.95 -45.42 32.88
N TYR P 207 61.59 -45.27 31.60
CA TYR P 207 61.49 -46.38 30.66
C TYR P 207 62.81 -47.16 30.52
N GLN P 208 63.96 -46.49 30.52
CA GLN P 208 65.26 -47.15 30.45
C GLN P 208 65.64 -47.93 31.71
N LYS P 209 65.04 -47.62 32.87
CA LYS P 209 65.27 -48.34 34.14
C LYS P 209 64.47 -49.63 34.25
N LEU P 210 63.43 -49.82 33.42
CA LEU P 210 62.57 -50.99 33.48
C LEU P 210 63.26 -52.26 32.92
N PRO P 211 63.00 -53.46 33.49
CA PRO P 211 63.65 -54.71 33.04
C PRO P 211 63.30 -55.11 31.61
N SER P 212 62.09 -54.76 31.16
CA SER P 212 61.60 -54.94 29.79
C SER P 212 61.22 -53.57 29.22
N PRO P 213 62.20 -52.81 28.70
CA PRO P 213 61.93 -51.49 28.16
C PRO P 213 61.02 -51.61 26.93
N ASP P 214 59.88 -50.93 26.95
CA ASP P 214 59.05 -50.75 25.75
C ASP P 214 59.74 -49.73 24.84
N TYR P 215 60.60 -50.25 23.96
CA TYR P 215 61.38 -49.45 23.04
C TYR P 215 60.50 -48.59 22.11
N LEU P 216 59.26 -48.98 21.83
CA LEU P 216 58.40 -48.16 20.99
C LEU P 216 58.00 -46.87 21.69
N SER P 217 57.48 -46.98 22.92
CA SER P 217 57.09 -45.82 23.71
C SER P 217 58.27 -44.88 23.95
N ILE P 218 59.47 -45.44 24.17
CA ILE P 218 60.72 -44.65 24.26
C ILE P 218 60.98 -43.90 22.95
N CYS P 219 60.90 -44.57 21.79
CA CYS P 219 61.17 -43.94 20.51
C CYS P 219 60.14 -42.84 20.18
N GLN P 220 58.87 -43.04 20.52
CA GLN P 220 57.83 -42.02 20.39
C GLN P 220 58.12 -40.79 21.27
N CYS P 221 58.48 -41.00 22.54
CA CYS P 221 58.86 -39.92 23.44
C CYS P 221 60.11 -39.18 22.95
N LEU P 222 61.12 -39.90 22.45
CA LEU P 222 62.34 -39.31 21.89
C LEU P 222 62.07 -38.53 20.61
N MET P 223 61.09 -38.95 19.81
CA MET P 223 60.66 -38.23 18.63
C MET P 223 59.96 -36.92 18.99
N PHE P 224 59.12 -36.88 20.04
CA PHE P 224 58.57 -35.61 20.55
C PHE P 224 59.63 -34.65 21.11
N LEU P 225 60.76 -35.19 21.56
CA LEU P 225 61.88 -34.42 22.10
C LEU P 225 62.88 -33.99 21.01
N ASP P 226 62.68 -34.40 19.76
CA ASP P 226 63.59 -34.18 18.63
C ASP P 226 65.04 -34.65 18.92
N GLN P 227 65.20 -35.80 19.59
CA GLN P 227 66.52 -36.38 19.92
C GLN P 227 66.85 -37.62 19.08
N PRO P 228 67.37 -37.45 17.83
CA PRO P 228 67.65 -38.57 16.92
C PRO P 228 68.84 -39.43 17.37
N GLU P 229 69.79 -38.85 18.13
CA GLU P 229 70.96 -39.54 18.71
C GLU P 229 70.57 -40.75 19.58
N ALA P 230 69.61 -40.54 20.48
CA ALA P 230 69.18 -41.57 21.40
C ALA P 230 68.46 -42.72 20.67
N VAL P 231 67.62 -42.40 19.68
CA VAL P 231 66.93 -43.41 18.85
C VAL P 231 67.93 -44.23 18.03
N ALA P 232 68.92 -43.59 17.39
CA ALA P 232 69.97 -44.29 16.66
C ALA P 232 70.74 -45.27 17.55
N SER P 233 71.06 -44.87 18.79
CA SER P 233 71.73 -45.74 19.76
C SER P 233 70.89 -46.95 20.19
N ILE P 234 69.56 -46.78 20.30
CA ILE P 234 68.62 -47.85 20.65
C ILE P 234 68.50 -48.83 19.48
N LEU P 235 68.33 -48.32 18.25
CA LEU P 235 68.27 -49.15 17.05
C LEU P 235 69.58 -49.92 16.85
N GLU P 236 70.74 -49.30 17.07
CA GLU P 236 72.03 -49.99 16.97
C GLU P 236 72.18 -51.10 18.02
N LYS P 237 71.71 -50.88 19.26
CA LYS P 237 71.70 -51.91 20.31
C LYS P 237 70.80 -53.10 19.93
N LEU P 238 69.62 -52.83 19.37
CA LEU P 238 68.68 -53.87 18.94
C LEU P 238 69.19 -54.64 17.71
N LEU P 239 69.84 -53.96 16.77
CA LEU P 239 70.41 -54.57 15.57
C LEU P 239 71.57 -55.52 15.88
N ARG P 240 72.40 -55.18 16.87
CA ARG P 240 73.55 -55.98 17.31
C ARG P 240 73.16 -57.16 18.21
N ALA P 241 71.92 -57.19 18.72
CA ALA P 241 71.44 -58.31 19.51
C ALA P 241 71.34 -59.59 18.64
N GLU P 242 71.67 -60.74 19.25
CA GLU P 242 71.65 -62.04 18.56
C GLU P 242 70.22 -62.55 18.34
N LYS P 243 69.26 -62.13 19.17
CA LYS P 243 67.88 -62.60 19.12
C LYS P 243 67.14 -62.04 17.90
N LEU P 244 66.48 -62.94 17.16
CA LEU P 244 65.66 -62.58 15.99
C LEU P 244 64.48 -61.66 16.38
N GLU P 245 63.94 -61.82 17.60
CA GLU P 245 62.86 -60.99 18.13
C GLU P 245 63.26 -59.52 18.27
N ASP P 246 64.49 -59.24 18.74
CA ASP P 246 65.00 -57.87 18.89
C ASP P 246 65.21 -57.20 17.53
N THR P 247 65.60 -57.98 16.51
CA THR P 247 65.72 -57.49 15.12
C THR P 247 64.35 -57.18 14.54
N LEU P 248 63.34 -58.05 14.69
CA LEU P 248 61.97 -57.75 14.27
C LEU P 248 61.42 -56.52 15.02
N LEU P 249 61.69 -56.38 16.31
CA LEU P 249 61.29 -55.20 17.05
C LEU P 249 61.93 -53.93 16.50
N SER P 250 63.21 -53.97 16.10
CA SER P 250 63.89 -52.84 15.47
C SER P 250 63.26 -52.42 14.14
N PHE P 251 62.84 -53.38 13.32
CA PHE P 251 62.12 -53.13 12.08
C PHE P 251 60.71 -52.56 12.36
N GLN P 252 60.00 -53.05 13.38
CA GLN P 252 58.69 -52.52 13.76
C GLN P 252 58.80 -51.07 14.22
N ILE P 253 59.81 -50.75 15.04
CA ILE P 253 60.10 -49.37 15.45
C ILE P 253 60.40 -48.50 14.23
N ALA P 254 61.17 -49.00 13.26
CA ALA P 254 61.46 -48.25 12.04
C ALA P 254 60.18 -47.94 11.24
N PHE P 255 59.26 -48.92 11.07
CA PHE P 255 57.97 -48.67 10.41
C PHE P 255 57.10 -47.68 11.17
N ASP P 256 57.03 -47.79 12.50
CA ASP P 256 56.23 -46.89 13.33
C ASP P 256 56.80 -45.45 13.34
N LEU P 257 58.13 -45.28 13.24
CA LEU P 257 58.78 -43.98 13.09
C LEU P 257 58.46 -43.35 11.73
N VAL P 258 58.47 -44.15 10.66
CA VAL P 258 58.14 -43.68 9.31
C VAL P 258 56.67 -43.28 9.18
N GLU P 259 55.75 -43.96 9.89
CA GLU P 259 54.32 -43.60 9.91
C GLU P 259 54.06 -42.18 10.48
N ASN P 260 54.97 -41.65 11.31
CA ASN P 260 54.84 -40.31 11.87
C ASN P 260 55.37 -39.20 10.95
N GLU P 261 56.03 -39.55 9.83
CA GLU P 261 56.39 -38.66 8.72
C GLU P 261 57.25 -37.42 9.09
N HIS P 262 58.08 -37.51 10.12
CA HIS P 262 59.03 -36.43 10.45
C HIS P 262 60.35 -36.58 9.68
N GLN P 263 60.40 -36.11 8.43
CA GLN P 263 61.51 -36.40 7.51
C GLN P 263 62.89 -35.96 8.02
N ALA P 264 63.04 -34.74 8.56
CA ALA P 264 64.33 -34.29 9.12
C ALA P 264 64.84 -35.23 10.23
N PHE P 265 63.93 -35.78 11.04
CA PHE P 265 64.29 -36.67 12.13
C PHE P 265 64.75 -38.02 11.55
N LEU P 266 64.02 -38.57 10.58
CA LEU P 266 64.35 -39.84 9.93
C LEU P 266 65.70 -39.78 9.20
N LEU P 267 65.96 -38.70 8.45
CA LEU P 267 67.25 -38.50 7.77
C LEU P 267 68.40 -38.39 8.78
N ASN P 268 68.23 -37.62 9.86
CA ASN P 268 69.23 -37.50 10.92
C ASN P 268 69.49 -38.83 11.65
N VAL P 269 68.45 -39.63 11.88
CA VAL P 269 68.60 -40.98 12.46
C VAL P 269 69.37 -41.88 11.49
N ARG P 270 69.03 -41.85 10.20
CA ARG P 270 69.69 -42.65 9.16
C ARG P 270 71.18 -42.32 9.04
N ASP P 271 71.52 -41.04 9.00
CA ASP P 271 72.90 -40.59 8.77
C ASP P 271 73.80 -40.87 9.97
N ARG P 272 73.23 -40.98 11.17
CA ARG P 272 73.94 -41.33 12.41
C ARG P 272 74.10 -42.83 12.64
N LEU P 273 73.43 -43.69 11.89
CA LEU P 273 73.66 -45.15 11.97
C LEU P 273 75.05 -45.49 11.40
N SER P 274 75.93 -46.00 12.27
CA SER P 274 77.32 -46.34 11.96
C SER P 274 77.46 -47.17 10.67
N GLU P 327 73.55 -56.65 6.32
CA GLU P 327 72.27 -56.96 5.68
C GLU P 327 71.09 -56.32 6.44
N ARG P 328 71.05 -56.48 7.78
CA ARG P 328 70.02 -55.88 8.63
C ARG P 328 70.04 -54.35 8.54
N LEU P 329 71.22 -53.75 8.48
CA LEU P 329 71.40 -52.31 8.36
C LEU P 329 70.91 -51.80 7.01
N THR P 330 71.14 -52.51 5.91
CA THR P 330 70.58 -52.17 4.59
C THR P 330 69.06 -52.24 4.61
N LYS P 331 68.48 -53.29 5.22
CA LYS P 331 67.03 -53.42 5.40
C LYS P 331 66.44 -52.26 6.22
N ILE P 332 67.06 -51.89 7.34
CA ILE P 332 66.63 -50.74 8.16
C ILE P 332 66.76 -49.43 7.40
N LYS P 333 67.85 -49.21 6.66
CA LYS P 333 68.01 -47.99 5.84
C LYS P 333 66.93 -47.89 4.76
N GLY P 334 66.57 -49.01 4.13
CA GLY P 334 65.44 -49.06 3.19
C GLY P 334 64.11 -48.68 3.85
N ILE P 335 63.83 -49.17 5.06
CA ILE P 335 62.61 -48.82 5.80
C ILE P 335 62.62 -47.35 6.23
N LEU P 336 63.71 -46.88 6.87
CA LEU P 336 63.84 -45.49 7.35
C LEU P 336 63.84 -44.47 6.22
N SER P 337 64.34 -44.85 5.04
CA SER P 337 64.22 -44.03 3.84
C SER P 337 62.78 -43.91 3.36
N GLY P 338 61.88 -44.82 3.75
CA GLY P 338 60.48 -44.87 3.33
C GLY P 338 60.24 -45.57 1.99
N GLU P 339 61.27 -45.94 1.24
CA GLU P 339 61.11 -46.59 -0.06
C GLU P 339 60.34 -47.91 0.03
N THR P 340 60.66 -48.74 1.04
CA THR P 340 59.98 -50.03 1.23
C THR P 340 58.52 -49.85 1.61
N SER P 341 58.20 -48.89 2.50
CA SER P 341 56.81 -48.64 2.92
C SER P 341 55.96 -48.09 1.78
N ILE P 342 56.54 -47.22 0.95
CA ILE P 342 55.90 -46.69 -0.25
C ILE P 342 55.62 -47.80 -1.26
N GLN P 343 56.61 -48.66 -1.56
CA GLN P 343 56.43 -49.76 -2.51
C GLN P 343 55.33 -50.73 -2.07
N LEU P 344 55.31 -51.10 -0.79
CA LEU P 344 54.27 -51.96 -0.23
C LEU P 344 52.88 -51.29 -0.27
N THR P 345 52.82 -49.98 0.01
CA THR P 345 51.58 -49.21 -0.08
C THR P 345 51.07 -49.15 -1.51
N LEU P 346 51.95 -48.89 -2.48
CA LEU P 346 51.62 -48.84 -3.89
C LEU P 346 51.11 -50.20 -4.39
N GLN P 347 51.76 -51.29 -4.00
CA GLN P 347 51.29 -52.64 -4.31
C GLN P 347 49.89 -52.91 -3.74
N PHE P 348 49.64 -52.50 -2.49
CA PHE P 348 48.32 -52.60 -1.88
C PHE P 348 47.24 -51.79 -2.62
N LEU P 349 47.54 -50.54 -2.98
CA LEU P 349 46.60 -49.67 -3.68
C LEU P 349 46.32 -50.16 -5.10
N TYR P 350 47.33 -50.69 -5.80
CA TYR P 350 47.17 -51.31 -7.11
C TYR P 350 46.30 -52.58 -7.03
N SER P 351 46.60 -53.49 -6.09
CA SER P 351 45.89 -54.77 -5.98
C SER P 351 44.44 -54.63 -5.55
N HIS P 352 44.12 -53.64 -4.70
CA HIS P 352 42.79 -53.42 -4.15
C HIS P 352 42.03 -52.26 -4.80
N ASN P 353 42.43 -51.80 -5.99
CA ASN P 353 41.74 -50.70 -6.65
C ASN P 353 40.31 -51.07 -7.06
N LYS P 354 39.32 -50.49 -6.36
CA LYS P 354 37.88 -50.64 -6.65
C LYS P 354 37.24 -49.32 -7.06
N SER P 355 37.99 -48.44 -7.72
CA SER P 355 37.48 -47.21 -8.30
C SER P 355 36.42 -47.48 -9.38
N ASP P 356 35.29 -46.78 -9.32
CA ASP P 356 34.22 -46.92 -10.31
C ASP P 356 34.41 -45.92 -11.46
N LEU P 357 34.88 -46.42 -12.61
CA LEU P 357 35.08 -45.62 -13.82
C LEU P 357 33.76 -45.09 -14.40
N LEU P 358 32.61 -45.68 -14.07
CA LEU P 358 31.31 -45.21 -14.57
C LEU P 358 30.94 -43.86 -13.98
N ILE P 359 31.31 -43.58 -12.73
CA ILE P 359 31.08 -42.27 -12.08
C ILE P 359 31.82 -41.19 -12.89
N LEU P 360 33.09 -41.41 -13.20
CA LEU P 360 33.88 -40.47 -14.00
C LEU P 360 33.33 -40.30 -15.42
N LYS P 361 32.85 -41.39 -16.06
CA LYS P 361 32.21 -41.32 -17.38
C LYS P 361 30.91 -40.49 -17.34
N THR P 362 30.09 -40.65 -16.30
CA THR P 362 28.87 -39.86 -16.09
C THR P 362 29.19 -38.37 -15.87
N ILE P 363 30.16 -38.06 -15.01
CA ILE P 363 30.60 -36.68 -14.76
C ILE P 363 31.14 -36.05 -16.05
N LYS P 364 31.98 -36.77 -16.81
CA LYS P 364 32.51 -36.30 -18.10
C LYS P 364 31.38 -35.95 -19.08
N GLN P 365 30.31 -36.74 -19.13
CA GLN P 365 29.17 -36.53 -20.03
C GLN P 365 28.28 -35.35 -19.61
N SER P 366 28.17 -35.06 -18.31
CA SER P 366 27.33 -33.97 -17.80
C SER P 366 28.02 -32.60 -17.89
N VAL P 367 29.35 -32.56 -17.82
CA VAL P 367 30.12 -31.32 -17.85
C VAL P 367 30.12 -30.70 -19.24
N GLU P 368 29.61 -29.47 -19.32
CA GLU P 368 29.63 -28.69 -20.56
C GLU P 368 31.06 -28.38 -21.00
N MET P 369 31.35 -28.67 -22.26
CA MET P 369 32.70 -28.60 -22.84
C MET P 369 33.32 -27.19 -22.83
N ARG P 370 32.52 -26.12 -22.65
CA ARG P 370 33.00 -24.73 -22.62
C ARG P 370 33.45 -24.29 -21.23
N ASN P 371 33.07 -25.02 -20.18
CA ASN P 371 33.36 -24.64 -18.80
C ASN P 371 34.73 -25.19 -18.37
N SER P 372 35.76 -24.34 -18.41
CA SER P 372 37.12 -24.70 -18.03
C SER P 372 37.25 -25.14 -16.57
N VAL P 373 36.42 -24.58 -15.68
CA VAL P 373 36.44 -24.90 -14.23
C VAL P 373 35.93 -26.31 -14.01
N CYS P 374 34.78 -26.67 -14.59
CA CYS P 374 34.24 -28.02 -14.48
C CYS P 374 35.16 -29.05 -15.16
N HIS P 375 35.75 -28.72 -16.31
CA HIS P 375 36.74 -29.58 -16.95
C HIS P 375 37.95 -29.84 -16.03
N SER P 376 38.49 -28.78 -15.41
CA SER P 376 39.58 -28.92 -14.43
C SER P 376 39.14 -29.73 -13.21
N ALA P 377 37.92 -29.50 -12.70
CA ALA P 377 37.34 -30.25 -11.58
C ALA P 377 37.29 -31.76 -11.86
N THR P 378 36.92 -32.18 -13.07
CA THR P 378 36.92 -33.60 -13.44
C THR P 378 38.32 -34.21 -13.50
N ILE P 379 39.32 -33.44 -13.92
CA ILE P 379 40.73 -33.88 -13.90
C ILE P 379 41.20 -34.05 -12.45
N TYR P 380 40.88 -33.10 -11.57
CA TYR P 380 41.19 -33.20 -10.14
C TYR P 380 40.50 -34.40 -9.49
N ALA P 381 39.21 -34.62 -9.76
CA ALA P 381 38.47 -35.76 -9.24
C ALA P 381 39.06 -37.09 -9.72
N ASN P 382 39.41 -37.20 -11.00
CA ASN P 382 40.10 -38.38 -11.54
C ASN P 382 41.43 -38.64 -10.81
N ALA P 383 42.25 -37.61 -10.64
CA ALA P 383 43.53 -37.72 -9.94
C ALA P 383 43.38 -38.14 -8.47
N ILE P 384 42.36 -37.63 -7.77
CA ILE P 384 42.06 -37.99 -6.39
C ILE P 384 41.53 -39.44 -6.28
N MET P 385 40.62 -39.84 -7.17
CA MET P 385 40.04 -41.20 -7.19
C MET P 385 41.11 -42.28 -7.43
N HIS P 386 42.08 -41.99 -8.29
CA HIS P 386 43.16 -42.91 -8.65
C HIS P 386 44.49 -42.60 -7.96
N ALA P 387 44.46 -41.84 -6.85
CA ALA P 387 45.67 -41.47 -6.14
C ALA P 387 46.46 -42.71 -5.69
N GLY P 388 47.70 -42.85 -6.18
CA GLY P 388 48.62 -43.95 -5.84
C GLY P 388 48.25 -45.33 -6.42
N THR P 389 47.24 -45.45 -7.29
CA THR P 389 46.86 -46.75 -7.87
C THR P 389 47.54 -47.04 -9.20
N THR P 390 48.31 -46.10 -9.75
CA THR P 390 48.98 -46.17 -11.07
C THR P 390 48.06 -46.46 -12.27
N VAL P 391 46.73 -46.43 -12.09
CA VAL P 391 45.76 -46.68 -13.16
C VAL P 391 45.43 -45.37 -13.86
N ASP P 392 45.95 -45.18 -15.07
CA ASP P 392 45.75 -44.02 -15.92
C ASP P 392 44.78 -44.30 -17.10
N THR P 393 44.03 -45.40 -17.03
CA THR P 393 43.11 -45.87 -18.09
C THR P 393 42.11 -44.79 -18.51
N PHE P 394 41.58 -44.02 -17.58
CA PHE P 394 40.66 -42.92 -17.88
C PHE P 394 41.29 -41.84 -18.77
N LEU P 395 42.57 -41.51 -18.56
CA LEU P 395 43.25 -40.51 -19.37
C LEU P 395 43.59 -41.07 -20.76
N ARG P 396 44.04 -42.32 -20.83
CA ARG P 396 44.35 -43.01 -22.10
C ARG P 396 43.12 -43.18 -22.99
N GLU P 397 41.97 -43.55 -22.42
CA GLU P 397 40.71 -43.68 -23.17
C GLU P 397 40.18 -42.33 -23.68
N ASN P 398 40.57 -41.21 -23.06
CA ASN P 398 39.94 -39.90 -23.26
C ASN P 398 40.96 -38.81 -23.67
N LEU P 399 41.99 -39.16 -24.43
CA LEU P 399 43.02 -38.23 -24.90
C LEU P 399 42.44 -37.05 -25.70
N ASP P 400 41.43 -37.27 -26.54
CA ASP P 400 40.73 -36.23 -27.31
C ASP P 400 39.99 -35.21 -26.43
N TRP P 401 39.60 -35.64 -25.23
CA TRP P 401 38.95 -34.78 -24.26
C TRP P 401 40.00 -34.00 -23.45
N LEU P 402 41.12 -34.64 -23.11
CA LEU P 402 42.25 -34.02 -22.42
C LEU P 402 42.95 -32.96 -23.28
N SER P 403 43.09 -33.21 -24.58
CA SER P 403 43.74 -32.30 -25.54
C SER P 403 43.04 -30.94 -25.68
N ARG P 404 41.79 -30.84 -25.23
CA ARG P 404 41.00 -29.60 -25.20
C ARG P 404 41.34 -28.71 -24.01
N ALA P 405 42.11 -29.20 -23.04
CA ALA P 405 42.58 -28.40 -21.92
C ALA P 405 43.53 -27.29 -22.39
N THR P 406 43.28 -26.05 -21.95
CA THR P 406 44.10 -24.88 -22.31
C THR P 406 44.78 -24.29 -21.07
N ASN P 407 45.98 -23.72 -21.25
CA ASN P 407 46.75 -23.02 -20.22
C ASN P 407 46.89 -23.82 -18.90
N TRP P 408 46.38 -23.30 -17.79
CA TRP P 408 46.44 -23.92 -16.46
C TRP P 408 45.66 -25.24 -16.33
N ALA P 409 44.63 -25.46 -17.15
CA ALA P 409 43.98 -26.76 -17.21
C ALA P 409 44.93 -27.82 -17.78
N LYS P 410 45.80 -27.44 -18.73
CA LYS P 410 46.84 -28.32 -19.29
C LYS P 410 47.96 -28.56 -18.28
N PHE P 411 48.36 -27.53 -17.51
CA PHE P 411 49.27 -27.67 -16.37
C PHE P 411 48.74 -28.67 -15.34
N SER P 412 47.46 -28.54 -15.01
CA SER P 412 46.79 -29.42 -14.04
C SER P 412 46.65 -30.84 -14.58
N ALA P 413 46.30 -31.02 -15.86
CA ALA P 413 46.27 -32.34 -16.52
C ALA P 413 47.58 -33.11 -16.36
N THR P 414 48.73 -32.46 -16.59
CA THR P 414 50.04 -33.08 -16.40
C THR P 414 50.39 -33.29 -14.92
N ALA P 415 50.06 -32.33 -14.05
CA ALA P 415 50.28 -32.46 -12.61
C ALA P 415 49.47 -33.60 -11.98
N GLY P 416 48.25 -33.85 -12.50
CA GLY P 416 47.37 -34.93 -12.06
C GLY P 416 47.96 -36.32 -12.23
N LEU P 417 48.84 -36.53 -13.22
CA LEU P 417 49.58 -37.80 -13.37
C LEU P 417 50.50 -38.05 -12.16
N GLY P 418 51.04 -36.99 -11.54
CA GLY P 418 51.88 -37.12 -10.35
C GLY P 418 51.13 -37.66 -9.14
N VAL P 419 49.84 -37.35 -9.01
CA VAL P 419 48.98 -37.90 -7.94
C VAL P 419 48.59 -39.35 -8.21
N ILE P 420 48.29 -39.69 -9.47
CA ILE P 420 47.94 -41.07 -9.87
C ILE P 420 49.13 -42.02 -9.67
N HIS P 421 50.33 -41.59 -10.07
CA HIS P 421 51.57 -42.35 -9.95
C HIS P 421 52.34 -42.06 -8.66
N ARG P 422 51.67 -41.53 -7.63
CA ARG P 422 52.31 -41.21 -6.36
C ARG P 422 52.97 -42.45 -5.75
N GLY P 423 54.23 -42.30 -5.33
CA GLY P 423 55.02 -43.37 -4.74
C GLY P 423 55.73 -44.29 -5.74
N HIS P 424 55.56 -44.08 -7.05
CA HIS P 424 56.28 -44.86 -8.04
C HIS P 424 57.69 -44.29 -8.28
N LEU P 425 58.61 -44.56 -7.34
CA LEU P 425 59.93 -43.91 -7.31
C LEU P 425 60.85 -44.29 -8.49
N GLN P 426 60.80 -45.54 -8.97
CA GLN P 426 61.73 -46.03 -10.00
C GLN P 426 61.38 -45.57 -11.41
N GLN P 427 60.12 -45.74 -11.83
CA GLN P 427 59.66 -45.30 -13.18
C GLN P 427 59.08 -43.88 -13.17
N GLY P 428 59.08 -43.16 -12.04
CA GLY P 428 58.54 -41.79 -11.97
C GLY P 428 59.15 -40.86 -13.02
N ARG P 429 60.47 -40.97 -13.23
CA ARG P 429 61.19 -40.22 -14.28
C ARG P 429 60.86 -40.71 -15.68
N SER P 430 60.75 -42.02 -15.92
CA SER P 430 60.48 -42.56 -17.26
C SER P 430 59.05 -42.28 -17.72
N LEU P 431 58.08 -42.31 -16.81
CA LEU P 431 56.67 -41.97 -17.08
C LEU P 431 56.51 -40.49 -17.45
N MET P 432 57.29 -39.60 -16.81
CA MET P 432 57.24 -38.17 -17.06
C MET P 432 58.16 -37.71 -18.20
N ALA P 433 59.12 -38.54 -18.64
CA ALA P 433 60.09 -38.20 -19.69
C ALA P 433 59.49 -37.57 -20.97
N PRO P 434 58.29 -37.96 -21.45
CA PRO P 434 57.66 -37.31 -22.62
C PRO P 434 57.21 -35.87 -22.37
N TYR P 435 56.96 -35.50 -21.12
CA TYR P 435 56.47 -34.19 -20.72
C TYR P 435 57.54 -33.30 -20.09
N LEU P 436 58.72 -33.85 -19.77
CA LEU P 436 59.82 -33.08 -19.22
C LEU P 436 60.48 -32.20 -20.28
N PRO P 437 61.03 -31.04 -19.88
CA PRO P 437 61.79 -30.20 -20.80
C PRO P 437 63.00 -30.97 -21.32
N GLN P 438 62.97 -31.36 -22.59
CA GLN P 438 64.14 -31.90 -23.27
C GLN P 438 65.02 -30.72 -23.66
N GLY P 439 66.28 -30.71 -23.19
CA GLY P 439 67.24 -29.61 -23.39
C GLY P 439 67.68 -29.32 -24.83
N GLY P 440 66.84 -29.59 -25.83
CA GLY P 440 67.04 -29.24 -27.23
C GLY P 440 65.91 -28.36 -27.75
N ALA P 441 66.24 -27.40 -28.60
CA ALA P 441 65.33 -26.43 -29.23
C ALA P 441 64.25 -27.04 -30.18
N GLY P 442 63.93 -28.33 -30.04
CA GLY P 442 62.98 -29.09 -30.86
C GLY P 442 61.93 -29.88 -30.09
N GLY P 443 61.82 -29.73 -28.76
CA GLY P 443 60.76 -30.36 -27.96
C GLY P 443 59.45 -29.59 -28.06
N GLY P 444 58.48 -30.05 -28.86
CA GLY P 444 57.18 -29.41 -29.11
C GLY P 444 56.19 -29.42 -27.93
N GLY P 445 56.67 -29.43 -26.68
CA GLY P 445 55.85 -29.34 -25.47
C GLY P 445 55.31 -27.93 -25.26
N SER P 446 54.13 -27.81 -24.64
CA SER P 446 53.69 -26.51 -24.12
C SER P 446 54.34 -26.25 -22.76
N PRO P 447 54.73 -25.00 -22.44
CA PRO P 447 55.39 -24.69 -21.16
C PRO P 447 54.55 -25.06 -19.94
N TYR P 448 53.22 -25.08 -20.08
CA TYR P 448 52.29 -25.56 -19.05
C TYR P 448 52.45 -27.06 -18.76
N SER P 449 52.69 -27.87 -19.78
CA SER P 449 52.89 -29.31 -19.62
C SER P 449 54.25 -29.63 -19.01
N GLU P 450 55.29 -28.89 -19.41
CA GLU P 450 56.64 -29.03 -18.84
C GLU P 450 56.67 -28.60 -17.37
N GLY P 451 56.10 -27.43 -17.04
CA GLY P 451 55.95 -27.00 -15.65
C GLY P 451 55.09 -27.97 -14.82
N GLY P 452 53.99 -28.47 -15.39
CA GLY P 452 53.14 -29.45 -14.71
C GLY P 452 53.82 -30.81 -14.50
N ALA P 453 54.74 -31.22 -15.38
CA ALA P 453 55.55 -32.44 -15.21
C ALA P 453 56.57 -32.30 -14.07
N LEU P 454 57.20 -31.14 -13.91
CA LEU P 454 58.09 -30.87 -12.77
C LEU P 454 57.33 -30.89 -11.44
N TYR P 455 56.12 -30.33 -11.42
CA TYR P 455 55.24 -30.40 -10.26
C TYR P 455 54.79 -31.86 -9.98
N ALA P 456 54.46 -32.62 -11.03
CA ALA P 456 54.13 -34.04 -10.92
C ALA P 456 55.28 -34.87 -10.32
N LEU P 457 56.53 -34.63 -10.74
CA LEU P 457 57.70 -35.30 -10.15
C LEU P 457 57.83 -35.02 -8.66
N GLY P 458 57.60 -33.79 -8.23
CA GLY P 458 57.58 -33.45 -6.80
C GLY P 458 56.47 -34.13 -6.02
N LEU P 459 55.27 -34.30 -6.61
CA LEU P 459 54.16 -35.04 -5.99
C LEU P 459 54.45 -36.55 -5.89
N ILE P 460 55.12 -37.15 -6.88
CA ILE P 460 55.50 -38.57 -6.86
C ILE P 460 56.55 -38.82 -5.77
N HIS P 461 57.52 -37.93 -5.66
CA HIS P 461 58.66 -38.01 -4.73
C HIS P 461 58.48 -37.15 -3.48
N ALA P 462 57.24 -36.87 -3.09
CA ALA P 462 56.96 -36.09 -1.89
C ALA P 462 57.65 -36.71 -0.66
N ASN P 463 58.39 -35.92 0.10
CA ASN P 463 59.29 -36.29 1.21
C ASN P 463 60.54 -37.12 0.84
N HIS P 464 60.59 -37.73 -0.35
CA HIS P 464 61.58 -38.73 -0.76
C HIS P 464 62.44 -38.24 -1.94
N GLY P 465 62.92 -37.00 -1.83
CA GLY P 465 63.51 -36.28 -2.95
C GLY P 465 64.98 -36.57 -3.28
N GLU P 466 65.69 -37.46 -2.58
CA GLU P 466 67.17 -37.54 -2.69
C GLU P 466 67.69 -37.69 -4.13
N GLY P 467 67.03 -38.51 -4.95
CA GLY P 467 67.43 -38.70 -6.36
C GLY P 467 66.99 -37.58 -7.32
N ILE P 468 66.01 -36.75 -6.96
CA ILE P 468 65.36 -35.79 -7.87
C ILE P 468 65.63 -34.34 -7.50
N LYS P 469 66.03 -34.06 -6.25
CA LYS P 469 66.40 -32.72 -5.78
C LYS P 469 67.38 -32.06 -6.74
N GLN P 470 68.45 -32.75 -7.13
CA GLN P 470 69.45 -32.18 -8.04
C GLN P 470 68.85 -31.86 -9.42
N PHE P 471 68.06 -32.77 -9.99
CA PHE P 471 67.42 -32.57 -11.28
C PHE P 471 66.44 -31.37 -11.28
N LEU P 472 65.66 -31.21 -10.20
CA LEU P 472 64.75 -30.07 -10.05
C LEU P 472 65.50 -28.76 -9.84
N ARG P 473 66.62 -28.78 -9.11
CA ARG P 473 67.51 -27.60 -8.95
C ARG P 473 68.12 -27.18 -10.28
N ASP P 474 68.61 -28.13 -11.07
CA ASP P 474 69.18 -27.86 -12.40
C ASP P 474 68.10 -27.34 -13.37
N SER P 475 66.88 -27.89 -13.30
CA SER P 475 65.72 -27.41 -14.06
C SER P 475 65.30 -25.98 -13.66
N LEU P 476 65.37 -25.65 -12.36
CA LEU P 476 65.05 -24.31 -11.85
C LEU P 476 66.08 -23.28 -12.32
N ARG P 477 67.37 -23.61 -12.28
CA ARG P 477 68.47 -22.71 -12.68
C ARG P 477 68.57 -22.50 -14.19
N SER P 478 68.16 -23.49 -14.99
CA SER P 478 68.29 -23.44 -16.45
C SER P 478 67.19 -22.63 -17.14
N THR P 479 66.05 -22.41 -16.50
CA THR P 479 64.84 -21.89 -17.15
C THR P 479 64.37 -20.56 -16.57
N ASN P 480 64.06 -19.59 -17.44
CA ASN P 480 63.51 -18.27 -17.09
C ASN P 480 61.99 -18.15 -17.35
N VAL P 481 61.32 -19.23 -17.76
CA VAL P 481 59.88 -19.23 -18.04
C VAL P 481 59.10 -19.38 -16.74
N GLU P 482 58.27 -18.39 -16.40
CA GLU P 482 57.53 -18.31 -15.14
C GLU P 482 56.72 -19.57 -14.81
N VAL P 483 56.08 -20.18 -15.82
CA VAL P 483 55.22 -21.37 -15.64
C VAL P 483 56.05 -22.61 -15.29
N ILE P 484 57.24 -22.74 -15.87
CA ILE P 484 58.15 -23.86 -15.61
C ILE P 484 58.79 -23.67 -14.22
N GLN P 485 59.21 -22.44 -13.91
CA GLN P 485 59.71 -22.07 -12.58
C GLN P 485 58.66 -22.31 -11.49
N HIS P 486 57.39 -21.98 -11.74
CA HIS P 486 56.29 -22.26 -10.81
C HIS P 486 56.17 -23.75 -10.48
N GLY P 487 56.20 -24.61 -11.50
CA GLY P 487 56.16 -26.06 -11.32
C GLY P 487 57.41 -26.64 -10.66
N ALA P 488 58.59 -26.11 -11.01
CA ALA P 488 59.88 -26.48 -10.43
C ALA P 488 59.96 -26.11 -8.94
N CYS P 489 59.56 -24.90 -8.55
CA CYS P 489 59.52 -24.45 -7.17
C CYS P 489 58.61 -25.36 -6.33
N LEU P 490 57.34 -25.54 -6.72
CA LEU P 490 56.41 -26.41 -5.98
C LEU P 490 56.91 -27.86 -5.92
N GLY P 491 57.46 -28.37 -7.01
CA GLY P 491 58.02 -29.72 -7.05
C GLY P 491 59.21 -29.89 -6.11
N LEU P 492 60.09 -28.90 -6.06
CA LEU P 492 61.27 -28.88 -5.19
C LEU P 492 60.86 -28.74 -3.71
N GLY P 493 59.88 -27.88 -3.40
CA GLY P 493 59.33 -27.74 -2.05
C GLY P 493 58.69 -29.04 -1.53
N LEU P 494 57.97 -29.78 -2.39
CA LEU P 494 57.40 -31.09 -2.04
C LEU P 494 58.46 -32.19 -1.88
N ALA P 495 59.45 -32.22 -2.77
CA ALA P 495 60.54 -33.20 -2.72
C ALA P 495 61.48 -32.99 -1.52
N ALA P 496 61.65 -31.73 -1.09
CA ALA P 496 62.50 -31.32 0.03
C ALA P 496 61.73 -30.98 1.31
N LEU P 497 60.46 -31.38 1.42
CA LEU P 497 59.58 -31.04 2.54
C LEU P 497 60.24 -31.37 3.89
N GLY P 498 60.35 -30.35 4.75
CA GLY P 498 60.89 -30.46 6.11
C GLY P 498 62.34 -30.93 6.19
N THR P 499 63.13 -30.81 5.13
CA THR P 499 64.56 -31.19 5.16
C THR P 499 65.50 -30.07 5.61
N ALA P 500 65.00 -28.83 5.71
CA ALA P 500 65.76 -27.66 6.14
C ALA P 500 67.09 -27.44 5.38
N ASP P 501 67.09 -27.76 4.08
CA ASP P 501 68.26 -27.61 3.23
C ASP P 501 68.47 -26.13 2.84
N GLU P 502 69.58 -25.56 3.29
CA GLU P 502 69.95 -24.16 3.06
C GLU P 502 70.19 -23.85 1.57
N ASP P 503 70.76 -24.80 0.83
CA ASP P 503 71.14 -24.58 -0.56
C ASP P 503 69.92 -24.47 -1.48
N VAL P 504 68.89 -25.28 -1.19
CA VAL P 504 67.60 -25.23 -1.89
C VAL P 504 66.86 -23.94 -1.54
N PHE P 505 66.98 -23.47 -0.30
CA PHE P 505 66.38 -22.21 0.12
C PHE P 505 66.93 -21.03 -0.67
N GLU P 506 68.26 -20.93 -0.81
CA GLU P 506 68.90 -19.84 -1.57
C GLU P 506 68.53 -19.87 -3.06
N ASP P 507 68.44 -21.05 -3.67
CA ASP P 507 67.98 -21.19 -5.06
C ASP P 507 66.54 -20.68 -5.25
N ILE P 508 65.62 -21.03 -4.33
CA ILE P 508 64.22 -20.58 -4.40
C ILE P 508 64.11 -19.08 -4.10
N LYS P 509 64.92 -18.57 -3.16
CA LYS P 509 65.01 -17.15 -2.83
C LYS P 509 65.46 -16.31 -4.01
N ASN P 510 66.43 -16.80 -4.80
CA ASN P 510 66.82 -16.14 -6.05
C ASN P 510 65.67 -16.02 -7.05
N VAL P 511 64.78 -17.03 -7.12
CA VAL P 511 63.57 -16.98 -7.96
C VAL P 511 62.55 -15.98 -7.40
N LEU P 512 62.38 -15.92 -6.09
CA LEU P 512 61.50 -14.93 -5.45
C LEU P 512 61.91 -13.49 -5.80
N TYR P 513 63.21 -13.19 -5.78
CA TYR P 513 63.77 -11.87 -6.11
C TYR P 513 63.67 -11.49 -7.58
N THR P 514 63.26 -12.41 -8.47
CA THR P 514 62.88 -12.05 -9.85
C THR P 514 61.54 -11.30 -9.93
N ASP P 515 60.78 -11.26 -8.82
CA ASP P 515 59.48 -10.60 -8.66
C ASP P 515 58.42 -11.04 -9.70
N SER P 516 58.53 -12.27 -10.21
CA SER P 516 57.50 -12.86 -11.08
C SER P 516 56.28 -13.26 -10.27
N ALA P 517 55.09 -12.76 -10.64
CA ALA P 517 53.86 -12.94 -9.87
C ALA P 517 53.45 -14.42 -9.67
N VAL P 518 53.71 -15.30 -10.66
CA VAL P 518 53.29 -16.72 -10.58
C VAL P 518 54.40 -17.59 -9.99
N ALA P 519 55.65 -17.38 -10.39
CA ALA P 519 56.78 -18.12 -9.83
C ALA P 519 57.01 -17.75 -8.35
N GLY P 520 56.80 -16.48 -7.98
CA GLY P 520 56.95 -15.97 -6.63
C GLY P 520 55.93 -16.54 -5.63
N GLU P 521 54.68 -16.80 -6.05
CA GLU P 521 53.69 -17.50 -5.19
C GLU P 521 54.14 -18.92 -4.84
N ALA P 522 54.62 -19.67 -5.86
CA ALA P 522 55.18 -20.99 -5.66
C ALA P 522 56.47 -20.95 -4.83
N ALA P 523 57.35 -19.99 -5.06
CA ALA P 523 58.58 -19.81 -4.29
C ALA P 523 58.28 -19.54 -2.81
N GLY P 524 57.32 -18.65 -2.52
CA GLY P 524 56.82 -18.35 -1.17
C GLY P 524 56.37 -19.60 -0.42
N ILE P 525 55.50 -20.40 -1.04
CA ILE P 525 55.00 -21.66 -0.47
C ILE P 525 56.14 -22.67 -0.31
N SER P 526 57.03 -22.79 -1.30
CA SER P 526 58.10 -23.79 -1.31
C SER P 526 59.17 -23.53 -0.26
N MET P 527 59.52 -22.27 0.00
CA MET P 527 60.39 -21.91 1.13
C MET P 527 59.76 -22.32 2.47
N GLY P 528 58.45 -22.10 2.61
CA GLY P 528 57.69 -22.56 3.78
C GLY P 528 57.68 -24.09 3.93
N LEU P 529 57.47 -24.83 2.84
CA LEU P 529 57.49 -26.31 2.81
C LEU P 529 58.87 -26.89 3.15
N LEU P 530 59.94 -26.25 2.71
CA LEU P 530 61.31 -26.65 2.99
C LEU P 530 61.66 -26.46 4.48
N MET P 531 61.23 -25.34 5.06
CA MET P 531 61.58 -24.88 6.40
C MET P 531 60.49 -25.13 7.45
N VAL P 532 59.57 -26.07 7.19
CA VAL P 532 58.45 -26.39 8.09
C VAL P 532 58.95 -26.65 9.51
N GLY P 533 58.42 -25.87 10.45
CA GLY P 533 58.65 -26.03 11.88
C GLY P 533 60.07 -25.81 12.36
N THR P 534 60.95 -25.16 11.60
CA THR P 534 62.31 -24.82 12.05
C THR P 534 62.39 -23.56 12.91
N ALA P 535 61.38 -22.68 12.87
CA ALA P 535 61.40 -21.34 13.50
C ALA P 535 62.66 -20.52 13.17
N SER P 536 63.19 -20.68 11.96
CA SER P 536 64.39 -19.96 11.52
C SER P 536 64.14 -18.45 11.42
N GLU P 537 65.19 -17.66 11.69
CA GLU P 537 65.21 -16.20 11.47
C GLU P 537 64.85 -15.80 10.03
N LYS P 538 64.99 -16.75 9.09
CA LYS P 538 64.56 -16.63 7.69
C LYS P 538 63.09 -16.26 7.52
N ALA P 539 62.22 -16.59 8.47
CA ALA P 539 60.83 -16.13 8.45
C ALA P 539 60.73 -14.58 8.50
N GLY P 540 61.66 -13.93 9.19
CA GLY P 540 61.79 -12.47 9.21
C GLY P 540 62.21 -11.90 7.86
N GLU P 541 63.10 -12.58 7.12
CA GLU P 541 63.48 -12.18 5.75
C GLU P 541 62.29 -12.29 4.78
N MET P 542 61.50 -13.35 4.90
CA MET P 542 60.28 -13.53 4.11
C MET P 542 59.25 -12.44 4.40
N LEU P 543 59.08 -12.05 5.67
CA LEU P 543 58.17 -10.98 6.07
C LEU P 543 58.65 -9.62 5.55
N ALA P 544 59.95 -9.34 5.62
CA ALA P 544 60.53 -8.12 5.06
C ALA P 544 60.26 -8.01 3.55
N TYR P 545 60.48 -9.10 2.80
CA TYR P 545 60.22 -9.10 1.36
C TYR P 545 58.72 -8.99 1.02
N ALA P 546 57.84 -9.54 1.86
CA ALA P 546 56.39 -9.40 1.68
C ALA P 546 55.92 -7.94 1.75
N HIS P 547 56.63 -7.07 2.49
CA HIS P 547 56.36 -5.63 2.52
C HIS P 547 56.91 -4.86 1.31
N GLU P 548 57.93 -5.39 0.64
CA GLU P 548 58.58 -4.72 -0.49
C GLU P 548 57.83 -4.98 -1.82
N THR P 549 57.39 -6.21 -2.04
CA THR P 549 56.70 -6.60 -3.28
C THR P 549 55.31 -5.95 -3.38
N GLN P 550 54.90 -5.65 -4.60
CA GLN P 550 53.56 -5.12 -4.91
C GLN P 550 52.61 -6.23 -5.41
N HIS P 551 53.11 -7.44 -5.62
CA HIS P 551 52.33 -8.53 -6.18
C HIS P 551 51.60 -9.30 -5.08
N GLU P 552 50.28 -9.11 -4.99
CA GLU P 552 49.41 -9.80 -4.01
C GLU P 552 49.58 -11.34 -3.98
N LYS P 553 49.90 -11.96 -5.12
CA LYS P 553 50.18 -13.40 -5.21
C LYS P 553 51.43 -13.80 -4.43
N ILE P 554 52.48 -12.99 -4.52
CA ILE P 554 53.74 -13.21 -3.81
C ILE P 554 53.52 -12.99 -2.32
N ILE P 555 52.83 -11.90 -1.94
CA ILE P 555 52.47 -11.62 -0.54
C ILE P 555 51.68 -12.79 0.05
N ARG P 556 50.68 -13.33 -0.67
CA ARG P 556 49.88 -14.47 -0.21
C ARG P 556 50.72 -15.75 -0.07
N GLY P 557 51.59 -16.04 -1.05
CA GLY P 557 52.49 -17.19 -1.00
C GLY P 557 53.48 -17.11 0.15
N LEU P 558 54.04 -15.92 0.42
CA LEU P 558 54.94 -15.67 1.55
C LEU P 558 54.19 -15.73 2.88
N ALA P 559 52.99 -15.17 2.96
CA ALA P 559 52.18 -15.18 4.17
C ALA P 559 51.85 -16.62 4.62
N LEU P 560 51.51 -17.51 3.67
CA LEU P 560 51.38 -18.94 3.94
C LEU P 560 52.74 -19.60 4.24
N GLY P 561 53.78 -19.25 3.49
CA GLY P 561 55.13 -19.77 3.69
C GLY P 561 55.65 -19.51 5.10
N ILE P 562 55.48 -18.29 5.61
CA ILE P 562 55.80 -17.89 6.98
C ILE P 562 54.99 -18.73 7.97
N ALA P 563 53.68 -18.88 7.76
CA ALA P 563 52.84 -19.72 8.62
C ALA P 563 53.34 -21.17 8.72
N LEU P 564 53.88 -21.74 7.64
CA LEU P 564 54.47 -23.09 7.62
C LEU P 564 55.78 -23.18 8.40
N THR P 565 56.64 -22.15 8.37
CA THR P 565 57.90 -22.13 9.16
C THR P 565 57.66 -22.18 10.66
N VAL P 566 56.51 -21.66 11.09
CA VAL P 566 56.06 -21.54 12.48
C VAL P 566 55.33 -22.79 12.99
N TYR P 567 55.11 -23.78 12.11
CA TYR P 567 54.48 -25.04 12.47
C TYR P 567 55.11 -25.65 13.74
N GLY P 568 54.31 -25.97 14.74
CA GLY P 568 54.84 -26.70 15.89
C GLY P 568 55.27 -25.87 17.10
N ARG P 569 55.39 -24.55 16.94
CA ARG P 569 56.25 -23.72 17.79
C ARG P 569 55.55 -23.06 18.99
N GLU P 570 54.22 -23.09 19.03
CA GLU P 570 53.40 -22.56 20.14
C GLU P 570 53.87 -21.16 20.58
N GLU P 571 54.30 -20.98 21.83
CA GLU P 571 54.67 -19.68 22.42
C GLU P 571 55.86 -18.98 21.71
N GLU P 572 56.78 -19.73 21.10
CA GLU P 572 57.91 -19.18 20.33
C GLU P 572 57.41 -18.34 19.12
N ALA P 573 56.23 -18.66 18.61
CA ALA P 573 55.62 -18.03 17.44
C ALA P 573 54.91 -16.72 17.73
N ASP P 574 54.54 -16.46 18.99
CA ASP P 574 53.58 -15.40 19.35
C ASP P 574 54.04 -14.02 18.89
N THR P 575 55.35 -13.76 18.92
CA THR P 575 55.93 -12.48 18.47
C THR P 575 55.67 -12.22 16.99
N LEU P 576 55.91 -13.23 16.14
CA LEU P 576 55.69 -13.13 14.69
C LEU P 576 54.20 -13.10 14.35
N ILE P 577 53.38 -13.86 15.07
CA ILE P 577 51.91 -13.83 14.92
C ILE P 577 51.37 -12.44 15.26
N GLU P 578 51.82 -11.82 16.36
CA GLU P 578 51.40 -10.47 16.73
C GLU P 578 51.82 -9.43 15.68
N GLN P 579 52.99 -9.57 15.07
CA GLN P 579 53.44 -8.70 13.98
C GLN P 579 52.52 -8.85 12.74
N MET P 580 52.27 -10.08 12.28
CA MET P 580 51.43 -10.34 11.11
C MET P 580 49.97 -9.95 11.31
N THR P 581 49.43 -10.13 12.53
CA THR P 581 48.02 -9.84 12.82
C THR P 581 47.71 -8.37 13.03
N ARG P 582 48.70 -7.55 13.41
CA ARG P 582 48.58 -6.09 13.54
C ARG P 582 48.90 -5.35 12.24
N ASP P 583 49.29 -6.07 11.20
CA ASP P 583 49.63 -5.49 9.92
C ASP P 583 48.46 -4.74 9.27
N GLN P 584 48.77 -3.72 8.48
CA GLN P 584 47.79 -2.99 7.69
C GLN P 584 47.27 -3.82 6.52
N ASP P 585 48.12 -4.66 5.91
CA ASP P 585 47.72 -5.49 4.76
C ASP P 585 46.82 -6.66 5.21
N PRO P 586 45.58 -6.76 4.68
CA PRO P 586 44.70 -7.90 4.93
C PRO P 586 45.30 -9.26 4.55
N ILE P 587 46.19 -9.33 3.56
CA ILE P 587 46.80 -10.59 3.10
C ILE P 587 47.82 -11.11 4.13
N LEU P 588 48.57 -10.20 4.78
CA LEU P 588 49.46 -10.56 5.88
C LEU P 588 48.67 -10.98 7.12
N ARG P 589 47.56 -10.29 7.44
CA ARG P 589 46.65 -10.73 8.51
C ARG P 589 46.04 -12.10 8.23
N TYR P 590 45.71 -12.39 6.97
CA TYR P 590 45.28 -13.72 6.50
C TYR P 590 46.34 -14.78 6.78
N GLY P 591 47.61 -14.51 6.46
CA GLY P 591 48.73 -15.40 6.83
C GLY P 591 48.91 -15.54 8.34
N GLY P 592 48.72 -14.46 9.10
CA GLY P 592 48.77 -14.47 10.56
C GLY P 592 47.75 -15.42 11.19
N MET P 593 46.55 -15.54 10.60
CA MET P 593 45.55 -16.52 11.04
C MET P 593 46.01 -17.96 10.80
N TYR P 594 46.63 -18.26 9.66
CA TYR P 594 47.24 -19.57 9.40
C TYR P 594 48.44 -19.83 10.31
N ALA P 595 49.27 -18.82 10.58
CA ALA P 595 50.41 -18.94 11.49
C ALA P 595 49.95 -19.31 12.90
N LEU P 596 48.89 -18.66 13.40
CA LEU P 596 48.26 -19.01 14.68
C LEU P 596 47.70 -20.44 14.66
N ALA P 597 47.06 -20.85 13.56
CA ALA P 597 46.49 -22.19 13.40
C ALA P 597 47.56 -23.29 13.40
N LEU P 598 48.65 -23.09 12.67
CA LEU P 598 49.75 -24.05 12.53
C LEU P 598 50.70 -24.04 13.74
N ALA P 599 50.83 -22.91 14.44
CA ALA P 599 51.56 -22.85 15.71
C ALA P 599 50.84 -23.70 16.78
N TYR P 600 49.52 -23.51 16.91
CA TYR P 600 48.68 -24.16 17.94
C TYR P 600 47.89 -25.38 17.43
N ARG P 601 48.34 -25.99 16.33
CA ARG P 601 47.76 -27.21 15.76
C ARG P 601 47.54 -28.29 16.84
N GLY P 602 46.34 -28.85 16.90
CA GLY P 602 45.99 -29.97 17.79
C GLY P 602 46.13 -29.72 19.30
N THR P 603 46.43 -28.49 19.74
CA THR P 603 46.63 -28.18 21.18
C THR P 603 45.34 -27.85 21.93
N SER P 604 44.25 -27.52 21.21
CA SER P 604 43.00 -27.00 21.81
C SER P 604 43.21 -25.83 22.79
N ASN P 605 44.24 -24.99 22.56
CA ASN P 605 44.56 -23.90 23.47
C ASN P 605 43.49 -22.78 23.44
N ASN P 606 42.90 -22.50 24.60
CA ASN P 606 41.93 -21.44 24.80
C ASN P 606 42.41 -20.04 24.37
N LYS P 607 43.72 -19.73 24.50
CA LYS P 607 44.28 -18.43 24.06
C LYS P 607 44.14 -18.26 22.55
N ALA P 608 44.55 -19.28 21.79
CA ALA P 608 44.50 -19.29 20.33
C ALA P 608 43.05 -19.26 19.83
N ILE P 609 42.16 -20.06 20.42
CA ILE P 609 40.72 -20.08 20.07
C ILE P 609 40.09 -18.70 20.30
N ARG P 610 40.37 -18.05 21.44
CA ARG P 610 39.83 -16.71 21.73
C ARG P 610 40.32 -15.66 20.73
N GLN P 611 41.60 -15.70 20.35
CA GLN P 611 42.15 -14.80 19.34
C GLN P 611 41.51 -15.03 17.97
N LEU P 612 41.41 -16.28 17.51
CA LEU P 612 40.75 -16.62 16.23
C LEU P 612 39.29 -16.15 16.21
N LEU P 613 38.53 -16.41 17.26
CA LEU P 613 37.14 -15.95 17.37
C LEU P 613 37.02 -14.43 17.39
N HIS P 614 37.97 -13.73 18.02
CA HIS P 614 38.01 -12.27 18.00
C HIS P 614 38.19 -11.75 16.56
N PHE P 615 39.20 -12.22 15.83
CA PHE P 615 39.45 -11.81 14.44
C PHE P 615 38.32 -12.21 13.48
N ALA P 616 37.62 -13.32 13.73
CA ALA P 616 36.47 -13.74 12.94
C ALA P 616 35.31 -12.72 12.97
N VAL P 617 35.22 -11.89 14.02
CA VAL P 617 34.17 -10.88 14.20
C VAL P 617 34.69 -9.45 13.99
N SER P 618 35.92 -9.15 14.44
CA SER P 618 36.44 -7.78 14.50
C SER P 618 37.09 -7.30 13.20
N ASP P 619 37.70 -8.18 12.39
CA ASP P 619 38.35 -7.76 11.15
C ASP P 619 37.32 -7.29 10.12
N VAL P 620 37.72 -6.39 9.23
CA VAL P 620 36.87 -5.87 8.14
C VAL P 620 36.97 -6.76 6.90
N SER P 621 38.09 -7.44 6.69
CA SER P 621 38.33 -8.30 5.53
C SER P 621 37.65 -9.65 5.68
N ASP P 622 36.81 -9.99 4.71
CA ASP P 622 36.13 -11.28 4.65
C ASP P 622 37.10 -12.47 4.47
N ASP P 623 38.27 -12.25 3.86
CA ASP P 623 39.30 -13.26 3.73
C ASP P 623 39.93 -13.64 5.07
N VAL P 624 40.16 -12.64 5.93
CA VAL P 624 40.66 -12.86 7.31
C VAL P 624 39.58 -13.56 8.13
N ARG P 625 38.32 -13.11 8.04
CA ARG P 625 37.20 -13.75 8.76
C ARG P 625 37.02 -15.21 8.39
N ARG P 626 36.99 -15.52 7.09
CA ARG P 626 36.91 -16.91 6.59
C ARG P 626 38.04 -17.76 7.15
N THR P 627 39.25 -17.23 7.14
CA THR P 627 40.47 -17.95 7.54
C THR P 627 40.54 -18.14 9.04
N ALA P 628 40.12 -17.16 9.83
CA ALA P 628 40.06 -17.25 11.28
C ALA P 628 39.11 -18.38 11.72
N VAL P 629 37.98 -18.56 11.04
CA VAL P 629 37.06 -19.69 11.31
C VAL P 629 37.65 -21.01 10.82
N LEU P 630 38.21 -21.05 9.61
CA LEU P 630 38.86 -22.25 9.07
C LEU P 630 40.00 -22.74 9.97
N ALA P 631 40.79 -21.82 10.51
CA ALA P 631 41.89 -22.07 11.45
C ALA P 631 41.45 -22.80 12.72
N LEU P 632 40.21 -22.61 13.19
CA LEU P 632 39.68 -23.38 14.33
C LEU P 632 39.71 -24.89 14.07
N GLY P 633 39.52 -25.31 12.82
CA GLY P 633 39.60 -26.73 12.43
C GLY P 633 41.00 -27.33 12.66
N PHE P 634 42.06 -26.55 12.45
CA PHE P 634 43.44 -26.99 12.72
C PHE P 634 43.81 -26.97 14.21
N VAL P 635 43.23 -26.07 15.01
CA VAL P 635 43.49 -26.03 16.45
C VAL P 635 42.75 -27.16 17.18
N LEU P 636 41.55 -27.53 16.70
CA LEU P 636 40.61 -28.43 17.38
C LEU P 636 40.55 -29.87 16.84
N TYR P 637 41.34 -30.26 15.83
CA TYR P 637 41.24 -31.63 15.28
C TYR P 637 41.61 -32.75 16.27
N SER P 638 42.34 -32.44 17.35
CA SER P 638 42.62 -33.41 18.42
C SER P 638 41.36 -33.83 19.17
N GLU P 639 40.37 -32.93 19.28
CA GLU P 639 39.10 -33.16 19.96
C GLU P 639 37.94 -32.80 19.02
N PRO P 640 37.66 -33.66 18.01
CA PRO P 640 36.72 -33.35 16.94
C PRO P 640 35.28 -33.14 17.45
N GLU P 641 34.93 -33.66 18.63
CA GLU P 641 33.61 -33.48 19.26
C GLU P 641 33.32 -32.03 19.67
N GLN P 642 34.34 -31.22 19.98
CA GLN P 642 34.14 -29.83 20.41
C GLN P 642 33.91 -28.89 19.23
N THR P 643 34.40 -29.23 18.04
CA THR P 643 34.38 -28.34 16.87
C THR P 643 32.95 -27.99 16.43
N PRO P 644 32.01 -28.94 16.26
CA PRO P 644 30.63 -28.62 15.89
C PRO P 644 29.94 -27.69 16.88
N ARG P 645 30.24 -27.80 18.19
CA ARG P 645 29.64 -26.97 19.24
C ARG P 645 30.08 -25.51 19.13
N ILE P 646 31.36 -25.27 18.89
CA ILE P 646 31.93 -23.92 18.75
C ILE P 646 31.49 -23.28 17.41
N VAL P 647 31.50 -24.06 16.34
CA VAL P 647 31.25 -23.58 14.98
C VAL P 647 29.75 -23.42 14.67
N SER P 648 28.87 -24.09 15.41
CA SER P 648 27.40 -23.99 15.23
C SER P 648 26.91 -22.54 15.20
N LEU P 649 27.35 -21.71 16.14
CA LEU P 649 26.99 -20.28 16.20
C LEU P 649 27.48 -19.48 14.99
N LEU P 650 28.64 -19.85 14.41
CA LEU P 650 29.23 -19.18 13.26
C LEU P 650 28.56 -19.59 11.95
N SER P 651 28.01 -20.82 11.89
CA SER P 651 27.29 -21.34 10.73
C SER P 651 25.97 -20.60 10.44
N GLU P 652 25.38 -19.99 11.47
CA GLU P 652 24.15 -19.19 11.37
C GLU P 652 24.42 -17.71 11.05
N SER P 653 25.68 -17.31 10.93
CA SER P 653 26.04 -15.91 10.66
C SER P 653 25.53 -15.42 9.30
N TYR P 654 25.21 -14.13 9.22
CA TYR P 654 24.77 -13.50 7.96
C TYR P 654 25.88 -13.49 6.89
N ASN P 655 27.15 -13.48 7.31
CA ASN P 655 28.28 -13.39 6.40
C ASN P 655 28.56 -14.75 5.71
N PRO P 656 28.44 -14.85 4.37
CA PRO P 656 28.70 -16.10 3.66
C PRO P 656 30.13 -16.61 3.80
N HIS P 657 31.13 -15.73 3.93
CA HIS P 657 32.55 -16.12 4.08
C HIS P 657 32.81 -16.84 5.41
N VAL P 658 32.11 -16.41 6.48
CA VAL P 658 32.17 -17.05 7.79
C VAL P 658 31.50 -18.42 7.74
N ARG P 659 30.34 -18.55 7.08
CA ARG P 659 29.64 -19.83 6.88
C ARG P 659 30.47 -20.82 6.05
N TYR P 660 31.17 -20.35 5.03
CA TYR P 660 32.13 -21.17 4.28
C TYR P 660 33.29 -21.65 5.16
N GLY P 661 33.89 -20.74 5.95
CA GLY P 661 34.95 -21.09 6.91
C GLY P 661 34.48 -22.11 7.94
N ALA P 662 33.25 -21.97 8.43
CA ALA P 662 32.61 -22.90 9.35
C ALA P 662 32.46 -24.31 8.74
N ALA P 663 31.99 -24.40 7.50
CA ALA P 663 31.87 -25.68 6.81
C ALA P 663 33.23 -26.40 6.68
N LEU P 664 34.27 -25.69 6.22
CA LEU P 664 35.60 -26.28 6.08
C LEU P 664 36.27 -26.59 7.42
N ALA P 665 36.07 -25.78 8.46
CA ALA P 665 36.61 -26.05 9.79
C ALA P 665 36.14 -27.41 10.31
N VAL P 666 34.83 -27.69 10.18
CA VAL P 666 34.24 -28.99 10.53
C VAL P 666 34.73 -30.10 9.61
N GLY P 667 34.89 -29.82 8.32
CA GLY P 667 35.44 -30.77 7.35
C GLY P 667 36.86 -31.23 7.70
N ILE P 668 37.73 -30.30 8.12
CA ILE P 668 39.13 -30.57 8.49
C ILE P 668 39.19 -31.26 9.86
N SER P 669 38.50 -30.74 10.89
CA SER P 669 38.55 -31.29 12.25
C SER P 669 37.96 -32.70 12.33
N CYS P 670 36.85 -32.93 11.61
CA CYS P 670 36.09 -34.18 11.67
C CYS P 670 36.36 -35.10 10.47
N ALA P 671 37.46 -34.89 9.75
CA ALA P 671 37.84 -35.73 8.62
C ALA P 671 37.98 -37.20 9.04
N GLY P 672 37.28 -38.10 8.36
CA GLY P 672 37.33 -39.54 8.61
C GLY P 672 36.71 -40.05 9.93
N THR P 673 36.12 -39.18 10.76
CA THR P 673 35.53 -39.59 12.05
C THR P 673 34.08 -40.04 11.92
N GLY P 674 33.33 -39.51 10.94
CA GLY P 674 31.91 -39.83 10.76
C GLY P 674 30.98 -39.32 11.86
N LEU P 675 31.37 -38.26 12.58
CA LEU P 675 30.57 -37.70 13.67
C LEU P 675 29.19 -37.25 13.19
N SER P 676 28.14 -37.74 13.87
CA SER P 676 26.76 -37.45 13.50
C SER P 676 26.39 -35.98 13.66
N GLU P 677 26.91 -35.32 14.70
CA GLU P 677 26.73 -33.88 14.97
C GLU P 677 27.30 -33.02 13.83
N ALA P 678 28.48 -33.38 13.31
CA ALA P 678 29.12 -32.68 12.19
C ALA P 678 28.28 -32.79 10.91
N ILE P 679 27.75 -33.98 10.61
CA ILE P 679 26.88 -34.20 9.45
C ILE P 679 25.58 -33.37 9.57
N SER P 680 24.95 -33.37 10.75
CA SER P 680 23.73 -32.57 10.96
C SER P 680 23.94 -31.06 10.82
N LEU P 681 25.15 -30.58 11.14
CA LEU P 681 25.51 -29.17 10.97
C LEU P 681 25.79 -28.80 9.51
N LEU P 682 26.39 -29.72 8.74
CA LEU P 682 26.74 -29.50 7.34
C LEU P 682 25.53 -29.64 6.39
N GLU P 683 24.53 -30.48 6.72
CA GLU P 683 23.34 -30.71 5.89
C GLU P 683 22.64 -29.39 5.46
N PRO P 684 22.27 -28.47 6.37
CA PRO P 684 21.68 -27.18 6.01
C PRO P 684 22.57 -26.34 5.08
N LEU P 685 23.89 -26.35 5.31
CA LEU P 685 24.87 -25.58 4.52
C LEU P 685 25.02 -26.12 3.09
N THR P 686 24.67 -27.38 2.82
CA THR P 686 24.64 -27.90 1.44
C THR P 686 23.51 -27.29 0.60
N SER P 687 22.47 -26.77 1.25
CA SER P 687 21.32 -26.12 0.63
C SER P 687 21.34 -24.59 0.75
N ASP P 688 22.50 -24.01 1.07
CA ASP P 688 22.66 -22.57 1.22
C ASP P 688 22.31 -21.81 -0.07
N VAL P 689 21.86 -20.56 0.07
CA VAL P 689 21.58 -19.67 -1.07
C VAL P 689 22.86 -19.35 -1.86
N VAL P 690 24.00 -19.27 -1.17
CA VAL P 690 25.29 -18.88 -1.76
C VAL P 690 26.06 -20.09 -2.29
N ASP P 691 26.48 -20.01 -3.55
CA ASP P 691 27.08 -21.10 -4.32
C ASP P 691 28.41 -21.61 -3.76
N PHE P 692 29.29 -20.72 -3.29
CA PHE P 692 30.57 -21.11 -2.70
C PHE P 692 30.41 -21.70 -1.30
N VAL P 693 29.39 -21.30 -0.54
CA VAL P 693 29.06 -21.94 0.76
C VAL P 693 28.64 -23.39 0.50
N ARG P 694 27.78 -23.62 -0.51
CA ARG P 694 27.45 -24.99 -0.96
C ARG P 694 28.70 -25.76 -1.40
N GLN P 695 29.62 -25.14 -2.15
CA GLN P 695 30.89 -25.77 -2.53
C GLN P 695 31.69 -26.25 -1.32
N GLY P 696 31.84 -25.40 -0.29
CA GLY P 696 32.54 -25.74 0.95
C GLY P 696 31.86 -26.84 1.73
N ALA P 697 30.53 -26.77 1.86
CA ALA P 697 29.73 -27.78 2.56
C ALA P 697 29.81 -29.16 1.90
N LEU P 698 29.76 -29.24 0.57
CA LEU P 698 29.88 -30.50 -0.17
C LEU P 698 31.26 -31.14 0.01
N ILE P 699 32.34 -30.34 -0.06
CA ILE P 699 33.72 -30.82 0.15
C ILE P 699 33.90 -31.28 1.60
N ALA P 700 33.44 -30.48 2.58
CA ALA P 700 33.52 -30.82 4.00
C ALA P 700 32.75 -32.11 4.33
N MET P 701 31.54 -32.27 3.77
CA MET P 701 30.75 -33.49 3.95
C MET P 701 31.49 -34.72 3.39
N ALA P 702 32.14 -34.59 2.22
CA ALA P 702 32.95 -35.67 1.66
C ALA P 702 34.18 -36.02 2.51
N MET P 703 34.83 -35.03 3.14
CA MET P 703 35.95 -35.26 4.07
C MET P 703 35.51 -36.00 5.33
N VAL P 704 34.33 -35.66 5.89
CA VAL P 704 33.78 -36.33 7.08
C VAL P 704 33.31 -37.76 6.75
N MET P 705 32.71 -37.95 5.57
CA MET P 705 32.14 -39.24 5.14
C MET P 705 33.11 -40.15 4.38
N VAL P 706 34.40 -39.81 4.30
CA VAL P 706 35.39 -40.63 3.58
C VAL P 706 35.43 -42.05 4.18
N GLN P 707 35.36 -43.07 3.31
CA GLN P 707 35.32 -44.50 3.65
C GLN P 707 34.11 -45.03 4.46
N ILE P 708 33.11 -44.21 4.77
CA ILE P 708 31.89 -44.66 5.48
C ILE P 708 30.95 -45.36 4.50
N THR P 709 30.41 -46.51 4.89
CA THR P 709 29.45 -47.30 4.11
C THR P 709 28.01 -46.88 4.44
N GLU P 710 27.08 -47.11 3.49
CA GLU P 710 25.64 -46.85 3.69
C GLU P 710 25.04 -47.70 4.84
N ALA P 711 25.67 -48.82 5.19
CA ALA P 711 25.25 -49.68 6.30
C ALA P 711 25.59 -49.08 7.68
N MET P 712 26.67 -48.30 7.79
CA MET P 712 27.00 -47.59 9.03
C MET P 712 26.14 -46.34 9.20
N ASP P 713 25.94 -45.60 8.11
CA ASP P 713 25.10 -44.40 8.10
C ASP P 713 24.33 -44.27 6.78
N SER P 714 23.00 -44.31 6.87
CA SER P 714 22.10 -44.23 5.71
C SER P 714 22.20 -42.88 4.97
N ARG P 715 22.71 -41.83 5.65
CA ARG P 715 22.91 -40.49 5.08
C ARG P 715 23.97 -40.46 3.97
N VAL P 716 24.89 -41.41 3.94
CA VAL P 716 25.88 -41.50 2.85
C VAL P 716 25.19 -41.81 1.52
N GLY P 717 24.17 -42.68 1.54
CA GLY P 717 23.38 -43.02 0.37
C GLY P 717 22.56 -41.83 -0.16
N THR P 718 22.01 -41.00 0.74
CA THR P 718 21.30 -39.77 0.34
C THR P 718 22.26 -38.72 -0.20
N PHE P 719 23.42 -38.55 0.42
CA PHE P 719 24.45 -37.61 -0.01
C PHE P 719 25.00 -37.95 -1.40
N ARG P 720 25.30 -39.22 -1.69
CA ARG P 720 25.75 -39.64 -3.03
C ARG P 720 24.71 -39.34 -4.11
N ARG P 721 23.42 -39.57 -3.85
CA ARG P 721 22.32 -39.20 -4.78
C ARG P 721 22.20 -37.68 -4.94
N GLN P 722 22.44 -36.91 -3.88
CA GLN P 722 22.47 -35.45 -3.95
C GLN P 722 23.61 -34.95 -4.84
N LEU P 723 24.82 -35.51 -4.70
CA LEU P 723 25.97 -35.20 -5.56
C LEU P 723 25.66 -35.49 -7.02
N GLU P 724 25.14 -36.69 -7.32
CA GLU P 724 24.75 -37.06 -8.68
C GLU P 724 23.71 -36.10 -9.26
N LYS P 725 22.70 -35.71 -8.48
CA LYS P 725 21.68 -34.74 -8.89
C LYS P 725 22.30 -33.38 -9.26
N ILE P 726 23.19 -32.85 -8.42
CA ILE P 726 23.85 -31.54 -8.65
C ILE P 726 24.74 -31.60 -9.90
N ILE P 727 25.43 -32.73 -10.12
CA ILE P 727 26.33 -32.93 -11.27
C ILE P 727 25.56 -33.05 -12.59
N LEU P 728 24.37 -33.66 -12.56
CA LEU P 728 23.52 -33.86 -13.74
C LEU P 728 22.69 -32.60 -14.08
N ASP P 729 22.37 -31.77 -13.09
CA ASP P 729 21.60 -30.56 -13.31
C ASP P 729 22.39 -29.52 -14.11
N LYS P 730 21.78 -28.96 -15.15
CA LYS P 730 22.40 -27.90 -15.96
C LYS P 730 22.27 -26.53 -15.33
N HIS P 731 21.22 -26.30 -14.54
CA HIS P 731 20.88 -24.99 -13.98
C HIS P 731 21.63 -24.64 -12.69
N GLU P 732 22.38 -25.58 -12.13
CA GLU P 732 23.23 -25.35 -10.97
C GLU P 732 24.45 -24.47 -11.29
N ASP P 733 24.88 -23.71 -10.29
CA ASP P 733 26.04 -22.81 -10.38
C ASP P 733 27.35 -23.57 -10.57
N THR P 734 28.31 -22.98 -11.30
CA THR P 734 29.59 -23.62 -11.63
C THR P 734 30.39 -23.99 -10.37
N MET P 735 30.37 -23.15 -9.33
CA MET P 735 31.09 -23.41 -8.07
C MET P 735 30.48 -24.59 -7.29
N SER P 736 29.14 -24.67 -7.24
CA SER P 736 28.46 -25.81 -6.62
C SER P 736 28.73 -27.11 -7.37
N LYS P 737 28.74 -27.09 -8.71
CA LYS P 737 29.15 -28.26 -9.53
C LYS P 737 30.59 -28.66 -9.28
N MET P 738 31.52 -27.70 -9.23
CA MET P 738 32.92 -27.98 -8.90
C MET P 738 33.04 -28.65 -7.53
N GLY P 739 32.31 -28.14 -6.52
CA GLY P 739 32.25 -28.76 -5.18
C GLY P 739 31.72 -30.19 -5.21
N ALA P 740 30.66 -30.44 -5.97
CA ALA P 740 30.09 -31.80 -6.10
C ALA P 740 31.02 -32.80 -6.81
N ILE P 741 31.74 -32.34 -7.85
CA ILE P 741 32.72 -33.15 -8.57
C ILE P 741 33.91 -33.50 -7.65
N LEU P 742 34.46 -32.51 -6.95
CA LEU P 742 35.55 -32.74 -5.99
C LEU P 742 35.12 -33.63 -4.83
N ALA P 743 33.91 -33.42 -4.28
CA ALA P 743 33.33 -34.25 -3.23
C ALA P 743 33.21 -35.71 -3.68
N SER P 744 32.75 -35.96 -4.91
CA SER P 744 32.69 -37.31 -5.48
C SER P 744 34.08 -37.93 -5.60
N GLY P 745 35.08 -37.14 -6.01
CA GLY P 745 36.47 -37.58 -6.06
C GLY P 745 37.03 -37.97 -4.69
N ILE P 746 36.79 -37.14 -3.66
CA ILE P 746 37.26 -37.37 -2.28
C ILE P 746 36.59 -38.61 -1.66
N LEU P 747 35.28 -38.81 -1.89
CA LEU P 747 34.57 -39.99 -1.37
C LEU P 747 35.11 -41.31 -1.92
N ASP P 748 35.58 -41.31 -3.17
CA ASP P 748 36.12 -42.48 -3.86
C ASP P 748 37.66 -42.42 -4.00
N ALA P 749 38.33 -41.62 -3.16
CA ALA P 749 39.77 -41.41 -3.18
C ALA P 749 40.56 -42.73 -3.05
N GLY P 750 41.68 -42.82 -3.78
CA GLY P 750 42.63 -43.96 -3.73
C GLY P 750 41.98 -45.33 -3.91
N GLY P 751 40.99 -45.45 -4.81
CA GLY P 751 40.26 -46.70 -5.02
C GLY P 751 39.42 -47.14 -3.81
N ARG P 752 39.02 -46.19 -2.96
CA ARG P 752 38.32 -46.38 -1.66
C ARG P 752 39.19 -46.99 -0.55
N ASN P 753 40.51 -46.88 -0.68
CA ASN P 753 41.48 -47.46 0.25
C ASN P 753 42.25 -46.42 1.09
N VAL P 754 41.98 -45.14 0.87
CA VAL P 754 42.60 -44.05 1.64
C VAL P 754 41.57 -43.30 2.47
N THR P 755 42.00 -42.77 3.61
CA THR P 755 41.23 -41.87 4.45
C THR P 755 42.06 -40.61 4.72
N ILE P 756 41.41 -39.50 5.05
CA ILE P 756 42.10 -38.29 5.47
C ILE P 756 42.36 -38.43 6.97
N ARG P 757 43.63 -38.41 7.37
CA ARG P 757 44.02 -38.60 8.78
C ARG P 757 45.10 -37.60 9.17
N LEU P 758 44.75 -36.67 10.06
CA LEU P 758 45.65 -35.64 10.61
C LEU P 758 46.58 -36.19 11.70
N LEU P 759 46.09 -37.16 12.48
CA LEU P 759 46.83 -37.80 13.57
C LEU P 759 47.32 -39.19 13.17
N SER P 760 48.57 -39.53 13.45
CA SER P 760 49.07 -40.90 13.40
C SER P 760 48.36 -41.80 14.43
N LYS P 761 48.54 -43.12 14.34
CA LYS P 761 48.00 -44.07 15.33
C LYS P 761 48.60 -43.87 16.73
N SER P 762 49.85 -43.41 16.75
CA SER P 762 50.62 -43.00 17.92
C SER P 762 50.23 -41.61 18.45
N LYS P 763 49.17 -40.98 17.91
CA LYS P 763 48.74 -39.60 18.21
C LYS P 763 49.78 -38.51 17.89
N HIS P 764 50.79 -38.81 17.07
CA HIS P 764 51.65 -37.78 16.48
C HIS P 764 50.92 -37.03 15.35
N ASP P 765 51.19 -35.75 15.20
CA ASP P 765 50.67 -34.98 14.08
C ASP P 765 51.38 -35.40 12.79
N LYS P 766 50.62 -35.76 11.75
CA LYS P 766 51.18 -35.98 10.41
C LYS P 766 51.42 -34.62 9.76
N ILE P 767 52.67 -34.19 9.76
CA ILE P 767 53.08 -32.88 9.21
C ILE P 767 52.56 -32.73 7.77
N THR P 768 52.72 -33.76 6.94
CA THR P 768 52.33 -33.72 5.53
C THR P 768 50.82 -33.54 5.35
N ALA P 769 50.00 -34.13 6.24
CA ALA P 769 48.56 -34.05 6.17
C ALA P 769 48.06 -32.67 6.62
N VAL P 770 48.60 -32.12 7.70
CA VAL P 770 48.25 -30.79 8.20
C VAL P 770 48.65 -29.72 7.17
N VAL P 771 49.90 -29.79 6.68
CA VAL P 771 50.42 -28.89 5.66
C VAL P 771 49.65 -29.04 4.35
N GLY P 772 49.39 -30.27 3.92
CA GLY P 772 48.62 -30.57 2.71
C GLY P 772 47.21 -29.98 2.75
N LEU P 773 46.51 -30.08 3.88
CA LEU P 773 45.19 -29.50 4.06
C LEU P 773 45.22 -27.96 4.17
N ALA P 774 46.26 -27.37 4.78
CA ALA P 774 46.43 -25.93 4.87
C ALA P 774 46.74 -25.27 3.52
N VAL P 775 47.47 -25.94 2.65
CA VAL P 775 47.71 -25.48 1.27
C VAL P 775 46.47 -25.76 0.41
N PHE P 776 45.81 -26.91 0.58
CA PHE P 776 44.58 -27.26 -0.12
C PHE P 776 43.47 -26.22 0.12
N SER P 777 43.29 -25.71 1.34
CA SER P 777 42.24 -24.72 1.65
C SER P 777 42.36 -23.40 0.87
N GLN P 778 43.49 -23.15 0.20
CA GLN P 778 43.74 -21.96 -0.61
C GLN P 778 43.35 -22.11 -2.09
N PHE P 779 42.63 -23.18 -2.45
CA PHE P 779 42.24 -23.45 -3.84
C PHE P 779 41.41 -22.35 -4.52
N TRP P 780 40.85 -21.41 -3.76
CA TRP P 780 40.13 -20.25 -4.30
C TRP P 780 41.03 -19.33 -5.12
N TYR P 781 42.27 -19.14 -4.66
CA TYR P 781 43.24 -18.26 -5.31
C TYR P 781 44.00 -19.00 -6.41
N TRP P 782 44.33 -20.27 -6.15
CA TRP P 782 45.12 -21.08 -7.08
C TRP P 782 44.66 -22.54 -7.13
N TYR P 783 43.99 -22.92 -8.21
CA TYR P 783 43.42 -24.28 -8.37
C TYR P 783 44.43 -25.43 -8.33
N PRO P 784 45.67 -25.33 -8.88
CA PRO P 784 46.64 -26.42 -8.82
C PRO P 784 47.06 -26.84 -7.39
N LEU P 785 46.77 -26.02 -6.38
CA LEU P 785 46.96 -26.37 -4.97
C LEU P 785 46.01 -27.48 -4.49
N ILE P 786 44.95 -27.81 -5.24
CA ILE P 786 44.03 -28.90 -4.93
C ILE P 786 44.78 -30.24 -4.79
N TYR P 787 45.85 -30.47 -5.54
CA TYR P 787 46.63 -31.71 -5.48
C TYR P 787 47.33 -31.95 -4.14
N PHE P 788 47.52 -30.91 -3.30
CA PHE P 788 48.07 -31.07 -1.95
C PHE P 788 47.18 -31.90 -1.02
N ILE P 789 45.89 -32.07 -1.35
CA ILE P 789 45.02 -33.02 -0.63
C ILE P 789 45.57 -34.45 -0.67
N SER P 790 46.34 -34.79 -1.71
CA SER P 790 46.96 -36.11 -1.82
C SER P 790 47.85 -36.40 -0.62
N LEU P 791 48.59 -35.41 -0.10
CA LEU P 791 49.45 -35.56 1.07
C LEU P 791 48.68 -35.97 2.32
N ALA P 792 47.41 -35.57 2.44
CA ALA P 792 46.56 -35.91 3.59
C ALA P 792 45.97 -37.33 3.52
N PHE P 793 46.09 -38.02 2.38
CA PHE P 793 45.62 -39.39 2.23
C PHE P 793 46.55 -40.38 2.92
N SER P 794 46.03 -41.03 3.96
CA SER P 794 46.66 -42.15 4.63
C SER P 794 45.99 -43.45 4.17
N PRO P 795 46.74 -44.45 3.68
CA PRO P 795 46.18 -45.75 3.32
C PRO P 795 45.66 -46.46 4.57
N THR P 796 44.49 -47.09 4.46
CA THR P 796 43.87 -47.89 5.52
C THR P 796 44.09 -49.37 5.23
N ALA P 797 45.34 -49.81 5.38
CA ALA P 797 45.78 -51.16 5.09
C ALA P 797 46.31 -51.85 6.34
N PHE P 798 46.04 -53.14 6.44
CA PHE P 798 46.83 -54.06 7.26
C PHE P 798 47.75 -54.84 6.33
N VAL P 799 49.06 -54.69 6.54
CA VAL P 799 50.10 -55.37 5.77
C VAL P 799 51.02 -56.10 6.75
N GLY P 800 50.82 -57.41 6.86
CA GLY P 800 51.71 -58.28 7.60
C GLY P 800 52.96 -58.61 6.79
N LEU P 801 54.14 -58.49 7.40
CA LEU P 801 55.43 -58.74 6.76
C LEU P 801 56.22 -59.83 7.51
N ASN P 802 56.97 -60.65 6.76
CA ASN P 802 57.92 -61.62 7.32
C ASN P 802 59.32 -60.99 7.57
N TYR P 803 60.30 -61.78 8.03
CA TYR P 803 61.67 -61.34 8.27
C TYR P 803 62.37 -60.76 7.02
N ASP P 804 61.97 -61.22 5.83
CA ASP P 804 62.50 -60.77 4.54
C ASP P 804 61.73 -59.59 3.94
N LEU P 805 60.84 -58.96 4.71
CA LEU P 805 60.00 -57.82 4.28
C LEU P 805 59.08 -58.16 3.09
N LYS P 806 58.73 -59.43 2.93
CA LYS P 806 57.74 -59.89 1.97
C LYS P 806 56.40 -60.10 2.67
N VAL P 807 55.32 -60.04 1.89
CA VAL P 807 53.93 -60.15 2.39
C VAL P 807 53.45 -61.61 2.28
N PRO P 808 53.40 -62.38 3.39
CA PRO P 808 52.82 -63.72 3.38
C PRO P 808 51.30 -63.68 3.28
N LYS P 809 50.71 -64.65 2.57
CA LYS P 809 49.27 -64.90 2.62
C LYS P 809 48.92 -65.59 3.94
N PHE P 810 48.14 -64.93 4.77
CA PHE P 810 47.53 -65.54 5.96
C PHE P 810 46.19 -64.86 6.27
N ASP P 811 45.35 -65.57 7.00
CA ASP P 811 44.00 -65.13 7.35
C ASP P 811 43.91 -64.68 8.82
N PHE P 812 43.11 -63.65 9.07
CA PHE P 812 42.75 -63.16 10.40
C PHE P 812 41.25 -62.88 10.49
N LEU P 813 40.71 -62.80 11.72
CA LEU P 813 39.27 -62.64 11.93
C LEU P 813 38.89 -61.20 12.29
N SER P 814 37.79 -60.73 11.72
CA SER P 814 37.08 -59.52 12.11
C SER P 814 35.76 -59.91 12.77
N HIS P 815 35.59 -59.60 14.06
CA HIS P 815 34.35 -59.83 14.82
C HIS P 815 33.32 -58.73 14.55
N ALA P 816 32.96 -58.53 13.28
CA ALA P 816 31.94 -57.59 12.88
C ALA P 816 31.17 -58.12 11.65
N LYS P 817 29.99 -57.54 11.41
CA LYS P 817 29.20 -57.84 10.22
C LYS P 817 29.93 -57.34 8.96
N PRO P 818 30.11 -58.16 7.91
CA PRO P 818 30.79 -57.75 6.69
C PRO P 818 30.19 -56.49 6.06
N SER P 819 28.86 -56.35 6.10
CA SER P 819 28.15 -55.21 5.50
C SER P 819 28.55 -53.84 6.04
N LEU P 820 29.09 -53.78 7.27
CA LEU P 820 29.57 -52.53 7.85
C LEU P 820 30.85 -52.03 7.15
N PHE P 821 31.76 -52.95 6.79
CA PHE P 821 33.08 -52.61 6.18
C PHE P 821 33.16 -53.20 4.76
N GLU P 822 32.10 -53.06 3.95
CA GLU P 822 32.06 -53.55 2.55
C GLU P 822 32.35 -52.34 1.63
N TYR P 823 32.56 -52.53 0.32
CA TYR P 823 32.72 -51.41 -0.66
C TYR P 823 31.33 -51.11 -1.24
N PRO P 824 30.91 -49.85 -1.50
CA PRO P 824 29.61 -49.58 -2.13
C PRO P 824 29.39 -50.42 -3.41
N LYS P 825 28.15 -50.80 -3.73
CA LYS P 825 27.86 -51.67 -4.91
C LYS P 825 28.05 -50.84 -6.20
N PRO P 826 28.42 -51.44 -7.36
CA PRO P 826 28.65 -50.69 -8.60
C PRO P 826 27.32 -50.21 -9.21
N THR P 827 27.38 -49.42 -10.30
CA THR P 827 26.16 -48.88 -10.98
C THR P 827 25.32 -50.05 -11.47
N THR P 828 23.98 -49.95 -11.42
CA THR P 828 23.03 -51.01 -11.90
C THR P 828 21.94 -50.35 -12.76
N ALA P 901 20.32 -60.14 13.76
CA ALA P 901 21.78 -60.40 13.93
C ALA P 901 22.32 -61.06 12.66
N GLU P 902 23.66 -61.08 12.46
CA GLU P 902 24.31 -61.65 11.25
C GLU P 902 25.64 -62.30 11.66
N PRO P 903 26.31 -63.13 10.81
CA PRO P 903 27.64 -63.68 11.16
C PRO P 903 28.68 -62.57 11.44
N CYS P 904 29.39 -62.64 12.57
CA CYS P 904 30.43 -61.64 12.97
C CYS P 904 31.77 -62.38 13.11
N PHE P 905 32.34 -62.89 12.01
CA PHE P 905 33.66 -63.57 11.99
C PHE P 905 34.24 -63.46 10.59
N GLU P 906 34.05 -62.32 9.92
CA GLU P 906 34.52 -62.10 8.52
C GLU P 906 36.01 -62.46 8.43
N THR P 907 36.34 -63.64 7.90
CA THR P 907 37.76 -64.09 7.86
C THR P 907 38.42 -63.66 6.56
N ILE P 908 38.82 -62.37 6.48
CA ILE P 908 39.53 -61.87 5.27
C ILE P 908 41.03 -62.09 5.44
N THR P 909 41.80 -61.99 4.35
CA THR P 909 43.28 -62.12 4.44
C THR P 909 43.82 -61.02 5.35
N ASN P 910 44.86 -61.32 6.13
CA ASN P 910 45.47 -60.32 7.05
C ASN P 910 45.98 -59.12 6.24
N PRO P 911 46.57 -59.34 5.03
CA PRO P 911 46.81 -58.21 4.11
C PRO P 911 45.51 -57.73 3.43
N ALA P 912 44.85 -56.71 4.02
CA ALA P 912 43.58 -56.20 3.44
C ALA P 912 43.20 -54.83 4.02
N ARG P 913 42.20 -54.17 3.40
CA ARG P 913 41.69 -52.89 3.86
C ARG P 913 41.13 -53.04 5.27
N VAL P 914 41.63 -52.24 6.20
CA VAL P 914 41.16 -52.17 7.59
C VAL P 914 40.87 -50.71 7.93
N VAL P 915 39.60 -50.37 8.11
CA VAL P 915 39.16 -49.01 8.47
C VAL P 915 39.43 -48.76 9.97
N PRO P 916 39.74 -47.53 10.43
CA PRO P 916 40.01 -47.25 11.86
C PRO P 916 38.91 -47.74 12.83
N ALA P 917 37.63 -47.68 12.42
CA ALA P 917 36.52 -48.20 13.23
C ALA P 917 36.52 -49.74 13.36
N GLN P 918 37.13 -50.44 12.38
CA GLN P 918 37.24 -51.90 12.33
C GLN P 918 38.38 -52.43 13.21
N GLU P 919 39.40 -51.61 13.51
CA GLU P 919 40.59 -52.00 14.28
C GLU P 919 40.25 -52.69 15.62
N LYS P 920 39.19 -52.25 16.31
CA LYS P 920 38.75 -52.79 17.59
C LYS P 920 38.21 -54.23 17.51
N PHE P 921 37.81 -54.67 16.32
CA PHE P 921 37.15 -55.97 16.10
C PHE P 921 38.10 -57.03 15.53
N ILE P 922 39.35 -56.66 15.21
CA ILE P 922 40.33 -57.57 14.62
C ILE P 922 40.96 -58.43 15.70
N LYS P 923 40.97 -59.74 15.48
CA LYS P 923 41.71 -60.72 16.29
C LYS P 923 42.50 -61.67 15.40
N PHE P 924 43.74 -61.91 15.80
CA PHE P 924 44.58 -62.94 15.20
C PHE P 924 44.13 -64.32 15.68
N LEU P 925 44.12 -65.29 14.78
CA LEU P 925 43.77 -66.68 15.08
C LEU P 925 44.86 -67.34 15.93
N GLU P 926 44.51 -67.82 17.13
CA GLU P 926 45.42 -68.60 17.98
C GLU P 926 45.75 -69.94 17.30
N GLY P 927 47.02 -70.14 16.93
CA GLY P 927 47.50 -71.32 16.19
C GLY P 927 47.83 -71.08 14.71
N SER P 928 47.69 -69.86 14.20
CA SER P 928 48.20 -69.49 12.87
C SER P 928 49.73 -69.57 12.80
N ARG P 929 50.27 -69.83 11.61
CA ARG P 929 51.72 -69.87 11.35
C ARG P 929 52.40 -68.55 11.72
N TYR P 930 51.70 -67.45 11.52
CA TYR P 930 52.21 -66.10 11.75
C TYR P 930 51.58 -65.48 13.00
N MET P 931 52.43 -65.06 13.93
CA MET P 931 52.02 -64.35 15.14
C MET P 931 52.67 -62.97 15.17
N PRO P 932 51.92 -61.87 15.37
CA PRO P 932 52.51 -60.54 15.36
C PRO P 932 53.44 -60.34 16.56
N VAL P 933 54.60 -59.71 16.35
CA VAL P 933 55.54 -59.38 17.44
C VAL P 933 54.92 -58.38 18.40
N LYS P 934 54.11 -57.46 17.86
CA LYS P 934 53.31 -56.51 18.62
C LYS P 934 51.85 -56.60 18.20
N LEU P 935 50.95 -56.62 19.17
CA LEU P 935 49.51 -56.52 18.93
C LEU P 935 49.17 -55.13 18.35
N ALA P 936 49.23 -55.01 17.03
CA ALA P 936 48.78 -53.86 16.27
C ALA P 936 47.70 -54.33 15.29
N ALA P 937 46.56 -53.64 15.29
CA ALA P 937 45.39 -54.01 14.50
C ALA P 937 45.43 -53.48 13.05
N SER P 938 46.34 -52.56 12.73
CA SER P 938 46.43 -51.91 11.41
C SER P 938 47.83 -51.36 11.12
N GLY P 939 48.16 -51.18 9.84
CA GLY P 939 49.48 -50.74 9.37
C GLY P 939 50.43 -51.88 9.02
N PHE P 940 51.72 -51.56 9.02
CA PHE P 940 52.79 -52.54 8.84
C PHE P 940 53.04 -53.27 10.14
N VAL P 941 52.79 -54.58 10.15
CA VAL P 941 53.00 -55.42 11.33
C VAL P 941 53.96 -56.54 10.98
N LEU P 942 55.06 -56.63 11.72
CA LEU P 942 55.96 -57.75 11.56
C LEU P 942 55.43 -59.00 12.25
N LEU P 943 55.47 -60.08 11.50
CA LEU P 943 55.01 -61.38 11.91
C LEU P 943 56.20 -62.27 12.23
N LYS P 944 56.11 -62.93 13.38
CA LYS P 944 56.95 -64.06 13.75
C LYS P 944 56.40 -65.30 13.06
N ASP P 945 57.22 -65.95 12.24
CA ASP P 945 56.91 -67.27 11.70
C ASP P 945 57.21 -68.34 12.76
N LEU P 946 56.19 -69.10 13.15
CA LEU P 946 56.30 -70.22 14.10
C LEU P 946 56.67 -71.54 13.39
N ARG P 947 56.58 -71.61 12.05
CA ARG P 947 56.87 -72.81 11.25
C ARG P 947 57.72 -72.47 10.03
N SER Q 7 -41.84 -6.35 41.47
CA SER Q 7 -40.95 -5.45 40.73
C SER Q 7 -39.90 -4.81 41.62
N GLN Q 8 -38.87 -4.23 41.01
CA GLN Q 8 -37.79 -3.62 41.76
C GLN Q 8 -37.97 -2.13 41.95
N ASN Q 9 -39.13 -1.58 41.59
CA ASN Q 9 -39.31 -0.14 41.74
C ASN Q 9 -39.57 0.32 43.18
N GLU Q 10 -40.33 -0.43 44.05
CA GLU Q 10 -40.35 -0.04 45.46
C GLU Q 10 -39.24 -0.68 46.29
N HIS Q 11 -38.36 -1.44 45.63
CA HIS Q 11 -37.28 -2.14 46.36
C HIS Q 11 -36.72 -1.12 47.32
N LEU Q 12 -36.84 0.16 46.93
CA LEU Q 12 -36.40 1.27 47.80
C LEU Q 12 -37.02 1.09 49.18
N LYS Q 13 -38.36 1.09 49.30
CA LYS Q 13 -38.99 0.84 50.63
C LYS Q 13 -38.23 -0.28 51.33
N LEU Q 14 -38.28 -1.50 50.80
CA LEU Q 14 -37.63 -2.67 51.46
C LEU Q 14 -36.26 -2.27 51.99
N ALA Q 15 -35.32 -2.02 51.07
CA ALA Q 15 -33.92 -1.72 51.47
C ALA Q 15 -33.88 -0.63 52.54
N ASN Q 16 -34.36 0.59 52.26
CA ASN Q 16 -34.22 1.71 53.22
C ASN Q 16 -34.78 1.32 54.58
N LYS Q 17 -36.00 0.80 54.63
CA LYS Q 17 -36.63 0.52 55.94
C LYS Q 17 -35.79 -0.50 56.71
N ILE Q 18 -35.46 -1.62 56.06
CA ILE Q 18 -34.74 -2.69 56.80
C ILE Q 18 -33.36 -2.15 57.25
N PHE Q 19 -32.72 -1.34 56.40
CA PHE Q 19 -31.36 -0.83 56.68
C PHE Q 19 -31.41 0.16 57.85
N HIS Q 20 -32.46 0.98 57.95
CA HIS Q 20 -32.63 1.89 59.09
C HIS Q 20 -32.74 1.00 60.32
N LEU Q 21 -33.64 0.02 60.23
CA LEU Q 21 -33.87 -0.87 61.41
C LEU Q 21 -32.55 -1.51 61.83
N THR Q 22 -31.63 -1.75 60.90
CA THR Q 22 -30.40 -2.53 61.24
C THR Q 22 -29.19 -1.65 61.61
N HIS Q 23 -29.14 -0.37 61.19
CA HIS Q 23 -27.89 0.41 61.42
C HIS Q 23 -27.88 1.09 62.79
N PRO Q 24 -27.48 2.38 62.89
CA PRO Q 24 -27.65 3.13 64.16
C PRO Q 24 -28.10 2.32 65.39
N ASP Q 25 -27.28 1.36 65.84
CA ASP Q 25 -27.59 0.54 67.05
C ASP Q 25 -29.06 0.12 67.06
N VAL Q 26 -29.59 -0.35 65.92
CA VAL Q 26 -31.01 -0.81 65.82
C VAL Q 26 -32.02 0.31 66.08
N GLU Q 27 -31.74 1.55 65.63
CA GLU Q 27 -32.70 2.69 65.76
C GLU Q 27 -33.41 2.70 67.11
N ASP Q 28 -32.70 3.02 68.19
CA ASP Q 28 -33.30 3.07 69.55
C ASP Q 28 -33.98 1.73 69.88
N ILE Q 29 -35.23 1.75 70.31
CA ILE Q 29 -35.95 0.51 70.71
C ILE Q 29 -36.58 -0.13 69.47
N GLU Q 30 -35.89 -1.08 68.84
CA GLU Q 30 -36.39 -1.72 67.59
C GLU Q 30 -37.77 -2.31 67.83
N LYS Q 31 -38.79 -1.81 67.13
CA LYS Q 31 -40.15 -2.29 67.31
C LYS Q 31 -41.09 -1.88 66.19
N VAL Q 32 -41.16 -0.59 65.84
CA VAL Q 32 -42.02 -0.19 64.73
C VAL Q 32 -41.40 -0.54 63.38
N SER Q 33 -40.10 -0.74 63.34
CA SER Q 33 -39.43 -1.11 62.11
C SER Q 33 -39.64 -2.59 61.78
N LEU Q 34 -39.80 -3.43 62.81
CA LEU Q 34 -40.09 -4.84 62.57
C LEU Q 34 -41.58 -5.06 62.39
N LYS Q 35 -42.39 -4.04 62.62
CA LYS Q 35 -43.81 -4.15 62.34
C LYS Q 35 -44.14 -3.76 60.91
N GLU Q 36 -43.63 -2.61 60.45
CA GLU Q 36 -44.00 -2.13 59.13
C GLU Q 36 -43.25 -2.85 58.01
N GLU Q 37 -42.06 -3.38 58.29
CA GLU Q 37 -41.39 -4.21 57.30
C GLU Q 37 -42.08 -5.55 57.17
N VAL Q 38 -42.50 -6.15 58.29
CA VAL Q 38 -43.29 -7.36 58.26
C VAL Q 38 -44.65 -7.09 57.62
N LEU Q 39 -45.17 -5.88 57.77
CA LEU Q 39 -46.34 -5.42 57.02
C LEU Q 39 -46.10 -5.49 55.51
N SER Q 40 -44.84 -5.36 55.08
CA SER Q 40 -44.48 -5.54 53.68
C SER Q 40 -43.82 -6.89 53.40
N ALA Q 41 -43.44 -7.65 54.42
CA ALA Q 41 -42.70 -8.87 54.17
C ALA Q 41 -43.61 -10.07 53.91
N ILE Q 42 -44.65 -10.24 54.73
CA ILE Q 42 -45.50 -11.42 54.59
C ILE Q 42 -46.67 -11.13 53.66
N LYS Q 43 -46.57 -10.05 52.91
CA LYS Q 43 -47.32 -9.87 51.68
C LYS Q 43 -46.36 -9.55 50.55
N SER Q 44 -46.93 -9.51 49.35
CA SER Q 44 -46.22 -9.30 48.08
C SER Q 44 -45.18 -10.39 47.85
N ASP Q 45 -45.47 -11.59 48.37
CA ASP Q 45 -44.83 -12.87 48.03
C ASP Q 45 -43.33 -12.89 48.37
N PHE Q 46 -42.87 -12.08 49.31
CA PHE Q 46 -41.47 -12.13 49.69
C PHE Q 46 -41.20 -13.38 50.50
N MET Q 47 -40.19 -14.15 50.09
CA MET Q 47 -39.81 -15.38 50.75
C MET Q 47 -38.37 -15.38 51.24
N VAL Q 48 -37.45 -15.11 50.36
CA VAL Q 48 -36.02 -15.26 50.59
C VAL Q 48 -35.32 -14.21 51.46
N SER Q 49 -35.48 -12.89 51.30
CA SER Q 49 -34.52 -11.95 51.91
C SER Q 49 -34.68 -11.71 53.40
N LEU Q 50 -35.44 -12.53 54.15
CA LEU Q 50 -35.69 -12.15 55.54
C LEU Q 50 -35.60 -13.30 56.53
N TYR Q 51 -34.92 -14.40 56.20
CA TYR Q 51 -34.78 -15.50 57.16
C TYR Q 51 -33.89 -15.09 58.33
N GLU Q 52 -32.72 -14.52 58.02
CA GLU Q 52 -31.88 -13.99 59.07
C GLU Q 52 -32.44 -12.71 59.65
N THR Q 53 -33.24 -11.96 58.88
CA THR Q 53 -33.95 -10.82 59.44
C THR Q 53 -35.02 -11.26 60.42
N LEU Q 54 -35.57 -12.46 60.25
CA LEU Q 54 -36.38 -13.06 61.29
C LEU Q 54 -35.51 -13.48 62.48
N ALA Q 55 -34.29 -13.96 62.21
CA ALA Q 55 -33.35 -14.28 63.29
C ALA Q 55 -32.84 -13.02 63.97
N GLY Q 56 -32.71 -11.91 63.25
CA GLY Q 56 -32.46 -10.63 63.90
C GLY Q 56 -33.70 -10.09 64.59
N ASN Q 57 -34.88 -10.54 64.17
CA ASN Q 57 -36.11 -10.22 64.87
C ASN Q 57 -36.29 -11.13 66.07
N GLY Q 58 -37.51 -11.16 66.60
CA GLY Q 58 -37.88 -12.06 67.68
C GLY Q 58 -38.15 -13.46 67.15
N VAL Q 59 -38.80 -14.30 67.96
CA VAL Q 59 -39.11 -15.66 67.54
C VAL Q 59 -40.07 -15.66 66.36
N LEU Q 60 -41.27 -15.10 66.56
CA LEU Q 60 -42.40 -15.18 65.63
C LEU Q 60 -42.68 -16.64 65.26
N GLU Q 61 -43.11 -17.38 66.29
CA GLU Q 61 -42.98 -18.84 66.30
C GLU Q 61 -43.77 -19.52 65.19
N LEU Q 62 -45.00 -19.06 64.96
CA LEU Q 62 -45.81 -19.58 63.85
C LEU Q 62 -45.67 -18.58 62.69
N ASP Q 63 -44.66 -18.83 61.87
CA ASP Q 63 -44.56 -18.24 60.54
C ASP Q 63 -44.65 -19.32 59.47
N GLN Q 64 -44.87 -20.57 59.87
CA GLN Q 64 -44.84 -21.67 58.92
C GLN Q 64 -46.04 -21.60 57.99
N ALA Q 65 -47.23 -21.41 58.55
CA ALA Q 65 -48.42 -21.15 57.74
C ALA Q 65 -48.33 -19.81 57.02
N LEU Q 66 -47.60 -18.85 57.59
CA LEU Q 66 -47.31 -17.63 56.88
C LEU Q 66 -46.38 -17.85 55.71
N LEU Q 67 -45.46 -18.82 55.81
CA LEU Q 67 -44.63 -19.17 54.67
C LEU Q 67 -45.38 -20.02 53.66
N ASP Q 68 -46.21 -20.96 54.13
CA ASP Q 68 -46.81 -21.95 53.25
C ASP Q 68 -47.86 -21.35 52.33
N SER Q 69 -48.54 -20.30 52.78
CA SER Q 69 -49.48 -19.60 51.91
C SER Q 69 -48.76 -18.78 50.85
N MET Q 70 -47.47 -18.48 51.04
CA MET Q 70 -46.72 -17.64 50.12
C MET Q 70 -45.78 -18.43 49.23
N ARG Q 71 -45.14 -19.48 49.74
CA ARG Q 71 -44.39 -20.37 48.87
C ARG Q 71 -45.30 -21.16 47.93
N GLN Q 72 -46.58 -21.32 48.29
CA GLN Q 72 -47.56 -21.81 47.35
C GLN Q 72 -47.89 -20.73 46.32
N SER Q 73 -48.09 -19.50 46.79
CA SER Q 73 -48.29 -18.36 45.90
C SER Q 73 -47.05 -18.05 45.08
N ILE Q 74 -45.87 -18.40 45.60
CA ILE Q 74 -44.66 -18.40 44.78
C ILE Q 74 -44.78 -19.41 43.66
N GLU Q 75 -45.30 -20.60 43.97
CA GLU Q 75 -45.36 -21.67 42.99
C GLU Q 75 -46.46 -21.42 41.96
N ASP Q 76 -47.54 -20.73 42.34
CA ASP Q 76 -48.64 -20.50 41.43
C ASP Q 76 -48.26 -19.57 40.30
N GLU Q 77 -47.47 -18.54 40.60
CA GLU Q 77 -46.85 -17.75 39.56
C GLU Q 77 -45.73 -18.51 38.87
N LEU Q 78 -45.10 -19.45 39.56
CA LEU Q 78 -44.05 -20.24 38.93
C LEU Q 78 -44.64 -21.24 37.94
N LYS Q 79 -45.74 -21.89 38.32
CA LYS Q 79 -46.31 -22.89 37.43
C LYS Q 79 -47.11 -22.30 36.29
N LYS Q 80 -47.50 -21.03 36.37
CA LYS Q 80 -48.16 -20.44 35.21
C LYS Q 80 -47.14 -19.99 34.17
N LEU Q 81 -45.88 -19.81 34.56
CA LEU Q 81 -44.79 -19.82 33.60
C LEU Q 81 -44.64 -21.21 33.00
N ASP Q 82 -44.80 -22.23 33.83
CA ASP Q 82 -44.74 -23.61 33.39
C ASP Q 82 -45.99 -24.01 32.61
N GLU Q 83 -47.03 -23.17 32.61
CA GLU Q 83 -48.16 -23.33 31.74
C GLU Q 83 -48.13 -22.36 30.56
N LYS Q 84 -47.08 -21.53 30.48
CA LYS Q 84 -46.90 -20.58 29.39
C LYS Q 84 -45.79 -21.01 28.44
N ILE Q 85 -44.77 -21.67 28.97
CA ILE Q 85 -43.58 -21.98 28.18
C ILE Q 85 -43.82 -23.04 27.12
N ALA Q 86 -44.95 -23.76 27.18
CA ALA Q 86 -45.25 -24.72 26.14
C ALA Q 86 -46.26 -24.21 25.13
N ASP Q 87 -47.03 -23.19 25.49
CA ASP Q 87 -47.93 -22.56 24.54
C ASP Q 87 -47.26 -21.44 23.77
N ALA Q 88 -46.20 -20.86 24.33
CA ALA Q 88 -45.45 -19.83 23.66
C ALA Q 88 -44.43 -20.39 22.68
N GLU Q 89 -44.10 -21.67 22.79
CA GLU Q 89 -43.17 -22.31 21.88
C GLU Q 89 -43.86 -23.04 20.73
N GLU Q 90 -45.15 -23.35 20.87
CA GLU Q 90 -45.88 -24.05 19.82
C GLU Q 90 -46.11 -23.13 18.63
N ASN Q 91 -46.43 -21.86 18.89
CA ASN Q 91 -46.59 -20.85 17.87
C ASN Q 91 -45.77 -19.67 18.35
N LEU Q 92 -44.49 -19.66 17.98
CA LEU Q 92 -43.51 -18.77 18.60
C LEU Q 92 -43.64 -17.36 18.07
N GLY Q 93 -43.62 -16.40 19.00
CA GLY Q 93 -43.42 -15.02 18.62
C GLY Q 93 -41.93 -14.72 18.62
N GLU Q 94 -41.52 -13.73 19.40
CA GLU Q 94 -40.09 -13.43 19.56
C GLU Q 94 -39.58 -14.04 20.88
N SER Q 95 -39.61 -15.38 20.90
CA SER Q 95 -39.30 -16.22 22.05
C SER Q 95 -40.15 -15.83 23.25
N GLU Q 96 -41.45 -16.04 23.08
CA GLU Q 96 -42.44 -15.56 24.03
C GLU Q 96 -42.44 -16.31 25.36
N VAL Q 97 -41.75 -17.45 25.46
CA VAL Q 97 -41.40 -18.02 26.76
C VAL Q 97 -40.59 -17.02 27.55
N ARG Q 98 -39.43 -16.67 27.00
CA ARG Q 98 -38.50 -15.71 27.55
C ARG Q 98 -39.14 -14.34 27.64
N GLU Q 99 -39.86 -13.95 26.58
CA GLU Q 99 -40.47 -12.62 26.49
C GLU Q 99 -41.58 -12.45 27.51
N ALA Q 100 -42.24 -13.53 27.93
CA ALA Q 100 -43.11 -13.43 29.07
C ALA Q 100 -42.32 -13.24 30.35
N HIS Q 101 -41.39 -14.16 30.63
CA HIS Q 101 -40.66 -14.07 31.88
C HIS Q 101 -39.47 -13.13 31.83
N LEU Q 102 -39.26 -12.40 30.72
CA LEU Q 102 -38.30 -11.30 30.79
C LEU Q 102 -38.88 -10.14 31.59
N ALA Q 103 -40.20 -10.11 31.74
CA ALA Q 103 -40.87 -9.22 32.68
C ALA Q 103 -41.14 -9.90 34.01
N LYS Q 104 -41.28 -11.22 34.02
CA LYS Q 104 -41.56 -11.96 35.22
C LYS Q 104 -40.32 -12.49 35.90
N SER Q 105 -39.14 -12.30 35.31
CA SER Q 105 -37.93 -12.56 36.08
C SER Q 105 -37.69 -11.49 37.12
N LEU Q 106 -38.11 -10.24 36.86
CA LEU Q 106 -37.94 -9.19 37.85
C LEU Q 106 -38.85 -9.39 39.04
N PHE Q 107 -40.01 -10.02 38.81
CA PHE Q 107 -40.78 -10.53 39.91
C PHE Q 107 -39.99 -11.60 40.65
N TYR Q 108 -39.49 -12.60 39.92
CA TYR Q 108 -38.65 -13.63 40.50
C TYR Q 108 -37.30 -13.08 40.98
N ILE Q 109 -36.90 -11.89 40.53
CA ILE Q 109 -35.80 -11.19 41.16
C ILE Q 109 -36.19 -10.68 42.54
N ARG Q 110 -37.39 -10.12 42.66
CA ARG Q 110 -37.86 -9.70 43.97
C ARG Q 110 -38.20 -10.90 44.84
N ILE Q 111 -38.86 -11.88 44.26
CA ILE Q 111 -39.41 -12.97 45.07
C ILE Q 111 -38.33 -13.97 45.43
N GLY Q 112 -37.68 -14.53 44.42
CA GLY Q 112 -36.48 -15.29 44.64
C GLY Q 112 -35.29 -14.39 44.91
N ASP Q 113 -34.13 -15.01 44.97
CA ASP Q 113 -32.89 -14.27 45.08
C ASP Q 113 -32.35 -13.97 43.68
N LYS Q 114 -31.07 -13.59 43.62
CA LYS Q 114 -30.43 -13.18 42.39
C LYS Q 114 -30.30 -14.29 41.36
N ASP Q 115 -30.38 -15.55 41.77
CA ASP Q 115 -30.06 -16.64 40.86
C ASP Q 115 -31.12 -16.84 39.80
N LYS Q 116 -32.39 -16.78 40.19
CA LYS Q 116 -33.47 -16.76 39.22
C LYS Q 116 -33.49 -15.51 38.37
N ALA Q 117 -32.86 -14.43 38.85
CA ALA Q 117 -32.72 -13.22 38.05
C ALA Q 117 -31.54 -13.33 37.09
N LEU Q 118 -30.38 -13.77 37.59
CA LEU Q 118 -29.15 -13.65 36.82
C LEU Q 118 -29.09 -14.62 35.64
N GLU Q 119 -29.74 -15.77 35.74
CA GLU Q 119 -29.76 -16.69 34.61
C GLU Q 119 -30.86 -16.37 33.63
N GLN Q 120 -31.85 -15.58 34.03
CA GLN Q 120 -32.92 -15.20 33.13
C GLN Q 120 -32.68 -13.84 32.49
N LEU Q 121 -31.93 -12.98 33.16
CA LEU Q 121 -31.56 -11.71 32.54
C LEU Q 121 -30.51 -11.93 31.46
N LYS Q 122 -29.51 -12.75 31.74
CA LYS Q 122 -28.55 -13.11 30.71
C LYS Q 122 -29.15 -14.01 29.66
N VAL Q 123 -30.24 -14.70 29.99
CA VAL Q 123 -31.02 -15.38 28.96
C VAL Q 123 -31.57 -14.35 28.00
N THR Q 124 -32.45 -13.46 28.47
CA THR Q 124 -33.13 -12.51 27.61
C THR Q 124 -32.21 -11.41 27.09
N GLU Q 125 -30.97 -11.33 27.57
CA GLU Q 125 -30.04 -10.37 27.00
C GLU Q 125 -29.64 -10.77 25.58
N THR Q 126 -29.62 -12.07 25.30
CA THR Q 126 -29.37 -12.51 23.94
C THR Q 126 -30.61 -12.53 23.08
N LYS Q 127 -31.78 -12.25 23.67
CA LYS Q 127 -33.01 -12.28 22.90
C LYS Q 127 -33.18 -11.00 22.08
N THR Q 128 -33.22 -9.85 22.74
CA THR Q 128 -33.60 -8.62 22.08
C THR Q 128 -32.46 -8.08 21.25
N VAL Q 129 -32.79 -7.61 20.03
CA VAL Q 129 -31.79 -7.09 19.11
C VAL Q 129 -31.67 -5.58 19.17
N ALA Q 130 -32.55 -4.90 19.88
CA ALA Q 130 -32.40 -3.48 20.15
C ALA Q 130 -32.14 -3.28 21.64
N VAL Q 131 -31.34 -2.27 21.95
CA VAL Q 131 -30.85 -2.07 23.31
C VAL Q 131 -31.92 -1.57 24.26
N GLY Q 132 -33.04 -1.07 23.74
CA GLY Q 132 -34.09 -0.49 24.56
C GLY Q 132 -34.71 -1.47 25.55
N GLN Q 133 -34.64 -2.75 25.27
CA GLN Q 133 -34.91 -3.74 26.29
C GLN Q 133 -33.66 -4.22 26.98
N LYS Q 134 -32.52 -4.21 26.29
CA LYS Q 134 -31.25 -4.62 26.91
C LYS Q 134 -30.87 -3.67 28.03
N MET Q 135 -30.91 -2.37 27.75
CA MET Q 135 -30.41 -1.39 28.69
C MET Q 135 -31.32 -1.24 29.91
N ASP Q 136 -32.58 -1.63 29.78
CA ASP Q 136 -33.41 -1.67 30.97
C ASP Q 136 -33.13 -2.91 31.82
N LEU Q 137 -32.64 -3.98 31.20
CA LEU Q 137 -32.22 -5.14 31.97
C LEU Q 137 -30.97 -4.81 32.79
N VAL Q 138 -30.06 -4.02 32.21
CA VAL Q 138 -28.81 -3.67 32.88
C VAL Q 138 -29.09 -2.80 34.10
N PHE Q 139 -30.08 -1.90 34.01
CA PHE Q 139 -30.50 -1.13 35.18
C PHE Q 139 -31.07 -2.02 36.27
N PHE Q 140 -31.66 -3.15 35.90
CA PHE Q 140 -32.14 -4.09 36.91
C PHE Q 140 -30.97 -4.82 37.55
N THR Q 141 -29.91 -5.08 36.79
CA THR Q 141 -28.71 -5.66 37.36
C THR Q 141 -28.00 -4.69 38.30
N LEU Q 142 -28.12 -3.39 38.04
CA LEU Q 142 -27.49 -2.41 38.92
C LEU Q 142 -28.20 -2.33 40.26
N GLN Q 143 -29.53 -2.38 40.24
CA GLN Q 143 -30.28 -2.11 41.45
C GLN Q 143 -30.21 -3.26 42.44
N VAL Q 144 -30.14 -4.49 41.95
CA VAL Q 144 -29.85 -5.61 42.83
C VAL Q 144 -28.38 -5.58 43.27
N GLY Q 145 -27.49 -5.00 42.48
CA GLY Q 145 -26.10 -4.86 42.86
C GLY Q 145 -25.85 -3.89 43.98
N LEU Q 146 -26.86 -3.10 44.34
CA LEU Q 146 -26.81 -2.22 45.50
C LEU Q 146 -27.36 -2.89 46.75
N PHE Q 147 -28.38 -3.74 46.60
CA PHE Q 147 -28.99 -4.37 47.78
C PHE Q 147 -28.07 -5.41 48.38
N ASP Q 148 -27.54 -6.28 47.54
CA ASP Q 148 -26.51 -7.22 47.93
C ASP Q 148 -25.11 -6.61 47.89
N MET Q 149 -25.03 -5.28 47.76
CA MET Q 149 -23.84 -4.42 47.65
C MET Q 149 -22.74 -5.03 46.79
N ASP Q 150 -23.12 -5.56 45.63
CA ASP Q 150 -22.19 -6.22 44.72
C ASP Q 150 -21.33 -5.16 44.07
N PHE Q 151 -20.31 -4.72 44.82
CA PHE Q 151 -19.42 -3.66 44.39
C PHE Q 151 -18.50 -4.08 43.26
N ASP Q 152 -18.38 -5.38 43.00
CA ASP Q 152 -17.60 -5.87 41.88
C ASP Q 152 -18.47 -6.21 40.67
N LEU Q 153 -19.75 -6.50 40.90
CA LEU Q 153 -20.65 -6.73 39.77
C LEU Q 153 -21.17 -5.44 39.19
N ILE Q 154 -21.11 -4.34 39.95
CA ILE Q 154 -21.50 -3.07 39.35
C ILE Q 154 -20.42 -2.57 38.43
N SER Q 155 -19.16 -2.93 38.68
CA SER Q 155 -18.05 -2.45 37.85
C SER Q 155 -18.12 -3.00 36.44
N ARG Q 156 -18.65 -4.23 36.28
CA ARG Q 156 -18.79 -4.79 34.94
C ARG Q 156 -19.89 -4.10 34.16
N SER Q 157 -21.12 -4.18 34.66
CA SER Q 157 -22.28 -3.80 33.88
C SER Q 157 -22.49 -2.30 33.75
N ILE Q 158 -21.83 -1.48 34.58
CA ILE Q 158 -21.86 -0.04 34.34
C ILE Q 158 -21.15 0.31 33.04
N ASP Q 159 -20.00 -0.28 32.80
CA ASP Q 159 -19.36 -0.15 31.49
C ASP Q 159 -20.23 -0.78 30.41
N LYS Q 160 -20.85 -1.93 30.73
CA LYS Q 160 -21.76 -2.56 29.77
C LYS Q 160 -23.04 -1.78 29.62
N ALA Q 161 -23.43 -0.99 30.63
CA ALA Q 161 -24.46 0.00 30.41
C ALA Q 161 -23.93 1.09 29.48
N LYS Q 162 -22.83 1.74 29.89
CA LYS Q 162 -22.34 2.95 29.25
C LYS Q 162 -21.95 2.72 27.80
N ASN Q 163 -21.55 1.50 27.46
CA ASN Q 163 -21.26 1.16 26.08
C ASN Q 163 -22.50 1.16 25.19
N LEU Q 164 -23.70 1.15 25.76
CA LEU Q 164 -24.90 1.06 24.96
C LEU Q 164 -25.52 2.42 24.63
N PHE Q 165 -25.25 3.45 25.45
CA PHE Q 165 -25.99 4.70 25.29
C PHE Q 165 -25.53 5.49 24.06
N GLU Q 166 -24.25 5.30 23.64
CA GLU Q 166 -23.64 6.16 22.61
C GLU Q 166 -24.37 6.11 21.28
N GLU Q 167 -24.85 4.94 20.88
CA GLU Q 167 -25.77 4.89 19.76
C GLU Q 167 -27.15 5.29 20.26
N GLY Q 168 -27.74 6.30 19.62
CA GLY Q 168 -28.83 7.04 20.21
C GLY Q 168 -28.33 8.08 21.18
N GLY Q 169 -29.24 8.92 21.66
CA GLY Q 169 -28.88 9.86 22.69
C GLY Q 169 -29.19 9.30 24.06
N ASP Q 170 -30.44 8.83 24.21
CA ASP Q 170 -30.90 8.01 25.34
C ASP Q 170 -30.68 8.73 26.66
N TRP Q 171 -31.24 9.93 26.74
CA TRP Q 171 -30.96 10.77 27.89
C TRP Q 171 -31.77 10.34 29.09
N GLU Q 172 -32.94 9.73 28.89
CA GLU Q 172 -33.60 9.08 30.01
C GLU Q 172 -32.89 7.79 30.41
N ARG Q 173 -32.00 7.31 29.56
CA ARG Q 173 -31.13 6.19 29.89
C ARG Q 173 -29.74 6.67 30.24
N LYS Q 174 -29.47 7.96 30.06
CA LYS Q 174 -28.22 8.57 30.49
C LYS Q 174 -28.37 9.37 31.77
N ASN Q 175 -29.38 10.24 31.84
CA ASN Q 175 -29.53 11.05 33.03
C ASN Q 175 -30.04 10.23 34.20
N ARG Q 176 -30.82 9.19 33.94
CA ARG Q 176 -31.10 8.23 35.00
C ARG Q 176 -29.84 7.50 35.43
N LEU Q 177 -28.95 7.22 34.47
CA LEU Q 177 -27.72 6.49 34.76
C LEU Q 177 -26.79 7.30 35.66
N LYS Q 178 -26.76 8.62 35.45
CA LYS Q 178 -25.90 9.49 36.24
C LYS Q 178 -26.30 9.51 37.70
N VAL Q 179 -27.56 9.21 37.99
CA VAL Q 179 -28.00 9.09 39.37
C VAL Q 179 -27.39 7.85 40.00
N TYR Q 180 -27.19 6.79 39.22
CA TYR Q 180 -26.71 5.54 39.82
C TYR Q 180 -25.24 5.61 40.18
N GLU Q 181 -24.42 6.28 39.36
CA GLU Q 181 -23.06 6.52 39.81
C GLU Q 181 -23.03 7.54 40.92
N GLY Q 182 -23.98 8.47 40.93
CA GLY Q 182 -24.03 9.48 41.96
C GLY Q 182 -24.32 8.90 43.34
N LEU Q 183 -25.26 7.96 43.40
CA LEU Q 183 -25.47 7.26 44.66
C LEU Q 183 -24.40 6.23 44.94
N TYR Q 184 -23.65 5.80 43.93
CA TYR Q 184 -22.56 4.90 44.24
C TYR Q 184 -21.31 5.66 44.67
N CYS Q 185 -21.03 6.80 44.04
CA CYS Q 185 -19.87 7.59 44.45
C CYS Q 185 -20.06 8.23 45.81
N MET Q 186 -21.29 8.36 46.29
CA MET Q 186 -21.50 8.82 47.65
C MET Q 186 -21.64 7.63 48.61
N SER Q 187 -22.20 6.53 48.12
CA SER Q 187 -22.43 5.41 49.07
C SER Q 187 -21.08 5.05 49.70
N THR Q 188 -20.04 4.85 48.88
CA THR Q 188 -18.69 4.60 49.42
C THR Q 188 -17.90 5.91 49.36
N ARG Q 189 -16.69 5.95 49.92
CA ARG Q 189 -15.93 7.22 50.03
C ARG Q 189 -15.50 7.75 48.65
N ASP Q 190 -16.34 8.57 48.02
CA ASP Q 190 -15.97 9.22 46.73
C ASP Q 190 -16.84 10.47 46.59
N PHE Q 191 -16.89 11.31 47.62
CA PHE Q 191 -17.78 12.51 47.63
C PHE Q 191 -17.48 13.42 46.44
N LYS Q 192 -16.37 13.19 45.73
CA LYS Q 192 -16.06 13.99 44.51
C LYS Q 192 -17.17 13.82 43.48
N LYS Q 193 -17.49 12.59 43.09
CA LYS Q 193 -18.48 12.41 41.99
C LYS Q 193 -19.88 12.73 42.50
N ALA Q 194 -20.09 12.69 43.81
CA ALA Q 194 -21.38 13.10 44.40
C ALA Q 194 -21.76 14.45 43.79
N ALA Q 195 -20.84 15.42 43.81
CA ALA Q 195 -21.09 16.77 43.26
C ALA Q 195 -21.30 16.68 41.76
N SER Q 196 -20.64 15.74 41.11
CA SER Q 196 -20.93 15.52 39.67
C SER Q 196 -22.45 15.39 39.48
N LEU Q 197 -23.05 14.40 40.09
CA LEU Q 197 -24.49 14.29 39.81
C LEU Q 197 -25.24 15.46 40.44
N PHE Q 198 -24.59 16.53 40.90
CA PHE Q 198 -25.40 17.64 41.45
C PHE Q 198 -26.24 18.28 40.34
N LEU Q 199 -25.57 18.64 39.24
CA LEU Q 199 -26.30 19.19 38.09
C LEU Q 199 -27.19 18.08 37.52
N ASP Q 200 -26.74 16.84 37.70
CA ASP Q 200 -27.52 15.73 37.11
C ASP Q 200 -28.87 15.71 37.81
N SER Q 201 -28.90 15.91 39.12
CA SER Q 201 -30.15 15.91 39.92
C SER Q 201 -30.94 17.16 39.58
N ILE Q 202 -30.23 18.29 39.43
CA ILE Q 202 -30.94 19.52 38.96
C ILE Q 202 -31.80 19.14 37.77
N SER Q 203 -31.27 18.34 36.82
CA SER Q 203 -32.08 18.08 35.60
C SER Q 203 -32.88 16.77 35.61
N THR Q 204 -32.71 15.88 36.60
CA THR Q 204 -33.34 14.51 36.58
C THR Q 204 -34.87 14.46 36.81
N PHE Q 205 -35.34 13.39 37.48
CA PHE Q 205 -36.81 13.36 37.78
C PHE Q 205 -37.08 12.62 39.10
N THR Q 206 -38.36 12.58 39.50
CA THR Q 206 -38.74 11.93 40.78
C THR Q 206 -39.13 10.48 40.54
N THR Q 207 -38.31 9.52 40.97
CA THR Q 207 -38.65 8.07 40.84
C THR Q 207 -39.43 7.63 42.09
N TYR Q 208 -39.79 6.34 42.17
CA TYR Q 208 -40.48 5.81 43.38
C TYR Q 208 -39.56 5.97 44.59
N GLU Q 209 -38.26 5.78 44.39
CA GLU Q 209 -37.27 5.88 45.50
C GLU Q 209 -37.23 7.32 46.03
N LEU Q 210 -37.15 8.30 45.13
CA LEU Q 210 -37.02 9.73 45.57
C LEU Q 210 -38.19 10.54 44.99
N PHE Q 211 -39.41 10.28 45.47
CA PHE Q 211 -40.61 11.04 45.00
C PHE Q 211 -40.47 12.51 45.40
N PRO Q 212 -39.83 12.83 46.55
CA PRO Q 212 -39.74 14.22 46.99
C PRO Q 212 -38.60 14.96 46.28
N TYR Q 213 -38.92 15.84 45.34
CA TYR Q 213 -37.90 16.65 44.63
C TYR Q 213 -37.11 17.49 45.64
N ASP Q 214 -37.81 18.05 46.64
CA ASP Q 214 -37.14 18.88 47.68
C ASP Q 214 -36.08 18.03 48.39
N THR Q 215 -36.40 16.78 48.69
CA THR Q 215 -35.44 15.85 49.34
C THR Q 215 -34.27 15.56 48.39
N PHE Q 216 -34.52 15.20 47.13
CA PHE Q 216 -33.36 15.00 46.22
C PHE Q 216 -32.52 16.27 46.16
N ILE Q 217 -33.16 17.44 46.07
CA ILE Q 217 -32.53 18.79 45.99
C ILE Q 217 -31.60 18.99 47.19
N PHE Q 218 -32.09 18.72 48.41
CA PHE Q 218 -31.29 18.93 49.64
C PHE Q 218 -30.09 17.98 49.65
N TYR Q 219 -30.28 16.74 49.18
CA TYR Q 219 -29.18 15.76 49.12
C TYR Q 219 -28.06 16.31 48.23
N THR Q 220 -28.42 16.90 47.08
CA THR Q 220 -27.36 17.39 46.14
C THR Q 220 -26.61 18.59 46.74
N VAL Q 221 -26.98 19.02 47.95
CA VAL Q 221 -26.40 20.21 48.54
C VAL Q 221 -25.39 19.83 49.62
N LEU Q 222 -25.59 18.69 50.29
CA LEU Q 222 -24.66 18.28 51.35
C LEU Q 222 -23.33 17.86 50.78
N THR Q 223 -23.32 17.33 49.57
CA THR Q 223 -22.07 16.93 48.96
C THR Q 223 -21.43 18.09 48.21
N SER Q 224 -22.20 19.11 47.87
CA SER Q 224 -21.65 20.25 47.14
C SER Q 224 -20.82 21.15 48.03
N ILE Q 225 -21.20 21.28 49.30
CA ILE Q 225 -20.49 22.17 50.21
C ILE Q 225 -19.14 21.63 50.65
N ILE Q 226 -18.79 20.40 50.29
CA ILE Q 226 -17.44 19.90 50.41
C ILE Q 226 -16.70 20.01 49.08
N SER Q 227 -17.35 19.61 47.99
CA SER Q 227 -16.65 19.29 46.76
C SER Q 227 -16.13 20.53 46.06
N LEU Q 228 -16.78 21.68 46.25
CA LEU Q 228 -16.40 22.88 45.52
C LEU Q 228 -16.26 24.07 46.46
N ASP Q 229 -15.41 25.00 46.04
CA ASP Q 229 -15.00 26.15 46.83
C ASP Q 229 -16.04 27.27 46.61
N ARG Q 230 -15.67 28.49 46.93
CA ARG Q 230 -16.77 29.49 46.85
C ARG Q 230 -16.86 30.22 45.49
N VAL Q 231 -15.96 29.97 44.54
CA VAL Q 231 -16.22 30.50 43.17
C VAL Q 231 -17.27 29.51 42.67
N SER Q 232 -17.02 28.25 43.03
CA SER Q 232 -18.03 27.23 42.71
C SER Q 232 -19.15 27.31 43.75
N LEU Q 233 -19.01 28.10 44.84
CA LEU Q 233 -20.16 28.26 45.78
C LEU Q 233 -20.98 29.43 45.26
N LYS Q 234 -20.41 30.23 44.36
CA LYS Q 234 -21.22 31.24 43.64
C LYS Q 234 -21.94 30.38 42.60
N GLN Q 235 -21.26 29.31 42.15
CA GLN Q 235 -22.02 28.38 41.27
C GLN Q 235 -23.10 27.76 42.15
N LYS Q 236 -22.83 27.63 43.46
CA LYS Q 236 -23.79 26.98 44.40
C LYS Q 236 -24.86 27.99 44.80
N VAL Q 237 -24.65 29.29 44.59
CA VAL Q 237 -25.66 30.35 44.84
C VAL Q 237 -26.56 30.36 43.60
N VAL Q 238 -26.00 29.96 42.46
CA VAL Q 238 -26.91 29.74 41.30
C VAL Q 238 -27.72 28.48 41.67
N ASP Q 239 -27.07 27.54 42.38
CA ASP Q 239 -27.81 26.33 42.84
C ASP Q 239 -28.79 26.76 43.93
N ALA Q 240 -28.57 27.91 44.58
CA ALA Q 240 -29.42 28.42 45.68
C ALA Q 240 -30.56 29.22 45.07
N PRO Q 241 -30.44 29.70 43.82
CA PRO Q 241 -31.61 30.27 43.14
C PRO Q 241 -32.41 29.00 42.80
N GLU Q 242 -31.69 27.92 42.45
CA GLU Q 242 -32.45 26.65 42.25
C GLU Q 242 -33.07 26.25 43.60
N ILE Q 243 -32.51 26.69 44.72
CA ILE Q 243 -33.00 26.33 46.10
C ILE Q 243 -34.16 27.26 46.46
N LEU Q 244 -34.17 28.49 45.95
CA LEU Q 244 -35.35 29.36 46.13
C LEU Q 244 -36.45 28.64 45.37
N THR Q 245 -36.08 27.93 44.29
CA THR Q 245 -37.11 27.10 43.61
C THR Q 245 -37.51 25.88 44.46
N VAL Q 246 -36.58 25.15 45.11
CA VAL Q 246 -36.92 23.88 45.83
C VAL Q 246 -36.70 23.90 47.35
N ILE Q 247 -35.50 24.32 47.82
CA ILE Q 247 -35.22 24.46 49.25
C ILE Q 247 -35.88 25.68 49.85
N GLY Q 248 -36.67 26.41 49.06
CA GLY Q 248 -37.51 27.44 49.63
C GLY Q 248 -38.62 26.84 50.49
N LYS Q 249 -39.00 25.60 50.20
CA LYS Q 249 -39.85 24.82 51.07
C LYS Q 249 -39.12 24.25 52.28
N ILE Q 250 -37.80 24.39 52.34
CA ILE Q 250 -37.04 23.86 53.47
C ILE Q 250 -36.53 25.00 54.33
N PRO Q 251 -36.98 25.14 55.58
CA PRO Q 251 -36.38 26.15 56.44
C PRO Q 251 -35.04 25.72 56.99
N TYR Q 252 -34.81 24.40 57.14
CA TYR Q 252 -33.60 23.92 57.76
C TYR Q 252 -32.40 24.03 56.83
N LEU Q 253 -32.53 23.48 55.63
CA LEU Q 253 -31.40 23.36 54.73
C LEU Q 253 -31.03 24.72 54.14
N SER Q 254 -32.02 25.60 53.96
CA SER Q 254 -31.76 26.94 53.48
C SER Q 254 -30.93 27.73 54.49
N GLU Q 255 -31.26 27.57 55.77
CA GLU Q 255 -30.48 28.22 56.82
C GLU Q 255 -29.12 27.57 56.98
N PHE Q 256 -29.03 26.26 56.74
CA PHE Q 256 -27.78 25.56 56.91
C PHE Q 256 -26.79 25.90 55.81
N LEU Q 257 -27.24 25.99 54.57
CA LEU Q 257 -26.31 26.29 53.49
C LEU Q 257 -25.89 27.75 53.51
N ASN Q 258 -26.81 28.65 53.85
CA ASN Q 258 -26.51 30.05 53.63
C ASN Q 258 -25.67 30.63 54.75
N SER Q 259 -25.70 30.01 55.93
CA SER Q 259 -24.90 30.47 57.06
C SER Q 259 -23.42 30.35 56.78
N LEU Q 260 -23.02 29.36 55.99
CA LEU Q 260 -21.65 29.31 55.51
C LEU Q 260 -21.39 30.41 54.51
N TYR Q 261 -22.37 30.74 53.67
CA TYR Q 261 -22.17 31.75 52.65
C TYR Q 261 -22.32 33.15 53.21
N ASP Q 262 -23.24 33.34 54.15
CA ASP Q 262 -23.46 34.66 54.73
C ASP Q 262 -22.49 34.98 55.85
N CYS Q 263 -21.54 34.09 56.13
CA CYS Q 263 -20.57 34.21 57.23
C CYS Q 263 -21.26 34.35 58.59
N GLN Q 264 -22.42 33.71 58.75
CA GLN Q 264 -23.10 33.65 60.04
C GLN Q 264 -22.55 32.45 60.81
N TYR Q 265 -21.34 32.65 61.33
CA TYR Q 265 -20.52 31.55 61.79
C TYR Q 265 -21.07 30.86 63.03
N LYS Q 266 -21.71 31.61 63.91
CA LYS Q 266 -22.13 31.02 65.19
C LYS Q 266 -23.35 30.12 65.00
N SER Q 267 -24.29 30.53 64.14
CA SER Q 267 -25.49 29.73 63.91
C SER Q 267 -25.21 28.59 62.95
N PHE Q 268 -24.02 28.56 62.35
CA PHE Q 268 -23.63 27.49 61.45
C PHE Q 268 -23.54 26.15 62.17
N PHE Q 269 -22.99 26.14 63.39
CA PHE Q 269 -22.88 24.90 64.14
C PHE Q 269 -24.20 24.41 64.68
N SER Q 270 -25.19 25.30 64.81
CA SER Q 270 -26.45 24.91 65.42
C SER Q 270 -27.21 23.95 64.54
N ALA Q 271 -27.30 24.25 63.26
CA ALA Q 271 -27.90 23.34 62.31
C ALA Q 271 -26.94 22.26 61.83
N PHE Q 272 -25.63 22.47 62.00
CA PHE Q 272 -24.69 21.40 61.72
C PHE Q 272 -24.84 20.26 62.72
N ALA Q 273 -25.22 20.58 63.95
CA ALA Q 273 -25.56 19.53 64.91
C ALA Q 273 -26.81 18.79 64.49
N GLY Q 274 -27.74 19.48 63.82
CA GLY Q 274 -28.99 18.87 63.38
C GLY Q 274 -28.75 17.93 62.21
N LEU Q 275 -27.94 18.38 61.24
CA LEU Q 275 -27.70 17.59 60.03
C LEU Q 275 -26.90 16.34 60.35
N THR Q 276 -25.90 16.48 61.21
CA THR Q 276 -25.02 15.36 61.55
C THR Q 276 -25.75 14.29 62.36
N GLU Q 277 -26.68 14.71 63.20
CA GLU Q 277 -27.55 13.77 63.88
C GLU Q 277 -28.47 13.08 62.88
N GLN Q 278 -29.02 13.86 61.94
CA GLN Q 278 -29.85 13.30 60.89
C GLN Q 278 -29.04 12.41 59.96
N ILE Q 279 -27.76 12.76 59.76
CA ILE Q 279 -26.86 11.95 58.95
C ILE Q 279 -26.58 10.60 59.59
N LYS Q 280 -26.62 10.52 60.92
CA LYS Q 280 -26.41 9.25 61.60
C LYS Q 280 -27.59 8.31 61.39
N PHE Q 281 -28.80 8.79 61.66
CA PHE Q 281 -30.00 7.96 61.50
C PHE Q 281 -30.33 7.68 60.06
N ASP Q 282 -29.84 8.48 59.13
CA ASP Q 282 -30.06 8.20 57.72
C ASP Q 282 -29.21 7.02 57.30
N ARG Q 283 -29.78 6.19 56.42
CA ARG Q 283 -29.00 5.18 55.73
C ARG Q 283 -28.04 5.84 54.76
N TYR Q 284 -26.92 5.16 54.51
CA TYR Q 284 -25.95 5.34 53.44
C TYR Q 284 -25.03 6.55 53.69
N LEU Q 285 -25.34 7.39 54.66
CA LEU Q 285 -24.39 8.37 55.14
C LEU Q 285 -23.78 7.97 56.48
N HIS Q 286 -24.51 7.17 57.25
CA HIS Q 286 -24.05 6.53 58.48
C HIS Q 286 -22.77 5.70 58.39
N ARG Q 287 -22.33 5.17 57.23
CA ARG Q 287 -20.95 4.69 57.17
C ARG Q 287 -19.89 5.77 57.28
N HIS Q 288 -20.23 7.03 57.03
CA HIS Q 288 -19.19 8.05 56.98
C HIS Q 288 -19.66 9.35 57.63
N PHE Q 289 -20.52 9.26 58.65
CA PHE Q 289 -20.98 10.49 59.26
C PHE Q 289 -19.91 11.14 60.11
N ARG Q 290 -18.95 10.39 60.61
CA ARG Q 290 -17.87 10.99 61.37
C ARG Q 290 -16.84 11.65 60.47
N TYR Q 291 -16.75 11.23 59.21
CA TYR Q 291 -15.83 11.84 58.26
C TYR Q 291 -16.35 13.13 57.66
N TYR Q 292 -17.67 13.32 57.70
CA TYR Q 292 -18.27 14.50 57.09
C TYR Q 292 -17.94 15.77 57.88
N MET Q 293 -18.30 15.78 59.16
CA MET Q 293 -18.24 17.00 59.96
C MET Q 293 -16.81 17.43 60.20
N ARG Q 294 -15.90 16.48 60.38
CA ARG Q 294 -14.50 16.83 60.55
C ARG Q 294 -13.90 17.43 59.28
N GLU Q 295 -14.52 17.20 58.12
CA GLU Q 295 -14.17 17.94 56.94
C GLU Q 295 -14.95 19.24 56.86
N VAL Q 296 -16.14 19.29 57.44
CA VAL Q 296 -16.88 20.54 57.47
C VAL Q 296 -16.40 21.46 58.58
N ARG Q 297 -15.84 20.91 59.67
CA ARG Q 297 -15.21 21.78 60.67
C ARG Q 297 -13.99 22.46 60.07
N THR Q 298 -13.12 21.68 59.43
CA THR Q 298 -11.87 22.21 58.91
C THR Q 298 -12.11 23.12 57.71
N VAL Q 299 -13.26 23.01 57.07
CA VAL Q 299 -13.62 23.94 56.03
C VAL Q 299 -14.23 25.21 56.58
N VAL Q 300 -14.95 25.12 57.70
CA VAL Q 300 -15.48 26.30 58.35
C VAL Q 300 -14.42 27.04 59.13
N TYR Q 301 -13.40 26.34 59.63
CA TYR Q 301 -12.33 27.01 60.36
C TYR Q 301 -11.47 27.83 59.41
N SER Q 302 -10.91 27.17 58.40
CA SER Q 302 -9.94 27.80 57.52
C SER Q 302 -10.55 28.84 56.62
N GLN Q 303 -11.86 28.82 56.41
CA GLN Q 303 -12.51 29.91 55.69
C GLN Q 303 -12.39 31.22 56.47
N PHE Q 304 -12.60 31.14 57.78
CA PHE Q 304 -12.47 32.34 58.61
C PHE Q 304 -11.02 32.73 58.80
N LEU Q 305 -10.11 31.75 58.90
CA LEU Q 305 -8.74 32.06 59.26
C LEU Q 305 -7.93 32.62 58.11
N GLU Q 306 -8.29 32.18 56.90
CA GLU Q 306 -7.63 32.72 55.70
C GLU Q 306 -8.03 34.19 55.50
N SER Q 307 -8.99 34.67 56.28
CA SER Q 307 -9.50 36.07 56.10
C SER Q 307 -8.71 37.05 56.98
N TYR Q 308 -7.59 36.60 57.55
CA TYR Q 308 -6.75 37.48 58.41
C TYR Q 308 -5.33 36.95 58.47
N LYS Q 309 -4.36 37.85 58.62
CA LYS Q 309 -2.96 37.40 58.79
C LYS Q 309 -2.86 36.72 60.16
N SER Q 310 -3.68 37.17 61.13
CA SER Q 310 -3.62 36.62 62.51
C SER Q 310 -4.68 37.29 63.39
N VAL Q 311 -5.70 36.55 63.85
CA VAL Q 311 -6.70 37.12 64.82
C VAL Q 311 -6.54 36.41 66.17
N THR Q 312 -6.83 37.09 67.27
CA THR Q 312 -6.64 36.50 68.58
C THR Q 312 -7.57 35.31 68.78
N ILE Q 313 -7.18 34.43 69.69
CA ILE Q 313 -7.90 33.18 69.90
C ILE Q 313 -9.11 33.34 70.81
N GLU Q 314 -9.24 34.47 71.49
CA GLU Q 314 -10.41 34.73 72.31
C GLU Q 314 -11.49 35.50 71.61
N ALA Q 315 -11.31 35.81 70.33
CA ALA Q 315 -12.36 36.42 69.53
C ALA Q 315 -13.30 35.39 68.93
N MET Q 316 -12.78 34.18 68.70
CA MET Q 316 -13.57 33.14 68.07
C MET Q 316 -14.57 32.50 69.01
N ALA Q 317 -14.51 32.81 70.30
CA ALA Q 317 -15.49 32.25 71.24
C ALA Q 317 -16.86 32.88 71.04
N LYS Q 318 -16.93 34.21 71.09
CA LYS Q 318 -18.18 34.93 71.12
C LYS Q 318 -18.75 35.19 69.74
N ALA Q 319 -18.03 34.86 68.68
CA ALA Q 319 -18.49 35.13 67.33
C ALA Q 319 -18.62 33.89 66.48
N PHE Q 320 -17.95 32.80 66.82
CA PHE Q 320 -17.87 31.63 65.98
C PHE Q 320 -18.38 30.37 66.66
N GLY Q 321 -18.15 30.22 67.94
CA GLY Q 321 -18.60 29.09 68.70
C GLY Q 321 -17.99 29.16 70.10
N VAL Q 322 -18.80 28.97 71.11
CA VAL Q 322 -18.39 29.30 72.47
C VAL Q 322 -17.51 28.20 73.04
N THR Q 323 -16.70 28.57 74.01
CA THR Q 323 -15.69 27.70 74.59
C THR Q 323 -14.32 28.01 74.04
N VAL Q 324 -13.51 28.76 74.79
CA VAL Q 324 -12.18 29.12 74.33
C VAL Q 324 -11.27 27.90 74.30
N GLU Q 325 -11.27 27.12 75.38
CA GLU Q 325 -10.49 25.90 75.44
C GLU Q 325 -11.04 24.83 74.52
N PHE Q 326 -12.31 24.93 74.12
CA PHE Q 326 -12.84 24.05 73.09
C PHE Q 326 -12.21 24.34 71.74
N ILE Q 327 -12.03 25.63 71.43
CA ILE Q 327 -11.32 26.03 70.23
C ILE Q 327 -9.85 25.63 70.33
N ASP Q 328 -9.30 25.65 71.55
CA ASP Q 328 -7.89 25.36 71.76
C ASP Q 328 -7.56 23.92 71.43
N LEU Q 329 -8.30 22.98 72.02
CA LEU Q 329 -8.07 21.56 71.77
C LEU Q 329 -8.44 21.15 70.36
N GLU Q 330 -9.29 21.92 69.68
CA GLU Q 330 -9.70 21.55 68.34
C GLU Q 330 -8.70 22.03 67.31
N LEU Q 331 -8.18 23.24 67.46
CA LEU Q 331 -7.19 23.73 66.53
C LEU Q 331 -5.83 23.07 66.74
N SER Q 332 -5.58 22.56 67.94
CA SER Q 332 -4.31 21.90 68.18
C SER Q 332 -4.24 20.56 67.50
N ARG Q 333 -5.38 19.89 67.30
CA ARG Q 333 -5.38 18.57 66.72
C ARG Q 333 -5.45 18.60 65.20
N PHE Q 334 -5.72 19.75 64.60
CA PHE Q 334 -5.77 19.85 63.16
C PHE Q 334 -4.49 20.37 62.55
N ILE Q 335 -3.81 21.30 63.22
CA ILE Q 335 -2.46 21.68 62.79
C ILE Q 335 -1.52 20.50 62.93
N ALA Q 336 -1.66 19.74 64.02
CA ALA Q 336 -0.90 18.51 64.18
C ALA Q 336 -1.31 17.45 63.16
N ALA Q 337 -2.52 17.53 62.63
CA ALA Q 337 -2.93 16.63 61.56
C ALA Q 337 -2.35 17.01 60.21
N GLY Q 338 -1.66 18.15 60.12
CA GLY Q 338 -0.98 18.52 58.89
C GLY Q 338 -1.78 19.38 57.95
N LYS Q 339 -2.90 19.93 58.40
CA LYS Q 339 -3.73 20.76 57.54
C LYS Q 339 -3.97 22.09 58.26
N LEU Q 340 -4.85 22.93 57.71
CA LEU Q 340 -5.32 24.17 58.33
C LEU Q 340 -4.13 25.12 58.61
N HIS Q 341 -3.62 25.69 57.51
CA HIS Q 341 -2.30 26.34 57.50
C HIS Q 341 -2.33 27.61 58.35
N CYS Q 342 -1.95 27.48 59.61
CA CYS Q 342 -1.73 28.59 60.52
C CYS Q 342 -0.83 28.10 61.63
N LYS Q 343 -0.58 28.94 62.62
CA LYS Q 343 0.29 28.58 63.72
C LYS Q 343 -0.10 29.35 64.97
N ILE Q 344 -0.59 28.64 65.96
CA ILE Q 344 -1.21 29.24 67.13
C ILE Q 344 -0.16 29.51 68.19
N ASP Q 345 -0.28 30.68 68.83
CA ASP Q 345 0.49 31.02 70.02
C ASP Q 345 -0.35 30.79 71.26
N LYS Q 346 0.30 30.81 72.39
CA LYS Q 346 -0.40 30.32 73.57
C LYS Q 346 -0.48 31.32 74.71
N VAL Q 347 0.61 32.01 75.04
CA VAL Q 347 0.67 32.80 76.26
C VAL Q 347 0.55 34.29 76.02
N VAL Q 348 0.70 34.77 74.78
CA VAL Q 348 0.24 36.11 74.42
C VAL Q 348 -1.13 36.07 73.75
N GLY Q 349 -1.73 34.88 73.64
CA GLY Q 349 -3.15 34.67 73.33
C GLY Q 349 -3.52 35.23 71.96
N VAL Q 350 -2.96 34.59 70.92
CA VAL Q 350 -3.15 35.03 69.55
C VAL Q 350 -2.99 33.81 68.64
N LEU Q 351 -3.62 33.87 67.46
CA LEU Q 351 -3.45 32.88 66.42
C LEU Q 351 -2.82 33.57 65.23
N GLU Q 352 -1.68 33.06 64.79
CA GLU Q 352 -0.97 33.57 63.63
C GLU Q 352 -1.18 32.62 62.46
N THR Q 353 -1.33 33.19 61.27
CA THR Q 353 -1.36 32.37 60.06
C THR Q 353 -0.05 32.53 59.30
N ASN Q 354 0.15 31.64 58.35
CA ASN Q 354 1.23 31.71 57.40
C ASN Q 354 0.65 31.59 56.00
N ARG Q 355 1.52 31.50 55.01
CA ARG Q 355 1.08 31.01 53.71
C ARG Q 355 2.20 30.15 53.14
N PRO Q 356 1.93 28.88 52.93
CA PRO Q 356 2.87 28.02 52.21
C PRO Q 356 2.57 28.01 50.72
N ASP Q 357 3.57 27.61 49.96
CA ASP Q 357 3.32 27.46 48.54
C ASP Q 357 2.55 26.17 48.27
N ALA Q 358 2.05 26.06 47.04
CA ALA Q 358 1.45 24.79 46.58
C ALA Q 358 2.53 23.91 45.96
N LYS Q 359 3.60 23.71 46.71
CA LYS Q 359 4.72 22.87 46.32
C LYS Q 359 4.99 21.78 47.33
N ASN Q 360 5.13 22.14 48.60
CA ASN Q 360 5.38 21.17 49.65
C ASN Q 360 4.17 20.27 49.85
N ALA Q 361 2.98 20.87 49.89
CA ALA Q 361 1.76 20.09 50.06
C ALA Q 361 1.42 19.31 48.81
N LEU Q 362 1.76 19.84 47.64
CA LEU Q 362 1.55 19.08 46.41
C LEU Q 362 2.58 17.98 46.25
N TYR Q 363 3.77 18.16 46.82
CA TYR Q 363 4.75 17.08 46.82
C TYR Q 363 4.35 15.94 47.74
N GLN Q 364 3.58 16.24 48.78
CA GLN Q 364 3.27 15.26 49.81
C GLN Q 364 2.40 14.14 49.28
N ALA Q 365 1.36 14.49 48.52
CA ALA Q 365 0.47 13.48 47.95
C ALA Q 365 1.12 12.69 46.83
N THR Q 366 2.19 13.20 46.22
CA THR Q 366 2.89 12.44 45.19
C THR Q 366 3.67 11.28 45.80
N ILE Q 367 4.34 11.52 46.92
CA ILE Q 367 5.17 10.48 47.50
C ILE Q 367 4.34 9.39 48.17
N LYS Q 368 3.06 9.67 48.45
CA LYS Q 368 2.16 8.61 48.90
C LYS Q 368 1.84 7.67 47.75
N GLN Q 369 1.46 8.23 46.60
CA GLN Q 369 1.05 7.41 45.48
C GLN Q 369 2.22 6.70 44.82
N GLY Q 370 3.40 7.32 44.83
CA GLY Q 370 4.57 6.65 44.28
C GLY Q 370 4.99 5.46 45.12
N ASP Q 371 4.86 5.57 46.44
CA ASP Q 371 5.12 4.42 47.30
C ASP Q 371 4.04 3.37 47.14
N PHE Q 372 2.79 3.81 46.95
CA PHE Q 372 1.67 2.88 46.87
C PHE Q 372 1.70 2.07 45.58
N LEU Q 373 2.05 2.70 44.46
CA LEU Q 373 2.09 1.98 43.20
C LEU Q 373 3.28 1.05 43.14
N LEU Q 374 4.41 1.47 43.72
CA LEU Q 374 5.55 0.58 43.77
C LEU Q 374 5.33 -0.54 44.76
N ASN Q 375 4.51 -0.32 45.78
CA ASN Q 375 4.08 -1.42 46.63
C ASN Q 375 3.23 -2.41 45.85
N ARG Q 376 2.47 -1.91 44.88
CA ARG Q 376 1.61 -2.79 44.09
C ARG Q 376 2.43 -3.65 43.13
N ILE Q 377 3.40 -3.06 42.46
CA ILE Q 377 4.08 -3.79 41.40
C ILE Q 377 5.21 -4.67 41.92
N GLN Q 378 5.81 -4.31 43.05
CA GLN Q 378 6.85 -5.15 43.63
C GLN Q 378 6.24 -6.40 44.23
N LYS Q 379 5.07 -6.26 44.85
CA LYS Q 379 4.35 -7.42 45.36
C LYS Q 379 3.81 -8.28 44.22
N LEU Q 380 3.45 -7.67 43.10
CA LEU Q 380 2.97 -8.44 41.96
C LEU Q 380 4.08 -9.28 41.34
N SER Q 381 5.24 -8.68 41.12
CA SER Q 381 6.32 -9.37 40.43
C SER Q 381 6.90 -10.51 41.25
N ARG Q 382 6.68 -10.50 42.57
CA ARG Q 382 7.03 -11.66 43.37
C ARG Q 382 6.02 -12.78 43.18
N VAL Q 383 4.74 -12.43 43.07
CA VAL Q 383 3.67 -13.43 42.97
C VAL Q 383 3.78 -14.19 41.65
N ILE Q 384 3.78 -13.45 40.54
CA ILE Q 384 4.05 -14.13 39.29
C ILE Q 384 5.54 -14.46 39.19
N ASP Q 385 5.86 -15.37 38.27
CA ASP Q 385 7.19 -15.96 38.09
C ASP Q 385 7.67 -16.56 39.41
N LEU Q 386 6.85 -17.47 39.94
CA LEU Q 386 6.98 -18.11 41.25
C LEU Q 386 7.06 -17.09 42.40
PG ATP R . -47.82 -13.01 -42.28
O1G ATP R . -46.48 -13.25 -41.65
O2G ATP R . -48.94 -12.93 -41.28
O3G ATP R . -47.81 -11.86 -43.23
PB ATP R . -47.66 -14.49 -44.70
O1B ATP R . -48.60 -13.74 -45.56
O2B ATP R . -46.21 -14.17 -44.75
O3B ATP R . -48.11 -14.31 -43.19
PA ATP R . -47.66 -17.27 -43.95
O1A ATP R . -48.90 -17.43 -43.15
O2A ATP R . -46.39 -17.05 -43.21
O3A ATP R . -47.85 -16.05 -44.96
O5' ATP R . -47.50 -18.53 -44.93
C5' ATP R . -47.02 -19.79 -44.39
C4' ATP R . -48.18 -20.71 -44.10
O4' ATP R . -49.24 -20.49 -45.05
C3' ATP R . -47.88 -22.21 -44.21
O3' ATP R . -48.71 -22.96 -43.33
C2' ATP R . -48.25 -22.48 -45.67
O2' ATP R . -48.47 -23.85 -45.94
C1' ATP R . -49.52 -21.65 -45.78
N9 ATP R . -49.89 -21.22 -47.12
C8 ATP R . -50.41 -19.99 -47.44
N7 ATP R . -50.65 -19.84 -48.72
C5 ATP R . -50.25 -21.05 -49.28
C6 ATP R . -50.26 -21.51 -50.60
N6 ATP R . -50.68 -20.78 -51.64
N1 ATP R . -49.81 -22.76 -50.83
C2 ATP R . -49.39 -23.49 -49.77
N3 ATP R . -49.34 -23.16 -48.49
C4 ATP R . -49.79 -21.90 -48.30
PB ADP S . -54.33 -14.75 -14.04
O1B ADP S . -55.61 -15.10 -14.76
O2B ADP S . -53.12 -14.83 -14.93
O3B ADP S . -54.42 -13.44 -13.29
PA ADP S . -54.54 -17.42 -13.06
O1A ADP S . -55.96 -17.55 -12.65
O2A ADP S . -54.16 -17.87 -14.42
O3A ADP S . -54.13 -15.89 -12.93
O5' ADP S . -53.60 -18.13 -11.96
C5' ADP S . -54.05 -19.36 -11.34
C4' ADP S . -54.98 -19.06 -10.18
O4' ADP S . -56.08 -20.01 -10.19
C3' ADP S . -54.37 -19.13 -8.78
O3' ADP S . -54.75 -17.98 -8.04
C2' ADP S . -54.99 -20.40 -8.20
O2' ADP S . -55.05 -20.40 -6.79
C1' ADP S . -56.37 -20.37 -8.87
N9 ADP S . -57.04 -21.65 -8.87
C8 ADP S . -56.92 -22.64 -7.92
N7 ADP S . -57.63 -23.71 -8.16
C5 ADP S . -58.28 -23.41 -9.35
C6 ADP S . -59.18 -24.14 -10.13
N6 ADP S . -59.60 -25.37 -9.82
N1 ADP S . -59.65 -23.56 -11.27
C2 ADP S . -59.21 -22.33 -11.57
N3 ADP S . -58.37 -21.55 -10.91
C4 ADP S . -57.93 -22.15 -9.80
#